data_5IK2
#
_entry.id   5IK2
#
_cell.length_a   148.240
_cell.length_b   131.290
_cell.length_c   212.010
_cell.angle_alpha   90.000
_cell.angle_beta   108.200
_cell.angle_gamma   90.000
#
_symmetry.space_group_name_H-M   'P 1 21 1'
#
loop_
_entity.id
_entity.type
_entity.pdbx_description
1 polymer 'ATP synthase subunit alpha'
2 polymer 'ATP synthase subunit beta'
3 polymer 'ATP synthase gamma chain'
4 polymer 'ATP synthase epsilon chain'
5 non-polymer "ADENOSINE-5'-DIPHOSPHATE"
6 non-polymer 'MAGNESIUM ION'
7 non-polymer GLYCEROL
8 non-polymer 'PHOSPHATE ION'
9 water water
#
loop_
_entity_poly.entity_id
_entity_poly.type
_entity_poly.pdbx_seq_one_letter_code
_entity_poly.pdbx_strand_id
1 'polypeptide(L)'
;EVVEVGTVIQVGDGIARVHGLEKVMAGELLEFENGVMGMAQNLEEDNVGVVILGPYTEIREGTQVKRTGRIMEVPVGEAL
LGRVVNPLGQPLDGRGPIETAEYRPIESPAPGVMDRKSVHEPLQTGIKAIDSMIPIGRGQRELIIGDRQTGKTTIAIDTI
INQKGQDVICIYVAIGQKQSTVAGVVETLRQHDALDYTIVVTASASEPAPLLYLAPYAGCAMGEYFMYKGKHALVVYDDL
SKQAAAYRELSLLLRRPPGREAYPGDVFYLHSRLLERAAKLSDEKGGGSLTALPFIETQAGDVSAYIPTNVISITDGQIF
LESDLFYSGVRPAVNVGISVSRVGGAAQIKAMKKVAGTLRLDLAQYRELQAFAQFGSDLDKATQAKLNRGERTVEILKQD
EHKPMPVEEQVISIYAVTNGFMDDIPVEDVRRFEEELLSFMRANKDSLLDHIRQTGELPDTKELDAAIEEFKKGFTPSA
;
A,B,C,I,J,K
2 'polypeptide(L)'
;MNKGRIIQVMGPVVDIQFESGQLPDIYNAITIERPQGGTLTVEAAVHLGDNVVRCVAMASTDGLVRGLEAVDTGAPISVP
VGKATLGRVFNVLGEPIDEQGEVNAEERHPIHRPAPEFEELSTADEILETGIKVIDLLAPYAKGGKIGLFGGAGVGKTVL
IQELINNVAQEHGGLSVFAGVGERTREGNDLYHEMKDSGVISKTSMVFGQMNEPPGARLRVALTGLTMAEYFRDREGQDV
LLFIDNIFRFTQAGSEVSALLGRMPSAVGYQPTLATEMGQLQERITSTKKGSITSIQAIYVPADDYTDPAPATTFAHLDA
TTNLERKLAEMGIYPAVDPLASTSRILSPAVVGEEHYRVARGVQQVLQRYNDLQDIIAILGMDELSDEDKLIVARARKIQ
RFLSQPFHVAEQFTGMPGKYVPVKETVRGFKEILEGKHDNLPEEAFYMVGTIDEAVEKAKKL
;
D,E,F,L,M,N
3 'polypeptide(L)'
;QGMREIKRRIRSVKNTRQITKAMKMVAAAKLRRAQETAENARPYADKIKEVISSIAAGTKDFSHPMLEARPVKKTGYMVI
TSDRGLAGPYNANILRLVSKTIEERHQSKDEYVIFAVGRKGRDFFKKRGYPVVEEVTGISDTPSLTEIQDIAQSAIGMFA
DETFDKLTIFYNEFVSPIVQRPVEKQLLPLTSEEVLDGPVSAYEYEPDSESVLEVLLPKYAETLIYSALLDAKASEFGAR
MTAMGNATDNATEMLETLTLQFNRARQAAITQEIAEIVAGANALR
;
G,O
4 'polypeptide(L)'
;MATVQVDIVTPERKVFQGEADIVIARGVEGELGVMAGHIPLVTPLKTAPVRIKQGDKETLIAVSGGFLEVRPDKVNILAD
TAELPEEIAVEAAKKAKARHETILKRLDKTDKDYLRHKRALERAEVRLQVANSK
;
H,P
#
# COMPACT_ATOMS: atom_id res chain seq x y z
N GLU A 4 -68.83 38.87 47.91
CA GLU A 4 -67.63 39.59 48.45
C GLU A 4 -66.48 38.63 48.80
N VAL A 5 -66.79 37.62 49.62
CA VAL A 5 -65.79 36.66 50.12
C VAL A 5 -66.16 35.25 49.68
N GLY A 6 -65.13 34.43 49.42
CA GLY A 6 -65.30 33.02 49.07
C GLY A 6 -64.11 32.18 49.52
N THR A 7 -64.34 30.89 49.72
CA THR A 7 -63.31 29.95 50.19
C THR A 7 -62.90 28.97 49.10
N VAL A 8 -61.63 28.56 49.12
CA VAL A 8 -61.04 27.69 48.09
C VAL A 8 -61.41 26.22 48.32
N ILE A 9 -61.86 25.55 47.26
CA ILE A 9 -62.23 24.13 47.31
C ILE A 9 -61.02 23.25 46.97
N GLN A 10 -60.36 23.56 45.85
CA GLN A 10 -59.19 22.82 45.39
C GLN A 10 -58.14 23.71 44.72
N VAL A 11 -56.88 23.28 44.81
CA VAL A 11 -55.72 24.03 44.31
C VAL A 11 -54.77 23.09 43.59
N GLY A 12 -54.19 23.55 42.48
CA GLY A 12 -53.18 22.77 41.76
C GLY A 12 -52.73 23.43 40.46
N ASP A 13 -51.42 23.47 40.26
CA ASP A 13 -50.81 23.91 38.99
C ASP A 13 -51.19 25.34 38.57
N GLY A 14 -51.12 26.26 39.54
CA GLY A 14 -51.44 27.68 39.30
C GLY A 14 -52.92 27.98 39.10
N ILE A 15 -53.79 27.04 39.49
CA ILE A 15 -55.24 27.16 39.32
C ILE A 15 -55.91 26.87 40.67
N ALA A 16 -56.92 27.66 41.01
CA ALA A 16 -57.70 27.46 42.22
C ALA A 16 -59.19 27.54 41.89
N ARG A 17 -59.96 26.58 42.41
CA ARG A 17 -61.42 26.60 42.30
C ARG A 17 -62.02 27.06 43.62
N VAL A 18 -62.89 28.07 43.55
CA VAL A 18 -63.35 28.82 44.73
C VAL A 18 -64.87 28.71 44.91
N HIS A 19 -65.28 28.33 46.13
CA HIS A 19 -66.68 28.33 46.55
C HIS A 19 -67.11 29.76 46.89
N GLY A 20 -68.36 30.11 46.55
CA GLY A 20 -68.88 31.45 46.79
C GLY A 20 -68.53 32.41 45.67
N LEU A 21 -68.26 33.67 46.03
CA LEU A 21 -68.03 34.76 45.07
C LEU A 21 -69.17 34.85 44.05
N GLU A 22 -70.40 34.87 44.55
CA GLU A 22 -71.61 34.70 43.73
C GLU A 22 -71.81 35.81 42.69
N LYS A 23 -71.44 37.05 43.03
CA LYS A 23 -71.60 38.19 42.11
C LYS A 23 -70.29 38.62 41.43
N VAL A 24 -69.35 37.69 41.27
CA VAL A 24 -68.06 37.98 40.61
C VAL A 24 -68.24 38.16 39.09
N MET A 25 -67.48 39.09 38.51
CA MET A 25 -67.49 39.32 37.07
C MET A 25 -66.54 38.34 36.37
N ALA A 26 -66.83 38.07 35.10
CA ALA A 26 -65.93 37.29 34.24
C ALA A 26 -64.72 38.14 33.90
N GLY A 27 -63.54 37.68 34.32
CA GLY A 27 -62.29 38.43 34.15
C GLY A 27 -61.92 39.35 35.29
N GLU A 28 -62.62 39.23 36.43
CA GLU A 28 -62.42 40.12 37.57
C GLU A 28 -61.13 39.80 38.32
N LEU A 29 -60.53 40.83 38.91
CA LEU A 29 -59.32 40.70 39.72
C LEU A 29 -59.72 40.23 41.12
N LEU A 30 -59.05 39.20 41.62
CA LEU A 30 -59.31 38.64 42.96
C LEU A 30 -58.05 38.68 43.82
N GLU A 31 -58.24 38.76 45.14
CA GLU A 31 -57.13 38.81 46.10
C GLU A 31 -57.25 37.67 47.11
N PHE A 32 -56.22 36.81 47.15
CA PHE A 32 -56.12 35.77 48.17
C PHE A 32 -55.64 36.36 49.48
N GLU A 33 -55.88 35.65 50.59
CA GLU A 33 -55.62 36.17 51.94
C GLU A 33 -54.15 36.50 52.24
N ASN A 34 -53.22 35.83 51.56
CA ASN A 34 -51.78 36.09 51.72
C ASN A 34 -51.23 37.24 50.85
N GLY A 35 -52.09 37.89 50.06
CA GLY A 35 -51.68 39.03 49.22
C GLY A 35 -51.47 38.72 47.74
N VAL A 36 -51.44 37.42 47.38
CA VAL A 36 -51.28 37.00 45.99
C VAL A 36 -52.59 37.29 45.24
N MET A 37 -52.47 37.77 44.00
CA MET A 37 -53.62 38.12 43.17
C MET A 37 -54.04 36.96 42.27
N GLY A 38 -55.29 37.04 41.78
CA GLY A 38 -55.85 36.04 40.87
C GLY A 38 -56.83 36.66 39.90
N MET A 39 -57.23 35.90 38.89
CA MET A 39 -58.18 36.37 37.87
C MET A 39 -59.25 35.31 37.61
N ALA A 40 -60.52 35.71 37.70
CA ALA A 40 -61.65 34.79 37.47
C ALA A 40 -61.85 34.56 35.98
N GLN A 41 -61.52 33.35 35.52
CA GLN A 41 -61.64 32.97 34.11
C GLN A 41 -62.90 32.15 33.83
N ASN A 42 -63.13 31.13 34.65
CA ASN A 42 -64.32 30.29 34.54
C ASN A 42 -65.32 30.60 35.66
N LEU A 43 -66.53 30.98 35.27
CA LEU A 43 -67.67 31.04 36.18
C LEU A 43 -68.51 29.79 35.92
N GLU A 44 -68.54 28.87 36.87
CA GLU A 44 -69.30 27.62 36.76
C GLU A 44 -70.46 27.61 37.76
N GLU A 45 -71.33 26.61 37.64
CA GLU A 45 -72.55 26.52 38.46
C GLU A 45 -72.30 26.49 39.97
N ASP A 46 -71.25 25.78 40.37
CA ASP A 46 -70.93 25.56 41.80
C ASP A 46 -69.56 26.07 42.25
N ASN A 47 -68.82 26.75 41.38
CA ASN A 47 -67.48 27.24 41.70
C ASN A 47 -66.98 28.30 40.71
N VAL A 48 -65.90 28.98 41.10
CA VAL A 48 -65.21 29.95 40.24
C VAL A 48 -63.80 29.43 39.97
N GLY A 49 -63.49 29.18 38.70
CA GLY A 49 -62.15 28.79 38.28
C GLY A 49 -61.24 30.01 38.18
N VAL A 50 -60.24 30.07 39.05
CA VAL A 50 -59.37 31.25 39.17
C VAL A 50 -57.94 30.89 38.75
N VAL A 51 -57.37 31.68 37.83
CA VAL A 51 -55.96 31.57 37.46
C VAL A 51 -55.12 32.47 38.37
N ILE A 52 -54.04 31.92 38.93
CA ILE A 52 -53.25 32.59 39.97
C ILE A 52 -52.10 33.37 39.33
N LEU A 53 -51.97 34.65 39.69
CA LEU A 53 -50.97 35.55 39.11
C LEU A 53 -49.71 35.66 39.98
N GLY A 54 -49.23 34.52 40.48
CA GLY A 54 -48.14 34.48 41.46
C GLY A 54 -47.93 33.08 42.02
N PRO A 55 -47.13 32.96 43.08
CA PRO A 55 -46.90 31.64 43.70
C PRO A 55 -48.15 31.12 44.42
N TYR A 56 -48.34 29.80 44.39
CA TYR A 56 -49.56 29.15 44.91
C TYR A 56 -49.28 28.08 45.97
N THR A 57 -48.05 28.01 46.49
CA THR A 57 -47.68 27.02 47.52
C THR A 57 -48.32 27.32 48.88
N GLU A 58 -48.56 28.59 49.18
CA GLU A 58 -49.27 28.99 50.40
C GLU A 58 -50.81 29.02 50.27
N ILE A 59 -51.33 28.89 49.05
CA ILE A 59 -52.77 28.77 48.80
C ILE A 59 -53.19 27.31 49.02
N ARG A 60 -54.22 27.11 49.85
CA ARG A 60 -54.68 25.78 50.27
C ARG A 60 -56.21 25.70 50.18
N GLU A 61 -56.75 24.53 50.51
CA GLU A 61 -58.19 24.39 50.74
C GLU A 61 -58.53 25.08 52.05
N GLY A 62 -59.59 25.89 52.02
CA GLY A 62 -59.97 26.73 53.16
C GLY A 62 -59.42 28.14 53.11
N THR A 63 -58.49 28.41 52.19
CA THR A 63 -57.96 29.75 51.97
C THR A 63 -59.06 30.66 51.44
N GLN A 64 -59.12 31.89 51.93
CA GLN A 64 -60.18 32.83 51.57
C GLN A 64 -59.73 33.76 50.44
N VAL A 65 -60.70 34.14 49.59
CA VAL A 65 -60.47 34.99 48.43
C VAL A 65 -61.45 36.16 48.50
N LYS A 66 -60.99 37.35 48.11
CA LYS A 66 -61.81 38.58 48.14
C LYS A 66 -62.06 39.13 46.74
N ARG A 67 -63.24 39.72 46.56
CA ARG A 67 -63.57 40.49 45.36
C ARG A 67 -62.91 41.87 45.41
N THR A 68 -62.37 42.31 44.29
CA THR A 68 -61.92 43.70 44.10
C THR A 68 -62.99 44.58 43.43
N GLY A 69 -63.79 43.96 42.55
CA GLY A 69 -64.78 44.68 41.74
C GLY A 69 -64.19 45.45 40.57
N ARG A 70 -62.97 45.08 40.16
CA ARG A 70 -62.25 45.78 39.09
C ARG A 70 -61.60 44.78 38.12
N ILE A 71 -61.46 45.20 36.87
CA ILE A 71 -60.67 44.45 35.86
C ILE A 71 -59.20 44.82 36.03
N MET A 72 -58.32 44.04 35.40
CA MET A 72 -56.88 44.25 35.52
C MET A 72 -56.43 45.51 34.78
N GLU A 73 -55.77 46.40 35.52
CA GLU A 73 -55.21 47.63 34.98
C GLU A 73 -53.70 47.59 35.04
N VAL A 74 -53.05 48.46 34.27
CA VAL A 74 -51.59 48.61 34.30
C VAL A 74 -51.22 50.10 34.30
N PRO A 75 -50.07 50.43 34.93
CA PRO A 75 -49.57 51.81 34.86
C PRO A 75 -49.07 52.15 33.46
N VAL A 76 -49.32 53.38 33.03
CA VAL A 76 -48.94 53.85 31.70
C VAL A 76 -48.33 55.25 31.76
N GLY A 77 -47.65 55.64 30.70
CA GLY A 77 -47.11 56.99 30.54
C GLY A 77 -45.60 57.07 30.43
N GLU A 78 -45.08 58.28 30.64
CA GLU A 78 -43.65 58.56 30.47
C GLU A 78 -42.76 57.92 31.55
N ALA A 79 -43.34 57.60 32.70
CA ALA A 79 -42.61 56.96 33.81
C ALA A 79 -42.09 55.55 33.48
N LEU A 80 -42.79 54.83 32.59
CA LEU A 80 -42.38 53.49 32.17
C LEU A 80 -41.24 53.49 31.13
N LEU A 81 -40.98 54.63 30.50
CA LEU A 81 -39.89 54.75 29.52
C LEU A 81 -38.53 54.52 30.19
N GLY A 82 -37.71 53.66 29.58
CA GLY A 82 -36.42 53.26 30.15
C GLY A 82 -36.46 52.20 31.22
N ARG A 83 -37.65 51.72 31.59
CA ARG A 83 -37.82 50.77 32.70
C ARG A 83 -38.10 49.37 32.18
N VAL A 84 -37.78 48.37 33.02
CA VAL A 84 -38.10 46.97 32.76
C VAL A 84 -39.18 46.57 33.77
N VAL A 85 -40.31 46.06 33.25
CA VAL A 85 -41.48 45.72 34.08
C VAL A 85 -42.00 44.33 33.75
N ASN A 86 -42.84 43.82 34.65
CA ASN A 86 -43.60 42.58 34.40
C ASN A 86 -44.98 42.96 33.81
N PRO A 87 -45.80 41.98 33.41
CA PRO A 87 -47.15 42.29 32.88
C PRO A 87 -48.09 43.04 33.83
N LEU A 88 -47.88 42.94 35.14
CA LEU A 88 -48.63 43.71 36.13
C LEU A 88 -48.13 45.16 36.32
N GLY A 89 -47.07 45.54 35.61
CA GLY A 89 -46.50 46.88 35.68
C GLY A 89 -45.52 47.10 36.83
N GLN A 90 -45.15 46.02 37.52
CA GLN A 90 -44.22 46.09 38.65
C GLN A 90 -42.79 46.11 38.10
N PRO A 91 -41.91 46.96 38.67
CA PRO A 91 -40.55 47.06 38.14
C PRO A 91 -39.68 45.85 38.52
N LEU A 92 -38.92 45.36 37.54
CA LEU A 92 -37.97 44.25 37.75
C LEU A 92 -36.49 44.66 37.65
N ASP A 93 -36.21 45.85 37.13
CA ASP A 93 -34.82 46.33 36.96
C ASP A 93 -34.10 46.73 38.26
N GLY A 94 -34.84 46.87 39.35
CA GLY A 94 -34.27 47.23 40.64
C GLY A 94 -33.89 48.70 40.74
N ARG A 95 -34.68 49.55 40.07
CA ARG A 95 -34.42 51.00 40.02
C ARG A 95 -35.63 51.79 40.53
N GLY A 96 -36.19 51.34 41.66
CA GLY A 96 -37.24 52.08 42.36
C GLY A 96 -38.63 51.96 41.76
N PRO A 97 -39.62 52.64 42.37
CA PRO A 97 -41.01 52.56 41.89
C PRO A 97 -41.26 53.31 40.59
N ILE A 98 -42.47 53.16 40.06
CA ILE A 98 -42.92 53.83 38.83
C ILE A 98 -44.02 54.83 39.22
N GLU A 99 -43.62 56.10 39.36
CA GLU A 99 -44.53 57.16 39.77
C GLU A 99 -45.40 57.61 38.60
N THR A 100 -46.71 57.32 38.67
CA THR A 100 -47.65 57.72 37.62
C THR A 100 -49.10 57.78 38.12
N ALA A 101 -49.83 58.78 37.63
CA ALA A 101 -51.27 58.92 37.90
C ALA A 101 -52.11 58.23 36.81
N GLU A 102 -51.51 57.98 35.65
CA GLU A 102 -52.22 57.43 34.49
C GLU A 102 -52.25 55.91 34.54
N TYR A 103 -53.44 55.34 34.33
CA TYR A 103 -53.64 53.89 34.28
C TYR A 103 -54.59 53.52 33.14
N ARG A 104 -54.41 52.31 32.59
CA ARG A 104 -55.27 51.79 31.52
C ARG A 104 -55.59 50.30 31.75
N PRO A 105 -56.76 49.83 31.28
CA PRO A 105 -57.12 48.42 31.43
C PRO A 105 -56.37 47.52 30.43
N ILE A 106 -56.04 46.31 30.87
CA ILE A 106 -55.33 45.32 30.03
C ILE A 106 -56.20 44.91 28.84
N GLU A 107 -57.48 44.59 29.11
CA GLU A 107 -58.47 44.33 28.08
C GLU A 107 -59.14 45.65 27.70
N SER A 108 -59.04 46.04 26.43
CA SER A 108 -59.57 47.32 25.94
C SER A 108 -60.01 47.18 24.47
N PRO A 109 -61.16 47.79 24.10
CA PRO A 109 -61.66 47.61 22.74
C PRO A 109 -60.83 48.34 21.69
N ALA A 110 -60.65 47.72 20.52
CA ALA A 110 -59.88 48.31 19.43
C ALA A 110 -60.67 49.43 18.75
N PRO A 111 -59.98 50.33 18.02
CA PRO A 111 -60.70 51.34 17.26
C PRO A 111 -61.61 50.73 16.19
N GLY A 112 -62.80 51.30 16.02
CA GLY A 112 -63.76 50.81 15.03
C GLY A 112 -63.37 51.14 13.60
N VAL A 113 -64.27 50.84 12.68
CA VAL A 113 -64.03 51.05 11.25
C VAL A 113 -63.96 52.56 10.93
N MET A 114 -64.81 53.34 11.60
CA MET A 114 -64.91 54.79 11.39
C MET A 114 -63.89 55.62 12.18
N ASP A 115 -63.17 55.00 13.12
CA ASP A 115 -62.16 55.69 13.93
C ASP A 115 -60.77 55.76 13.26
N ARG A 116 -60.64 55.22 12.05
CA ARG A 116 -59.34 55.03 11.40
C ARG A 116 -59.16 55.86 10.13
N LYS A 117 -57.90 55.95 9.71
CA LYS A 117 -57.47 56.58 8.46
C LYS A 117 -56.44 55.65 7.84
N SER A 118 -56.44 55.55 6.51
CA SER A 118 -55.53 54.64 5.78
C SER A 118 -54.07 54.85 6.18
N VAL A 119 -53.32 53.75 6.27
CA VAL A 119 -51.92 53.78 6.68
C VAL A 119 -51.09 54.42 5.57
N HIS A 120 -50.57 55.63 5.84
CA HIS A 120 -49.84 56.42 4.84
C HIS A 120 -48.43 56.90 5.26
N GLU A 121 -48.02 56.63 6.50
CA GLU A 121 -46.79 57.16 7.07
C GLU A 121 -45.77 56.03 7.23
N PRO A 122 -44.51 56.25 6.79
CA PRO A 122 -43.51 55.19 6.98
C PRO A 122 -43.08 54.98 8.45
N LEU A 123 -42.92 53.71 8.82
CA LEU A 123 -42.18 53.34 10.03
C LEU A 123 -40.92 52.64 9.55
N GLN A 124 -39.81 53.39 9.53
CA GLN A 124 -38.55 52.90 8.97
C GLN A 124 -37.88 51.93 9.93
N THR A 125 -37.67 50.70 9.47
CA THR A 125 -36.89 49.71 10.23
C THR A 125 -35.38 49.98 10.15
N GLY A 126 -34.95 50.69 9.10
CA GLY A 126 -33.53 50.91 8.84
C GLY A 126 -32.86 49.73 8.14
N ILE A 127 -33.65 48.73 7.75
CA ILE A 127 -33.15 47.51 7.12
C ILE A 127 -33.55 47.61 5.65
N LYS A 128 -32.55 47.58 4.77
CA LYS A 128 -32.75 47.83 3.34
C LYS A 128 -33.74 46.87 2.66
N ALA A 129 -33.66 45.60 3.02
CA ALA A 129 -34.54 44.56 2.44
C ALA A 129 -36.01 44.76 2.83
N ILE A 130 -36.25 45.15 4.08
CA ILE A 130 -37.61 45.38 4.60
C ILE A 130 -38.18 46.70 4.08
N ASP A 131 -37.44 47.79 4.28
CA ASP A 131 -37.92 49.14 3.89
C ASP A 131 -38.19 49.30 2.39
N SER A 132 -37.42 48.61 1.55
CA SER A 132 -37.56 48.71 0.09
C SER A 132 -38.70 47.88 -0.48
N MET A 133 -38.75 46.59 -0.12
CA MET A 133 -39.66 45.62 -0.76
C MET A 133 -40.79 45.06 0.12
N ILE A 134 -40.69 45.21 1.44
CA ILE A 134 -41.74 44.76 2.38
C ILE A 134 -42.01 45.87 3.40
N PRO A 135 -42.40 47.08 2.92
CA PRO A 135 -42.43 48.27 3.76
C PRO A 135 -43.52 48.24 4.85
N ILE A 136 -43.16 48.69 6.04
CA ILE A 136 -44.08 48.74 7.19
C ILE A 136 -44.51 50.19 7.42
N GLY A 137 -45.82 50.40 7.58
CA GLY A 137 -46.40 51.73 7.82
C GLY A 137 -46.87 51.90 9.25
N ARG A 138 -47.05 53.15 9.67
CA ARG A 138 -47.47 53.46 11.04
C ARG A 138 -48.94 53.11 11.25
N GLY A 139 -49.19 52.16 12.15
CA GLY A 139 -50.53 51.57 12.35
C GLY A 139 -50.65 50.13 11.83
N GLN A 140 -49.70 49.70 11.01
CA GLN A 140 -49.72 48.37 10.40
C GLN A 140 -49.34 47.27 11.40
N ARG A 141 -49.84 46.06 11.15
CA ARG A 141 -49.43 44.85 11.86
C ARG A 141 -48.66 43.96 10.90
N GLU A 142 -47.34 43.87 11.09
CA GLU A 142 -46.46 43.06 10.21
C GLU A 142 -45.85 41.91 10.99
N LEU A 143 -46.19 40.68 10.61
CA LEU A 143 -45.67 39.47 11.25
C LEU A 143 -44.21 39.25 10.88
N ILE A 144 -43.37 38.96 11.87
CA ILE A 144 -42.01 38.45 11.65
C ILE A 144 -42.03 36.98 12.03
N ILE A 145 -41.80 36.11 11.05
CA ILE A 145 -42.00 34.66 11.20
C ILE A 145 -40.81 33.88 10.64
N GLY A 146 -40.45 32.79 11.33
CA GLY A 146 -39.34 31.94 10.91
C GLY A 146 -38.87 31.02 12.03
N ASP A 147 -38.04 30.05 11.67
CA ASP A 147 -37.45 29.12 12.65
C ASP A 147 -36.51 29.86 13.61
N ARG A 148 -36.04 29.14 14.63
CA ARG A 148 -35.08 29.69 15.58
C ARG A 148 -33.74 29.97 14.90
N GLN A 149 -33.03 30.99 15.38
CA GLN A 149 -31.73 31.42 14.85
C GLN A 149 -31.77 31.85 13.37
N THR A 150 -32.85 32.51 12.97
CA THR A 150 -33.00 33.08 11.63
C THR A 150 -32.85 34.62 11.60
N GLY A 151 -32.78 35.25 12.78
CA GLY A 151 -32.59 36.70 12.90
C GLY A 151 -33.84 37.52 13.16
N LYS A 152 -34.84 36.92 13.80
CA LYS A 152 -36.11 37.59 14.10
C LYS A 152 -35.95 38.70 15.13
N THR A 153 -35.37 38.37 16.28
CA THR A 153 -35.20 39.33 17.38
C THR A 153 -34.32 40.51 16.96
N THR A 154 -33.23 40.21 16.24
CA THR A 154 -32.31 41.24 15.71
C THR A 154 -33.04 42.31 14.88
N ILE A 155 -33.94 41.87 14.00
CA ILE A 155 -34.74 42.79 13.17
C ILE A 155 -35.58 43.75 14.03
N ALA A 156 -36.18 43.23 15.10
CA ALA A 156 -36.98 44.06 16.02
C ALA A 156 -36.12 45.03 16.84
N ILE A 157 -34.94 44.58 17.28
CA ILE A 157 -34.02 45.43 18.03
C ILE A 157 -33.43 46.53 17.14
N ASP A 158 -33.05 46.17 15.91
CA ASP A 158 -32.54 47.15 14.94
C ASP A 158 -33.59 48.18 14.52
N THR A 159 -34.85 47.74 14.45
CA THR A 159 -35.99 48.64 14.21
C THR A 159 -36.13 49.64 15.37
N ILE A 160 -36.05 49.13 16.61
CA ILE A 160 -36.15 49.97 17.81
C ILE A 160 -35.00 50.99 17.89
N ILE A 161 -33.78 50.53 17.60
CA ILE A 161 -32.59 51.41 17.57
C ILE A 161 -32.76 52.53 16.53
N ASN A 162 -33.31 52.18 15.37
CA ASN A 162 -33.52 53.15 14.28
C ASN A 162 -34.55 54.25 14.60
N GLN A 163 -35.43 54.01 15.56
CA GLN A 163 -36.38 55.04 16.02
C GLN A 163 -35.75 56.17 16.85
N LYS A 164 -34.48 56.03 17.23
CA LYS A 164 -33.70 57.09 17.90
C LYS A 164 -33.83 58.43 17.17
N GLY A 165 -34.37 59.43 17.88
CA GLY A 165 -34.57 60.76 17.33
C GLY A 165 -35.71 60.91 16.32
N GLN A 166 -36.63 59.94 16.30
CA GLN A 166 -37.79 59.97 15.38
C GLN A 166 -39.13 60.20 16.10
N ASP A 167 -39.09 60.38 17.43
CA ASP A 167 -40.29 60.61 18.24
C ASP A 167 -41.30 59.46 18.09
N VAL A 168 -40.82 58.24 18.36
CA VAL A 168 -41.64 57.02 18.33
C VAL A 168 -41.30 56.20 19.58
N ILE A 169 -42.30 55.96 20.43
CA ILE A 169 -42.10 55.20 21.66
C ILE A 169 -42.16 53.71 21.32
N CYS A 170 -41.10 52.98 21.65
CA CYS A 170 -41.01 51.55 21.38
C CYS A 170 -41.37 50.73 22.60
N ILE A 171 -41.91 49.53 22.36
CA ILE A 171 -42.28 48.60 23.44
C ILE A 171 -41.89 47.18 23.04
N TYR A 172 -40.90 46.62 23.73
CA TYR A 172 -40.47 45.25 23.50
C TYR A 172 -41.08 44.33 24.56
N VAL A 173 -42.06 43.52 24.13
CA VAL A 173 -42.70 42.54 25.01
C VAL A 173 -42.01 41.19 24.84
N ALA A 174 -41.39 40.70 25.91
CA ALA A 174 -40.76 39.37 25.93
C ALA A 174 -41.69 38.37 26.63
N ILE A 175 -42.04 37.30 25.94
CA ILE A 175 -42.93 36.25 26.47
C ILE A 175 -42.20 34.91 26.40
N GLY A 176 -42.08 34.25 27.55
CA GLY A 176 -41.52 32.91 27.64
C GLY A 176 -40.02 32.76 27.44
N GLN A 177 -39.29 33.88 27.45
CA GLN A 177 -37.85 33.86 27.21
C GLN A 177 -37.08 33.57 28.50
N LYS A 178 -35.83 33.14 28.34
CA LYS A 178 -34.88 33.08 29.45
C LYS A 178 -34.58 34.51 29.89
N GLN A 179 -34.56 34.74 31.20
CA GLN A 179 -34.49 36.10 31.75
C GLN A 179 -33.12 36.77 31.56
N SER A 180 -32.05 35.96 31.55
CA SER A 180 -30.71 36.46 31.21
C SER A 180 -30.56 36.85 29.74
N THR A 181 -31.36 36.24 28.86
CA THR A 181 -31.46 36.66 27.45
C THR A 181 -32.17 38.02 27.33
N VAL A 182 -33.19 38.24 28.16
CA VAL A 182 -33.90 39.53 28.21
C VAL A 182 -32.95 40.61 28.77
N ALA A 183 -32.18 40.25 29.80
CA ALA A 183 -31.12 41.13 30.34
C ALA A 183 -30.06 41.51 29.29
N GLY A 184 -29.75 40.55 28.40
CA GLY A 184 -28.87 40.82 27.25
C GLY A 184 -29.46 41.76 26.22
N VAL A 185 -30.76 41.66 25.98
CA VAL A 185 -31.47 42.54 25.04
C VAL A 185 -31.49 44.00 25.52
N VAL A 186 -31.80 44.23 26.80
CA VAL A 186 -31.86 45.60 27.34
C VAL A 186 -30.47 46.28 27.37
N GLU A 187 -29.43 45.47 27.55
CA GLU A 187 -28.04 45.95 27.49
C GLU A 187 -27.64 46.37 26.07
N THR A 188 -28.11 45.62 25.07
CA THR A 188 -27.90 45.97 23.65
C THR A 188 -28.61 47.29 23.29
N LEU A 189 -29.82 47.48 23.80
CA LEU A 189 -30.57 48.74 23.63
C LEU A 189 -29.89 49.90 24.36
N ARG A 190 -29.32 49.63 25.53
CA ARG A 190 -28.59 50.63 26.31
C ARG A 190 -27.31 51.10 25.60
N GLN A 191 -26.56 50.15 25.04
CA GLN A 191 -25.31 50.47 24.32
C GLN A 191 -25.51 51.29 23.03
N HIS A 192 -26.65 51.09 22.35
CA HIS A 192 -26.98 51.84 21.13
C HIS A 192 -27.88 53.07 21.38
N ASP A 193 -28.05 53.46 22.65
CA ASP A 193 -28.81 54.65 23.05
C ASP A 193 -30.30 54.57 22.67
N ALA A 194 -30.86 53.35 22.76
CA ALA A 194 -32.25 53.07 22.37
C ALA A 194 -33.21 52.93 23.55
N LEU A 195 -32.67 52.75 24.76
CA LEU A 195 -33.49 52.40 25.94
C LEU A 195 -34.36 53.55 26.48
N ASP A 196 -33.88 54.79 26.38
CA ASP A 196 -34.58 55.94 27.00
C ASP A 196 -35.94 56.33 26.37
N TYR A 197 -36.29 55.73 25.23
CA TYR A 197 -37.64 55.86 24.64
C TYR A 197 -38.34 54.49 24.51
N THR A 198 -37.87 53.49 25.27
CA THR A 198 -38.35 52.11 25.14
C THR A 198 -38.87 51.57 26.48
N ILE A 199 -40.01 50.88 26.44
CA ILE A 199 -40.57 50.18 27.59
C ILE A 199 -40.36 48.69 27.37
N VAL A 200 -39.82 47.99 28.38
CA VAL A 200 -39.53 46.56 28.29
C VAL A 200 -40.46 45.79 29.23
N VAL A 201 -41.39 45.03 28.64
CA VAL A 201 -42.30 44.16 29.39
C VAL A 201 -41.79 42.73 29.24
N THR A 202 -41.49 42.08 30.37
CA THR A 202 -40.96 40.71 30.34
C THR A 202 -41.75 39.77 31.27
N ALA A 203 -42.21 38.66 30.69
CA ALA A 203 -42.79 37.55 31.44
C ALA A 203 -41.97 36.31 31.10
N SER A 204 -40.94 36.06 31.91
CA SER A 204 -39.97 34.98 31.63
C SER A 204 -40.59 33.60 31.80
N ALA A 205 -39.82 32.58 31.43
CA ALA A 205 -40.29 31.19 31.45
C ALA A 205 -40.67 30.65 32.83
N SER A 206 -40.02 31.16 33.89
CA SER A 206 -40.35 30.76 35.27
C SER A 206 -41.61 31.43 35.84
N GLU A 207 -42.10 32.48 35.19
CA GLU A 207 -43.32 33.18 35.65
C GLU A 207 -44.55 32.28 35.48
N PRO A 208 -45.61 32.53 36.27
CA PRO A 208 -46.86 31.78 36.06
C PRO A 208 -47.45 31.98 34.66
N ALA A 209 -48.20 30.99 34.19
CA ALA A 209 -48.78 30.99 32.83
C ALA A 209 -49.69 32.20 32.51
N PRO A 210 -50.46 32.68 33.50
CA PRO A 210 -51.29 33.88 33.25
C PRO A 210 -50.52 35.15 32.88
N LEU A 211 -49.30 35.30 33.41
CA LEU A 211 -48.46 36.46 33.07
C LEU A 211 -47.93 36.40 31.63
N LEU A 212 -47.60 35.20 31.15
CA LEU A 212 -47.25 34.99 29.73
C LEU A 212 -48.44 35.31 28.84
N TYR A 213 -49.62 34.80 29.23
CA TYR A 213 -50.91 35.08 28.58
C TYR A 213 -51.23 36.58 28.53
N LEU A 214 -51.01 37.29 29.64
CA LEU A 214 -51.34 38.72 29.74
C LEU A 214 -50.25 39.69 29.27
N ALA A 215 -49.04 39.20 28.98
CA ALA A 215 -47.89 40.07 28.65
C ALA A 215 -48.08 40.96 27.40
N PRO A 216 -48.57 40.40 26.28
CA PRO A 216 -48.82 41.24 25.09
C PRO A 216 -49.90 42.31 25.28
N TYR A 217 -50.95 41.97 26.02
CA TYR A 217 -52.03 42.91 26.30
C TYR A 217 -51.58 44.06 27.20
N ALA A 218 -50.70 43.76 28.16
CA ALA A 218 -50.10 44.77 29.03
C ALA A 218 -49.23 45.75 28.24
N GLY A 219 -48.39 45.21 27.35
CA GLY A 219 -47.56 46.02 26.46
C GLY A 219 -48.37 46.82 25.46
N CYS A 220 -49.48 46.25 24.99
CA CYS A 220 -50.40 46.93 24.07
C CYS A 220 -51.03 48.17 24.72
N ALA A 221 -51.49 48.00 25.96
CA ALA A 221 -52.07 49.11 26.75
C ALA A 221 -51.09 50.26 26.95
N MET A 222 -49.82 49.94 27.19
CA MET A 222 -48.76 50.95 27.32
C MET A 222 -48.52 51.70 26.01
N GLY A 223 -48.63 51.00 24.88
CA GLY A 223 -48.56 51.63 23.57
C GLY A 223 -49.78 52.44 23.20
N GLU A 224 -50.96 51.98 23.63
CA GLU A 224 -52.23 52.69 23.37
C GLU A 224 -52.32 54.06 24.04
N TYR A 225 -51.70 54.21 25.22
CA TYR A 225 -51.64 55.50 25.90
C TYR A 225 -51.13 56.61 24.99
N PHE A 226 -50.03 56.34 24.29
CA PHE A 226 -49.41 57.29 23.37
C PHE A 226 -50.22 57.46 22.09
N MET A 227 -50.84 56.37 21.62
CA MET A 227 -51.70 56.40 20.42
C MET A 227 -52.90 57.32 20.60
N TYR A 228 -53.65 57.14 21.68
CA TYR A 228 -54.85 57.96 21.93
C TYR A 228 -54.55 59.40 22.37
N LYS A 229 -53.30 59.68 22.76
CA LYS A 229 -52.86 61.05 23.09
C LYS A 229 -52.33 61.83 21.88
N GLY A 230 -52.32 61.21 20.69
CA GLY A 230 -51.88 61.86 19.45
C GLY A 230 -50.47 61.52 18.99
N LYS A 231 -49.72 60.80 19.81
CA LYS A 231 -48.35 60.39 19.47
C LYS A 231 -48.33 59.02 18.77
N HIS A 232 -47.13 58.58 18.36
CA HIS A 232 -46.96 57.32 17.64
C HIS A 232 -46.11 56.34 18.46
N ALA A 233 -46.44 55.05 18.36
CA ALA A 233 -45.76 54.01 19.15
C ALA A 233 -45.58 52.70 18.36
N LEU A 234 -44.60 51.91 18.80
CA LEU A 234 -44.26 50.62 18.22
C LEU A 234 -44.28 49.54 19.31
N VAL A 235 -45.02 48.45 19.07
CA VAL A 235 -45.05 47.32 20.00
C VAL A 235 -44.53 46.04 19.33
N VAL A 236 -43.68 45.31 20.04
CA VAL A 236 -43.11 44.04 19.56
C VAL A 236 -43.53 42.94 20.54
N TYR A 237 -44.13 41.88 20.01
CA TYR A 237 -44.47 40.69 20.79
C TYR A 237 -43.51 39.57 20.41
N ASP A 238 -42.61 39.21 21.33
CA ASP A 238 -41.54 38.23 21.10
C ASP A 238 -41.60 37.12 22.18
N ASP A 239 -42.40 36.07 21.99
CA ASP A 239 -43.23 35.83 20.80
C ASP A 239 -44.62 35.32 21.18
N LEU A 240 -45.53 35.32 20.20
CA LEU A 240 -46.90 34.89 20.40
C LEU A 240 -47.08 33.36 20.41
N SER A 241 -46.07 32.61 19.96
CA SER A 241 -46.08 31.14 20.05
C SER A 241 -46.08 30.70 21.51
N LYS A 242 -45.18 31.29 22.30
CA LYS A 242 -45.08 30.99 23.73
C LYS A 242 -46.24 31.58 24.54
N GLN A 243 -46.83 32.69 24.07
CA GLN A 243 -48.06 33.25 24.66
C GLN A 243 -49.24 32.31 24.43
N ALA A 244 -49.37 31.80 23.21
CA ALA A 244 -50.43 30.85 22.85
C ALA A 244 -50.38 29.59 23.70
N ALA A 245 -49.18 29.03 23.83
CA ALA A 245 -48.94 27.84 24.65
C ALA A 245 -49.27 28.05 26.13
N ALA A 246 -49.03 29.27 26.63
CA ALA A 246 -49.39 29.64 28.00
C ALA A 246 -50.91 29.72 28.21
N TYR A 247 -51.62 30.26 27.22
CA TYR A 247 -53.10 30.30 27.26
C TYR A 247 -53.71 28.90 27.12
N ARG A 248 -53.07 28.05 26.31
CA ARG A 248 -53.47 26.65 26.17
C ARG A 248 -53.36 25.91 27.51
N GLU A 249 -52.26 26.13 28.22
CA GLU A 249 -52.03 25.54 29.55
C GLU A 249 -53.21 25.81 30.49
N LEU A 250 -53.62 27.07 30.55
CA LEU A 250 -54.71 27.51 31.44
C LEU A 250 -56.07 26.96 31.02
N SER A 251 -56.33 26.96 29.72
CA SER A 251 -57.59 26.44 29.17
C SER A 251 -57.74 24.94 29.42
N LEU A 252 -56.66 24.19 29.17
CA LEU A 252 -56.65 22.75 29.44
C LEU A 252 -56.79 22.43 30.92
N LEU A 253 -56.13 23.22 31.78
CA LEU A 253 -56.28 23.07 33.25
C LEU A 253 -57.68 23.43 33.76
N LEU A 254 -58.35 24.38 33.09
CA LEU A 254 -59.75 24.71 33.36
C LEU A 254 -60.75 23.80 32.61
N ARG A 255 -60.24 22.77 31.95
CA ARG A 255 -61.04 21.73 31.28
C ARG A 255 -61.96 22.23 30.16
N ARG A 256 -61.51 23.28 29.45
CA ARG A 256 -62.17 23.72 28.23
C ARG A 256 -61.74 22.79 27.09
N PRO A 257 -62.66 22.46 26.16
CA PRO A 257 -62.36 21.36 25.24
C PRO A 257 -61.20 21.65 24.28
N PRO A 258 -60.29 20.65 24.07
CA PRO A 258 -59.16 20.83 23.17
C PRO A 258 -59.51 20.58 21.70
N GLY A 259 -58.78 21.24 20.81
CA GLY A 259 -58.89 21.03 19.36
C GLY A 259 -57.53 20.74 18.76
N ARG A 260 -57.25 21.33 17.59
CA ARG A 260 -55.98 21.13 16.89
C ARG A 260 -54.79 21.56 17.75
N GLU A 261 -53.81 20.66 17.90
CA GLU A 261 -52.65 20.85 18.79
C GLU A 261 -53.05 21.20 20.23
N ALA A 262 -54.18 20.65 20.68
CA ALA A 262 -54.75 20.85 22.02
C ALA A 262 -55.16 22.29 22.39
N TYR A 263 -55.24 23.20 21.42
CA TYR A 263 -55.64 24.59 21.69
C TYR A 263 -57.16 24.69 21.78
N PRO A 264 -57.66 25.66 22.57
CA PRO A 264 -59.11 25.86 22.64
C PRO A 264 -59.65 26.63 21.43
N GLY A 265 -60.97 26.67 21.30
CA GLY A 265 -61.62 27.36 20.17
C GLY A 265 -61.53 28.88 20.13
N ASP A 266 -61.01 29.49 21.20
CA ASP A 266 -60.84 30.95 21.27
C ASP A 266 -59.38 31.44 21.22
N VAL A 267 -58.46 30.60 20.73
CA VAL A 267 -57.05 31.00 20.61
C VAL A 267 -56.81 31.93 19.41
N PHE A 268 -57.60 31.77 18.35
CA PHE A 268 -57.60 32.72 17.23
C PHE A 268 -58.14 34.06 17.72
N TYR A 269 -59.30 34.00 18.39
CA TYR A 269 -59.93 35.17 19.03
C TYR A 269 -58.98 35.89 19.99
N LEU A 270 -58.14 35.13 20.69
CA LEU A 270 -57.08 35.68 21.55
C LEU A 270 -56.16 36.64 20.80
N HIS A 271 -55.56 36.16 19.70
CA HIS A 271 -54.59 36.95 18.93
C HIS A 271 -55.21 38.05 18.07
N SER A 272 -56.41 37.80 17.52
CA SER A 272 -57.11 38.80 16.70
C SER A 272 -57.56 40.00 17.55
N ARG A 273 -58.00 39.72 18.79
CA ARG A 273 -58.40 40.76 19.75
CA ARG A 273 -58.40 40.77 19.74
C ARG A 273 -57.18 41.61 20.17
N LEU A 274 -56.01 40.97 20.28
CA LEU A 274 -54.76 41.65 20.58
C LEU A 274 -54.31 42.57 19.44
N LEU A 275 -54.16 41.98 18.25
CA LEU A 275 -53.53 42.67 17.12
C LEU A 275 -54.38 43.76 16.46
N GLU A 276 -55.71 43.66 16.59
CA GLU A 276 -56.60 44.67 15.99
C GLU A 276 -56.54 46.02 16.73
N ARG A 277 -56.16 45.99 18.01
CA ARG A 277 -55.94 47.20 18.81
C ARG A 277 -54.80 48.10 18.28
N ALA A 278 -53.84 47.50 17.57
CA ALA A 278 -52.85 48.26 16.81
C ALA A 278 -53.52 48.86 15.58
N ALA A 279 -53.37 50.18 15.39
CA ALA A 279 -54.12 50.89 14.34
C ALA A 279 -53.54 52.26 14.02
N LYS A 280 -54.06 52.87 12.95
CA LYS A 280 -53.78 54.26 12.57
C LYS A 280 -55.07 55.06 12.70
N LEU A 281 -55.12 55.94 13.71
CA LEU A 281 -56.34 56.73 13.99
C LEU A 281 -56.55 57.86 12.97
N SER A 282 -57.81 58.30 12.89
CA SER A 282 -58.20 59.39 11.99
C SER A 282 -57.81 60.76 12.56
N ASP A 283 -57.99 61.80 11.74
CA ASP A 283 -57.74 63.19 12.15
C ASP A 283 -58.65 63.61 13.30
N GLU A 284 -59.92 63.20 13.24
CA GLU A 284 -60.89 63.46 14.30
C GLU A 284 -60.51 62.84 15.65
N LYS A 285 -59.88 61.67 15.62
CA LYS A 285 -59.44 60.96 16.83
C LYS A 285 -57.99 61.27 17.25
N GLY A 286 -57.37 62.31 16.67
CA GLY A 286 -56.03 62.77 17.06
C GLY A 286 -54.89 62.40 16.13
N GLY A 287 -55.09 61.40 15.28
CA GLY A 287 -54.10 61.00 14.28
C GLY A 287 -52.92 60.16 14.76
N GLY A 288 -52.96 59.70 16.02
CA GLY A 288 -51.89 58.86 16.56
C GLY A 288 -51.99 57.42 16.06
N SER A 289 -50.97 56.63 16.36
CA SER A 289 -50.89 55.25 15.86
C SER A 289 -50.13 54.29 16.77
N LEU A 290 -50.46 53.01 16.63
CA LEU A 290 -49.73 51.91 17.28
C LEU A 290 -49.39 50.89 16.20
N THR A 291 -48.10 50.69 15.96
CA THR A 291 -47.60 49.70 15.00
C THR A 291 -47.23 48.43 15.76
N ALA A 292 -47.65 47.28 15.25
CA ALA A 292 -47.40 45.98 15.90
C ALA A 292 -46.43 45.13 15.09
N LEU A 293 -45.48 44.49 15.79
CA LEU A 293 -44.58 43.51 15.21
C LEU A 293 -44.67 42.20 16.00
N PRO A 294 -45.72 41.40 15.75
CA PRO A 294 -45.81 40.09 16.41
C PRO A 294 -44.80 39.09 15.85
N PHE A 295 -44.32 38.20 16.71
CA PHE A 295 -43.39 37.12 16.33
C PHE A 295 -44.12 35.79 16.33
N ILE A 296 -43.68 34.89 15.45
CA ILE A 296 -44.08 33.48 15.45
C ILE A 296 -42.81 32.66 15.21
N GLU A 297 -42.55 31.70 16.10
CA GLU A 297 -41.46 30.74 15.92
C GLU A 297 -42.03 29.46 15.30
N THR A 298 -41.79 29.29 14.00
CA THR A 298 -42.18 28.06 13.29
C THR A 298 -41.23 26.92 13.64
N GLN A 299 -41.69 25.69 13.39
CA GLN A 299 -40.92 24.48 13.63
C GLN A 299 -40.66 23.77 12.30
N ALA A 300 -39.38 23.69 11.92
CA ALA A 300 -38.95 23.09 10.64
C ALA A 300 -39.65 23.72 9.41
N GLY A 301 -39.89 25.02 9.47
CA GLY A 301 -40.49 25.76 8.37
C GLY A 301 -41.99 25.55 8.16
N ASP A 302 -42.67 24.94 9.13
CA ASP A 302 -44.10 24.61 8.99
C ASP A 302 -44.96 25.84 9.23
N VAL A 303 -45.11 26.64 8.17
CA VAL A 303 -45.98 27.83 8.20
C VAL A 303 -47.49 27.48 8.22
N SER A 304 -47.83 26.26 7.84
CA SER A 304 -49.22 25.76 7.88
C SER A 304 -49.62 25.11 9.21
N ALA A 305 -48.77 25.19 10.23
CA ALA A 305 -49.16 24.82 11.61
C ALA A 305 -50.19 25.81 12.14
N TYR A 306 -50.92 25.40 13.18
CA TYR A 306 -52.14 26.11 13.58
C TYR A 306 -51.94 27.55 14.03
N ILE A 307 -51.03 27.78 14.97
CA ILE A 307 -50.80 29.13 15.52
C ILE A 307 -50.16 30.07 14.47
N PRO A 308 -49.18 29.58 13.67
CA PRO A 308 -48.71 30.37 12.51
C PRO A 308 -49.81 30.75 11.52
N THR A 309 -50.67 29.79 11.15
CA THR A 309 -51.79 30.05 10.24
C THR A 309 -52.73 31.15 10.77
N ASN A 310 -52.99 31.15 12.07
CA ASN A 310 -53.84 32.16 12.71
C ASN A 310 -53.24 33.57 12.55
N VAL A 311 -52.00 33.72 12.98
CA VAL A 311 -51.34 35.05 13.02
C VAL A 311 -50.97 35.56 11.62
N ILE A 312 -50.72 34.65 10.67
CA ILE A 312 -50.51 35.04 9.27
C ILE A 312 -51.76 35.71 8.68
N SER A 313 -52.93 35.09 8.88
CA SER A 313 -54.19 35.61 8.33
C SER A 313 -54.65 36.91 9.02
N ILE A 314 -54.40 37.03 10.32
CA ILE A 314 -54.78 38.21 11.10
C ILE A 314 -54.01 39.47 10.64
N THR A 315 -52.71 39.34 10.44
CA THR A 315 -51.83 40.48 10.15
C THR A 315 -51.99 41.05 8.73
N ASP A 316 -51.37 42.20 8.51
CA ASP A 316 -51.37 42.88 7.20
C ASP A 316 -50.26 42.41 6.27
N GLY A 317 -49.35 41.57 6.77
CA GLY A 317 -48.22 41.10 5.96
C GLY A 317 -47.25 40.29 6.79
N GLN A 318 -46.31 39.64 6.10
CA GLN A 318 -45.38 38.71 6.73
C GLN A 318 -43.96 38.92 6.20
N ILE A 319 -42.99 38.93 7.12
CA ILE A 319 -41.57 38.90 6.77
C ILE A 319 -41.05 37.50 7.11
N PHE A 320 -41.04 36.63 6.11
CA PHE A 320 -40.59 35.24 6.27
C PHE A 320 -39.07 35.15 6.27
N LEU A 321 -38.49 34.60 7.34
CA LEU A 321 -37.07 34.32 7.42
C LEU A 321 -36.80 32.83 7.24
N GLU A 322 -35.60 32.49 6.75
CA GLU A 322 -35.24 31.11 6.43
C GLU A 322 -33.79 30.76 6.78
N SER A 323 -33.58 29.50 7.15
CA SER A 323 -32.27 29.02 7.61
C SER A 323 -31.25 28.89 6.48
N ASP A 324 -31.70 28.40 5.31
CA ASP A 324 -30.84 28.25 4.13
C ASP A 324 -30.15 29.55 3.73
N LEU A 325 -30.90 30.63 3.71
CA LEU A 325 -30.38 31.96 3.40
C LEU A 325 -29.43 32.47 4.50
N PHE A 326 -29.79 32.23 5.75
CA PHE A 326 -28.97 32.60 6.91
C PHE A 326 -27.59 31.93 6.90
N TYR A 327 -27.56 30.62 6.64
CA TYR A 327 -26.31 29.86 6.59
C TYR A 327 -25.43 30.22 5.38
N SER A 328 -26.07 30.60 4.27
CA SER A 328 -25.35 31.04 3.07
C SER A 328 -24.65 32.40 3.22
N GLY A 329 -25.14 33.23 4.15
CA GLY A 329 -24.59 34.58 4.37
C GLY A 329 -25.51 35.72 3.94
N VAL A 330 -26.69 35.38 3.42
CA VAL A 330 -27.73 36.37 3.13
C VAL A 330 -28.36 36.74 4.48
N ARG A 331 -27.92 37.88 5.04
CA ARG A 331 -28.36 38.34 6.36
C ARG A 331 -28.67 39.84 6.29
N PRO A 332 -29.89 40.28 6.61
CA PRO A 332 -30.98 39.45 7.13
C PRO A 332 -31.54 38.43 6.14
N ALA A 333 -31.97 37.28 6.66
CA ALA A 333 -32.33 36.12 5.84
C ALA A 333 -33.78 36.17 5.35
N VAL A 334 -34.13 37.26 4.67
CA VAL A 334 -35.50 37.55 4.26
C VAL A 334 -35.78 36.88 2.92
N ASN A 335 -36.79 36.02 2.88
CA ASN A 335 -37.30 35.44 1.63
C ASN A 335 -38.26 36.46 1.02
N VAL A 336 -37.79 37.15 -0.03
CA VAL A 336 -38.54 38.24 -0.66
C VAL A 336 -39.72 37.72 -1.50
N GLY A 337 -39.58 36.54 -2.09
CA GLY A 337 -40.63 35.95 -2.93
C GLY A 337 -41.96 35.72 -2.24
N ILE A 338 -41.92 35.15 -1.03
CA ILE A 338 -43.14 34.83 -0.26
C ILE A 338 -43.56 35.90 0.75
N SER A 339 -42.64 36.79 1.13
CA SER A 339 -42.94 37.90 2.05
C SER A 339 -43.87 38.93 1.40
N VAL A 340 -44.81 39.45 2.19
CA VAL A 340 -45.86 40.34 1.69
C VAL A 340 -46.00 41.56 2.59
N SER A 341 -46.36 42.69 1.98
CA SER A 341 -46.86 43.87 2.69
C SER A 341 -48.07 44.40 1.93
N ARG A 342 -49.27 44.14 2.46
CA ARG A 342 -50.52 44.54 1.81
C ARG A 342 -50.72 46.06 1.77
N VAL A 343 -50.07 46.78 2.68
CA VAL A 343 -50.07 48.25 2.68
C VAL A 343 -49.22 48.76 1.51
N GLY A 344 -48.02 48.20 1.35
CA GLY A 344 -47.19 48.42 0.16
C GLY A 344 -46.63 49.83 0.01
N GLY A 345 -46.77 50.39 -1.18
CA GLY A 345 -46.24 51.71 -1.52
C GLY A 345 -46.69 52.87 -0.64
N ALA A 346 -47.91 52.79 -0.11
CA ALA A 346 -48.46 53.80 0.80
C ALA A 346 -47.61 54.05 2.05
N ALA A 347 -46.88 53.02 2.51
CA ALA A 347 -45.97 53.12 3.66
C ALA A 347 -44.54 53.59 3.31
N GLN A 348 -44.32 54.08 2.09
CA GLN A 348 -43.00 54.53 1.63
C GLN A 348 -43.04 55.99 1.18
N ILE A 349 -41.89 56.66 1.28
CA ILE A 349 -41.72 57.98 0.67
C ILE A 349 -41.53 57.82 -0.84
N LYS A 350 -41.73 58.90 -1.59
CA LYS A 350 -41.75 58.86 -3.07
C LYS A 350 -40.42 58.37 -3.67
N ALA A 351 -39.30 58.72 -3.03
CA ALA A 351 -37.96 58.32 -3.49
C ALA A 351 -37.76 56.80 -3.43
N MET A 352 -38.14 56.20 -2.31
CA MET A 352 -38.02 54.75 -2.11
C MET A 352 -38.97 53.97 -3.02
N LYS A 353 -40.18 54.47 -3.18
CA LYS A 353 -41.20 53.84 -4.04
C LYS A 353 -40.76 53.74 -5.50
N LYS A 354 -40.04 54.76 -5.98
CA LYS A 354 -39.58 54.81 -7.37
C LYS A 354 -38.42 53.86 -7.65
N VAL A 355 -37.40 53.88 -6.77
CA VAL A 355 -36.22 53.01 -6.91
C VAL A 355 -36.52 51.52 -6.62
N ALA A 356 -37.46 51.25 -5.71
CA ALA A 356 -37.79 49.87 -5.31
C ALA A 356 -38.55 49.05 -6.36
N GLY A 357 -39.16 49.70 -7.35
CA GLY A 357 -39.86 49.01 -8.44
C GLY A 357 -38.95 48.14 -9.28
N THR A 358 -37.80 48.69 -9.66
CA THR A 358 -36.77 47.94 -10.41
C THR A 358 -36.08 46.88 -9.54
N LEU A 359 -35.92 47.16 -8.25
CA LEU A 359 -35.26 46.24 -7.30
C LEU A 359 -36.01 44.92 -7.11
N ARG A 360 -37.33 45.00 -6.96
CA ARG A 360 -38.18 43.80 -6.82
C ARG A 360 -38.30 43.02 -8.13
N LEU A 361 -38.22 43.74 -9.25
CA LEU A 361 -38.22 43.13 -10.60
C LEU A 361 -36.92 42.37 -10.87
N ASP A 362 -35.78 43.04 -10.60
CA ASP A 362 -34.45 42.44 -10.80
C ASP A 362 -34.20 41.22 -9.90
N LEU A 363 -34.61 41.33 -8.64
CA LEU A 363 -34.39 40.25 -7.65
C LEU A 363 -35.26 39.02 -7.92
N ALA A 364 -36.47 39.23 -8.45
CA ALA A 364 -37.36 38.13 -8.83
C ALA A 364 -36.80 37.32 -10.00
N GLN A 365 -36.33 38.03 -11.04
CA GLN A 365 -35.73 37.39 -12.22
C GLN A 365 -34.40 36.67 -11.93
N TYR A 366 -33.65 37.12 -10.93
CA TYR A 366 -32.37 36.50 -10.56
C TYR A 366 -32.56 35.12 -9.95
N ARG A 367 -33.38 35.05 -8.90
CA ARG A 367 -33.66 33.78 -8.20
C ARG A 367 -34.51 32.81 -9.02
N GLU A 368 -35.26 33.34 -10.00
CA GLU A 368 -35.99 32.51 -10.97
C GLU A 368 -35.03 31.86 -11.98
N LEU A 369 -34.08 32.65 -12.48
CA LEU A 369 -33.08 32.18 -13.46
C LEU A 369 -31.74 31.76 -12.82
N GLN A 370 -31.79 31.27 -11.59
CA GLN A 370 -30.58 30.86 -10.85
C GLN A 370 -30.10 29.45 -11.24
N ALA A 371 -30.93 28.69 -11.95
CA ALA A 371 -30.53 27.37 -12.50
C ALA A 371 -29.43 27.48 -13.56
N PHE A 372 -29.43 28.59 -14.32
CA PHE A 372 -28.40 28.86 -15.33
C PHE A 372 -27.05 29.36 -14.76
N ALA A 373 -27.01 29.66 -13.45
CA ALA A 373 -25.84 30.29 -12.81
C ALA A 373 -24.56 29.47 -12.89
N GLN A 374 -24.67 28.16 -12.67
CA GLN A 374 -23.51 27.25 -12.77
C GLN A 374 -22.95 27.14 -14.21
N PHE A 375 -23.83 27.28 -15.20
CA PHE A 375 -23.43 27.25 -16.61
C PHE A 375 -22.85 28.61 -17.03
N GLY A 376 -21.61 28.85 -16.63
CA GLY A 376 -20.94 30.14 -16.84
C GLY A 376 -20.44 30.35 -18.27
N SER A 377 -20.77 31.52 -18.83
CA SER A 377 -20.31 31.97 -20.16
C SER A 377 -20.85 31.18 -21.37
N ASP A 378 -21.83 30.30 -21.17
CA ASP A 378 -22.53 29.62 -22.27
C ASP A 378 -23.82 30.35 -22.65
N LEU A 379 -24.24 31.30 -21.81
CA LEU A 379 -25.55 31.95 -21.93
C LEU A 379 -25.49 33.15 -22.86
N ASP A 380 -26.65 33.54 -23.40
CA ASP A 380 -26.77 34.76 -24.20
C ASP A 380 -26.63 36.01 -23.31
N LYS A 381 -26.29 37.14 -23.94
CA LYS A 381 -26.00 38.38 -23.20
C LYS A 381 -27.19 39.02 -22.46
N ALA A 382 -28.43 38.63 -22.81
CA ALA A 382 -29.62 39.08 -22.10
C ALA A 382 -29.66 38.54 -20.66
N THR A 383 -29.52 37.21 -20.54
CA THR A 383 -29.48 36.55 -19.23
C THR A 383 -28.12 36.67 -18.52
N GLN A 384 -27.07 37.05 -19.26
CA GLN A 384 -25.73 37.25 -18.69
C GLN A 384 -25.69 38.47 -17.76
N ALA A 385 -26.18 39.61 -18.25
CA ALA A 385 -26.18 40.86 -17.49
C ALA A 385 -27.15 40.85 -16.31
N LYS A 386 -28.28 40.15 -16.45
CA LYS A 386 -29.26 40.01 -15.36
C LYS A 386 -28.74 39.20 -14.17
N LEU A 387 -27.92 38.18 -14.45
CA LEU A 387 -27.23 37.43 -13.39
C LEU A 387 -26.15 38.27 -12.70
N ASN A 388 -25.41 39.06 -13.48
CA ASN A 388 -24.40 39.98 -12.95
C ASN A 388 -25.03 41.09 -12.09
N ARG A 389 -26.14 41.63 -12.58
CA ARG A 389 -26.92 42.64 -11.83
C ARG A 389 -27.54 42.02 -10.56
N GLY A 390 -28.12 40.84 -10.70
CA GLY A 390 -28.82 40.17 -9.60
C GLY A 390 -27.97 39.85 -8.39
N GLU A 391 -26.79 39.25 -8.62
CA GLU A 391 -25.88 38.91 -7.53
C GLU A 391 -25.27 40.14 -6.83
N ARG A 392 -25.20 41.28 -7.54
CA ARG A 392 -24.75 42.54 -6.96
C ARG A 392 -25.81 43.20 -6.07
N THR A 393 -27.09 43.09 -6.46
CA THR A 393 -28.19 43.60 -5.64
C THR A 393 -28.36 42.80 -4.35
N VAL A 394 -28.07 41.49 -4.39
CA VAL A 394 -28.07 40.64 -3.19
C VAL A 394 -27.06 41.16 -2.13
N GLU A 395 -25.89 41.58 -2.59
CA GLU A 395 -24.85 42.13 -1.70
C GLU A 395 -25.24 43.45 -1.04
N ILE A 396 -26.03 44.28 -1.74
CA ILE A 396 -26.58 45.52 -1.17
C ILE A 396 -27.66 45.20 -0.12
N LEU A 397 -28.48 44.19 -0.39
CA LEU A 397 -29.53 43.75 0.54
C LEU A 397 -28.98 43.03 1.78
N LYS A 398 -27.73 42.57 1.74
CA LYS A 398 -27.02 42.13 2.95
C LYS A 398 -26.71 43.34 3.83
N GLN A 399 -26.73 43.12 5.14
CA GLN A 399 -26.56 44.21 6.12
C GLN A 399 -26.10 43.67 7.46
N ASP A 400 -25.16 44.36 8.10
CA ASP A 400 -24.59 43.93 9.37
C ASP A 400 -25.55 44.11 10.53
N GLU A 401 -25.23 43.46 11.64
CA GLU A 401 -26.04 43.47 12.86
C GLU A 401 -25.96 44.83 13.55
N HIS A 402 -27.11 45.34 13.99
CA HIS A 402 -27.21 46.59 14.76
C HIS A 402 -26.65 47.83 14.03
N LYS A 403 -26.90 47.92 12.73
CA LYS A 403 -26.43 49.06 11.92
C LYS A 403 -27.53 49.51 10.97
N PRO A 404 -28.60 50.13 11.51
CA PRO A 404 -29.72 50.57 10.69
C PRO A 404 -29.38 51.82 9.89
N MET A 405 -29.77 51.84 8.62
CA MET A 405 -29.43 52.89 7.68
C MET A 405 -30.57 53.91 7.56
N PRO A 406 -30.26 55.22 7.54
CA PRO A 406 -31.30 56.22 7.25
C PRO A 406 -31.88 56.06 5.84
N VAL A 407 -33.19 56.33 5.70
CA VAL A 407 -33.90 56.13 4.43
C VAL A 407 -33.28 56.87 3.24
N GLU A 408 -32.77 58.08 3.47
CA GLU A 408 -32.07 58.85 2.43
C GLU A 408 -30.80 58.16 1.91
N GLU A 409 -30.08 57.47 2.79
CA GLU A 409 -28.89 56.71 2.40
C GLU A 409 -29.25 55.38 1.72
N GLN A 410 -30.39 54.79 2.09
CA GLN A 410 -30.89 53.57 1.45
C GLN A 410 -31.24 53.79 -0.03
N VAL A 411 -32.00 54.85 -0.30
CA VAL A 411 -32.46 55.15 -1.67
C VAL A 411 -31.33 55.43 -2.66
N ILE A 412 -30.26 56.09 -2.20
CA ILE A 412 -29.07 56.34 -3.04
C ILE A 412 -28.31 55.03 -3.33
N SER A 413 -28.20 54.17 -2.32
CA SER A 413 -27.56 52.86 -2.47
C SER A 413 -28.35 51.94 -3.43
N ILE A 414 -29.68 51.98 -3.32
CA ILE A 414 -30.55 51.22 -4.22
C ILE A 414 -30.56 51.84 -5.62
N TYR A 415 -30.57 53.17 -5.70
CA TYR A 415 -30.48 53.90 -6.98
C TYR A 415 -29.18 53.57 -7.73
N ALA A 416 -28.08 53.50 -7.01
CA ALA A 416 -26.77 53.20 -7.61
C ALA A 416 -26.70 51.81 -8.24
N VAL A 417 -27.14 50.79 -7.49
CA VAL A 417 -27.09 49.39 -7.96
C VAL A 417 -28.08 49.07 -9.09
N THR A 418 -29.29 49.64 -9.02
CA THR A 418 -30.35 49.36 -10.00
C THR A 418 -30.14 50.03 -11.35
N ASN A 419 -29.52 51.21 -11.37
CA ASN A 419 -29.22 51.94 -12.61
C ASN A 419 -27.88 51.52 -13.26
N GLY A 420 -27.11 50.66 -12.60
CA GLY A 420 -25.93 50.03 -13.19
C GLY A 420 -24.58 50.70 -12.90
N PHE A 421 -24.50 51.45 -11.79
CA PHE A 421 -23.25 52.11 -11.39
C PHE A 421 -22.28 51.19 -10.63
N MET A 422 -22.72 49.98 -10.30
CA MET A 422 -21.87 48.96 -9.65
C MET A 422 -21.58 47.75 -10.55
N ASP A 423 -22.01 47.78 -11.81
CA ASP A 423 -21.72 46.70 -12.77
C ASP A 423 -20.24 46.64 -13.13
N ASP A 424 -19.59 47.80 -13.16
CA ASP A 424 -18.15 47.92 -13.39
C ASP A 424 -17.33 47.36 -12.22
N ILE A 425 -17.79 47.60 -10.99
CA ILE A 425 -17.11 47.14 -9.77
C ILE A 425 -17.35 45.62 -9.56
N PRO A 426 -16.32 44.87 -9.08
CA PRO A 426 -16.51 43.43 -8.81
C PRO A 426 -17.56 43.08 -7.74
N VAL A 427 -17.91 41.80 -7.64
CA VAL A 427 -18.99 41.33 -6.76
C VAL A 427 -18.57 41.39 -5.29
N GLU A 428 -17.35 40.95 -5.00
CA GLU A 428 -16.82 40.97 -3.62
C GLU A 428 -16.58 42.38 -3.04
N ASP A 429 -16.44 43.39 -3.90
CA ASP A 429 -16.23 44.78 -3.48
C ASP A 429 -17.49 45.65 -3.37
N VAL A 430 -18.68 45.06 -3.58
CA VAL A 430 -19.94 45.82 -3.61
C VAL A 430 -20.30 46.42 -2.25
N ARG A 431 -20.09 45.66 -1.17
CA ARG A 431 -20.40 46.11 0.19
C ARG A 431 -19.44 47.21 0.67
N ARG A 432 -18.16 47.09 0.32
CA ARG A 432 -17.18 48.14 0.60
C ARG A 432 -17.41 49.39 -0.26
N PHE A 433 -17.83 49.17 -1.52
CA PHE A 433 -18.24 50.25 -2.42
C PHE A 433 -19.42 51.06 -1.88
N GLU A 434 -20.37 50.36 -1.24
CA GLU A 434 -21.53 51.01 -0.61
C GLU A 434 -21.13 51.90 0.57
N GLU A 435 -20.34 51.32 1.49
CA GLU A 435 -19.94 52.03 2.72
C GLU A 435 -19.13 53.29 2.45
N GLU A 436 -18.18 53.18 1.51
CA GLU A 436 -17.37 54.33 1.09
C GLU A 436 -18.16 55.36 0.27
N LEU A 437 -19.13 54.91 -0.52
CA LEU A 437 -20.01 55.81 -1.30
C LEU A 437 -20.86 56.69 -0.39
N LEU A 438 -21.48 56.08 0.62
CA LEU A 438 -22.32 56.83 1.57
C LEU A 438 -21.48 57.74 2.49
N SER A 439 -20.26 57.33 2.81
CA SER A 439 -19.31 58.20 3.52
C SER A 439 -18.94 59.42 2.66
N PHE A 440 -18.71 59.20 1.37
CA PHE A 440 -18.47 60.26 0.39
C PHE A 440 -19.68 61.19 0.25
N MET A 441 -20.88 60.62 0.17
CA MET A 441 -22.11 61.41 0.02
C MET A 441 -22.46 62.23 1.27
N ARG A 442 -22.25 61.66 2.46
CA ARG A 442 -22.50 62.39 3.72
C ARG A 442 -21.59 63.60 3.90
N ALA A 443 -20.31 63.43 3.58
CA ALA A 443 -19.30 64.49 3.75
C ALA A 443 -19.42 65.59 2.70
N ASN A 444 -19.33 65.21 1.43
CA ASN A 444 -19.20 66.15 0.31
C ASN A 444 -20.54 66.60 -0.28
N LYS A 445 -21.35 65.63 -0.71
CA LYS A 445 -22.60 65.88 -1.43
C LYS A 445 -23.84 65.76 -0.52
N ASP A 446 -23.84 66.52 0.57
CA ASP A 446 -24.93 66.48 1.55
C ASP A 446 -26.24 67.12 1.03
N SER A 447 -26.12 68.04 0.07
CA SER A 447 -27.29 68.70 -0.53
C SER A 447 -28.25 67.73 -1.23
N LEU A 448 -27.70 66.69 -1.86
CA LEU A 448 -28.52 65.62 -2.46
C LEU A 448 -29.22 64.77 -1.41
N LEU A 449 -28.53 64.48 -0.31
CA LEU A 449 -29.12 63.76 0.83
C LEU A 449 -30.22 64.58 1.52
N ASP A 450 -29.93 65.86 1.76
CA ASP A 450 -30.88 66.77 2.45
C ASP A 450 -32.16 67.01 1.66
N HIS A 451 -32.08 66.96 0.33
CA HIS A 451 -33.26 67.04 -0.55
C HIS A 451 -34.24 65.89 -0.28
N ILE A 452 -33.69 64.69 -0.11
CA ILE A 452 -34.50 63.49 0.18
C ILE A 452 -35.11 63.56 1.59
N ARG A 453 -34.35 64.10 2.55
CA ARG A 453 -34.85 64.30 3.92
C ARG A 453 -36.02 65.28 3.96
N GLN A 454 -35.87 66.41 3.29
CA GLN A 454 -36.87 67.49 3.31
C GLN A 454 -38.10 67.18 2.46
N THR A 455 -37.89 66.95 1.17
CA THR A 455 -39.00 66.76 0.22
C THR A 455 -39.58 65.35 0.22
N GLY A 456 -38.76 64.35 0.57
CA GLY A 456 -39.17 62.94 0.45
C GLY A 456 -39.14 62.42 -0.97
N GLU A 457 -38.41 63.11 -1.86
CA GLU A 457 -38.31 62.77 -3.27
C GLU A 457 -36.85 62.70 -3.70
N LEU A 458 -36.62 62.12 -4.88
CA LEU A 458 -35.27 62.07 -5.46
C LEU A 458 -34.83 63.45 -5.93
N PRO A 459 -33.53 63.77 -5.80
CA PRO A 459 -33.00 65.02 -6.37
C PRO A 459 -32.86 64.92 -7.90
N ASP A 460 -32.26 65.93 -8.52
CA ASP A 460 -32.00 65.92 -9.96
C ASP A 460 -31.15 64.69 -10.31
N THR A 461 -31.69 63.82 -11.16
CA THR A 461 -31.06 62.52 -11.46
C THR A 461 -29.71 62.65 -12.15
N LYS A 462 -29.60 63.57 -13.10
CA LYS A 462 -28.33 63.84 -13.78
C LYS A 462 -27.28 64.47 -12.87
N GLU A 463 -27.72 65.25 -11.88
CA GLU A 463 -26.85 65.77 -10.82
C GLU A 463 -26.38 64.64 -9.89
N LEU A 464 -27.28 63.73 -9.56
CA LEU A 464 -26.96 62.55 -8.74
C LEU A 464 -26.03 61.58 -9.47
N ASP A 465 -26.28 61.36 -10.76
CA ASP A 465 -25.40 60.55 -11.61
C ASP A 465 -23.98 61.12 -11.68
N ALA A 466 -23.87 62.44 -11.76
CA ALA A 466 -22.58 63.12 -11.75
C ALA A 466 -21.83 62.98 -10.42
N ALA A 467 -22.57 63.04 -9.31
CA ALA A 467 -22.00 62.89 -7.96
C ALA A 467 -21.42 61.49 -7.70
N ILE A 468 -22.13 60.46 -8.18
CA ILE A 468 -21.70 59.06 -8.02
C ILE A 468 -20.48 58.76 -8.89
N GLU A 469 -20.44 59.34 -10.10
CA GLU A 469 -19.34 59.10 -11.04
C GLU A 469 -18.01 59.71 -10.58
N GLU A 470 -18.07 60.82 -9.83
CA GLU A 470 -16.88 61.41 -9.21
C GLU A 470 -16.24 60.48 -8.16
N PHE A 471 -17.09 59.87 -7.34
CA PHE A 471 -16.65 58.86 -6.36
C PHE A 471 -16.07 57.62 -7.03
N LYS A 472 -16.77 57.14 -8.07
CA LYS A 472 -16.41 55.90 -8.77
C LYS A 472 -14.99 55.92 -9.38
N LYS A 473 -14.54 57.10 -9.81
CA LYS A 473 -13.16 57.28 -10.28
C LYS A 473 -12.13 57.24 -9.14
N GLY A 474 -12.49 57.82 -8.00
CA GLY A 474 -11.64 57.77 -6.79
C GLY A 474 -11.54 56.41 -6.11
N PHE A 475 -12.52 55.53 -6.36
CA PHE A 475 -12.55 54.18 -5.78
C PHE A 475 -11.49 53.27 -6.40
N THR A 476 -10.90 52.40 -5.57
CA THR A 476 -9.89 51.44 -6.01
C THR A 476 -10.40 50.00 -5.82
N PRO A 477 -10.75 49.30 -6.93
CA PRO A 477 -11.16 47.88 -6.82
C PRO A 477 -10.04 46.90 -6.42
N SER A 478 -10.42 45.64 -6.22
CA SER A 478 -9.44 44.60 -5.88
C SER A 478 -10.00 43.20 -6.16
N VAL B 3 -103.04 6.72 21.80
CA VAL B 3 -101.62 7.04 21.45
C VAL B 3 -100.69 6.97 22.66
N GLU B 4 -99.45 6.52 22.44
CA GLU B 4 -98.45 6.38 23.49
C GLU B 4 -97.38 7.47 23.34
N VAL B 5 -97.23 8.28 24.39
CA VAL B 5 -96.49 9.56 24.33
C VAL B 5 -95.14 9.48 25.05
N GLY B 6 -94.20 10.33 24.63
CA GLY B 6 -92.93 10.55 25.32
C GLY B 6 -92.57 12.02 25.33
N THR B 7 -91.62 12.40 26.18
CA THR B 7 -91.19 13.80 26.33
C THR B 7 -89.68 13.91 26.15
N VAL B 8 -89.24 14.93 25.41
CA VAL B 8 -87.82 15.19 25.18
C VAL B 8 -87.21 15.82 26.44
N ILE B 9 -86.10 15.24 26.90
CA ILE B 9 -85.37 15.75 28.07
C ILE B 9 -84.03 16.43 27.73
N GLN B 10 -83.38 15.96 26.66
CA GLN B 10 -82.16 16.59 26.11
C GLN B 10 -82.21 16.55 24.59
N VAL B 11 -81.67 17.59 23.94
CA VAL B 11 -81.55 17.59 22.48
C VAL B 11 -80.45 18.54 21.99
N GLY B 12 -79.71 18.10 20.97
CA GLY B 12 -78.63 18.89 20.39
C GLY B 12 -78.13 18.29 19.09
N ASP B 13 -77.91 19.13 18.08
CA ASP B 13 -77.47 18.72 16.74
C ASP B 13 -78.37 17.67 16.08
N GLY B 14 -79.68 17.78 16.33
CA GLY B 14 -80.67 16.83 15.79
C GLY B 14 -80.72 15.45 16.45
N ILE B 15 -80.05 15.30 17.59
CA ILE B 15 -80.04 14.03 18.35
C ILE B 15 -80.72 14.32 19.69
N ALA B 16 -81.77 13.57 20.00
CA ALA B 16 -82.56 13.79 21.22
C ALA B 16 -82.56 12.57 22.15
N ARG B 17 -82.76 12.84 23.43
CA ARG B 17 -83.00 11.80 24.44
C ARG B 17 -84.43 12.01 24.94
N VAL B 18 -85.25 10.96 24.86
CA VAL B 18 -86.68 11.03 25.16
C VAL B 18 -87.01 10.15 26.36
N HIS B 19 -87.78 10.70 27.30
CA HIS B 19 -88.35 9.96 28.42
C HIS B 19 -89.74 9.46 28.05
N GLY B 20 -90.10 8.27 28.53
CA GLY B 20 -91.34 7.60 28.16
C GLY B 20 -91.13 6.68 26.97
N LEU B 21 -92.18 6.52 26.16
CA LEU B 21 -92.18 5.58 25.03
C LEU B 21 -91.77 4.18 25.49
N GLU B 22 -92.51 3.66 26.47
CA GLU B 22 -92.14 2.42 27.17
C GLU B 22 -92.14 1.20 26.25
N LYS B 23 -93.16 1.09 25.39
CA LYS B 23 -93.33 -0.07 24.50
C LYS B 23 -92.74 0.12 23.07
N VAL B 24 -91.92 1.15 22.88
CA VAL B 24 -91.39 1.49 21.55
C VAL B 24 -90.38 0.45 21.05
N MET B 25 -90.41 0.19 19.75
CA MET B 25 -89.48 -0.75 19.10
C MET B 25 -88.17 -0.07 18.75
N ALA B 26 -87.12 -0.87 18.60
CA ALA B 26 -85.84 -0.38 18.10
C ALA B 26 -85.96 -0.13 16.60
N GLY B 27 -85.56 1.06 16.16
CA GLY B 27 -85.70 1.47 14.77
C GLY B 27 -87.12 1.83 14.35
N GLU B 28 -87.93 2.31 15.29
CA GLU B 28 -89.33 2.66 15.03
C GLU B 28 -89.44 4.10 14.55
N LEU B 29 -90.38 4.33 13.64
CA LEU B 29 -90.73 5.67 13.17
C LEU B 29 -91.53 6.40 14.24
N LEU B 30 -91.14 7.64 14.55
CA LEU B 30 -91.82 8.46 15.55
C LEU B 30 -92.20 9.82 14.95
N GLU B 31 -93.20 10.46 15.55
CA GLU B 31 -93.70 11.77 15.08
C GLU B 31 -93.75 12.75 16.25
N PHE B 32 -93.08 13.90 16.09
CA PHE B 32 -93.11 14.97 17.09
C PHE B 32 -94.39 15.81 16.96
N GLU B 33 -94.62 16.70 17.95
CA GLU B 33 -95.77 17.61 17.97
C GLU B 33 -96.02 18.33 16.64
N ASN B 34 -94.95 18.89 16.08
CA ASN B 34 -95.04 19.75 14.89
C ASN B 34 -95.01 19.02 13.53
N GLY B 35 -95.16 17.69 13.54
CA GLY B 35 -95.21 16.90 12.31
C GLY B 35 -93.88 16.35 11.80
N VAL B 36 -92.77 16.79 12.39
CA VAL B 36 -91.44 16.33 12.01
C VAL B 36 -91.26 14.89 12.50
N MET B 37 -90.63 14.05 11.69
CA MET B 37 -90.46 12.64 12.00
C MET B 37 -89.13 12.35 12.69
N GLY B 38 -89.08 11.21 13.37
CA GLY B 38 -87.91 10.78 14.13
C GLY B 38 -87.69 9.28 14.07
N MET B 39 -86.51 8.85 14.52
CA MET B 39 -86.08 7.45 14.46
C MET B 39 -85.56 7.03 15.83
N ALA B 40 -86.24 6.07 16.46
CA ALA B 40 -85.78 5.52 17.74
C ALA B 40 -84.57 4.61 17.50
N GLN B 41 -83.38 5.12 17.79
CA GLN B 41 -82.14 4.42 17.49
C GLN B 41 -81.77 3.46 18.62
N ASN B 42 -81.56 4.00 19.82
CA ASN B 42 -81.14 3.23 20.99
C ASN B 42 -82.24 3.22 22.05
N LEU B 43 -82.58 2.02 22.53
CA LEU B 43 -83.49 1.85 23.66
C LEU B 43 -82.66 1.70 24.93
N GLU B 44 -82.63 2.74 25.75
CA GLU B 44 -81.88 2.73 27.02
C GLU B 44 -82.81 2.29 28.16
N GLU B 45 -82.21 2.04 29.34
CA GLU B 45 -82.93 1.51 30.49
C GLU B 45 -84.14 2.35 30.88
N ASP B 46 -83.91 3.67 31.01
CA ASP B 46 -84.95 4.62 31.43
C ASP B 46 -85.40 5.60 30.32
N ASN B 47 -84.68 5.65 29.20
CA ASN B 47 -84.90 6.64 28.14
C ASN B 47 -84.75 6.03 26.73
N VAL B 48 -85.02 6.84 25.70
CA VAL B 48 -84.90 6.42 24.30
C VAL B 48 -84.08 7.45 23.52
N GLY B 49 -83.11 6.96 22.74
CA GLY B 49 -82.33 7.81 21.84
C GLY B 49 -83.05 8.00 20.53
N VAL B 50 -83.28 9.26 20.14
CA VAL B 50 -84.07 9.60 18.95
C VAL B 50 -83.29 10.52 18.01
N VAL B 51 -83.09 10.06 16.77
CA VAL B 51 -82.49 10.86 15.70
C VAL B 51 -83.61 11.54 14.92
N ILE B 52 -83.56 12.87 14.83
CA ILE B 52 -84.60 13.65 14.16
C ILE B 52 -84.37 13.61 12.64
N LEU B 53 -85.42 13.27 11.89
CA LEU B 53 -85.35 13.08 10.44
C LEU B 53 -85.97 14.26 9.69
N GLY B 54 -85.47 15.46 9.98
CA GLY B 54 -86.02 16.69 9.43
C GLY B 54 -85.51 17.91 10.19
N PRO B 55 -86.15 19.08 9.99
CA PRO B 55 -85.72 20.27 10.71
C PRO B 55 -86.00 20.17 12.21
N TYR B 56 -85.03 20.56 13.04
CA TYR B 56 -85.13 20.44 14.51
C TYR B 56 -85.10 21.79 15.25
N THR B 57 -85.37 22.88 14.54
CA THR B 57 -85.40 24.22 15.13
C THR B 57 -86.69 24.55 15.91
N GLU B 58 -87.68 23.64 15.92
CA GLU B 58 -88.86 23.75 16.78
C GLU B 58 -88.96 22.62 17.82
N ILE B 59 -87.90 21.82 17.96
CA ILE B 59 -87.87 20.72 18.93
C ILE B 59 -86.93 21.09 20.08
N ARG B 60 -87.37 20.82 21.31
CA ARG B 60 -86.69 21.27 22.52
C ARG B 60 -87.10 20.40 23.72
N GLU B 61 -86.49 20.63 24.88
CA GLU B 61 -86.88 19.95 26.12
C GLU B 61 -88.32 20.35 26.47
N GLY B 62 -89.15 19.35 26.73
CA GLY B 62 -90.59 19.54 26.94
C GLY B 62 -91.43 19.16 25.73
N THR B 63 -90.82 19.16 24.53
CA THR B 63 -91.50 18.76 23.30
C THR B 63 -91.89 17.30 23.38
N GLN B 64 -93.08 16.99 22.85
CA GLN B 64 -93.66 15.67 22.92
C GLN B 64 -93.53 14.92 21.60
N VAL B 65 -93.44 13.60 21.70
CA VAL B 65 -93.27 12.72 20.55
C VAL B 65 -94.08 11.44 20.80
N LYS B 66 -94.68 10.91 19.73
CA LYS B 66 -95.55 9.74 19.83
C LYS B 66 -95.07 8.59 18.96
N ARG B 67 -95.50 7.38 19.31
CA ARG B 67 -95.24 6.18 18.51
C ARG B 67 -96.12 6.18 17.26
N THR B 68 -95.60 5.59 16.19
CA THR B 68 -96.40 5.20 15.02
C THR B 68 -96.74 3.71 15.03
N GLY B 69 -95.95 2.92 15.78
CA GLY B 69 -96.10 1.45 15.80
C GLY B 69 -95.52 0.75 14.58
N ARG B 70 -94.75 1.47 13.76
CA ARG B 70 -94.23 0.95 12.50
C ARG B 70 -92.71 1.00 12.49
N ILE B 71 -92.09 -0.07 11.98
CA ILE B 71 -90.63 -0.11 11.76
C ILE B 71 -90.31 0.93 10.68
N MET B 72 -89.14 1.55 10.78
CA MET B 72 -88.70 2.60 9.85
C MET B 72 -88.95 2.16 8.40
N GLU B 73 -89.82 2.88 7.71
CA GLU B 73 -90.32 2.47 6.39
C GLU B 73 -90.61 3.65 5.46
N VAL B 74 -90.85 3.34 4.20
CA VAL B 74 -91.24 4.32 3.19
C VAL B 74 -92.39 3.82 2.32
N PRO B 75 -93.18 4.73 1.74
CA PRO B 75 -94.16 4.32 0.73
C PRO B 75 -93.48 3.79 -0.54
N VAL B 76 -94.13 2.85 -1.22
CA VAL B 76 -93.60 2.23 -2.44
C VAL B 76 -94.71 2.02 -3.47
N GLY B 77 -94.31 1.60 -4.67
CA GLY B 77 -95.24 1.24 -5.74
C GLY B 77 -95.31 2.24 -6.87
N GLU B 78 -96.35 2.11 -7.70
CA GLU B 78 -96.51 2.93 -8.89
C GLU B 78 -96.95 4.38 -8.62
N ALA B 79 -97.38 4.67 -7.39
CA ALA B 79 -97.71 6.04 -6.97
C ALA B 79 -96.51 7.00 -6.99
N LEU B 80 -95.31 6.47 -6.79
CA LEU B 80 -94.07 7.27 -6.81
C LEU B 80 -93.46 7.50 -8.20
N LEU B 81 -93.99 6.85 -9.24
CA LEU B 81 -93.48 7.01 -10.60
C LEU B 81 -93.72 8.43 -11.11
N GLY B 82 -92.66 9.08 -11.58
CA GLY B 82 -92.70 10.48 -12.01
C GLY B 82 -92.80 11.50 -10.90
N ARG B 83 -92.50 11.09 -9.66
CA ARG B 83 -92.61 11.97 -8.50
C ARG B 83 -91.24 12.24 -7.88
N VAL B 84 -91.10 13.41 -7.26
CA VAL B 84 -89.89 13.81 -6.55
C VAL B 84 -90.22 13.78 -5.05
N VAL B 85 -89.44 13.01 -4.29
CA VAL B 85 -89.66 12.82 -2.85
C VAL B 85 -88.37 12.98 -2.05
N ASN B 86 -88.53 13.11 -0.73
CA ASN B 86 -87.41 13.08 0.21
C ASN B 86 -87.24 11.62 0.70
N PRO B 87 -86.26 11.35 1.59
CA PRO B 87 -86.07 9.97 2.08
C PRO B 87 -87.24 9.33 2.86
N LEU B 88 -88.11 10.16 3.46
CA LEU B 88 -89.32 9.68 4.14
C LEU B 88 -90.48 9.37 3.18
N GLY B 89 -90.35 9.72 1.91
CA GLY B 89 -91.42 9.53 0.91
C GLY B 89 -92.39 10.70 0.80
N GLN B 90 -92.06 11.82 1.43
CA GLN B 90 -92.88 13.03 1.39
C GLN B 90 -92.60 13.78 0.10
N PRO B 91 -93.66 14.21 -0.64
CA PRO B 91 -93.46 14.85 -1.94
C PRO B 91 -92.89 16.27 -1.86
N LEU B 92 -91.88 16.54 -2.70
CA LEU B 92 -91.25 17.87 -2.81
C LEU B 92 -91.65 18.64 -4.09
N ASP B 93 -92.17 17.93 -5.09
CA ASP B 93 -92.58 18.53 -6.38
C ASP B 93 -93.84 19.41 -6.32
N GLY B 94 -94.65 19.25 -5.26
CA GLY B 94 -95.87 20.04 -5.10
C GLY B 94 -97.02 19.60 -5.99
N ARG B 95 -97.08 18.30 -6.29
CA ARG B 95 -98.12 17.72 -7.16
C ARG B 95 -99.13 16.87 -6.35
N GLY B 96 -99.42 17.29 -5.12
CA GLY B 96 -100.32 16.54 -4.23
C GLY B 96 -99.65 15.36 -3.54
N PRO B 97 -100.39 14.66 -2.66
CA PRO B 97 -99.83 13.60 -1.83
C PRO B 97 -99.59 12.27 -2.57
N ILE B 98 -98.74 11.42 -1.98
CA ILE B 98 -98.45 10.09 -2.51
C ILE B 98 -99.52 9.11 -2.00
N GLU B 99 -100.57 8.91 -2.80
CA GLU B 99 -101.66 8.00 -2.44
C GLU B 99 -101.24 6.55 -2.72
N THR B 100 -100.92 5.81 -1.66
CA THR B 100 -100.50 4.41 -1.79
C THR B 100 -100.79 3.59 -0.53
N ALA B 101 -101.12 2.31 -0.74
CA ALA B 101 -101.33 1.34 0.34
C ALA B 101 -100.09 0.48 0.61
N GLU B 102 -99.20 0.34 -0.37
CA GLU B 102 -97.98 -0.47 -0.25
C GLU B 102 -96.86 0.31 0.46
N TYR B 103 -96.23 -0.34 1.43
CA TYR B 103 -95.06 0.20 2.15
C TYR B 103 -93.98 -0.87 2.27
N ARG B 104 -92.72 -0.43 2.40
CA ARG B 104 -91.59 -1.33 2.61
C ARG B 104 -90.58 -0.73 3.60
N PRO B 105 -89.89 -1.59 4.39
CA PRO B 105 -88.98 -1.09 5.42
C PRO B 105 -87.65 -0.58 4.86
N ILE B 106 -87.09 0.44 5.52
CA ILE B 106 -85.78 1.00 5.20
C ILE B 106 -84.69 -0.07 5.31
N GLU B 107 -84.68 -0.76 6.45
CA GLU B 107 -83.76 -1.87 6.68
C GLU B 107 -84.46 -3.17 6.27
N SER B 108 -83.81 -3.96 5.41
CA SER B 108 -84.42 -5.16 4.84
C SER B 108 -83.33 -6.16 4.44
N PRO B 109 -83.56 -7.48 4.68
CA PRO B 109 -82.50 -8.46 4.40
C PRO B 109 -82.26 -8.68 2.91
N ALA B 110 -81.01 -8.92 2.53
CA ALA B 110 -80.65 -9.21 1.14
C ALA B 110 -81.10 -10.63 0.77
N PRO B 111 -81.19 -10.92 -0.55
CA PRO B 111 -81.50 -12.29 -0.96
C PRO B 111 -80.40 -13.28 -0.54
N GLY B 112 -80.81 -14.47 -0.12
CA GLY B 112 -79.88 -15.50 0.33
C GLY B 112 -79.02 -16.09 -0.78
N VAL B 113 -78.32 -17.17 -0.45
CA VAL B 113 -77.39 -17.81 -1.39
C VAL B 113 -78.16 -18.57 -2.48
N MET B 114 -79.24 -19.26 -2.08
CA MET B 114 -80.09 -20.02 -3.02
C MET B 114 -81.12 -19.16 -3.76
N ASP B 115 -81.38 -17.95 -3.25
CA ASP B 115 -82.39 -17.05 -3.84
C ASP B 115 -81.96 -16.37 -5.13
N ARG B 116 -80.65 -16.39 -5.43
CA ARG B 116 -80.09 -15.66 -6.58
C ARG B 116 -79.90 -16.54 -7.80
N LYS B 117 -79.67 -15.88 -8.95
CA LYS B 117 -79.22 -16.52 -10.18
C LYS B 117 -78.15 -15.64 -10.82
N SER B 118 -77.24 -16.27 -11.58
CA SER B 118 -76.15 -15.56 -12.24
C SER B 118 -76.67 -14.53 -13.26
N VAL B 119 -76.04 -13.36 -13.29
CA VAL B 119 -76.51 -12.24 -14.14
C VAL B 119 -76.26 -12.58 -15.61
N HIS B 120 -77.33 -12.60 -16.40
CA HIS B 120 -77.25 -13.01 -17.82
C HIS B 120 -78.07 -12.13 -18.80
N GLU B 121 -78.61 -11.00 -18.34
CA GLU B 121 -79.51 -10.17 -19.14
C GLU B 121 -78.93 -8.77 -19.28
N PRO B 122 -78.82 -8.24 -20.52
CA PRO B 122 -78.26 -6.88 -20.69
C PRO B 122 -79.12 -5.75 -20.11
N LEU B 123 -78.46 -4.79 -19.46
CA LEU B 123 -79.03 -3.47 -19.16
C LEU B 123 -78.26 -2.47 -20.03
N GLN B 124 -78.84 -2.11 -21.16
CA GLN B 124 -78.18 -1.24 -22.14
C GLN B 124 -78.16 0.21 -21.62
N THR B 125 -76.98 0.78 -21.45
CA THR B 125 -76.83 2.19 -21.09
C THR B 125 -77.06 3.12 -22.28
N GLY B 126 -76.83 2.60 -23.49
CA GLY B 126 -76.88 3.40 -24.72
C GLY B 126 -75.61 4.18 -24.98
N ILE B 127 -74.55 3.90 -24.22
CA ILE B 127 -73.27 4.58 -24.32
C ILE B 127 -72.27 3.55 -24.85
N LYS B 128 -71.65 3.88 -25.99
CA LYS B 128 -70.79 2.93 -26.72
C LYS B 128 -69.61 2.41 -25.88
N ALA B 129 -68.91 3.33 -25.21
CA ALA B 129 -67.74 2.98 -24.38
C ALA B 129 -68.07 1.98 -23.27
N ILE B 130 -69.21 2.19 -22.61
CA ILE B 130 -69.64 1.32 -21.50
C ILE B 130 -70.17 -0.01 -22.03
N ASP B 131 -71.22 0.05 -22.87
CA ASP B 131 -71.85 -1.16 -23.43
C ASP B 131 -70.89 -2.14 -24.11
N SER B 132 -69.85 -1.62 -24.77
CA SER B 132 -68.85 -2.45 -25.44
C SER B 132 -67.78 -3.03 -24.49
N MET B 133 -67.20 -2.16 -23.65
CA MET B 133 -66.03 -2.54 -22.83
C MET B 133 -66.37 -2.92 -21.39
N ILE B 134 -67.26 -2.17 -20.74
CA ILE B 134 -67.66 -2.43 -19.34
C ILE B 134 -69.19 -2.63 -19.29
N PRO B 135 -69.68 -3.76 -19.84
CA PRO B 135 -71.12 -3.98 -19.97
C PRO B 135 -71.80 -4.27 -18.63
N ILE B 136 -72.93 -3.61 -18.39
CA ILE B 136 -73.71 -3.78 -17.16
C ILE B 136 -74.87 -4.74 -17.43
N GLY B 137 -75.11 -5.65 -16.49
CA GLY B 137 -76.22 -6.61 -16.56
C GLY B 137 -77.31 -6.34 -15.53
N ARG B 138 -78.47 -6.95 -15.74
CA ARG B 138 -79.61 -6.80 -14.82
C ARG B 138 -79.36 -7.58 -13.52
N GLY B 139 -79.24 -6.85 -12.42
CA GLY B 139 -78.89 -7.41 -11.10
C GLY B 139 -77.44 -7.20 -10.68
N GLN B 140 -76.63 -6.62 -11.57
CA GLN B 140 -75.23 -6.31 -11.29
C GLN B 140 -75.12 -5.05 -10.43
N ARG B 141 -74.02 -4.92 -9.70
CA ARG B 141 -73.65 -3.68 -9.02
C ARG B 141 -72.37 -3.16 -9.66
N GLU B 142 -72.46 -2.00 -10.30
CA GLU B 142 -71.33 -1.41 -11.03
C GLU B 142 -71.03 -0.01 -10.49
N LEU B 143 -69.88 0.12 -9.83
CA LEU B 143 -69.42 1.41 -9.29
C LEU B 143 -69.07 2.38 -10.40
N ILE B 144 -69.58 3.61 -10.30
CA ILE B 144 -69.16 4.72 -11.16
C ILE B 144 -68.32 5.62 -10.25
N ILE B 145 -67.03 5.74 -10.56
CA ILE B 145 -66.06 6.40 -9.68
C ILE B 145 -65.19 7.37 -10.48
N GLY B 146 -64.89 8.52 -9.87
CA GLY B 146 -64.07 9.55 -10.52
C GLY B 146 -64.14 10.88 -9.79
N ASP B 147 -63.26 11.80 -10.18
CA ASP B 147 -63.20 13.13 -9.58
C ASP B 147 -64.46 13.96 -9.85
N ARG B 148 -64.51 15.10 -9.18
CA ARG B 148 -65.52 16.13 -9.41
C ARG B 148 -65.55 16.56 -10.89
N GLN B 149 -66.74 16.63 -11.48
CA GLN B 149 -66.94 17.06 -12.87
C GLN B 149 -66.22 16.19 -13.92
N THR B 150 -66.32 14.88 -13.76
CA THR B 150 -65.75 13.90 -14.70
C THR B 150 -66.82 13.12 -15.49
N GLY B 151 -68.09 13.51 -15.34
CA GLY B 151 -69.19 12.93 -16.11
C GLY B 151 -69.97 11.80 -15.46
N LYS B 152 -69.94 11.72 -14.12
CA LYS B 152 -70.60 10.63 -13.39
C LYS B 152 -72.12 10.63 -13.52
N THR B 153 -72.76 11.75 -13.16
CA THR B 153 -74.22 11.87 -13.23
C THR B 153 -74.77 11.69 -14.65
N THR B 154 -74.04 12.21 -15.65
CA THR B 154 -74.45 12.10 -17.05
C THR B 154 -74.57 10.63 -17.52
N ILE B 155 -73.68 9.76 -17.04
CA ILE B 155 -73.76 8.33 -17.35
C ILE B 155 -75.07 7.74 -16.81
N ALA B 156 -75.41 8.10 -15.57
CA ALA B 156 -76.63 7.61 -14.92
C ALA B 156 -77.92 8.11 -15.58
N ILE B 157 -77.96 9.39 -15.92
CA ILE B 157 -79.15 10.00 -16.54
C ILE B 157 -79.36 9.46 -17.96
N ASP B 158 -78.29 9.33 -18.73
CA ASP B 158 -78.35 8.75 -20.07
C ASP B 158 -78.71 7.27 -20.06
N THR B 159 -78.26 6.55 -19.03
CA THR B 159 -78.68 5.16 -18.82
C THR B 159 -80.18 5.09 -18.54
N ILE B 160 -80.68 5.98 -17.68
CA ILE B 160 -82.11 6.06 -17.35
C ILE B 160 -82.96 6.44 -18.57
N ILE B 161 -82.50 7.42 -19.35
CA ILE B 161 -83.17 7.82 -20.59
C ILE B 161 -83.25 6.66 -21.58
N ASN B 162 -82.19 5.84 -21.65
CA ASN B 162 -82.13 4.69 -22.58
C ASN B 162 -83.10 3.54 -22.23
N GLN B 163 -83.62 3.52 -21.00
CA GLN B 163 -84.62 2.51 -20.60
C GLN B 163 -86.06 2.83 -21.05
N LYS B 164 -86.27 3.91 -21.81
CA LYS B 164 -87.59 4.21 -22.38
C LYS B 164 -88.06 3.06 -23.29
N GLY B 165 -89.24 2.54 -23.01
CA GLY B 165 -89.80 1.41 -23.76
C GLY B 165 -89.16 0.05 -23.50
N GLN B 166 -88.39 -0.06 -22.41
CA GLN B 166 -87.72 -1.32 -22.03
C GLN B 166 -88.33 -2.00 -20.79
N ASP B 167 -89.35 -1.37 -20.20
CA ASP B 167 -90.04 -1.88 -19.01
C ASP B 167 -89.05 -2.11 -17.84
N VAL B 168 -88.32 -1.04 -17.51
CA VAL B 168 -87.40 -1.02 -16.38
C VAL B 168 -87.69 0.24 -15.57
N ILE B 169 -88.01 0.05 -14.29
CA ILE B 169 -88.29 1.17 -13.39
C ILE B 169 -86.94 1.72 -12.92
N CYS B 170 -86.83 3.05 -12.85
CA CYS B 170 -85.58 3.71 -12.48
C CYS B 170 -85.76 4.52 -11.19
N ILE B 171 -84.72 4.53 -10.36
CA ILE B 171 -84.71 5.29 -9.12
C ILE B 171 -83.41 6.08 -9.05
N TYR B 172 -83.52 7.41 -9.17
CA TYR B 172 -82.37 8.30 -9.02
C TYR B 172 -82.35 8.85 -7.59
N VAL B 173 -81.43 8.33 -6.78
CA VAL B 173 -81.24 8.80 -5.41
C VAL B 173 -80.14 9.87 -5.39
N ALA B 174 -80.53 11.11 -5.08
CA ALA B 174 -79.60 12.21 -4.92
C ALA B 174 -79.27 12.40 -3.43
N ILE B 175 -78.00 12.18 -3.06
CA ILE B 175 -77.54 12.32 -1.68
C ILE B 175 -76.48 13.40 -1.62
N GLY B 176 -76.79 14.49 -0.91
CA GLY B 176 -75.84 15.59 -0.69
C GLY B 176 -75.50 16.43 -1.91
N GLN B 177 -76.31 16.36 -2.96
CA GLN B 177 -76.09 17.15 -4.16
C GLN B 177 -76.75 18.50 -4.01
N LYS B 178 -76.40 19.43 -4.90
CA LYS B 178 -77.10 20.69 -4.99
C LYS B 178 -78.49 20.44 -5.58
N GLN B 179 -79.51 21.08 -4.99
CA GLN B 179 -80.90 20.89 -5.41
C GLN B 179 -81.16 21.46 -6.81
N SER B 180 -80.34 22.46 -7.21
CA SER B 180 -80.30 22.97 -8.59
C SER B 180 -80.14 21.84 -9.62
N THR B 181 -79.18 20.95 -9.36
CA THR B 181 -78.85 19.86 -10.28
C THR B 181 -79.93 18.78 -10.34
N VAL B 182 -80.58 18.52 -9.20
CA VAL B 182 -81.69 17.55 -9.14
C VAL B 182 -82.90 18.10 -9.89
N ALA B 183 -83.16 19.40 -9.74
CA ALA B 183 -84.20 20.09 -10.51
C ALA B 183 -83.90 20.09 -12.02
N GLY B 184 -82.62 20.24 -12.37
CA GLY B 184 -82.16 20.10 -13.75
C GLY B 184 -82.32 18.69 -14.30
N VAL B 185 -81.99 17.70 -13.46
CA VAL B 185 -82.13 16.28 -13.82
C VAL B 185 -83.58 15.91 -14.15
N VAL B 186 -84.51 16.27 -13.26
CA VAL B 186 -85.94 15.95 -13.47
C VAL B 186 -86.51 16.64 -14.72
N GLU B 187 -86.02 17.85 -15.02
CA GLU B 187 -86.39 18.57 -16.24
C GLU B 187 -85.80 17.91 -17.49
N THR B 188 -84.58 17.39 -17.40
CA THR B 188 -83.95 16.65 -18.50
C THR B 188 -84.72 15.34 -18.81
N LEU B 189 -85.17 14.66 -17.75
CA LEU B 189 -86.00 13.45 -17.89
C LEU B 189 -87.37 13.74 -18.48
N ARG B 190 -87.95 14.90 -18.14
CA ARG B 190 -89.22 15.35 -18.72
C ARG B 190 -89.12 15.59 -20.23
N GLN B 191 -88.04 16.25 -20.66
CA GLN B 191 -87.80 16.54 -22.08
C GLN B 191 -87.52 15.29 -22.93
N HIS B 192 -86.90 14.28 -22.34
CA HIS B 192 -86.61 13.01 -23.04
C HIS B 192 -87.64 11.90 -22.76
N ASP B 193 -88.77 12.25 -22.14
CA ASP B 193 -89.86 11.30 -21.82
C ASP B 193 -89.40 10.09 -20.99
N ALA B 194 -88.51 10.36 -20.04
CA ALA B 194 -87.96 9.33 -19.14
C ALA B 194 -88.52 9.43 -17.71
N LEU B 195 -89.27 10.49 -17.40
CA LEU B 195 -89.73 10.76 -16.03
C LEU B 195 -90.83 9.82 -15.57
N ASP B 196 -91.76 9.46 -16.46
CA ASP B 196 -92.93 8.65 -16.09
C ASP B 196 -92.66 7.22 -15.59
N TYR B 197 -91.44 6.72 -15.76
CA TYR B 197 -91.00 5.44 -15.15
C TYR B 197 -89.85 5.62 -14.14
N THR B 198 -89.65 6.85 -13.64
CA THR B 198 -88.52 7.17 -12.78
C THR B 198 -88.98 7.77 -11.45
N ILE B 199 -88.38 7.30 -10.36
CA ILE B 199 -88.61 7.84 -9.02
C ILE B 199 -87.38 8.66 -8.63
N VAL B 200 -87.58 9.87 -8.12
CA VAL B 200 -86.50 10.74 -7.70
C VAL B 200 -86.54 10.92 -6.18
N VAL B 201 -85.57 10.31 -5.49
CA VAL B 201 -85.37 10.51 -4.05
C VAL B 201 -84.23 11.52 -3.91
N THR B 202 -84.43 12.59 -3.15
CA THR B 202 -83.42 13.64 -2.98
C THR B 202 -83.27 14.10 -1.53
N ALA B 203 -82.01 14.08 -1.06
CA ALA B 203 -81.63 14.67 0.22
C ALA B 203 -80.48 15.63 -0.08
N SER B 204 -80.80 16.91 -0.24
CA SER B 204 -79.84 17.93 -0.68
C SER B 204 -78.80 18.28 0.39
N ALA B 205 -77.83 19.12 0.01
CA ALA B 205 -76.75 19.55 0.91
C ALA B 205 -77.21 20.40 2.10
N SER B 206 -78.36 21.07 1.98
CA SER B 206 -78.94 21.82 3.11
C SER B 206 -79.71 20.94 4.09
N GLU B 207 -80.05 19.73 3.65
CA GLU B 207 -80.84 18.78 4.44
C GLU B 207 -79.95 18.21 5.55
N PRO B 208 -80.50 17.99 6.77
CA PRO B 208 -79.68 17.45 7.86
C PRO B 208 -79.14 16.04 7.59
N ALA B 209 -78.02 15.71 8.23
CA ALA B 209 -77.22 14.52 7.91
C ALA B 209 -77.95 13.17 7.96
N PRO B 210 -78.86 12.97 8.95
CA PRO B 210 -79.62 11.72 8.98
C PRO B 210 -80.47 11.42 7.73
N LEU B 211 -80.95 12.47 7.05
CA LEU B 211 -81.70 12.29 5.80
C LEU B 211 -80.79 11.89 4.63
N LEU B 212 -79.56 12.41 4.60
CA LEU B 212 -78.55 11.96 3.64
C LEU B 212 -78.21 10.50 3.89
N TYR B 213 -78.06 10.14 5.17
CA TYR B 213 -77.82 8.77 5.61
C TYR B 213 -78.91 7.79 5.16
N LEU B 214 -80.18 8.17 5.34
CA LEU B 214 -81.30 7.29 4.99
C LEU B 214 -81.65 7.22 3.50
N ALA B 215 -81.25 8.23 2.72
CA ALA B 215 -81.68 8.37 1.32
C ALA B 215 -81.47 7.15 0.42
N PRO B 216 -80.26 6.53 0.44
CA PRO B 216 -80.03 5.33 -0.37
C PRO B 216 -80.91 4.12 0.00
N TYR B 217 -81.19 3.94 1.28
CA TYR B 217 -82.00 2.82 1.76
C TYR B 217 -83.47 3.00 1.38
N ALA B 218 -83.95 4.25 1.37
CA ALA B 218 -85.30 4.57 0.91
C ALA B 218 -85.47 4.28 -0.59
N GLY B 219 -84.50 4.71 -1.38
CA GLY B 219 -84.46 4.40 -2.81
C GLY B 219 -84.30 2.91 -3.11
N CYS B 220 -83.53 2.21 -2.28
CA CYS B 220 -83.36 0.76 -2.40
C CYS B 220 -84.68 0.02 -2.17
N ALA B 221 -85.40 0.41 -1.11
CA ALA B 221 -86.73 -0.14 -0.81
C ALA B 221 -87.72 0.06 -1.95
N MET B 222 -87.70 1.25 -2.55
CA MET B 222 -88.57 1.56 -3.70
C MET B 222 -88.24 0.69 -4.93
N GLY B 223 -86.96 0.41 -5.14
CA GLY B 223 -86.53 -0.51 -6.19
C GLY B 223 -86.85 -1.97 -5.87
N GLU B 224 -86.70 -2.34 -4.60
CA GLU B 224 -86.97 -3.72 -4.13
C GLU B 224 -88.41 -4.18 -4.37
N TYR B 225 -89.38 -3.26 -4.20
CA TYR B 225 -90.80 -3.55 -4.45
C TYR B 225 -91.02 -4.21 -5.81
N PHE B 226 -90.43 -3.60 -6.85
CA PHE B 226 -90.56 -4.09 -8.22
C PHE B 226 -89.75 -5.37 -8.48
N MET B 227 -88.60 -5.51 -7.82
CA MET B 227 -87.76 -6.71 -7.94
C MET B 227 -88.48 -7.97 -7.48
N TYR B 228 -89.04 -7.92 -6.27
CA TYR B 228 -89.70 -9.09 -5.67
C TYR B 228 -91.08 -9.43 -6.29
N LYS B 229 -91.63 -8.53 -7.11
CA LYS B 229 -92.86 -8.81 -7.88
C LYS B 229 -92.60 -9.30 -9.33
N GLY B 230 -91.35 -9.62 -9.66
CA GLY B 230 -91.01 -10.16 -10.99
C GLY B 230 -90.49 -9.17 -12.02
N LYS B 231 -90.65 -7.87 -11.76
CA LYS B 231 -90.16 -6.82 -12.66
C LYS B 231 -88.69 -6.49 -12.41
N HIS B 232 -88.11 -5.66 -13.28
CA HIS B 232 -86.71 -5.25 -13.20
C HIS B 232 -86.60 -3.76 -12.88
N ALA B 233 -85.60 -3.40 -12.06
CA ALA B 233 -85.41 -2.01 -11.62
C ALA B 233 -83.93 -1.60 -11.64
N LEU B 234 -83.71 -0.28 -11.70
CA LEU B 234 -82.38 0.32 -11.70
C LEU B 234 -82.33 1.38 -10.60
N VAL B 235 -81.34 1.29 -9.70
CA VAL B 235 -81.15 2.28 -8.64
C VAL B 235 -79.80 2.99 -8.82
N VAL B 236 -79.81 4.30 -8.65
CA VAL B 236 -78.61 5.14 -8.77
C VAL B 236 -78.41 5.88 -7.46
N TYR B 237 -77.25 5.70 -6.83
CA TYR B 237 -76.86 6.43 -5.62
C TYR B 237 -75.83 7.47 -5.99
N ASP B 238 -76.25 8.74 -6.02
CA ASP B 238 -75.43 9.88 -6.44
C ASP B 238 -75.38 10.90 -5.28
N ASP B 239 -74.46 10.77 -4.32
CA ASP B 239 -73.39 9.76 -4.28
C ASP B 239 -73.17 9.23 -2.87
N LEU B 240 -72.45 8.11 -2.77
CA LEU B 240 -72.18 7.45 -1.49
C LEU B 240 -71.07 8.11 -0.67
N SER B 241 -70.26 8.98 -1.28
CA SER B 241 -69.27 9.77 -0.54
C SER B 241 -69.95 10.80 0.38
N LYS B 242 -71.02 11.42 -0.12
CA LYS B 242 -71.83 12.33 0.71
C LYS B 242 -72.57 11.58 1.83
N GLN B 243 -73.08 10.39 1.53
CA GLN B 243 -73.75 9.55 2.53
C GLN B 243 -72.78 9.11 3.63
N ALA B 244 -71.59 8.65 3.23
CA ALA B 244 -70.54 8.22 4.16
C ALA B 244 -70.13 9.36 5.09
N ALA B 245 -69.93 10.55 4.52
CA ALA B 245 -69.60 11.75 5.29
C ALA B 245 -70.75 12.17 6.21
N ALA B 246 -71.99 12.01 5.75
CA ALA B 246 -73.18 12.28 6.57
C ALA B 246 -73.31 11.30 7.74
N TYR B 247 -73.03 10.02 7.49
CA TYR B 247 -73.05 9.00 8.55
C TYR B 247 -71.92 9.21 9.57
N ARG B 248 -70.77 9.70 9.10
CA ARG B 248 -69.66 10.06 9.98
C ARG B 248 -70.04 11.19 10.95
N GLU B 249 -70.77 12.19 10.45
CA GLU B 249 -71.28 13.28 11.30
C GLU B 249 -72.16 12.73 12.42
N LEU B 250 -73.12 11.89 12.06
CA LEU B 250 -74.03 11.27 13.02
C LEU B 250 -73.26 10.46 14.07
N SER B 251 -72.29 9.66 13.61
CA SER B 251 -71.46 8.83 14.49
C SER B 251 -70.57 9.64 15.43
N LEU B 252 -70.01 10.75 14.94
CA LEU B 252 -69.18 11.64 15.77
C LEU B 252 -70.01 12.45 16.76
N LEU B 253 -71.23 12.83 16.39
CA LEU B 253 -72.18 13.46 17.31
C LEU B 253 -72.62 12.52 18.43
N LEU B 254 -72.74 11.23 18.12
CA LEU B 254 -73.02 10.19 19.11
C LEU B 254 -71.77 9.71 19.90
N ARG B 255 -70.61 10.33 19.64
CA ARG B 255 -69.35 10.05 20.33
C ARG B 255 -68.86 8.59 20.16
N ARG B 256 -69.12 8.01 18.98
CA ARG B 256 -68.66 6.66 18.65
C ARG B 256 -67.22 6.74 18.14
N PRO B 257 -66.39 5.74 18.50
CA PRO B 257 -64.94 5.81 18.26
C PRO B 257 -64.57 5.88 16.77
N PRO B 258 -63.91 6.98 16.34
CA PRO B 258 -63.53 7.12 14.94
C PRO B 258 -62.23 6.39 14.60
N GLY B 259 -62.04 6.09 13.31
CA GLY B 259 -60.85 5.39 12.81
C GLY B 259 -60.23 6.10 11.63
N ARG B 260 -60.05 5.37 10.53
CA ARG B 260 -59.38 5.89 9.32
C ARG B 260 -60.19 7.03 8.70
N GLU B 261 -59.53 8.17 8.49
CA GLU B 261 -60.17 9.42 8.03
C GLU B 261 -61.39 9.82 8.90
N ALA B 262 -61.29 9.55 10.20
CA ALA B 262 -62.34 9.85 11.19
C ALA B 262 -63.70 9.12 11.01
N TYR B 263 -63.77 8.15 10.12
CA TYR B 263 -65.02 7.40 9.89
C TYR B 263 -65.21 6.34 10.97
N PRO B 264 -66.48 5.94 11.24
CA PRO B 264 -66.73 4.87 12.20
C PRO B 264 -66.41 3.49 11.62
N GLY B 265 -66.28 2.50 12.49
CA GLY B 265 -65.94 1.13 12.10
C GLY B 265 -66.94 0.40 11.22
N ASP B 266 -68.21 0.83 11.25
CA ASP B 266 -69.27 0.25 10.42
C ASP B 266 -69.55 1.05 9.12
N VAL B 267 -68.58 1.82 8.65
CA VAL B 267 -68.73 2.58 7.40
C VAL B 267 -68.71 1.69 6.15
N PHE B 268 -67.92 0.61 6.19
CA PHE B 268 -67.98 -0.41 5.13
C PHE B 268 -69.35 -1.10 5.13
N TYR B 269 -69.84 -1.44 6.32
CA TYR B 269 -71.15 -2.08 6.49
C TYR B 269 -72.32 -1.19 6.06
N LEU B 270 -72.14 0.14 6.16
CA LEU B 270 -73.09 1.12 5.63
C LEU B 270 -73.43 0.85 4.15
N HIS B 271 -72.39 0.70 3.34
CA HIS B 271 -72.53 0.49 1.90
C HIS B 271 -72.74 -0.98 1.52
N SER B 272 -72.15 -1.90 2.29
CA SER B 272 -72.17 -3.32 1.93
C SER B 272 -73.58 -3.93 2.03
N ARG B 273 -74.32 -3.59 3.08
CA ARG B 273 -75.71 -4.06 3.24
C ARG B 273 -76.66 -3.38 2.26
N LEU B 274 -76.35 -2.14 1.86
CA LEU B 274 -77.11 -1.42 0.83
C LEU B 274 -77.03 -2.14 -0.53
N LEU B 275 -75.81 -2.40 -0.98
CA LEU B 275 -75.57 -2.95 -2.32
C LEU B 275 -75.76 -4.47 -2.44
N GLU B 276 -75.76 -5.18 -1.30
CA GLU B 276 -76.14 -6.60 -1.27
C GLU B 276 -77.62 -6.82 -1.66
N ARG B 277 -78.46 -5.86 -1.29
CA ARG B 277 -79.90 -5.91 -1.61
C ARG B 277 -80.19 -5.77 -3.12
N ALA B 278 -79.25 -5.19 -3.86
CA ALA B 278 -79.28 -5.25 -5.34
C ALA B 278 -78.86 -6.64 -5.78
N ALA B 279 -79.66 -7.29 -6.62
CA ALA B 279 -79.41 -8.67 -7.05
C ALA B 279 -80.22 -9.09 -8.28
N LYS B 280 -79.90 -10.27 -8.79
CA LYS B 280 -80.69 -10.97 -9.81
C LYS B 280 -81.31 -12.21 -9.15
N LEU B 281 -82.63 -12.20 -8.97
CA LEU B 281 -83.33 -13.30 -8.32
C LEU B 281 -83.51 -14.51 -9.24
N SER B 282 -83.75 -15.66 -8.62
CA SER B 282 -83.94 -16.93 -9.33
C SER B 282 -85.33 -17.05 -9.94
N ASP B 283 -85.56 -18.12 -10.70
CA ASP B 283 -86.87 -18.41 -11.30
C ASP B 283 -87.93 -18.71 -10.24
N GLU B 284 -87.53 -19.41 -9.18
CA GLU B 284 -88.41 -19.68 -8.02
C GLU B 284 -88.91 -18.38 -7.37
N LYS B 285 -88.03 -17.38 -7.27
CA LYS B 285 -88.36 -16.10 -6.63
C LYS B 285 -88.92 -15.02 -7.59
N GLY B 286 -89.34 -15.42 -8.79
CA GLY B 286 -89.96 -14.50 -9.75
C GLY B 286 -89.08 -14.02 -10.89
N GLY B 287 -87.76 -14.16 -10.74
CA GLY B 287 -86.81 -13.79 -11.78
C GLY B 287 -86.56 -12.29 -11.97
N GLY B 288 -87.02 -11.47 -11.03
CA GLY B 288 -86.81 -10.03 -11.11
C GLY B 288 -85.41 -9.63 -10.68
N SER B 289 -85.08 -8.35 -10.85
CA SER B 289 -83.75 -7.85 -10.52
C SER B 289 -83.73 -6.38 -10.08
N LEU B 290 -82.66 -6.01 -9.40
CA LEU B 290 -82.36 -4.62 -9.05
C LEU B 290 -80.90 -4.35 -9.38
N THR B 291 -80.65 -3.50 -10.38
CA THR B 291 -79.30 -3.10 -10.76
C THR B 291 -78.93 -1.84 -9.99
N ALA B 292 -77.70 -1.79 -9.47
CA ALA B 292 -77.22 -0.67 -8.67
C ALA B 292 -76.04 0.04 -9.33
N LEU B 293 -76.13 1.37 -9.42
CA LEU B 293 -75.02 2.21 -9.87
C LEU B 293 -74.64 3.18 -8.75
N PRO B 294 -73.85 2.71 -7.76
CA PRO B 294 -73.37 3.60 -6.71
C PRO B 294 -72.27 4.53 -7.22
N PHE B 295 -72.28 5.78 -6.74
CA PHE B 295 -71.26 6.77 -7.09
C PHE B 295 -70.27 6.92 -5.95
N ILE B 296 -68.99 7.09 -6.28
CA ILE B 296 -67.98 7.56 -5.33
C ILE B 296 -67.19 8.69 -5.99
N GLU B 297 -67.06 9.81 -5.28
CA GLU B 297 -66.29 10.95 -5.76
C GLU B 297 -64.90 10.97 -5.11
N THR B 298 -63.89 10.61 -5.91
CA THR B 298 -62.50 10.61 -5.44
C THR B 298 -61.93 12.03 -5.33
N GLN B 299 -60.81 12.15 -4.62
CA GLN B 299 -60.05 13.40 -4.51
C GLN B 299 -58.71 13.21 -5.19
N ALA B 300 -58.49 13.97 -6.26
CA ALA B 300 -57.27 13.89 -7.09
C ALA B 300 -57.00 12.50 -7.69
N GLY B 301 -58.08 11.79 -8.02
CA GLY B 301 -57.99 10.48 -8.68
C GLY B 301 -57.47 9.35 -7.79
N ASP B 302 -57.60 9.50 -6.47
CA ASP B 302 -57.04 8.56 -5.51
C ASP B 302 -58.02 7.41 -5.24
N VAL B 303 -57.94 6.37 -6.06
CA VAL B 303 -58.77 5.16 -5.92
C VAL B 303 -58.38 4.29 -4.71
N SER B 304 -57.17 4.48 -4.17
CA SER B 304 -56.68 3.71 -3.02
C SER B 304 -57.12 4.23 -1.64
N ALA B 305 -57.92 5.31 -1.60
CA ALA B 305 -58.42 5.86 -0.33
C ALA B 305 -59.44 4.93 0.33
N TYR B 306 -59.76 5.22 1.60
CA TYR B 306 -60.56 4.33 2.45
C TYR B 306 -61.94 4.00 1.90
N ILE B 307 -62.73 5.04 1.60
CA ILE B 307 -64.11 4.85 1.14
C ILE B 307 -64.18 4.31 -0.31
N PRO B 308 -63.32 4.81 -1.23
CA PRO B 308 -63.25 4.19 -2.56
C PRO B 308 -62.92 2.69 -2.56
N THR B 309 -61.95 2.28 -1.76
CA THR B 309 -61.58 0.87 -1.64
C THR B 309 -62.65 0.01 -0.96
N ASN B 310 -63.46 0.61 -0.09
CA ASN B 310 -64.63 -0.07 0.48
C ASN B 310 -65.65 -0.46 -0.59
N VAL B 311 -65.97 0.48 -1.47
CA VAL B 311 -67.01 0.28 -2.50
C VAL B 311 -66.52 -0.56 -3.67
N ILE B 312 -65.23 -0.46 -4.02
CA ILE B 312 -64.59 -1.39 -4.97
C ILE B 312 -64.67 -2.82 -4.44
N SER B 313 -64.49 -2.97 -3.13
CA SER B 313 -64.60 -4.27 -2.45
C SER B 313 -66.03 -4.84 -2.36
N ILE B 314 -67.05 -4.01 -2.60
CA ILE B 314 -68.46 -4.45 -2.61
C ILE B 314 -68.95 -4.75 -4.02
N THR B 315 -68.74 -3.82 -4.96
CA THR B 315 -69.34 -3.89 -6.30
C THR B 315 -68.70 -4.96 -7.20
N ASP B 316 -69.37 -5.22 -8.33
CA ASP B 316 -68.95 -6.23 -9.30
C ASP B 316 -68.12 -5.58 -10.42
N GLY B 317 -67.03 -4.93 -10.04
CA GLY B 317 -66.24 -4.11 -10.96
C GLY B 317 -66.65 -2.65 -10.89
N GLN B 318 -65.95 -1.81 -11.66
CA GLN B 318 -66.13 -0.36 -11.60
C GLN B 318 -65.82 0.33 -12.93
N ILE B 319 -66.37 1.53 -13.10
CA ILE B 319 -66.09 2.39 -14.24
C ILE B 319 -65.38 3.63 -13.67
N PHE B 320 -64.06 3.68 -13.84
CA PHE B 320 -63.29 4.87 -13.43
C PHE B 320 -63.29 5.91 -14.55
N LEU B 321 -63.57 7.16 -14.19
CA LEU B 321 -63.59 8.27 -15.15
C LEU B 321 -62.35 9.13 -14.95
N GLU B 322 -61.48 9.15 -15.97
CA GLU B 322 -60.19 9.85 -15.90
C GLU B 322 -60.38 11.34 -16.13
N SER B 323 -59.74 12.16 -15.29
CA SER B 323 -59.86 13.61 -15.37
C SER B 323 -59.12 14.21 -16.56
N ASP B 324 -57.89 13.75 -16.79
CA ASP B 324 -57.06 14.24 -17.92
C ASP B 324 -57.71 13.99 -19.29
N LEU B 325 -58.32 12.81 -19.46
CA LEU B 325 -59.06 12.49 -20.67
C LEU B 325 -60.32 13.35 -20.81
N PHE B 326 -61.05 13.54 -19.71
CA PHE B 326 -62.31 14.29 -19.71
C PHE B 326 -62.15 15.76 -20.11
N TYR B 327 -61.04 16.37 -19.71
CA TYR B 327 -60.74 17.77 -20.07
C TYR B 327 -59.74 17.88 -21.25
N SER B 328 -59.79 16.93 -22.17
CA SER B 328 -59.04 17.00 -23.42
C SER B 328 -59.83 16.40 -24.60
N GLY B 329 -61.16 16.56 -24.59
CA GLY B 329 -62.03 16.12 -25.68
C GLY B 329 -62.67 14.73 -25.55
N VAL B 330 -62.05 13.85 -24.76
CA VAL B 330 -62.50 12.45 -24.67
C VAL B 330 -63.62 12.33 -23.63
N ARG B 331 -64.87 12.32 -24.11
CA ARG B 331 -66.06 12.17 -23.25
C ARG B 331 -67.01 11.14 -23.88
N PRO B 332 -67.41 10.08 -23.14
CA PRO B 332 -67.07 9.84 -21.73
C PRO B 332 -65.62 9.37 -21.52
N ALA B 333 -65.03 9.80 -20.42
CA ALA B 333 -63.60 9.60 -20.15
C ALA B 333 -63.32 8.31 -19.40
N VAL B 334 -63.67 7.18 -20.01
CA VAL B 334 -63.53 5.86 -19.36
C VAL B 334 -62.07 5.43 -19.38
N ASN B 335 -61.52 5.15 -18.19
CA ASN B 335 -60.17 4.62 -18.06
C ASN B 335 -60.18 3.12 -18.31
N VAL B 336 -59.75 2.72 -19.52
CA VAL B 336 -59.77 1.31 -19.93
C VAL B 336 -58.82 0.40 -19.13
N GLY B 337 -57.76 0.96 -18.56
CA GLY B 337 -56.77 0.20 -17.80
C GLY B 337 -57.28 -0.40 -16.50
N ILE B 338 -58.02 0.39 -15.72
CA ILE B 338 -58.54 -0.04 -14.40
C ILE B 338 -60.06 -0.24 -14.30
N SER B 339 -60.83 0.19 -15.31
CA SER B 339 -62.26 -0.10 -15.35
C SER B 339 -62.50 -1.53 -15.80
N VAL B 340 -63.52 -2.17 -15.24
CA VAL B 340 -63.85 -3.57 -15.56
C VAL B 340 -65.29 -3.92 -15.15
N SER B 341 -65.90 -4.85 -15.88
CA SER B 341 -67.19 -5.45 -15.52
C SER B 341 -66.95 -6.92 -15.21
N ARG B 342 -67.29 -7.34 -13.98
CA ARG B 342 -67.12 -8.73 -13.56
C ARG B 342 -68.01 -9.69 -14.37
N VAL B 343 -69.24 -9.25 -14.68
CA VAL B 343 -70.19 -10.06 -15.45
C VAL B 343 -69.67 -10.20 -16.89
N GLY B 344 -69.30 -9.07 -17.49
CA GLY B 344 -68.63 -9.06 -18.80
C GLY B 344 -69.50 -9.53 -19.95
N GLY B 345 -69.02 -10.53 -20.69
CA GLY B 345 -69.72 -11.09 -21.84
C GLY B 345 -71.13 -11.60 -21.59
N ALA B 346 -71.39 -12.09 -20.38
CA ALA B 346 -72.72 -12.55 -19.98
C ALA B 346 -73.79 -11.44 -19.98
N ALA B 347 -73.36 -10.19 -19.81
CA ALA B 347 -74.25 -9.02 -19.86
C ALA B 347 -74.43 -8.42 -21.27
N GLN B 348 -73.78 -8.99 -22.28
CA GLN B 348 -73.86 -8.49 -23.66
C GLN B 348 -74.62 -9.45 -24.57
N ILE B 349 -75.23 -8.91 -25.62
CA ILE B 349 -75.77 -9.73 -26.71
C ILE B 349 -74.62 -10.35 -27.53
N LYS B 350 -74.93 -11.37 -28.31
CA LYS B 350 -73.92 -12.16 -29.02
C LYS B 350 -73.08 -11.32 -30.01
N ALA B 351 -73.75 -10.40 -30.70
CA ALA B 351 -73.10 -9.53 -31.70
C ALA B 351 -72.10 -8.56 -31.07
N MET B 352 -72.49 -7.90 -29.98
CA MET B 352 -71.63 -6.96 -29.25
C MET B 352 -70.42 -7.68 -28.62
N LYS B 353 -70.65 -8.88 -28.10
CA LYS B 353 -69.60 -9.70 -27.49
C LYS B 353 -68.51 -10.08 -28.50
N LYS B 354 -68.91 -10.45 -29.71
CA LYS B 354 -67.99 -10.90 -30.75
C LYS B 354 -67.21 -9.74 -31.36
N VAL B 355 -67.91 -8.63 -31.64
CA VAL B 355 -67.31 -7.45 -32.25
C VAL B 355 -66.35 -6.71 -31.30
N ALA B 356 -66.77 -6.52 -30.05
CA ALA B 356 -65.98 -5.81 -29.04
C ALA B 356 -65.40 -6.75 -27.98
N GLY B 357 -64.86 -7.89 -28.43
CA GLY B 357 -64.36 -8.93 -27.53
C GLY B 357 -63.07 -8.57 -26.83
N THR B 358 -62.12 -8.02 -27.59
CA THR B 358 -60.82 -7.59 -27.05
C THR B 358 -60.64 -6.06 -27.10
N LEU B 359 -61.75 -5.33 -27.20
CA LEU B 359 -61.70 -3.88 -27.43
C LEU B 359 -61.08 -3.08 -26.27
N ARG B 360 -61.30 -3.52 -25.04
CA ARG B 360 -60.77 -2.85 -23.85
C ARG B 360 -59.24 -2.97 -23.75
N LEU B 361 -58.73 -4.18 -23.94
CA LEU B 361 -57.27 -4.43 -23.89
C LEU B 361 -56.53 -3.85 -25.11
N ASP B 362 -57.19 -3.78 -26.26
CA ASP B 362 -56.61 -3.13 -27.45
C ASP B 362 -56.41 -1.63 -27.25
N LEU B 363 -57.40 -0.96 -26.64
CA LEU B 363 -57.29 0.46 -26.30
C LEU B 363 -56.35 0.72 -25.12
N ALA B 364 -56.30 -0.21 -24.16
CA ALA B 364 -55.34 -0.15 -23.06
C ALA B 364 -53.90 -0.23 -23.57
N GLN B 365 -53.68 -1.09 -24.57
CA GLN B 365 -52.38 -1.20 -25.24
C GLN B 365 -52.06 0.06 -26.06
N TYR B 366 -53.06 0.61 -26.75
CA TYR B 366 -52.91 1.84 -27.54
C TYR B 366 -52.44 3.03 -26.70
N ARG B 367 -53.08 3.23 -25.55
CA ARG B 367 -52.71 4.33 -24.64
C ARG B 367 -51.32 4.17 -24.03
N GLU B 368 -50.87 2.92 -23.86
CA GLU B 368 -49.51 2.62 -23.41
C GLU B 368 -48.48 2.94 -24.52
N LEU B 369 -48.79 2.52 -25.75
CA LEU B 369 -47.95 2.83 -26.92
C LEU B 369 -47.94 4.32 -27.28
N GLN B 370 -49.01 5.05 -26.97
CA GLN B 370 -49.10 6.48 -27.24
C GLN B 370 -48.03 7.27 -26.46
N ALA B 371 -47.85 6.94 -25.19
CA ALA B 371 -46.80 7.53 -24.36
C ALA B 371 -45.47 6.78 -24.59
N PHE B 372 -44.87 7.01 -25.75
CA PHE B 372 -43.64 6.30 -26.14
C PHE B 372 -42.86 7.07 -27.21
N ASP B 380 -40.74 2.81 -36.38
CA ASP B 380 -41.44 1.53 -36.47
C ASP B 380 -42.66 1.65 -37.40
N LYS B 381 -43.00 0.53 -38.03
CA LYS B 381 -44.12 0.45 -39.00
C LYS B 381 -45.32 -0.36 -38.52
N ALA B 382 -45.08 -1.46 -37.81
CA ALA B 382 -46.15 -2.32 -37.28
C ALA B 382 -46.97 -1.61 -36.20
N THR B 383 -46.28 -0.99 -35.24
CA THR B 383 -46.93 -0.22 -34.17
C THR B 383 -47.53 1.10 -34.66
N GLN B 384 -47.06 1.62 -35.79
CA GLN B 384 -47.63 2.80 -36.42
C GLN B 384 -49.06 2.57 -36.93
N ALA B 385 -49.33 1.36 -37.43
CA ALA B 385 -50.67 0.96 -37.85
C ALA B 385 -51.66 0.87 -36.68
N LYS B 386 -51.17 0.42 -35.52
CA LYS B 386 -51.98 0.33 -34.30
C LYS B 386 -52.32 1.70 -33.70
N LEU B 387 -51.38 2.65 -33.81
CA LEU B 387 -51.64 4.04 -33.40
C LEU B 387 -52.70 4.71 -34.28
N ASN B 388 -52.64 4.47 -35.58
CA ASN B 388 -53.61 5.01 -36.54
C ASN B 388 -55.00 4.41 -36.35
N ARG B 389 -55.06 3.10 -36.13
CA ARG B 389 -56.30 2.40 -35.79
C ARG B 389 -56.85 2.86 -34.43
N GLY B 390 -55.95 3.07 -33.46
CA GLY B 390 -56.33 3.51 -32.12
C GLY B 390 -56.99 4.88 -32.09
N GLU B 391 -56.41 5.85 -32.79
CA GLU B 391 -56.98 7.20 -32.90
C GLU B 391 -58.41 7.19 -33.46
N ARG B 392 -58.65 6.34 -34.45
CA ARG B 392 -59.97 6.23 -35.09
C ARG B 392 -61.02 5.56 -34.21
N THR B 393 -60.63 4.51 -33.47
CA THR B 393 -61.50 3.86 -32.51
C THR B 393 -61.85 4.77 -31.33
N VAL B 394 -60.91 5.63 -30.92
CA VAL B 394 -61.16 6.66 -29.90
C VAL B 394 -62.29 7.62 -30.33
N GLU B 395 -62.28 8.04 -31.59
CA GLU B 395 -63.32 8.93 -32.12
C GLU B 395 -64.71 8.30 -32.13
N ILE B 396 -64.79 6.99 -32.35
CA ILE B 396 -66.06 6.26 -32.31
C ILE B 396 -66.64 6.21 -30.89
N LEU B 397 -65.79 5.94 -29.90
CA LEU B 397 -66.23 5.85 -28.51
C LEU B 397 -66.53 7.20 -27.84
N LYS B 398 -66.09 8.30 -28.45
CA LYS B 398 -66.58 9.64 -28.08
C LYS B 398 -68.07 9.74 -28.40
N GLN B 399 -68.81 10.43 -27.56
CA GLN B 399 -70.27 10.50 -27.70
C GLN B 399 -70.83 11.73 -26.97
N ASP B 400 -71.80 12.40 -27.60
CA ASP B 400 -72.46 13.55 -27.02
C ASP B 400 -73.35 13.14 -25.85
N GLU B 401 -73.56 14.06 -24.92
CA GLU B 401 -74.46 13.83 -23.79
C GLU B 401 -75.92 13.84 -24.23
N HIS B 402 -76.74 13.07 -23.51
CA HIS B 402 -78.18 12.94 -23.76
C HIS B 402 -78.52 12.47 -25.19
N LYS B 403 -77.70 11.58 -25.74
CA LYS B 403 -77.93 11.00 -27.06
C LYS B 403 -77.60 9.51 -27.04
N PRO B 404 -78.50 8.69 -26.44
CA PRO B 404 -78.27 7.24 -26.40
C PRO B 404 -78.39 6.58 -27.77
N MET B 405 -77.60 5.54 -27.98
CA MET B 405 -77.51 4.81 -29.24
C MET B 405 -78.08 3.41 -29.04
N PRO B 406 -79.00 2.96 -29.93
CA PRO B 406 -79.46 1.56 -29.87
C PRO B 406 -78.33 0.54 -30.08
N VAL B 407 -78.43 -0.60 -29.41
CA VAL B 407 -77.37 -1.63 -29.43
C VAL B 407 -77.03 -2.15 -30.84
N GLU B 408 -78.05 -2.27 -31.69
CA GLU B 408 -77.85 -2.66 -33.10
C GLU B 408 -77.01 -1.63 -33.89
N GLU B 409 -77.18 -0.35 -33.59
CA GLU B 409 -76.37 0.72 -34.21
C GLU B 409 -74.94 0.77 -33.65
N GLN B 410 -74.79 0.47 -32.37
CA GLN B 410 -73.46 0.45 -31.72
C GLN B 410 -72.56 -0.62 -32.32
N VAL B 411 -73.08 -1.84 -32.41
CA VAL B 411 -72.32 -2.99 -32.95
C VAL B 411 -71.88 -2.79 -34.41
N ILE B 412 -72.71 -2.14 -35.22
CA ILE B 412 -72.38 -1.81 -36.61
C ILE B 412 -71.24 -0.78 -36.66
N SER B 413 -71.34 0.26 -35.83
CA SER B 413 -70.31 1.30 -35.75
C SER B 413 -68.96 0.76 -35.29
N ILE B 414 -68.98 -0.10 -34.26
CA ILE B 414 -67.75 -0.70 -33.73
C ILE B 414 -67.18 -1.74 -34.71
N TYR B 415 -68.07 -2.50 -35.37
CA TYR B 415 -67.66 -3.46 -36.41
C TYR B 415 -66.87 -2.79 -37.53
N ALA B 416 -67.34 -1.62 -37.97
CA ALA B 416 -66.72 -0.89 -39.08
C ALA B 416 -65.30 -0.43 -38.76
N VAL B 417 -65.13 0.21 -37.61
CA VAL B 417 -63.82 0.76 -37.20
C VAL B 417 -62.79 -0.33 -36.86
N THR B 418 -63.21 -1.41 -36.19
CA THR B 418 -62.30 -2.47 -35.76
C THR B 418 -61.81 -3.37 -36.91
N ASN B 419 -62.65 -3.55 -37.95
CA ASN B 419 -62.27 -4.33 -39.14
C ASN B 419 -61.57 -3.49 -40.24
N GLY B 420 -61.42 -2.19 -40.01
CA GLY B 420 -60.59 -1.32 -40.85
C GLY B 420 -61.27 -0.59 -41.98
N PHE B 421 -62.58 -0.37 -41.87
CA PHE B 421 -63.35 0.37 -42.89
C PHE B 421 -63.21 1.90 -42.81
N MET B 422 -62.43 2.40 -41.84
CA MET B 422 -62.21 3.84 -41.68
C MET B 422 -60.72 4.21 -41.67
N ASP B 423 -59.85 3.32 -42.14
CA ASP B 423 -58.39 3.57 -42.16
C ASP B 423 -57.99 4.61 -43.21
N ASP B 424 -58.56 4.51 -44.41
CA ASP B 424 -58.33 5.51 -45.47
C ASP B 424 -59.00 6.86 -45.20
N ILE B 425 -60.04 6.89 -44.36
CA ILE B 425 -60.72 8.12 -43.95
C ILE B 425 -59.84 8.84 -42.89
N PRO B 426 -59.71 10.19 -42.98
CA PRO B 426 -58.99 10.96 -41.94
C PRO B 426 -59.61 10.89 -40.54
N VAL B 427 -58.79 11.15 -39.53
CA VAL B 427 -59.20 11.02 -38.11
C VAL B 427 -60.29 12.04 -37.75
N GLU B 428 -60.16 13.27 -38.24
CA GLU B 428 -61.14 14.33 -37.98
C GLU B 428 -62.53 14.09 -38.60
N ASP B 429 -62.62 13.25 -39.62
CA ASP B 429 -63.89 12.91 -40.28
C ASP B 429 -64.59 11.64 -39.74
N VAL B 430 -64.02 10.98 -38.73
CA VAL B 430 -64.55 9.70 -38.23
C VAL B 430 -65.91 9.87 -37.54
N ARG B 431 -66.07 10.93 -36.75
CA ARG B 431 -67.33 11.23 -36.06
C ARG B 431 -68.48 11.49 -37.04
N ARG B 432 -68.19 12.23 -38.12
CA ARG B 432 -69.15 12.46 -39.19
C ARG B 432 -69.40 11.20 -40.04
N PHE B 433 -68.33 10.43 -40.27
CA PHE B 433 -68.43 9.15 -40.98
C PHE B 433 -69.39 8.18 -40.28
N GLU B 434 -69.29 8.10 -38.96
CA GLU B 434 -70.18 7.28 -38.13
C GLU B 434 -71.64 7.72 -38.28
N GLU B 435 -71.88 9.02 -38.09
CA GLU B 435 -73.24 9.60 -38.13
C GLU B 435 -73.94 9.36 -39.47
N GLU B 436 -73.21 9.63 -40.55
CA GLU B 436 -73.75 9.45 -41.91
C GLU B 436 -73.88 7.98 -42.33
N LEU B 437 -72.97 7.12 -41.84
CA LEU B 437 -73.05 5.66 -42.08
C LEU B 437 -74.31 5.04 -41.49
N LEU B 438 -74.70 5.51 -40.30
CA LEU B 438 -75.89 5.00 -39.61
C LEU B 438 -77.20 5.51 -40.25
N SER B 439 -77.17 6.70 -40.83
CA SER B 439 -78.31 7.22 -41.61
C SER B 439 -78.54 6.38 -42.87
N PHE B 440 -77.44 6.05 -43.55
CA PHE B 440 -77.46 5.11 -44.68
C PHE B 440 -77.99 3.73 -44.26
N MET B 441 -77.53 3.25 -43.11
CA MET B 441 -77.90 1.93 -42.61
C MET B 441 -79.35 1.85 -42.14
N ARG B 442 -79.84 2.91 -41.48
CA ARG B 442 -81.24 2.95 -41.00
C ARG B 442 -82.25 3.08 -42.15
N ALA B 443 -81.96 3.94 -43.12
CA ALA B 443 -82.87 4.22 -44.23
C ALA B 443 -82.93 3.06 -45.24
N ASN B 444 -81.77 2.68 -45.77
CA ASN B 444 -81.68 1.71 -46.86
C ASN B 444 -81.58 0.27 -46.37
N LYS B 445 -80.52 -0.03 -45.61
CA LYS B 445 -80.18 -1.40 -45.22
C LYS B 445 -80.76 -1.76 -43.83
N ASP B 446 -82.06 -1.55 -43.66
CA ASP B 446 -82.73 -1.72 -42.35
C ASP B 446 -82.83 -3.19 -41.91
N SER B 447 -82.84 -4.12 -42.88
CA SER B 447 -82.91 -5.55 -42.58
C SER B 447 -81.69 -6.09 -41.82
N LEU B 448 -80.52 -5.49 -42.06
CA LEU B 448 -79.30 -5.85 -41.32
C LEU B 448 -79.37 -5.43 -39.85
N LEU B 449 -79.86 -4.22 -39.60
CA LEU B 449 -80.09 -3.73 -38.23
C LEU B 449 -81.18 -4.51 -37.50
N ASP B 450 -82.27 -4.83 -38.22
CA ASP B 450 -83.40 -5.56 -37.64
C ASP B 450 -83.05 -7.01 -37.28
N HIS B 451 -82.12 -7.62 -38.02
CA HIS B 451 -81.60 -8.96 -37.69
C HIS B 451 -80.92 -8.98 -36.31
N ILE B 452 -80.19 -7.91 -35.99
CA ILE B 452 -79.52 -7.78 -34.69
C ILE B 452 -80.55 -7.55 -33.56
N ARG B 453 -81.57 -6.73 -33.83
CA ARG B 453 -82.64 -6.46 -32.86
C ARG B 453 -83.39 -7.72 -32.42
N GLN B 454 -83.79 -8.54 -33.39
CA GLN B 454 -84.63 -9.73 -33.14
C GLN B 454 -83.85 -10.89 -32.53
N THR B 455 -82.79 -11.32 -33.21
CA THR B 455 -82.00 -12.48 -32.78
C THR B 455 -80.99 -12.13 -31.68
N GLY B 456 -80.24 -11.06 -31.91
CA GLY B 456 -79.11 -10.68 -31.05
C GLY B 456 -77.75 -11.00 -31.68
N GLU B 457 -77.76 -11.78 -32.75
CA GLU B 457 -76.52 -12.23 -33.40
C GLU B 457 -76.15 -11.26 -34.53
N LEU B 458 -74.89 -11.33 -34.94
CA LEU B 458 -74.36 -10.46 -36.00
C LEU B 458 -74.89 -10.95 -37.36
N PRO B 459 -75.11 -10.01 -38.33
CA PRO B 459 -75.54 -10.45 -39.67
C PRO B 459 -74.47 -11.20 -40.47
N ASP B 460 -74.74 -11.44 -41.75
CA ASP B 460 -73.77 -12.06 -42.65
C ASP B 460 -72.58 -11.14 -42.83
N THR B 461 -71.37 -11.70 -42.73
CA THR B 461 -70.12 -10.95 -42.83
C THR B 461 -69.96 -10.32 -44.21
N LYS B 462 -70.16 -11.13 -45.25
CA LYS B 462 -70.03 -10.69 -46.65
C LYS B 462 -71.05 -9.61 -47.03
N GLU B 463 -72.29 -9.77 -46.56
CA GLU B 463 -73.37 -8.81 -46.86
C GLU B 463 -73.17 -7.47 -46.16
N LEU B 464 -72.69 -7.50 -44.92
CA LEU B 464 -72.40 -6.28 -44.15
C LEU B 464 -71.18 -5.52 -44.70
N ASP B 465 -70.16 -6.25 -45.14
CA ASP B 465 -68.96 -5.65 -45.74
C ASP B 465 -69.29 -4.90 -47.04
N ALA B 466 -70.18 -5.47 -47.84
CA ALA B 466 -70.64 -4.83 -49.09
C ALA B 466 -71.45 -3.55 -48.81
N ALA B 467 -72.31 -3.61 -47.80
CA ALA B 467 -73.15 -2.47 -47.40
C ALA B 467 -72.33 -1.27 -46.91
N ILE B 468 -71.22 -1.53 -46.21
CA ILE B 468 -70.30 -0.48 -45.74
C ILE B 468 -69.52 0.11 -46.92
N GLU B 469 -69.00 -0.76 -47.79
CA GLU B 469 -68.27 -0.34 -48.99
C GLU B 469 -69.15 0.43 -49.99
N GLU B 470 -70.44 0.09 -50.03
CA GLU B 470 -71.42 0.82 -50.84
C GLU B 470 -71.59 2.27 -50.35
N PHE B 471 -71.60 2.46 -49.03
CA PHE B 471 -71.69 3.80 -48.42
C PHE B 471 -70.42 4.64 -48.66
N LYS B 472 -69.25 4.01 -48.58
CA LYS B 472 -67.96 4.70 -48.75
C LYS B 472 -67.76 5.38 -50.11
N LYS B 473 -68.42 4.86 -51.15
CA LYS B 473 -68.43 5.49 -52.47
C LYS B 473 -69.11 6.87 -52.46
N GLY B 474 -70.23 6.95 -51.73
CA GLY B 474 -70.97 8.21 -51.57
C GLY B 474 -70.33 9.24 -50.65
N PHE B 475 -69.53 8.77 -49.68
CA PHE B 475 -68.90 9.65 -48.68
C PHE B 475 -67.78 10.50 -49.31
N THR B 476 -67.62 11.72 -48.79
CA THR B 476 -66.60 12.67 -49.26
C THR B 476 -65.79 13.22 -48.07
N PRO B 477 -64.46 12.95 -48.04
CA PRO B 477 -63.62 13.42 -46.93
C PRO B 477 -63.21 14.90 -47.07
N SER B 478 -62.53 15.42 -46.05
CA SER B 478 -62.06 16.81 -46.05
C SER B 478 -60.82 16.96 -46.93
N VAL C 3 -62.30 -8.03 53.93
CA VAL C 3 -60.84 -8.41 53.98
C VAL C 3 -60.61 -9.93 53.96
N GLU C 4 -61.54 -10.70 54.53
CA GLU C 4 -61.44 -12.16 54.55
C GLU C 4 -61.71 -12.74 53.17
N VAL C 5 -62.86 -12.36 52.59
CA VAL C 5 -63.27 -12.84 51.27
C VAL C 5 -63.97 -11.75 50.46
N GLY C 6 -63.59 -11.63 49.18
CA GLY C 6 -64.19 -10.68 48.24
C GLY C 6 -65.15 -11.37 47.28
N THR C 7 -65.91 -10.55 46.55
CA THR C 7 -66.93 -11.03 45.61
C THR C 7 -66.82 -10.29 44.28
N VAL C 8 -66.87 -11.02 43.17
CA VAL C 8 -66.81 -10.43 41.83
C VAL C 8 -68.16 -9.77 41.52
N ILE C 9 -68.18 -8.44 41.50
CA ILE C 9 -69.39 -7.66 41.19
C ILE C 9 -69.62 -7.46 39.68
N GLN C 10 -68.55 -7.47 38.89
CA GLN C 10 -68.64 -7.44 37.43
C GLN C 10 -67.35 -7.94 36.76
N VAL C 11 -67.49 -8.58 35.60
CA VAL C 11 -66.37 -9.22 34.90
C VAL C 11 -66.58 -9.25 33.37
N GLY C 12 -65.49 -9.08 32.63
CA GLY C 12 -65.53 -9.10 31.17
C GLY C 12 -64.17 -8.83 30.56
N ASP C 13 -63.84 -9.57 29.50
CA ASP C 13 -62.55 -9.47 28.80
C ASP C 13 -61.35 -9.76 29.72
N GLY C 14 -61.53 -10.72 30.63
CA GLY C 14 -60.49 -11.07 31.61
C GLY C 14 -60.17 -10.01 32.64
N ILE C 15 -61.15 -9.14 32.94
CA ILE C 15 -60.96 -8.02 33.88
C ILE C 15 -62.13 -8.03 34.87
N ALA C 16 -61.89 -8.56 36.07
CA ALA C 16 -62.90 -8.61 37.13
C ALA C 16 -62.82 -7.37 38.02
N ARG C 17 -63.95 -7.03 38.63
CA ARG C 17 -64.04 -5.95 39.62
C ARG C 17 -64.56 -6.54 40.93
N VAL C 18 -63.79 -6.38 42.00
CA VAL C 18 -64.06 -7.09 43.26
C VAL C 18 -64.47 -6.12 44.38
N HIS C 19 -65.46 -6.55 45.16
CA HIS C 19 -65.93 -5.84 46.35
C HIS C 19 -65.80 -6.80 47.55
N GLY C 20 -65.34 -6.27 48.68
CA GLY C 20 -65.15 -7.07 49.91
C GLY C 20 -63.72 -7.04 50.44
N LEU C 21 -62.74 -7.03 49.54
CA LEU C 21 -61.33 -6.95 49.92
C LEU C 21 -60.97 -5.51 50.30
N GLU C 22 -60.90 -5.26 51.60
CA GLU C 22 -60.71 -3.91 52.14
C GLU C 22 -59.23 -3.56 52.23
N LYS C 23 -58.46 -4.43 52.88
CA LYS C 23 -57.05 -4.18 53.17
C LYS C 23 -56.09 -4.96 52.26
N VAL C 24 -56.46 -5.07 50.97
CA VAL C 24 -55.60 -5.73 49.97
C VAL C 24 -54.44 -4.81 49.57
N MET C 25 -53.28 -5.39 49.33
CA MET C 25 -52.07 -4.64 48.95
C MET C 25 -52.11 -4.21 47.49
N ALA C 26 -51.32 -3.19 47.16
CA ALA C 26 -51.17 -2.72 45.79
C ALA C 26 -50.29 -3.71 44.99
N GLY C 27 -50.86 -4.28 43.93
CA GLY C 27 -50.16 -5.28 43.12
C GLY C 27 -50.08 -6.65 43.77
N GLU C 28 -51.11 -7.04 44.51
CA GLU C 28 -51.14 -8.29 45.26
C GLU C 28 -51.67 -9.45 44.41
N LEU C 29 -51.15 -10.65 44.68
CA LEU C 29 -51.66 -11.88 44.07
C LEU C 29 -52.95 -12.29 44.80
N LEU C 30 -53.98 -12.60 44.01
CA LEU C 30 -55.27 -13.06 44.54
C LEU C 30 -55.61 -14.39 43.90
N GLU C 31 -56.40 -15.20 44.62
CA GLU C 31 -56.84 -16.51 44.13
C GLU C 31 -58.37 -16.50 44.04
N PHE C 32 -58.89 -16.79 42.84
CA PHE C 32 -60.33 -16.95 42.63
C PHE C 32 -60.80 -18.31 43.15
N GLU C 33 -62.12 -18.47 43.23
CA GLU C 33 -62.75 -19.68 43.76
C GLU C 33 -62.30 -20.97 43.07
N ASN C 34 -62.21 -20.93 41.74
CA ASN C 34 -61.89 -22.12 40.92
C ASN C 34 -60.40 -22.48 40.82
N GLY C 35 -59.52 -21.69 41.43
CA GLY C 35 -58.07 -21.95 41.43
C GLY C 35 -57.26 -21.02 40.52
N VAL C 36 -57.92 -20.30 39.63
CA VAL C 36 -57.26 -19.34 38.73
C VAL C 36 -56.81 -18.14 39.57
N MET C 37 -55.62 -17.61 39.26
CA MET C 37 -55.04 -16.50 40.01
C MET C 37 -55.43 -15.15 39.38
N GLY C 38 -55.18 -14.08 40.14
CA GLY C 38 -55.45 -12.71 39.69
C GLY C 38 -54.48 -11.70 40.29
N MET C 39 -54.48 -10.49 39.74
CA MET C 39 -53.57 -9.43 40.16
C MET C 39 -54.33 -8.11 40.36
N ALA C 40 -54.34 -7.60 41.59
CA ALA C 40 -55.05 -6.37 41.94
C ALA C 40 -54.23 -5.15 41.51
N GLN C 41 -54.71 -4.43 40.50
CA GLN C 41 -53.98 -3.30 39.92
C GLN C 41 -54.05 -2.05 40.82
N ASN C 42 -55.17 -1.33 40.79
CA ASN C 42 -55.32 -0.07 41.52
C ASN C 42 -56.23 -0.26 42.73
N LEU C 43 -55.86 0.38 43.83
CA LEU C 43 -56.65 0.36 45.06
C LEU C 43 -57.55 1.59 45.12
N GLU C 44 -58.70 1.51 44.46
CA GLU C 44 -59.71 2.57 44.53
C GLU C 44 -60.52 2.44 45.81
N GLU C 45 -61.31 3.46 46.14
CA GLU C 45 -62.03 3.52 47.41
C GLU C 45 -63.14 2.48 47.55
N ASP C 46 -63.97 2.34 46.51
CA ASP C 46 -65.13 1.45 46.54
C ASP C 46 -64.79 0.02 46.10
N ASN C 47 -64.26 -0.10 44.89
CA ASN C 47 -63.97 -1.40 44.26
C ASN C 47 -62.47 -1.59 44.06
N VAL C 48 -62.10 -2.80 43.63
CA VAL C 48 -60.71 -3.15 43.29
C VAL C 48 -60.69 -3.80 41.91
N GLY C 49 -59.95 -3.20 40.98
CA GLY C 49 -59.77 -3.75 39.63
C GLY C 49 -58.79 -4.90 39.65
N VAL C 50 -59.26 -6.09 39.28
CA VAL C 50 -58.44 -7.31 39.28
C VAL C 50 -58.24 -7.80 37.85
N VAL C 51 -56.99 -8.10 37.51
CA VAL C 51 -56.60 -8.64 36.22
C VAL C 51 -56.45 -10.16 36.39
N ILE C 52 -57.16 -10.93 35.57
CA ILE C 52 -57.19 -12.40 35.68
C ILE C 52 -56.00 -13.00 34.91
N LEU C 53 -55.23 -13.86 35.59
CA LEU C 53 -54.03 -14.48 35.03
C LEU C 53 -54.30 -15.95 34.64
N GLY C 54 -55.22 -16.14 33.71
CA GLY C 54 -55.63 -17.48 33.27
C GLY C 54 -56.95 -17.46 32.52
N PRO C 55 -57.57 -18.64 32.32
CA PRO C 55 -58.90 -18.71 31.73
C PRO C 55 -59.98 -18.06 32.61
N TYR C 56 -60.88 -17.32 31.97
CA TYR C 56 -61.95 -16.57 32.67
C TYR C 56 -63.35 -17.06 32.25
N THR C 57 -63.43 -18.31 31.80
CA THR C 57 -64.68 -18.91 31.33
C THR C 57 -65.64 -19.23 32.49
N GLU C 58 -65.08 -19.67 33.61
CA GLU C 58 -65.86 -20.06 34.79
C GLU C 58 -65.91 -18.99 35.90
N ILE C 59 -65.36 -17.80 35.64
CA ILE C 59 -65.38 -16.69 36.59
C ILE C 59 -66.57 -15.78 36.25
N ARG C 60 -67.65 -15.93 37.03
CA ARG C 60 -68.92 -15.22 36.81
C ARG C 60 -69.09 -14.13 37.88
N GLU C 61 -70.23 -13.45 37.88
CA GLU C 61 -70.60 -12.55 38.97
C GLU C 61 -70.95 -13.37 40.20
N GLY C 62 -70.54 -12.87 41.38
CA GLY C 62 -70.71 -13.59 42.63
C GLY C 62 -69.63 -14.61 42.93
N THR C 63 -68.59 -14.68 42.10
CA THR C 63 -67.47 -15.61 42.30
C THR C 63 -66.63 -15.12 43.47
N GLN C 64 -66.18 -16.06 44.31
CA GLN C 64 -65.41 -15.75 45.51
C GLN C 64 -63.96 -15.47 45.15
N VAL C 65 -63.39 -14.45 45.77
CA VAL C 65 -61.97 -14.10 45.64
C VAL C 65 -61.38 -13.98 47.04
N LYS C 66 -60.12 -14.36 47.19
CA LYS C 66 -59.43 -14.31 48.49
C LYS C 66 -57.99 -13.83 48.35
N ARG C 67 -57.49 -13.21 49.42
CA ARG C 67 -56.12 -12.74 49.47
C ARG C 67 -55.15 -13.90 49.70
N THR C 68 -53.96 -13.77 49.13
CA THR C 68 -52.82 -14.66 49.44
C THR C 68 -51.79 -13.99 50.36
N GLY C 69 -51.79 -12.66 50.41
CA GLY C 69 -50.80 -11.90 51.17
C GLY C 69 -49.41 -11.89 50.56
N ARG C 70 -49.32 -12.17 49.26
CA ARG C 70 -48.05 -12.29 48.54
C ARG C 70 -48.10 -11.55 47.20
N ILE C 71 -46.91 -11.37 46.61
CA ILE C 71 -46.79 -10.82 45.25
C ILE C 71 -46.69 -11.96 44.24
N MET C 72 -46.82 -11.63 42.95
CA MET C 72 -46.81 -12.62 41.88
C MET C 72 -45.43 -13.29 41.80
N GLU C 73 -45.43 -14.61 41.67
CA GLU C 73 -44.21 -15.42 41.85
C GLU C 73 -44.13 -16.59 40.85
N VAL C 74 -42.91 -17.01 40.51
CA VAL C 74 -42.65 -18.10 39.57
C VAL C 74 -41.59 -19.07 40.07
N PRO C 75 -41.64 -20.34 39.61
CA PRO C 75 -40.57 -21.30 39.93
C PRO C 75 -39.28 -21.01 39.14
N VAL C 76 -38.13 -21.36 39.73
CA VAL C 76 -36.82 -21.14 39.12
C VAL C 76 -35.88 -22.32 39.38
N GLY C 77 -34.72 -22.32 38.72
CA GLY C 77 -33.65 -23.28 38.97
C GLY C 77 -33.38 -24.27 37.85
N GLU C 78 -32.66 -25.34 38.20
CA GLU C 78 -32.22 -26.35 37.23
C GLU C 78 -33.35 -27.20 36.67
N ALA C 79 -34.47 -27.30 37.39
CA ALA C 79 -35.63 -28.08 36.94
C ALA C 79 -36.30 -27.53 35.68
N LEU C 80 -36.21 -26.21 35.48
CA LEU C 80 -36.72 -25.56 34.26
C LEU C 80 -35.88 -25.82 33.00
N LEU C 81 -34.63 -26.23 33.16
CA LEU C 81 -33.72 -26.42 32.03
C LEU C 81 -34.24 -27.53 31.10
N GLY C 82 -34.42 -27.18 29.83
CA GLY C 82 -34.97 -28.10 28.83
C GLY C 82 -36.48 -28.28 28.86
N ARG C 83 -37.20 -27.41 29.58
CA ARG C 83 -38.66 -27.49 29.69
C ARG C 83 -39.33 -26.33 28.97
N VAL C 84 -40.55 -26.55 28.50
CA VAL C 84 -41.39 -25.53 27.87
C VAL C 84 -42.51 -25.16 28.85
N VAL C 85 -42.47 -23.92 29.35
CA VAL C 85 -43.43 -23.45 30.35
C VAL C 85 -44.16 -22.18 29.89
N ASN C 86 -45.24 -21.86 30.60
CA ASN C 86 -45.98 -20.60 30.40
C ASN C 86 -45.41 -19.53 31.35
N PRO C 87 -45.91 -18.27 31.30
CA PRO C 87 -45.40 -17.25 32.23
C PRO C 87 -45.58 -17.52 33.73
N LEU C 88 -46.58 -18.33 34.07
CA LEU C 88 -46.79 -18.74 35.47
C LEU C 88 -45.78 -19.80 35.95
N GLY C 89 -45.16 -20.51 35.01
CA GLY C 89 -44.21 -21.60 35.31
C GLY C 89 -44.74 -23.00 35.07
N GLN C 90 -45.97 -23.12 34.58
CA GLN C 90 -46.63 -24.41 34.39
C GLN C 90 -46.17 -25.04 33.07
N PRO C 91 -45.79 -26.34 33.10
CA PRO C 91 -45.23 -26.97 31.91
C PRO C 91 -46.26 -27.27 30.82
N LEU C 92 -45.91 -26.99 29.57
CA LEU C 92 -46.76 -27.25 28.40
C LEU C 92 -46.31 -28.45 27.55
N ASP C 93 -45.03 -28.84 27.67
CA ASP C 93 -44.47 -29.97 26.91
C ASP C 93 -45.00 -31.37 27.30
N GLY C 94 -45.61 -31.48 28.48
CA GLY C 94 -46.22 -32.73 28.94
C GLY C 94 -45.21 -33.77 29.41
N ARG C 95 -44.17 -33.30 30.10
CA ARG C 95 -43.11 -34.16 30.62
C ARG C 95 -43.08 -34.10 32.16
N GLY C 96 -44.26 -34.16 32.78
CA GLY C 96 -44.40 -34.09 34.23
C GLY C 96 -44.26 -32.68 34.81
N PRO C 97 -44.45 -32.56 36.15
CA PRO C 97 -44.39 -31.26 36.81
C PRO C 97 -42.97 -30.74 37.04
N ILE C 98 -42.85 -29.45 37.30
CA ILE C 98 -41.55 -28.81 37.54
C ILE C 98 -41.21 -28.97 39.03
N GLU C 99 -40.35 -29.94 39.34
CA GLU C 99 -39.97 -30.24 40.73
C GLU C 99 -38.84 -29.32 41.18
N THR C 100 -39.19 -28.31 41.98
CA THR C 100 -38.22 -27.34 42.49
C THR C 100 -38.71 -26.64 43.76
N ALA C 101 -37.77 -26.34 44.67
CA ALA C 101 -38.05 -25.62 45.92
C ALA C 101 -37.77 -24.11 45.83
N GLU C 102 -36.93 -23.70 44.87
CA GLU C 102 -36.57 -22.28 44.69
C GLU C 102 -37.65 -21.53 43.91
N TYR C 103 -37.96 -20.31 44.35
CA TYR C 103 -38.94 -19.43 43.70
C TYR C 103 -38.44 -17.99 43.69
N ARG C 104 -38.86 -17.22 42.68
CA ARG C 104 -38.54 -15.79 42.59
C ARG C 104 -39.76 -14.99 42.09
N PRO C 105 -39.85 -13.71 42.50
CA PRO C 105 -41.01 -12.89 42.14
C PRO C 105 -40.95 -12.34 40.71
N ILE C 106 -42.10 -11.98 40.17
CA ILE C 106 -42.21 -11.28 38.88
C ILE C 106 -41.59 -9.88 39.02
N GLU C 107 -42.06 -9.14 40.03
CA GLU C 107 -41.53 -7.81 40.33
C GLU C 107 -40.32 -7.94 41.25
N SER C 108 -39.20 -7.34 40.83
CA SER C 108 -37.95 -7.37 41.59
C SER C 108 -37.08 -6.19 41.14
N PRO C 109 -36.40 -5.52 42.10
CA PRO C 109 -35.65 -4.32 41.73
C PRO C 109 -34.39 -4.63 40.93
N ALA C 110 -33.93 -3.65 40.15
CA ALA C 110 -32.68 -3.76 39.41
C ALA C 110 -31.50 -3.49 40.35
N PRO C 111 -30.28 -3.96 39.98
CA PRO C 111 -29.12 -3.66 40.82
C PRO C 111 -28.72 -2.19 40.68
N GLY C 112 -28.39 -1.55 41.82
CA GLY C 112 -28.08 -0.13 41.86
C GLY C 112 -26.75 0.24 41.23
N VAL C 113 -26.35 1.50 41.42
CA VAL C 113 -25.11 2.02 40.84
C VAL C 113 -23.86 1.33 41.44
N MET C 114 -23.90 1.02 42.73
CA MET C 114 -22.78 0.38 43.43
C MET C 114 -22.78 -1.16 43.33
N ASP C 115 -23.90 -1.75 42.93
CA ASP C 115 -24.01 -3.21 42.75
C ASP C 115 -23.43 -3.72 41.43
N ARG C 116 -23.11 -2.81 40.51
CA ARG C 116 -22.67 -3.17 39.15
C ARG C 116 -21.16 -3.01 38.95
N LYS C 117 -20.63 -3.81 38.02
CA LYS C 117 -19.28 -3.65 37.47
C LYS C 117 -19.42 -3.44 35.98
N SER C 118 -18.55 -2.63 35.39
CA SER C 118 -18.59 -2.36 33.93
C SER C 118 -18.48 -3.65 33.13
N VAL C 119 -19.18 -3.69 31.99
CA VAL C 119 -19.27 -4.90 31.17
C VAL C 119 -17.90 -5.14 30.51
N HIS C 120 -17.28 -6.28 30.81
CA HIS C 120 -15.93 -6.60 30.34
C HIS C 120 -15.73 -8.02 29.77
N GLU C 121 -16.78 -8.83 29.70
CA GLU C 121 -16.67 -10.25 29.33
C GLU C 121 -17.50 -10.50 28.07
N PRO C 122 -16.90 -11.16 27.04
CA PRO C 122 -17.68 -11.39 25.81
C PRO C 122 -18.83 -12.39 25.94
N LEU C 123 -19.94 -12.10 25.28
CA LEU C 123 -20.97 -13.09 24.96
C LEU C 123 -20.88 -13.35 23.46
N GLN C 124 -20.24 -14.44 23.07
CA GLN C 124 -19.98 -14.75 21.67
C GLN C 124 -21.24 -15.30 21.00
N THR C 125 -21.74 -14.58 20.00
CA THR C 125 -22.87 -15.05 19.19
C THR C 125 -22.43 -16.08 18.14
N GLY C 126 -21.16 -16.03 17.75
CA GLY C 126 -20.63 -16.86 16.67
C GLY C 126 -20.90 -16.28 15.28
N ILE C 127 -21.37 -15.03 15.23
CA ILE C 127 -21.72 -14.36 13.99
C ILE C 127 -20.72 -13.20 13.83
N LYS C 128 -20.01 -13.18 12.70
CA LYS C 128 -18.92 -12.23 12.47
C LYS C 128 -19.36 -10.77 12.52
N ALA C 129 -20.47 -10.47 11.87
CA ALA C 129 -21.02 -9.09 11.81
C ALA C 129 -21.31 -8.52 13.20
N ILE C 130 -21.84 -9.35 14.10
CA ILE C 130 -22.16 -8.94 15.47
C ILE C 130 -20.88 -8.89 16.30
N ASP C 131 -20.19 -10.03 16.42
CA ASP C 131 -19.00 -10.15 17.26
C ASP C 131 -17.87 -9.16 16.94
N SER C 132 -17.71 -8.78 15.67
CA SER C 132 -16.67 -7.82 15.26
C SER C 132 -17.11 -6.35 15.39
N MET C 133 -18.28 -6.01 14.84
CA MET C 133 -18.72 -4.61 14.74
C MET C 133 -19.68 -4.15 15.85
N ILE C 134 -20.60 -5.03 16.27
CA ILE C 134 -21.60 -4.70 17.30
C ILE C 134 -21.50 -5.75 18.44
N PRO C 135 -20.37 -5.78 19.15
CA PRO C 135 -20.11 -6.85 20.12
C PRO C 135 -21.00 -6.78 21.36
N ILE C 136 -21.52 -7.93 21.79
CA ILE C 136 -22.36 -8.04 22.98
C ILE C 136 -21.51 -8.61 24.13
N GLY C 137 -21.64 -7.99 25.30
CA GLY C 137 -20.93 -8.42 26.51
C GLY C 137 -21.89 -8.98 27.56
N ARG C 138 -21.34 -9.77 28.48
CA ARG C 138 -22.14 -10.39 29.55
C ARG C 138 -22.67 -9.32 30.51
N GLY C 139 -24.00 -9.18 30.57
CA GLY C 139 -24.68 -8.11 31.31
C GLY C 139 -25.25 -7.01 30.44
N GLN C 140 -24.87 -6.98 29.15
CA GLN C 140 -25.35 -5.96 28.22
C GLN C 140 -26.80 -6.22 27.80
N ARG C 141 -27.49 -5.15 27.38
CA ARG C 141 -28.78 -5.26 26.72
C ARG C 141 -28.58 -4.83 25.26
N GLU C 142 -28.83 -5.74 24.32
CA GLU C 142 -28.69 -5.44 22.89
C GLU C 142 -30.00 -5.71 22.17
N LEU C 143 -30.63 -4.64 21.67
CA LEU C 143 -31.89 -4.74 20.92
C LEU C 143 -31.66 -5.38 19.56
N ILE C 144 -32.52 -6.32 19.18
CA ILE C 144 -32.56 -6.86 17.82
C ILE C 144 -33.83 -6.30 17.18
N ILE C 145 -33.65 -5.40 16.20
CA ILE C 145 -34.75 -4.63 15.64
C ILE C 145 -34.76 -4.74 14.11
N GLY C 146 -35.94 -4.76 13.51
CA GLY C 146 -36.08 -4.86 12.06
C GLY C 146 -37.46 -5.33 11.65
N ASP C 147 -37.73 -5.28 10.35
CA ASP C 147 -39.01 -5.73 9.80
C ASP C 147 -39.19 -7.24 9.91
N ARG C 148 -40.40 -7.70 9.63
CA ARG C 148 -40.72 -9.12 9.57
C ARG C 148 -39.88 -9.80 8.49
N GLN C 149 -39.44 -11.03 8.77
CA GLN C 149 -38.60 -11.84 7.86
C GLN C 149 -37.26 -11.16 7.46
N THR C 150 -36.64 -10.47 8.41
CA THR C 150 -35.30 -9.89 8.22
C THR C 150 -34.17 -10.72 8.86
N GLY C 151 -34.52 -11.71 9.67
CA GLY C 151 -33.55 -12.60 10.33
C GLY C 151 -33.27 -12.33 11.80
N LYS C 152 -34.24 -11.75 12.51
CA LYS C 152 -34.07 -11.40 13.94
C LYS C 152 -34.01 -12.62 14.84
N THR C 153 -35.00 -13.51 14.70
CA THR C 153 -35.07 -14.73 15.51
C THR C 153 -33.85 -15.63 15.26
N THR C 154 -33.46 -15.75 14.00
CA THR C 154 -32.29 -16.55 13.60
C THR C 154 -31.01 -16.15 14.35
N ILE C 155 -30.81 -14.84 14.54
CA ILE C 155 -29.67 -14.31 15.30
C ILE C 155 -29.72 -14.77 16.77
N ALA C 156 -30.90 -14.71 17.38
CA ALA C 156 -31.08 -15.13 18.78
C ALA C 156 -30.91 -16.64 18.98
N ILE C 157 -31.44 -17.44 18.04
CA ILE C 157 -31.33 -18.91 18.11
C ILE C 157 -29.88 -19.35 17.88
N ASP C 158 -29.21 -18.75 16.89
CA ASP C 158 -27.79 -19.03 16.63
C ASP C 158 -26.89 -18.64 17.80
N THR C 159 -27.22 -17.53 18.46
CA THR C 159 -26.51 -17.09 19.67
C THR C 159 -26.65 -18.11 20.80
N ILE C 160 -27.88 -18.57 21.02
CA ILE C 160 -28.17 -19.60 22.03
C ILE C 160 -27.40 -20.91 21.75
N ILE C 161 -27.42 -21.35 20.50
CA ILE C 161 -26.68 -22.56 20.07
C ILE C 161 -25.18 -22.42 20.31
N ASN C 162 -24.63 -21.22 20.08
CA ASN C 162 -23.20 -20.95 20.28
C ASN C 162 -22.73 -20.99 21.75
N GLN C 163 -23.67 -20.91 22.70
CA GLN C 163 -23.33 -21.05 24.14
C GLN C 163 -23.16 -22.51 24.61
N LYS C 164 -23.27 -23.48 23.70
CA LYS C 164 -22.98 -24.88 23.98
C LYS C 164 -21.58 -25.06 24.58
N GLY C 165 -21.52 -25.54 25.82
CA GLY C 165 -20.26 -25.76 26.52
C GLY C 165 -19.61 -24.53 27.14
N GLN C 166 -20.27 -23.37 27.05
CA GLN C 166 -19.73 -22.09 27.58
C GLN C 166 -20.30 -21.73 28.96
N ASP C 167 -21.19 -22.58 29.49
CA ASP C 167 -21.77 -22.42 30.82
C ASP C 167 -22.57 -21.11 30.94
N VAL C 168 -23.49 -20.92 29.99
CA VAL C 168 -24.40 -19.77 29.97
C VAL C 168 -25.83 -20.30 29.79
N ILE C 169 -26.66 -20.11 30.81
CA ILE C 169 -28.05 -20.59 30.80
C ILE C 169 -28.89 -19.65 29.95
N CYS C 170 -29.53 -20.19 28.92
CA CYS C 170 -30.34 -19.40 27.99
C CYS C 170 -31.83 -19.45 28.34
N ILE C 171 -32.54 -18.35 28.09
CA ILE C 171 -34.00 -18.28 28.26
C ILE C 171 -34.63 -17.63 27.02
N TYR C 172 -35.39 -18.41 26.26
CA TYR C 172 -36.11 -17.90 25.09
C TYR C 172 -37.57 -17.61 25.48
N VAL C 173 -37.91 -16.33 25.57
CA VAL C 173 -39.27 -15.90 25.92
C VAL C 173 -40.04 -15.55 24.63
N ALA C 174 -41.04 -16.38 24.30
CA ALA C 174 -41.93 -16.11 23.17
C ALA C 174 -43.15 -15.31 23.64
N ILE C 175 -43.44 -14.19 22.98
CA ILE C 175 -44.58 -13.34 23.32
C ILE C 175 -45.41 -13.09 22.06
N GLY C 176 -46.64 -13.60 22.06
CA GLY C 176 -47.60 -13.32 20.98
C GLY C 176 -47.38 -14.07 19.67
N GLN C 177 -46.54 -15.10 19.69
CA GLN C 177 -46.30 -15.93 18.50
C GLN C 177 -47.39 -16.99 18.39
N LYS C 178 -47.55 -17.56 17.19
CA LYS C 178 -48.34 -18.78 17.05
C LYS C 178 -47.52 -19.93 17.62
N GLN C 179 -48.19 -20.84 18.31
CA GLN C 179 -47.54 -21.84 19.15
C GLN C 179 -46.77 -22.90 18.34
N SER C 180 -47.23 -23.17 17.11
CA SER C 180 -46.54 -24.07 16.18
C SER C 180 -45.15 -23.55 15.78
N THR C 181 -44.99 -22.23 15.69
CA THR C 181 -43.68 -21.61 15.44
C THR C 181 -42.76 -21.76 16.64
N VAL C 182 -43.33 -21.64 17.85
CA VAL C 182 -42.58 -21.87 19.09
C VAL C 182 -42.19 -23.35 19.22
N ALA C 183 -43.10 -24.25 18.83
CA ALA C 183 -42.82 -25.69 18.76
C ALA C 183 -41.68 -26.01 17.78
N GLY C 184 -41.66 -25.31 16.65
CA GLY C 184 -40.58 -25.41 15.68
C GLY C 184 -39.24 -24.91 16.19
N VAL C 185 -39.27 -23.84 16.99
CA VAL C 185 -38.07 -23.29 17.65
C VAL C 185 -37.51 -24.28 18.68
N VAL C 186 -38.40 -24.91 19.45
CA VAL C 186 -38.02 -25.93 20.43
C VAL C 186 -37.33 -27.12 19.75
N GLU C 187 -37.88 -27.54 18.62
CA GLU C 187 -37.31 -28.64 17.82
C GLU C 187 -35.96 -28.26 17.19
N THR C 188 -35.81 -27.02 16.76
CA THR C 188 -34.53 -26.52 16.22
C THR C 188 -33.42 -26.52 17.28
N LEU C 189 -33.78 -26.10 18.50
CA LEU C 189 -32.86 -26.18 19.66
C LEU C 189 -32.52 -27.63 20.05
N ARG C 190 -33.52 -28.51 19.92
CA ARG C 190 -33.33 -29.95 20.18
C ARG C 190 -32.38 -30.60 19.17
N GLN C 191 -32.57 -30.29 17.88
CA GLN C 191 -31.73 -30.85 16.80
C GLN C 191 -30.28 -30.38 16.84
N HIS C 192 -30.06 -29.14 17.28
CA HIS C 192 -28.71 -28.59 17.46
C HIS C 192 -28.13 -28.81 18.87
N ASP C 193 -28.86 -29.55 19.71
CA ASP C 193 -28.41 -29.93 21.06
C ASP C 193 -28.18 -28.71 21.97
N ALA C 194 -29.05 -27.71 21.83
CA ALA C 194 -29.02 -26.49 22.66
C ALA C 194 -30.11 -26.48 23.75
N LEU C 195 -31.05 -27.43 23.68
CA LEU C 195 -32.20 -27.46 24.59
C LEU C 195 -31.83 -27.77 26.05
N ASP C 196 -30.80 -28.59 26.26
CA ASP C 196 -30.34 -28.98 27.62
C ASP C 196 -30.11 -27.82 28.59
N TYR C 197 -29.63 -26.69 28.07
CA TYR C 197 -29.32 -25.50 28.90
C TYR C 197 -30.24 -24.30 28.59
N THR C 198 -31.42 -24.57 28.03
CA THR C 198 -32.34 -23.52 27.59
C THR C 198 -33.72 -23.68 28.24
N ILE C 199 -34.30 -22.56 28.67
CA ILE C 199 -35.67 -22.52 29.21
C ILE C 199 -36.55 -21.80 28.18
N VAL C 200 -37.65 -22.45 27.79
CA VAL C 200 -38.57 -21.90 26.79
C VAL C 200 -39.86 -21.42 27.47
N VAL C 201 -39.94 -20.10 27.69
CA VAL C 201 -41.16 -19.46 28.20
C VAL C 201 -41.98 -19.01 26.98
N THR C 202 -43.27 -19.33 26.97
CA THR C 202 -44.14 -18.96 25.84
C THR C 202 -45.53 -18.49 26.30
N ALA C 203 -45.90 -17.30 25.83
CA ALA C 203 -47.26 -16.78 25.94
C ALA C 203 -47.77 -16.57 24.51
N SER C 204 -48.44 -17.58 23.97
CA SER C 204 -48.90 -17.57 22.58
C SER C 204 -50.05 -16.57 22.36
N ALA C 205 -50.42 -16.38 21.10
CA ALA C 205 -51.46 -15.41 20.73
C ALA C 205 -52.86 -15.72 21.29
N SER C 206 -53.15 -17.00 21.54
CA SER C 206 -54.42 -17.42 22.16
C SER C 206 -54.52 -17.10 23.65
N GLU C 207 -53.37 -16.85 24.30
CA GLU C 207 -53.36 -16.54 25.74
C GLU C 207 -53.96 -15.16 26.01
N PRO C 208 -54.51 -14.94 27.22
CA PRO C 208 -54.94 -13.60 27.60
C PRO C 208 -53.82 -12.58 27.57
N ALA C 209 -54.16 -11.31 27.40
CA ALA C 209 -53.19 -10.23 27.32
C ALA C 209 -52.28 -10.09 28.55
N PRO C 210 -52.82 -10.28 29.76
CA PRO C 210 -51.98 -10.23 30.98
C PRO C 210 -50.78 -11.19 30.97
N LEU C 211 -50.94 -12.39 30.42
CA LEU C 211 -49.85 -13.35 30.32
C LEU C 211 -48.77 -12.93 29.30
N LEU C 212 -49.19 -12.30 28.20
CA LEU C 212 -48.22 -11.69 27.25
C LEU C 212 -47.46 -10.55 27.92
N TYR C 213 -48.21 -9.67 28.59
CA TYR C 213 -47.65 -8.60 29.43
C TYR C 213 -46.63 -9.13 30.46
N LEU C 214 -46.98 -10.23 31.12
CA LEU C 214 -46.18 -10.77 32.22
C LEU C 214 -45.03 -11.70 31.78
N ALA C 215 -45.01 -12.09 30.51
CA ALA C 215 -44.06 -13.11 30.02
C ALA C 215 -42.58 -12.74 30.11
N PRO C 216 -42.19 -11.51 29.70
CA PRO C 216 -40.79 -11.09 29.84
C PRO C 216 -40.30 -11.01 31.29
N TYR C 217 -41.18 -10.61 32.21
CA TYR C 217 -40.82 -10.51 33.63
C TYR C 217 -40.63 -11.89 34.26
N ALA C 218 -41.42 -12.87 33.80
CA ALA C 218 -41.24 -14.27 34.21
C ALA C 218 -39.90 -14.82 33.74
N GLY C 219 -39.60 -14.64 32.46
CA GLY C 219 -38.32 -15.02 31.87
C GLY C 219 -37.13 -14.29 32.49
N CYS C 220 -37.32 -13.02 32.83
CA CYS C 220 -36.31 -12.23 33.54
C CYS C 220 -36.01 -12.82 34.92
N ALA C 221 -37.06 -13.18 35.65
CA ALA C 221 -36.93 -13.80 36.97
C ALA C 221 -36.18 -15.15 36.93
N MET C 222 -36.43 -15.92 35.89
CA MET C 222 -35.74 -17.20 35.68
C MET C 222 -34.24 -17.00 35.38
N GLY C 223 -33.90 -15.91 34.70
CA GLY C 223 -32.50 -15.53 34.46
C GLY C 223 -31.80 -14.91 35.67
N GLU C 224 -32.54 -14.11 36.44
CA GLU C 224 -32.02 -13.47 37.66
C GLU C 224 -31.52 -14.47 38.71
N TYR C 225 -32.20 -15.61 38.82
CA TYR C 225 -31.78 -16.70 39.70
C TYR C 225 -30.30 -17.06 39.52
N PHE C 226 -29.91 -17.28 38.26
CA PHE C 226 -28.52 -17.61 37.93
C PHE C 226 -27.57 -16.44 38.08
N MET C 227 -28.04 -15.23 37.78
CA MET C 227 -27.23 -14.01 37.92
C MET C 227 -26.80 -13.80 39.38
N TYR C 228 -27.76 -13.86 40.31
CA TYR C 228 -27.47 -13.63 41.73
C TYR C 228 -26.72 -14.79 42.42
N LYS C 229 -26.71 -15.97 41.81
CA LYS C 229 -25.86 -17.09 42.26
C LYS C 229 -24.37 -16.97 41.88
N GLY C 230 -24.05 -16.06 40.95
CA GLY C 230 -22.68 -15.92 40.43
C GLY C 230 -22.48 -16.53 39.04
N LYS C 231 -23.51 -17.21 38.51
CA LYS C 231 -23.48 -17.78 37.18
C LYS C 231 -23.90 -16.72 36.14
N HIS C 232 -23.85 -17.08 34.86
CA HIS C 232 -24.18 -16.17 33.76
C HIS C 232 -25.36 -16.68 32.95
N ALA C 233 -26.20 -15.77 32.48
CA ALA C 233 -27.43 -16.12 31.77
C ALA C 233 -27.79 -15.14 30.65
N LEU C 234 -28.49 -15.65 29.64
CA LEU C 234 -28.93 -14.88 28.47
C LEU C 234 -30.44 -15.01 28.34
N VAL C 235 -31.14 -13.89 28.16
CA VAL C 235 -32.59 -13.89 27.98
C VAL C 235 -33.01 -13.20 26.67
N VAL C 236 -33.94 -13.82 25.95
CA VAL C 236 -34.43 -13.31 24.67
C VAL C 236 -35.93 -13.03 24.82
N TYR C 237 -36.33 -11.78 24.54
CA TYR C 237 -37.75 -11.40 24.52
C TYR C 237 -38.17 -11.23 23.05
N ASP C 238 -38.91 -12.22 22.53
CA ASP C 238 -39.30 -12.28 21.12
C ASP C 238 -40.85 -12.31 20.99
N ASP C 239 -41.53 -11.16 20.94
CA ASP C 239 -40.95 -9.80 20.95
C ASP C 239 -41.68 -8.84 21.87
N LEU C 240 -41.07 -7.68 22.10
CA LEU C 240 -41.66 -6.64 22.98
C LEU C 240 -42.72 -5.77 22.31
N SER C 241 -42.81 -5.80 20.98
CA SER C 241 -43.88 -5.09 20.26
C SER C 241 -45.25 -5.68 20.62
N LYS C 242 -45.33 -7.01 20.60
CA LYS C 242 -46.55 -7.73 20.98
C LYS C 242 -46.82 -7.67 22.50
N GLN C 243 -45.77 -7.59 23.31
CA GLN C 243 -45.91 -7.38 24.76
C GLN C 243 -46.52 -6.02 25.07
N ALA C 244 -45.99 -4.97 24.43
CA ALA C 244 -46.50 -3.61 24.60
C ALA C 244 -47.95 -3.50 24.12
N ALA C 245 -48.27 -4.16 23.01
CA ALA C 245 -49.64 -4.21 22.48
C ALA C 245 -50.60 -4.92 23.45
N ALA C 246 -50.12 -5.95 24.13
CA ALA C 246 -50.89 -6.64 25.17
C ALA C 246 -51.08 -5.78 26.42
N TYR C 247 -50.08 -4.98 26.76
CA TYR C 247 -50.19 -4.00 27.86
C TYR C 247 -51.17 -2.87 27.52
N ARG C 248 -51.18 -2.44 26.26
CA ARG C 248 -52.14 -1.44 25.77
C ARG C 248 -53.58 -1.94 25.89
N GLU C 249 -53.81 -3.18 25.47
CA GLU C 249 -55.10 -3.84 25.63
C GLU C 249 -55.54 -3.86 27.09
N LEU C 250 -54.60 -4.24 27.97
CA LEU C 250 -54.85 -4.31 29.41
C LEU C 250 -55.27 -2.96 29.97
N SER C 251 -54.52 -1.91 29.63
CA SER C 251 -54.78 -0.55 30.11
C SER C 251 -56.12 0.02 29.62
N LEU C 252 -56.43 -0.18 28.34
CA LEU C 252 -57.68 0.30 27.76
C LEU C 252 -58.92 -0.44 28.29
N LEU C 253 -58.79 -1.72 28.61
CA LEU C 253 -59.87 -2.48 29.27
C LEU C 253 -60.11 -2.05 30.73
N LEU C 254 -59.06 -1.59 31.41
CA LEU C 254 -59.18 -0.96 32.76
C LEU C 254 -59.52 0.54 32.71
N ARG C 255 -59.76 1.07 31.51
CA ARG C 255 -60.14 2.48 31.29
C ARG C 255 -59.09 3.50 31.74
N ARG C 256 -57.81 3.13 31.64
CA ARG C 256 -56.71 4.05 31.93
C ARG C 256 -56.54 5.02 30.75
N PRO C 257 -56.12 6.27 31.03
CA PRO C 257 -56.07 7.30 29.98
C PRO C 257 -55.02 7.00 28.89
N PRO C 258 -55.42 7.01 27.60
CA PRO C 258 -54.51 6.71 26.51
C PRO C 258 -53.72 7.94 26.02
N GLY C 259 -52.54 7.69 25.46
CA GLY C 259 -51.66 8.74 24.93
C GLY C 259 -51.37 8.49 23.46
N ARG C 260 -50.09 8.47 23.09
CA ARG C 260 -49.68 8.26 21.70
C ARG C 260 -49.94 6.83 21.25
N GLU C 261 -50.52 6.69 20.05
CA GLU C 261 -50.99 5.40 19.50
C GLU C 261 -51.85 4.56 20.46
N ALA C 262 -52.64 5.26 21.27
CA ALA C 262 -53.48 4.67 22.34
C ALA C 262 -52.75 3.95 23.48
N TYR C 263 -51.42 4.10 23.57
CA TYR C 263 -50.64 3.47 24.65
C TYR C 263 -50.73 4.32 25.93
N PRO C 264 -50.58 3.68 27.11
CA PRO C 264 -50.57 4.44 28.35
C PRO C 264 -49.30 5.26 28.55
N GLY C 265 -49.35 6.22 29.47
CA GLY C 265 -48.23 7.12 29.76
C GLY C 265 -46.94 6.46 30.25
N ASP C 266 -47.07 5.30 30.91
CA ASP C 266 -45.93 4.55 31.44
C ASP C 266 -45.44 3.38 30.55
N VAL C 267 -45.64 3.49 29.23
CA VAL C 267 -45.21 2.44 28.29
C VAL C 267 -43.69 2.39 28.13
N PHE C 268 -43.02 3.54 28.25
CA PHE C 268 -41.55 3.60 28.33
C PHE C 268 -41.07 2.91 29.60
N TYR C 269 -41.69 3.27 30.72
CA TYR C 269 -41.36 2.70 32.03
C TYR C 269 -41.52 1.17 32.10
N LEU C 270 -42.49 0.64 31.37
CA LEU C 270 -42.71 -0.80 31.25
C LEU C 270 -41.45 -1.55 30.83
N HIS C 271 -40.83 -1.09 29.74
CA HIS C 271 -39.62 -1.71 29.20
C HIS C 271 -38.33 -1.30 29.93
N SER C 272 -38.30 -0.11 30.53
CA SER C 272 -37.10 0.39 31.22
C SER C 272 -36.78 -0.41 32.48
N ARG C 273 -37.79 -0.64 33.32
CA ARG C 273 -37.60 -1.42 34.55
C ARG C 273 -37.35 -2.92 34.27
N LEU C 274 -37.91 -3.42 33.15
CA LEU C 274 -37.63 -4.78 32.68
C LEU C 274 -36.17 -4.94 32.30
N LEU C 275 -35.69 -4.07 31.41
CA LEU C 275 -34.35 -4.17 30.86
C LEU C 275 -33.24 -3.67 31.81
N GLU C 276 -33.59 -2.82 32.77
CA GLU C 276 -32.63 -2.41 33.83
C GLU C 276 -32.23 -3.59 34.72
N ARG C 277 -33.14 -4.55 34.91
CA ARG C 277 -32.85 -5.78 35.68
C ARG C 277 -31.79 -6.68 35.04
N ALA C 278 -31.64 -6.60 33.72
CA ALA C 278 -30.50 -7.21 33.04
C ALA C 278 -29.27 -6.38 33.37
N ALA C 279 -28.23 -7.03 33.89
CA ALA C 279 -27.02 -6.32 34.35
C ALA C 279 -25.80 -7.22 34.53
N LYS C 280 -24.65 -6.57 34.70
CA LYS C 280 -23.41 -7.22 35.11
C LYS C 280 -23.15 -6.85 36.57
N LEU C 281 -23.33 -7.81 37.47
CA LEU C 281 -23.14 -7.57 38.90
C LEU C 281 -21.67 -7.36 39.23
N SER C 282 -21.43 -6.68 40.35
CA SER C 282 -20.07 -6.42 40.84
C SER C 282 -19.45 -7.70 41.39
N ASP C 283 -18.12 -7.71 41.48
CA ASP C 283 -17.39 -8.81 42.12
C ASP C 283 -17.84 -8.97 43.59
N GLU C 284 -18.13 -7.83 44.24
CA GLU C 284 -18.62 -7.81 45.62
C GLU C 284 -19.95 -8.56 45.80
N LYS C 285 -20.84 -8.49 44.81
CA LYS C 285 -22.11 -9.23 44.81
C LYS C 285 -22.10 -10.50 43.95
N GLY C 286 -20.93 -11.15 43.83
CA GLY C 286 -20.82 -12.45 43.15
C GLY C 286 -20.31 -12.45 41.72
N GLY C 287 -20.44 -11.31 41.02
CA GLY C 287 -19.93 -11.17 39.65
C GLY C 287 -20.71 -11.88 38.55
N GLY C 288 -21.95 -12.28 38.82
CA GLY C 288 -22.80 -12.91 37.81
C GLY C 288 -23.40 -11.88 36.86
N SER C 289 -24.16 -12.35 35.87
CA SER C 289 -24.76 -11.46 34.88
C SER C 289 -26.04 -12.00 34.23
N LEU C 290 -26.87 -11.08 33.75
CA LEU C 290 -28.02 -11.39 32.89
C LEU C 290 -27.92 -10.52 31.63
N THR C 291 -27.73 -11.17 30.48
CA THR C 291 -27.66 -10.48 29.18
C THR C 291 -29.03 -10.56 28.51
N ALA C 292 -29.48 -9.44 27.93
CA ALA C 292 -30.84 -9.33 27.38
C ALA C 292 -30.83 -9.06 25.87
N LEU C 293 -31.62 -9.84 25.12
CA LEU C 293 -31.85 -9.60 23.69
C LEU C 293 -33.35 -9.31 23.48
N PRO C 294 -33.77 -8.05 23.73
CA PRO C 294 -35.16 -7.69 23.39
C PRO C 294 -35.36 -7.54 21.89
N PHE C 295 -36.58 -7.82 21.42
CA PHE C 295 -36.93 -7.72 20.00
C PHE C 295 -37.95 -6.60 19.80
N ILE C 296 -37.83 -5.91 18.66
CA ILE C 296 -38.85 -4.98 18.18
C ILE C 296 -39.10 -5.27 16.69
N GLU C 297 -40.37 -5.36 16.31
CA GLU C 297 -40.77 -5.47 14.91
C GLU C 297 -41.17 -4.08 14.41
N THR C 298 -40.37 -3.53 13.49
CA THR C 298 -40.70 -2.26 12.83
C THR C 298 -41.65 -2.49 11.67
N GLN C 299 -42.36 -1.43 11.29
CA GLN C 299 -43.25 -1.43 10.13
C GLN C 299 -42.61 -0.61 9.01
N ALA C 300 -42.27 -1.28 7.91
CA ALA C 300 -41.64 -0.65 6.73
C ALA C 300 -40.33 0.10 7.04
N GLY C 301 -39.55 -0.44 7.98
CA GLY C 301 -38.24 0.11 8.34
C GLY C 301 -38.28 1.36 9.19
N ASP C 302 -39.44 1.64 9.80
CA ASP C 302 -39.64 2.87 10.57
C ASP C 302 -39.03 2.72 11.97
N VAL C 303 -37.72 2.99 12.04
CA VAL C 303 -36.96 2.95 13.30
C VAL C 303 -37.38 4.10 14.22
N SER C 304 -37.84 5.22 13.63
CA SER C 304 -38.25 6.41 14.38
C SER C 304 -39.73 6.41 14.85
N ALA C 305 -40.38 5.25 14.89
CA ALA C 305 -41.73 5.14 15.46
C ALA C 305 -41.69 5.23 17.00
N TYR C 306 -42.86 5.26 17.62
CA TYR C 306 -42.98 5.52 19.07
C TYR C 306 -42.34 4.45 19.95
N ILE C 307 -42.78 3.20 19.80
CA ILE C 307 -42.30 2.08 20.63
C ILE C 307 -40.85 1.66 20.32
N PRO C 308 -40.45 1.61 19.03
CA PRO C 308 -39.05 1.33 18.70
C PRO C 308 -38.02 2.27 19.34
N THR C 309 -38.26 3.58 19.28
CA THR C 309 -37.32 4.58 19.83
C THR C 309 -37.27 4.58 21.36
N ASN C 310 -38.34 4.15 22.02
CA ASN C 310 -38.33 3.93 23.47
C ASN C 310 -37.35 2.82 23.85
N VAL C 311 -37.43 1.69 23.14
CA VAL C 311 -36.58 0.53 23.44
C VAL C 311 -35.13 0.77 23.00
N ILE C 312 -34.94 1.49 21.89
CA ILE C 312 -33.59 1.94 21.48
C ILE C 312 -32.98 2.82 22.58
N SER C 313 -33.78 3.72 23.15
CA SER C 313 -33.30 4.62 24.21
C SER C 313 -32.99 3.94 25.56
N ILE C 314 -33.50 2.73 25.76
CA ILE C 314 -33.23 1.94 26.97
C ILE C 314 -31.95 1.10 26.84
N THR C 315 -31.83 0.35 25.74
CA THR C 315 -30.81 -0.68 25.59
C THR C 315 -29.39 -0.13 25.35
N ASP C 316 -28.40 -1.00 25.45
CA ASP C 316 -26.99 -0.65 25.21
C ASP C 316 -26.61 -0.87 23.74
N GLY C 317 -27.36 -0.25 22.83
CA GLY C 317 -27.17 -0.42 21.40
C GLY C 317 -28.21 -1.33 20.77
N GLN C 318 -28.16 -1.44 19.45
CA GLN C 318 -29.11 -2.27 18.70
C GLN C 318 -28.50 -2.86 17.42
N ILE C 319 -29.05 -3.99 16.99
CA ILE C 319 -28.71 -4.61 15.71
C ILE C 319 -29.93 -4.43 14.81
N PHE C 320 -29.82 -3.52 13.84
CA PHE C 320 -30.91 -3.21 12.91
C PHE C 320 -30.76 -4.01 11.61
N LEU C 321 -31.80 -4.78 11.27
CA LEU C 321 -31.82 -5.59 10.06
C LEU C 321 -32.81 -5.00 9.04
N GLU C 322 -32.44 -5.03 7.76
CA GLU C 322 -33.27 -4.47 6.68
C GLU C 322 -33.46 -5.45 5.51
N SER C 323 -34.60 -5.31 4.83
CA SER C 323 -35.01 -6.20 3.74
C SER C 323 -34.17 -6.01 2.48
N ASP C 324 -33.88 -4.75 2.14
CA ASP C 324 -33.09 -4.44 0.93
C ASP C 324 -31.67 -5.01 0.98
N LEU C 325 -31.05 -5.00 2.16
CA LEU C 325 -29.77 -5.69 2.39
C LEU C 325 -29.94 -7.21 2.32
N PHE C 326 -30.99 -7.74 2.96
CA PHE C 326 -31.29 -9.18 2.98
C PHE C 326 -31.41 -9.77 1.58
N TYR C 327 -32.24 -9.16 0.74
CA TYR C 327 -32.48 -9.66 -0.63
C TYR C 327 -31.33 -9.38 -1.61
N SER C 328 -30.49 -8.39 -1.32
CA SER C 328 -29.31 -8.11 -2.15
C SER C 328 -28.12 -9.06 -1.88
N GLY C 329 -28.24 -9.95 -0.89
CA GLY C 329 -27.21 -10.96 -0.59
C GLY C 329 -26.50 -10.76 0.74
N VAL C 330 -26.68 -9.60 1.37
CA VAL C 330 -26.08 -9.31 2.67
C VAL C 330 -26.90 -10.01 3.74
N ARG C 331 -26.43 -11.19 4.16
CA ARG C 331 -27.04 -11.96 5.25
C ARG C 331 -25.93 -12.42 6.20
N PRO C 332 -25.99 -12.08 7.50
CA PRO C 332 -27.08 -11.33 8.14
C PRO C 332 -27.19 -9.88 7.67
N ALA C 333 -28.42 -9.38 7.58
CA ALA C 333 -28.71 -8.10 6.92
C ALA C 333 -28.51 -6.89 7.83
N VAL C 334 -27.31 -6.76 8.41
CA VAL C 334 -27.02 -5.76 9.43
C VAL C 334 -26.74 -4.42 8.75
N ASN C 335 -27.47 -3.38 9.15
CA ASN C 335 -27.18 -2.00 8.74
C ASN C 335 -26.07 -1.47 9.65
N VAL C 336 -24.87 -1.35 9.11
CA VAL C 336 -23.69 -0.89 9.87
C VAL C 336 -23.84 0.52 10.45
N GLY C 337 -24.53 1.41 9.73
CA GLY C 337 -24.71 2.80 10.13
C GLY C 337 -25.66 2.99 11.30
N ILE C 338 -26.81 2.32 11.26
CA ILE C 338 -27.82 2.41 12.31
C ILE C 338 -27.50 1.49 13.50
N SER C 339 -26.91 0.32 13.23
CA SER C 339 -26.53 -0.61 14.30
C SER C 339 -25.33 -0.08 15.10
N VAL C 340 -25.31 -0.37 16.40
CA VAL C 340 -24.23 0.09 17.28
C VAL C 340 -24.21 -0.73 18.57
N SER C 341 -23.03 -0.85 19.18
CA SER C 341 -22.84 -1.45 20.50
C SER C 341 -22.32 -0.39 21.46
N ARG C 342 -23.00 -0.21 22.59
CA ARG C 342 -22.63 0.81 23.57
C ARG C 342 -21.62 0.34 24.64
N VAL C 343 -21.27 -0.94 24.62
CA VAL C 343 -20.14 -1.47 25.39
C VAL C 343 -18.89 -1.48 24.52
N GLY C 344 -19.01 -1.99 23.30
CA GLY C 344 -17.95 -1.92 22.30
C GLY C 344 -16.77 -2.83 22.60
N GLY C 345 -15.56 -2.27 22.50
CA GLY C 345 -14.31 -3.00 22.70
C GLY C 345 -14.13 -3.70 24.03
N ALA C 346 -14.76 -3.18 25.08
CA ALA C 346 -14.77 -3.83 26.39
C ALA C 346 -15.40 -5.23 26.37
N ALA C 347 -16.39 -5.44 25.49
CA ALA C 347 -17.05 -6.73 25.31
C ALA C 347 -16.30 -7.72 24.39
N GLN C 348 -15.17 -7.31 23.83
CA GLN C 348 -14.36 -8.15 22.94
C GLN C 348 -13.07 -8.58 23.64
N ILE C 349 -12.54 -9.74 23.23
CA ILE C 349 -11.18 -10.16 23.63
C ILE C 349 -10.16 -9.28 22.89
N LYS C 350 -8.95 -9.19 23.44
CA LYS C 350 -7.92 -8.28 22.92
C LYS C 350 -7.55 -8.52 21.46
N ALA C 351 -7.62 -9.78 21.02
CA ALA C 351 -7.37 -10.14 19.62
C ALA C 351 -8.41 -9.53 18.67
N MET C 352 -9.69 -9.67 19.01
CA MET C 352 -10.79 -9.10 18.23
C MET C 352 -10.78 -7.57 18.28
N LYS C 353 -10.54 -7.03 19.49
CA LYS C 353 -10.42 -5.58 19.72
C LYS C 353 -9.34 -4.93 18.84
N LYS C 354 -8.22 -5.63 18.65
CA LYS C 354 -7.11 -5.10 17.84
C LYS C 354 -7.39 -5.16 16.33
N VAL C 355 -7.92 -6.28 15.86
CA VAL C 355 -8.22 -6.46 14.42
C VAL C 355 -9.47 -5.72 13.93
N ALA C 356 -10.48 -5.60 14.80
CA ALA C 356 -11.77 -5.01 14.46
C ALA C 356 -12.14 -3.76 15.27
N GLY C 357 -11.13 -3.05 15.78
CA GLY C 357 -11.35 -1.87 16.62
C GLY C 357 -11.98 -0.68 15.92
N THR C 358 -11.59 -0.46 14.67
CA THR C 358 -12.11 0.64 13.83
C THR C 358 -13.02 0.13 12.69
N LEU C 359 -13.45 -1.13 12.77
CA LEU C 359 -14.10 -1.80 11.63
C LEU C 359 -15.47 -1.21 11.27
N ARG C 360 -16.29 -0.91 12.29
CA ARG C 360 -17.62 -0.36 12.07
C ARG C 360 -17.57 1.04 11.46
N LEU C 361 -16.66 1.88 11.95
CA LEU C 361 -16.44 3.22 11.40
C LEU C 361 -15.89 3.20 9.98
N ASP C 362 -15.00 2.25 9.68
CA ASP C 362 -14.46 2.08 8.33
C ASP C 362 -15.55 1.66 7.33
N LEU C 363 -16.37 0.70 7.72
CA LEU C 363 -17.46 0.21 6.88
C LEU C 363 -18.64 1.19 6.78
N ALA C 364 -18.84 2.03 7.79
CA ALA C 364 -19.79 3.15 7.72
C ALA C 364 -19.35 4.16 6.66
N GLN C 365 -18.06 4.50 6.66
CA GLN C 365 -17.46 5.37 5.63
C GLN C 365 -17.49 4.72 4.23
N TYR C 366 -17.31 3.40 4.17
CA TYR C 366 -17.37 2.66 2.91
C TYR C 366 -18.74 2.76 2.23
N ARG C 367 -19.81 2.50 2.99
CA ARG C 367 -21.18 2.51 2.44
C ARG C 367 -21.63 3.89 1.96
N GLU C 368 -21.18 4.95 2.63
CA GLU C 368 -21.40 6.32 2.16
C GLU C 368 -20.63 6.56 0.86
N LEU C 369 -19.36 6.17 0.85
CA LEU C 369 -18.49 6.32 -0.32
C LEU C 369 -18.96 5.49 -1.53
N GLN C 370 -19.53 4.32 -1.27
CA GLN C 370 -20.13 3.46 -2.31
C GLN C 370 -21.29 4.16 -3.02
N ALA C 371 -22.16 4.80 -2.23
CA ALA C 371 -23.30 5.56 -2.76
C ALA C 371 -22.85 6.80 -3.54
N PHE C 372 -21.81 7.49 -3.03
CA PHE C 372 -21.25 8.68 -3.68
C PHE C 372 -20.46 8.33 -4.95
N ALA C 373 -19.76 7.20 -4.95
CA ALA C 373 -18.95 6.76 -6.10
C ALA C 373 -19.77 6.50 -7.37
N GLN C 374 -21.04 6.11 -7.22
CA GLN C 374 -21.94 5.87 -8.35
C GLN C 374 -22.28 7.13 -9.17
N PHE C 375 -22.14 8.32 -8.56
CA PHE C 375 -22.45 9.59 -9.24
C PHE C 375 -21.24 10.08 -10.04
N ASP C 378 -15.03 7.40 -12.87
CA ASP C 378 -13.59 7.18 -12.72
C ASP C 378 -13.05 7.88 -11.47
N LEU C 379 -12.70 7.08 -10.46
CA LEU C 379 -12.19 7.59 -9.18
C LEU C 379 -10.67 7.57 -9.11
N ASP C 380 -10.14 8.22 -8.07
CA ASP C 380 -8.69 8.29 -7.82
C ASP C 380 -8.18 7.02 -7.12
N LYS C 381 -6.86 6.92 -6.99
CA LYS C 381 -6.20 5.68 -6.54
C LYS C 381 -6.51 5.31 -5.08
N ALA C 382 -6.35 6.27 -4.17
CA ALA C 382 -6.57 6.05 -2.74
C ALA C 382 -8.03 5.75 -2.39
N THR C 383 -8.95 6.44 -3.07
CA THR C 383 -10.39 6.25 -2.87
C THR C 383 -10.86 4.90 -3.44
N GLN C 384 -10.37 4.55 -4.63
CA GLN C 384 -10.70 3.27 -5.28
C GLN C 384 -10.17 2.06 -4.49
N ALA C 385 -9.02 2.23 -3.84
CA ALA C 385 -8.46 1.20 -2.96
C ALA C 385 -9.32 0.94 -1.73
N LYS C 386 -9.95 1.99 -1.20
CA LYS C 386 -10.86 1.86 -0.05
C LYS C 386 -12.14 1.10 -0.42
N LEU C 387 -12.68 1.35 -1.61
CA LEU C 387 -13.86 0.63 -2.10
C LEU C 387 -13.58 -0.85 -2.34
N ASN C 388 -12.43 -1.15 -2.95
CA ASN C 388 -12.03 -2.54 -3.22
C ASN C 388 -11.82 -3.33 -1.92
N ARG C 389 -11.21 -2.69 -0.92
CA ARG C 389 -11.01 -3.30 0.39
C ARG C 389 -12.35 -3.55 1.10
N GLY C 390 -13.19 -2.52 1.15
CA GLY C 390 -14.51 -2.61 1.77
C GLY C 390 -15.42 -3.66 1.16
N GLU C 391 -15.39 -3.76 -0.17
CA GLU C 391 -16.19 -4.76 -0.90
C GLU C 391 -15.80 -6.20 -0.54
N ARG C 392 -14.51 -6.44 -0.36
CA ARG C 392 -14.01 -7.75 0.10
C ARG C 392 -14.34 -8.02 1.56
N THR C 393 -14.29 -6.99 2.40
CA THR C 393 -14.67 -7.09 3.82
C THR C 393 -16.16 -7.41 3.99
N VAL C 394 -17.00 -6.85 3.13
CA VAL C 394 -18.45 -7.15 3.12
C VAL C 394 -18.72 -8.64 2.89
N GLU C 395 -17.95 -9.27 2.00
CA GLU C 395 -18.10 -10.71 1.72
C GLU C 395 -17.70 -11.59 2.91
N ILE C 396 -16.72 -11.15 3.69
CA ILE C 396 -16.30 -11.87 4.90
C ILE C 396 -17.42 -11.82 5.96
N LEU C 397 -18.06 -10.67 6.11
CA LEU C 397 -19.13 -10.49 7.08
C LEU C 397 -20.45 -11.19 6.70
N LYS C 398 -20.60 -11.60 5.44
CA LYS C 398 -21.69 -12.51 5.05
C LYS C 398 -21.50 -13.87 5.73
N GLN C 399 -22.62 -14.48 6.11
CA GLN C 399 -22.59 -15.75 6.85
C GLN C 399 -23.94 -16.47 6.75
N ASP C 400 -23.89 -17.79 6.53
CA ASP C 400 -25.10 -18.60 6.45
C ASP C 400 -25.70 -18.82 7.83
N GLU C 401 -27.00 -19.08 7.88
CA GLU C 401 -27.70 -19.38 9.12
C GLU C 401 -27.22 -20.72 9.70
N HIS C 402 -27.19 -20.80 11.03
CA HIS C 402 -26.82 -22.00 11.78
C HIS C 402 -25.40 -22.52 11.48
N LYS C 403 -24.47 -21.59 11.23
CA LYS C 403 -23.06 -21.91 11.01
C LYS C 403 -22.18 -21.01 11.87
N PRO C 404 -22.13 -21.29 13.20
CA PRO C 404 -21.33 -20.46 14.10
C PRO C 404 -19.83 -20.63 13.88
N MET C 405 -19.10 -19.51 13.95
CA MET C 405 -17.65 -19.50 13.83
C MET C 405 -17.06 -19.19 15.21
N PRO C 406 -16.12 -20.02 15.70
CA PRO C 406 -15.39 -19.67 16.93
C PRO C 406 -14.64 -18.34 16.82
N VAL C 407 -14.54 -17.61 17.93
CA VAL C 407 -13.92 -16.28 17.95
C VAL C 407 -12.48 -16.27 17.42
N GLU C 408 -11.72 -17.32 17.73
CA GLU C 408 -10.35 -17.48 17.19
C GLU C 408 -10.31 -17.53 15.66
N GLU C 409 -11.27 -18.22 15.05
CA GLU C 409 -11.37 -18.30 13.59
C GLU C 409 -11.87 -16.98 12.99
N GLN C 410 -12.73 -16.27 13.72
CA GLN C 410 -13.19 -14.94 13.29
C GLN C 410 -12.05 -13.92 13.25
N VAL C 411 -11.20 -13.95 14.28
CA VAL C 411 -10.00 -13.09 14.35
C VAL C 411 -9.11 -13.28 13.11
N ILE C 412 -8.84 -14.53 12.73
CA ILE C 412 -7.97 -14.84 11.59
C ILE C 412 -8.58 -14.36 10.27
N SER C 413 -9.87 -14.58 10.09
CA SER C 413 -10.60 -14.16 8.89
C SER C 413 -10.64 -12.63 8.74
N ILE C 414 -10.92 -11.93 9.85
CA ILE C 414 -10.95 -10.46 9.86
C ILE C 414 -9.53 -9.89 9.72
N TYR C 415 -8.55 -10.52 10.38
CA TYR C 415 -7.13 -10.15 10.25
C TYR C 415 -6.64 -10.23 8.81
N ALA C 416 -7.03 -11.32 8.12
CA ALA C 416 -6.61 -11.55 6.74
C ALA C 416 -7.12 -10.47 5.78
N VAL C 417 -8.42 -10.19 5.83
CA VAL C 417 -9.05 -9.22 4.93
C VAL C 417 -8.65 -7.77 5.23
N THR C 418 -8.57 -7.39 6.51
CA THR C 418 -8.24 -6.01 6.89
C THR C 418 -6.75 -5.65 6.75
N ASN C 419 -5.87 -6.65 6.62
CA ASN C 419 -4.44 -6.42 6.35
C ASN C 419 -4.05 -6.72 4.88
N GLY C 420 -5.04 -6.82 3.99
CA GLY C 420 -4.80 -6.87 2.55
C GLY C 420 -4.39 -8.20 1.94
N PHE C 421 -4.56 -9.30 2.68
CA PHE C 421 -4.21 -10.64 2.18
C PHE C 421 -5.19 -11.19 1.12
N MET C 422 -6.31 -10.50 0.89
CA MET C 422 -7.29 -10.89 -0.13
C MET C 422 -7.47 -9.82 -1.22
N ASP C 423 -6.52 -8.88 -1.32
CA ASP C 423 -6.56 -7.83 -2.35
C ASP C 423 -6.36 -8.38 -3.76
N ASP C 424 -5.43 -9.32 -3.91
CA ASP C 424 -5.19 -10.01 -5.19
C ASP C 424 -6.21 -11.10 -5.55
N ILE C 425 -7.08 -11.46 -4.61
CA ILE C 425 -8.15 -12.44 -4.84
C ILE C 425 -9.40 -11.70 -5.37
N PRO C 426 -10.10 -12.30 -6.36
CA PRO C 426 -11.37 -11.69 -6.81
C PRO C 426 -12.48 -11.66 -5.74
N VAL C 427 -13.43 -10.75 -5.90
CA VAL C 427 -14.50 -10.53 -4.91
C VAL C 427 -15.38 -11.77 -4.75
N GLU C 428 -15.73 -12.40 -5.88
CA GLU C 428 -16.54 -13.64 -5.88
C GLU C 428 -15.88 -14.86 -5.22
N ASP C 429 -14.55 -14.85 -5.07
CA ASP C 429 -13.80 -15.94 -4.44
C ASP C 429 -13.46 -15.73 -2.95
N VAL C 430 -13.88 -14.61 -2.36
CA VAL C 430 -13.51 -14.25 -0.98
C VAL C 430 -14.07 -15.23 0.06
N ARG C 431 -15.32 -15.66 -0.12
CA ARG C 431 -15.97 -16.58 0.81
C ARG C 431 -15.41 -18.01 0.73
N ARG C 432 -15.05 -18.45 -0.47
CA ARG C 432 -14.38 -19.74 -0.67
C ARG C 432 -12.93 -19.70 -0.14
N PHE C 433 -12.26 -18.57 -0.36
CA PHE C 433 -10.93 -18.28 0.22
C PHE C 433 -10.95 -18.37 1.75
N GLU C 434 -11.99 -17.80 2.36
CA GLU C 434 -12.16 -17.83 3.82
C GLU C 434 -12.32 -19.26 4.35
N GLU C 435 -13.21 -20.04 3.72
CA GLU C 435 -13.49 -21.41 4.15
C GLU C 435 -12.25 -22.30 4.02
N GLU C 436 -11.55 -22.19 2.90
CA GLU C 436 -10.30 -22.93 2.66
C GLU C 436 -9.15 -22.47 3.57
N LEU C 437 -9.07 -21.16 3.85
CA LEU C 437 -8.06 -20.61 4.76
C LEU C 437 -8.23 -21.16 6.18
N LEU C 438 -9.46 -21.10 6.71
CA LEU C 438 -9.73 -21.57 8.07
C LEU C 438 -9.57 -23.09 8.18
N SER C 439 -9.97 -23.81 7.14
CA SER C 439 -9.75 -25.27 7.05
C SER C 439 -8.25 -25.60 7.07
N PHE C 440 -7.45 -24.80 6.37
CA PHE C 440 -5.99 -24.91 6.39
C PHE C 440 -5.41 -24.61 7.77
N MET C 441 -5.93 -23.55 8.42
CA MET C 441 -5.45 -23.13 9.75
C MET C 441 -5.80 -24.13 10.85
N ARG C 442 -7.00 -24.70 10.79
CA ARG C 442 -7.40 -25.75 11.74
C ARG C 442 -6.55 -27.02 11.62
N ALA C 443 -6.29 -27.44 10.37
CA ALA C 443 -5.56 -28.68 10.10
C ALA C 443 -4.06 -28.59 10.36
N ASN C 444 -3.44 -27.49 9.89
CA ASN C 444 -1.97 -27.35 9.86
C ASN C 444 -1.36 -26.29 10.79
N LYS C 445 -2.13 -25.29 11.19
CA LYS C 445 -1.61 -24.14 11.96
C LYS C 445 -2.42 -23.88 13.23
N ASP C 446 -2.77 -24.94 13.96
CA ASP C 446 -3.68 -24.82 15.11
C ASP C 446 -3.08 -24.09 16.32
N SER C 447 -1.75 -24.12 16.46
CA SER C 447 -1.08 -23.40 17.55
C SER C 447 -1.32 -21.88 17.52
N LEU C 448 -1.49 -21.33 16.32
CA LEU C 448 -1.87 -19.92 16.13
C LEU C 448 -3.31 -19.64 16.56
N LEU C 449 -4.23 -20.54 16.19
CA LEU C 449 -5.62 -20.48 16.67
C LEU C 449 -5.71 -20.67 18.18
N ASP C 450 -4.95 -21.64 18.70
CA ASP C 450 -4.98 -21.98 20.13
C ASP C 450 -4.41 -20.88 21.03
N HIS C 451 -3.45 -20.11 20.52
CA HIS C 451 -2.94 -18.95 21.24
C HIS C 451 -4.05 -17.94 21.54
N ILE C 452 -4.95 -17.75 20.57
CA ILE C 452 -6.11 -16.86 20.75
C ILE C 452 -7.13 -17.48 21.73
N ARG C 453 -7.32 -18.79 21.67
CA ARG C 453 -8.24 -19.49 22.59
C ARG C 453 -7.87 -19.34 24.06
N GLN C 454 -6.58 -19.53 24.37
CA GLN C 454 -6.10 -19.59 25.75
C GLN C 454 -5.80 -18.21 26.33
N THR C 455 -4.98 -17.42 25.62
CA THR C 455 -4.55 -16.10 26.11
C THR C 455 -5.58 -15.00 25.85
N GLY C 456 -6.32 -15.11 24.73
CA GLY C 456 -7.26 -14.07 24.31
C GLY C 456 -6.61 -12.96 23.50
N GLU C 457 -5.34 -13.15 23.11
CA GLU C 457 -4.57 -12.16 22.37
C GLU C 457 -4.11 -12.73 21.03
N LEU C 458 -3.73 -11.84 20.11
CA LEU C 458 -3.19 -12.25 18.81
C LEU C 458 -1.85 -12.97 18.99
N PRO C 459 -1.55 -13.93 18.09
CA PRO C 459 -0.22 -14.55 18.09
C PRO C 459 0.81 -13.61 17.46
N ASP C 460 2.04 -14.09 17.31
CA ASP C 460 3.10 -13.33 16.65
C ASP C 460 2.67 -13.02 15.20
N THR C 461 2.57 -11.72 14.88
CA THR C 461 2.10 -11.28 13.56
C THR C 461 3.02 -11.70 12.41
N LYS C 462 4.32 -11.80 12.68
CA LYS C 462 5.31 -12.32 11.71
C LYS C 462 4.96 -13.74 11.29
N GLU C 463 4.71 -14.61 12.28
CA GLU C 463 4.33 -16.00 12.06
C GLU C 463 2.93 -16.12 11.43
N LEU C 464 2.01 -15.27 11.87
CA LEU C 464 0.64 -15.24 11.33
C LEU C 464 0.59 -14.79 9.87
N ASP C 465 1.38 -13.76 9.52
CA ASP C 465 1.52 -13.31 8.13
C ASP C 465 2.09 -14.40 7.22
N ALA C 466 3.11 -15.11 7.71
CA ALA C 466 3.73 -16.20 6.95
C ALA C 466 2.80 -17.40 6.75
N ALA C 467 1.99 -17.72 7.77
CA ALA C 467 1.03 -18.83 7.70
C ALA C 467 -0.08 -18.59 6.68
N ILE C 468 -0.56 -17.36 6.59
CA ILE C 468 -1.57 -16.97 5.60
C ILE C 468 -0.97 -16.99 4.19
N GLU C 469 0.24 -16.46 4.05
CA GLU C 469 0.97 -16.48 2.76
C GLU C 469 1.25 -17.91 2.28
N GLU C 470 1.53 -18.80 3.23
CA GLU C 470 1.73 -20.22 2.94
C GLU C 470 0.47 -20.85 2.34
N PHE C 471 -0.69 -20.55 2.94
CA PHE C 471 -1.98 -21.01 2.39
C PHE C 471 -2.24 -20.52 0.98
N LYS C 472 -1.99 -19.24 0.73
CA LYS C 472 -2.26 -18.61 -0.58
C LYS C 472 -1.54 -19.28 -1.76
N LYS C 473 -0.38 -19.90 -1.51
CA LYS C 473 0.34 -20.66 -2.54
C LYS C 473 -0.46 -21.86 -3.09
N GLY C 474 -1.38 -22.41 -2.30
CA GLY C 474 -2.27 -23.49 -2.73
C GLY C 474 -3.71 -23.09 -3.00
N PHE C 475 -3.98 -21.81 -3.21
CA PHE C 475 -5.32 -21.32 -3.55
C PHE C 475 -5.41 -21.04 -5.05
N THR C 476 -6.47 -21.55 -5.68
CA THR C 476 -6.72 -21.38 -7.12
C THR C 476 -7.94 -20.46 -7.31
N PRO C 477 -7.73 -19.22 -7.80
CA PRO C 477 -8.90 -18.37 -8.09
C PRO C 477 -9.64 -18.83 -9.35
N SER C 478 -10.96 -18.63 -9.37
CA SER C 478 -11.80 -19.01 -10.51
C SER C 478 -11.63 -18.07 -11.70
N ALA C 479 -11.52 -16.77 -11.44
CA ALA C 479 -11.29 -15.77 -12.49
C ALA C 479 -9.79 -15.59 -12.75
N ASN D 2 -49.05 16.70 61.73
CA ASN D 2 -50.33 16.40 61.00
C ASN D 2 -50.32 15.01 60.38
N LYS D 3 -51.34 14.21 60.71
CA LYS D 3 -51.44 12.82 60.25
C LYS D 3 -52.62 12.66 59.31
N GLY D 4 -52.44 11.80 58.30
CA GLY D 4 -53.47 11.52 57.29
C GLY D 4 -53.64 10.04 57.04
N ARG D 5 -54.56 9.70 56.15
CA ARG D 5 -54.92 8.31 55.84
C ARG D 5 -55.02 8.12 54.32
N ILE D 6 -54.45 7.02 53.81
CA ILE D 6 -54.49 6.71 52.37
C ILE D 6 -55.89 6.23 52.00
N ILE D 7 -56.48 6.85 50.99
CA ILE D 7 -57.79 6.46 50.45
C ILE D 7 -57.73 5.84 49.05
N GLN D 8 -56.74 6.23 48.23
CA GLN D 8 -56.50 5.61 46.92
C GLN D 8 -55.01 5.46 46.60
N VAL D 9 -54.69 4.41 45.86
CA VAL D 9 -53.36 4.18 45.29
C VAL D 9 -53.54 3.89 43.80
N MET D 10 -53.03 4.79 42.96
CA MET D 10 -53.17 4.69 41.51
C MET D 10 -51.80 4.82 40.85
N GLY D 11 -51.05 3.71 40.85
CA GLY D 11 -49.69 3.68 40.32
C GLY D 11 -48.77 4.59 41.12
N PRO D 12 -48.09 5.55 40.45
CA PRO D 12 -47.22 6.49 41.18
C PRO D 12 -47.96 7.61 41.94
N VAL D 13 -49.27 7.74 41.76
CA VAL D 13 -50.08 8.75 42.45
C VAL D 13 -50.81 8.12 43.65
N VAL D 14 -50.85 8.87 44.77
CA VAL D 14 -51.48 8.42 46.02
C VAL D 14 -52.35 9.55 46.60
N ASP D 15 -53.62 9.25 46.85
CA ASP D 15 -54.54 10.20 47.51
C ASP D 15 -54.57 9.95 49.01
N ILE D 16 -54.34 11.01 49.79
CA ILE D 16 -54.28 10.94 51.25
C ILE D 16 -55.29 11.94 51.83
N GLN D 17 -56.20 11.45 52.67
CA GLN D 17 -57.14 12.31 53.39
C GLN D 17 -56.59 12.70 54.76
N PHE D 18 -56.45 14.01 54.99
CA PHE D 18 -55.99 14.55 56.27
C PHE D 18 -57.18 15.09 57.07
N GLU D 19 -56.91 15.46 58.32
CA GLU D 19 -57.91 16.06 59.19
C GLU D 19 -58.19 17.49 58.76
N SER D 20 -59.39 17.99 59.06
CA SER D 20 -59.81 19.34 58.67
C SER D 20 -58.91 20.43 59.25
N GLY D 21 -58.46 21.35 58.39
CA GLY D 21 -57.53 22.41 58.77
C GLY D 21 -56.10 21.97 59.08
N GLN D 22 -55.73 20.77 58.62
CA GLN D 22 -54.40 20.20 58.89
C GLN D 22 -53.79 19.62 57.61
N LEU D 23 -53.92 20.37 56.51
CA LEU D 23 -53.49 19.93 55.19
C LEU D 23 -52.04 20.31 54.93
N PRO D 24 -51.22 19.38 54.39
CA PRO D 24 -49.89 19.77 53.91
C PRO D 24 -49.96 20.71 52.72
N ASP D 25 -49.03 21.66 52.64
CA ASP D 25 -48.91 22.53 51.47
C ASP D 25 -48.43 21.75 50.25
N ILE D 26 -48.66 22.32 49.07
CA ILE D 26 -48.19 21.72 47.82
C ILE D 26 -46.66 21.69 47.83
N TYR D 27 -46.10 20.58 47.34
CA TYR D 27 -44.67 20.25 47.38
C TYR D 27 -44.12 19.78 48.75
N ASN D 28 -44.97 19.58 49.76
CA ASN D 28 -44.50 19.05 51.06
C ASN D 28 -44.20 17.57 50.96
N ALA D 29 -43.10 17.14 51.59
CA ALA D 29 -42.76 15.73 51.71
C ALA D 29 -43.64 15.08 52.78
N ILE D 30 -44.20 13.91 52.45
CA ILE D 30 -45.08 13.16 53.34
C ILE D 30 -44.57 11.72 53.43
N THR D 31 -44.32 11.24 54.65
CA THR D 31 -43.77 9.90 54.87
C THR D 31 -44.89 8.89 55.17
N ILE D 32 -44.75 7.68 54.62
CA ILE D 32 -45.68 6.57 54.84
C ILE D 32 -44.88 5.33 55.22
N GLU D 33 -45.18 4.75 56.38
CA GLU D 33 -44.52 3.52 56.83
C GLU D 33 -45.11 2.32 56.09
N ARG D 34 -44.25 1.55 55.42
CA ARG D 34 -44.68 0.38 54.64
C ARG D 34 -45.07 -0.78 55.57
N PRO D 35 -46.03 -1.63 55.13
CA PRO D 35 -46.28 -2.88 55.85
C PRO D 35 -45.09 -3.85 55.85
N GLN D 36 -44.38 -3.94 54.72
CA GLN D 36 -43.23 -4.83 54.57
C GLN D 36 -42.02 -4.38 55.42
N GLY D 37 -41.90 -3.07 55.60
CA GLY D 37 -40.76 -2.47 56.30
C GLY D 37 -40.16 -1.38 55.42
N GLY D 38 -39.73 -0.29 56.06
CA GLY D 38 -39.18 0.87 55.36
C GLY D 38 -40.17 2.02 55.28
N THR D 39 -39.70 3.15 54.75
CA THR D 39 -40.49 4.37 54.64
C THR D 39 -40.59 4.80 53.18
N LEU D 40 -41.78 5.26 52.79
CA LEU D 40 -42.03 5.81 51.45
C LEU D 40 -42.30 7.30 51.57
N THR D 41 -41.48 8.10 50.92
CA THR D 41 -41.71 9.55 50.81
C THR D 41 -42.57 9.83 49.58
N VAL D 42 -43.60 10.65 49.75
CA VAL D 42 -44.42 11.15 48.64
C VAL D 42 -44.48 12.68 48.71
N GLU D 43 -44.67 13.31 47.56
CA GLU D 43 -44.72 14.77 47.46
C GLU D 43 -46.13 15.23 47.12
N ALA D 44 -46.65 16.20 47.88
CA ALA D 44 -48.00 16.72 47.67
C ALA D 44 -48.07 17.54 46.39
N ALA D 45 -49.05 17.24 45.55
CA ALA D 45 -49.20 17.86 44.22
C ALA D 45 -50.44 18.75 44.12
N VAL D 46 -51.61 18.14 44.36
CA VAL D 46 -52.92 18.79 44.19
C VAL D 46 -53.76 18.62 45.46
N HIS D 47 -54.39 19.70 45.90
CA HIS D 47 -55.44 19.65 46.93
C HIS D 47 -56.75 19.37 46.21
N LEU D 48 -57.26 18.13 46.28
CA LEU D 48 -58.46 17.73 45.53
C LEU D 48 -59.78 18.27 46.09
N GLY D 49 -59.80 18.56 47.40
CA GLY D 49 -61.03 18.93 48.11
C GLY D 49 -61.49 17.80 49.02
N ASP D 50 -62.39 18.13 49.96
CA ASP D 50 -62.80 17.22 51.04
C ASP D 50 -61.61 16.76 51.88
N ASN D 51 -60.68 17.69 52.11
CA ASN D 51 -59.41 17.47 52.82
C ASN D 51 -58.53 16.35 52.25
N VAL D 52 -58.61 16.12 50.93
CA VAL D 52 -57.81 15.10 50.25
C VAL D 52 -56.68 15.78 49.48
N VAL D 53 -55.47 15.25 49.64
CA VAL D 53 -54.28 15.73 48.94
C VAL D 53 -53.75 14.62 48.03
N ARG D 54 -53.67 14.92 46.72
CA ARG D 54 -53.10 13.99 45.74
C ARG D 54 -51.58 14.16 45.72
N CYS D 55 -50.87 13.04 45.81
CA CYS D 55 -49.42 13.04 46.00
C CYS D 55 -48.68 12.14 45.00
N VAL D 56 -47.52 12.60 44.53
CA VAL D 56 -46.65 11.84 43.63
C VAL D 56 -45.58 11.13 44.47
N ALA D 57 -45.49 9.82 44.35
CA ALA D 57 -44.55 9.01 45.16
C ALA D 57 -43.12 9.09 44.61
N MET D 58 -42.15 9.08 45.52
CA MET D 58 -40.72 9.09 45.16
C MET D 58 -40.09 7.69 45.09
N ALA D 59 -40.88 6.66 45.37
CA ALA D 59 -40.45 5.27 45.23
C ALA D 59 -41.68 4.40 44.91
N SER D 60 -41.46 3.09 44.77
CA SER D 60 -42.54 2.16 44.42
C SER D 60 -43.70 2.18 45.41
N THR D 61 -44.93 2.19 44.88
CA THR D 61 -46.16 2.12 45.67
C THR D 61 -46.70 0.69 45.82
N ASP D 62 -46.01 -0.30 45.25
CA ASP D 62 -46.37 -1.70 45.44
C ASP D 62 -46.19 -2.08 46.91
N GLY D 63 -47.17 -2.81 47.45
CA GLY D 63 -47.17 -3.19 48.86
C GLY D 63 -48.00 -2.28 49.77
N LEU D 64 -48.38 -1.10 49.28
CA LEU D 64 -49.23 -0.19 50.06
C LEU D 64 -50.66 -0.72 50.18
N VAL D 65 -51.34 -0.27 51.24
CA VAL D 65 -52.71 -0.67 51.55
C VAL D 65 -53.50 0.59 51.89
N ARG D 66 -54.80 0.56 51.59
CA ARG D 66 -55.69 1.67 51.96
C ARG D 66 -55.88 1.68 53.48
N GLY D 67 -55.83 2.88 54.07
CA GLY D 67 -55.97 3.05 55.52
C GLY D 67 -54.68 3.33 56.28
N LEU D 68 -53.53 3.14 55.64
CA LEU D 68 -52.23 3.36 56.31
C LEU D 68 -52.01 4.83 56.67
N GLU D 69 -51.29 5.04 57.77
CA GLU D 69 -51.01 6.38 58.28
C GLU D 69 -49.95 7.08 57.43
N ALA D 70 -50.18 8.36 57.15
CA ALA D 70 -49.23 9.21 56.43
C ALA D 70 -48.93 10.44 57.30
N VAL D 71 -47.64 10.80 57.40
CA VAL D 71 -47.20 11.87 58.29
C VAL D 71 -46.62 13.02 57.48
N ASP D 72 -47.15 14.23 57.70
CA ASP D 72 -46.66 15.44 57.07
C ASP D 72 -45.37 15.90 57.75
N THR D 73 -44.30 16.07 56.97
CA THR D 73 -43.01 16.55 57.49
C THR D 73 -43.02 18.07 57.75
N GLY D 74 -43.96 18.78 57.12
CA GLY D 74 -44.13 20.22 57.32
C GLY D 74 -43.30 21.10 56.40
N ALA D 75 -42.59 20.48 55.46
CA ALA D 75 -41.71 21.20 54.54
C ALA D 75 -41.47 20.36 53.28
N PRO D 76 -40.88 20.96 52.22
CA PRO D 76 -40.53 20.14 51.05
C PRO D 76 -39.42 19.12 51.31
N ILE D 77 -39.09 18.34 50.27
CA ILE D 77 -38.01 17.35 50.36
C ILE D 77 -36.71 18.13 50.56
N SER D 78 -36.09 17.94 51.72
CA SER D 78 -34.85 18.64 52.06
C SER D 78 -33.66 17.71 51.90
N VAL D 79 -32.57 18.23 51.37
CA VAL D 79 -31.38 17.44 51.04
C VAL D 79 -30.09 18.10 51.51
N PRO D 80 -29.02 17.31 51.79
CA PRO D 80 -27.78 17.90 52.32
C PRO D 80 -27.07 18.82 51.34
N VAL D 81 -26.37 19.81 51.87
CA VAL D 81 -25.61 20.79 51.08
C VAL D 81 -24.25 21.06 51.72
N GLY D 82 -23.35 21.68 50.95
CA GLY D 82 -21.99 22.00 51.40
C GLY D 82 -20.96 20.95 51.02
N LYS D 83 -19.80 21.02 51.65
CA LYS D 83 -18.65 20.16 51.31
C LYS D 83 -18.78 18.69 51.77
N ALA D 84 -19.77 18.40 52.62
CA ALA D 84 -20.09 17.01 52.98
C ALA D 84 -20.64 16.20 51.80
N THR D 85 -21.26 16.88 50.83
CA THR D 85 -21.78 16.22 49.61
C THR D 85 -20.69 15.84 48.61
N LEU D 86 -19.54 16.54 48.67
CA LEU D 86 -18.42 16.28 47.74
C LEU D 86 -17.84 14.89 47.96
N GLY D 87 -17.57 14.18 46.86
CA GLY D 87 -17.09 12.79 46.92
C GLY D 87 -18.15 11.73 47.14
N ARG D 88 -19.42 12.14 47.31
CA ARG D 88 -20.50 11.23 47.68
C ARG D 88 -21.50 11.06 46.53
N VAL D 89 -22.27 9.98 46.59
CA VAL D 89 -23.28 9.66 45.59
C VAL D 89 -24.65 9.60 46.28
N PHE D 90 -25.63 10.31 45.71
CA PHE D 90 -26.94 10.51 46.34
C PHE D 90 -28.10 9.96 45.49
N ASN D 91 -29.27 9.88 46.13
CA ASN D 91 -30.54 9.59 45.45
C ASN D 91 -31.45 10.83 45.50
N VAL D 92 -32.65 10.73 44.94
CA VAL D 92 -33.61 11.85 44.91
C VAL D 92 -33.89 12.50 46.28
N LEU D 93 -33.93 11.69 47.34
CA LEU D 93 -34.22 12.17 48.70
C LEU D 93 -33.00 12.74 49.44
N GLY D 94 -31.84 12.80 48.79
CA GLY D 94 -30.62 13.31 49.41
C GLY D 94 -29.97 12.34 50.38
N GLU D 95 -30.28 11.05 50.25
CA GLU D 95 -29.71 10.00 51.10
C GLU D 95 -28.50 9.40 50.39
N PRO D 96 -27.47 8.99 51.15
CA PRO D 96 -26.29 8.40 50.52
C PRO D 96 -26.53 6.98 50.01
N ILE D 97 -26.14 6.72 48.76
CA ILE D 97 -26.27 5.40 48.13
C ILE D 97 -24.89 4.78 47.78
N ASP D 98 -23.82 5.38 48.29
CA ASP D 98 -22.45 4.93 48.02
C ASP D 98 -21.89 3.94 49.06
N GLU D 99 -22.66 3.68 50.12
CA GLU D 99 -22.30 2.71 51.16
C GLU D 99 -21.03 3.13 51.94
N GLN D 100 -20.87 4.44 52.16
CA GLN D 100 -19.71 5.01 52.87
C GLN D 100 -20.15 5.84 54.08
N GLY D 101 -21.10 5.32 54.85
CA GLY D 101 -21.53 5.95 56.11
C GLY D 101 -22.40 7.17 55.95
N GLU D 102 -22.54 7.92 57.05
CA GLU D 102 -23.44 9.07 57.12
C GLU D 102 -22.89 10.29 56.39
N VAL D 103 -23.75 11.31 56.24
CA VAL D 103 -23.40 12.58 55.60
C VAL D 103 -23.55 13.69 56.64
N ASN D 104 -22.45 14.11 57.23
CA ASN D 104 -22.44 15.14 58.28
C ASN D 104 -22.46 16.54 57.65
N ALA D 105 -23.65 16.93 57.18
CA ALA D 105 -23.85 18.22 56.52
C ALA D 105 -24.21 19.30 57.53
N GLU D 106 -23.85 20.55 57.20
CA GLU D 106 -24.17 21.71 58.03
C GLU D 106 -25.67 21.97 58.04
N GLU D 107 -26.25 22.11 56.83
CA GLU D 107 -27.67 22.42 56.66
C GLU D 107 -28.33 21.42 55.71
N ARG D 108 -29.66 21.51 55.64
CA ARG D 108 -30.47 20.76 54.68
C ARG D 108 -31.47 21.71 54.04
N HIS D 109 -31.24 22.05 52.77
CA HIS D 109 -32.10 22.99 52.03
C HIS D 109 -33.19 22.25 51.25
N PRO D 110 -34.37 22.89 51.07
CA PRO D 110 -35.46 22.27 50.31
C PRO D 110 -35.18 22.29 48.81
N ILE D 111 -35.58 21.23 48.11
CA ILE D 111 -35.34 21.11 46.66
C ILE D 111 -36.11 22.13 45.80
N HIS D 112 -37.27 22.59 46.30
CA HIS D 112 -38.05 23.63 45.62
C HIS D 112 -37.63 25.03 46.08
N ARG D 113 -37.67 25.98 45.14
CA ARG D 113 -37.08 27.31 45.34
C ARG D 113 -37.53 28.23 44.19
N PRO D 114 -37.77 29.53 44.47
CA PRO D 114 -38.02 30.47 43.37
C PRO D 114 -36.78 30.73 42.51
N ALA D 115 -37.01 31.18 41.26
CA ALA D 115 -35.92 31.53 40.35
C ALA D 115 -35.27 32.85 40.77
N PRO D 116 -34.02 33.11 40.33
CA PRO D 116 -33.36 34.38 40.67
C PRO D 116 -34.02 35.61 40.05
N GLU D 117 -33.76 36.77 40.63
CA GLU D 117 -34.29 38.06 40.16
C GLU D 117 -33.62 38.48 38.86
N PHE D 118 -34.29 39.35 38.10
CA PHE D 118 -33.72 39.96 36.88
C PHE D 118 -32.44 40.75 37.19
N GLU D 119 -32.44 41.45 38.33
CA GLU D 119 -31.29 42.21 38.82
C GLU D 119 -30.03 41.37 39.05
N GLU D 120 -30.22 40.11 39.46
CA GLU D 120 -29.10 39.19 39.75
C GLU D 120 -28.38 38.63 38.51
N LEU D 121 -29.01 38.69 37.34
CA LEU D 121 -28.53 37.99 36.14
C LEU D 121 -27.64 38.84 35.23
N SER D 122 -26.85 38.14 34.42
CA SER D 122 -25.94 38.76 33.44
C SER D 122 -25.74 37.82 32.24
N THR D 123 -24.91 38.24 31.28
CA THR D 123 -24.57 37.42 30.12
C THR D 123 -23.17 36.79 30.26
N ALA D 124 -22.94 35.72 29.49
CA ALA D 124 -21.67 34.97 29.50
C ALA D 124 -20.88 35.24 28.22
N ASP D 125 -19.83 36.05 28.33
CA ASP D 125 -19.05 36.53 27.16
C ASP D 125 -17.69 35.83 26.93
N GLU D 126 -17.07 35.31 27.98
CA GLU D 126 -15.76 34.64 27.85
C GLU D 126 -15.89 33.23 27.27
N ILE D 127 -15.06 32.91 26.29
CA ILE D 127 -15.02 31.58 25.66
C ILE D 127 -14.48 30.50 26.62
N LEU D 128 -15.06 29.29 26.53
CA LEU D 128 -14.62 28.12 27.28
C LEU D 128 -14.08 27.07 26.31
N GLU D 129 -12.76 26.85 26.32
CA GLU D 129 -12.11 25.89 25.45
C GLU D 129 -12.46 24.45 25.85
N THR D 130 -13.09 23.72 24.93
CA THR D 130 -13.45 22.31 25.13
C THR D 130 -12.36 21.36 24.63
N GLY D 131 -11.63 21.77 23.60
CA GLY D 131 -10.67 20.89 22.93
C GLY D 131 -11.26 20.05 21.80
N ILE D 132 -12.56 20.21 21.55
CA ILE D 132 -13.26 19.51 20.47
C ILE D 132 -13.38 20.50 19.31
N LYS D 133 -12.97 20.07 18.11
CA LYS D 133 -12.83 20.98 16.96
C LYS D 133 -14.14 21.62 16.50
N VAL D 134 -15.14 20.78 16.22
CA VAL D 134 -16.45 21.24 15.72
C VAL D 134 -17.14 22.23 16.65
N ILE D 135 -17.04 22.01 17.95
CA ILE D 135 -17.65 22.88 18.97
C ILE D 135 -16.90 24.21 19.04
N ASP D 136 -15.59 24.15 19.29
CA ASP D 136 -14.76 25.36 19.45
C ASP D 136 -14.81 26.30 18.24
N LEU D 137 -14.88 25.73 17.04
CA LEU D 137 -14.96 26.51 15.80
C LEU D 137 -16.35 27.10 15.57
N LEU D 138 -17.34 26.22 15.37
CA LEU D 138 -18.65 26.61 14.81
C LEU D 138 -19.72 27.02 15.83
N ALA D 139 -19.60 26.57 17.08
CA ALA D 139 -20.60 26.87 18.12
C ALA D 139 -19.97 26.77 19.52
N PRO D 140 -19.05 27.69 19.85
CA PRO D 140 -18.26 27.56 21.09
C PRO D 140 -19.05 27.83 22.37
N TYR D 141 -18.66 27.14 23.44
CA TYR D 141 -19.29 27.30 24.75
C TYR D 141 -18.72 28.52 25.47
N ALA D 142 -19.52 29.06 26.40
CA ALA D 142 -19.13 30.22 27.20
C ALA D 142 -18.99 29.84 28.67
N LYS D 143 -18.06 30.51 29.37
CA LYS D 143 -17.84 30.27 30.80
C LYS D 143 -19.00 30.86 31.62
N GLY D 144 -19.54 30.05 32.53
CA GLY D 144 -20.73 30.43 33.31
C GLY D 144 -22.00 30.53 32.49
N GLY D 145 -22.03 29.88 31.33
CA GLY D 145 -23.16 29.94 30.41
C GLY D 145 -23.92 28.62 30.39
N LYS D 146 -25.02 28.61 29.65
CA LYS D 146 -25.90 27.44 29.55
C LYS D 146 -25.68 26.69 28.23
N ILE D 147 -25.16 25.46 28.35
CA ILE D 147 -24.88 24.60 27.20
C ILE D 147 -25.90 23.46 27.16
N GLY D 148 -26.36 23.14 25.95
CA GLY D 148 -27.30 22.04 25.72
C GLY D 148 -26.80 21.09 24.64
N LEU D 149 -26.80 19.79 24.95
CA LEU D 149 -26.37 18.75 24.02
C LEU D 149 -27.60 18.03 23.47
N PHE D 150 -28.11 18.51 22.34
CA PHE D 150 -29.27 17.92 21.67
C PHE D 150 -28.87 16.70 20.86
N GLY D 151 -29.70 15.67 20.90
CA GLY D 151 -29.51 14.50 20.04
C GLY D 151 -30.61 13.46 20.16
N GLY D 152 -30.81 12.70 19.09
CA GLY D 152 -31.73 11.56 19.08
C GLY D 152 -31.18 10.36 19.84
N ALA D 153 -31.90 9.24 19.76
CA ALA D 153 -31.55 8.04 20.52
C ALA D 153 -30.30 7.36 19.94
N GLY D 154 -29.20 7.43 20.69
CA GLY D 154 -27.95 6.78 20.31
C GLY D 154 -27.09 7.52 19.29
N VAL D 155 -27.15 8.85 19.29
CA VAL D 155 -26.33 9.67 18.37
C VAL D 155 -25.01 10.17 18.99
N GLY D 156 -24.98 10.32 20.32
CA GLY D 156 -23.73 10.61 21.06
C GLY D 156 -23.76 11.71 22.12
N LYS D 157 -24.86 11.81 22.88
CA LYS D 157 -24.98 12.80 23.95
C LYS D 157 -24.15 12.43 25.18
N THR D 158 -24.27 11.18 25.62
CA THR D 158 -23.55 10.68 26.80
C THR D 158 -22.04 10.60 26.56
N VAL D 159 -21.64 10.13 25.38
CA VAL D 159 -20.22 10.09 25.01
C VAL D 159 -19.64 11.51 24.96
N LEU D 160 -20.42 12.47 24.46
CA LEU D 160 -19.97 13.87 24.38
C LEU D 160 -19.84 14.51 25.77
N ILE D 161 -20.84 14.33 26.63
CA ILE D 161 -20.80 14.93 27.97
C ILE D 161 -19.68 14.32 28.84
N GLN D 162 -19.45 13.02 28.69
CA GLN D 162 -18.32 12.34 29.36
C GLN D 162 -16.96 12.85 28.88
N GLU D 163 -16.86 13.19 27.59
CA GLU D 163 -15.65 13.80 27.03
C GLU D 163 -15.44 15.23 27.54
N LEU D 164 -16.53 15.99 27.70
CA LEU D 164 -16.47 17.33 28.28
C LEU D 164 -16.09 17.31 29.76
N ILE D 165 -16.49 16.27 30.49
CA ILE D 165 -16.00 16.04 31.86
C ILE D 165 -14.49 15.76 31.84
N ASN D 166 -14.08 14.87 30.93
CA ASN D 166 -12.67 14.52 30.78
C ASN D 166 -11.77 15.70 30.39
N ASN D 167 -12.29 16.60 29.54
CA ASN D 167 -11.51 17.74 29.03
C ASN D 167 -11.57 18.98 29.92
N VAL D 168 -12.79 19.34 30.37
CA VAL D 168 -13.02 20.60 31.10
C VAL D 168 -12.87 20.43 32.61
N ALA D 169 -13.56 19.43 33.17
CA ALA D 169 -13.61 19.24 34.63
C ALA D 169 -12.33 18.67 35.27
N GLN D 170 -11.42 18.12 34.46
CA GLN D 170 -10.18 17.51 34.96
C GLN D 170 -9.27 18.56 35.62
N GLU D 171 -8.99 19.63 34.89
CA GLU D 171 -8.14 20.74 35.38
C GLU D 171 -9.00 21.95 35.76
N HIS D 172 -10.05 21.71 36.54
CA HIS D 172 -10.99 22.75 36.97
C HIS D 172 -10.69 23.11 38.43
N GLY D 173 -10.43 24.40 38.68
CA GLY D 173 -10.10 24.88 40.03
C GLY D 173 -11.24 24.82 41.02
N GLY D 174 -12.47 25.00 40.53
CA GLY D 174 -13.67 24.97 41.38
C GLY D 174 -14.28 23.59 41.58
N LEU D 175 -15.56 23.58 41.92
CA LEU D 175 -16.31 22.36 42.25
C LEU D 175 -17.20 21.92 41.09
N SER D 176 -17.79 20.71 41.22
CA SER D 176 -18.67 20.15 40.19
C SER D 176 -19.86 19.41 40.79
N VAL D 177 -20.90 19.24 39.97
CA VAL D 177 -22.07 18.43 40.33
C VAL D 177 -22.53 17.65 39.08
N PHE D 178 -22.75 16.35 39.25
CA PHE D 178 -23.34 15.51 38.20
C PHE D 178 -24.72 15.02 38.64
N ALA D 179 -25.72 15.17 37.77
CA ALA D 179 -27.08 14.68 38.02
C ALA D 179 -27.44 13.64 36.96
N GLY D 180 -27.59 12.39 37.39
CA GLY D 180 -28.08 11.32 36.54
C GLY D 180 -29.60 11.28 36.60
N VAL D 181 -30.24 11.72 35.51
CA VAL D 181 -31.69 11.90 35.45
C VAL D 181 -32.29 10.96 34.40
N GLY D 182 -32.90 9.88 34.88
CA GLY D 182 -33.66 8.95 34.03
C GLY D 182 -32.90 8.25 32.93
N GLU D 183 -31.62 7.97 33.15
CA GLU D 183 -30.77 7.31 32.15
C GLU D 183 -30.25 5.97 32.65
N ARG D 184 -29.27 5.37 31.99
CA ARG D 184 -28.82 4.02 32.30
C ARG D 184 -27.98 3.97 33.57
N THR D 185 -28.28 3.00 34.44
CA THR D 185 -27.57 2.82 35.71
C THR D 185 -26.14 2.32 35.47
N ARG D 186 -25.94 1.50 34.43
CA ARG D 186 -24.60 1.11 33.96
C ARG D 186 -23.68 2.32 33.77
N GLU D 187 -24.20 3.37 33.15
CA GLU D 187 -23.43 4.59 32.85
C GLU D 187 -23.09 5.40 34.09
N GLY D 188 -23.95 5.33 35.11
CA GLY D 188 -23.66 5.92 36.42
C GLY D 188 -22.52 5.22 37.13
N ASN D 189 -22.51 3.88 37.05
CA ASN D 189 -21.41 3.06 37.60
C ASN D 189 -20.11 3.27 36.83
N ASP D 190 -20.20 3.34 35.50
CA ASP D 190 -19.04 3.61 34.64
C ASP D 190 -18.40 4.96 34.98
N LEU D 191 -19.23 6.00 35.07
CA LEU D 191 -18.77 7.36 35.35
C LEU D 191 -18.19 7.53 36.75
N TYR D 192 -18.82 6.88 37.74
CA TYR D 192 -18.35 6.93 39.13
C TYR D 192 -16.94 6.36 39.28
N HIS D 193 -16.73 5.14 38.77
CA HIS D 193 -15.42 4.49 38.80
C HIS D 193 -14.37 5.22 37.93
N GLU D 194 -14.82 5.86 36.84
CA GLU D 194 -13.94 6.67 36.00
C GLU D 194 -13.50 7.96 36.72
N MET D 195 -14.44 8.61 37.40
CA MET D 195 -14.14 9.78 38.25
C MET D 195 -13.31 9.42 39.48
N LYS D 196 -13.49 8.21 40.00
CA LYS D 196 -12.69 7.70 41.11
C LYS D 196 -11.22 7.46 40.73
N ASP D 197 -11.00 6.90 39.54
CA ASP D 197 -9.65 6.63 39.00
C ASP D 197 -8.89 7.92 38.68
N SER D 198 -9.57 8.85 38.00
CA SER D 198 -8.97 10.13 37.61
C SER D 198 -8.76 11.10 38.78
N GLY D 199 -9.49 10.91 39.88
CA GLY D 199 -9.41 11.78 41.05
C GLY D 199 -10.40 12.94 41.05
N VAL D 200 -11.27 13.00 40.04
CA VAL D 200 -12.24 14.08 39.90
C VAL D 200 -13.40 13.93 40.90
N ILE D 201 -13.63 12.70 41.39
CA ILE D 201 -14.67 12.41 42.38
C ILE D 201 -14.63 13.33 43.62
N SER D 202 -13.42 13.67 44.09
CA SER D 202 -13.25 14.55 45.26
C SER D 202 -13.78 15.98 45.05
N LYS D 203 -13.81 16.44 43.80
CA LYS D 203 -14.39 17.75 43.45
C LYS D 203 -15.90 17.71 43.14
N THR D 204 -16.48 16.51 43.07
CA THR D 204 -17.81 16.32 42.44
C THR D 204 -18.83 15.67 43.38
N SER D 205 -20.00 16.30 43.49
CA SER D 205 -21.17 15.71 44.15
C SER D 205 -22.03 15.02 43.08
N MET D 206 -22.38 13.76 43.30
CA MET D 206 -23.15 12.97 42.34
C MET D 206 -24.56 12.65 42.87
N VAL D 207 -25.55 12.78 41.99
CA VAL D 207 -26.94 12.40 42.29
C VAL D 207 -27.46 11.52 41.16
N PHE D 208 -28.21 10.48 41.49
CA PHE D 208 -28.76 9.54 40.51
C PHE D 208 -30.22 9.18 40.77
N GLY D 209 -31.04 9.31 39.73
CA GLY D 209 -32.44 8.89 39.73
C GLY D 209 -32.77 8.36 38.35
N GLN D 210 -32.43 7.10 38.12
CA GLN D 210 -32.30 6.54 36.78
C GLN D 210 -33.60 5.91 36.25
N MET D 211 -33.58 5.44 35.00
CA MET D 211 -34.79 4.94 34.31
C MET D 211 -35.44 3.68 34.91
N ASN D 212 -34.74 2.98 35.81
CA ASN D 212 -35.35 1.95 36.66
C ASN D 212 -36.37 2.51 37.67
N GLU D 213 -36.22 3.78 38.07
CA GLU D 213 -37.00 4.37 39.15
C GLU D 213 -38.39 4.78 38.66
N PRO D 214 -39.38 4.86 39.58
CA PRO D 214 -40.69 5.44 39.24
C PRO D 214 -40.62 6.92 38.82
N PRO D 215 -41.67 7.43 38.15
CA PRO D 215 -41.62 8.79 37.58
C PRO D 215 -41.30 9.92 38.56
N GLY D 216 -41.89 9.87 39.76
CA GLY D 216 -41.66 10.89 40.79
C GLY D 216 -40.19 11.09 41.16
N ALA D 217 -39.45 9.99 41.22
CA ALA D 217 -37.99 10.05 41.44
C ALA D 217 -37.27 10.75 40.29
N ARG D 218 -37.62 10.38 39.06
CA ARG D 218 -37.07 11.03 37.86
C ARG D 218 -37.52 12.47 37.67
N LEU D 219 -38.67 12.83 38.24
CA LEU D 219 -39.19 14.20 38.21
C LEU D 219 -38.40 15.17 39.10
N ARG D 220 -37.97 14.71 40.28
CA ARG D 220 -37.35 15.61 41.28
C ARG D 220 -35.85 15.44 41.50
N VAL D 221 -35.21 14.43 40.87
CA VAL D 221 -33.78 14.17 41.09
C VAL D 221 -32.85 15.30 40.60
N ALA D 222 -33.24 15.98 39.52
CA ALA D 222 -32.47 17.14 39.02
C ALA D 222 -32.45 18.30 40.02
N LEU D 223 -33.55 18.48 40.75
CA LEU D 223 -33.65 19.52 41.77
C LEU D 223 -32.72 19.24 42.97
N THR D 224 -32.58 17.95 43.33
CA THR D 224 -31.65 17.53 44.38
C THR D 224 -30.22 17.91 44.05
N GLY D 225 -29.79 17.62 42.82
CA GLY D 225 -28.47 18.00 42.33
C GLY D 225 -28.31 19.51 42.20
N LEU D 226 -29.34 20.17 41.67
CA LEU D 226 -29.33 21.62 41.49
C LEU D 226 -29.20 22.39 42.80
N THR D 227 -29.88 21.92 43.84
CA THR D 227 -29.81 22.53 45.18
C THR D 227 -28.39 22.50 45.76
N MET D 228 -27.66 21.42 45.49
CA MET D 228 -26.25 21.32 45.89
C MET D 228 -25.37 22.28 45.09
N ALA D 229 -25.63 22.39 43.79
CA ALA D 229 -24.94 23.35 42.92
C ALA D 229 -25.24 24.80 43.29
N GLU D 230 -26.50 25.08 43.66
CA GLU D 230 -26.94 26.41 44.11
C GLU D 230 -26.22 26.86 45.39
N TYR D 231 -25.94 25.92 46.29
CA TYR D 231 -25.16 26.21 47.50
C TYR D 231 -23.75 26.66 47.15
N PHE D 232 -23.07 25.90 46.29
CA PHE D 232 -21.70 26.22 45.88
C PHE D 232 -21.59 27.54 45.10
N ARG D 233 -22.67 27.93 44.42
CA ARG D 233 -22.74 29.22 43.72
C ARG D 233 -22.89 30.38 44.71
N ASP D 234 -23.93 30.33 45.52
CA ASP D 234 -24.34 31.45 46.37
C ASP D 234 -23.50 31.59 47.64
N ARG D 235 -23.42 30.50 48.41
CA ARG D 235 -22.82 30.55 49.74
C ARG D 235 -21.30 30.56 49.72
N GLU D 236 -20.70 29.63 48.98
CA GLU D 236 -19.25 29.56 48.81
C GLU D 236 -18.81 30.37 47.58
N GLY D 237 -17.59 30.89 47.63
CA GLY D 237 -17.03 31.70 46.54
C GLY D 237 -16.18 30.85 45.62
N GLN D 238 -16.83 30.05 44.78
CA GLN D 238 -16.13 29.11 43.89
C GLN D 238 -16.98 28.76 42.67
N ASP D 239 -16.32 28.55 41.52
CA ASP D 239 -16.99 28.21 40.27
C ASP D 239 -17.55 26.79 40.29
N VAL D 240 -18.68 26.60 39.60
CA VAL D 240 -19.40 25.32 39.58
C VAL D 240 -19.61 24.85 38.14
N LEU D 241 -19.42 23.55 37.92
CA LEU D 241 -19.80 22.87 36.68
C LEU D 241 -20.99 21.97 36.99
N LEU D 242 -22.10 22.16 36.29
CA LEU D 242 -23.31 21.34 36.46
C LEU D 242 -23.56 20.47 35.23
N PHE D 243 -23.34 19.16 35.36
CA PHE D 243 -23.58 18.19 34.30
C PHE D 243 -24.90 17.47 34.57
N ILE D 244 -25.82 17.51 33.60
CA ILE D 244 -27.10 16.79 33.69
C ILE D 244 -27.26 15.87 32.47
N ASP D 245 -27.52 14.59 32.74
CA ASP D 245 -27.80 13.60 31.71
C ASP D 245 -28.93 12.70 32.24
N ASN D 246 -30.19 12.81 31.76
CA ASN D 246 -30.64 13.66 30.65
C ASN D 246 -31.84 14.49 31.11
N ILE D 247 -31.83 15.80 30.82
CA ILE D 247 -32.86 16.72 31.31
C ILE D 247 -34.25 16.46 30.72
N PHE D 248 -34.32 15.92 29.50
CA PHE D 248 -35.61 15.48 28.91
C PHE D 248 -36.43 14.62 29.87
N ARG D 249 -35.75 13.75 30.61
CA ARG D 249 -36.41 12.80 31.52
C ARG D 249 -37.21 13.47 32.65
N PHE D 250 -36.83 14.69 33.02
CA PHE D 250 -37.65 15.54 33.90
C PHE D 250 -39.03 15.81 33.28
N THR D 251 -39.05 16.23 32.02
CA THR D 251 -40.29 16.51 31.29
C THR D 251 -41.12 15.23 31.09
N GLN D 252 -40.46 14.16 30.68
CA GLN D 252 -41.12 12.86 30.48
C GLN D 252 -41.74 12.33 31.78
N ALA D 253 -41.00 12.47 32.89
CA ALA D 253 -41.49 12.08 34.21
C ALA D 253 -42.76 12.84 34.60
N GLY D 254 -42.78 14.14 34.30
CA GLY D 254 -43.97 14.97 34.48
C GLY D 254 -45.13 14.52 33.59
N SER D 255 -44.81 14.17 32.35
CA SER D 255 -45.79 13.63 31.40
C SER D 255 -46.42 12.31 31.84
N GLU D 256 -45.63 11.46 32.53
CA GLU D 256 -46.14 10.17 33.04
C GLU D 256 -47.22 10.33 34.11
N VAL D 257 -46.98 11.24 35.06
CA VAL D 257 -47.93 11.49 36.17
C VAL D 257 -49.08 12.43 35.81
N SER D 258 -49.00 13.12 34.67
CA SER D 258 -49.92 14.24 34.33
C SER D 258 -51.40 13.85 34.32
N ALA D 259 -51.74 12.77 33.62
CA ALA D 259 -53.13 12.31 33.51
C ALA D 259 -53.67 11.75 34.82
N LEU D 260 -52.82 11.09 35.60
CA LEU D 260 -53.19 10.61 36.94
C LEU D 260 -53.39 11.74 37.97
N LEU D 261 -52.69 12.86 37.77
CA LEU D 261 -52.94 14.09 38.56
C LEU D 261 -54.25 14.81 38.20
N GLY D 262 -54.88 14.42 37.10
CA GLY D 262 -56.17 14.96 36.66
C GLY D 262 -56.07 16.07 35.62
N ARG D 263 -54.96 16.09 34.87
CA ARG D 263 -54.69 17.13 33.89
C ARG D 263 -55.01 16.61 32.49
N MET D 264 -55.71 17.42 31.70
CA MET D 264 -56.03 17.06 30.31
C MET D 264 -54.76 17.18 29.46
N PRO D 265 -54.57 16.26 28.49
CA PRO D 265 -53.33 16.23 27.72
C PRO D 265 -53.19 17.38 26.72
N SER D 266 -51.94 17.74 26.42
CA SER D 266 -51.61 18.75 25.43
C SER D 266 -51.20 18.04 24.13
N ALA D 267 -50.55 18.79 23.22
CA ALA D 267 -50.08 18.22 21.94
C ALA D 267 -48.96 17.20 22.13
N VAL D 268 -48.94 16.18 21.27
CA VAL D 268 -47.92 15.12 21.25
C VAL D 268 -47.83 14.39 22.62
N GLY D 269 -48.99 14.15 23.24
CA GLY D 269 -49.08 13.41 24.50
C GLY D 269 -48.47 14.05 25.74
N TYR D 270 -48.10 15.33 25.67
CA TYR D 270 -47.42 16.01 26.77
C TYR D 270 -48.38 16.69 27.73
N GLN D 271 -47.89 17.00 28.92
CA GLN D 271 -48.66 17.75 29.92
C GLN D 271 -48.90 19.19 29.44
N PRO D 272 -50.05 19.80 29.85
CA PRO D 272 -50.33 21.18 29.46
C PRO D 272 -49.38 22.22 30.08
N THR D 273 -48.77 21.86 31.21
CA THR D 273 -47.85 22.73 31.94
C THR D 273 -46.37 22.49 31.57
N LEU D 274 -46.09 22.18 30.30
CA LEU D 274 -44.73 21.81 29.87
C LEU D 274 -43.76 22.98 30.02
N ALA D 275 -44.14 24.13 29.44
CA ALA D 275 -43.27 25.31 29.42
C ALA D 275 -43.06 25.92 30.81
N THR D 276 -44.11 25.97 31.62
CA THR D 276 -44.04 26.51 32.98
C THR D 276 -43.17 25.63 33.90
N GLU D 277 -43.40 24.31 33.87
CA GLU D 277 -42.58 23.37 34.64
C GLU D 277 -41.11 23.38 34.23
N MET D 278 -40.85 23.50 32.93
CA MET D 278 -39.49 23.58 32.41
C MET D 278 -38.79 24.86 32.85
N GLY D 279 -39.48 25.98 32.69
CA GLY D 279 -38.93 27.30 33.04
C GLY D 279 -38.60 27.46 34.51
N GLN D 280 -39.48 26.97 35.37
CA GLN D 280 -39.29 27.05 36.83
C GLN D 280 -38.13 26.18 37.34
N LEU D 281 -37.77 25.14 36.59
CA LEU D 281 -36.54 24.37 36.84
C LEU D 281 -35.35 25.03 36.15
N GLN D 282 -35.49 25.36 34.86
CA GLN D 282 -34.39 25.87 34.04
C GLN D 282 -33.82 27.21 34.49
N GLU D 283 -34.69 28.15 34.87
CA GLU D 283 -34.25 29.49 35.28
C GLU D 283 -33.44 29.51 36.58
N ARG D 284 -33.58 28.47 37.40
CA ARG D 284 -32.70 28.26 38.56
C ARG D 284 -31.28 27.85 38.14
N ILE D 285 -31.17 27.06 37.07
CA ILE D 285 -29.88 26.66 36.49
C ILE D 285 -29.30 27.87 35.75
N THR D 286 -28.48 28.65 36.44
CA THR D 286 -27.90 29.88 35.86
C THR D 286 -26.76 30.44 36.71
N SER D 287 -25.94 31.29 36.09
CA SER D 287 -24.98 32.11 36.80
C SER D 287 -25.67 33.36 37.33
N THR D 288 -25.16 33.89 38.44
CA THR D 288 -25.67 35.11 39.05
C THR D 288 -24.51 36.06 39.35
N LYS D 289 -24.80 37.21 39.95
CA LYS D 289 -23.76 38.11 40.46
C LYS D 289 -22.94 37.50 41.62
N LYS D 290 -23.56 36.60 42.40
CA LYS D 290 -22.88 35.92 43.50
C LYS D 290 -21.89 34.84 43.04
N GLY D 291 -22.26 34.05 42.03
CA GLY D 291 -21.43 32.94 41.56
C GLY D 291 -21.69 32.51 40.12
N SER D 292 -20.79 31.67 39.61
CA SER D 292 -20.82 31.20 38.21
C SER D 292 -21.14 29.70 38.14
N ILE D 293 -22.20 29.36 37.42
CA ILE D 293 -22.53 27.96 37.07
C ILE D 293 -22.38 27.80 35.55
N THR D 294 -21.48 26.91 35.13
CA THR D 294 -21.40 26.48 33.73
C THR D 294 -22.20 25.17 33.62
N SER D 295 -23.43 25.28 33.12
CA SER D 295 -24.34 24.13 33.01
C SER D 295 -24.22 23.47 31.64
N ILE D 296 -24.03 22.15 31.63
CA ILE D 296 -23.97 21.34 30.41
C ILE D 296 -25.03 20.24 30.55
N GLN D 297 -26.06 20.29 29.71
CA GLN D 297 -27.23 19.42 29.83
C GLN D 297 -27.44 18.58 28.57
N ALA D 298 -27.51 17.26 28.72
CA ALA D 298 -27.90 16.37 27.63
C ALA D 298 -29.41 16.47 27.45
N ILE D 299 -29.85 16.57 26.19
CA ILE D 299 -31.27 16.78 25.84
C ILE D 299 -31.70 15.77 24.77
N TYR D 300 -32.53 14.80 25.17
CA TYR D 300 -33.03 13.78 24.24
C TYR D 300 -34.07 14.39 23.29
N VAL D 301 -33.95 14.05 22.01
CA VAL D 301 -34.85 14.48 20.96
C VAL D 301 -35.64 13.23 20.50
N PRO D 302 -36.89 13.06 20.98
CA PRO D 302 -37.65 11.85 20.62
C PRO D 302 -37.93 11.72 19.11
N ALA D 303 -37.71 10.52 18.57
CA ALA D 303 -37.92 10.22 17.14
C ALA D 303 -37.04 11.03 16.19
N ASP D 304 -35.89 11.50 16.68
CA ASP D 304 -35.01 12.45 15.96
C ASP D 304 -35.73 13.73 15.49
N ASP D 305 -36.83 14.09 16.16
CA ASP D 305 -37.70 15.17 15.73
C ASP D 305 -37.46 16.40 16.60
N TYR D 306 -36.70 17.35 16.08
CA TYR D 306 -36.42 18.62 16.79
C TYR D 306 -37.64 19.52 16.98
N THR D 307 -38.70 19.29 16.20
CA THR D 307 -39.97 20.02 16.35
C THR D 307 -40.82 19.52 17.52
N ASP D 308 -40.46 18.37 18.09
CA ASP D 308 -41.12 17.82 19.29
C ASP D 308 -41.18 18.88 20.41
N PRO D 309 -42.35 19.03 21.08
CA PRO D 309 -42.51 20.07 22.11
C PRO D 309 -41.41 20.15 23.19
N ALA D 310 -40.89 19.00 23.61
CA ALA D 310 -39.88 18.96 24.68
C ALA D 310 -38.54 19.63 24.29
N PRO D 311 -37.86 19.15 23.22
CA PRO D 311 -36.63 19.83 22.79
C PRO D 311 -36.87 21.23 22.22
N ALA D 312 -38.00 21.44 21.53
CA ALA D 312 -38.38 22.75 21.00
C ALA D 312 -38.48 23.83 22.08
N THR D 313 -39.13 23.49 23.19
CA THR D 313 -39.25 24.39 24.34
C THR D 313 -37.91 24.62 25.06
N THR D 314 -37.07 23.59 25.09
CA THR D 314 -35.75 23.66 25.75
C THR D 314 -34.79 24.68 25.11
N PHE D 315 -34.91 24.90 23.81
CA PHE D 315 -34.01 25.82 23.07
C PHE D 315 -33.94 27.24 23.64
N ALA D 316 -35.03 27.73 24.21
CA ALA D 316 -35.08 29.05 24.83
C ALA D 316 -34.15 29.23 26.04
N HIS D 317 -33.77 28.12 26.69
CA HIS D 317 -32.98 28.17 27.93
C HIS D 317 -31.46 28.03 27.75
N LEU D 318 -30.95 28.24 26.53
CA LEU D 318 -29.54 27.92 26.23
C LEU D 318 -28.78 29.06 25.55
N ASP D 319 -27.51 29.19 25.91
CA ASP D 319 -26.58 30.15 25.28
C ASP D 319 -25.77 29.50 24.14
N ALA D 320 -25.57 28.19 24.21
CA ALA D 320 -24.97 27.42 23.13
C ALA D 320 -25.67 26.07 22.98
N THR D 321 -25.80 25.60 21.75
CA THR D 321 -26.46 24.32 21.45
C THR D 321 -25.60 23.46 20.52
N THR D 322 -25.32 22.22 20.96
CA THR D 322 -24.65 21.22 20.14
C THR D 322 -25.73 20.28 19.58
N ASN D 323 -26.04 20.45 18.30
CA ASN D 323 -27.15 19.74 17.64
C ASN D 323 -26.63 18.47 16.97
N LEU D 324 -26.81 17.31 17.60
CA LEU D 324 -26.39 16.04 17.02
C LEU D 324 -27.44 15.54 16.03
N GLU D 325 -26.98 14.95 14.92
CA GLU D 325 -27.85 14.38 13.89
C GLU D 325 -27.41 12.96 13.54
N ARG D 326 -28.39 12.08 13.28
CA ARG D 326 -28.11 10.66 13.02
C ARG D 326 -27.40 10.42 11.69
N LYS D 327 -27.72 11.22 10.67
CA LYS D 327 -27.11 11.06 9.33
C LYS D 327 -25.58 11.20 9.33
N LEU D 328 -25.05 12.07 10.18
CA LEU D 328 -23.60 12.16 10.39
C LEU D 328 -23.06 10.94 11.15
N ALA D 329 -23.76 10.54 12.20
CA ALA D 329 -23.41 9.32 12.97
C ALA D 329 -23.52 8.04 12.13
N GLU D 330 -24.44 8.04 11.16
CA GLU D 330 -24.63 6.91 10.26
C GLU D 330 -23.45 6.73 9.28
N MET D 331 -22.80 7.84 8.91
CA MET D 331 -21.57 7.81 8.11
C MET D 331 -20.32 7.40 8.91
N GLY D 332 -20.34 7.59 10.22
CA GLY D 332 -19.17 7.42 11.08
C GLY D 332 -18.54 8.72 11.53
N ILE D 333 -19.18 9.85 11.21
CA ILE D 333 -18.68 11.17 11.62
C ILE D 333 -19.05 11.36 13.09
N TYR D 334 -18.05 11.27 13.96
CA TYR D 334 -18.21 11.48 15.39
C TYR D 334 -17.20 12.54 15.88
N PRO D 335 -17.60 13.47 16.75
CA PRO D 335 -18.98 13.61 17.25
C PRO D 335 -19.92 14.11 16.15
N ALA D 336 -21.13 13.56 16.11
CA ALA D 336 -22.07 13.79 15.00
C ALA D 336 -22.75 15.16 15.06
N VAL D 337 -21.95 16.23 15.10
CA VAL D 337 -22.43 17.58 15.36
C VAL D 337 -22.85 18.23 14.03
N ASP D 338 -24.08 18.74 14.00
CA ASP D 338 -24.59 19.48 12.85
C ASP D 338 -23.86 20.82 12.77
N PRO D 339 -23.06 21.03 11.69
CA PRO D 339 -22.24 22.25 11.61
C PRO D 339 -23.03 23.55 11.34
N LEU D 340 -24.26 23.43 10.86
CA LEU D 340 -25.11 24.58 10.56
C LEU D 340 -26.12 24.86 11.69
N ALA D 341 -26.85 23.83 12.09
CA ALA D 341 -27.89 23.95 13.13
C ALA D 341 -27.37 24.17 14.55
N SER D 342 -26.13 23.76 14.83
CA SER D 342 -25.49 24.07 16.11
C SER D 342 -25.17 25.57 16.15
N THR D 343 -25.46 26.21 17.27
CA THR D 343 -25.34 27.66 17.40
C THR D 343 -24.76 28.07 18.74
N SER D 344 -24.28 29.32 18.79
CA SER D 344 -23.71 29.90 20.00
C SER D 344 -23.91 31.41 20.01
N ARG D 345 -24.14 31.95 21.20
CA ARG D 345 -24.34 33.39 21.40
C ARG D 345 -23.03 34.16 21.27
N ILE D 346 -21.90 33.49 21.53
CA ILE D 346 -20.56 34.13 21.48
C ILE D 346 -19.80 33.91 20.16
N LEU D 347 -20.46 33.37 19.13
CA LEU D 347 -19.87 33.27 17.79
C LEU D 347 -19.94 34.63 17.10
N SER D 348 -18.97 35.48 17.39
CA SER D 348 -18.88 36.82 16.79
C SER D 348 -17.44 37.36 16.85
N PRO D 349 -17.08 38.31 15.95
CA PRO D 349 -15.72 38.86 15.94
C PRO D 349 -15.23 39.49 17.26
N ALA D 350 -16.15 40.07 18.03
CA ALA D 350 -15.83 40.70 19.32
C ALA D 350 -15.24 39.72 20.35
N VAL D 351 -15.74 38.49 20.36
CA VAL D 351 -15.32 37.46 21.34
C VAL D 351 -14.15 36.62 20.79
N VAL D 352 -14.39 35.94 19.67
CA VAL D 352 -13.43 34.96 19.12
C VAL D 352 -12.41 35.52 18.11
N GLY D 353 -12.56 36.79 17.71
CA GLY D 353 -11.65 37.43 16.75
C GLY D 353 -12.16 37.35 15.32
N GLU D 354 -11.60 38.20 14.47
CA GLU D 354 -12.04 38.33 13.07
C GLU D 354 -11.69 37.11 12.20
N GLU D 355 -10.54 36.49 12.47
CA GLU D 355 -10.10 35.30 11.71
C GLU D 355 -10.96 34.08 12.03
N HIS D 356 -11.20 33.85 13.33
CA HIS D 356 -12.03 32.73 13.80
C HIS D 356 -13.43 32.77 13.20
N TYR D 357 -14.07 33.95 13.25
CA TYR D 357 -15.42 34.15 12.72
C TYR D 357 -15.48 33.96 11.20
N ARG D 358 -14.46 34.43 10.49
CA ARG D 358 -14.39 34.31 9.03
C ARG D 358 -14.20 32.85 8.58
N VAL D 359 -13.31 32.13 9.27
CA VAL D 359 -13.06 30.71 8.97
C VAL D 359 -14.29 29.85 9.31
N ALA D 360 -14.88 30.09 10.47
CA ALA D 360 -16.11 29.40 10.90
C ALA D 360 -17.27 29.61 9.92
N ARG D 361 -17.45 30.86 9.51
CA ARG D 361 -18.47 31.21 8.50
C ARG D 361 -18.16 30.63 7.11
N GLY D 362 -16.88 30.58 6.75
CA GLY D 362 -16.44 29.95 5.50
C GLY D 362 -16.75 28.47 5.43
N VAL D 363 -16.51 27.75 6.53
CA VAL D 363 -16.86 26.34 6.66
C VAL D 363 -18.36 26.11 6.45
N GLN D 364 -19.19 26.96 7.05
CA GLN D 364 -20.66 26.85 6.94
C GLN D 364 -21.19 27.09 5.53
N GLN D 365 -20.60 28.04 4.81
CA GLN D 365 -20.99 28.34 3.42
C GLN D 365 -20.62 27.21 2.45
N VAL D 366 -19.44 26.62 2.64
CA VAL D 366 -19.00 25.47 1.83
C VAL D 366 -19.90 24.25 2.07
N LEU D 367 -20.20 23.98 3.33
CA LEU D 367 -21.07 22.85 3.70
C LEU D 367 -22.54 23.08 3.32
N GLN D 368 -22.99 24.33 3.35
CA GLN D 368 -24.34 24.70 2.87
C GLN D 368 -24.49 24.45 1.38
N ARG D 369 -23.48 24.86 0.60
CA ARG D 369 -23.46 24.66 -0.85
C ARG D 369 -23.39 23.17 -1.23
N TYR D 370 -22.68 22.38 -0.44
CA TYR D 370 -22.61 20.92 -0.64
C TYR D 370 -23.98 20.25 -0.46
N ASN D 371 -24.74 20.69 0.53
CA ASN D 371 -26.10 20.18 0.78
C ASN D 371 -27.08 20.54 -0.35
N ASP D 372 -26.94 21.74 -0.91
CA ASP D 372 -27.76 22.17 -2.04
C ASP D 372 -27.47 21.36 -3.31
N LEU D 373 -26.23 20.91 -3.47
CA LEU D 373 -25.81 20.10 -4.63
C LEU D 373 -26.07 18.60 -4.49
N GLN D 374 -26.21 18.09 -3.26
CA GLN D 374 -26.38 16.64 -3.02
C GLN D 374 -27.56 16.02 -3.76
N ASP D 375 -28.73 16.66 -3.68
CA ASP D 375 -29.92 16.21 -4.42
C ASP D 375 -29.80 16.35 -5.94
N ILE D 376 -29.04 17.34 -6.40
CA ILE D 376 -28.77 17.56 -7.84
C ILE D 376 -27.79 16.51 -8.37
N ILE D 377 -26.71 16.26 -7.63
CA ILE D 377 -25.68 15.28 -8.00
C ILE D 377 -26.24 13.85 -8.06
N ALA D 378 -27.11 13.51 -7.11
CA ALA D 378 -27.63 12.14 -6.95
C ALA D 378 -28.31 11.57 -8.19
N ILE D 379 -29.06 12.40 -8.91
CA ILE D 379 -29.78 11.99 -10.12
C ILE D 379 -28.96 12.33 -11.38
N LEU D 380 -28.56 13.59 -11.51
CA LEU D 380 -27.94 14.11 -12.75
C LEU D 380 -26.44 13.87 -12.91
N GLY D 381 -25.76 13.43 -11.84
CA GLY D 381 -24.34 13.04 -11.91
C GLY D 381 -23.35 14.12 -11.49
N MET D 382 -22.11 13.69 -11.28
CA MET D 382 -21.03 14.53 -10.76
C MET D 382 -20.39 15.42 -11.82
N ASP D 383 -20.15 14.87 -13.00
CA ASP D 383 -19.43 15.59 -14.08
C ASP D 383 -20.20 16.74 -14.75
N GLU D 384 -21.51 16.83 -14.51
CA GLU D 384 -22.33 17.92 -15.05
C GLU D 384 -22.20 19.26 -14.29
N LEU D 385 -21.54 19.25 -13.13
CA LEU D 385 -21.26 20.47 -12.36
C LEU D 385 -20.11 21.28 -12.98
N SER D 386 -19.98 22.52 -12.52
CA SER D 386 -18.87 23.40 -12.91
C SER D 386 -17.61 23.05 -12.14
N ASP D 387 -16.49 23.65 -12.54
CA ASP D 387 -15.20 23.46 -11.85
C ASP D 387 -15.18 24.05 -10.44
N GLU D 388 -15.93 25.12 -10.22
CA GLU D 388 -16.07 25.72 -8.89
C GLU D 388 -16.83 24.81 -7.94
N ASP D 389 -17.94 24.25 -8.40
CA ASP D 389 -18.78 23.35 -7.59
C ASP D 389 -18.09 22.01 -7.29
N LYS D 390 -17.36 21.46 -8.27
CA LYS D 390 -16.57 20.23 -8.06
C LYS D 390 -15.50 20.40 -6.97
N LEU D 391 -14.86 21.58 -6.95
CA LEU D 391 -13.88 21.92 -5.92
C LEU D 391 -14.53 22.13 -4.55
N ILE D 392 -15.73 22.71 -4.54
CA ILE D 392 -16.53 22.89 -3.31
C ILE D 392 -16.95 21.54 -2.71
N VAL D 393 -17.40 20.62 -3.56
CA VAL D 393 -17.77 19.27 -3.13
C VAL D 393 -16.57 18.53 -2.51
N ALA D 394 -15.41 18.63 -3.16
CA ALA D 394 -14.19 17.97 -2.69
C ALA D 394 -13.72 18.50 -1.33
N ARG D 395 -13.73 19.81 -1.16
CA ARG D 395 -13.33 20.45 0.10
C ARG D 395 -14.36 20.26 1.22
N ALA D 396 -15.65 20.27 0.87
CA ALA D 396 -16.73 20.05 1.85
C ALA D 396 -16.62 18.69 2.53
N ARG D 397 -16.36 17.65 1.73
CA ARG D 397 -16.20 16.28 2.25
C ARG D 397 -14.96 16.11 3.12
N LYS D 398 -13.89 16.85 2.79
CA LYS D 398 -12.66 16.88 3.61
C LYS D 398 -12.87 17.67 4.91
N ILE D 399 -13.54 18.82 4.80
CA ILE D 399 -13.94 19.62 5.97
C ILE D 399 -14.83 18.81 6.92
N GLN D 400 -15.83 18.14 6.37
CA GLN D 400 -16.74 17.30 7.16
C GLN D 400 -16.02 16.19 7.92
N ARG D 401 -15.00 15.59 7.29
CA ARG D 401 -14.18 14.56 7.93
C ARG D 401 -13.18 15.13 8.94
N PHE D 402 -12.65 16.33 8.69
CA PHE D 402 -11.78 17.00 9.67
C PHE D 402 -12.55 17.54 10.89
N LEU D 403 -13.86 17.78 10.73
CA LEU D 403 -14.73 18.08 11.87
C LEU D 403 -14.92 16.89 12.82
N SER D 404 -14.77 15.67 12.32
CA SER D 404 -14.77 14.46 13.17
C SER D 404 -13.50 14.45 14.04
N GLN D 405 -13.55 13.67 15.12
CA GLN D 405 -12.47 13.65 16.10
C GLN D 405 -12.57 12.41 17.00
N PRO D 406 -11.42 11.76 17.30
CA PRO D 406 -11.42 10.66 18.26
C PRO D 406 -11.41 11.18 19.70
N PHE D 407 -12.28 10.62 20.55
CA PHE D 407 -12.43 11.05 21.95
C PHE D 407 -11.68 10.13 22.92
N HIS D 408 -11.18 10.73 24.01
CA HIS D 408 -10.52 9.98 25.08
C HIS D 408 -11.44 8.93 25.72
N VAL D 409 -12.71 9.29 25.92
CA VAL D 409 -13.70 8.38 26.52
C VAL D 409 -14.29 7.34 25.54
N ALA D 410 -14.07 7.52 24.24
CA ALA D 410 -14.60 6.63 23.21
C ALA D 410 -13.54 5.79 22.50
N GLU D 411 -12.48 5.39 23.22
CA GLU D 411 -11.42 4.55 22.65
C GLU D 411 -11.91 3.13 22.34
N GLN D 412 -12.79 2.61 23.19
CA GLN D 412 -13.43 1.30 22.96
C GLN D 412 -14.39 1.24 21.75
N PHE D 413 -14.84 2.39 21.25
CA PHE D 413 -15.69 2.48 20.05
C PHE D 413 -14.90 2.84 18.79
N THR D 414 -13.97 3.79 18.91
CA THR D 414 -13.13 4.22 17.79
C THR D 414 -11.99 3.23 17.47
N GLY D 415 -11.46 2.58 18.50
CA GLY D 415 -10.30 1.69 18.34
C GLY D 415 -8.98 2.41 18.15
N MET D 416 -8.90 3.66 18.60
CA MET D 416 -7.68 4.47 18.52
C MET D 416 -7.61 5.45 19.70
N PRO D 417 -6.41 5.99 20.01
CA PRO D 417 -6.30 6.97 21.10
C PRO D 417 -7.06 8.27 20.84
N GLY D 418 -7.60 8.86 21.91
CA GLY D 418 -8.30 10.16 21.83
C GLY D 418 -7.35 11.32 21.64
N LYS D 419 -7.87 12.42 21.10
CA LYS D 419 -7.07 13.60 20.79
C LYS D 419 -7.72 14.88 21.32
N TYR D 420 -6.88 15.74 21.92
CA TYR D 420 -7.25 17.09 22.33
C TYR D 420 -6.64 18.04 21.30
N VAL D 421 -7.43 19.01 20.82
CA VAL D 421 -7.00 19.97 19.80
C VAL D 421 -7.28 21.39 20.30
N PRO D 422 -6.23 22.22 20.48
CA PRO D 422 -6.43 23.64 20.82
C PRO D 422 -7.21 24.43 19.78
N VAL D 423 -7.77 25.57 20.19
CA VAL D 423 -8.65 26.39 19.33
C VAL D 423 -7.86 27.03 18.18
N LYS D 424 -6.73 27.65 18.53
CA LYS D 424 -5.85 28.28 17.54
C LYS D 424 -5.31 27.27 16.50
N GLU D 425 -5.11 26.03 16.95
CA GLU D 425 -4.73 24.93 16.07
C GLU D 425 -5.89 24.48 15.18
N THR D 426 -7.11 24.42 15.73
CA THR D 426 -8.33 24.10 14.97
C THR D 426 -8.61 25.12 13.87
N VAL D 427 -8.54 26.40 14.23
CA VAL D 427 -8.77 27.50 13.27
C VAL D 427 -7.75 27.46 12.14
N ARG D 428 -6.49 27.20 12.48
CA ARG D 428 -5.42 27.06 11.48
C ARG D 428 -5.69 25.91 10.50
N GLY D 429 -6.16 24.77 11.02
CA GLY D 429 -6.42 23.58 10.20
C GLY D 429 -7.48 23.79 9.12
N PHE D 430 -8.64 24.29 9.53
CA PHE D 430 -9.75 24.56 8.59
C PHE D 430 -9.48 25.72 7.64
N LYS D 431 -8.66 26.69 8.07
CA LYS D 431 -8.24 27.81 7.21
C LYS D 431 -7.43 27.33 6.02
N GLU D 432 -6.46 26.45 6.27
CA GLU D 432 -5.63 25.87 5.21
C GLU D 432 -6.41 25.00 4.22
N ILE D 433 -7.48 24.35 4.69
CA ILE D 433 -8.35 23.54 3.82
C ILE D 433 -9.19 24.45 2.91
N LEU D 434 -9.69 25.57 3.45
CA LEU D 434 -10.45 26.55 2.67
C LEU D 434 -9.58 27.24 1.61
N GLU D 435 -8.33 27.57 1.98
CA GLU D 435 -7.37 28.17 1.05
C GLU D 435 -6.89 27.22 -0.05
N GLY D 436 -7.02 25.91 0.17
CA GLY D 436 -6.73 24.88 -0.84
C GLY D 436 -5.36 24.24 -0.74
N LYS D 437 -4.76 24.29 0.45
CA LYS D 437 -3.40 23.78 0.67
C LYS D 437 -3.32 22.26 0.86
N HIS D 438 -4.46 21.61 1.07
CA HIS D 438 -4.53 20.14 1.25
C HIS D 438 -5.51 19.48 0.27
N ASP D 439 -5.59 20.01 -0.96
CA ASP D 439 -6.48 19.46 -1.99
C ASP D 439 -6.02 18.10 -2.55
N ASN D 440 -4.73 17.80 -2.46
CA ASN D 440 -4.17 16.54 -2.96
C ASN D 440 -4.17 15.40 -1.94
N LEU D 441 -4.50 15.69 -0.67
CA LEU D 441 -4.67 14.64 0.34
C LEU D 441 -6.01 13.94 0.13
N PRO D 442 -6.05 12.60 0.34
CA PRO D 442 -7.31 11.86 0.23
C PRO D 442 -8.27 12.15 1.39
N GLU D 443 -9.53 11.75 1.23
CA GLU D 443 -10.58 12.04 2.20
C GLU D 443 -10.34 11.37 3.55
N GLU D 444 -9.93 10.11 3.52
CA GLU D 444 -9.66 9.32 4.74
C GLU D 444 -8.56 9.91 5.64
N ALA D 445 -7.62 10.65 5.03
CA ALA D 445 -6.59 11.36 5.79
C ALA D 445 -7.14 12.38 6.78
N PHE D 446 -8.23 13.06 6.41
CA PHE D 446 -8.89 14.03 7.29
C PHE D 446 -9.79 13.37 8.34
N TYR D 447 -10.20 12.14 8.11
CA TYR D 447 -11.12 11.42 9.00
C TYR D 447 -10.43 10.93 10.29
N MET D 448 -11.04 11.26 11.43
CA MET D 448 -10.59 10.79 12.75
C MET D 448 -9.12 11.12 13.07
N VAL D 449 -8.83 12.42 13.15
CA VAL D 449 -7.52 12.93 13.56
C VAL D 449 -7.69 14.17 14.45
N GLY D 450 -6.59 14.59 15.07
CA GLY D 450 -6.55 15.81 15.87
C GLY D 450 -6.24 17.02 15.00
N THR D 451 -4.95 17.34 14.90
CA THR D 451 -4.48 18.53 14.17
C THR D 451 -4.40 18.26 12.67
N ILE D 452 -4.18 19.34 11.90
CA ILE D 452 -3.97 19.23 10.44
C ILE D 452 -2.64 18.54 10.11
N ASP D 453 -1.66 18.64 11.01
CA ASP D 453 -0.38 17.95 10.87
C ASP D 453 -0.55 16.42 10.85
N GLU D 454 -1.45 15.93 11.70
CA GLU D 454 -1.78 14.49 11.77
C GLU D 454 -2.46 13.97 10.49
N ALA D 455 -3.23 14.84 9.83
CA ALA D 455 -3.83 14.53 8.53
C ALA D 455 -2.80 14.39 7.41
N VAL D 456 -1.74 15.21 7.46
CA VAL D 456 -0.62 15.12 6.50
C VAL D 456 0.16 13.80 6.71
N GLU D 457 0.37 13.43 7.97
CA GLU D 457 1.02 12.16 8.32
C GLU D 457 0.18 10.93 7.96
N LYS D 458 -1.13 11.02 8.14
CA LYS D 458 -2.04 9.91 7.83
C LYS D 458 -2.13 9.61 6.32
N ALA D 459 -2.05 10.65 5.49
CA ALA D 459 -2.10 10.51 4.03
C ALA D 459 -0.95 9.68 3.45
N LYS D 460 0.20 9.69 4.13
CA LYS D 460 1.36 8.88 3.74
C LYS D 460 1.13 7.37 3.93
N LYS D 461 0.35 7.00 4.95
CA LYS D 461 -0.02 5.59 5.18
C LYS D 461 -0.94 5.03 4.09
N LEU D 462 -1.76 5.90 3.50
CA LEU D 462 -2.71 5.50 2.46
C LEU D 462 -2.04 5.53 1.10
N MET E 1 -93.16 35.88 26.83
CA MET E 1 -91.84 35.34 26.32
C MET E 1 -90.90 34.93 27.47
N ASN E 2 -89.89 34.15 27.11
CA ASN E 2 -89.12 33.38 28.08
C ASN E 2 -87.95 34.18 28.68
N LYS E 3 -87.72 33.99 29.97
CA LYS E 3 -86.66 34.68 30.71
C LYS E 3 -85.85 33.68 31.54
N GLY E 4 -84.53 33.85 31.57
CA GLY E 4 -83.63 32.91 32.24
C GLY E 4 -82.49 33.53 33.03
N ARG E 5 -81.66 32.67 33.62
CA ARG E 5 -80.52 33.07 34.45
C ARG E 5 -79.21 32.47 33.94
N ILE E 6 -78.14 33.27 33.89
CA ILE E 6 -76.81 32.77 33.55
C ILE E 6 -76.30 31.90 34.71
N ILE E 7 -76.03 30.63 34.44
CA ILE E 7 -75.44 29.72 35.44
C ILE E 7 -73.93 29.51 35.22
N GLN E 8 -73.46 29.52 33.97
CA GLN E 8 -72.03 29.43 33.67
C GLN E 8 -71.58 30.39 32.57
N VAL E 9 -70.33 30.85 32.69
CA VAL E 9 -69.65 31.65 31.67
C VAL E 9 -68.24 31.08 31.49
N MET E 10 -68.00 30.48 30.34
CA MET E 10 -66.73 29.77 30.05
C MET E 10 -66.21 30.18 28.68
N GLY E 11 -65.42 31.26 28.65
CA GLY E 11 -64.96 31.84 27.39
C GLY E 11 -66.15 32.42 26.63
N PRO E 12 -66.19 32.24 25.28
CA PRO E 12 -67.37 32.63 24.51
C PRO E 12 -68.62 31.74 24.60
N VAL E 13 -68.66 30.78 25.54
CA VAL E 13 -69.85 29.95 25.80
C VAL E 13 -70.56 30.45 27.05
N VAL E 14 -71.90 30.49 27.01
CA VAL E 14 -72.74 30.91 28.13
C VAL E 14 -73.89 29.91 28.31
N ASP E 15 -73.96 29.26 29.47
CA ASP E 15 -75.08 28.40 29.81
C ASP E 15 -76.14 29.22 30.56
N ILE E 16 -77.39 29.14 30.08
CA ILE E 16 -78.51 29.90 30.64
C ILE E 16 -79.60 28.92 31.05
N GLN E 17 -80.07 29.02 32.29
CA GLN E 17 -81.19 28.22 32.78
C GLN E 17 -82.50 28.97 32.60
N PHE E 18 -83.48 28.31 31.99
CA PHE E 18 -84.83 28.86 31.82
C PHE E 18 -85.83 28.09 32.69
N GLU E 19 -87.05 28.63 32.80
CA GLU E 19 -88.12 27.97 33.55
C GLU E 19 -88.70 26.82 32.74
N SER E 20 -89.39 25.91 33.43
CA SER E 20 -89.89 24.67 32.81
C SER E 20 -90.98 24.94 31.77
N GLY E 21 -90.87 24.27 30.63
CA GLY E 21 -91.86 24.39 29.55
C GLY E 21 -91.85 25.67 28.74
N GLN E 22 -90.81 26.50 28.92
CA GLN E 22 -90.71 27.78 28.21
C GLN E 22 -89.23 28.08 27.92
N LEU E 23 -88.67 27.27 27.02
CA LEU E 23 -87.27 27.38 26.61
C LEU E 23 -87.14 27.98 25.21
N PRO E 24 -85.98 28.59 24.90
CA PRO E 24 -85.74 29.12 23.56
C PRO E 24 -85.48 28.01 22.55
N ASP E 25 -85.94 28.20 21.32
CA ASP E 25 -85.60 27.30 20.22
C ASP E 25 -84.13 27.40 19.86
N ILE E 26 -83.62 26.35 19.21
CA ILE E 26 -82.23 26.34 18.73
C ILE E 26 -82.05 27.39 17.63
N TYR E 27 -80.91 28.07 17.67
CA TYR E 27 -80.60 29.26 16.86
C TYR E 27 -81.36 30.55 17.24
N ASN E 28 -82.06 30.58 18.38
CA ASN E 28 -82.73 31.81 18.82
C ASN E 28 -81.73 32.79 19.41
N ALA E 29 -81.90 34.07 19.09
CA ALA E 29 -81.14 35.15 19.71
C ALA E 29 -81.66 35.36 21.13
N ILE E 30 -80.74 35.47 22.09
CA ILE E 30 -81.05 35.71 23.49
C ILE E 30 -80.24 36.92 23.94
N THR E 31 -80.92 37.98 24.37
CA THR E 31 -80.26 39.23 24.80
C THR E 31 -79.99 39.21 26.31
N ILE E 32 -78.80 39.70 26.68
CA ILE E 32 -78.38 39.81 28.08
C ILE E 32 -77.88 41.24 28.32
N GLU E 33 -78.49 41.93 29.29
CA GLU E 33 -78.08 43.28 29.65
C GLU E 33 -76.78 43.23 30.45
N ARG E 34 -75.76 43.96 30.00
CA ARG E 34 -74.47 44.00 30.68
C ARG E 34 -74.56 44.88 31.94
N PRO E 35 -73.89 44.47 33.04
CA PRO E 35 -73.81 45.32 34.25
C PRO E 35 -73.22 46.72 34.06
N GLN E 36 -72.32 46.87 33.09
CA GLN E 36 -71.64 48.15 32.83
C GLN E 36 -72.09 48.82 31.51
N GLY E 37 -73.37 48.64 31.17
CA GLY E 37 -73.95 49.24 29.98
C GLY E 37 -73.76 48.39 28.73
N GLY E 38 -74.78 48.39 27.86
CA GLY E 38 -74.76 47.62 26.61
C GLY E 38 -75.51 46.31 26.72
N THR E 39 -75.60 45.60 25.59
CA THR E 39 -76.34 44.33 25.51
C THR E 39 -75.50 43.29 24.76
N LEU E 40 -75.33 42.12 25.38
CA LEU E 40 -74.74 40.95 24.72
C LEU E 40 -75.84 40.10 24.12
N THR E 41 -75.67 39.71 22.86
CA THR E 41 -76.56 38.76 22.20
C THR E 41 -75.84 37.41 22.12
N VAL E 42 -76.54 36.34 22.48
CA VAL E 42 -76.04 34.97 22.37
C VAL E 42 -77.03 34.12 21.57
N GLU E 43 -76.53 33.05 20.96
CA GLU E 43 -77.33 32.18 20.10
C GLU E 43 -77.47 30.82 20.74
N ALA E 44 -78.71 30.33 20.86
CA ALA E 44 -79.00 29.04 21.49
C ALA E 44 -78.49 27.88 20.62
N ALA E 45 -77.68 27.00 21.23
CA ALA E 45 -76.99 25.92 20.50
C ALA E 45 -77.42 24.52 20.93
N VAL E 46 -77.34 24.23 22.23
CA VAL E 46 -77.63 22.89 22.78
C VAL E 46 -78.58 22.99 23.97
N HIS E 47 -79.51 22.05 24.07
CA HIS E 47 -80.37 21.87 25.24
C HIS E 47 -79.78 20.75 26.10
N LEU E 48 -79.06 21.12 27.15
CA LEU E 48 -78.26 20.18 27.95
C LEU E 48 -79.09 19.30 28.89
N GLY E 49 -80.26 19.77 29.30
CA GLY E 49 -81.10 19.11 30.29
C GLY E 49 -81.29 19.99 31.51
N ASP E 50 -82.27 19.65 32.35
CA ASP E 50 -82.64 20.44 33.53
C ASP E 50 -82.99 21.90 33.19
N ASN E 51 -83.61 22.07 32.02
CA ASN E 51 -83.99 23.39 31.48
C ASN E 51 -82.81 24.37 31.28
N VAL E 52 -81.62 23.82 30.99
CA VAL E 52 -80.40 24.61 30.76
C VAL E 52 -80.10 24.62 29.27
N VAL E 53 -79.75 25.80 28.74
CA VAL E 53 -79.47 26.00 27.33
C VAL E 53 -78.06 26.56 27.17
N ARG E 54 -77.21 25.83 26.46
CA ARG E 54 -75.85 26.29 26.13
C ARG E 54 -75.91 27.20 24.90
N CYS E 55 -75.28 28.37 25.01
CA CYS E 55 -75.36 29.39 23.97
C CYS E 55 -73.98 29.87 23.51
N VAL E 56 -73.89 30.23 22.23
CA VAL E 56 -72.65 30.73 21.63
C VAL E 56 -72.73 32.25 21.55
N ALA E 57 -71.72 32.94 22.09
CA ALA E 57 -71.73 34.41 22.20
C ALA E 57 -71.33 35.08 20.90
N MET E 58 -72.04 36.16 20.56
CA MET E 58 -71.75 37.00 19.39
C MET E 58 -70.85 38.21 19.71
N ALA E 59 -70.53 38.40 20.99
CA ALA E 59 -69.59 39.43 21.43
C ALA E 59 -68.89 38.95 22.71
N SER E 60 -68.04 39.79 23.29
CA SER E 60 -67.25 39.43 24.48
C SER E 60 -68.12 39.06 25.67
N THR E 61 -67.66 38.06 26.43
CA THR E 61 -68.34 37.59 27.65
C THR E 61 -67.71 38.14 28.94
N ASP E 62 -66.70 39.01 28.82
CA ASP E 62 -66.09 39.66 29.99
C ASP E 62 -67.06 40.64 30.61
N GLY E 63 -67.10 40.67 31.95
CA GLY E 63 -68.02 41.50 32.70
C GLY E 63 -69.33 40.83 33.10
N LEU E 64 -69.62 39.66 32.51
CA LEU E 64 -70.83 38.91 32.84
C LEU E 64 -70.74 38.30 34.24
N VAL E 65 -71.90 38.13 34.85
CA VAL E 65 -72.02 37.64 36.22
C VAL E 65 -73.08 36.53 36.22
N ARG E 66 -72.89 35.52 37.07
CA ARG E 66 -73.86 34.44 37.21
C ARG E 66 -75.11 35.00 37.91
N GLY E 67 -76.29 34.73 37.34
CA GLY E 67 -77.57 35.18 37.89
C GLY E 67 -78.23 36.34 37.13
N LEU E 68 -77.53 36.95 36.17
CA LEU E 68 -78.11 38.03 35.36
C LEU E 68 -79.26 37.53 34.49
N GLU E 69 -80.23 38.41 34.24
CA GLU E 69 -81.40 38.08 33.43
C GLU E 69 -81.02 37.96 31.94
N ALA E 70 -81.56 36.94 31.28
CA ALA E 70 -81.36 36.71 29.86
C ALA E 70 -82.72 36.55 29.20
N VAL E 71 -83.02 37.38 28.21
CA VAL E 71 -84.33 37.44 27.57
C VAL E 71 -84.31 36.74 26.22
N ASP E 72 -85.20 35.77 26.04
CA ASP E 72 -85.40 35.10 24.75
C ASP E 72 -86.19 36.04 23.83
N THR E 73 -85.61 36.35 22.67
CA THR E 73 -86.28 37.23 21.69
C THR E 73 -87.42 36.53 20.94
N GLY E 74 -87.40 35.19 20.93
CA GLY E 74 -88.47 34.38 20.33
C GLY E 74 -88.24 34.00 18.87
N ALA E 75 -87.07 34.36 18.34
CA ALA E 75 -86.72 34.07 16.94
C ALA E 75 -85.20 34.13 16.78
N PRO E 76 -84.67 33.71 15.61
CA PRO E 76 -83.24 33.90 15.35
C PRO E 76 -82.80 35.36 15.25
N ILE E 77 -81.51 35.59 15.08
CA ILE E 77 -80.96 36.93 14.84
C ILE E 77 -81.65 37.50 13.61
N SER E 78 -82.45 38.55 13.82
CA SER E 78 -83.26 39.15 12.77
C SER E 78 -82.63 40.48 12.35
N VAL E 79 -82.49 40.67 11.04
CA VAL E 79 -81.69 41.77 10.48
C VAL E 79 -82.51 42.54 9.44
N PRO E 80 -82.24 43.86 9.28
CA PRO E 80 -83.03 44.65 8.35
C PRO E 80 -82.79 44.29 6.89
N VAL E 81 -83.80 44.49 6.06
CA VAL E 81 -83.76 44.16 4.63
C VAL E 81 -84.40 45.25 3.79
N GLY E 82 -84.11 45.25 2.50
CA GLY E 82 -84.64 46.23 1.56
C GLY E 82 -83.70 47.39 1.29
N LYS E 83 -84.24 48.47 0.74
CA LYS E 83 -83.44 49.61 0.27
C LYS E 83 -82.79 50.43 1.39
N ALA E 84 -83.27 50.29 2.63
CA ALA E 84 -82.64 50.92 3.79
C ALA E 84 -81.23 50.39 4.09
N THR E 85 -80.94 49.15 3.65
CA THR E 85 -79.62 48.55 3.82
C THR E 85 -78.56 49.05 2.82
N LEU E 86 -79.00 49.65 1.71
CA LEU E 86 -78.10 50.08 0.64
C LEU E 86 -77.24 51.28 1.07
N GLY E 87 -75.94 51.20 0.78
CA GLY E 87 -74.97 52.23 1.17
C GLY E 87 -74.58 52.23 2.64
N ARG E 88 -74.90 51.15 3.36
CA ARG E 88 -74.68 51.06 4.80
C ARG E 88 -73.75 49.90 5.14
N VAL E 89 -73.11 50.00 6.31
CA VAL E 89 -72.18 48.97 6.81
C VAL E 89 -72.76 48.38 8.09
N PHE E 90 -72.91 47.05 8.13
CA PHE E 90 -73.56 46.33 9.23
C PHE E 90 -72.64 45.35 9.95
N ASN E 91 -73.09 44.89 11.11
CA ASN E 91 -72.46 43.77 11.83
C ASN E 91 -73.34 42.52 11.71
N VAL E 92 -72.96 41.43 12.37
CA VAL E 92 -73.73 40.17 12.35
C VAL E 92 -75.20 40.33 12.81
N LEU E 93 -75.44 41.21 13.79
CA LEU E 93 -76.78 41.43 14.35
C LEU E 93 -77.67 42.38 13.51
N GLY E 94 -77.17 42.89 12.39
CA GLY E 94 -77.93 43.80 11.55
C GLY E 94 -77.96 45.24 12.04
N GLU E 95 -77.04 45.59 12.95
CA GLU E 95 -76.93 46.94 13.50
C GLU E 95 -75.92 47.72 12.67
N PRO E 96 -76.16 49.02 12.42
CA PRO E 96 -75.19 49.81 11.65
C PRO E 96 -73.90 50.09 12.43
N ILE E 97 -72.76 49.92 11.77
CA ILE E 97 -71.43 50.23 12.35
C ILE E 97 -70.72 51.39 11.63
N ASP E 98 -71.44 52.08 10.74
CA ASP E 98 -70.89 53.20 9.97
C ASP E 98 -71.10 54.59 10.62
N GLU E 99 -71.85 54.64 11.73
CA GLU E 99 -72.18 55.90 12.42
C GLU E 99 -72.89 56.91 11.51
N GLN E 100 -73.77 56.39 10.66
CA GLN E 100 -74.46 57.18 9.63
C GLN E 100 -75.97 57.27 9.89
N GLY E 101 -76.35 57.28 11.17
CA GLY E 101 -77.74 57.46 11.58
C GLY E 101 -78.60 56.22 11.51
N GLU E 102 -79.91 56.44 11.46
CA GLU E 102 -80.91 55.37 11.56
C GLU E 102 -81.05 54.58 10.27
N VAL E 103 -81.41 53.29 10.41
CA VAL E 103 -81.68 52.40 9.29
C VAL E 103 -83.18 52.10 9.29
N ASN E 104 -83.94 52.89 8.54
CA ASN E 104 -85.41 52.79 8.54
C ASN E 104 -85.91 51.80 7.49
N ALA E 105 -85.77 50.51 7.83
CA ALA E 105 -86.33 49.43 7.03
C ALA E 105 -87.73 49.11 7.56
N GLU E 106 -88.56 48.53 6.69
CA GLU E 106 -89.93 48.15 7.06
C GLU E 106 -89.97 46.77 7.73
N GLU E 107 -89.14 45.85 7.26
CA GLU E 107 -89.10 44.47 7.76
C GLU E 107 -87.73 44.07 8.28
N ARG E 108 -87.73 43.06 9.15
CA ARG E 108 -86.52 42.39 9.60
C ARG E 108 -86.72 40.89 9.41
N HIS E 109 -85.77 40.23 8.75
CA HIS E 109 -85.86 38.79 8.47
C HIS E 109 -84.82 37.98 9.26
N PRO E 110 -85.18 36.75 9.70
CA PRO E 110 -84.24 35.91 10.43
C PRO E 110 -83.15 35.33 9.53
N ILE E 111 -81.91 35.30 10.03
CA ILE E 111 -80.76 34.82 9.26
C ILE E 111 -80.69 33.29 9.12
N HIS E 112 -81.35 32.57 10.03
CA HIS E 112 -81.48 31.11 9.95
C HIS E 112 -82.80 30.77 9.25
N ARG E 113 -82.72 30.01 8.17
CA ARG E 113 -83.89 29.52 7.45
C ARG E 113 -83.52 28.36 6.52
N PRO E 114 -84.53 27.56 6.09
CA PRO E 114 -84.23 26.51 5.12
C PRO E 114 -83.95 27.06 3.72
N ALA E 115 -83.31 26.25 2.89
CA ALA E 115 -83.07 26.59 1.48
C ALA E 115 -84.41 26.60 0.71
N PRO E 116 -84.43 27.20 -0.50
CA PRO E 116 -85.67 27.22 -1.26
C PRO E 116 -86.19 25.82 -1.62
N GLU E 117 -87.51 25.68 -1.65
CA GLU E 117 -88.15 24.40 -1.92
C GLU E 117 -87.92 23.99 -3.37
N PHE E 118 -88.03 22.68 -3.63
CA PHE E 118 -87.78 22.09 -4.95
C PHE E 118 -88.62 22.74 -6.05
N GLU E 119 -89.89 23.03 -5.75
CA GLU E 119 -90.83 23.61 -6.70
C GLU E 119 -90.46 25.06 -7.11
N GLU E 120 -89.79 25.79 -6.23
CA GLU E 120 -89.37 27.17 -6.51
C GLU E 120 -88.18 27.30 -7.46
N LEU E 121 -87.36 26.25 -7.57
CA LEU E 121 -86.05 26.36 -8.25
C LEU E 121 -86.15 26.44 -9.77
N SER E 122 -85.20 27.17 -10.36
CA SER E 122 -85.00 27.21 -11.80
C SER E 122 -84.48 25.86 -12.30
N THR E 123 -84.89 25.48 -13.51
CA THR E 123 -84.61 24.13 -14.05
C THR E 123 -83.60 24.10 -15.22
N ALA E 124 -82.89 25.21 -15.45
CA ALA E 124 -81.91 25.30 -16.53
C ALA E 124 -80.90 26.42 -16.26
N ASP E 125 -79.67 26.21 -16.73
CA ASP E 125 -78.59 27.18 -16.53
C ASP E 125 -78.74 28.37 -17.48
N GLU E 126 -78.60 29.57 -16.92
CA GLU E 126 -78.61 30.82 -17.69
C GLU E 126 -77.36 31.63 -17.35
N ILE E 127 -76.69 32.14 -18.40
CA ILE E 127 -75.54 33.03 -18.21
C ILE E 127 -75.94 34.34 -17.53
N LEU E 128 -75.07 34.84 -16.65
CA LEU E 128 -75.18 36.19 -16.11
C LEU E 128 -74.12 37.03 -16.81
N GLU E 129 -74.57 37.90 -17.72
CA GLU E 129 -73.68 38.76 -18.50
C GLU E 129 -73.08 39.85 -17.60
N THR E 130 -71.78 39.72 -17.31
CA THR E 130 -71.06 40.72 -16.51
C THR E 130 -70.67 41.95 -17.33
N GLY E 131 -70.59 41.79 -18.66
CA GLY E 131 -70.08 42.85 -19.53
C GLY E 131 -68.56 42.89 -19.66
N ILE E 132 -67.88 41.95 -18.99
CA ILE E 132 -66.43 41.86 -18.97
C ILE E 132 -66.06 40.76 -19.95
N LYS E 133 -65.28 41.11 -20.97
CA LYS E 133 -65.02 40.22 -22.13
C LYS E 133 -64.38 38.87 -21.74
N VAL E 134 -63.31 38.93 -20.95
CA VAL E 134 -62.59 37.72 -20.52
C VAL E 134 -63.45 36.73 -19.73
N ILE E 135 -64.28 37.24 -18.83
CA ILE E 135 -65.14 36.40 -18.00
C ILE E 135 -66.26 35.80 -18.85
N ASP E 136 -67.03 36.65 -19.54
CA ASP E 136 -68.17 36.20 -20.34
C ASP E 136 -67.81 35.16 -21.41
N LEU E 137 -66.65 35.32 -22.06
CA LEU E 137 -66.22 34.41 -23.12
C LEU E 137 -65.68 33.09 -22.56
N LEU E 138 -64.68 33.17 -21.71
CA LEU E 138 -63.84 32.02 -21.34
C LEU E 138 -64.26 31.31 -20.05
N ALA E 139 -64.83 32.04 -19.09
CA ALA E 139 -65.27 31.46 -17.82
C ALA E 139 -66.55 32.13 -17.31
N PRO E 140 -67.66 32.01 -18.08
CA PRO E 140 -68.88 32.76 -17.78
C PRO E 140 -69.57 32.41 -16.46
N TYR E 141 -70.14 33.42 -15.81
CA TYR E 141 -70.89 33.25 -14.57
C TYR E 141 -72.30 32.75 -14.88
N ALA E 142 -72.82 31.89 -14.02
CA ALA E 142 -74.20 31.40 -14.14
C ALA E 142 -75.09 32.11 -13.14
N LYS E 143 -76.35 32.33 -13.51
CA LYS E 143 -77.35 32.87 -12.60
C LYS E 143 -77.63 31.84 -11.51
N GLY E 144 -77.51 32.25 -10.25
CA GLY E 144 -77.59 31.33 -9.11
C GLY E 144 -76.33 30.53 -8.87
N GLY E 145 -75.24 30.90 -9.54
CA GLY E 145 -73.98 30.14 -9.51
C GLY E 145 -73.04 30.64 -8.44
N LYS E 146 -71.97 29.88 -8.21
CA LYS E 146 -70.95 30.21 -7.21
C LYS E 146 -69.57 30.21 -7.87
N ILE E 147 -68.82 31.29 -7.70
CA ILE E 147 -67.54 31.49 -8.39
C ILE E 147 -66.41 31.63 -7.38
N GLY E 148 -65.35 30.83 -7.57
CA GLY E 148 -64.16 30.89 -6.72
C GLY E 148 -63.19 31.96 -7.20
N LEU E 149 -62.99 33.00 -6.40
CA LEU E 149 -62.09 34.10 -6.74
C LEU E 149 -60.70 33.88 -6.14
N PHE E 150 -59.71 33.68 -7.01
N PHE E 150 -59.71 33.68 -7.01
CA PHE E 150 -58.32 33.46 -6.59
CA PHE E 150 -58.32 33.46 -6.59
C PHE E 150 -57.43 34.59 -7.12
C PHE E 150 -57.43 34.58 -7.11
N GLY E 151 -56.43 34.96 -6.32
CA GLY E 151 -55.49 36.03 -6.70
C GLY E 151 -54.70 36.56 -5.53
N GLY E 152 -53.47 37.01 -5.80
CA GLY E 152 -52.59 37.57 -4.78
C GLY E 152 -52.96 39.00 -4.39
N ALA E 153 -52.12 39.58 -3.55
CA ALA E 153 -52.31 40.97 -3.11
C ALA E 153 -51.91 41.94 -4.22
N GLY E 154 -52.75 42.95 -4.45
CA GLY E 154 -52.50 44.00 -5.43
C GLY E 154 -52.56 43.59 -6.90
N VAL E 155 -53.54 42.74 -7.24
CA VAL E 155 -53.72 42.27 -8.63
C VAL E 155 -55.05 42.70 -9.29
N GLY E 156 -55.91 43.41 -8.56
CA GLY E 156 -57.21 43.87 -9.06
C GLY E 156 -58.42 43.09 -8.58
N LYS E 157 -58.34 42.56 -7.35
CA LYS E 157 -59.43 41.81 -6.74
C LYS E 157 -60.57 42.74 -6.32
N THR E 158 -60.24 43.81 -5.60
CA THR E 158 -61.23 44.80 -5.15
C THR E 158 -61.83 45.61 -6.31
N VAL E 159 -61.01 45.93 -7.31
CA VAL E 159 -61.47 46.64 -8.51
C VAL E 159 -62.45 45.79 -9.34
N LEU E 160 -62.16 44.49 -9.47
CA LEU E 160 -63.06 43.56 -10.17
C LEU E 160 -64.40 43.40 -9.46
N ILE E 161 -64.36 43.31 -8.13
CA ILE E 161 -65.57 43.23 -7.29
C ILE E 161 -66.45 44.47 -7.52
N GLN E 162 -65.84 45.65 -7.47
CA GLN E 162 -66.56 46.90 -7.69
C GLN E 162 -67.15 47.03 -9.10
N GLU E 163 -66.44 46.51 -10.10
CA GLU E 163 -66.93 46.56 -11.49
C GLU E 163 -68.13 45.63 -11.72
N LEU E 164 -68.11 44.45 -11.10
CA LEU E 164 -69.25 43.52 -11.16
C LEU E 164 -70.50 44.11 -10.51
N ILE E 165 -70.32 44.83 -9.40
CA ILE E 165 -71.41 45.55 -8.74
C ILE E 165 -71.98 46.62 -9.67
N ASN E 166 -71.09 47.39 -10.30
CA ASN E 166 -71.47 48.48 -11.19
C ASN E 166 -72.21 47.98 -12.44
N ASN E 167 -71.65 46.97 -13.09
CA ASN E 167 -72.19 46.46 -14.36
C ASN E 167 -73.54 45.76 -14.22
N VAL E 168 -73.71 44.97 -13.16
CA VAL E 168 -74.98 44.27 -12.90
C VAL E 168 -76.07 45.28 -12.49
N ALA E 169 -75.70 46.29 -11.70
CA ALA E 169 -76.61 47.38 -11.33
C ALA E 169 -77.02 48.24 -12.53
N GLN E 170 -76.04 48.62 -13.36
CA GLN E 170 -76.28 49.49 -14.52
C GLN E 170 -77.15 48.83 -15.60
N GLU E 171 -76.83 47.59 -15.97
CA GLU E 171 -77.47 46.93 -17.11
C GLU E 171 -78.60 45.97 -16.73
N HIS E 172 -78.40 45.17 -15.68
CA HIS E 172 -79.43 44.21 -15.23
C HIS E 172 -80.33 44.71 -14.10
N GLY E 173 -79.97 45.84 -13.48
CA GLY E 173 -80.72 46.38 -12.33
C GLY E 173 -80.68 45.50 -11.09
N GLY E 174 -79.62 44.71 -10.93
CA GLY E 174 -79.46 43.81 -9.80
C GLY E 174 -78.53 44.43 -8.79
N LEU E 175 -78.98 44.52 -7.54
CA LEU E 175 -78.18 45.09 -6.45
C LEU E 175 -77.19 44.06 -5.91
N SER E 176 -76.33 44.48 -4.98
CA SER E 176 -75.27 43.62 -4.44
C SER E 176 -75.22 43.60 -2.91
N VAL E 177 -74.52 42.61 -2.38
CA VAL E 177 -74.20 42.52 -0.95
C VAL E 177 -72.75 42.05 -0.78
N PHE E 178 -72.02 42.69 0.12
CA PHE E 178 -70.66 42.27 0.47
C PHE E 178 -70.63 41.77 1.91
N ALA E 179 -70.21 40.51 2.07
CA ALA E 179 -70.07 39.87 3.38
C ALA E 179 -68.60 39.64 3.70
N GLY E 180 -68.06 40.45 4.62
CA GLY E 180 -66.67 40.32 5.07
C GLY E 180 -66.54 39.33 6.21
N VAL E 181 -66.35 38.05 5.87
CA VAL E 181 -66.18 36.99 6.87
C VAL E 181 -64.73 37.03 7.34
N GLY E 182 -64.52 37.46 8.58
CA GLY E 182 -63.17 37.68 9.12
C GLY E 182 -62.51 38.87 8.46
N GLU E 183 -63.21 40.00 8.46
CA GLU E 183 -62.72 41.24 7.85
C GLU E 183 -61.69 41.88 8.77
N ARG E 184 -60.55 42.29 8.20
CA ARG E 184 -59.56 43.09 8.91
C ARG E 184 -60.09 44.51 8.94
N THR E 185 -60.12 45.12 10.14
CA THR E 185 -60.76 46.42 10.36
C THR E 185 -60.16 47.54 9.50
N ARG E 186 -58.84 47.51 9.34
CA ARG E 186 -58.14 48.44 8.43
C ARG E 186 -58.65 48.32 7.00
N GLU E 187 -58.81 47.08 6.53
CA GLU E 187 -59.23 46.81 5.15
C GLU E 187 -60.73 47.05 4.93
N GLY E 188 -61.54 46.88 5.98
CA GLY E 188 -62.95 47.23 5.95
C GLY E 188 -63.18 48.72 5.81
N ASN E 189 -62.36 49.51 6.51
CA ASN E 189 -62.36 50.97 6.38
C ASN E 189 -61.95 51.42 4.98
N ASP E 190 -60.91 50.79 4.43
CA ASP E 190 -60.44 51.09 3.06
C ASP E 190 -61.48 50.73 2.00
N LEU E 191 -62.09 49.56 2.14
CA LEU E 191 -63.11 49.08 1.20
C LEU E 191 -64.35 49.98 1.15
N TYR E 192 -64.77 50.45 2.34
CA TYR E 192 -65.88 51.40 2.46
C TYR E 192 -65.62 52.69 1.69
N HIS E 193 -64.44 53.28 1.91
CA HIS E 193 -64.04 54.51 1.21
C HIS E 193 -63.79 54.31 -0.28
N GLU E 194 -63.19 53.16 -0.64
CA GLU E 194 -62.98 52.81 -2.06
C GLU E 194 -64.30 52.66 -2.82
N MET E 195 -65.30 52.05 -2.18
CA MET E 195 -66.64 51.93 -2.76
C MET E 195 -67.43 53.24 -2.78
N LYS E 196 -67.15 54.15 -1.83
CA LYS E 196 -67.68 55.52 -1.88
C LYS E 196 -67.13 56.32 -3.08
N ASP E 197 -65.83 56.21 -3.32
CA ASP E 197 -65.16 56.95 -4.39
C ASP E 197 -65.60 56.49 -5.78
N SER E 198 -65.73 55.18 -5.97
CA SER E 198 -66.18 54.61 -7.24
C SER E 198 -67.68 54.83 -7.51
N GLY E 199 -68.45 55.04 -6.44
CA GLY E 199 -69.90 55.27 -6.55
C GLY E 199 -70.78 54.03 -6.40
N VAL E 200 -70.17 52.85 -6.31
CA VAL E 200 -70.92 51.59 -6.19
C VAL E 200 -71.46 51.34 -4.78
N ILE E 201 -71.06 52.17 -3.81
CA ILE E 201 -71.66 52.21 -2.46
C ILE E 201 -73.19 52.18 -2.47
N SER E 202 -73.82 52.96 -3.34
CA SER E 202 -75.29 53.07 -3.38
C SER E 202 -76.00 51.79 -3.84
N LYS E 203 -75.29 50.92 -4.56
CA LYS E 203 -75.85 49.64 -5.03
C LYS E 203 -75.53 48.45 -4.12
N THR E 204 -74.81 48.67 -3.01
CA THR E 204 -74.33 47.58 -2.15
C THR E 204 -74.64 47.81 -0.68
N SER E 205 -75.05 46.73 0.00
CA SER E 205 -75.08 46.68 1.46
C SER E 205 -73.87 45.89 1.94
N MET E 206 -73.16 46.43 2.93
CA MET E 206 -71.95 45.81 3.46
C MET E 206 -72.21 45.22 4.84
N VAL E 207 -71.67 44.03 5.09
CA VAL E 207 -71.76 43.36 6.39
C VAL E 207 -70.37 42.84 6.74
N PHE E 208 -69.82 43.28 7.88
CA PHE E 208 -68.51 42.83 8.35
C PHE E 208 -68.64 41.96 9.60
N GLY E 209 -67.99 40.79 9.56
CA GLY E 209 -67.78 39.94 10.73
C GLY E 209 -66.30 39.99 10.99
N GLN E 210 -65.89 40.98 11.77
CA GLN E 210 -64.47 41.37 11.86
C GLN E 210 -63.60 40.34 12.59
N MET E 211 -62.32 40.33 12.25
CA MET E 211 -61.34 39.36 12.80
C MET E 211 -61.37 39.28 14.33
N ASN E 212 -61.46 40.44 14.98
CA ASN E 212 -61.44 40.52 16.45
C ASN E 212 -62.79 40.25 17.16
N GLU E 213 -63.80 39.75 16.43
CA GLU E 213 -65.06 39.31 17.05
C GLU E 213 -64.99 37.82 17.38
N PRO E 214 -65.90 37.31 18.24
CA PRO E 214 -65.87 35.87 18.59
C PRO E 214 -66.21 34.93 17.42
N PRO E 215 -65.89 33.62 17.57
CA PRO E 215 -66.16 32.65 16.48
C PRO E 215 -67.63 32.57 16.05
N GLY E 216 -68.55 32.73 17.01
CA GLY E 216 -69.98 32.76 16.70
C GLY E 216 -70.39 33.89 15.76
N ALA E 217 -69.78 35.07 15.93
CA ALA E 217 -70.05 36.23 15.09
C ALA E 217 -69.59 36.01 13.65
N ARG E 218 -68.35 35.56 13.50
CA ARG E 218 -67.78 35.25 12.18
C ARG E 218 -68.42 34.04 11.48
N LEU E 219 -69.01 33.13 12.26
CA LEU E 219 -69.75 31.98 11.70
C LEU E 219 -71.06 32.37 11.04
N ARG E 220 -71.80 33.28 11.67
CA ARG E 220 -73.15 33.66 11.22
C ARG E 220 -73.22 34.91 10.33
N VAL E 221 -72.11 35.63 10.15
CA VAL E 221 -72.11 36.89 9.40
C VAL E 221 -72.45 36.72 7.91
N ALA E 222 -72.04 35.60 7.31
CA ALA E 222 -72.41 35.29 5.93
C ALA E 222 -73.92 35.12 5.77
N LEU E 223 -74.58 34.57 6.79
CA LEU E 223 -76.04 34.41 6.80
C LEU E 223 -76.78 35.76 6.87
N THR E 224 -76.18 36.74 7.56
CA THR E 224 -76.72 38.11 7.62
C THR E 224 -76.72 38.78 6.25
N GLY E 225 -75.58 38.74 5.56
CA GLY E 225 -75.45 39.23 4.20
C GLY E 225 -76.33 38.47 3.22
N LEU E 226 -76.38 37.16 3.38
CA LEU E 226 -77.23 36.28 2.57
C LEU E 226 -78.73 36.64 2.67
N THR E 227 -79.19 36.93 3.88
CA THR E 227 -80.58 37.32 4.12
C THR E 227 -80.96 38.63 3.42
N MET E 228 -80.04 39.58 3.39
CA MET E 228 -80.24 40.84 2.66
C MET E 228 -80.30 40.62 1.15
N ALA E 229 -79.44 39.73 0.65
CA ALA E 229 -79.46 39.34 -0.77
C ALA E 229 -80.74 38.60 -1.16
N GLU E 230 -81.28 37.80 -0.24
CA GLU E 230 -82.53 37.04 -0.47
C GLU E 230 -83.78 37.92 -0.63
N TYR E 231 -83.83 39.04 0.09
CA TYR E 231 -84.96 39.98 -0.04
C TYR E 231 -85.12 40.48 -1.49
N PHE E 232 -84.01 40.93 -2.08
CA PHE E 232 -84.04 41.49 -3.44
C PHE E 232 -84.35 40.44 -4.51
N ARG E 233 -83.97 39.19 -4.26
CA ARG E 233 -84.35 38.07 -5.14
C ARG E 233 -85.84 37.76 -5.01
N ASP E 234 -86.27 37.51 -3.79
CA ASP E 234 -87.62 36.98 -3.51
C ASP E 234 -88.72 38.02 -3.68
N ARG E 235 -88.48 39.24 -3.20
CA ARG E 235 -89.49 40.30 -3.23
C ARG E 235 -89.47 41.09 -4.54
N GLU E 236 -88.29 41.55 -4.96
CA GLU E 236 -88.15 42.41 -6.15
C GLU E 236 -87.66 41.69 -7.43
N GLY E 237 -87.50 40.36 -7.37
CA GLY E 237 -87.18 39.56 -8.56
C GLY E 237 -85.83 39.79 -9.21
N GLN E 238 -84.87 40.31 -8.44
CA GLN E 238 -83.57 40.71 -8.98
C GLN E 238 -82.58 39.54 -9.13
N ASP E 239 -81.66 39.69 -10.07
CA ASP E 239 -80.46 38.84 -10.15
C ASP E 239 -79.38 39.50 -9.29
N VAL E 240 -79.27 39.05 -8.04
CA VAL E 240 -78.47 39.71 -7.01
C VAL E 240 -77.04 39.15 -7.00
N LEU E 241 -76.08 39.98 -6.61
CA LEU E 241 -74.70 39.53 -6.35
C LEU E 241 -74.45 39.44 -4.84
N LEU E 242 -73.75 38.39 -4.41
CA LEU E 242 -73.36 38.21 -3.01
C LEU E 242 -71.86 37.89 -2.93
N PHE E 243 -71.07 38.85 -2.47
CA PHE E 243 -69.63 38.65 -2.31
C PHE E 243 -69.34 38.13 -0.90
N ILE E 244 -68.57 37.03 -0.82
CA ILE E 244 -68.14 36.45 0.46
C ILE E 244 -66.61 36.35 0.48
N ASP E 245 -65.98 37.12 1.35
CA ASP E 245 -64.52 37.16 1.50
C ASP E 245 -64.20 37.11 3.00
N ASN E 246 -63.64 36.02 3.55
CA ASN E 246 -63.19 34.80 2.86
C ASN E 246 -64.04 33.61 3.32
N ILE E 247 -64.43 32.75 2.38
CA ILE E 247 -65.29 31.59 2.68
C ILE E 247 -64.61 30.55 3.57
N PHE E 248 -63.28 30.46 3.53
CA PHE E 248 -62.54 29.60 4.45
C PHE E 248 -62.73 30.04 5.90
N ARG E 249 -62.72 31.35 6.15
CA ARG E 249 -62.90 31.89 7.50
C ARG E 249 -64.31 31.63 8.07
N PHE E 250 -65.30 31.40 7.20
CA PHE E 250 -66.61 30.87 7.60
C PHE E 250 -66.51 29.43 8.13
N THR E 251 -65.78 28.57 7.39
CA THR E 251 -65.50 27.20 7.82
C THR E 251 -64.66 27.17 9.10
N GLN E 252 -63.63 28.02 9.14
CA GLN E 252 -62.75 28.18 10.30
C GLN E 252 -63.54 28.55 11.56
N ALA E 253 -64.48 29.46 11.41
CA ALA E 253 -65.38 29.87 12.50
C ALA E 253 -66.23 28.71 13.01
N GLY E 254 -66.76 27.90 12.09
CA GLY E 254 -67.53 26.71 12.43
C GLY E 254 -66.73 25.68 13.22
N SER E 255 -65.48 25.47 12.82
CA SER E 255 -64.56 24.58 13.53
C SER E 255 -64.27 25.09 14.95
N GLU E 256 -64.10 26.40 15.09
CA GLU E 256 -63.87 27.04 16.38
C GLU E 256 -65.08 26.93 17.31
N VAL E 257 -66.28 27.18 16.77
CA VAL E 257 -67.54 26.99 17.52
C VAL E 257 -67.69 25.53 17.95
N SER E 258 -67.42 24.61 17.02
CA SER E 258 -67.51 23.17 17.29
C SER E 258 -66.58 22.72 18.43
N ALA E 259 -65.38 23.27 18.45
CA ALA E 259 -64.41 23.02 19.54
C ALA E 259 -64.91 23.58 20.88
N LEU E 260 -65.50 24.78 20.86
CA LEU E 260 -66.07 25.39 22.07
C LEU E 260 -67.25 24.58 22.65
N LEU E 261 -68.09 24.05 21.76
CA LEU E 261 -69.21 23.19 22.18
C LEU E 261 -68.80 21.78 22.65
N GLY E 262 -67.56 21.38 22.34
CA GLY E 262 -67.02 20.11 22.83
C GLY E 262 -67.35 18.90 21.98
N ARG E 263 -67.61 19.12 20.69
CA ARG E 263 -67.89 18.03 19.75
C ARG E 263 -66.59 17.28 19.41
N MET E 264 -66.72 16.00 19.07
CA MET E 264 -65.59 15.23 18.58
C MET E 264 -65.20 15.72 17.19
N PRO E 265 -63.91 16.06 16.97
CA PRO E 265 -63.48 16.50 15.64
C PRO E 265 -63.53 15.39 14.57
N SER E 266 -63.60 15.84 13.32
CA SER E 266 -63.64 14.95 12.15
C SER E 266 -62.24 14.90 11.54
N ALA E 267 -62.15 14.51 10.26
CA ALA E 267 -60.87 14.43 9.56
C ALA E 267 -60.19 15.79 9.44
N VAL E 268 -58.86 15.79 9.60
CA VAL E 268 -58.03 17.01 9.56
C VAL E 268 -58.49 18.07 10.59
N GLY E 269 -58.99 17.61 11.73
CA GLY E 269 -59.44 18.48 12.82
C GLY E 269 -60.66 19.36 12.58
N TYR E 270 -61.36 19.18 11.47
CA TYR E 270 -62.54 20.00 11.16
C TYR E 270 -63.76 19.51 11.93
N GLN E 271 -64.75 20.39 12.05
CA GLN E 271 -66.02 20.04 12.69
C GLN E 271 -66.72 18.89 11.95
N PRO E 272 -67.44 18.02 12.68
CA PRO E 272 -68.18 16.93 12.01
C PRO E 272 -69.34 17.41 11.15
N THR E 273 -69.84 18.62 11.43
CA THR E 273 -70.90 19.28 10.66
C THR E 273 -70.33 20.16 9.51
N LEU E 274 -69.25 19.71 8.88
CA LEU E 274 -68.54 20.52 7.86
C LEU E 274 -69.38 20.69 6.60
N ALA E 275 -69.82 19.56 6.03
CA ALA E 275 -70.63 19.57 4.82
C ALA E 275 -72.02 20.17 5.05
N THR E 276 -72.64 19.83 6.18
CA THR E 276 -73.96 20.35 6.54
C THR E 276 -73.97 21.88 6.62
N GLU E 277 -73.00 22.45 7.34
CA GLU E 277 -72.88 23.90 7.51
C GLU E 277 -72.63 24.62 6.19
N MET E 278 -71.71 24.09 5.38
CA MET E 278 -71.41 24.63 4.06
C MET E 278 -72.63 24.54 3.13
N GLY E 279 -73.28 23.37 3.11
CA GLY E 279 -74.47 23.15 2.29
C GLY E 279 -75.66 24.03 2.64
N GLN E 280 -75.90 24.22 3.93
CA GLN E 280 -76.99 25.09 4.40
C GLN E 280 -76.76 26.57 4.09
N LEU E 281 -75.50 26.99 4.02
CA LEU E 281 -75.14 28.33 3.51
C LEU E 281 -75.32 28.38 1.99
N GLN E 282 -74.67 27.46 1.29
CA GLN E 282 -74.54 27.52 -0.17
C GLN E 282 -75.82 27.26 -0.95
N GLU E 283 -76.65 26.32 -0.50
CA GLU E 283 -77.92 25.99 -1.17
C GLU E 283 -78.92 27.15 -1.24
N ARG E 284 -78.88 28.03 -0.24
CA ARG E 284 -79.68 29.26 -0.25
C ARG E 284 -79.28 30.23 -1.37
N ILE E 285 -78.01 30.19 -1.76
CA ILE E 285 -77.50 30.91 -2.93
C ILE E 285 -77.86 30.08 -4.17
N THR E 286 -78.91 30.48 -4.88
CA THR E 286 -79.40 29.73 -6.05
C THR E 286 -80.34 30.56 -6.92
N SER E 287 -80.69 30.00 -8.09
CA SER E 287 -81.62 30.60 -9.03
C SER E 287 -83.03 30.05 -8.80
N THR E 288 -83.96 30.92 -8.42
CA THR E 288 -85.38 30.58 -8.29
C THR E 288 -86.14 31.02 -9.55
N LYS E 289 -87.42 30.71 -9.60
CA LYS E 289 -88.30 31.20 -10.68
C LYS E 289 -88.43 32.73 -10.71
N LYS E 290 -88.40 33.37 -9.53
CA LYS E 290 -88.52 34.83 -9.42
C LYS E 290 -87.22 35.58 -9.70
N GLY E 291 -86.09 35.06 -9.21
CA GLY E 291 -84.78 35.69 -9.42
C GLY E 291 -83.61 34.78 -9.14
N SER E 292 -82.48 35.37 -8.76
CA SER E 292 -81.29 34.60 -8.37
C SER E 292 -80.32 35.37 -7.47
N ILE E 293 -79.44 34.62 -6.81
CA ILE E 293 -78.27 35.17 -6.10
C ILE E 293 -77.05 34.46 -6.66
N THR E 294 -76.19 35.21 -7.36
CA THR E 294 -74.90 34.69 -7.84
C THR E 294 -73.82 35.15 -6.85
N SER E 295 -72.94 34.23 -6.44
CA SER E 295 -71.96 34.52 -5.39
C SER E 295 -70.51 34.37 -5.86
N ILE E 296 -69.74 35.45 -5.71
CA ILE E 296 -68.29 35.44 -5.96
C ILE E 296 -67.62 35.27 -4.59
N GLN E 297 -66.83 34.21 -4.44
CA GLN E 297 -66.32 33.81 -3.13
C GLN E 297 -64.81 33.67 -3.12
N ALA E 298 -64.13 34.45 -2.29
CA ALA E 298 -62.69 34.35 -2.10
C ALA E 298 -62.39 33.13 -1.23
N ILE E 299 -61.46 32.28 -1.68
CA ILE E 299 -61.20 30.99 -1.02
C ILE E 299 -59.71 30.82 -0.70
N TYR E 300 -59.40 30.71 0.59
CA TYR E 300 -58.07 30.32 1.05
C TYR E 300 -57.95 28.79 1.00
N VAL E 301 -56.81 28.30 0.51
CA VAL E 301 -56.55 26.86 0.39
C VAL E 301 -55.44 26.50 1.40
N PRO E 302 -55.79 25.79 2.51
CA PRO E 302 -54.78 25.43 3.51
C PRO E 302 -53.65 24.54 2.96
N ALA E 303 -52.40 24.93 3.23
CA ALA E 303 -51.20 24.22 2.80
C ALA E 303 -51.12 23.97 1.28
N ASP E 304 -51.75 24.85 0.50
CA ASP E 304 -51.92 24.69 -0.95
C ASP E 304 -52.48 23.30 -1.35
N ASP E 305 -53.35 22.75 -0.50
CA ASP E 305 -53.92 21.41 -0.68
C ASP E 305 -55.40 21.52 -1.02
N TYR E 306 -55.73 21.30 -2.30
CA TYR E 306 -57.13 21.32 -2.77
C TYR E 306 -57.96 20.11 -2.32
N THR E 307 -57.31 19.02 -1.91
CA THR E 307 -58.00 17.86 -1.34
C THR E 307 -58.35 18.02 0.15
N ASP E 308 -57.84 19.08 0.80
CA ASP E 308 -58.18 19.41 2.18
C ASP E 308 -59.71 19.57 2.33
N PRO E 309 -60.30 19.08 3.45
CA PRO E 309 -61.77 19.14 3.61
C PRO E 309 -62.44 20.50 3.42
N ALA E 310 -61.78 21.59 3.83
CA ALA E 310 -62.36 22.93 3.68
C ALA E 310 -62.55 23.36 2.21
N PRO E 311 -61.48 23.39 1.40
CA PRO E 311 -61.66 23.72 -0.01
C PRO E 311 -62.40 22.63 -0.81
N ALA E 312 -62.16 21.35 -0.50
CA ALA E 312 -62.84 20.22 -1.16
C ALA E 312 -64.36 20.29 -1.01
N THR E 313 -64.83 20.61 0.19
CA THR E 313 -66.26 20.79 0.46
C THR E 313 -66.81 22.06 -0.21
N THR E 314 -66.00 23.11 -0.28
CA THR E 314 -66.37 24.35 -0.95
C THR E 314 -66.47 24.17 -2.47
N PHE E 315 -65.48 23.49 -3.05
CA PHE E 315 -65.44 23.21 -4.50
C PHE E 315 -66.59 22.33 -5.00
N ALA E 316 -67.20 21.55 -4.10
CA ALA E 316 -68.42 20.79 -4.42
C ALA E 316 -69.59 21.67 -4.88
N HIS E 317 -69.63 22.93 -4.42
CA HIS E 317 -70.68 23.88 -4.77
C HIS E 317 -70.32 24.86 -5.91
N LEU E 318 -69.04 25.01 -6.24
CA LEU E 318 -68.61 25.99 -7.24
C LEU E 318 -69.00 25.62 -8.67
N ASP E 319 -69.42 26.64 -9.43
CA ASP E 319 -69.75 26.52 -10.86
C ASP E 319 -68.67 27.10 -11.79
N ALA E 320 -67.76 27.91 -11.24
CA ALA E 320 -66.69 28.53 -12.03
C ALA E 320 -65.55 29.00 -11.12
N THR E 321 -64.45 29.44 -11.74
CA THR E 321 -63.35 30.07 -11.04
C THR E 321 -62.82 31.28 -11.83
N THR E 322 -62.58 32.38 -11.13
CA THR E 322 -61.93 33.57 -11.70
C THR E 322 -60.54 33.68 -11.06
N ASN E 323 -59.53 33.27 -11.83
CA ASN E 323 -58.14 33.22 -11.34
C ASN E 323 -57.34 34.43 -11.82
N LEU E 324 -57.05 35.35 -10.90
CA LEU E 324 -56.26 36.55 -11.22
C LEU E 324 -54.76 36.23 -11.14
N GLU E 325 -54.02 36.67 -12.17
CA GLU E 325 -52.58 36.38 -12.29
C GLU E 325 -51.78 37.69 -12.21
N ARG E 326 -50.73 37.69 -11.39
CA ARG E 326 -49.90 38.88 -11.18
C ARG E 326 -49.11 39.31 -12.42
N LYS E 327 -48.63 38.33 -13.20
CA LYS E 327 -47.87 38.60 -14.43
C LYS E 327 -48.65 39.39 -15.48
N LEU E 328 -49.96 39.16 -15.57
CA LEU E 328 -50.83 39.94 -16.46
C LEU E 328 -50.99 41.39 -15.98
N ALA E 329 -51.09 41.57 -14.66
CA ALA E 329 -51.16 42.92 -14.06
C ALA E 329 -49.86 43.71 -14.27
N GLU E 330 -48.72 43.02 -14.23
CA GLU E 330 -47.42 43.63 -14.52
C GLU E 330 -47.26 44.07 -15.99
N MET E 331 -47.85 43.28 -16.90
CA MET E 331 -47.88 43.64 -18.33
C MET E 331 -48.82 44.80 -18.68
N GLY E 332 -49.74 45.13 -17.77
CA GLY E 332 -50.77 46.15 -18.02
C GLY E 332 -52.09 45.57 -18.49
N ILE E 333 -52.20 44.24 -18.51
CA ILE E 333 -53.42 43.56 -18.95
C ILE E 333 -54.42 43.53 -17.78
N TYR E 334 -55.34 44.49 -17.77
CA TYR E 334 -56.42 44.56 -16.78
C TYR E 334 -57.77 44.41 -17.49
N PRO E 335 -58.72 43.63 -16.94
CA PRO E 335 -58.56 42.88 -15.70
C PRO E 335 -57.61 41.69 -15.86
N ALA E 336 -56.82 41.41 -14.83
CA ALA E 336 -55.72 40.44 -14.92
C ALA E 336 -56.19 38.99 -14.73
N VAL E 337 -57.25 38.61 -15.47
CA VAL E 337 -57.86 37.30 -15.36
C VAL E 337 -57.03 36.34 -16.22
N ASP E 338 -56.60 35.24 -15.62
CA ASP E 338 -55.86 34.20 -16.36
C ASP E 338 -56.84 33.49 -17.29
N PRO E 339 -56.66 33.65 -18.62
CA PRO E 339 -57.63 33.10 -19.57
C PRO E 339 -57.57 31.58 -19.77
N LEU E 340 -56.50 30.92 -19.30
CA LEU E 340 -56.36 29.47 -19.37
C LEU E 340 -56.71 28.77 -18.05
N ALA E 341 -56.34 29.38 -16.92
CA ALA E 341 -56.59 28.80 -15.59
C ALA E 341 -58.03 29.00 -15.10
N SER E 342 -58.66 30.11 -15.48
CA SER E 342 -60.07 30.36 -15.17
C SER E 342 -60.98 29.43 -15.97
N THR E 343 -61.96 28.82 -15.30
CA THR E 343 -62.87 27.85 -15.91
C THR E 343 -64.32 28.08 -15.50
N SER E 344 -65.24 27.45 -16.23
CA SER E 344 -66.67 27.54 -15.94
C SER E 344 -67.40 26.27 -16.39
N ARG E 345 -68.33 25.82 -15.55
CA ARG E 345 -69.17 24.65 -15.85
C ARG E 345 -70.12 24.90 -17.02
N ILE E 346 -70.58 26.14 -17.16
CA ILE E 346 -71.56 26.50 -18.20
C ILE E 346 -70.95 26.89 -19.57
N LEU E 347 -69.63 26.78 -19.72
CA LEU E 347 -68.99 26.92 -21.03
C LEU E 347 -69.23 25.65 -21.86
N SER E 348 -70.38 25.59 -22.52
CA SER E 348 -70.75 24.46 -23.37
C SER E 348 -71.76 24.87 -24.45
N PRO E 349 -71.92 24.04 -25.51
CA PRO E 349 -72.96 24.32 -26.52
C PRO E 349 -74.41 24.32 -26.03
N ALA E 350 -74.69 23.69 -24.88
CA ALA E 350 -76.05 23.67 -24.32
C ALA E 350 -76.48 25.01 -23.74
N VAL E 351 -75.64 25.60 -22.87
CA VAL E 351 -75.99 26.83 -22.16
C VAL E 351 -75.77 28.05 -23.06
N VAL E 352 -74.50 28.36 -23.36
CA VAL E 352 -74.17 29.35 -24.41
C VAL E 352 -74.30 28.65 -25.76
N GLY E 353 -74.27 29.42 -26.85
CA GLY E 353 -74.48 28.83 -28.17
C GLY E 353 -73.32 27.98 -28.68
N GLU E 354 -73.49 27.40 -29.85
CA GLU E 354 -72.45 26.62 -30.52
C GLU E 354 -71.28 27.53 -30.95
N GLU E 355 -71.60 28.75 -31.39
CA GLU E 355 -70.60 29.72 -31.84
C GLU E 355 -69.73 30.22 -30.68
N HIS E 356 -70.37 30.61 -29.58
CA HIS E 356 -69.68 31.03 -28.35
C HIS E 356 -68.63 30.00 -27.92
N TYR E 357 -69.04 28.73 -27.85
CA TYR E 357 -68.16 27.64 -27.42
C TYR E 357 -66.99 27.41 -28.39
N ARG E 358 -67.28 27.47 -29.69
CA ARG E 358 -66.26 27.31 -30.74
C ARG E 358 -65.20 28.41 -30.65
N VAL E 359 -65.66 29.66 -30.52
CA VAL E 359 -64.76 30.83 -30.42
C VAL E 359 -63.95 30.80 -29.13
N ALA E 360 -64.61 30.49 -28.01
CA ALA E 360 -63.94 30.41 -26.70
C ALA E 360 -62.84 29.35 -26.67
N ARG E 361 -63.13 28.16 -27.21
CA ARG E 361 -62.14 27.08 -27.31
C ARG E 361 -60.99 27.42 -28.27
N GLY E 362 -61.31 28.10 -29.37
CA GLY E 362 -60.31 28.58 -30.32
C GLY E 362 -59.32 29.57 -29.70
N VAL E 363 -59.86 30.51 -28.92
CA VAL E 363 -59.04 31.45 -28.14
C VAL E 363 -58.12 30.71 -27.16
N GLN E 364 -58.66 29.72 -26.45
CA GLN E 364 -57.88 28.91 -25.50
C GLN E 364 -56.75 28.12 -26.17
N GLN E 365 -57.06 27.50 -27.30
CA GLN E 365 -56.07 26.72 -28.06
C GLN E 365 -54.94 27.59 -28.63
N VAL E 366 -55.29 28.78 -29.11
CA VAL E 366 -54.30 29.77 -29.59
C VAL E 366 -53.41 30.30 -28.45
N LEU E 367 -54.04 30.67 -27.33
CA LEU E 367 -53.30 31.16 -26.16
C LEU E 367 -52.45 30.08 -25.47
N GLN E 368 -52.92 28.84 -25.50
CA GLN E 368 -52.17 27.69 -24.95
C GLN E 368 -50.91 27.41 -25.78
N ARG E 369 -51.06 27.45 -27.11
CA ARG E 369 -49.94 27.24 -28.03
C ARG E 369 -48.86 28.33 -27.86
N TYR E 370 -49.29 29.58 -27.77
CA TYR E 370 -48.39 30.71 -27.49
C TYR E 370 -47.66 30.56 -26.16
N ASN E 371 -48.37 30.05 -25.15
CA ASN E 371 -47.78 29.80 -23.83
C ASN E 371 -46.73 28.67 -23.85
N ASP E 372 -46.96 27.64 -24.67
CA ASP E 372 -46.01 26.52 -24.82
C ASP E 372 -44.71 26.92 -25.52
N LEU E 373 -44.81 27.85 -26.47
CA LEU E 373 -43.66 28.28 -27.28
C LEU E 373 -42.77 29.36 -26.62
N GLN E 374 -43.10 29.81 -25.41
CA GLN E 374 -42.36 30.87 -24.72
C GLN E 374 -40.88 30.53 -24.48
N ASP E 375 -40.62 29.28 -24.07
CA ASP E 375 -39.26 28.79 -23.87
C ASP E 375 -38.49 28.62 -25.20
N ILE E 376 -39.18 28.17 -26.25
CA ILE E 376 -38.58 28.01 -27.58
C ILE E 376 -38.26 29.38 -28.21
N ILE E 377 -39.18 30.32 -28.12
CA ILE E 377 -39.00 31.68 -28.67
C ILE E 377 -37.84 32.43 -27.99
N ALA E 378 -37.79 32.36 -26.66
CA ALA E 378 -36.80 33.12 -25.86
C ALA E 378 -35.34 32.76 -26.18
N ILE E 379 -35.08 31.49 -26.48
CA ILE E 379 -33.71 31.00 -26.71
C ILE E 379 -33.39 30.87 -28.19
N LEU E 380 -34.22 30.13 -28.93
CA LEU E 380 -33.95 29.81 -30.33
C LEU E 380 -34.27 30.99 -31.26
N GLY E 381 -35.38 31.67 -30.99
CA GLY E 381 -35.80 32.84 -31.77
C GLY E 381 -37.04 32.57 -32.60
N MET E 382 -37.52 33.63 -33.26
CA MET E 382 -38.74 33.54 -34.09
C MET E 382 -38.54 32.71 -35.37
N ASP E 383 -37.31 32.68 -35.90
CA ASP E 383 -36.98 31.86 -37.07
C ASP E 383 -37.10 30.35 -36.84
N GLU E 384 -36.98 29.92 -35.59
CA GLU E 384 -37.19 28.52 -35.20
C GLU E 384 -38.65 28.07 -35.42
N LEU E 385 -39.60 29.00 -35.23
CA LEU E 385 -41.02 28.70 -35.39
C LEU E 385 -41.38 28.47 -36.85
N SER E 386 -42.34 27.58 -37.09
CA SER E 386 -42.87 27.32 -38.43
C SER E 386 -43.83 28.44 -38.85
N ASP E 387 -44.21 28.45 -40.12
CA ASP E 387 -45.12 29.47 -40.67
C ASP E 387 -46.52 29.45 -40.01
N GLU E 388 -46.95 28.27 -39.55
CA GLU E 388 -48.22 28.14 -38.83
C GLU E 388 -48.14 28.80 -37.45
N ASP E 389 -47.05 28.56 -36.73
CA ASP E 389 -46.85 29.12 -35.38
C ASP E 389 -46.69 30.64 -35.36
N LYS E 390 -45.95 31.18 -36.33
CA LYS E 390 -45.75 32.64 -36.45
C LYS E 390 -47.07 33.42 -36.49
N LEU E 391 -48.03 32.88 -37.25
CA LEU E 391 -49.38 33.46 -37.34
C LEU E 391 -50.16 33.29 -36.03
N ILE E 392 -50.05 32.12 -35.41
CA ILE E 392 -50.69 31.82 -34.12
C ILE E 392 -50.15 32.75 -33.01
N VAL E 393 -48.83 32.95 -32.99
CA VAL E 393 -48.18 33.86 -32.04
C VAL E 393 -48.68 35.31 -32.23
N ALA E 394 -48.81 35.74 -33.49
CA ALA E 394 -49.30 37.08 -33.81
C ALA E 394 -50.75 37.29 -33.35
N ARG E 395 -51.61 36.32 -33.64
CA ARG E 395 -53.02 36.37 -33.23
C ARG E 395 -53.21 36.25 -31.72
N ALA E 396 -52.38 35.41 -31.07
CA ALA E 396 -52.41 35.25 -29.61
C ALA E 396 -52.11 36.55 -28.86
N ARG E 397 -51.13 37.30 -29.35
CA ARG E 397 -50.76 38.61 -28.79
C ARG E 397 -51.88 39.65 -28.98
N LYS E 398 -52.55 39.60 -30.12
CA LYS E 398 -53.74 40.43 -30.37
C LYS E 398 -54.92 40.02 -29.47
N ILE E 399 -55.13 38.72 -29.37
CA ILE E 399 -56.16 38.13 -28.49
C ILE E 399 -55.94 38.50 -27.02
N GLN E 400 -54.69 38.40 -26.55
CA GLN E 400 -54.35 38.73 -25.16
C GLN E 400 -54.62 40.21 -24.82
N ARG E 401 -54.40 41.09 -25.79
CA ARG E 401 -54.70 42.53 -25.62
C ARG E 401 -56.19 42.85 -25.73
N PHE E 402 -56.91 42.14 -26.61
CA PHE E 402 -58.36 42.32 -26.73
C PHE E 402 -59.13 41.78 -25.51
N LEU E 403 -58.53 40.83 -24.77
CA LEU E 403 -59.09 40.37 -23.49
C LEU E 403 -59.03 41.42 -22.38
N SER E 404 -58.10 42.38 -22.48
CA SER E 404 -58.08 43.53 -21.56
C SER E 404 -59.26 44.46 -21.81
N GLN E 405 -59.56 45.31 -20.85
CA GLN E 405 -60.76 46.15 -20.91
C GLN E 405 -60.70 47.32 -19.92
N PRO E 406 -61.10 48.54 -20.37
CA PRO E 406 -61.19 49.67 -19.45
C PRO E 406 -62.46 49.59 -18.59
N PHE E 407 -62.29 49.80 -17.29
CA PHE E 407 -63.37 49.63 -16.29
C PHE E 407 -63.93 50.97 -15.85
N HIS E 408 -65.24 51.03 -15.65
CA HIS E 408 -65.92 52.22 -15.11
C HIS E 408 -65.33 52.64 -13.75
N VAL E 409 -65.02 51.66 -12.91
CA VAL E 409 -64.43 51.89 -11.60
C VAL E 409 -62.97 52.34 -11.68
N ALA E 410 -62.24 51.85 -12.69
CA ALA E 410 -60.82 52.17 -12.87
C ALA E 410 -60.56 53.28 -13.90
N GLU E 411 -61.38 54.32 -13.91
CA GLU E 411 -61.14 55.49 -14.76
C GLU E 411 -59.98 56.34 -14.24
N GLN E 412 -59.84 56.40 -12.91
CA GLN E 412 -58.71 57.07 -12.26
C GLN E 412 -57.34 56.45 -12.62
N PHE E 413 -57.30 55.13 -12.79
CA PHE E 413 -56.05 54.41 -13.05
C PHE E 413 -55.67 54.43 -14.53
N THR E 414 -56.62 54.04 -15.39
CA THR E 414 -56.38 53.95 -16.84
C THR E 414 -56.45 55.31 -17.54
N GLY E 415 -57.40 56.15 -17.14
CA GLY E 415 -57.62 57.46 -17.75
C GLY E 415 -58.84 57.50 -18.65
N MET E 416 -59.01 56.45 -19.46
CA MET E 416 -60.13 56.33 -20.41
C MET E 416 -61.45 56.05 -19.68
N PRO E 417 -62.60 56.35 -20.32
CA PRO E 417 -63.90 55.95 -19.76
C PRO E 417 -64.15 54.45 -19.87
N GLY E 418 -64.95 53.92 -18.94
CA GLY E 418 -65.23 52.48 -18.88
C GLY E 418 -66.13 51.98 -20.01
N LYS E 419 -66.12 50.66 -20.21
CA LYS E 419 -66.86 50.01 -21.29
C LYS E 419 -67.60 48.77 -20.80
N TYR E 420 -68.87 48.65 -21.16
CA TYR E 420 -69.65 47.43 -21.02
C TYR E 420 -69.74 46.80 -22.41
N VAL E 421 -69.23 45.58 -22.55
CA VAL E 421 -69.24 44.86 -23.83
C VAL E 421 -70.21 43.67 -23.70
N PRO E 422 -71.32 43.66 -24.48
CA PRO E 422 -72.21 42.49 -24.52
C PRO E 422 -71.54 41.19 -24.99
N VAL E 423 -72.19 40.06 -24.72
CA VAL E 423 -71.65 38.73 -25.07
C VAL E 423 -71.52 38.57 -26.58
N LYS E 424 -72.56 38.93 -27.32
CA LYS E 424 -72.55 38.83 -28.78
C LYS E 424 -71.42 39.60 -29.44
N GLU E 425 -71.14 40.80 -28.93
CA GLU E 425 -70.00 41.61 -29.40
C GLU E 425 -68.64 40.98 -29.05
N THR E 426 -68.55 40.42 -27.84
CA THR E 426 -67.34 39.71 -27.40
C THR E 426 -67.07 38.48 -28.28
N VAL E 427 -68.10 37.67 -28.51
CA VAL E 427 -67.97 36.48 -29.37
C VAL E 427 -67.57 36.87 -30.79
N ARG E 428 -68.24 37.89 -31.34
CA ARG E 428 -67.95 38.38 -32.70
C ARG E 428 -66.52 38.92 -32.84
N GLY E 429 -66.06 39.66 -31.84
CA GLY E 429 -64.72 40.26 -31.86
C GLY E 429 -63.58 39.26 -31.90
N PHE E 430 -63.63 38.28 -31.00
CA PHE E 430 -62.63 37.20 -30.95
C PHE E 430 -62.76 36.22 -32.11
N LYS E 431 -63.98 36.03 -32.62
CA LYS E 431 -64.21 35.23 -33.84
C LYS E 431 -63.46 35.83 -35.03
N GLU E 432 -63.66 37.14 -35.25
CA GLU E 432 -63.02 37.86 -36.35
C GLU E 432 -61.48 37.85 -36.29
N ILE E 433 -60.92 37.88 -35.07
CA ILE E 433 -59.47 37.78 -34.88
C ILE E 433 -58.96 36.38 -35.24
N LEU E 434 -59.67 35.34 -34.82
CA LEU E 434 -59.32 33.95 -35.15
C LEU E 434 -59.43 33.65 -36.65
N GLU E 435 -60.44 34.23 -37.30
CA GLU E 435 -60.61 34.09 -38.76
C GLU E 435 -59.55 34.83 -39.58
N GLY E 436 -58.90 35.83 -38.98
CA GLY E 436 -57.80 36.55 -39.60
C GLY E 436 -58.19 37.85 -40.30
N LYS E 437 -59.34 38.42 -39.91
CA LYS E 437 -59.85 39.65 -40.51
C LYS E 437 -59.03 40.88 -40.10
N HIS E 438 -58.44 40.84 -38.90
CA HIS E 438 -57.69 41.97 -38.34
C HIS E 438 -56.20 41.67 -38.13
N ASP E 439 -55.63 40.80 -38.96
CA ASP E 439 -54.19 40.45 -38.86
C ASP E 439 -53.27 41.64 -39.16
N ASN E 440 -53.68 42.49 -40.09
CA ASN E 440 -52.85 43.61 -40.56
C ASN E 440 -52.86 44.83 -39.63
N LEU E 441 -53.78 44.88 -38.65
CA LEU E 441 -53.83 45.97 -37.67
C LEU E 441 -52.70 45.84 -36.63
N PRO E 442 -52.25 46.97 -36.06
CA PRO E 442 -51.21 46.92 -35.03
C PRO E 442 -51.73 46.41 -33.67
N GLU E 443 -50.83 45.94 -32.83
CA GLU E 443 -51.19 45.28 -31.57
C GLU E 443 -51.74 46.23 -30.50
N GLU E 444 -51.26 47.49 -30.51
CA GLU E 444 -51.74 48.54 -29.61
C GLU E 444 -53.22 48.87 -29.82
N ALA E 445 -53.73 48.67 -31.04
CA ALA E 445 -55.16 48.89 -31.37
C ALA E 445 -56.11 48.00 -30.56
N PHE E 446 -55.71 46.76 -30.30
CA PHE E 446 -56.53 45.81 -29.54
C PHE E 446 -56.48 46.04 -28.02
N TYR E 447 -55.46 46.75 -27.55
CA TYR E 447 -55.27 47.01 -26.12
C TYR E 447 -56.24 48.09 -25.59
N MET E 448 -56.90 47.77 -24.47
CA MET E 448 -57.78 48.68 -23.74
C MET E 448 -58.88 49.34 -24.59
N VAL E 449 -59.76 48.48 -25.11
CA VAL E 449 -60.95 48.92 -25.85
C VAL E 449 -62.15 48.03 -25.49
N GLY E 450 -63.34 48.46 -25.91
CA GLY E 450 -64.57 47.69 -25.73
C GLY E 450 -64.77 46.70 -26.85
N THR E 451 -65.59 47.09 -27.82
CA THR E 451 -65.93 46.23 -28.96
C THR E 451 -64.81 46.17 -30.00
N ILE E 452 -64.96 45.28 -30.97
CA ILE E 452 -64.02 45.15 -32.10
C ILE E 452 -64.03 46.41 -33.00
N ASP E 453 -65.15 47.11 -33.06
CA ASP E 453 -65.27 48.38 -33.79
C ASP E 453 -64.38 49.48 -33.20
N GLU E 454 -64.25 49.50 -31.87
CA GLU E 454 -63.36 50.44 -31.17
C GLU E 454 -61.87 50.17 -31.42
N ALA E 455 -61.52 48.89 -31.65
CA ALA E 455 -60.16 48.52 -32.03
C ALA E 455 -59.80 49.01 -33.43
N VAL E 456 -60.73 48.85 -34.37
CA VAL E 456 -60.57 49.37 -35.74
C VAL E 456 -60.52 50.90 -35.74
N GLU E 457 -61.35 51.53 -34.90
CA GLU E 457 -61.36 52.99 -34.72
C GLU E 457 -60.06 53.51 -34.12
N LYS E 458 -59.43 52.73 -33.23
CA LYS E 458 -58.14 53.10 -32.64
C LYS E 458 -56.97 52.98 -33.63
N ALA E 459 -57.08 52.08 -34.61
CA ALA E 459 -56.01 51.80 -35.57
C ALA E 459 -55.62 53.00 -36.45
N LYS E 460 -56.60 53.81 -36.86
CA LYS E 460 -56.33 55.01 -37.66
C LYS E 460 -55.58 56.10 -36.88
N LYS E 461 -55.83 56.18 -35.57
CA LYS E 461 -55.17 57.16 -34.70
C LYS E 461 -53.70 56.82 -34.43
N LEU E 462 -53.33 55.53 -34.52
CA LEU E 462 -51.94 55.10 -34.40
C LEU E 462 -51.20 55.33 -35.71
N MET F 1 -85.03 -24.28 31.99
CA MET F 1 -84.54 -23.13 31.17
C MET F 1 -84.78 -21.81 31.90
N ASN F 2 -83.70 -21.10 32.22
CA ASN F 2 -83.78 -19.86 33.00
C ASN F 2 -84.22 -18.68 32.12
N LYS F 3 -85.10 -17.84 32.67
CA LYS F 3 -85.69 -16.71 31.95
C LYS F 3 -84.97 -15.40 32.29
N GLY F 4 -84.97 -14.47 31.34
CA GLY F 4 -84.42 -13.11 31.53
C GLY F 4 -85.24 -12.05 30.82
N ARG F 5 -85.03 -10.79 31.19
CA ARG F 5 -85.77 -9.65 30.63
C ARG F 5 -84.84 -8.65 29.95
N ILE F 6 -85.21 -8.16 28.77
CA ILE F 6 -84.41 -7.14 28.06
C ILE F 6 -84.50 -5.79 28.78
N ILE F 7 -83.35 -5.21 29.06
CA ILE F 7 -83.23 -3.88 29.69
C ILE F 7 -82.84 -2.82 28.66
N GLN F 8 -81.85 -3.11 27.83
CA GLN F 8 -81.39 -2.19 26.78
C GLN F 8 -81.17 -2.88 25.44
N VAL F 9 -81.35 -2.11 24.36
CA VAL F 9 -81.03 -2.54 22.99
C VAL F 9 -80.21 -1.40 22.36
N MET F 10 -78.98 -1.71 21.95
CA MET F 10 -78.05 -0.70 21.43
C MET F 10 -77.33 -1.25 20.20
N GLY F 11 -77.99 -1.14 19.05
CA GLY F 11 -77.47 -1.69 17.79
C GLY F 11 -77.41 -3.21 17.86
N PRO F 12 -76.23 -3.81 17.65
CA PRO F 12 -76.10 -5.26 17.81
C PRO F 12 -75.87 -5.73 19.26
N VAL F 13 -75.85 -4.81 20.23
CA VAL F 13 -75.69 -5.15 21.65
C VAL F 13 -77.04 -5.13 22.38
N VAL F 14 -77.26 -6.12 23.24
CA VAL F 14 -78.49 -6.25 24.05
C VAL F 14 -78.13 -6.58 25.50
N ASP F 15 -78.63 -5.77 26.44
CA ASP F 15 -78.47 -6.03 27.88
C ASP F 15 -79.71 -6.77 28.40
N ILE F 16 -79.48 -7.88 29.11
CA ILE F 16 -80.57 -8.73 29.62
C ILE F 16 -80.43 -8.96 31.12
N GLN F 17 -81.49 -8.66 31.87
CA GLN F 17 -81.56 -8.85 33.33
C GLN F 17 -82.02 -10.26 33.64
N PHE F 18 -81.20 -11.00 34.39
CA PHE F 18 -81.56 -12.33 34.90
C PHE F 18 -81.75 -12.31 36.41
N GLU F 19 -82.45 -13.32 36.93
CA GLU F 19 -82.64 -13.48 38.37
C GLU F 19 -81.37 -13.97 39.05
N SER F 20 -81.23 -13.65 40.34
CA SER F 20 -80.00 -13.96 41.09
C SER F 20 -79.76 -15.47 41.20
N GLY F 21 -78.54 -15.89 40.83
CA GLY F 21 -78.17 -17.32 40.80
C GLY F 21 -78.30 -17.99 39.44
N GLN F 22 -79.07 -17.40 38.53
CA GLN F 22 -79.34 -17.97 37.20
C GLN F 22 -78.65 -17.16 36.08
N LEU F 23 -77.43 -16.70 36.35
CA LEU F 23 -76.71 -15.81 35.43
C LEU F 23 -75.98 -16.64 34.36
N PRO F 24 -76.30 -16.41 33.06
CA PRO F 24 -75.60 -17.16 32.01
C PRO F 24 -74.10 -16.85 31.91
N ASP F 25 -73.32 -17.88 31.54
CA ASP F 25 -71.87 -17.75 31.39
C ASP F 25 -71.53 -16.95 30.13
N ILE F 26 -70.28 -16.51 30.03
CA ILE F 26 -69.79 -15.80 28.84
C ILE F 26 -69.74 -16.79 27.67
N TYR F 27 -70.06 -16.29 26.48
CA TYR F 27 -70.18 -17.08 25.24
C TYR F 27 -71.42 -17.99 25.11
N ASN F 28 -72.34 -17.95 26.08
CA ASN F 28 -73.56 -18.78 26.01
C ASN F 28 -74.57 -18.19 25.03
N ALA F 29 -75.23 -19.07 24.27
CA ALA F 29 -76.30 -18.67 23.37
C ALA F 29 -77.58 -18.38 24.17
N ILE F 30 -78.27 -17.30 23.81
CA ILE F 30 -79.51 -16.89 24.45
C ILE F 30 -80.53 -16.61 23.33
N THR F 31 -81.70 -17.25 23.40
CA THR F 31 -82.75 -17.06 22.40
C THR F 31 -83.81 -16.07 22.90
N ILE F 32 -84.28 -15.21 21.99
CA ILE F 32 -85.34 -14.23 22.27
C ILE F 32 -86.39 -14.36 21.17
N GLU F 33 -87.65 -14.59 21.55
CA GLU F 33 -88.76 -14.61 20.61
C GLU F 33 -89.12 -13.18 20.22
N ARG F 34 -89.17 -12.91 18.92
CA ARG F 34 -89.47 -11.57 18.42
C ARG F 34 -90.98 -11.28 18.53
N PRO F 35 -91.36 -9.99 18.68
CA PRO F 35 -92.78 -9.62 18.53
C PRO F 35 -93.33 -9.78 17.11
N GLN F 36 -92.45 -9.77 16.11
CA GLN F 36 -92.82 -9.93 14.70
C GLN F 36 -92.75 -11.40 14.22
N GLY F 37 -92.56 -12.34 15.15
CA GLY F 37 -92.39 -13.76 14.81
C GLY F 37 -90.94 -14.10 14.54
N GLY F 38 -90.58 -15.36 14.78
CA GLY F 38 -89.21 -15.83 14.62
C GLY F 38 -88.39 -15.63 15.88
N THR F 39 -87.21 -16.25 15.90
CA THR F 39 -86.31 -16.24 17.06
C THR F 39 -85.00 -15.54 16.72
N LEU F 40 -84.54 -14.70 17.66
CA LEU F 40 -83.24 -14.04 17.56
C LEU F 40 -82.28 -14.70 18.55
N THR F 41 -81.19 -15.26 18.03
CA THR F 41 -80.12 -15.81 18.87
C THR F 41 -79.15 -14.70 19.24
N VAL F 42 -78.67 -14.73 20.49
CA VAL F 42 -77.87 -13.67 21.09
C VAL F 42 -76.78 -14.34 21.94
N GLU F 43 -75.58 -13.74 21.97
CA GLU F 43 -74.40 -14.34 22.60
C GLU F 43 -73.89 -13.50 23.77
N ALA F 44 -73.83 -14.09 24.96
CA ALA F 44 -73.39 -13.39 26.18
C ALA F 44 -71.90 -13.02 26.10
N ALA F 45 -71.60 -11.77 26.45
CA ALA F 45 -70.24 -11.21 26.29
C ALA F 45 -69.64 -10.72 27.62
N VAL F 46 -70.34 -9.80 28.28
CA VAL F 46 -69.85 -9.14 29.49
C VAL F 46 -70.88 -9.26 30.62
N HIS F 47 -70.39 -9.43 31.84
CA HIS F 47 -71.23 -9.34 33.05
C HIS F 47 -71.09 -7.93 33.63
N LEU F 48 -72.13 -7.11 33.46
CA LEU F 48 -72.11 -5.70 33.86
C LEU F 48 -72.27 -5.49 35.36
N GLY F 49 -72.94 -6.41 36.04
CA GLY F 49 -73.29 -6.28 37.46
C GLY F 49 -74.78 -6.22 37.65
N ASP F 50 -75.22 -6.44 38.89
CA ASP F 50 -76.65 -6.52 39.25
C ASP F 50 -77.42 -7.58 38.46
N ASN F 51 -76.74 -8.70 38.17
CA ASN F 51 -77.27 -9.82 37.39
C ASN F 51 -77.73 -9.44 35.97
N VAL F 52 -77.03 -8.47 35.36
CA VAL F 52 -77.30 -8.01 34.00
C VAL F 52 -76.17 -8.51 33.10
N VAL F 53 -76.53 -9.15 31.98
CA VAL F 53 -75.54 -9.65 31.00
C VAL F 53 -75.64 -8.84 29.70
N ARG F 54 -74.51 -8.25 29.30
CA ARG F 54 -74.41 -7.56 28.01
C ARG F 54 -74.08 -8.59 26.95
N CYS F 55 -74.86 -8.61 25.87
CA CYS F 55 -74.75 -9.64 24.84
C CYS F 55 -74.58 -9.05 23.44
N VAL F 56 -74.13 -9.88 22.51
CA VAL F 56 -73.94 -9.52 21.11
C VAL F 56 -74.93 -10.33 20.27
N ALA F 57 -75.77 -9.65 19.49
CA ALA F 57 -76.80 -10.29 18.68
C ALA F 57 -76.21 -10.89 17.40
N MET F 58 -76.69 -12.09 17.03
CA MET F 58 -76.27 -12.76 15.80
C MET F 58 -77.10 -12.37 14.57
N ALA F 59 -78.16 -11.59 14.78
CA ALA F 59 -78.98 -11.05 13.69
C ALA F 59 -79.50 -9.66 14.10
N SER F 60 -80.35 -9.06 13.24
CA SER F 60 -80.88 -7.71 13.49
C SER F 60 -81.67 -7.60 14.81
N THR F 61 -81.50 -6.46 15.48
CA THR F 61 -82.21 -6.15 16.73
C THR F 61 -83.39 -5.18 16.53
N ASP F 62 -83.65 -4.75 15.30
CA ASP F 62 -84.81 -3.91 14.99
C ASP F 62 -86.10 -4.70 15.25
N GLY F 63 -87.08 -4.04 15.88
CA GLY F 63 -88.33 -4.68 16.29
C GLY F 63 -88.38 -5.14 17.74
N LEU F 64 -87.23 -5.25 18.40
CA LEU F 64 -87.16 -5.63 19.81
C LEU F 64 -87.69 -4.52 20.72
N VAL F 65 -88.26 -4.94 21.85
CA VAL F 65 -88.84 -4.05 22.85
C VAL F 65 -88.25 -4.43 24.21
N ARG F 66 -88.16 -3.45 25.11
CA ARG F 66 -87.68 -3.70 26.48
C ARG F 66 -88.72 -4.51 27.26
N GLY F 67 -88.23 -5.48 28.04
CA GLY F 67 -89.09 -6.35 28.86
C GLY F 67 -89.41 -7.71 28.27
N LEU F 68 -88.98 -7.97 27.02
CA LEU F 68 -89.22 -9.28 26.38
C LEU F 68 -88.45 -10.40 27.05
N GLU F 69 -89.01 -11.60 27.00
CA GLU F 69 -88.41 -12.77 27.62
C GLU F 69 -87.20 -13.26 26.82
N ALA F 70 -86.15 -13.64 27.53
CA ALA F 70 -84.93 -14.21 26.94
C ALA F 70 -84.60 -15.53 27.63
N VAL F 71 -84.36 -16.57 26.85
CA VAL F 71 -84.14 -17.93 27.36
C VAL F 71 -82.66 -18.32 27.21
N ASP F 72 -82.02 -18.62 28.34
CA ASP F 72 -80.64 -19.13 28.35
C ASP F 72 -80.65 -20.61 27.92
N THR F 73 -79.90 -20.92 26.86
CA THR F 73 -79.79 -22.30 26.36
C THR F 73 -78.88 -23.18 27.23
N GLY F 74 -78.00 -22.54 28.02
CA GLY F 74 -77.13 -23.24 28.95
C GLY F 74 -75.76 -23.63 28.38
N ALA F 75 -75.49 -23.20 27.15
CA ALA F 75 -74.23 -23.52 26.46
C ALA F 75 -73.98 -22.52 25.31
N PRO F 76 -72.77 -22.53 24.71
CA PRO F 76 -72.53 -21.68 23.53
C PRO F 76 -73.31 -22.12 22.29
N ILE F 77 -73.24 -21.28 21.25
CA ILE F 77 -73.84 -21.59 19.95
C ILE F 77 -73.24 -22.92 19.50
N SER F 78 -74.11 -23.91 19.25
CA SER F 78 -73.68 -25.26 18.91
C SER F 78 -74.16 -25.62 17.51
N VAL F 79 -73.29 -26.28 16.75
CA VAL F 79 -73.49 -26.47 15.32
C VAL F 79 -73.21 -27.92 14.90
N PRO F 80 -73.83 -28.40 13.79
CA PRO F 80 -73.61 -29.80 13.37
C PRO F 80 -72.17 -30.08 12.93
N VAL F 81 -71.72 -31.31 13.16
CA VAL F 81 -70.38 -31.76 12.77
C VAL F 81 -70.42 -33.18 12.20
N GLY F 82 -69.44 -33.52 11.37
CA GLY F 82 -69.29 -34.86 10.80
C GLY F 82 -69.72 -34.96 9.35
N LYS F 83 -70.09 -36.17 8.94
CA LYS F 83 -70.41 -36.47 7.53
C LYS F 83 -71.69 -35.80 7.03
N ALA F 84 -72.60 -35.47 7.94
CA ALA F 84 -73.85 -34.78 7.59
C ALA F 84 -73.64 -33.35 7.06
N THR F 85 -72.54 -32.71 7.46
CA THR F 85 -72.20 -31.36 6.98
C THR F 85 -71.63 -31.33 5.55
N LEU F 86 -71.10 -32.46 5.08
CA LEU F 86 -70.53 -32.55 3.72
C LEU F 86 -71.60 -32.40 2.65
N GLY F 87 -71.32 -31.58 1.63
CA GLY F 87 -72.27 -31.27 0.57
C GLY F 87 -73.37 -30.30 0.94
N ARG F 88 -73.24 -29.62 2.10
CA ARG F 88 -74.29 -28.75 2.63
C ARG F 88 -73.78 -27.33 2.86
N VAL F 89 -74.71 -26.39 2.88
CA VAL F 89 -74.43 -24.96 3.03
C VAL F 89 -75.08 -24.47 4.33
N PHE F 90 -74.31 -23.82 5.19
CA PHE F 90 -74.75 -23.41 6.53
C PHE F 90 -74.65 -21.89 6.75
N ASN F 91 -75.26 -21.43 7.84
CA ASN F 91 -75.11 -20.05 8.33
C ASN F 91 -74.35 -20.07 9.68
N VAL F 92 -74.22 -18.90 10.31
CA VAL F 92 -73.51 -18.77 11.60
C VAL F 92 -74.03 -19.71 12.71
N LEU F 93 -75.35 -19.93 12.75
CA LEU F 93 -75.98 -20.79 13.77
C LEU F 93 -75.93 -22.30 13.47
N GLY F 94 -75.34 -22.70 12.34
CA GLY F 94 -75.29 -24.10 11.94
C GLY F 94 -76.60 -24.62 11.36
N GLU F 95 -77.46 -23.71 10.90
CA GLU F 95 -78.73 -24.06 10.28
C GLU F 95 -78.52 -24.15 8.77
N PRO F 96 -79.17 -25.12 8.10
CA PRO F 96 -78.98 -25.25 6.65
C PRO F 96 -79.67 -24.12 5.88
N ILE F 97 -78.96 -23.55 4.90
CA ILE F 97 -79.49 -22.48 4.04
C ILE F 97 -79.49 -22.89 2.55
N ASP F 98 -79.42 -24.19 2.29
CA ASP F 98 -79.40 -24.73 0.91
C ASP F 98 -80.75 -25.28 0.44
N GLU F 99 -81.75 -25.30 1.34
CA GLU F 99 -83.08 -25.84 1.06
C GLU F 99 -83.05 -27.32 0.63
N GLN F 100 -82.21 -28.11 1.30
CA GLN F 100 -82.09 -29.54 1.04
C GLN F 100 -82.53 -30.35 2.27
N GLY F 101 -83.60 -29.89 2.92
CA GLY F 101 -84.14 -30.55 4.11
C GLY F 101 -83.27 -30.41 5.35
N GLU F 102 -83.61 -31.18 6.38
CA GLU F 102 -82.87 -31.15 7.65
C GLU F 102 -81.50 -31.81 7.54
N VAL F 103 -80.59 -31.41 8.43
CA VAL F 103 -79.25 -31.97 8.52
C VAL F 103 -79.26 -32.98 9.65
N ASN F 104 -79.37 -34.26 9.30
CA ASN F 104 -79.43 -35.34 10.30
C ASN F 104 -78.03 -35.66 10.83
N ALA F 105 -77.55 -34.81 11.74
CA ALA F 105 -76.25 -34.95 12.38
C ALA F 105 -76.44 -35.35 13.84
N GLU F 106 -75.61 -36.29 14.31
CA GLU F 106 -75.69 -36.82 15.68
C GLU F 106 -75.33 -35.77 16.72
N GLU F 107 -74.12 -35.23 16.60
CA GLU F 107 -73.53 -34.32 17.58
C GLU F 107 -73.63 -32.85 17.18
N ARG F 108 -73.78 -32.00 18.19
CA ARG F 108 -73.67 -30.55 18.04
C ARG F 108 -72.52 -30.06 18.94
N HIS F 109 -71.46 -29.55 18.31
CA HIS F 109 -70.27 -29.07 19.03
C HIS F 109 -70.35 -27.55 19.20
N PRO F 110 -69.88 -27.03 20.36
CA PRO F 110 -69.89 -25.58 20.58
C PRO F 110 -68.83 -24.85 19.75
N ILE F 111 -69.18 -23.70 19.19
CA ILE F 111 -68.26 -22.94 18.32
C ILE F 111 -67.10 -22.28 19.06
N HIS F 112 -67.24 -22.10 20.37
CA HIS F 112 -66.15 -21.58 21.22
C HIS F 112 -65.46 -22.70 21.99
N ARG F 113 -64.13 -22.67 21.99
CA ARG F 113 -63.32 -23.62 22.76
C ARG F 113 -61.88 -23.12 22.89
N PRO F 114 -61.09 -23.68 23.83
CA PRO F 114 -59.68 -23.31 23.90
C PRO F 114 -58.86 -23.83 22.71
N ALA F 115 -57.68 -23.25 22.53
CA ALA F 115 -56.76 -23.70 21.48
C ALA F 115 -56.16 -25.06 21.86
N PRO F 116 -55.63 -25.82 20.86
CA PRO F 116 -54.95 -27.08 21.19
C PRO F 116 -53.73 -26.88 22.09
N GLU F 117 -53.45 -27.90 22.91
CA GLU F 117 -52.28 -27.89 23.79
C GLU F 117 -50.97 -27.95 22.99
N PHE F 118 -49.89 -27.49 23.60
CA PHE F 118 -48.56 -27.46 22.97
C PHE F 118 -48.12 -28.84 22.45
N GLU F 119 -48.32 -29.87 23.27
CA GLU F 119 -47.95 -31.25 22.91
C GLU F 119 -48.75 -31.85 21.73
N GLU F 120 -49.96 -31.34 21.51
CA GLU F 120 -50.79 -31.77 20.37
C GLU F 120 -50.30 -31.25 19.01
N LEU F 121 -49.51 -30.18 19.00
CA LEU F 121 -49.15 -29.48 17.76
C LEU F 121 -48.18 -30.25 16.87
N SER F 122 -48.25 -29.95 15.57
CA SER F 122 -47.44 -30.61 14.54
C SER F 122 -46.94 -29.59 13.53
N THR F 123 -45.62 -29.45 13.40
CA THR F 123 -45.00 -28.47 12.50
C THR F 123 -45.04 -28.93 11.04
N ALA F 124 -45.33 -27.99 10.14
CA ALA F 124 -45.46 -28.26 8.70
C ALA F 124 -44.15 -27.97 7.96
N ASP F 125 -43.43 -29.02 7.57
CA ASP F 125 -42.12 -28.90 6.91
C ASP F 125 -42.07 -29.70 5.60
N GLU F 126 -43.06 -29.46 4.75
CA GLU F 126 -43.18 -30.17 3.47
C GLU F 126 -43.90 -29.27 2.46
N ILE F 127 -43.33 -29.13 1.25
CA ILE F 127 -43.90 -28.26 0.22
C ILE F 127 -45.25 -28.76 -0.33
N LEU F 128 -46.16 -27.82 -0.58
CA LEU F 128 -47.43 -28.08 -1.27
C LEU F 128 -47.39 -27.38 -2.63
N GLU F 129 -47.32 -28.17 -3.71
CA GLU F 129 -47.28 -27.65 -5.07
C GLU F 129 -48.62 -27.03 -5.46
N THR F 130 -48.62 -25.72 -5.71
CA THR F 130 -49.81 -25.00 -6.17
C THR F 130 -49.94 -25.02 -7.69
N GLY F 131 -48.81 -25.07 -8.39
CA GLY F 131 -48.78 -24.94 -9.85
C GLY F 131 -48.68 -23.50 -10.32
N ILE F 132 -48.48 -22.57 -9.39
CA ILE F 132 -48.36 -21.13 -9.68
C ILE F 132 -46.90 -20.78 -9.46
N LYS F 133 -46.29 -20.12 -10.47
CA LYS F 133 -44.84 -19.93 -10.52
C LYS F 133 -44.25 -19.06 -9.40
N VAL F 134 -44.91 -17.95 -9.06
CA VAL F 134 -44.39 -17.01 -8.05
C VAL F 134 -44.41 -17.65 -6.67
N ILE F 135 -45.52 -18.31 -6.36
CA ILE F 135 -45.71 -18.97 -5.07
C ILE F 135 -44.70 -20.10 -4.92
N ASP F 136 -44.76 -21.08 -5.82
CA ASP F 136 -43.90 -22.26 -5.76
C ASP F 136 -42.40 -21.93 -5.70
N LEU F 137 -41.97 -20.92 -6.45
CA LEU F 137 -40.57 -20.50 -6.47
C LEU F 137 -40.16 -19.70 -5.23
N LEU F 138 -40.79 -18.54 -5.06
CA LEU F 138 -40.32 -17.50 -4.13
C LEU F 138 -40.89 -17.56 -2.72
N ALA F 139 -42.10 -18.09 -2.56
CA ALA F 139 -42.77 -18.16 -1.26
C ALA F 139 -43.73 -19.36 -1.19
N PRO F 140 -43.18 -20.58 -1.21
CA PRO F 140 -44.00 -21.79 -1.35
C PRO F 140 -44.85 -22.12 -0.12
N TYR F 141 -46.03 -22.68 -0.36
CA TYR F 141 -46.94 -23.08 0.70
C TYR F 141 -46.54 -24.43 1.28
N ALA F 142 -46.92 -24.66 2.54
CA ALA F 142 -46.60 -25.90 3.25
C ALA F 142 -47.84 -26.76 3.47
N LYS F 143 -47.67 -28.09 3.37
CA LYS F 143 -48.76 -29.04 3.64
C LYS F 143 -49.09 -29.05 5.13
N GLY F 144 -50.36 -28.82 5.46
CA GLY F 144 -50.80 -28.66 6.84
C GLY F 144 -50.32 -27.37 7.50
N GLY F 145 -50.01 -26.36 6.70
CA GLY F 145 -49.51 -25.07 7.18
C GLY F 145 -50.55 -23.97 7.03
N LYS F 146 -50.16 -22.77 7.41
CA LYS F 146 -51.03 -21.60 7.40
C LYS F 146 -50.61 -20.60 6.32
N ILE F 147 -51.51 -20.34 5.38
CA ILE F 147 -51.23 -19.53 4.19
C ILE F 147 -52.13 -18.30 4.21
N GLY F 148 -51.57 -17.14 3.85
CA GLY F 148 -52.30 -15.86 3.84
C GLY F 148 -52.19 -15.12 2.52
N LEU F 149 -53.33 -14.76 1.94
CA LEU F 149 -53.39 -14.01 0.68
C LEU F 149 -53.76 -12.55 0.94
N PHE F 150 -52.74 -11.71 1.09
CA PHE F 150 -52.93 -10.27 1.36
C PHE F 150 -53.20 -9.52 0.08
N GLY F 151 -54.07 -8.51 0.15
CA GLY F 151 -54.33 -7.63 -0.99
C GLY F 151 -55.32 -6.51 -0.72
N GLY F 152 -55.16 -5.41 -1.45
CA GLY F 152 -56.11 -4.29 -1.41
C GLY F 152 -57.36 -4.57 -2.21
N ALA F 153 -58.18 -3.53 -2.39
CA ALA F 153 -59.46 -3.66 -3.10
C ALA F 153 -59.25 -3.96 -4.60
N GLY F 154 -59.78 -5.09 -5.04
CA GLY F 154 -59.78 -5.46 -6.47
C GLY F 154 -58.44 -5.87 -7.07
N VAL F 155 -57.51 -6.33 -6.24
CA VAL F 155 -56.17 -6.73 -6.71
C VAL F 155 -56.04 -8.21 -7.10
N GLY F 156 -56.92 -9.06 -6.54
CA GLY F 156 -57.04 -10.47 -6.97
C GLY F 156 -56.93 -11.54 -5.89
N LYS F 157 -57.56 -11.32 -4.74
CA LYS F 157 -57.55 -12.29 -3.63
C LYS F 157 -58.49 -13.45 -3.89
N THR F 158 -59.73 -13.14 -4.28
CA THR F 158 -60.77 -14.14 -4.55
C THR F 158 -60.46 -14.97 -5.81
N VAL F 159 -59.93 -14.31 -6.84
CA VAL F 159 -59.48 -15.01 -8.06
C VAL F 159 -58.35 -15.99 -7.69
N LEU F 160 -57.43 -15.57 -6.83
CA LEU F 160 -56.30 -16.41 -6.40
C LEU F 160 -56.75 -17.61 -5.55
N ILE F 161 -57.60 -17.37 -4.56
CA ILE F 161 -58.09 -18.47 -3.70
C ILE F 161 -58.97 -19.46 -4.47
N GLN F 162 -59.74 -18.96 -5.44
CA GLN F 162 -60.50 -19.83 -6.36
C GLN F 162 -59.61 -20.67 -7.27
N GLU F 163 -58.48 -20.09 -7.70
CA GLU F 163 -57.47 -20.83 -8.47
C GLU F 163 -56.80 -21.91 -7.63
N LEU F 164 -56.56 -21.61 -6.35
CA LEU F 164 -56.00 -22.59 -5.41
C LEU F 164 -56.99 -23.72 -5.10
N ILE F 165 -58.29 -23.40 -5.07
CA ILE F 165 -59.34 -24.42 -4.99
C ILE F 165 -59.32 -25.32 -6.23
N ASN F 166 -59.19 -24.70 -7.40
CA ASN F 166 -59.12 -25.42 -8.68
C ASN F 166 -57.90 -26.34 -8.76
N ASN F 167 -56.73 -25.82 -8.40
CA ASN F 167 -55.45 -26.56 -8.54
C ASN F 167 -55.19 -27.60 -7.45
N VAL F 168 -55.54 -27.27 -6.20
CA VAL F 168 -55.20 -28.12 -5.04
C VAL F 168 -56.36 -29.02 -4.61
N ALA F 169 -57.55 -28.45 -4.43
CA ALA F 169 -58.67 -29.16 -3.79
C ALA F 169 -59.40 -30.20 -4.65
N GLN F 170 -59.33 -30.07 -5.98
CA GLN F 170 -60.00 -31.04 -6.88
C GLN F 170 -59.36 -32.42 -6.82
N GLU F 171 -58.03 -32.48 -6.87
CA GLU F 171 -57.27 -33.72 -6.74
C GLU F 171 -56.71 -33.85 -5.31
N HIS F 172 -57.63 -33.85 -4.34
CA HIS F 172 -57.28 -33.94 -2.91
C HIS F 172 -57.98 -35.15 -2.32
N GLY F 173 -57.20 -36.02 -1.64
CA GLY F 173 -57.71 -37.26 -1.06
C GLY F 173 -58.67 -37.06 0.10
N GLY F 174 -58.38 -36.08 0.96
CA GLY F 174 -59.19 -35.79 2.14
C GLY F 174 -60.38 -34.86 1.88
N LEU F 175 -60.84 -34.22 2.94
CA LEU F 175 -62.04 -33.36 2.91
C LEU F 175 -61.68 -31.88 2.80
N SER F 176 -62.70 -31.05 2.61
CA SER F 176 -62.54 -29.60 2.43
C SER F 176 -63.62 -28.81 3.21
N VAL F 177 -63.29 -27.57 3.57
CA VAL F 177 -64.24 -26.66 4.24
C VAL F 177 -64.04 -25.23 3.71
N PHE F 178 -65.14 -24.60 3.25
CA PHE F 178 -65.11 -23.20 2.81
C PHE F 178 -65.91 -22.31 3.77
N ALA F 179 -65.34 -21.15 4.10
CA ALA F 179 -65.99 -20.17 4.97
C ALA F 179 -66.09 -18.81 4.27
N GLY F 180 -67.33 -18.39 3.96
CA GLY F 180 -67.59 -17.06 3.43
C GLY F 180 -67.82 -16.09 4.58
N VAL F 181 -66.84 -15.22 4.82
CA VAL F 181 -66.85 -14.29 5.94
C VAL F 181 -66.84 -12.85 5.41
N GLY F 182 -68.00 -12.20 5.45
CA GLY F 182 -68.14 -10.78 5.10
C GLY F 182 -67.85 -10.38 3.66
N GLU F 183 -68.11 -11.29 2.72
CA GLU F 183 -67.85 -11.06 1.30
C GLU F 183 -69.14 -11.11 0.49
N ARG F 184 -69.06 -11.17 -0.85
CA ARG F 184 -70.25 -11.09 -1.69
C ARG F 184 -71.06 -12.39 -1.66
N THR F 185 -72.37 -12.29 -1.39
CA THR F 185 -73.28 -13.44 -1.39
C THR F 185 -73.35 -14.08 -2.78
N ARG F 186 -73.31 -13.26 -3.83
CA ARG F 186 -73.23 -13.71 -5.22
C ARG F 186 -72.08 -14.70 -5.46
N GLU F 187 -70.91 -14.42 -4.88
CA GLU F 187 -69.72 -15.28 -5.03
C GLU F 187 -69.88 -16.64 -4.36
N GLY F 188 -70.64 -16.67 -3.26
CA GLY F 188 -71.03 -17.92 -2.60
C GLY F 188 -71.97 -18.74 -3.45
N ASN F 189 -72.91 -18.07 -4.11
CA ASN F 189 -73.83 -18.71 -5.07
C ASN F 189 -73.08 -19.22 -6.30
N ASP F 190 -72.08 -18.47 -6.76
CA ASP F 190 -71.21 -18.89 -7.87
C ASP F 190 -70.37 -20.12 -7.49
N LEU F 191 -69.72 -20.06 -6.33
CA LEU F 191 -68.84 -21.14 -5.87
C LEU F 191 -69.59 -22.43 -5.53
N TYR F 192 -70.85 -22.31 -5.07
CA TYR F 192 -71.71 -23.48 -4.82
C TYR F 192 -71.95 -24.26 -6.12
N HIS F 193 -72.45 -23.57 -7.12
CA HIS F 193 -72.73 -24.18 -8.43
C HIS F 193 -71.45 -24.57 -9.18
N GLU F 194 -70.36 -23.82 -8.97
CA GLU F 194 -69.05 -24.17 -9.53
C GLU F 194 -68.54 -25.50 -8.97
N MET F 195 -68.64 -25.66 -7.65
CA MET F 195 -68.26 -26.91 -6.98
C MET F 195 -69.23 -28.07 -7.23
N LYS F 196 -70.51 -27.74 -7.42
CA LYS F 196 -71.55 -28.75 -7.71
C LYS F 196 -71.36 -29.42 -9.08
N ASP F 197 -71.01 -28.64 -10.09
CA ASP F 197 -70.75 -29.16 -11.44
C ASP F 197 -69.49 -30.02 -11.50
N SER F 198 -68.42 -29.55 -10.86
CA SER F 198 -67.14 -30.28 -10.81
C SER F 198 -67.15 -31.54 -9.93
N GLY F 199 -68.14 -31.66 -9.03
CA GLY F 199 -68.26 -32.83 -8.15
C GLY F 199 -67.51 -32.74 -6.84
N VAL F 200 -66.78 -31.64 -6.62
CA VAL F 200 -66.01 -31.42 -5.40
C VAL F 200 -66.90 -31.11 -4.18
N ILE F 201 -68.14 -30.68 -4.42
CA ILE F 201 -69.10 -30.34 -3.36
C ILE F 201 -69.34 -31.47 -2.35
N SER F 202 -69.40 -32.71 -2.83
CA SER F 202 -69.69 -33.89 -1.98
C SER F 202 -68.66 -34.14 -0.86
N LYS F 203 -67.45 -33.60 -1.01
CA LYS F 203 -66.41 -33.64 0.04
C LYS F 203 -66.10 -32.24 0.61
N THR F 204 -67.10 -31.34 0.60
CA THR F 204 -66.92 -29.95 1.01
C THR F 204 -68.09 -29.46 1.87
N SER F 205 -67.79 -29.01 3.09
CA SER F 205 -68.75 -28.34 3.97
C SER F 205 -68.60 -26.83 3.80
N MET F 206 -69.71 -26.13 3.55
CA MET F 206 -69.68 -24.69 3.30
C MET F 206 -70.47 -23.91 4.34
N VAL F 207 -69.94 -22.75 4.72
CA VAL F 207 -70.57 -21.86 5.70
C VAL F 207 -70.47 -20.42 5.18
N PHE F 208 -71.55 -19.65 5.34
CA PHE F 208 -71.62 -18.27 4.82
C PHE F 208 -72.21 -17.30 5.83
N GLY F 209 -71.48 -16.21 6.09
CA GLY F 209 -71.93 -15.09 6.90
C GLY F 209 -71.40 -13.83 6.25
N GLN F 210 -72.09 -13.40 5.20
CA GLN F 210 -71.55 -12.48 4.20
C GLN F 210 -71.76 -11.00 4.56
N MET F 211 -71.30 -10.10 3.69
CA MET F 211 -71.33 -8.64 3.96
C MET F 211 -72.72 -8.01 4.15
N ASN F 212 -73.78 -8.73 3.76
CA ASN F 212 -75.15 -8.35 4.11
C ASN F 212 -75.46 -8.49 5.61
N GLU F 213 -74.80 -9.43 6.29
CA GLU F 213 -75.18 -9.82 7.65
C GLU F 213 -74.75 -8.81 8.71
N PRO F 214 -75.49 -8.73 9.84
CA PRO F 214 -75.05 -7.92 10.99
C PRO F 214 -73.71 -8.38 11.57
N PRO F 215 -72.99 -7.48 12.30
CA PRO F 215 -71.61 -7.74 12.73
C PRO F 215 -71.40 -8.99 13.61
N GLY F 216 -72.39 -9.34 14.43
CA GLY F 216 -72.31 -10.56 15.24
C GLY F 216 -72.15 -11.83 14.41
N ALA F 217 -72.88 -11.91 13.30
CA ALA F 217 -72.79 -13.05 12.39
C ALA F 217 -71.44 -13.11 11.70
N ARG F 218 -70.99 -11.97 11.16
CA ARG F 218 -69.66 -11.86 10.55
C ARG F 218 -68.51 -12.12 11.53
N LEU F 219 -68.73 -11.83 12.82
CA LEU F 219 -67.75 -12.10 13.87
C LEU F 219 -67.56 -13.60 14.14
N ARG F 220 -68.65 -14.36 14.23
CA ARG F 220 -68.61 -15.76 14.66
C ARG F 220 -68.71 -16.82 13.55
N VAL F 221 -69.02 -16.42 12.31
CA VAL F 221 -69.25 -17.39 11.23
C VAL F 221 -68.02 -18.25 10.88
N ALA F 222 -66.83 -17.69 11.02
CA ALA F 222 -65.59 -18.45 10.81
C ALA F 222 -65.42 -19.58 11.83
N LEU F 223 -65.88 -19.36 13.06
CA LEU F 223 -65.84 -20.39 14.11
C LEU F 223 -66.77 -21.57 13.83
N THR F 224 -67.89 -21.30 13.16
CA THR F 224 -68.83 -22.34 12.74
C THR F 224 -68.19 -23.32 11.75
N GLY F 225 -67.54 -22.78 10.72
CA GLY F 225 -66.80 -23.59 9.75
C GLY F 225 -65.57 -24.27 10.34
N LEU F 226 -64.89 -23.56 11.24
CA LEU F 226 -63.71 -24.07 11.94
C LEU F 226 -64.02 -25.31 12.80
N THR F 227 -65.15 -25.25 13.53
CA THR F 227 -65.61 -26.38 14.36
C THR F 227 -65.86 -27.66 13.56
N MET F 228 -66.38 -27.49 12.34
CA MET F 228 -66.57 -28.62 11.42
C MET F 228 -65.24 -29.17 10.94
N ALA F 229 -64.29 -28.29 10.66
CA ALA F 229 -62.92 -28.69 10.29
C ALA F 229 -62.15 -29.36 11.43
N GLU F 230 -62.40 -28.91 12.67
CA GLU F 230 -61.79 -29.52 13.87
C GLU F 230 -62.25 -30.96 14.10
N TYR F 231 -63.52 -31.25 13.81
CA TYR F 231 -64.06 -32.61 13.93
C TYR F 231 -63.39 -33.57 12.94
N PHE F 232 -63.24 -33.15 11.69
CA PHE F 232 -62.57 -33.97 10.67
C PHE F 232 -61.10 -34.21 11.02
N ARG F 233 -60.45 -33.21 11.61
CA ARG F 233 -59.05 -33.31 12.04
C ARG F 233 -58.87 -34.28 13.20
N ASP F 234 -59.54 -34.00 14.32
CA ASP F 234 -59.31 -34.74 15.58
C ASP F 234 -59.99 -36.11 15.61
N ARG F 235 -61.29 -36.15 15.33
CA ARG F 235 -62.08 -37.38 15.49
C ARG F 235 -61.87 -38.37 14.35
N GLU F 236 -61.89 -37.89 13.11
CA GLU F 236 -61.75 -38.75 11.93
C GLU F 236 -60.31 -38.85 11.38
N GLY F 237 -59.40 -38.01 11.87
CA GLY F 237 -57.98 -38.07 11.48
C GLY F 237 -57.71 -37.71 10.03
N GLN F 238 -58.43 -36.70 9.54
CA GLN F 238 -58.47 -36.38 8.11
C GLN F 238 -57.49 -35.26 7.73
N ASP F 239 -57.08 -35.24 6.46
CA ASP F 239 -56.36 -34.10 5.89
C ASP F 239 -57.38 -33.10 5.35
N VAL F 240 -57.55 -31.98 6.07
CA VAL F 240 -58.59 -31.00 5.77
C VAL F 240 -57.97 -29.78 5.07
N LEU F 241 -58.71 -29.23 4.10
CA LEU F 241 -58.38 -27.94 3.48
C LEU F 241 -59.40 -26.91 3.97
N LEU F 242 -58.91 -25.86 4.62
CA LEU F 242 -59.77 -24.77 5.11
C LEU F 242 -59.55 -23.51 4.27
N PHE F 243 -60.59 -23.11 3.54
CA PHE F 243 -60.58 -21.88 2.73
C PHE F 243 -61.44 -20.80 3.40
N ILE F 244 -60.86 -19.63 3.64
CA ILE F 244 -61.57 -18.50 4.27
C ILE F 244 -61.40 -17.24 3.43
N ASP F 245 -62.53 -16.67 3.01
CA ASP F 245 -62.57 -15.41 2.28
C ASP F 245 -63.72 -14.57 2.87
N ASN F 246 -63.46 -13.52 3.66
CA ASN F 246 -62.14 -12.93 3.97
C ASN F 246 -62.01 -12.79 5.49
N ILE F 247 -60.85 -13.17 6.04
CA ILE F 247 -60.64 -13.19 7.49
C ILE F 247 -60.58 -11.78 8.13
N PHE F 248 -60.17 -10.76 7.36
CA PHE F 248 -60.23 -9.36 7.83
C PHE F 248 -61.63 -8.96 8.32
N ARG F 249 -62.66 -9.46 7.64
CA ARG F 249 -64.05 -9.12 7.95
C ARG F 249 -64.48 -9.56 9.35
N PHE F 250 -63.85 -10.62 9.86
CA PHE F 250 -64.01 -11.06 11.25
C PHE F 250 -63.48 -10.01 12.24
N THR F 251 -62.30 -9.44 11.94
CA THR F 251 -61.73 -8.35 12.75
C THR F 251 -62.56 -7.05 12.61
N GLN F 252 -62.99 -6.75 11.39
CA GLN F 252 -63.82 -5.58 11.09
C GLN F 252 -65.14 -5.62 11.86
N ALA F 253 -65.80 -6.78 11.83
CA ALA F 253 -67.04 -7.00 12.58
C ALA F 253 -66.83 -6.89 14.10
N GLY F 254 -65.66 -7.33 14.57
CA GLY F 254 -65.25 -7.15 15.96
C GLY F 254 -65.17 -5.71 16.41
N SER F 255 -64.66 -4.83 15.54
CA SER F 255 -64.60 -3.39 15.83
C SER F 255 -65.99 -2.75 15.94
N GLU F 256 -66.95 -3.25 15.15
CA GLU F 256 -68.31 -2.73 15.14
C GLU F 256 -69.06 -3.03 16.44
N VAL F 257 -68.96 -4.27 16.92
CA VAL F 257 -69.56 -4.65 18.21
C VAL F 257 -68.83 -3.99 19.39
N SER F 258 -67.50 -3.88 19.28
CA SER F 258 -66.67 -3.26 20.33
C SER F 258 -67.05 -1.80 20.63
N ALA F 259 -67.48 -1.07 19.60
CA ALA F 259 -67.93 0.32 19.76
C ALA F 259 -69.17 0.43 20.65
N LEU F 260 -70.17 -0.40 20.38
CA LEU F 260 -71.43 -0.39 21.14
C LEU F 260 -71.40 -1.24 22.42
N LEU F 261 -70.37 -2.07 22.60
CA LEU F 261 -70.06 -2.66 23.91
C LEU F 261 -69.49 -1.60 24.89
N GLY F 262 -68.94 -0.51 24.35
CA GLY F 262 -68.49 0.62 25.14
C GLY F 262 -67.00 0.63 25.43
N ARG F 263 -66.25 -0.28 24.83
CA ARG F 263 -64.80 -0.36 25.05
C ARG F 263 -64.08 0.84 24.44
N MET F 264 -62.99 1.24 25.07
CA MET F 264 -62.18 2.35 24.57
C MET F 264 -61.35 1.88 23.38
N PRO F 265 -61.33 2.68 22.29
CA PRO F 265 -60.66 2.26 21.06
C PRO F 265 -59.14 2.29 21.17
N SER F 266 -58.48 1.48 20.34
CA SER F 266 -57.02 1.44 20.23
C SER F 266 -56.60 2.22 18.98
N ALA F 267 -55.40 1.96 18.48
CA ALA F 267 -54.87 2.65 17.29
C ALA F 267 -55.74 2.45 16.06
N VAL F 268 -55.93 3.54 15.30
CA VAL F 268 -56.78 3.58 14.10
C VAL F 268 -58.24 3.15 14.37
N GLY F 269 -58.74 3.45 15.57
CA GLY F 269 -60.11 3.15 15.96
C GLY F 269 -60.50 1.70 16.16
N TYR F 270 -59.52 0.78 16.17
CA TYR F 270 -59.82 -0.66 16.32
C TYR F 270 -60.13 -1.02 17.76
N GLN F 271 -60.70 -2.20 17.96
CA GLN F 271 -60.94 -2.75 19.30
C GLN F 271 -59.60 -2.97 20.03
N PRO F 272 -59.59 -2.77 21.36
CA PRO F 272 -58.37 -3.03 22.14
C PRO F 272 -57.99 -4.52 22.20
N THR F 273 -58.98 -5.39 22.04
CA THR F 273 -58.79 -6.84 22.05
C THR F 273 -58.52 -7.44 20.66
N LEU F 274 -57.92 -6.66 19.75
CA LEU F 274 -57.73 -7.09 18.35
C LEU F 274 -56.83 -8.31 18.25
N ALA F 275 -55.66 -8.24 18.88
CA ALA F 275 -54.67 -9.32 18.85
C ALA F 275 -55.15 -10.60 19.55
N THR F 276 -55.77 -10.44 20.72
CA THR F 276 -56.27 -11.58 21.50
C THR F 276 -57.41 -12.31 20.77
N GLU F 277 -58.38 -11.55 20.26
CA GLU F 277 -59.49 -12.12 19.47
C GLU F 277 -58.99 -12.89 18.25
N MET F 278 -58.04 -12.30 17.54
CA MET F 278 -57.42 -12.93 16.37
C MET F 278 -56.67 -14.21 16.74
N GLY F 279 -55.92 -14.17 17.85
CA GLY F 279 -55.18 -15.33 18.33
C GLY F 279 -56.05 -16.49 18.78
N GLN F 280 -57.13 -16.18 19.49
CA GLN F 280 -58.11 -17.19 19.93
C GLN F 280 -58.80 -17.92 18.77
N LEU F 281 -59.00 -17.21 17.66
CA LEU F 281 -59.51 -17.82 16.44
C LEU F 281 -58.41 -18.58 15.69
N GLN F 282 -57.30 -17.89 15.43
CA GLN F 282 -56.24 -18.41 14.57
C GLN F 282 -55.52 -19.65 15.10
N GLU F 283 -55.24 -19.69 16.41
CA GLU F 283 -54.53 -20.81 17.03
C GLU F 283 -55.27 -22.15 16.97
N ARG F 284 -56.60 -22.11 16.87
CA ARG F 284 -57.40 -23.30 16.59
C ARG F 284 -57.23 -23.81 15.15
N ILE F 285 -57.01 -22.90 14.20
CA ILE F 285 -56.68 -23.27 12.82
C ILE F 285 -55.22 -23.74 12.77
N THR F 286 -55.02 -25.05 12.92
CA THR F 286 -53.67 -25.63 12.96
C THR F 286 -53.71 -27.14 12.73
N SER F 287 -52.57 -27.70 12.33
CA SER F 287 -52.39 -29.14 12.23
C SER F 287 -52.03 -29.72 13.59
N THR F 288 -52.48 -30.95 13.84
CA THR F 288 -52.20 -31.67 15.10
C THR F 288 -51.59 -33.03 14.77
N LYS F 289 -51.26 -33.79 15.81
CA LYS F 289 -50.78 -35.17 15.66
C LYS F 289 -51.83 -36.12 15.06
N LYS F 290 -53.10 -35.89 15.41
CA LYS F 290 -54.21 -36.71 14.90
C LYS F 290 -54.54 -36.46 13.43
N GLY F 291 -54.49 -35.20 13.01
CA GLY F 291 -54.75 -34.81 11.61
C GLY F 291 -54.27 -33.42 11.27
N SER F 292 -54.25 -33.09 9.99
CA SER F 292 -53.74 -31.81 9.50
C SER F 292 -54.82 -30.89 8.93
N ILE F 293 -54.63 -29.58 9.11
CA ILE F 293 -55.44 -28.55 8.45
C ILE F 293 -54.49 -27.69 7.63
N THR F 294 -54.73 -27.62 6.32
CA THR F 294 -54.02 -26.69 5.43
C THR F 294 -54.95 -25.51 5.17
N SER F 295 -54.69 -24.40 5.85
CA SER F 295 -55.57 -23.22 5.78
C SER F 295 -55.05 -22.18 4.79
N ILE F 296 -55.93 -21.72 3.91
CA ILE F 296 -55.64 -20.67 2.94
C ILE F 296 -56.65 -19.53 3.18
N GLN F 297 -56.16 -18.39 3.68
CA GLN F 297 -57.02 -17.30 4.12
C GLN F 297 -56.78 -16.03 3.32
N ALA F 298 -57.84 -15.49 2.70
CA ALA F 298 -57.79 -14.17 2.07
C ALA F 298 -57.80 -13.11 3.17
N ILE F 299 -56.94 -12.11 3.04
CA ILE F 299 -56.76 -11.06 4.05
C ILE F 299 -56.82 -9.70 3.35
N TYR F 300 -57.87 -8.94 3.63
CA TYR F 300 -58.04 -7.61 3.05
C TYR F 300 -57.10 -6.60 3.72
N VAL F 301 -56.54 -5.70 2.91
CA VAL F 301 -55.64 -4.64 3.36
C VAL F 301 -56.36 -3.30 3.17
N PRO F 302 -56.83 -2.67 4.28
CA PRO F 302 -57.54 -1.38 4.18
C PRO F 302 -56.73 -0.25 3.55
N ALA F 303 -57.28 0.33 2.48
CA ALA F 303 -56.66 1.46 1.76
C ALA F 303 -55.22 1.18 1.28
N ASP F 304 -54.94 -0.07 0.92
CA ASP F 304 -53.61 -0.55 0.52
C ASP F 304 -52.50 -0.33 1.58
N ASP F 305 -52.89 -0.20 2.85
CA ASP F 305 -51.95 0.10 3.94
C ASP F 305 -51.65 -1.18 4.72
N TYR F 306 -50.51 -1.79 4.41
CA TYR F 306 -50.05 -3.00 5.11
C TYR F 306 -49.70 -2.78 6.59
N THR F 307 -49.41 -1.54 6.98
CA THR F 307 -49.12 -1.20 8.39
C THR F 307 -50.40 -1.02 9.24
N ASP F 308 -51.58 -1.12 8.62
CA ASP F 308 -52.86 -1.13 9.34
C ASP F 308 -52.88 -2.26 10.38
N PRO F 309 -53.39 -2.00 11.60
CA PRO F 309 -53.36 -3.02 12.67
C PRO F 309 -53.91 -4.40 12.32
N ALA F 310 -54.95 -4.46 11.48
CA ALA F 310 -55.59 -5.74 11.13
C ALA F 310 -54.66 -6.68 10.33
N PRO F 311 -54.20 -6.26 9.14
CA PRO F 311 -53.23 -7.12 8.41
C PRO F 311 -51.87 -7.25 9.11
N ALA F 312 -51.44 -6.22 9.83
CA ALA F 312 -50.17 -6.25 10.57
C ALA F 312 -50.11 -7.35 11.62
N THR F 313 -51.18 -7.47 12.42
CA THR F 313 -51.29 -8.50 13.45
C THR F 313 -51.51 -9.91 12.87
N THR F 314 -52.09 -9.99 11.66
CA THR F 314 -52.32 -11.27 10.98
C THR F 314 -51.04 -12.00 10.57
N PHE F 315 -49.98 -11.25 10.25
CA PHE F 315 -48.69 -11.83 9.83
C PHE F 315 -48.09 -12.88 10.77
N ALA F 316 -48.29 -12.71 12.08
CA ALA F 316 -47.79 -13.65 13.09
C ALA F 316 -48.37 -15.06 12.97
N HIS F 317 -49.56 -15.19 12.39
CA HIS F 317 -50.29 -16.46 12.31
C HIS F 317 -50.10 -17.23 10.99
N LEU F 318 -49.03 -16.94 10.25
CA LEU F 318 -48.86 -17.45 8.89
C LEU F 318 -47.48 -18.05 8.66
N ASP F 319 -47.44 -19.20 7.98
CA ASP F 319 -46.19 -19.84 7.56
C ASP F 319 -45.73 -19.29 6.21
N ALA F 320 -46.68 -19.06 5.31
CA ALA F 320 -46.41 -18.43 4.01
C ALA F 320 -47.38 -17.27 3.77
N THR F 321 -46.90 -16.24 3.08
CA THR F 321 -47.70 -15.05 2.76
C THR F 321 -47.58 -14.71 1.27
N THR F 322 -48.73 -14.50 0.62
CA THR F 322 -48.78 -14.01 -0.76
C THR F 322 -49.26 -12.56 -0.72
N ASN F 323 -48.33 -11.63 -0.94
CA ASN F 323 -48.60 -10.19 -0.80
C ASN F 323 -48.93 -9.57 -2.16
N LEU F 324 -50.22 -9.42 -2.45
CA LEU F 324 -50.66 -8.81 -3.71
C LEU F 324 -50.52 -7.30 -3.66
N GLU F 325 -50.26 -6.70 -4.82
CA GLU F 325 -49.95 -5.26 -4.93
C GLU F 325 -50.65 -4.64 -6.13
N ARG F 326 -51.27 -3.48 -5.92
CA ARG F 326 -52.05 -2.80 -6.97
C ARG F 326 -51.22 -2.37 -8.19
N LYS F 327 -49.97 -1.99 -7.95
CA LYS F 327 -49.07 -1.53 -9.00
C LYS F 327 -48.83 -2.61 -10.07
N LEU F 328 -48.61 -3.84 -9.60
CA LEU F 328 -48.45 -5.01 -10.49
C LEU F 328 -49.74 -5.34 -11.24
N ALA F 329 -50.88 -5.23 -10.55
CA ALA F 329 -52.19 -5.48 -11.16
C ALA F 329 -52.51 -4.48 -12.29
N GLU F 330 -52.23 -3.20 -12.05
CA GLU F 330 -52.41 -2.16 -13.07
C GLU F 330 -51.44 -2.26 -14.26
N MET F 331 -50.28 -2.88 -14.04
CA MET F 331 -49.33 -3.20 -15.11
C MET F 331 -49.75 -4.41 -15.97
N GLY F 332 -50.72 -5.19 -15.52
CA GLY F 332 -51.14 -6.41 -16.20
C GLY F 332 -50.46 -7.67 -15.68
N ILE F 333 -49.63 -7.53 -14.64
CA ILE F 333 -48.92 -8.66 -14.05
C ILE F 333 -49.90 -9.38 -13.12
N TYR F 334 -50.41 -10.52 -13.58
CA TYR F 334 -51.31 -11.37 -12.79
C TYR F 334 -50.73 -12.78 -12.68
N PRO F 335 -50.77 -13.41 -11.49
CA PRO F 335 -51.25 -12.82 -10.24
C PRO F 335 -50.30 -11.72 -9.74
N ALA F 336 -50.87 -10.67 -9.15
CA ALA F 336 -50.12 -9.46 -8.82
C ALA F 336 -49.27 -9.61 -7.54
N VAL F 337 -48.42 -10.64 -7.50
CA VAL F 337 -47.72 -11.04 -6.30
C VAL F 337 -46.41 -10.25 -6.21
N ASP F 338 -46.23 -9.53 -5.10
CA ASP F 338 -44.96 -8.85 -4.81
C ASP F 338 -43.90 -9.92 -4.52
N PRO F 339 -42.89 -10.05 -5.41
CA PRO F 339 -41.90 -11.14 -5.27
C PRO F 339 -40.89 -10.98 -4.12
N LEU F 340 -40.79 -9.79 -3.53
CA LEU F 340 -39.90 -9.54 -2.39
C LEU F 340 -40.64 -9.51 -1.05
N ALA F 341 -41.82 -8.89 -1.02
CA ALA F 341 -42.65 -8.84 0.20
C ALA F 341 -43.27 -10.19 0.57
N SER F 342 -43.58 -11.01 -0.43
CA SER F 342 -44.11 -12.36 -0.20
C SER F 342 -43.02 -13.27 0.37
N THR F 343 -43.32 -13.95 1.48
CA THR F 343 -42.35 -14.76 2.21
C THR F 343 -42.89 -16.14 2.56
N SER F 344 -41.98 -17.04 2.93
CA SER F 344 -42.32 -18.40 3.33
C SER F 344 -41.28 -18.97 4.29
N ARG F 345 -41.75 -19.69 5.31
CA ARG F 345 -40.88 -20.32 6.30
C ARG F 345 -40.10 -21.50 5.72
N ILE F 346 -40.66 -22.16 4.71
CA ILE F 346 -40.06 -23.36 4.09
C ILE F 346 -39.21 -23.09 2.83
N LEU F 347 -38.87 -21.83 2.55
CA LEU F 347 -37.90 -21.50 1.50
C LEU F 347 -36.49 -21.67 2.07
N SER F 348 -36.00 -22.90 2.02
CA SER F 348 -34.65 -23.24 2.49
C SER F 348 -34.11 -24.46 1.74
N PRO F 349 -32.77 -24.65 1.71
CA PRO F 349 -32.18 -25.81 1.05
C PRO F 349 -32.69 -27.18 1.55
N ALA F 350 -32.98 -27.29 2.85
CA ALA F 350 -33.45 -28.55 3.45
C ALA F 350 -34.79 -29.04 2.90
N VAL F 351 -35.72 -28.12 2.64
CA VAL F 351 -37.06 -28.46 2.16
C VAL F 351 -37.11 -28.53 0.63
N VAL F 352 -36.87 -27.39 -0.02
CA VAL F 352 -37.03 -27.28 -1.49
C VAL F 352 -35.80 -27.69 -2.31
N GLY F 353 -34.66 -27.92 -1.67
CA GLY F 353 -33.42 -28.29 -2.36
C GLY F 353 -32.51 -27.11 -2.62
N GLU F 354 -31.26 -27.41 -2.95
CA GLU F 354 -30.22 -26.38 -3.12
C GLU F 354 -30.41 -25.53 -4.39
N GLU F 355 -30.81 -26.18 -5.49
CA GLU F 355 -31.02 -25.48 -6.77
C GLU F 355 -32.21 -24.52 -6.70
N HIS F 356 -33.33 -25.00 -6.17
CA HIS F 356 -34.53 -24.19 -5.94
C HIS F 356 -34.20 -22.94 -5.12
N TYR F 357 -33.49 -23.13 -4.00
CA TYR F 357 -33.11 -22.04 -3.11
C TYR F 357 -32.19 -21.02 -3.80
N ARG F 358 -31.15 -21.52 -4.46
CA ARG F 358 -30.18 -20.67 -5.17
C ARG F 358 -30.83 -19.84 -6.29
N VAL F 359 -31.71 -20.48 -7.07
CA VAL F 359 -32.45 -19.79 -8.15
C VAL F 359 -33.42 -18.76 -7.57
N ALA F 360 -34.13 -19.12 -6.50
CA ALA F 360 -35.08 -18.23 -5.83
C ALA F 360 -34.41 -16.94 -5.33
N ARG F 361 -33.31 -17.10 -4.60
CA ARG F 361 -32.54 -15.96 -4.09
C ARG F 361 -31.83 -15.17 -5.19
N GLY F 362 -31.44 -15.84 -6.27
CA GLY F 362 -30.88 -15.19 -7.45
C GLY F 362 -31.87 -14.26 -8.13
N VAL F 363 -33.11 -14.73 -8.29
CA VAL F 363 -34.23 -13.93 -8.80
C VAL F 363 -34.48 -12.69 -7.94
N GLN F 364 -34.53 -12.90 -6.62
CA GLN F 364 -34.77 -11.81 -5.67
C GLN F 364 -33.64 -10.78 -5.61
N GLN F 365 -32.41 -11.22 -5.86
CA GLN F 365 -31.25 -10.32 -5.93
C GLN F 365 -31.31 -9.41 -7.16
N VAL F 366 -31.73 -9.96 -8.30
CA VAL F 366 -31.95 -9.19 -9.52
C VAL F 366 -33.08 -8.17 -9.34
N LEU F 367 -34.21 -8.61 -8.80
CA LEU F 367 -35.37 -7.75 -8.58
C LEU F 367 -35.13 -6.67 -7.52
N GLN F 368 -34.32 -6.97 -6.51
CA GLN F 368 -33.97 -5.98 -5.47
C GLN F 368 -33.16 -4.82 -6.03
N ARG F 369 -32.21 -5.12 -6.92
CA ARG F 369 -31.42 -4.07 -7.59
C ARG F 369 -32.28 -3.23 -8.55
N TYR F 370 -33.17 -3.91 -9.27
CA TYR F 370 -34.16 -3.25 -10.13
C TYR F 370 -35.07 -2.31 -9.34
N ASN F 371 -35.47 -2.74 -8.15
CA ASN F 371 -36.27 -1.91 -7.23
C ASN F 371 -35.50 -0.67 -6.75
N ASP F 372 -34.22 -0.84 -6.45
CA ASP F 372 -33.35 0.27 -6.02
C ASP F 372 -33.15 1.34 -7.10
N LEU F 373 -33.23 0.95 -8.37
CA LEU F 373 -33.03 1.86 -9.51
C LEU F 373 -34.31 2.58 -9.99
N GLN F 374 -35.46 2.36 -9.33
CA GLN F 374 -36.74 2.89 -9.82
C GLN F 374 -36.84 4.43 -9.83
N ASP F 375 -36.26 5.08 -8.83
CA ASP F 375 -36.25 6.56 -8.77
C ASP F 375 -35.44 7.17 -9.93
N ILE F 376 -34.30 6.57 -10.24
CA ILE F 376 -33.47 6.99 -11.38
C ILE F 376 -34.15 6.67 -12.72
N ILE F 377 -34.67 5.44 -12.84
CA ILE F 377 -35.34 4.98 -14.07
C ILE F 377 -36.61 5.79 -14.39
N ALA F 378 -37.35 6.17 -13.35
CA ALA F 378 -38.54 7.00 -13.52
C ALA F 378 -38.25 8.35 -14.18
N ILE F 379 -37.14 8.98 -13.79
CA ILE F 379 -36.74 10.29 -14.32
C ILE F 379 -35.98 10.16 -15.64
N LEU F 380 -34.82 9.48 -15.59
CA LEU F 380 -33.87 9.46 -16.71
C LEU F 380 -33.97 8.24 -17.64
N GLY F 381 -34.84 7.27 -17.33
CA GLY F 381 -34.92 6.04 -18.11
C GLY F 381 -33.73 5.14 -17.86
N MET F 382 -33.36 4.34 -18.86
CA MET F 382 -32.25 3.38 -18.75
C MET F 382 -30.97 3.83 -19.48
N ASP F 383 -30.91 5.11 -19.88
CA ASP F 383 -29.80 5.62 -20.69
C ASP F 383 -28.53 5.90 -19.88
N GLU F 384 -28.68 6.38 -18.64
CA GLU F 384 -27.54 6.70 -17.77
C GLU F 384 -27.08 5.55 -16.86
N LEU F 385 -27.72 4.38 -16.97
CA LEU F 385 -27.33 3.22 -16.18
C LEU F 385 -26.01 2.65 -16.69
N SER F 386 -25.27 1.98 -15.81
CA SER F 386 -24.04 1.30 -16.19
C SER F 386 -24.37 0.03 -16.98
N ASP F 387 -23.37 -0.48 -17.71
CA ASP F 387 -23.54 -1.71 -18.51
C ASP F 387 -24.01 -2.91 -17.68
N GLU F 388 -23.57 -2.97 -16.43
CA GLU F 388 -23.95 -4.04 -15.50
C GLU F 388 -25.42 -3.91 -15.12
N ASP F 389 -25.85 -2.70 -14.76
CA ASP F 389 -27.25 -2.43 -14.41
C ASP F 389 -28.21 -2.56 -15.60
N LYS F 390 -27.78 -2.16 -16.79
CA LYS F 390 -28.58 -2.35 -18.01
C LYS F 390 -28.95 -3.82 -18.23
N LEU F 391 -27.98 -4.72 -17.98
CA LEU F 391 -28.22 -6.16 -18.05
C LEU F 391 -29.15 -6.64 -16.93
N ILE F 392 -28.94 -6.13 -15.72
CA ILE F 392 -29.79 -6.47 -14.56
C ILE F 392 -31.25 -6.03 -14.78
N VAL F 393 -31.44 -4.81 -15.26
CA VAL F 393 -32.77 -4.28 -15.58
C VAL F 393 -33.45 -5.12 -16.68
N ALA F 394 -32.69 -5.45 -17.72
CA ALA F 394 -33.20 -6.27 -18.83
C ALA F 394 -33.64 -7.66 -18.38
N ARG F 395 -32.84 -8.30 -17.52
CA ARG F 395 -33.20 -9.60 -16.94
C ARG F 395 -34.34 -9.49 -15.93
N ALA F 396 -34.37 -8.40 -15.15
CA ALA F 396 -35.43 -8.17 -14.16
C ALA F 396 -36.81 -8.05 -14.80
N ARG F 397 -36.90 -7.31 -15.90
CA ARG F 397 -38.16 -7.11 -16.63
C ARG F 397 -38.69 -8.41 -17.25
N LYS F 398 -37.78 -9.27 -17.71
CA LYS F 398 -38.14 -10.59 -18.24
C LYS F 398 -38.57 -11.54 -17.11
N ILE F 399 -37.84 -11.53 -16.02
CA ILE F 399 -38.20 -12.25 -14.78
C ILE F 399 -39.59 -11.83 -14.30
N GLN F 400 -39.82 -10.51 -14.24
CA GLN F 400 -41.09 -9.92 -13.80
C GLN F 400 -42.29 -10.41 -14.62
N ARG F 401 -42.08 -10.56 -15.93
CA ARG F 401 -43.12 -11.04 -16.85
C ARG F 401 -43.29 -12.56 -16.84
N PHE F 402 -42.22 -13.31 -16.64
CA PHE F 402 -42.30 -14.77 -16.50
C PHE F 402 -42.92 -15.19 -15.16
N LEU F 403 -42.86 -14.30 -14.16
CA LEU F 403 -43.58 -14.49 -12.89
C LEU F 403 -45.11 -14.41 -13.06
N SER F 404 -45.60 -13.68 -14.06
CA SER F 404 -47.04 -13.68 -14.39
C SER F 404 -47.47 -15.02 -14.98
N GLN F 405 -48.77 -15.30 -14.95
CA GLN F 405 -49.31 -16.60 -15.38
C GLN F 405 -50.82 -16.53 -15.62
N PRO F 406 -51.31 -17.14 -16.72
CA PRO F 406 -52.76 -17.19 -16.97
C PRO F 406 -53.44 -18.25 -16.10
N PHE F 407 -54.55 -17.86 -15.48
CA PHE F 407 -55.28 -18.71 -14.53
C PHE F 407 -56.47 -19.40 -15.20
N HIS F 408 -56.78 -20.61 -14.74
CA HIS F 408 -57.99 -21.34 -15.17
C HIS F 408 -59.28 -20.58 -14.81
N VAL F 409 -59.30 -20.02 -13.61
CA VAL F 409 -60.45 -19.22 -13.12
C VAL F 409 -60.58 -17.87 -13.86
N ALA F 410 -59.45 -17.34 -14.35
CA ALA F 410 -59.43 -16.09 -15.13
C ALA F 410 -59.61 -16.26 -16.65
N GLU F 411 -60.06 -17.43 -17.11
CA GLU F 411 -60.41 -17.64 -18.53
C GLU F 411 -61.54 -16.73 -19.01
N GLN F 412 -62.52 -16.50 -18.13
CA GLN F 412 -63.66 -15.62 -18.44
C GLN F 412 -63.25 -14.17 -18.69
N PHE F 413 -62.20 -13.69 -18.04
CA PHE F 413 -61.76 -12.29 -18.15
C PHE F 413 -60.82 -12.09 -19.33
N THR F 414 -59.68 -12.80 -19.30
CA THR F 414 -58.60 -12.61 -20.27
C THR F 414 -58.91 -13.23 -21.63
N GLY F 415 -59.43 -14.46 -21.61
CA GLY F 415 -59.67 -15.23 -22.84
C GLY F 415 -58.64 -16.34 -23.07
N MET F 416 -57.47 -16.23 -22.44
CA MET F 416 -56.40 -17.23 -22.55
C MET F 416 -56.75 -18.43 -21.67
N PRO F 417 -56.51 -19.67 -22.15
CA PRO F 417 -56.68 -20.82 -21.27
C PRO F 417 -55.61 -20.88 -20.18
N GLY F 418 -56.00 -21.36 -18.99
CA GLY F 418 -55.11 -21.42 -17.84
C GLY F 418 -54.00 -22.44 -17.98
N LYS F 419 -52.94 -22.26 -17.19
CA LYS F 419 -51.76 -23.12 -17.24
C LYS F 419 -51.34 -23.55 -15.83
N TYR F 420 -50.91 -24.82 -15.71
CA TYR F 420 -50.38 -25.37 -14.47
C TYR F 420 -48.91 -25.70 -14.71
N VAL F 421 -48.01 -25.01 -14.00
CA VAL F 421 -46.57 -25.17 -14.16
C VAL F 421 -46.01 -25.96 -12.97
N PRO F 422 -45.43 -27.16 -13.22
CA PRO F 422 -44.76 -27.89 -12.14
C PRO F 422 -43.53 -27.16 -11.56
N VAL F 423 -43.12 -27.55 -10.34
CA VAL F 423 -42.01 -26.89 -9.64
C VAL F 423 -40.71 -27.01 -10.42
N LYS F 424 -40.42 -28.21 -10.93
CA LYS F 424 -39.21 -28.46 -11.74
C LYS F 424 -39.09 -27.53 -12.96
N GLU F 425 -40.21 -27.29 -13.64
CA GLU F 425 -40.25 -26.37 -14.78
C GLU F 425 -40.05 -24.91 -14.37
N THR F 426 -40.65 -24.51 -13.25
CA THR F 426 -40.48 -23.16 -12.69
C THR F 426 -39.03 -22.88 -12.32
N VAL F 427 -38.40 -23.82 -11.61
CA VAL F 427 -36.99 -23.70 -11.23
C VAL F 427 -36.09 -23.66 -12.47
N ARG F 428 -36.38 -24.53 -13.44
CA ARG F 428 -35.61 -24.59 -14.70
C ARG F 428 -35.74 -23.31 -15.53
N GLY F 429 -36.95 -22.76 -15.62
CA GLY F 429 -37.22 -21.57 -16.41
C GLY F 429 -36.49 -20.33 -15.92
N PHE F 430 -36.61 -20.04 -14.63
CA PHE F 430 -35.94 -18.88 -14.02
C PHE F 430 -34.42 -19.06 -13.90
N LYS F 431 -33.95 -20.31 -13.82
CA LYS F 431 -32.52 -20.61 -13.87
C LYS F 431 -31.92 -20.21 -15.21
N GLU F 432 -32.57 -20.62 -16.30
CA GLU F 432 -32.14 -20.29 -17.66
C GLU F 432 -32.15 -18.78 -17.93
N ILE F 433 -33.14 -18.07 -17.38
CA ILE F 433 -33.19 -16.60 -17.48
C ILE F 433 -32.03 -15.96 -16.73
N LEU F 434 -31.74 -16.43 -15.51
CA LEU F 434 -30.59 -15.94 -14.72
C LEU F 434 -29.24 -16.19 -15.39
N GLU F 435 -29.11 -17.30 -16.12
CA GLU F 435 -27.87 -17.65 -16.83
C GLU F 435 -27.69 -16.94 -18.19
N GLY F 436 -28.63 -16.07 -18.57
CA GLY F 436 -28.55 -15.33 -19.83
C GLY F 436 -28.88 -16.16 -21.06
N LYS F 437 -29.57 -17.29 -20.87
CA LYS F 437 -29.88 -18.23 -21.95
C LYS F 437 -30.97 -17.73 -22.89
N HIS F 438 -31.80 -16.80 -22.41
CA HIS F 438 -32.88 -16.21 -23.21
C HIS F 438 -32.80 -14.68 -23.26
N ASP F 439 -31.58 -14.13 -23.30
CA ASP F 439 -31.36 -12.68 -23.47
C ASP F 439 -31.81 -12.19 -24.85
N ASN F 440 -31.66 -13.04 -25.86
CA ASN F 440 -32.09 -12.73 -27.24
C ASN F 440 -33.61 -12.55 -27.41
N LEU F 441 -34.40 -13.26 -26.60
CA LEU F 441 -35.87 -13.23 -26.74
C LEU F 441 -36.47 -11.89 -26.26
N PRO F 442 -37.53 -11.41 -26.95
CA PRO F 442 -38.20 -10.16 -26.53
C PRO F 442 -39.04 -10.34 -25.25
N GLU F 443 -39.40 -9.21 -24.64
CA GLU F 443 -40.04 -9.21 -23.31
C GLU F 443 -41.44 -9.81 -23.29
N GLU F 444 -42.26 -9.48 -24.28
CA GLU F 444 -43.64 -9.94 -24.37
C GLU F 444 -43.78 -11.48 -24.52
N ALA F 445 -42.72 -12.14 -25.01
CA ALA F 445 -42.66 -13.60 -25.06
C ALA F 445 -42.70 -14.27 -23.68
N PHE F 446 -42.14 -13.61 -22.67
CA PHE F 446 -42.19 -14.10 -21.28
C PHE F 446 -43.52 -13.84 -20.58
N TYR F 447 -44.31 -12.88 -21.10
CA TYR F 447 -45.57 -12.47 -20.48
C TYR F 447 -46.71 -13.46 -20.74
N MET F 448 -47.38 -13.87 -19.67
CA MET F 448 -48.57 -14.75 -19.72
C MET F 448 -48.35 -16.05 -20.50
N VAL F 449 -47.45 -16.88 -19.96
CA VAL F 449 -47.20 -18.22 -20.48
C VAL F 449 -46.96 -19.18 -19.31
N GLY F 450 -46.94 -20.48 -19.61
CA GLY F 450 -46.66 -21.51 -18.61
C GLY F 450 -45.16 -21.73 -18.46
N THR F 451 -44.65 -22.74 -19.15
CA THR F 451 -43.23 -23.13 -19.07
C THR F 451 -42.34 -22.17 -19.88
N ILE F 452 -41.03 -22.31 -19.72
CA ILE F 452 -40.06 -21.55 -20.52
C ILE F 452 -40.08 -21.97 -22.00
N ASP F 453 -40.47 -23.22 -22.27
CA ASP F 453 -40.65 -23.70 -23.65
C ASP F 453 -41.74 -22.93 -24.40
N GLU F 454 -42.82 -22.60 -23.69
CA GLU F 454 -43.92 -21.79 -24.26
C GLU F 454 -43.49 -20.33 -24.54
N ALA F 455 -42.55 -19.81 -23.75
CA ALA F 455 -41.94 -18.50 -24.01
C ALA F 455 -41.04 -18.52 -25.26
N VAL F 456 -40.31 -19.62 -25.45
CA VAL F 456 -39.50 -19.83 -26.66
C VAL F 456 -40.40 -19.93 -27.90
N GLU F 457 -41.49 -20.69 -27.76
CA GLU F 457 -42.47 -20.84 -28.85
C GLU F 457 -43.22 -19.54 -29.17
N LYS F 458 -43.59 -18.79 -28.13
CA LYS F 458 -44.30 -17.51 -28.32
C LYS F 458 -43.44 -16.45 -29.04
N ALA F 459 -42.13 -16.47 -28.80
CA ALA F 459 -41.20 -15.52 -29.43
C ALA F 459 -41.12 -15.64 -30.96
N LYS F 460 -41.41 -16.82 -31.50
CA LYS F 460 -41.35 -17.07 -32.95
C LYS F 460 -42.44 -16.30 -33.70
N LYS F 461 -43.68 -16.37 -33.20
CA LYS F 461 -44.82 -15.64 -33.76
C LYS F 461 -44.96 -14.29 -33.07
N LEU F 462 -43.95 -13.42 -33.23
CA LEU F 462 -43.89 -12.14 -32.53
C LEU F 462 -42.90 -11.19 -33.19
N GLN G 1 -42.91 6.71 3.42
CA GLN G 1 -43.72 7.80 4.04
C GLN G 1 -43.06 8.35 5.31
N GLY G 2 -43.69 9.36 5.92
CA GLY G 2 -43.16 10.03 7.11
C GLY G 2 -43.04 11.55 7.05
N MET G 3 -43.58 12.17 6.00
CA MET G 3 -43.59 13.65 5.80
C MET G 3 -42.20 14.29 5.66
N ARG G 4 -41.35 14.17 6.68
CA ARG G 4 -39.92 14.54 6.57
C ARG G 4 -39.23 13.86 5.39
N GLU G 5 -39.53 12.57 5.19
CA GLU G 5 -38.97 11.80 4.08
C GLU G 5 -39.56 12.22 2.73
N ILE G 6 -40.86 12.53 2.70
CA ILE G 6 -41.55 12.96 1.48
C ILE G 6 -41.18 14.39 1.09
N LYS G 7 -41.11 15.30 2.07
CA LYS G 7 -40.79 16.72 1.80
C LYS G 7 -39.32 16.91 1.36
N ARG G 8 -38.45 16.04 1.87
CA ARG G 8 -37.07 15.92 1.36
C ARG G 8 -37.06 15.54 -0.13
N ARG G 9 -37.87 14.55 -0.51
CA ARG G 9 -37.98 14.11 -1.91
C ARG G 9 -38.59 15.17 -2.84
N ILE G 10 -39.60 15.89 -2.36
CA ILE G 10 -40.23 16.98 -3.13
C ILE G 10 -39.22 18.08 -3.46
N ARG G 11 -38.34 18.41 -2.49
CA ARG G 11 -37.26 19.38 -2.69
C ARG G 11 -36.23 18.88 -3.71
N SER G 12 -35.91 17.58 -3.65
CA SER G 12 -34.96 16.96 -4.58
C SER G 12 -35.46 16.94 -6.03
N VAL G 13 -36.71 16.50 -6.21
CA VAL G 13 -37.31 16.37 -7.54
C VAL G 13 -37.64 17.75 -8.16
N LYS G 14 -38.00 18.73 -7.33
CA LYS G 14 -38.25 20.09 -7.81
C LYS G 14 -36.98 20.77 -8.33
N ASN G 15 -35.86 20.58 -7.63
CA ASN G 15 -34.56 21.09 -8.08
C ASN G 15 -34.08 20.36 -9.34
N THR G 16 -34.23 19.04 -9.37
CA THR G 16 -33.88 18.22 -10.52
C THR G 16 -34.72 18.56 -11.77
N ARG G 17 -35.97 18.95 -11.56
CA ARG G 17 -36.84 19.44 -12.64
C ARG G 17 -36.34 20.76 -13.23
N GLN G 18 -35.87 21.66 -12.36
CA GLN G 18 -35.33 22.96 -12.78
C GLN G 18 -34.07 22.85 -13.63
N ILE G 19 -33.18 21.93 -13.25
CA ILE G 19 -31.90 21.74 -13.97
C ILE G 19 -32.14 21.04 -15.32
N THR G 20 -32.98 20.01 -15.33
CA THR G 20 -33.32 19.29 -16.58
C THR G 20 -34.03 20.20 -17.58
N LYS G 21 -34.93 21.05 -17.08
CA LYS G 21 -35.59 22.07 -17.89
C LYS G 21 -34.58 23.08 -18.44
N ALA G 22 -33.64 23.50 -17.58
CA ALA G 22 -32.58 24.45 -17.98
C ALA G 22 -31.62 23.86 -19.02
N MET G 23 -31.22 22.60 -18.83
CA MET G 23 -30.32 21.91 -19.76
C MET G 23 -30.94 21.65 -21.14
N LYS G 24 -32.27 21.58 -21.22
CA LYS G 24 -32.97 21.52 -22.50
C LYS G 24 -32.75 22.79 -23.30
N MET G 25 -32.86 23.94 -22.64
CA MET G 25 -32.62 25.25 -23.26
C MET G 25 -31.16 25.48 -23.63
N VAL G 26 -30.26 25.05 -22.76
CA VAL G 26 -28.82 25.14 -23.01
C VAL G 26 -28.43 24.29 -24.22
N ALA G 27 -28.97 23.07 -24.29
CA ALA G 27 -28.74 22.19 -25.43
C ALA G 27 -29.33 22.76 -26.73
N ALA G 28 -30.55 23.27 -26.64
CA ALA G 28 -31.23 23.86 -27.81
C ALA G 28 -30.52 25.08 -28.39
N ALA G 29 -29.93 25.91 -27.52
CA ALA G 29 -29.09 27.03 -27.94
C ALA G 29 -27.87 26.54 -28.72
N LYS G 30 -27.23 25.49 -28.21
CA LYS G 30 -26.06 24.89 -28.86
C LYS G 30 -26.40 24.16 -30.17
N LEU G 31 -27.61 23.62 -30.27
CA LEU G 31 -28.11 23.05 -31.53
C LEU G 31 -28.15 24.11 -32.63
N ARG G 32 -28.72 25.27 -32.31
CA ARG G 32 -28.78 26.41 -33.24
C ARG G 32 -27.37 26.86 -33.64
N ARG G 33 -26.47 26.97 -32.67
CA ARG G 33 -25.09 27.39 -32.92
C ARG G 33 -24.32 26.41 -33.82
N ALA G 34 -24.54 25.11 -33.62
CA ALA G 34 -23.92 24.08 -34.46
C ALA G 34 -24.42 24.15 -35.91
N GLN G 35 -25.71 24.41 -36.09
CA GLN G 35 -26.30 24.60 -37.42
C GLN G 35 -25.85 25.88 -38.10
N GLU G 36 -25.72 26.96 -37.32
CA GLU G 36 -25.17 28.24 -37.83
C GLU G 36 -23.70 28.12 -38.24
N THR G 37 -22.93 27.34 -37.48
CA THR G 37 -21.53 27.04 -37.84
C THR G 37 -21.45 26.19 -39.10
N ALA G 38 -22.38 25.25 -39.27
CA ALA G 38 -22.47 24.43 -40.49
C ALA G 38 -22.84 25.24 -41.74
N GLU G 39 -23.59 26.33 -41.57
CA GLU G 39 -23.89 27.26 -42.67
C GLU G 39 -22.67 28.05 -43.18
N ASN G 40 -21.62 28.14 -42.35
CA ASN G 40 -20.33 28.72 -42.75
C ASN G 40 -19.36 27.66 -43.30
N ALA G 41 -19.40 26.45 -42.74
CA ALA G 41 -18.53 25.34 -43.17
C ALA G 41 -18.88 24.79 -44.57
N ARG G 42 -20.15 24.86 -44.96
CA ARG G 42 -20.60 24.35 -46.26
C ARG G 42 -20.08 25.15 -47.47
N PRO G 43 -20.26 26.50 -47.49
CA PRO G 43 -19.67 27.30 -48.59
C PRO G 43 -18.13 27.34 -48.58
N TYR G 44 -17.53 27.23 -47.40
CA TYR G 44 -16.08 27.07 -47.25
C TYR G 44 -15.59 25.84 -48.00
N ALA G 45 -16.28 24.71 -47.80
CA ALA G 45 -15.98 23.45 -48.48
C ALA G 45 -16.27 23.52 -49.98
N ASP G 46 -17.40 24.12 -50.35
CA ASP G 46 -17.78 24.30 -51.77
C ASP G 46 -16.78 25.16 -52.54
N LYS G 47 -16.21 26.17 -51.88
CA LYS G 47 -15.19 27.02 -52.49
C LYS G 47 -13.91 26.23 -52.81
N ILE G 48 -13.49 25.37 -51.90
CA ILE G 48 -12.32 24.50 -52.11
C ILE G 48 -12.60 23.49 -53.23
N LYS G 49 -13.82 22.94 -53.25
CA LYS G 49 -14.29 22.05 -54.33
C LYS G 49 -14.24 22.76 -55.70
N GLU G 50 -14.68 24.01 -55.72
CA GLU G 50 -14.69 24.82 -56.96
C GLU G 50 -13.30 24.97 -57.58
N VAL G 51 -12.29 25.22 -56.74
CA VAL G 51 -10.91 25.37 -57.19
C VAL G 51 -10.33 24.01 -57.62
N ILE G 52 -10.62 22.95 -56.88
CA ILE G 52 -10.16 21.59 -57.21
C ILE G 52 -10.73 21.13 -58.56
N SER G 53 -12.03 21.30 -58.75
CA SER G 53 -12.70 20.93 -60.01
C SER G 53 -12.24 21.79 -61.19
N SER G 54 -11.89 23.05 -60.93
CA SER G 54 -11.32 23.95 -61.94
C SER G 54 -9.92 23.51 -62.40
N ILE G 55 -9.09 23.07 -61.46
CA ILE G 55 -7.76 22.53 -61.77
C ILE G 55 -7.87 21.26 -62.62
N ALA G 56 -8.71 20.33 -62.18
CA ALA G 56 -8.92 19.05 -62.87
C ALA G 56 -9.50 19.23 -64.28
N ALA G 57 -10.39 20.20 -64.44
CA ALA G 57 -10.99 20.52 -65.75
C ALA G 57 -9.97 20.99 -66.80
N GLY G 58 -8.93 21.70 -66.35
CA GLY G 58 -7.85 22.17 -67.22
C GLY G 58 -6.52 21.46 -67.01
N THR G 59 -6.57 20.14 -66.91
CA THR G 59 -5.36 19.30 -66.78
C THR G 59 -5.55 18.01 -67.60
N LYS G 60 -4.57 17.71 -68.45
CA LYS G 60 -4.61 16.50 -69.29
C LYS G 60 -4.26 15.26 -68.47
N ASP G 61 -5.07 14.21 -68.64
CA ASP G 61 -4.90 12.93 -67.92
C ASP G 61 -4.86 13.15 -66.40
N PHE G 62 -5.92 13.76 -65.87
CA PHE G 62 -5.99 14.12 -64.46
C PHE G 62 -6.16 12.90 -63.56
N SER G 63 -5.36 12.85 -62.50
CA SER G 63 -5.42 11.76 -61.53
C SER G 63 -4.70 12.15 -60.24
N HIS G 64 -5.16 11.59 -59.12
CA HIS G 64 -4.52 11.80 -57.82
C HIS G 64 -4.84 10.62 -56.89
N PRO G 65 -3.86 10.17 -56.05
CA PRO G 65 -4.07 9.04 -55.12
C PRO G 65 -5.33 9.11 -54.23
N MET G 66 -5.67 10.31 -53.76
CA MET G 66 -6.87 10.52 -52.94
C MET G 66 -8.19 10.24 -53.67
N LEU G 67 -8.21 10.44 -54.99
CA LEU G 67 -9.40 10.17 -55.82
C LEU G 67 -9.47 8.73 -56.37
N GLU G 68 -8.36 7.98 -56.28
CA GLU G 68 -8.29 6.62 -56.84
C GLU G 68 -8.52 5.53 -55.79
N ALA G 69 -9.42 4.60 -56.11
CA ALA G 69 -9.66 3.43 -55.27
C ALA G 69 -8.59 2.37 -55.51
N ARG G 70 -8.36 1.53 -54.50
CA ARG G 70 -7.39 0.44 -54.59
C ARG G 70 -7.76 -0.72 -53.64
N PRO G 71 -7.16 -1.92 -53.83
CA PRO G 71 -7.45 -3.06 -52.94
C PRO G 71 -7.28 -2.73 -51.44
N VAL G 72 -8.21 -3.21 -50.63
CA VAL G 72 -8.33 -2.83 -49.22
C VAL G 72 -7.69 -3.88 -48.31
N LYS G 73 -6.42 -3.68 -47.96
CA LYS G 73 -5.74 -4.50 -46.93
C LYS G 73 -6.26 -4.14 -45.54
N LYS G 74 -6.29 -2.84 -45.24
CA LYS G 74 -6.82 -2.31 -43.98
C LYS G 74 -7.78 -1.15 -44.22
N THR G 75 -8.58 -0.85 -43.20
CA THR G 75 -9.57 0.23 -43.23
C THR G 75 -9.49 1.07 -41.95
N GLY G 76 -9.50 2.39 -42.11
CA GLY G 76 -9.58 3.32 -40.99
C GLY G 76 -11.03 3.65 -40.66
N TYR G 77 -11.34 3.76 -39.37
CA TYR G 77 -12.70 4.07 -38.91
C TYR G 77 -12.70 5.23 -37.91
N MET G 78 -13.19 6.39 -38.33
CA MET G 78 -13.45 7.49 -37.42
C MET G 78 -14.85 7.32 -36.84
N VAL G 79 -14.98 7.44 -35.52
CA VAL G 79 -16.26 7.28 -34.83
C VAL G 79 -16.49 8.49 -33.95
N ILE G 80 -17.59 9.21 -34.20
CA ILE G 80 -17.94 10.39 -33.43
C ILE G 80 -18.95 10.02 -32.33
N THR G 81 -18.60 10.35 -31.09
CA THR G 81 -19.51 10.27 -29.94
C THR G 81 -19.36 11.55 -29.12
N SER G 82 -20.21 11.70 -28.11
CA SER G 82 -20.13 12.82 -27.18
C SER G 82 -19.14 12.51 -26.07
N ASP G 83 -18.73 13.54 -25.33
CA ASP G 83 -17.95 13.37 -24.11
C ASP G 83 -18.90 13.17 -22.93
N ARG G 84 -19.83 14.12 -22.79
CA ARG G 84 -20.83 14.09 -21.73
C ARG G 84 -21.99 13.16 -22.07
N GLY G 85 -22.68 12.69 -21.04
CA GLY G 85 -23.87 11.87 -21.20
C GLY G 85 -25.14 12.69 -21.25
N LEU G 86 -26.24 12.10 -20.78
CA LEU G 86 -27.58 12.70 -20.75
C LEU G 86 -28.07 13.12 -22.14
N ALA G 87 -27.81 12.27 -23.13
CA ALA G 87 -28.22 12.49 -24.52
C ALA G 87 -29.04 11.31 -25.05
N GLY G 88 -29.78 10.64 -24.17
CA GLY G 88 -30.63 9.51 -24.55
C GLY G 88 -29.82 8.34 -25.09
N PRO G 89 -30.32 7.67 -26.16
CA PRO G 89 -29.58 6.59 -26.80
C PRO G 89 -28.56 7.03 -27.88
N TYR G 90 -28.27 8.33 -27.97
CA TYR G 90 -27.34 8.90 -28.96
C TYR G 90 -26.04 8.10 -29.14
N ASN G 91 -25.31 7.90 -28.05
CA ASN G 91 -24.05 7.13 -28.07
C ASN G 91 -24.29 5.64 -28.23
N ALA G 92 -25.33 5.11 -27.58
CA ALA G 92 -25.68 3.69 -27.68
C ALA G 92 -26.02 3.26 -29.12
N ASN G 93 -26.75 4.12 -29.84
CA ASN G 93 -27.18 3.82 -31.22
C ASN G 93 -26.02 3.77 -32.20
N ILE G 94 -25.16 4.78 -32.18
CA ILE G 94 -24.00 4.85 -33.08
C ILE G 94 -22.97 3.75 -32.80
N LEU G 95 -22.75 3.43 -31.53
CA LEU G 95 -21.85 2.32 -31.16
C LEU G 95 -22.41 0.94 -31.51
N ARG G 96 -23.74 0.81 -31.54
CA ARG G 96 -24.40 -0.42 -32.01
C ARG G 96 -24.13 -0.65 -33.50
N LEU G 97 -24.24 0.41 -34.31
CA LEU G 97 -23.94 0.33 -35.75
C LEU G 97 -22.48 -0.05 -36.01
N VAL G 98 -21.55 0.52 -35.24
CA VAL G 98 -20.13 0.20 -35.36
C VAL G 98 -19.86 -1.27 -34.99
N SER G 99 -20.50 -1.74 -33.92
CA SER G 99 -20.37 -3.14 -33.48
C SER G 99 -20.93 -4.14 -34.49
N LYS G 100 -22.12 -3.84 -35.02
CA LYS G 100 -22.76 -4.68 -36.05
C LYS G 100 -21.96 -4.71 -37.35
N THR G 101 -21.52 -3.53 -37.81
CA THR G 101 -20.76 -3.40 -39.06
C THR G 101 -19.42 -4.15 -38.99
N ILE G 102 -18.69 -3.98 -37.89
CA ILE G 102 -17.38 -4.62 -37.71
C ILE G 102 -17.47 -6.14 -37.57
N GLU G 103 -18.49 -6.64 -36.88
CA GLU G 103 -18.68 -8.09 -36.71
C GLU G 103 -19.04 -8.78 -38.04
N GLU G 104 -19.92 -8.15 -38.81
CA GLU G 104 -20.33 -8.67 -40.13
C GLU G 104 -19.23 -8.57 -41.18
N ARG G 105 -18.54 -7.43 -41.21
CA ARG G 105 -17.55 -7.13 -42.26
C ARG G 105 -16.18 -7.78 -42.04
N HIS G 106 -15.70 -7.77 -40.79
CA HIS G 106 -14.33 -8.22 -40.47
C HIS G 106 -14.30 -9.48 -39.61
N GLN G 107 -13.27 -10.30 -39.82
CA GLN G 107 -13.02 -11.51 -39.06
C GLN G 107 -11.85 -11.40 -38.07
N SER G 108 -11.12 -10.28 -38.11
CA SER G 108 -9.98 -10.05 -37.20
C SER G 108 -9.78 -8.57 -36.91
N LYS G 109 -9.12 -8.28 -35.79
CA LYS G 109 -8.81 -6.92 -35.37
C LYS G 109 -7.72 -6.25 -36.22
N ASP G 110 -6.88 -7.08 -36.86
CA ASP G 110 -5.81 -6.58 -37.75
C ASP G 110 -6.32 -5.94 -39.05
N GLU G 111 -7.57 -6.21 -39.44
CA GLU G 111 -8.17 -5.67 -40.66
C GLU G 111 -8.58 -4.18 -40.59
N TYR G 112 -8.59 -3.60 -39.39
CA TYR G 112 -9.02 -2.20 -39.22
C TYR G 112 -8.36 -1.47 -38.05
N VAL G 113 -8.54 -0.16 -38.02
CA VAL G 113 -8.10 0.72 -36.92
C VAL G 113 -9.17 1.77 -36.63
N ILE G 114 -9.21 2.25 -35.38
CA ILE G 114 -10.25 3.17 -34.92
C ILE G 114 -9.67 4.51 -34.44
N PHE G 115 -10.24 5.61 -34.93
CA PHE G 115 -9.99 6.95 -34.42
C PHE G 115 -11.19 7.36 -33.57
N ALA G 116 -11.01 7.41 -32.24
CA ALA G 116 -12.10 7.66 -31.29
C ALA G 116 -12.32 9.14 -31.03
N VAL G 117 -13.23 9.75 -31.79
CA VAL G 117 -13.61 11.16 -31.60
C VAL G 117 -14.75 11.20 -30.57
N GLY G 118 -14.39 11.46 -29.30
CA GLY G 118 -15.35 11.54 -28.21
C GLY G 118 -15.07 10.52 -27.11
N ARG G 119 -15.29 10.93 -25.86
CA ARG G 119 -14.93 10.13 -24.68
C ARG G 119 -15.79 8.87 -24.50
N LYS G 120 -17.08 8.98 -24.80
CA LYS G 120 -18.02 7.87 -24.60
C LYS G 120 -17.67 6.68 -25.50
N GLY G 121 -17.31 6.97 -26.75
CA GLY G 121 -16.84 5.96 -27.70
C GLY G 121 -15.49 5.38 -27.34
N ARG G 122 -14.54 6.26 -26.97
CA ARG G 122 -13.21 5.84 -26.53
C ARG G 122 -13.28 4.79 -25.42
N ASP G 123 -14.09 5.06 -24.40
CA ASP G 123 -14.25 4.16 -23.26
C ASP G 123 -14.88 2.84 -23.67
N PHE G 124 -15.89 2.89 -24.56
CA PHE G 124 -16.54 1.70 -25.11
C PHE G 124 -15.54 0.81 -25.86
N PHE G 125 -14.77 1.40 -26.76
CA PHE G 125 -13.82 0.66 -27.60
C PHE G 125 -12.64 0.07 -26.81
N LYS G 126 -12.09 0.85 -25.89
CA LYS G 126 -10.97 0.39 -25.05
C LYS G 126 -11.36 -0.71 -24.06
N LYS G 127 -12.58 -0.63 -23.51
CA LYS G 127 -13.11 -1.65 -22.61
C LYS G 127 -13.27 -3.03 -23.27
N ARG G 128 -13.64 -3.03 -24.56
CA ARG G 128 -13.85 -4.28 -25.32
C ARG G 128 -12.67 -4.68 -26.23
N GLY G 129 -11.51 -4.06 -26.02
CA GLY G 129 -10.28 -4.44 -26.72
C GLY G 129 -10.22 -4.12 -28.21
N TYR G 130 -10.94 -3.08 -28.64
CA TYR G 130 -10.91 -2.65 -30.04
C TYR G 130 -9.59 -1.92 -30.32
N PRO G 131 -9.10 -1.98 -31.58
CA PRO G 131 -7.83 -1.33 -31.93
C PRO G 131 -7.96 0.19 -32.08
N VAL G 132 -7.81 0.90 -30.97
CA VAL G 132 -7.84 2.37 -30.95
C VAL G 132 -6.42 2.90 -31.15
N VAL G 133 -6.14 3.37 -32.37
CA VAL G 133 -4.83 3.93 -32.71
C VAL G 133 -4.69 5.34 -32.15
N GLU G 134 -5.70 6.18 -32.38
CA GLU G 134 -5.71 7.56 -31.89
C GLU G 134 -7.08 7.96 -31.34
N GLU G 135 -7.10 9.07 -30.62
CA GLU G 135 -8.30 9.58 -29.97
C GLU G 135 -8.28 11.08 -29.85
N VAL G 136 -9.45 11.65 -29.53
CA VAL G 136 -9.54 13.06 -29.15
C VAL G 136 -10.76 13.27 -28.24
N THR G 137 -10.54 13.99 -27.14
CA THR G 137 -11.59 14.32 -26.17
C THR G 137 -11.49 15.79 -25.76
N GLY G 138 -12.49 16.26 -25.02
CA GLY G 138 -12.56 17.65 -24.59
C GLY G 138 -12.83 18.65 -25.70
N ILE G 139 -13.56 18.22 -26.73
CA ILE G 139 -13.93 19.07 -27.86
C ILE G 139 -15.02 20.02 -27.37
N SER G 140 -14.92 21.30 -27.73
CA SER G 140 -15.90 22.32 -27.30
C SER G 140 -17.25 22.12 -27.98
N ASP G 141 -18.30 22.65 -27.36
CA ASP G 141 -19.68 22.45 -27.82
C ASP G 141 -19.96 23.07 -29.19
N THR G 142 -19.32 24.21 -29.48
CA THR G 142 -19.33 24.81 -30.82
C THR G 142 -17.90 24.74 -31.37
N PRO G 143 -17.52 23.58 -31.95
CA PRO G 143 -16.11 23.33 -32.26
C PRO G 143 -15.59 24.02 -33.52
N SER G 144 -14.30 24.36 -33.50
CA SER G 144 -13.58 24.83 -34.68
C SER G 144 -12.94 23.62 -35.39
N LEU G 145 -12.53 23.83 -36.64
CA LEU G 145 -11.83 22.78 -37.40
C LEU G 145 -10.48 22.41 -36.77
N THR G 146 -9.83 23.40 -36.14
CA THR G 146 -8.55 23.20 -35.45
C THR G 146 -8.59 22.14 -34.33
N GLU G 147 -9.76 21.98 -33.70
CA GLU G 147 -9.93 21.01 -32.60
C GLU G 147 -9.93 19.54 -33.04
N ILE G 148 -10.10 19.27 -34.33
CA ILE G 148 -9.99 17.90 -34.90
C ILE G 148 -8.96 17.79 -36.04
N GLN G 149 -8.12 18.81 -36.20
CA GLN G 149 -7.21 18.88 -37.35
C GLN G 149 -6.06 17.87 -37.26
N ASP G 150 -5.50 17.69 -36.06
CA ASP G 150 -4.38 16.75 -35.85
C ASP G 150 -4.77 15.30 -36.14
N ILE G 151 -5.88 14.85 -35.56
CA ILE G 151 -6.38 13.48 -35.80
C ILE G 151 -6.88 13.26 -37.23
N ALA G 152 -7.46 14.29 -37.84
CA ALA G 152 -7.88 14.24 -39.23
C ALA G 152 -6.69 14.15 -40.18
N GLN G 153 -5.69 15.01 -39.98
CA GLN G 153 -4.44 14.97 -40.75
C GLN G 153 -3.68 13.65 -40.58
N SER G 154 -3.71 13.11 -39.36
CA SER G 154 -3.11 11.79 -39.09
C SER G 154 -3.85 10.67 -39.83
N ALA G 155 -5.19 10.73 -39.81
CA ALA G 155 -6.03 9.77 -40.55
C ALA G 155 -5.87 9.88 -42.07
N ILE G 156 -5.83 11.13 -42.56
CA ILE G 156 -5.58 11.40 -43.99
C ILE G 156 -4.17 10.98 -44.41
N GLY G 157 -3.19 11.25 -43.54
CA GLY G 157 -1.80 10.85 -43.78
C GLY G 157 -1.59 9.34 -43.85
N MET G 158 -2.32 8.61 -43.02
CA MET G 158 -2.27 7.13 -43.02
C MET G 158 -2.86 6.50 -44.29
N PHE G 159 -3.81 7.19 -44.92
CA PHE G 159 -4.31 6.79 -46.24
C PHE G 159 -3.27 7.08 -47.34
N ALA G 160 -2.62 8.23 -47.26
CA ALA G 160 -1.65 8.67 -48.28
C ALA G 160 -0.43 7.77 -48.39
N ASP G 161 0.10 7.32 -47.25
CA ASP G 161 1.27 6.41 -47.22
C ASP G 161 0.90 4.90 -47.18
N GLU G 162 -0.38 4.58 -47.38
CA GLU G 162 -0.87 3.20 -47.48
C GLU G 162 -0.73 2.37 -46.19
N THR G 163 -0.90 3.03 -45.04
CA THR G 163 -1.02 2.34 -43.75
C THR G 163 -2.36 1.60 -43.71
N PHE G 164 -3.41 2.28 -44.19
CA PHE G 164 -4.65 1.64 -44.62
C PHE G 164 -5.08 2.19 -45.98
N ASP G 165 -6.03 1.51 -46.62
CA ASP G 165 -6.44 1.81 -48.00
C ASP G 165 -7.89 2.31 -48.13
N LYS G 166 -8.52 2.65 -47.00
CA LYS G 166 -9.88 3.20 -46.99
C LYS G 166 -10.17 3.87 -45.65
N LEU G 167 -10.97 4.93 -45.68
CA LEU G 167 -11.33 5.71 -44.48
C LEU G 167 -12.80 6.09 -44.54
N THR G 168 -13.58 5.61 -43.56
CA THR G 168 -14.99 5.97 -43.41
C THR G 168 -15.21 6.57 -42.03
N ILE G 169 -16.36 7.22 -41.85
CA ILE G 169 -16.68 7.90 -40.59
C ILE G 169 -18.10 7.57 -40.12
N PHE G 170 -18.21 7.24 -38.82
CA PHE G 170 -19.48 6.90 -38.18
C PHE G 170 -19.96 8.06 -37.33
N TYR G 171 -21.22 8.49 -37.54
CA TYR G 171 -21.84 9.50 -36.69
C TYR G 171 -23.37 9.46 -36.79
N ASN G 172 -24.03 10.13 -35.85
CA ASN G 172 -25.48 10.32 -35.89
C ASN G 172 -25.81 11.49 -36.79
N GLU G 173 -26.46 11.21 -37.92
CA GLU G 173 -26.88 12.25 -38.86
C GLU G 173 -28.12 12.97 -38.34
N PHE G 174 -28.07 14.30 -38.35
CA PHE G 174 -29.17 15.13 -37.85
C PHE G 174 -30.29 15.20 -38.89
N VAL G 175 -31.48 14.72 -38.51
CA VAL G 175 -32.71 14.90 -39.28
C VAL G 175 -33.54 16.02 -38.63
N SER G 176 -33.83 15.84 -37.34
CA SER G 176 -34.59 16.82 -36.55
C SER G 176 -34.14 16.76 -35.08
N PRO G 177 -34.65 17.69 -34.23
CA PRO G 177 -34.39 17.59 -32.79
C PRO G 177 -34.81 16.26 -32.13
N ILE G 178 -35.85 15.61 -32.66
CA ILE G 178 -36.30 14.31 -32.16
C ILE G 178 -35.52 13.17 -32.84
N VAL G 179 -35.36 13.23 -34.16
CA VAL G 179 -34.82 12.12 -34.95
C VAL G 179 -33.32 12.31 -35.31
N GLN G 180 -32.49 11.35 -34.90
CA GLN G 180 -31.08 11.29 -35.31
C GLN G 180 -30.74 9.85 -35.72
N ARG G 181 -30.20 9.68 -36.91
CA ARG G 181 -29.96 8.37 -37.51
C ARG G 181 -28.46 8.04 -37.61
N PRO G 182 -28.03 6.89 -37.03
CA PRO G 182 -26.66 6.42 -37.25
C PRO G 182 -26.37 6.10 -38.72
N VAL G 183 -25.22 6.56 -39.21
CA VAL G 183 -24.80 6.33 -40.60
C VAL G 183 -23.30 6.08 -40.69
N GLU G 184 -22.88 5.48 -41.81
CA GLU G 184 -21.47 5.36 -42.17
C GLU G 184 -21.27 6.06 -43.51
N LYS G 185 -20.31 6.99 -43.56
CA LYS G 185 -20.01 7.76 -44.77
C LYS G 185 -18.54 7.61 -45.13
N GLN G 186 -18.26 7.42 -46.42
CA GLN G 186 -16.88 7.26 -46.90
C GLN G 186 -16.20 8.62 -47.03
N LEU G 187 -14.96 8.70 -46.54
CA LEU G 187 -14.13 9.91 -46.66
C LEU G 187 -13.07 9.71 -47.75
N LEU G 188 -12.23 8.70 -47.57
CA LEU G 188 -11.17 8.37 -48.52
C LEU G 188 -11.30 6.89 -48.94
N PRO G 189 -11.17 6.57 -50.22
CA PRO G 189 -10.88 7.51 -51.31
C PRO G 189 -12.06 8.42 -51.66
N LEU G 190 -11.76 9.63 -52.10
CA LEU G 190 -12.77 10.59 -52.53
C LEU G 190 -13.42 10.12 -53.83
N THR G 191 -14.73 10.28 -53.94
CA THR G 191 -15.46 9.95 -55.16
C THR G 191 -15.27 11.08 -56.18
N SER G 192 -14.83 10.74 -57.39
CA SER G 192 -14.55 11.73 -58.45
C SER G 192 -15.81 12.45 -58.97
N GLU G 193 -16.98 11.81 -58.82
CA GLU G 193 -18.24 12.38 -59.28
C GLU G 193 -18.66 13.59 -58.44
N GLU G 194 -18.54 13.45 -57.12
CA GLU G 194 -19.01 14.46 -56.15
C GLU G 194 -17.99 15.56 -55.81
N VAL G 195 -16.72 15.36 -56.16
CA VAL G 195 -15.64 16.33 -55.90
C VAL G 195 -15.31 17.21 -57.13
N LEU G 196 -15.34 16.62 -58.32
CA LEU G 196 -14.99 17.34 -59.56
C LEU G 196 -16.17 17.96 -60.32
N ASP G 197 -17.36 17.99 -59.71
CA ASP G 197 -18.56 18.57 -60.34
C ASP G 197 -18.86 20.03 -59.92
N GLY G 198 -17.87 20.72 -59.35
CA GLY G 198 -18.02 22.14 -59.01
C GLY G 198 -17.94 23.03 -60.24
N PRO G 199 -18.35 24.31 -60.12
CA PRO G 199 -18.27 25.23 -61.26
C PRO G 199 -16.82 25.48 -61.72
N VAL G 200 -16.58 25.32 -63.01
CA VAL G 200 -15.23 25.49 -63.58
C VAL G 200 -14.99 26.96 -63.88
N SER G 201 -13.79 27.43 -63.54
CA SER G 201 -13.39 28.83 -63.79
C SER G 201 -11.91 28.92 -64.12
N ALA G 202 -11.55 29.91 -64.94
CA ALA G 202 -10.16 30.13 -65.33
C ALA G 202 -9.42 30.91 -64.24
N TYR G 203 -8.46 30.25 -63.58
CA TYR G 203 -7.55 30.89 -62.64
C TYR G 203 -6.12 30.72 -63.12
N GLU G 204 -5.26 31.70 -62.81
CA GLU G 204 -3.82 31.49 -62.85
C GLU G 204 -3.41 30.88 -61.51
N TYR G 205 -2.35 30.08 -61.50
CA TYR G 205 -1.89 29.39 -60.29
C TYR G 205 -0.43 29.74 -59.98
N GLU G 206 -0.14 29.88 -58.70
CA GLU G 206 1.15 30.39 -58.22
C GLU G 206 1.58 29.57 -56.97
N PRO G 207 2.65 28.78 -57.06
CA PRO G 207 3.53 28.63 -58.23
C PRO G 207 2.89 27.93 -59.43
N ASP G 208 2.05 26.93 -59.18
CA ASP G 208 1.41 26.15 -60.25
C ASP G 208 0.18 25.40 -59.74
N SER G 209 -0.56 24.78 -60.67
CA SER G 209 -1.80 24.06 -60.35
C SER G 209 -1.57 22.80 -59.50
N GLU G 210 -0.45 22.10 -59.72
CA GLU G 210 -0.10 20.92 -58.91
C GLU G 210 0.17 21.28 -57.44
N SER G 211 0.90 22.37 -57.20
CA SER G 211 1.20 22.84 -55.85
C SER G 211 -0.05 23.30 -55.09
N VAL G 212 -0.97 23.94 -55.79
CA VAL G 212 -2.25 24.38 -55.21
C VAL G 212 -3.12 23.15 -54.88
N LEU G 213 -3.22 22.23 -55.85
CA LEU G 213 -3.97 20.98 -55.69
C LEU G 213 -3.48 20.14 -54.52
N GLU G 214 -2.17 20.11 -54.30
CA GLU G 214 -1.57 19.30 -53.23
C GLU G 214 -1.92 19.83 -51.84
N VAL G 215 -2.18 21.14 -51.74
CA VAL G 215 -2.63 21.77 -50.50
C VAL G 215 -4.15 21.56 -50.29
N LEU G 216 -4.94 21.79 -51.35
CA LEU G 216 -6.40 21.83 -51.24
C LEU G 216 -7.09 20.47 -51.05
N LEU G 217 -6.54 19.40 -51.62
CA LEU G 217 -7.16 18.06 -51.52
C LEU G 217 -7.17 17.47 -50.09
N PRO G 218 -6.03 17.49 -49.38
CA PRO G 218 -6.08 17.14 -47.95
C PRO G 218 -6.92 18.12 -47.11
N LYS G 219 -6.88 19.40 -47.49
CA LYS G 219 -7.69 20.44 -46.84
C LYS G 219 -9.19 20.22 -47.02
N TYR G 220 -9.59 19.71 -48.19
CA TYR G 220 -10.98 19.34 -48.45
C TYR G 220 -11.40 18.13 -47.63
N ALA G 221 -10.52 17.14 -47.51
CA ALA G 221 -10.77 15.96 -46.67
C ALA G 221 -10.93 16.32 -45.18
N GLU G 222 -10.20 17.34 -44.73
CA GLU G 222 -10.37 17.88 -43.37
C GLU G 222 -11.76 18.47 -43.14
N THR G 223 -12.26 19.23 -44.12
CA THR G 223 -13.58 19.87 -44.00
C THR G 223 -14.73 18.86 -44.04
N LEU G 224 -14.54 17.73 -44.72
CA LEU G 224 -15.52 16.63 -44.71
C LEU G 224 -15.64 16.00 -43.32
N ILE G 225 -14.50 15.83 -42.65
CA ILE G 225 -14.46 15.35 -41.27
C ILE G 225 -15.07 16.38 -40.32
N TYR G 226 -14.76 17.66 -40.55
CA TYR G 226 -15.30 18.77 -39.75
C TYR G 226 -16.82 18.94 -39.90
N SER G 227 -17.31 18.81 -41.13
CA SER G 227 -18.75 18.87 -41.40
C SER G 227 -19.52 17.73 -40.74
N ALA G 228 -18.91 16.55 -40.69
CA ALA G 228 -19.46 15.41 -39.95
C ALA G 228 -19.50 15.65 -38.44
N LEU G 229 -18.47 16.32 -37.91
CA LEU G 229 -18.43 16.71 -36.49
C LEU G 229 -19.55 17.69 -36.13
N LEU G 230 -19.70 18.75 -36.93
CA LEU G 230 -20.76 19.74 -36.71
C LEU G 230 -22.15 19.12 -36.80
N ASP G 231 -22.35 18.20 -37.74
CA ASP G 231 -23.62 17.48 -37.88
C ASP G 231 -23.86 16.51 -36.72
N ALA G 232 -22.79 15.85 -36.27
CA ALA G 232 -22.84 14.98 -35.08
C ALA G 232 -23.13 15.78 -33.81
N LYS G 233 -22.55 16.98 -33.70
CA LYS G 233 -22.83 17.90 -32.59
C LYS G 233 -24.30 18.35 -32.57
N ALA G 234 -24.84 18.67 -33.75
CA ALA G 234 -26.27 18.98 -33.89
C ALA G 234 -27.15 17.82 -33.42
N SER G 235 -26.77 16.60 -33.78
CA SER G 235 -27.46 15.39 -33.31
C SER G 235 -27.33 15.16 -31.80
N GLU G 236 -26.17 15.50 -31.23
CA GLU G 236 -25.93 15.39 -29.78
C GLU G 236 -26.86 16.31 -28.98
N PHE G 237 -26.88 17.58 -29.36
CA PHE G 237 -27.66 18.60 -28.63
C PHE G 237 -29.16 18.43 -28.83
N GLY G 238 -29.58 18.00 -30.02
CA GLY G 238 -30.96 17.62 -30.27
C GLY G 238 -31.40 16.44 -29.43
N ALA G 239 -30.53 15.43 -29.33
CA ALA G 239 -30.78 14.26 -28.47
C ALA G 239 -30.86 14.62 -26.99
N ARG G 240 -30.05 15.60 -26.56
CA ARG G 240 -30.10 16.11 -25.18
C ARG G 240 -31.37 16.93 -24.89
N MET G 241 -31.87 17.67 -25.88
CA MET G 241 -33.17 18.37 -25.75
C MET G 241 -34.30 17.39 -25.44
N THR G 242 -34.38 16.33 -26.24
CA THR G 242 -35.43 15.33 -26.12
C THR G 242 -35.34 14.57 -24.79
N ALA G 243 -34.13 14.10 -24.46
CA ALA G 243 -33.90 13.32 -23.23
C ALA G 243 -34.19 14.12 -21.96
N MET G 244 -33.73 15.37 -21.91
CA MET G 244 -33.96 16.25 -20.76
C MET G 244 -35.36 16.88 -20.77
N GLY G 245 -35.97 16.98 -21.95
CA GLY G 245 -37.39 17.33 -22.06
C GLY G 245 -38.29 16.25 -21.48
N ASN G 246 -37.95 14.98 -21.72
CA ASN G 246 -38.64 13.84 -21.11
C ASN G 246 -38.41 13.79 -19.61
N ALA G 247 -37.16 13.99 -19.19
CA ALA G 247 -36.80 14.02 -17.76
C ALA G 247 -37.51 15.14 -16.98
N THR G 248 -37.79 16.25 -17.65
CA THR G 248 -38.59 17.34 -17.08
C THR G 248 -40.07 16.95 -16.93
N ASP G 249 -40.63 16.31 -17.98
CA ASP G 249 -42.01 15.82 -17.94
C ASP G 249 -42.20 14.68 -16.93
N ASN G 250 -41.19 13.82 -16.81
CA ASN G 250 -41.18 12.75 -15.81
C ASN G 250 -41.08 13.29 -14.38
N ALA G 251 -40.30 14.35 -14.19
CA ALA G 251 -40.14 15.00 -12.89
C ALA G 251 -41.45 15.64 -12.39
N THR G 252 -42.20 16.28 -13.30
CA THR G 252 -43.49 16.88 -12.97
C THR G 252 -44.55 15.82 -12.63
N GLU G 253 -44.50 14.68 -13.30
CA GLU G 253 -45.36 13.53 -13.00
C GLU G 253 -45.09 12.98 -11.60
N MET G 254 -43.81 12.78 -11.28
CA MET G 254 -43.39 12.31 -9.97
C MET G 254 -43.66 13.33 -8.86
N LEU G 255 -43.47 14.62 -9.17
CA LEU G 255 -43.71 15.70 -8.21
C LEU G 255 -45.17 15.78 -7.77
N GLU G 256 -46.10 15.47 -8.69
CA GLU G 256 -47.52 15.38 -8.36
C GLU G 256 -47.82 14.18 -7.45
N THR G 257 -47.25 13.02 -7.80
CA THR G 257 -47.40 11.80 -7.00
C THR G 257 -46.91 11.96 -5.56
N LEU G 258 -45.77 12.64 -5.40
CA LEU G 258 -45.22 12.96 -4.08
C LEU G 258 -46.08 13.96 -3.31
N THR G 259 -46.63 14.95 -4.03
CA THR G 259 -47.55 15.94 -3.44
C THR G 259 -48.87 15.31 -2.96
N LEU G 260 -49.35 14.28 -3.66
CA LEU G 260 -50.52 13.50 -3.21
C LEU G 260 -50.21 12.71 -1.94
N GLN G 261 -49.04 12.05 -1.92
CA GLN G 261 -48.57 11.30 -0.76
C GLN G 261 -48.35 12.19 0.47
N PHE G 262 -47.78 13.38 0.24
CA PHE G 262 -47.54 14.35 1.32
C PHE G 262 -48.84 14.80 1.97
N ASN G 263 -49.79 15.23 1.15
CA ASN G 263 -51.09 15.71 1.64
C ASN G 263 -51.98 14.60 2.19
N ARG G 264 -51.74 13.35 1.77
CA ARG G 264 -52.35 12.18 2.40
C ARG G 264 -51.82 12.01 3.83
N ALA G 265 -50.51 12.15 4.00
CA ALA G 265 -49.85 12.01 5.30
C ALA G 265 -50.11 13.19 6.23
N ARG G 266 -50.15 14.40 5.66
CA ARG G 266 -50.44 15.62 6.43
C ARG G 266 -51.84 15.56 7.05
N GLN G 267 -52.82 15.19 6.23
CA GLN G 267 -54.20 15.04 6.70
C GLN G 267 -54.37 13.90 7.70
N ALA G 268 -53.69 12.79 7.45
CA ALA G 268 -53.70 11.64 8.36
C ALA G 268 -53.05 11.97 9.71
N ALA G 269 -51.95 12.72 9.67
CA ALA G 269 -51.23 13.12 10.89
C ALA G 269 -52.07 14.03 11.79
N ILE G 270 -52.74 15.01 11.20
CA ILE G 270 -53.61 15.94 11.95
C ILE G 270 -54.84 15.20 12.50
N THR G 271 -55.41 14.29 11.69
CA THR G 271 -56.55 13.47 12.12
C THR G 271 -56.20 12.58 13.33
N GLN G 272 -55.01 11.97 13.29
CA GLN G 272 -54.55 11.09 14.38
C GLN G 272 -54.20 11.89 15.64
N GLU G 273 -53.44 12.97 15.46
CA GLU G 273 -53.00 13.82 16.58
C GLU G 273 -54.16 14.36 17.40
N ILE G 274 -55.14 14.94 16.72
CA ILE G 274 -56.33 15.51 17.38
C ILE G 274 -57.25 14.44 17.99
N ALA G 275 -57.31 13.25 17.37
CA ALA G 275 -58.09 12.13 17.89
C ALA G 275 -57.53 11.58 19.22
N GLU G 276 -56.20 11.53 19.33
CA GLU G 276 -55.52 11.09 20.56
C GLU G 276 -55.69 12.09 21.72
N ILE G 277 -55.70 13.38 21.39
CA ILE G 277 -55.90 14.45 22.39
C ILE G 277 -57.33 14.38 22.96
N VAL G 278 -58.32 14.25 22.07
CA VAL G 278 -59.73 14.16 22.47
C VAL G 278 -60.04 12.85 23.20
N ALA G 279 -59.44 11.75 22.76
CA ALA G 279 -59.56 10.46 23.45
C ALA G 279 -58.98 10.50 24.87
N GLY G 280 -57.82 11.16 25.03
CA GLY G 280 -57.21 11.37 26.34
C GLY G 280 -58.03 12.22 27.29
N ALA G 281 -58.69 13.24 26.74
CA ALA G 281 -59.58 14.11 27.53
C ALA G 281 -60.87 13.42 27.99
N ASN G 282 -61.46 12.60 27.11
CA ASN G 282 -62.67 11.85 27.43
C ASN G 282 -62.46 10.76 28.49
N ALA G 283 -61.24 10.24 28.58
CA ALA G 283 -60.89 9.22 29.59
C ALA G 283 -60.95 9.75 31.02
N LEU G 284 -60.64 11.03 31.21
CA LEU G 284 -60.72 11.68 32.52
C LEU G 284 -62.18 11.88 32.94
N ARG G 285 -62.94 12.54 32.08
CA ARG G 285 -64.38 12.77 32.31
C ARG G 285 -65.17 11.49 32.06
N THR H 3 -12.11 50.54 -55.33
CA THR H 3 -11.96 49.51 -54.25
C THR H 3 -12.40 48.12 -54.74
N VAL H 4 -12.17 47.12 -53.89
CA VAL H 4 -12.60 45.74 -54.15
C VAL H 4 -13.12 45.11 -52.85
N GLN H 5 -14.19 44.32 -52.96
CA GLN H 5 -14.80 43.67 -51.80
C GLN H 5 -13.89 42.53 -51.33
N VAL H 6 -13.65 42.46 -50.02
CA VAL H 6 -12.74 41.48 -49.41
C VAL H 6 -13.47 40.68 -48.34
N ASP H 7 -13.29 39.37 -48.36
CA ASP H 7 -13.80 38.48 -47.31
C ASP H 7 -12.67 37.59 -46.79
N ILE H 8 -12.36 37.72 -45.49
CA ILE H 8 -11.48 36.79 -44.78
C ILE H 8 -12.39 35.89 -43.94
N VAL H 9 -12.33 34.59 -44.21
CA VAL H 9 -13.29 33.61 -43.66
C VAL H 9 -12.54 32.38 -43.11
N THR H 10 -13.12 31.75 -42.10
CA THR H 10 -12.66 30.45 -41.58
C THR H 10 -13.80 29.43 -41.78
N PRO H 11 -13.56 28.14 -41.45
CA PRO H 11 -14.67 27.17 -41.49
C PRO H 11 -15.89 27.50 -40.63
N GLU H 12 -15.70 28.28 -39.56
CA GLU H 12 -16.75 28.51 -38.56
C GLU H 12 -17.41 29.89 -38.62
N ARG H 13 -16.72 30.91 -39.14
CA ARG H 13 -17.28 32.27 -39.19
C ARG H 13 -16.60 33.18 -40.23
N LYS H 14 -17.25 34.32 -40.51
CA LYS H 14 -16.66 35.39 -41.30
C LYS H 14 -15.96 36.37 -40.36
N VAL H 15 -14.70 36.70 -40.67
CA VAL H 15 -13.83 37.49 -39.81
C VAL H 15 -13.75 38.95 -40.24
N PHE H 16 -13.53 39.17 -41.54
CA PHE H 16 -13.49 40.52 -42.12
C PHE H 16 -14.44 40.63 -43.30
N GLN H 17 -15.10 41.79 -43.41
CA GLN H 17 -15.97 42.12 -44.54
C GLN H 17 -15.89 43.63 -44.80
N GLY H 18 -15.67 44.00 -46.06
CA GLY H 18 -15.58 45.42 -46.44
C GLY H 18 -14.89 45.64 -47.76
N GLU H 19 -14.96 46.88 -48.25
CA GLU H 19 -14.29 47.28 -49.49
C GLU H 19 -12.95 47.91 -49.17
N ALA H 20 -11.89 47.37 -49.78
CA ALA H 20 -10.50 47.78 -49.52
C ALA H 20 -9.85 48.41 -50.75
N ASP H 21 -8.92 49.33 -50.50
CA ASP H 21 -8.10 49.93 -51.57
C ASP H 21 -7.07 48.92 -52.07
N ILE H 22 -6.39 48.27 -51.13
CA ILE H 22 -5.41 47.22 -51.44
C ILE H 22 -5.40 46.18 -50.31
N VAL H 23 -5.18 44.91 -50.68
CA VAL H 23 -5.07 43.80 -49.73
C VAL H 23 -3.65 43.22 -49.83
N ILE H 24 -2.85 43.46 -48.80
CA ILE H 24 -1.46 42.99 -48.76
C ILE H 24 -1.45 41.61 -48.07
N ALA H 25 -1.12 40.58 -48.85
CA ALA H 25 -1.05 39.20 -48.35
C ALA H 25 0.27 38.55 -48.75
N ARG H 26 0.84 37.76 -47.84
CA ARG H 26 2.13 37.12 -48.06
C ARG H 26 1.97 35.73 -48.66
N GLY H 27 2.04 35.65 -49.98
CA GLY H 27 1.96 34.39 -50.71
C GLY H 27 3.20 33.54 -50.53
N VAL H 28 3.07 32.24 -50.83
CA VAL H 28 4.20 31.30 -50.76
C VAL H 28 5.38 31.66 -51.68
N GLU H 29 5.07 32.28 -52.82
CA GLU H 29 6.09 32.75 -53.78
C GLU H 29 6.54 34.20 -53.53
N GLY H 30 5.64 35.03 -53.02
CA GLY H 30 5.97 36.42 -52.71
C GLY H 30 4.80 37.23 -52.19
N GLU H 31 5.08 38.46 -51.76
CA GLU H 31 4.07 39.37 -51.23
C GLU H 31 3.15 39.87 -52.35
N LEU H 32 1.87 39.51 -52.27
CA LEU H 32 0.84 40.01 -53.20
C LEU H 32 0.31 41.35 -52.72
N GLY H 33 -0.02 42.23 -53.68
CA GLY H 33 -0.71 43.49 -53.42
C GLY H 33 -1.94 43.57 -54.28
N VAL H 34 -3.02 42.93 -53.81
CA VAL H 34 -4.25 42.77 -54.60
C VAL H 34 -5.13 44.02 -54.54
N MET H 35 -5.30 44.66 -55.70
CA MET H 35 -6.20 45.80 -55.87
C MET H 35 -7.33 45.41 -56.83
N ALA H 36 -8.23 46.34 -57.12
CA ALA H 36 -9.35 46.09 -58.05
C ALA H 36 -8.85 45.83 -59.47
N GLY H 37 -9.57 44.96 -60.18
CA GLY H 37 -9.22 44.59 -61.55
C GLY H 37 -7.98 43.70 -61.68
N HIS H 38 -7.71 42.88 -60.66
CA HIS H 38 -6.60 41.92 -60.70
C HIS H 38 -7.03 40.68 -61.47
N ILE H 39 -6.07 40.01 -62.10
CA ILE H 39 -6.33 38.81 -62.89
C ILE H 39 -6.78 37.69 -61.92
N PRO H 40 -7.75 36.84 -62.35
CA PRO H 40 -8.13 35.68 -61.53
C PRO H 40 -6.93 34.80 -61.13
N LEU H 41 -6.75 34.63 -59.81
CA LEU H 41 -5.56 33.99 -59.24
C LEU H 41 -5.91 33.21 -57.98
N VAL H 42 -5.28 32.05 -57.80
CA VAL H 42 -5.33 31.29 -56.55
C VAL H 42 -3.90 30.94 -56.13
N THR H 43 -3.58 31.19 -54.87
CA THR H 43 -2.25 30.90 -54.31
C THR H 43 -2.33 30.59 -52.81
N PRO H 44 -1.54 29.61 -52.32
CA PRO H 44 -1.42 29.44 -50.87
C PRO H 44 -0.70 30.62 -50.20
N LEU H 45 -1.07 30.90 -48.96
CA LEU H 45 -0.43 31.96 -48.17
C LEU H 45 0.41 31.35 -47.08
N LYS H 46 1.51 32.02 -46.74
CA LYS H 46 2.29 31.68 -45.55
C LYS H 46 1.53 32.16 -44.32
N THR H 47 1.79 31.53 -43.18
CA THR H 47 1.23 31.97 -41.91
C THR H 47 1.85 33.33 -41.59
N ALA H 48 1.04 34.39 -41.74
CA ALA H 48 1.50 35.77 -41.61
C ALA H 48 0.33 36.73 -41.44
N PRO H 49 0.60 38.00 -41.06
CA PRO H 49 -0.48 38.99 -41.01
C PRO H 49 -0.97 39.39 -42.41
N VAL H 50 -2.29 39.50 -42.58
CA VAL H 50 -2.90 40.04 -43.79
C VAL H 50 -3.28 41.49 -43.50
N ARG H 51 -2.66 42.42 -44.23
CA ARG H 51 -2.86 43.86 -44.00
C ARG H 51 -3.83 44.43 -45.04
N ILE H 52 -4.92 45.02 -44.56
CA ILE H 52 -5.96 45.64 -45.40
C ILE H 52 -5.94 47.15 -45.17
N LYS H 53 -5.69 47.91 -46.25
CA LYS H 53 -5.75 49.38 -46.22
C LYS H 53 -7.09 49.85 -46.75
N GLN H 54 -7.85 50.55 -45.89
CA GLN H 54 -9.06 51.26 -46.29
C GLN H 54 -8.80 52.74 -46.09
N GLY H 55 -8.12 53.34 -47.07
CA GLY H 55 -7.73 54.76 -47.02
C GLY H 55 -6.71 55.03 -45.94
N ASP H 56 -7.16 55.71 -44.88
CA ASP H 56 -6.33 56.06 -43.73
C ASP H 56 -6.19 54.88 -42.75
N LYS H 57 -7.23 54.04 -42.67
CA LYS H 57 -7.30 52.93 -41.73
C LYS H 57 -6.55 51.69 -42.24
N GLU H 58 -5.66 51.15 -41.40
CA GLU H 58 -5.02 49.85 -41.63
C GLU H 58 -5.53 48.83 -40.61
N THR H 59 -5.74 47.60 -41.08
CA THR H 59 -6.21 46.50 -40.23
C THR H 59 -5.37 45.25 -40.51
N LEU H 60 -4.74 44.71 -39.46
CA LEU H 60 -3.99 43.45 -39.53
C LEU H 60 -4.88 42.30 -39.04
N ILE H 61 -4.94 41.22 -39.82
CA ILE H 61 -5.61 39.99 -39.43
C ILE H 61 -4.56 38.88 -39.37
N ALA H 62 -4.45 38.23 -38.22
CA ALA H 62 -3.53 37.10 -38.04
C ALA H 62 -4.10 35.88 -38.74
N VAL H 63 -3.47 35.46 -39.85
CA VAL H 63 -3.95 34.33 -40.66
C VAL H 63 -2.92 33.20 -40.66
N SER H 64 -3.39 31.97 -40.46
CA SER H 64 -2.54 30.77 -40.53
C SER H 64 -3.28 29.64 -41.27
N GLY H 65 -2.54 28.92 -42.12
CA GLY H 65 -3.07 27.80 -42.87
C GLY H 65 -4.18 28.19 -43.83
N GLY H 66 -3.92 29.21 -44.65
CA GLY H 66 -4.92 29.74 -45.58
C GLY H 66 -4.42 29.91 -47.01
N PHE H 67 -5.37 30.20 -47.91
CA PHE H 67 -5.06 30.49 -49.31
C PHE H 67 -5.91 31.64 -49.84
N LEU H 68 -5.36 32.33 -50.84
CA LEU H 68 -5.99 33.50 -51.46
C LEU H 68 -6.74 33.06 -52.73
N GLU H 69 -7.89 33.68 -52.98
CA GLU H 69 -8.62 33.49 -54.24
C GLU H 69 -9.07 34.86 -54.77
N VAL H 70 -8.43 35.32 -55.84
CA VAL H 70 -8.69 36.63 -56.43
C VAL H 70 -9.60 36.51 -57.64
N ARG H 71 -10.57 37.43 -57.72
CA ARG H 71 -11.27 37.74 -58.98
C ARG H 71 -11.19 39.26 -59.16
N PRO H 72 -11.47 39.76 -60.38
CA PRO H 72 -11.57 41.23 -60.55
C PRO H 72 -12.69 41.86 -59.72
N ASP H 73 -13.77 41.10 -59.50
CA ASP H 73 -14.92 41.52 -58.71
C ASP H 73 -14.72 41.35 -57.20
N LYS H 74 -14.13 40.22 -56.79
CA LYS H 74 -14.12 39.78 -55.38
C LYS H 74 -12.76 39.21 -54.97
N VAL H 75 -12.41 39.37 -53.70
CA VAL H 75 -11.19 38.80 -53.11
C VAL H 75 -11.55 37.97 -51.88
N ASN H 76 -11.28 36.65 -51.95
CA ASN H 76 -11.55 35.72 -50.84
C ASN H 76 -10.26 35.20 -50.22
N ILE H 77 -10.24 35.09 -48.90
CA ILE H 77 -9.18 34.40 -48.16
C ILE H 77 -9.84 33.39 -47.21
N LEU H 78 -9.66 32.11 -47.50
CA LEU H 78 -10.12 31.01 -46.66
C LEU H 78 -8.93 30.47 -45.87
N ALA H 79 -9.07 30.35 -44.55
CA ALA H 79 -7.96 29.94 -43.68
C ALA H 79 -8.43 29.14 -42.46
N ASP H 80 -7.51 28.37 -41.87
CA ASP H 80 -7.79 27.58 -40.67
C ASP H 80 -8.21 28.49 -39.51
N THR H 81 -7.40 29.53 -39.28
CA THR H 81 -7.68 30.53 -38.26
C THR H 81 -7.45 31.93 -38.82
N ALA H 82 -8.29 32.86 -38.39
CA ALA H 82 -8.17 34.29 -38.74
C ALA H 82 -8.72 35.11 -37.59
N GLU H 83 -7.90 36.02 -37.05
CA GLU H 83 -8.33 36.88 -35.94
C GLU H 83 -7.88 38.33 -36.12
N LEU H 84 -8.78 39.26 -35.81
CA LEU H 84 -8.46 40.67 -35.64
C LEU H 84 -7.72 40.84 -34.30
N PRO H 85 -7.01 41.97 -34.10
CA PRO H 85 -6.22 42.15 -32.85
C PRO H 85 -7.02 41.97 -31.55
N GLU H 86 -8.23 42.54 -31.51
CA GLU H 86 -9.07 42.50 -30.31
C GLU H 86 -9.56 41.12 -29.87
N GLU H 87 -9.65 40.18 -30.81
CA GLU H 87 -10.21 38.83 -30.53
C GLU H 87 -9.14 37.71 -30.46
N ILE H 88 -7.90 38.07 -30.11
CA ILE H 88 -6.79 37.13 -29.93
C ILE H 88 -6.53 36.92 -28.44
N ALA H 89 -6.48 35.66 -28.01
CA ALA H 89 -6.10 35.31 -26.64
C ALA H 89 -4.56 35.39 -26.50
N VAL H 90 -4.08 36.44 -25.84
CA VAL H 90 -2.64 36.78 -25.83
C VAL H 90 -1.83 35.80 -24.97
N GLU H 91 -2.31 35.49 -23.77
CA GLU H 91 -1.63 34.56 -22.87
C GLU H 91 -1.57 33.13 -23.43
N ALA H 92 -2.62 32.71 -24.13
CA ALA H 92 -2.65 31.41 -24.81
C ALA H 92 -1.59 31.33 -25.91
N ALA H 93 -1.38 32.43 -26.61
CA ALA H 93 -0.37 32.52 -27.69
C ALA H 93 1.06 32.48 -27.15
N LYS H 94 1.30 33.12 -26.01
CA LYS H 94 2.61 33.10 -25.35
C LYS H 94 2.98 31.70 -24.85
N LYS H 95 2.03 31.02 -24.21
CA LYS H 95 2.23 29.64 -23.75
C LYS H 95 2.36 28.65 -24.91
N ALA H 96 1.64 28.90 -26.00
CA ALA H 96 1.79 28.13 -27.23
C ALA H 96 3.15 28.36 -27.91
N LYS H 97 3.61 29.61 -27.91
CA LYS H 97 4.93 29.95 -28.44
C LYS H 97 6.04 29.24 -27.67
N ALA H 98 6.02 29.39 -26.35
CA ALA H 98 7.01 28.79 -25.45
C ALA H 98 7.01 27.25 -25.50
N ARG H 99 5.82 26.67 -25.69
CA ARG H 99 5.66 25.23 -25.84
C ARG H 99 6.37 24.73 -27.10
N HIS H 100 5.94 25.25 -28.25
CA HIS H 100 6.39 24.74 -29.55
C HIS H 100 7.84 25.07 -29.91
N GLU H 101 8.33 26.24 -29.49
CA GLU H 101 9.71 26.65 -29.79
C GLU H 101 10.77 25.83 -29.01
N THR H 102 10.46 25.50 -27.76
CA THR H 102 11.37 24.68 -26.93
C THR H 102 11.40 23.21 -27.37
N ILE H 103 10.27 22.69 -27.85
CA ILE H 103 10.22 21.35 -28.46
C ILE H 103 10.99 21.33 -29.79
N LEU H 104 10.78 22.37 -30.61
CA LEU H 104 11.41 22.48 -31.94
C LEU H 104 12.94 22.54 -31.89
N LYS H 105 13.49 23.16 -30.85
CA LYS H 105 14.94 23.26 -30.66
C LYS H 105 15.68 21.91 -30.55
N ARG H 106 15.00 20.88 -30.06
CA ARG H 106 15.56 19.53 -29.96
C ARG H 106 14.97 18.57 -31.02
N LEU H 107 14.77 19.07 -32.23
CA LEU H 107 14.21 18.28 -33.33
C LEU H 107 14.85 18.68 -34.66
N ASP H 108 15.30 17.68 -35.43
CA ASP H 108 15.78 17.90 -36.79
C ASP H 108 14.61 17.96 -37.77
N LYS H 109 14.91 18.38 -38.99
CA LYS H 109 13.90 18.48 -40.06
C LYS H 109 13.36 17.09 -40.46
N THR H 110 14.22 16.08 -40.45
CA THR H 110 13.81 14.69 -40.65
C THR H 110 13.13 14.15 -39.38
N ASP H 111 11.84 14.47 -39.23
CA ASP H 111 11.06 14.02 -38.08
C ASP H 111 9.56 14.04 -38.40
N LYS H 112 8.81 13.16 -37.75
CA LYS H 112 7.36 13.04 -37.90
C LYS H 112 6.63 14.33 -37.49
N ASP H 113 7.00 14.89 -36.34
CA ASP H 113 6.27 15.99 -35.71
C ASP H 113 6.90 17.39 -35.90
N TYR H 114 7.86 17.52 -36.81
CA TYR H 114 8.56 18.80 -37.01
C TYR H 114 7.66 19.87 -37.64
N LEU H 115 6.94 19.50 -38.70
CA LEU H 115 6.03 20.42 -39.40
C LEU H 115 4.85 20.86 -38.53
N ARG H 116 4.33 19.94 -37.71
CA ARG H 116 3.19 20.22 -36.83
C ARG H 116 3.53 21.29 -35.78
N HIS H 117 4.71 21.18 -35.17
CA HIS H 117 5.15 22.16 -34.17
C HIS H 117 5.60 23.49 -34.79
N LYS H 118 6.26 23.43 -35.94
CA LYS H 118 6.73 24.65 -36.63
C LYS H 118 5.58 25.51 -37.13
N ARG H 119 4.56 24.87 -37.69
CA ARG H 119 3.33 25.58 -38.12
C ARG H 119 2.55 26.14 -36.94
N ALA H 120 2.48 25.38 -35.85
CA ALA H 120 1.84 25.85 -34.61
C ALA H 120 2.61 27.00 -33.94
N LEU H 121 3.94 26.98 -34.05
CA LEU H 121 4.78 28.09 -33.59
C LEU H 121 4.55 29.36 -34.43
N GLU H 122 4.46 29.20 -35.74
CA GLU H 122 4.16 30.30 -36.66
C GLU H 122 2.78 30.92 -36.41
N ARG H 123 1.80 30.08 -36.10
CA ARG H 123 0.46 30.53 -35.72
C ARG H 123 0.49 31.40 -34.46
N ALA H 124 1.28 30.97 -33.47
CA ALA H 124 1.41 31.69 -32.20
C ALA H 124 2.10 33.04 -32.35
N GLU H 125 3.23 33.07 -33.08
CA GLU H 125 4.00 34.30 -33.26
C GLU H 125 3.26 35.37 -34.09
N VAL H 126 2.53 34.93 -35.12
CA VAL H 126 1.71 35.83 -35.93
C VAL H 126 0.54 36.41 -35.13
N ARG H 127 -0.06 35.60 -34.25
CA ARG H 127 -1.09 36.08 -33.32
C ARG H 127 -0.56 37.17 -32.35
N LEU H 128 0.69 37.02 -31.92
CA LEU H 128 1.34 38.01 -31.06
C LEU H 128 1.69 39.31 -31.81
N GLN H 129 2.16 39.19 -33.05
CA GLN H 129 2.44 40.36 -33.91
C GLN H 129 1.22 41.24 -34.13
N VAL H 130 0.09 40.61 -34.45
CA VAL H 130 -1.17 41.32 -34.72
C VAL H 130 -1.79 41.86 -33.42
N ALA H 131 -1.56 41.20 -32.30
CA ALA H 131 -2.00 41.69 -30.98
C ALA H 131 -1.24 42.94 -30.53
N ASN H 132 0.07 43.01 -30.81
CA ASN H 132 0.90 44.17 -30.46
C ASN H 132 0.60 45.44 -31.27
N SER H 133 0.04 45.28 -32.47
CA SER H 133 -0.34 46.43 -33.31
C SER H 133 -1.46 47.28 -32.71
N LYS H 134 -2.36 46.64 -31.95
CA LYS H 134 -3.40 47.34 -31.19
C LYS H 134 -2.77 48.10 -30.02
N GLU I 4 89.83 15.37 14.37
CA GLU I 4 89.20 16.09 15.52
C GLU I 4 88.01 16.96 15.08
N VAL I 5 88.25 17.83 14.10
CA VAL I 5 87.25 18.80 13.60
C VAL I 5 86.96 18.54 12.12
N GLY I 6 85.70 18.76 11.71
CA GLY I 6 85.28 18.66 10.32
C GLY I 6 84.14 19.60 10.00
N THR I 7 84.00 19.98 8.72
CA THR I 7 82.96 20.91 8.27
C THR I 7 81.90 20.21 7.42
N VAL I 8 80.66 20.70 7.51
CA VAL I 8 79.50 20.09 6.84
C VAL I 8 79.46 20.48 5.35
N ILE I 9 79.26 19.49 4.50
CA ILE I 9 79.15 19.69 3.03
C ILE I 9 77.68 19.91 2.64
N GLN I 10 76.80 19.02 3.10
CA GLN I 10 75.37 19.09 2.78
C GLN I 10 74.49 18.62 3.95
N VAL I 11 73.28 19.18 4.03
CA VAL I 11 72.32 18.90 5.11
C VAL I 11 70.93 18.70 4.52
N GLY I 12 70.18 17.76 5.08
CA GLY I 12 68.78 17.56 4.67
C GLY I 12 68.14 16.36 5.36
N ASP I 13 66.92 16.56 5.86
CA ASP I 13 66.07 15.48 6.39
C ASP I 13 66.72 14.71 7.55
N GLY I 14 67.29 15.44 8.50
CA GLY I 14 67.94 14.86 9.68
C GLY I 14 69.26 14.16 9.41
N ILE I 15 69.87 14.43 8.26
CA ILE I 15 71.12 13.81 7.83
C ILE I 15 72.09 14.92 7.42
N ALA I 16 73.35 14.77 7.80
CA ALA I 16 74.41 15.69 7.42
C ALA I 16 75.64 14.92 6.93
N ARG I 17 76.19 15.35 5.80
CA ARG I 17 77.43 14.79 5.28
C ARG I 17 78.58 15.75 5.58
N VAL I 18 79.64 15.23 6.20
CA VAL I 18 80.70 16.03 6.80
C VAL I 18 82.06 15.75 6.16
N HIS I 19 82.74 16.81 5.72
CA HIS I 19 84.12 16.72 5.25
C HIS I 19 85.05 16.70 6.45
N GLY I 20 86.13 15.93 6.37
CA GLY I 20 87.08 15.79 7.46
C GLY I 20 86.71 14.67 8.41
N LEU I 21 87.05 14.85 9.69
CA LEU I 21 86.91 13.82 10.73
C LEU I 21 87.62 12.52 10.30
N GLU I 22 88.88 12.67 9.91
CA GLU I 22 89.68 11.58 9.30
C GLU I 22 89.67 10.28 10.11
N LYS I 23 89.84 10.42 11.42
CA LYS I 23 89.99 9.26 12.32
C LYS I 23 88.74 8.93 13.15
N VAL I 24 87.55 9.26 12.62
CA VAL I 24 86.28 8.98 13.31
C VAL I 24 85.96 7.48 13.30
N MET I 25 85.38 6.99 14.40
CA MET I 25 84.94 5.60 14.50
C MET I 25 83.55 5.43 13.88
N ALA I 26 83.27 4.21 13.44
CA ALA I 26 81.93 3.84 12.96
C ALA I 26 81.01 3.72 14.18
N GLY I 27 79.98 4.56 14.21
CA GLY I 27 79.04 4.64 15.34
C GLY I 27 79.41 5.66 16.42
N GLU I 28 80.41 6.51 16.13
CA GLU I 28 80.92 7.47 17.12
C GLU I 28 79.95 8.63 17.34
N LEU I 29 79.96 9.15 18.56
CA LEU I 29 79.13 10.31 18.94
C LEU I 29 79.83 11.59 18.47
N LEU I 30 79.10 12.46 17.78
CA LEU I 30 79.63 13.73 17.27
C LEU I 30 78.84 14.91 17.83
N GLU I 31 79.50 16.06 17.92
CA GLU I 31 78.88 17.29 18.45
C GLU I 31 78.98 18.42 17.43
N PHE I 32 77.82 18.93 17.01
CA PHE I 32 77.75 20.12 16.14
C PHE I 32 78.00 21.38 16.97
N GLU I 33 78.37 22.46 16.30
CA GLU I 33 78.79 23.71 16.98
C GLU I 33 77.71 24.37 17.84
N ASN I 34 76.44 24.15 17.50
CA ASN I 34 75.31 24.69 18.28
C ASN I 34 74.88 23.82 19.49
N GLY I 35 75.56 22.70 19.73
CA GLY I 35 75.27 21.82 20.86
C GLY I 35 74.46 20.57 20.54
N VAL I 36 73.90 20.50 19.33
CA VAL I 36 73.13 19.33 18.89
C VAL I 36 74.10 18.17 18.63
N MET I 37 73.70 16.97 19.03
CA MET I 37 74.54 15.77 18.87
C MET I 37 74.23 15.03 17.57
N GLY I 38 75.16 14.18 17.15
CA GLY I 38 75.03 13.35 15.95
C GLY I 38 75.75 12.03 16.11
N MET I 39 75.50 11.11 15.18
CA MET I 39 76.11 9.78 15.20
C MET I 39 76.63 9.41 13.81
N ALA I 40 77.90 9.02 13.73
CA ALA I 40 78.52 8.64 12.46
C ALA I 40 78.10 7.23 12.04
N GLN I 41 77.26 7.14 11.01
CA GLN I 41 76.75 5.87 10.50
C GLN I 41 77.50 5.39 9.25
N ASN I 42 77.69 6.29 8.28
CA ASN I 42 78.40 5.98 7.03
C ASN I 42 79.78 6.63 7.00
N LEU I 43 80.84 5.80 7.05
CA LEU I 43 82.19 6.26 6.79
C LEU I 43 82.50 6.02 5.32
N GLU I 44 82.54 7.09 4.52
CA GLU I 44 82.82 7.02 3.09
C GLU I 44 84.21 7.60 2.79
N GLU I 45 84.64 7.50 1.53
CA GLU I 45 85.99 7.90 1.12
C GLU I 45 86.28 9.38 1.37
N ASP I 46 85.36 10.24 0.93
CA ASP I 46 85.54 11.70 1.03
C ASP I 46 84.52 12.41 1.94
N ASN I 47 83.70 11.65 2.68
CA ASN I 47 82.76 12.25 3.64
C ASN I 47 82.31 11.28 4.72
N VAL I 48 81.70 11.83 5.77
CA VAL I 48 81.10 11.06 6.86
C VAL I 48 79.59 11.35 6.86
N GLY I 49 78.80 10.31 6.64
CA GLY I 49 77.33 10.40 6.75
C GLY I 49 76.91 10.35 8.20
N VAL I 50 76.35 11.46 8.69
CA VAL I 50 75.99 11.61 10.11
C VAL I 50 74.48 11.72 10.26
N VAL I 51 73.90 10.89 11.12
CA VAL I 51 72.48 11.00 11.51
C VAL I 51 72.37 11.93 12.72
N ILE I 52 71.43 12.89 12.65
CA ILE I 52 71.32 13.97 13.64
C ILE I 52 70.32 13.59 14.74
N LEU I 53 70.75 13.71 15.99
CA LEU I 53 69.96 13.29 17.17
C LEU I 53 69.19 14.47 17.78
N GLY I 54 68.58 15.30 16.93
CA GLY I 54 67.95 16.55 17.36
C GLY I 54 67.53 17.41 16.18
N PRO I 55 67.17 18.68 16.43
CA PRO I 55 66.77 19.58 15.34
C PRO I 55 67.95 19.97 14.46
N TYR I 56 67.69 20.13 13.15
CA TYR I 56 68.74 20.36 12.15
C TYR I 56 68.54 21.65 11.33
N THR I 57 67.62 22.52 11.76
CA THR I 57 67.34 23.78 11.05
C THR I 57 68.48 24.81 11.18
N GLU I 58 69.21 24.76 12.30
CA GLU I 58 70.39 25.60 12.51
C GLU I 58 71.70 25.00 11.96
N ILE I 59 71.68 23.73 11.56
CA ILE I 59 72.83 23.09 10.90
C ILE I 59 72.81 23.44 9.41
N ARG I 60 73.94 23.94 8.92
CA ARG I 60 74.07 24.44 7.54
C ARG I 60 75.36 23.91 6.91
N GLU I 61 75.59 24.28 5.65
CA GLU I 61 76.89 24.07 5.01
C GLU I 61 77.88 25.06 5.63
N GLY I 62 79.06 24.55 5.99
CA GLY I 62 80.06 25.34 6.71
C GLY I 62 80.00 25.19 8.23
N THR I 63 78.94 24.56 8.74
CA THR I 63 78.83 24.25 10.17
C THR I 63 79.91 23.26 10.55
N GLN I 64 80.52 23.46 11.72
CA GLN I 64 81.61 22.61 12.19
C GLN I 64 81.11 21.50 13.13
N VAL I 65 81.78 20.36 13.07
CA VAL I 65 81.44 19.17 13.86
C VAL I 65 82.70 18.71 14.60
N LYS I 66 82.53 18.26 15.84
CA LYS I 66 83.64 17.81 16.68
C LYS I 66 83.55 16.32 17.00
N ARG I 67 84.70 15.67 17.10
CA ARG I 67 84.81 14.30 17.61
C ARG I 67 84.68 14.29 19.13
N THR I 68 83.95 13.31 19.66
CA THR I 68 83.94 13.02 21.10
C THR I 68 84.91 11.89 21.47
N GLY I 69 85.15 10.97 20.53
CA GLY I 69 85.95 9.78 20.79
C GLY I 69 85.26 8.76 21.68
N ARG I 70 83.92 8.81 21.75
CA ARG I 70 83.12 7.95 22.61
C ARG I 70 81.93 7.38 21.84
N ILE I 71 81.54 6.16 22.19
CA ILE I 71 80.30 5.55 21.69
C ILE I 71 79.13 6.07 22.51
N MET I 72 77.91 5.87 22.01
CA MET I 72 76.71 6.35 22.69
C MET I 72 76.43 5.56 23.97
N GLU I 73 76.15 6.30 25.05
CA GLU I 73 75.88 5.72 26.36
C GLU I 73 74.57 6.27 26.90
N VAL I 74 74.06 5.63 27.96
CA VAL I 74 72.88 6.10 28.68
C VAL I 74 73.05 5.93 30.19
N PRO I 75 72.39 6.79 30.99
CA PRO I 75 72.37 6.62 32.44
C PRO I 75 71.54 5.39 32.85
N VAL I 76 72.00 4.68 33.87
CA VAL I 76 71.34 3.46 34.35
C VAL I 76 71.28 3.44 35.87
N GLY I 77 70.41 2.59 36.40
CA GLY I 77 70.31 2.34 37.85
C GLY I 77 68.96 2.68 38.45
N GLU I 78 68.96 2.81 39.78
CA GLU I 78 67.74 3.03 40.55
C GLU I 78 67.14 4.44 40.35
N ALA I 79 67.96 5.40 39.94
CA ALA I 79 67.50 6.77 39.69
C ALA I 79 66.48 6.90 38.55
N LEU I 80 66.56 6.00 37.56
CA LEU I 80 65.62 5.99 36.43
C LEU I 80 64.25 5.37 36.77
N LEU I 81 64.16 4.63 37.88
CA LEU I 81 62.87 4.03 38.31
C LEU I 81 61.86 5.12 38.64
N GLY I 82 60.64 4.97 38.10
CA GLY I 82 59.58 5.98 38.25
C GLY I 82 59.66 7.17 37.31
N ARG I 83 60.68 7.24 36.47
CA ARG I 83 60.94 8.40 35.60
C ARG I 83 60.56 8.10 34.16
N VAL I 84 60.26 9.17 33.42
CA VAL I 84 60.00 9.11 31.99
C VAL I 84 61.19 9.78 31.29
N VAL I 85 61.83 9.06 30.38
CA VAL I 85 63.03 9.54 29.69
C VAL I 85 62.95 9.33 28.19
N ASN I 86 63.84 10.01 27.47
CA ASN I 86 64.03 9.80 26.02
C ASN I 86 65.14 8.75 25.84
N PRO I 87 65.42 8.32 24.59
CA PRO I 87 66.51 7.36 24.35
C PRO I 87 67.92 7.81 24.77
N LEU I 88 68.16 9.12 24.85
CA LEU I 88 69.43 9.66 25.37
C LEU I 88 69.51 9.70 26.92
N GLY I 89 68.44 9.29 27.60
CA GLY I 89 68.39 9.27 29.06
C GLY I 89 68.01 10.60 29.70
N GLN I 90 67.58 11.57 28.88
CA GLN I 90 67.19 12.89 29.37
C GLN I 90 65.75 12.81 29.87
N PRO I 91 65.44 13.44 31.02
CA PRO I 91 64.09 13.36 31.57
C PRO I 91 63.08 14.19 30.77
N LEU I 92 61.90 13.62 30.52
CA LEU I 92 60.79 14.32 29.86
C LEU I 92 59.58 14.59 30.77
N ASP I 93 59.53 13.97 31.94
CA ASP I 93 58.39 14.15 32.88
C ASP I 93 58.35 15.51 33.60
N GLY I 94 59.45 16.27 33.54
CA GLY I 94 59.51 17.59 34.18
C GLY I 94 59.68 17.50 35.68
N ARG I 95 60.40 16.47 36.15
CA ARG I 95 60.61 16.23 37.58
C ARG I 95 62.11 16.17 37.90
N GLY I 96 62.86 17.14 37.36
CA GLY I 96 64.27 17.34 37.71
C GLY I 96 65.24 16.36 37.07
N PRO I 97 66.55 16.51 37.39
CA PRO I 97 67.57 15.65 36.78
C PRO I 97 67.56 14.20 37.28
N ILE I 98 68.40 13.38 36.67
CA ILE I 98 68.57 11.97 37.04
C ILE I 98 69.98 11.80 37.59
N GLU I 99 70.10 11.80 38.92
CA GLU I 99 71.38 11.71 39.61
C GLU I 99 71.87 10.26 39.63
N THR I 100 72.94 9.98 38.90
CA THR I 100 73.52 8.63 38.85
C THR I 100 74.99 8.64 38.41
N ALA I 101 75.78 7.78 39.03
CA ALA I 101 77.18 7.55 38.66
C ALA I 101 77.31 6.42 37.63
N GLU I 102 76.30 5.56 37.53
CA GLU I 102 76.34 4.36 36.68
C GLU I 102 75.90 4.70 35.25
N TYR I 103 76.70 4.25 34.28
CA TYR I 103 76.39 4.42 32.85
C TYR I 103 76.70 3.14 32.08
N ARG I 104 75.98 2.92 30.99
CA ARG I 104 76.19 1.76 30.11
C ARG I 104 76.07 2.16 28.63
N PRO I 105 76.78 1.45 27.74
CA PRO I 105 76.71 1.75 26.30
C PRO I 105 75.41 1.24 25.67
N ILE I 106 74.89 1.98 24.69
CA ILE I 106 73.66 1.61 23.98
C ILE I 106 73.87 0.30 23.19
N GLU I 107 74.98 0.23 22.46
CA GLU I 107 75.40 -1.00 21.78
C GLU I 107 76.28 -1.80 22.74
N SER I 108 75.86 -3.03 23.04
CA SER I 108 76.57 -3.89 23.99
C SER I 108 76.39 -5.37 23.59
N PRO I 109 77.46 -6.18 23.72
CA PRO I 109 77.36 -7.57 23.28
C PRO I 109 76.48 -8.43 24.18
N ALA I 110 75.72 -9.35 23.58
CA ALA I 110 74.83 -10.24 24.33
C ALA I 110 75.65 -11.33 25.04
N PRO I 111 75.06 -11.98 26.07
CA PRO I 111 75.75 -13.11 26.70
C PRO I 111 75.96 -14.27 25.72
N GLY I 112 77.15 -14.89 25.80
CA GLY I 112 77.49 -16.02 24.92
C GLY I 112 76.73 -17.30 25.27
N VAL I 113 77.11 -18.39 24.59
CA VAL I 113 76.45 -19.69 24.77
C VAL I 113 76.76 -20.24 26.17
N MET I 114 77.99 -20.02 26.63
CA MET I 114 78.46 -20.53 27.93
C MET I 114 78.10 -19.65 29.14
N ASP I 115 77.62 -18.43 28.89
CA ASP I 115 77.22 -17.50 29.96
C ASP I 115 75.79 -17.71 30.48
N ARG I 116 75.07 -18.71 29.94
CA ARG I 116 73.64 -18.87 30.19
C ARG I 116 73.29 -20.15 30.94
N LYS I 117 72.07 -20.18 31.45
CA LYS I 117 71.45 -21.34 32.08
C LYS I 117 70.02 -21.43 31.56
N SER I 118 69.52 -22.64 31.36
CA SER I 118 68.18 -22.86 30.80
C SER I 118 67.09 -22.07 31.56
N VAL I 119 66.11 -21.56 30.81
CA VAL I 119 65.03 -20.74 31.39
C VAL I 119 64.11 -21.66 32.20
N HIS I 120 64.14 -21.48 33.52
CA HIS I 120 63.39 -22.33 34.46
C HIS I 120 62.45 -21.60 35.44
N GLU I 121 62.45 -20.27 35.43
CA GLU I 121 61.74 -19.46 36.42
C GLU I 121 60.54 -18.77 35.77
N PRO I 122 59.34 -18.85 36.38
CA PRO I 122 58.19 -18.15 35.78
C PRO I 122 58.27 -16.63 35.84
N LEU I 123 57.86 -15.97 34.75
CA LEU I 123 57.52 -14.55 34.76
C LEU I 123 56.02 -14.48 34.54
N GLN I 124 55.28 -14.30 35.62
CA GLN I 124 53.82 -14.35 35.60
C GLN I 124 53.25 -13.06 35.01
N THR I 125 52.52 -13.19 33.91
CA THR I 125 51.79 -12.05 33.33
C THR I 125 50.52 -11.70 34.13
N GLY I 126 50.00 -12.69 34.86
CA GLY I 126 48.73 -12.55 35.57
C GLY I 126 47.51 -12.75 34.67
N ILE I 127 47.74 -13.17 33.42
CA ILE I 127 46.70 -13.36 32.43
C ILE I 127 46.57 -14.87 32.26
N LYS I 128 45.36 -15.39 32.53
CA LYS I 128 45.11 -16.83 32.59
C LYS I 128 45.43 -17.58 31.29
N ALA I 129 45.09 -16.98 30.16
CA ALA I 129 45.34 -17.58 28.83
C ALA I 129 46.83 -17.71 28.52
N ILE I 130 47.61 -16.68 28.89
CA ILE I 130 49.05 -16.67 28.63
C ILE I 130 49.78 -17.59 29.61
N ASP I 131 49.56 -17.39 30.92
CA ASP I 131 50.26 -18.16 31.95
C ASP I 131 50.02 -19.68 31.90
N SER I 132 48.82 -20.08 31.48
CA SER I 132 48.47 -21.51 31.42
C SER I 132 49.01 -22.23 30.18
N MET I 133 48.77 -21.66 29.00
CA MET I 133 49.03 -22.35 27.73
C MET I 133 50.16 -21.76 26.86
N ILE I 134 50.59 -20.53 27.13
CA ILE I 134 51.70 -19.88 26.39
C ILE I 134 52.66 -19.24 27.41
N PRO I 135 53.20 -20.03 28.35
CA PRO I 135 53.91 -19.49 29.51
C PRO I 135 55.24 -18.81 29.16
N ILE I 136 55.50 -17.67 29.80
CA ILE I 136 56.72 -16.89 29.60
C ILE I 136 57.64 -17.10 30.81
N GLY I 137 58.92 -17.38 30.53
CA GLY I 137 59.93 -17.59 31.57
C GLY I 137 60.91 -16.43 31.66
N ARG I 138 61.62 -16.35 32.78
CA ARG I 138 62.57 -15.26 33.02
C ARG I 138 63.83 -15.45 32.18
N GLY I 139 64.07 -14.51 31.26
CA GLY I 139 65.12 -14.62 30.25
C GLY I 139 64.60 -14.86 28.83
N GLN I 140 63.33 -15.26 28.72
CA GLN I 140 62.72 -15.56 27.42
C GLN I 140 62.39 -14.29 26.62
N ARG I 141 62.34 -14.45 25.30
CA ARG I 141 61.85 -13.42 24.38
C ARG I 141 60.55 -13.91 23.75
N GLU I 142 59.43 -13.32 24.16
CA GLU I 142 58.10 -13.72 23.68
C GLU I 142 57.47 -12.57 22.88
N LEU I 143 57.25 -12.80 21.59
CA LEU I 143 56.63 -11.81 20.71
C LEU I 143 55.13 -11.67 21.00
N ILE I 144 54.67 -10.43 21.11
CA ILE I 144 53.24 -10.12 21.12
C ILE I 144 52.93 -9.49 19.76
N ILE I 145 52.10 -10.16 18.97
CA ILE I 145 51.86 -9.80 17.57
C ILE I 145 50.37 -9.81 17.24
N GLY I 146 49.96 -8.84 16.41
CA GLY I 146 48.57 -8.72 15.99
C GLY I 146 48.26 -7.37 15.38
N ASP I 147 47.09 -7.25 14.76
CA ASP I 147 46.62 -5.97 14.19
C ASP I 147 46.37 -4.94 15.28
N ARG I 148 46.10 -3.70 14.86
CA ARG I 148 45.77 -2.63 15.79
C ARG I 148 44.43 -2.91 16.47
N GLN I 149 44.30 -2.44 17.72
CA GLN I 149 43.11 -2.62 18.56
C GLN I 149 42.75 -4.10 18.83
N THR I 150 43.77 -4.93 19.03
CA THR I 150 43.61 -6.33 19.41
C THR I 150 43.94 -6.61 20.89
N GLY I 151 44.51 -5.61 21.59
CA GLY I 151 44.84 -5.73 23.01
C GLY I 151 46.29 -6.02 23.34
N LYS I 152 47.21 -5.62 22.46
CA LYS I 152 48.65 -5.86 22.64
C LYS I 152 49.24 -5.06 23.81
N THR I 153 49.03 -3.74 23.79
CA THR I 153 49.56 -2.86 24.83
C THR I 153 49.01 -3.20 26.21
N THR I 154 47.70 -3.48 26.29
CA THR I 154 47.04 -3.89 27.53
C THR I 154 47.71 -5.10 28.19
N ILE I 155 48.06 -6.10 27.39
CA ILE I 155 48.75 -7.30 27.89
C ILE I 155 50.10 -6.94 28.55
N ALA I 156 50.85 -6.03 27.93
CA ALA I 156 52.13 -5.58 28.47
C ALA I 156 51.98 -4.74 29.75
N ILE I 157 50.95 -3.89 29.78
CA ILE I 157 50.67 -3.06 30.97
C ILE I 157 50.20 -3.93 32.15
N ASP I 158 49.32 -4.89 31.86
CA ASP I 158 48.82 -5.81 32.88
C ASP I 158 49.93 -6.74 33.41
N THR I 159 50.87 -7.10 32.55
CA THR I 159 52.07 -7.84 32.96
C THR I 159 52.94 -7.00 33.91
N ILE I 160 53.14 -5.73 33.55
CA ILE I 160 53.92 -4.79 34.39
C ILE I 160 53.26 -4.57 35.76
N ILE I 161 51.94 -4.38 35.76
CA ILE I 161 51.16 -4.22 37.01
C ILE I 161 51.28 -5.45 37.91
N ASN I 162 51.26 -6.64 37.30
CA ASN I 162 51.35 -7.91 38.04
C ASN I 162 52.72 -8.13 38.71
N GLN I 163 53.77 -7.46 38.23
CA GLN I 163 55.09 -7.52 38.88
C GLN I 163 55.19 -6.79 40.23
N LYS I 164 54.15 -6.01 40.59
CA LYS I 164 54.05 -5.36 41.89
C LYS I 164 54.33 -6.33 43.05
N GLY I 165 55.38 -6.03 43.83
CA GLY I 165 55.79 -6.85 44.95
C GLY I 165 56.47 -8.17 44.60
N GLN I 166 56.96 -8.29 43.37
CA GLN I 166 57.67 -9.50 42.91
C GLN I 166 59.17 -9.29 42.67
N ASP I 167 59.67 -8.08 42.97
CA ASP I 167 61.08 -7.73 42.79
C ASP I 167 61.56 -7.95 41.34
N VAL I 168 60.84 -7.32 40.41
CA VAL I 168 61.16 -7.36 38.98
C VAL I 168 61.05 -5.94 38.42
N ILE I 169 62.16 -5.41 37.90
CA ILE I 169 62.18 -4.04 37.36
C ILE I 169 61.63 -4.10 35.94
N CYS I 170 60.59 -3.31 35.67
CA CYS I 170 59.95 -3.27 34.35
C CYS I 170 60.45 -2.08 33.54
N ILE I 171 60.47 -2.23 32.22
CA ILE I 171 60.88 -1.17 31.30
C ILE I 171 59.95 -1.15 30.09
N TYR I 172 59.14 -0.09 29.99
CA TYR I 172 58.24 0.10 28.85
C TYR I 172 58.88 1.06 27.85
N VAL I 173 59.33 0.53 26.71
CA VAL I 173 59.89 1.34 25.63
C VAL I 173 58.78 1.65 24.63
N ALA I 174 58.46 2.93 24.46
CA ALA I 174 57.50 3.40 23.46
C ALA I 174 58.25 3.95 22.25
N ILE I 175 57.97 3.41 21.07
CA ILE I 175 58.61 3.84 19.82
C ILE I 175 57.51 4.26 18.84
N GLY I 176 57.62 5.50 18.35
CA GLY I 176 56.72 6.01 17.31
C GLY I 176 55.29 6.30 17.72
N GLN I 177 55.00 6.33 19.02
CA GLN I 177 53.65 6.56 19.51
C GLN I 177 53.34 8.05 19.60
N LYS I 178 52.05 8.36 19.64
CA LYS I 178 51.58 9.70 20.01
C LYS I 178 51.94 9.92 21.49
N GLN I 179 52.45 11.11 21.81
CA GLN I 179 53.02 11.37 23.13
C GLN I 179 51.96 11.48 24.23
N SER I 180 50.77 11.96 23.87
CA SER I 180 49.62 11.97 24.80
C SER I 180 49.09 10.56 25.11
N THR I 181 49.29 9.61 24.19
CA THR I 181 49.01 8.19 24.45
C THR I 181 50.02 7.59 25.43
N VAL I 182 51.27 8.00 25.32
CA VAL I 182 52.32 7.60 26.28
C VAL I 182 52.03 8.20 27.67
N ALA I 183 51.61 9.47 27.69
CA ALA I 183 51.16 10.13 28.93
C ALA I 183 49.97 9.40 29.57
N GLY I 184 49.07 8.85 28.76
CA GLY I 184 47.98 8.01 29.23
C GLY I 184 48.43 6.68 29.81
N VAL I 185 49.45 6.07 29.23
CA VAL I 185 50.03 4.81 29.72
C VAL I 185 50.67 4.96 31.10
N VAL I 186 51.47 6.02 31.30
CA VAL I 186 52.15 6.25 32.60
C VAL I 186 51.15 6.57 33.72
N GLU I 187 50.04 7.21 33.36
CA GLU I 187 48.96 7.49 34.31
C GLU I 187 48.24 6.20 34.74
N THR I 188 48.05 5.27 33.81
CA THR I 188 47.48 3.95 34.11
C THR I 188 48.38 3.14 35.05
N LEU I 189 49.70 3.20 34.81
CA LEU I 189 50.69 2.58 35.70
C LEU I 189 50.73 3.23 37.09
N ARG I 190 50.55 4.55 37.12
CA ARG I 190 50.50 5.31 38.37
C ARG I 190 49.27 4.95 39.22
N GLN I 191 48.12 4.84 38.58
CA GLN I 191 46.86 4.49 39.27
C GLN I 191 46.85 3.07 39.87
N HIS I 192 47.53 2.13 39.22
CA HIS I 192 47.63 0.75 39.70
C HIS I 192 48.90 0.46 40.54
N ASP I 193 49.62 1.52 40.93
CA ASP I 193 50.81 1.43 41.79
C ASP I 193 51.96 0.63 41.13
N ALA I 194 52.09 0.78 39.82
CA ALA I 194 53.08 0.05 39.02
C ALA I 194 54.31 0.88 38.62
N LEU I 195 54.22 2.21 38.74
CA LEU I 195 55.24 3.11 38.20
C LEU I 195 56.56 3.14 39.00
N ASP I 196 56.50 2.95 40.31
CA ASP I 196 57.69 3.08 41.17
C ASP I 196 58.79 2.00 41.00
N TYR I 197 58.50 0.95 40.23
CA TYR I 197 59.51 -0.04 39.81
C TYR I 197 59.65 -0.12 38.28
N THR I 198 59.20 0.93 37.57
CA THR I 198 59.14 0.92 36.11
C THR I 198 59.91 2.12 35.53
N ILE I 199 60.67 1.87 34.46
CA ILE I 199 61.35 2.92 33.68
C ILE I 199 60.61 3.07 32.35
N VAL I 200 60.28 4.30 31.99
CA VAL I 200 59.54 4.59 30.76
C VAL I 200 60.46 5.31 29.78
N VAL I 201 60.81 4.64 28.68
CA VAL I 201 61.60 5.22 27.60
C VAL I 201 60.65 5.53 26.44
N THR I 202 60.58 6.79 26.03
CA THR I 202 59.67 7.20 24.95
C THR I 202 60.40 7.99 23.86
N ALA I 203 60.25 7.52 22.62
CA ALA I 203 60.67 8.26 21.43
C ALA I 203 59.43 8.43 20.57
N SER I 204 58.73 9.56 20.76
CA SER I 204 57.45 9.81 20.10
C SER I 204 57.60 10.05 18.60
N ALA I 205 56.47 10.14 17.90
CA ALA I 205 56.45 10.27 16.44
C ALA I 205 57.10 11.55 15.90
N SER I 206 57.08 12.63 16.69
CA SER I 206 57.73 13.89 16.30
C SER I 206 59.25 13.90 16.49
N GLU I 207 59.79 12.95 17.25
CA GLU I 207 61.24 12.86 17.49
C GLU I 207 61.98 12.50 16.20
N PRO I 208 63.27 12.88 16.08
CA PRO I 208 64.06 12.45 14.92
C PRO I 208 64.14 10.92 14.80
N ALA I 209 64.32 10.44 13.57
CA ALA I 209 64.35 9.00 13.27
C ALA I 209 65.40 8.19 14.04
N PRO I 210 66.61 8.77 14.27
CA PRO I 210 67.62 8.06 15.06
C PRO I 210 67.22 7.70 16.50
N LEU I 211 66.38 8.53 17.12
CA LEU I 211 65.89 8.25 18.48
C LEU I 211 64.89 7.09 18.50
N LEU I 212 64.05 6.98 17.48
CA LEU I 212 63.17 5.80 17.31
C LEU I 212 64.00 4.53 17.10
N TYR I 213 65.01 4.66 16.23
CA TYR I 213 66.00 3.59 15.97
C TYR I 213 66.73 3.15 17.25
N LEU I 214 67.16 4.12 18.06
CA LEU I 214 67.95 3.84 19.28
C LEU I 214 67.13 3.54 20.55
N ALA I 215 65.81 3.73 20.51
CA ALA I 215 64.96 3.61 21.71
C ALA I 215 64.98 2.21 22.39
N PRO I 216 64.81 1.13 21.59
CA PRO I 216 64.88 -0.22 22.19
C PRO I 216 66.24 -0.58 22.81
N TYR I 217 67.32 -0.15 22.17
CA TYR I 217 68.66 -0.40 22.67
C TYR I 217 68.95 0.36 23.97
N ALA I 218 68.42 1.58 24.08
CA ALA I 218 68.52 2.38 25.30
C ALA I 218 67.79 1.72 26.46
N GLY I 219 66.57 1.26 26.22
CA GLY I 219 65.78 0.52 27.20
C GLY I 219 66.37 -0.82 27.57
N CYS I 220 67.01 -1.48 26.60
CA CYS I 220 67.71 -2.75 26.83
C CYS I 220 68.89 -2.58 27.79
N ALA I 221 69.68 -1.53 27.57
CA ALA I 221 70.82 -1.19 28.44
C ALA I 221 70.40 -0.93 29.90
N MET I 222 69.26 -0.25 30.07
CA MET I 222 68.70 0.01 31.40
C MET I 222 68.25 -1.28 32.10
N GLY I 223 67.74 -2.24 31.32
CA GLY I 223 67.40 -3.57 31.83
C GLY I 223 68.60 -4.44 32.12
N GLU I 224 69.64 -4.31 31.29
CA GLU I 224 70.90 -5.08 31.46
C GLU I 224 71.65 -4.74 32.75
N TYR I 225 71.57 -3.50 33.20
CA TYR I 225 72.18 -3.08 34.48
C TYR I 225 71.74 -3.99 35.63
N PHE I 226 70.45 -4.25 35.71
CA PHE I 226 69.89 -5.10 36.77
C PHE I 226 70.19 -6.58 36.53
N MET I 227 70.21 -7.00 35.26
CA MET I 227 70.56 -8.38 34.89
C MET I 227 71.97 -8.77 35.33
N TYR I 228 72.96 -7.96 34.97
CA TYR I 228 74.36 -8.24 35.30
C TYR I 228 74.71 -8.02 36.78
N LYS I 229 73.84 -7.33 37.52
CA LYS I 229 74.00 -7.15 38.98
C LYS I 229 73.35 -8.27 39.82
N GLY I 230 72.72 -9.25 39.16
CA GLY I 230 72.10 -10.40 39.83
C GLY I 230 70.59 -10.34 39.99
N LYS I 231 69.98 -9.20 39.65
CA LYS I 231 68.53 -9.01 39.75
C LYS I 231 67.84 -9.39 38.44
N HIS I 232 66.51 -9.32 38.43
CA HIS I 232 65.70 -9.70 37.26
C HIS I 232 64.92 -8.49 36.73
N ALA I 233 64.77 -8.43 35.40
CA ALA I 233 64.13 -7.29 34.74
C ALA I 233 63.27 -7.71 33.53
N LEU I 234 62.31 -6.84 33.20
CA LEU I 234 61.40 -7.04 32.06
C LEU I 234 61.46 -5.83 31.15
N VAL I 235 61.68 -6.05 29.85
CA VAL I 235 61.69 -4.96 28.85
C VAL I 235 60.59 -5.19 27.81
N VAL I 236 59.86 -4.14 27.49
CA VAL I 236 58.79 -4.16 26.49
C VAL I 236 59.17 -3.17 25.39
N TYR I 237 59.15 -3.64 24.13
CA TYR I 237 59.36 -2.79 22.96
C TYR I 237 58.02 -2.63 22.24
N ASP I 238 57.44 -1.42 22.31
CA ASP I 238 56.11 -1.13 21.78
C ASP I 238 56.20 0.07 20.81
N ASP I 239 56.49 -0.14 19.52
CA ASP I 239 56.72 -1.45 18.90
C ASP I 239 57.91 -1.42 17.95
N LEU I 240 58.36 -2.61 17.55
CA LEU I 240 59.51 -2.77 16.66
C LEU I 240 59.18 -2.54 15.18
N SER I 241 57.90 -2.48 14.82
CA SER I 241 57.48 -2.12 13.46
C SER I 241 57.87 -0.68 13.16
N LYS I 242 57.54 0.23 14.08
CA LYS I 242 57.87 1.64 13.95
C LYS I 242 59.37 1.93 14.14
N GLN I 243 60.06 1.09 14.93
CA GLN I 243 61.52 1.16 15.03
C GLN I 243 62.19 0.77 13.71
N ALA I 244 61.71 -0.32 13.10
CA ALA I 244 62.21 -0.80 11.81
C ALA I 244 62.07 0.26 10.73
N ALA I 245 60.88 0.87 10.64
CA ALA I 245 60.59 1.93 9.69
C ALA I 245 61.48 3.17 9.87
N ALA I 246 61.83 3.47 11.12
CA ALA I 246 62.74 4.56 11.44
C ALA I 246 64.17 4.27 10.98
N TYR I 247 64.62 3.03 11.14
CA TYR I 247 65.94 2.62 10.64
C TYR I 247 65.98 2.57 9.11
N ARG I 248 64.87 2.17 8.50
CA ARG I 248 64.71 2.19 7.04
C ARG I 248 64.87 3.61 6.48
N GLU I 249 64.22 4.57 7.14
CA GLU I 249 64.31 5.99 6.78
C GLU I 249 65.77 6.45 6.68
N LEU I 250 66.56 6.15 7.70
CA LEU I 250 67.96 6.57 7.77
C LEU I 250 68.83 5.86 6.74
N SER I 251 68.61 4.56 6.55
CA SER I 251 69.35 3.77 5.57
C SER I 251 69.09 4.24 4.14
N LEU I 252 67.83 4.49 3.81
CA LEU I 252 67.45 5.02 2.50
C LEU I 252 68.00 6.42 2.26
N LEU I 253 67.98 7.28 3.29
CA LEU I 253 68.57 8.62 3.21
C LEU I 253 70.10 8.59 3.08
N LEU I 254 70.75 7.59 3.66
CA LEU I 254 72.19 7.34 3.48
C LEU I 254 72.51 6.51 2.22
N ARG I 255 71.51 6.25 1.39
CA ARG I 255 71.63 5.58 0.10
C ARG I 255 72.21 4.15 0.15
N ARG I 256 71.89 3.44 1.22
CA ARG I 256 72.19 2.00 1.32
C ARG I 256 71.11 1.26 0.53
N PRO I 257 71.48 0.17 -0.19
CA PRO I 257 70.54 -0.39 -1.17
C PRO I 257 69.26 -0.97 -0.55
N PRO I 258 68.09 -0.71 -1.16
CA PRO I 258 66.81 -1.23 -0.66
C PRO I 258 66.52 -2.66 -1.12
N GLY I 259 65.77 -3.39 -0.30
CA GLY I 259 65.28 -4.73 -0.63
C GLY I 259 63.79 -4.82 -0.44
N ARG I 260 63.32 -5.94 0.12
CA ARG I 260 61.89 -6.17 0.34
C ARG I 260 61.29 -5.08 1.23
N GLU I 261 60.20 -4.47 0.77
CA GLU I 261 59.55 -3.33 1.42
C GLU I 261 60.53 -2.16 1.70
N ALA I 262 61.51 -1.98 0.81
CA ALA I 262 62.53 -0.94 0.90
C ALA I 262 63.48 -0.99 2.12
N TYR I 263 63.50 -2.11 2.86
CA TYR I 263 64.38 -2.26 4.02
C TYR I 263 65.78 -2.66 3.56
N PRO I 264 66.82 -2.28 4.34
CA PRO I 264 68.18 -2.68 4.00
C PRO I 264 68.47 -4.12 4.43
N GLY I 265 69.60 -4.66 3.98
CA GLY I 265 70.00 -6.03 4.29
C GLY I 265 70.37 -6.33 5.74
N ASP I 266 70.49 -5.30 6.58
CA ASP I 266 70.84 -5.47 8.00
C ASP I 266 69.68 -5.15 8.98
N VAL I 267 68.43 -5.16 8.50
CA VAL I 267 67.28 -4.92 9.37
C VAL I 267 66.93 -6.16 10.23
N PHE I 268 67.21 -7.36 9.72
CA PHE I 268 67.12 -8.58 10.53
C PHE I 268 68.19 -8.55 11.62
N TYR I 269 69.42 -8.27 11.19
CA TYR I 269 70.58 -8.10 12.09
C TYR I 269 70.31 -7.07 13.19
N LEU I 270 69.58 -6.00 12.83
CA LEU I 270 69.14 -4.97 13.79
C LEU I 270 68.36 -5.58 14.96
N HIS I 271 67.29 -6.32 14.65
CA HIS I 271 66.41 -6.90 15.68
C HIS I 271 67.01 -8.10 16.40
N SER I 272 67.77 -8.93 15.69
CA SER I 272 68.41 -10.09 16.31
C SER I 272 69.49 -9.67 17.32
N ARG I 273 70.23 -8.61 16.99
CA ARG I 273 71.24 -8.04 17.90
C ARG I 273 70.60 -7.44 19.16
N LEU I 274 69.41 -6.85 18.98
CA LEU I 274 68.62 -6.32 20.10
C LEU I 274 68.12 -7.42 21.03
N LEU I 275 67.38 -8.38 20.45
CA LEU I 275 66.64 -9.37 21.24
C LEU I 275 67.51 -10.45 21.89
N GLU I 276 68.69 -10.72 21.34
CA GLU I 276 69.58 -11.74 21.90
C GLU I 276 70.23 -11.29 23.23
N ARG I 277 70.31 -9.98 23.43
CA ARG I 277 70.80 -9.40 24.70
C ARG I 277 69.90 -9.72 25.90
N ALA I 278 68.61 -9.99 25.64
CA ALA I 278 67.71 -10.54 26.65
C ALA I 278 68.06 -12.00 26.87
N ALA I 279 68.27 -12.39 28.13
CA ALA I 279 68.78 -13.73 28.46
C ALA I 279 68.59 -14.12 29.92
N LYS I 280 68.86 -15.39 30.21
CA LYS I 280 68.92 -15.92 31.57
C LYS I 280 70.37 -16.34 31.86
N LEU I 281 71.05 -15.60 32.73
CA LEU I 281 72.45 -15.86 33.04
C LEU I 281 72.65 -17.08 33.94
N SER I 282 73.85 -17.64 33.89
CA SER I 282 74.22 -18.81 34.69
C SER I 282 74.51 -18.43 36.15
N ASP I 283 74.70 -19.45 36.99
CA ASP I 283 75.08 -19.25 38.39
C ASP I 283 76.43 -18.55 38.53
N GLU I 284 77.39 -18.91 37.68
CA GLU I 284 78.71 -18.27 37.67
C GLU I 284 78.65 -16.78 37.32
N LYS I 285 77.71 -16.39 36.47
CA LYS I 285 77.53 -14.99 36.05
C LYS I 285 76.50 -14.20 36.90
N GLY I 286 76.08 -14.76 38.04
CA GLY I 286 75.19 -14.07 38.98
C GLY I 286 73.74 -14.51 38.99
N GLY I 287 73.30 -15.18 37.92
CA GLY I 287 71.94 -15.73 37.85
C GLY I 287 70.81 -14.76 37.53
N GLY I 288 71.15 -13.52 37.18
CA GLY I 288 70.14 -12.51 36.82
C GLY I 288 69.58 -12.74 35.43
N SER I 289 68.53 -11.99 35.07
CA SER I 289 67.85 -12.17 33.79
C SER I 289 67.21 -10.90 33.24
N LEU I 290 67.04 -10.88 31.92
CA LEU I 290 66.29 -9.85 31.21
C LEU I 290 65.28 -10.55 30.31
N THR I 291 64.00 -10.34 30.59
CA THR I 291 62.90 -10.87 29.78
C THR I 291 62.46 -9.81 28.78
N ALA I 292 62.28 -10.19 27.52
CA ALA I 292 61.88 -9.26 26.46
C ALA I 292 60.46 -9.56 25.95
N LEU I 293 59.68 -8.49 25.76
CA LEU I 293 58.36 -8.57 25.14
C LEU I 293 58.31 -7.61 23.94
N PRO I 294 58.89 -8.01 22.80
CA PRO I 294 58.78 -7.17 21.59
C PRO I 294 57.38 -7.18 20.99
N PHE I 295 56.98 -6.05 20.40
CA PHE I 295 55.69 -5.92 19.72
C PHE I 295 55.91 -5.89 18.21
N ILE I 296 54.92 -6.40 17.49
CA ILE I 296 54.82 -6.24 16.02
C ILE I 296 53.38 -5.91 15.70
N GLU I 297 53.16 -4.82 14.96
CA GLU I 297 51.83 -4.48 14.46
C GLU I 297 51.69 -4.98 13.02
N THR I 298 50.95 -6.08 12.85
CA THR I 298 50.66 -6.62 11.52
C THR I 298 49.59 -5.79 10.83
N GLN I 299 49.52 -5.93 9.51
CA GLN I 299 48.54 -5.23 8.67
C GLN I 299 47.62 -6.24 8.03
N ALA I 300 46.34 -6.20 8.39
CA ALA I 300 45.32 -7.15 7.90
C ALA I 300 45.70 -8.62 8.12
N GLY I 301 46.34 -8.90 9.26
CA GLY I 301 46.71 -10.26 9.65
C GLY I 301 47.89 -10.87 8.89
N ASP I 302 48.64 -10.05 8.14
CA ASP I 302 49.73 -10.56 7.31
C ASP I 302 50.97 -10.84 8.17
N VAL I 303 50.99 -12.02 8.78
CA VAL I 303 52.14 -12.50 9.56
C VAL I 303 53.35 -12.87 8.70
N SER I 304 53.12 -13.10 7.40
CA SER I 304 54.20 -13.39 6.44
C SER I 304 54.82 -12.14 5.78
N ALA I 305 54.47 -10.94 6.24
CA ALA I 305 55.18 -9.71 5.85
C ALA I 305 56.59 -9.71 6.43
N TYR I 306 57.47 -8.89 5.87
CA TYR I 306 58.91 -9.03 6.10
C TYR I 306 59.36 -8.84 7.56
N ILE I 307 58.96 -7.72 8.17
CA ILE I 307 59.38 -7.40 9.54
C ILE I 307 58.75 -8.36 10.57
N PRO I 308 57.44 -8.71 10.40
CA PRO I 308 56.88 -9.80 11.22
C PRO I 308 57.61 -11.14 11.11
N THR I 309 57.92 -11.56 9.89
CA THR I 309 58.68 -12.80 9.65
C THR I 309 60.02 -12.81 10.38
N ASN I 310 60.73 -11.68 10.37
CA ASN I 310 62.02 -11.55 11.05
C ASN I 310 61.89 -11.77 12.56
N VAL I 311 61.00 -11.02 13.19
CA VAL I 311 60.84 -11.03 14.66
C VAL I 311 60.20 -12.33 15.16
N ILE I 312 59.35 -12.96 14.35
CA ILE I 312 58.78 -14.28 14.69
C ILE I 312 59.88 -15.34 14.81
N SER I 313 60.78 -15.39 13.82
CA SER I 313 61.87 -16.39 13.82
C SER I 313 62.92 -16.14 14.90
N ILE I 314 63.21 -14.87 15.18
CA ILE I 314 64.19 -14.50 16.21
C ILE I 314 63.75 -14.94 17.62
N THR I 315 62.49 -14.70 17.95
CA THR I 315 61.98 -14.91 19.32
C THR I 315 61.79 -16.39 19.67
N ASP I 316 61.53 -16.64 20.96
CA ASP I 316 61.29 -17.99 21.50
C ASP I 316 59.82 -18.42 21.40
N GLY I 317 58.94 -17.52 20.98
CA GLY I 317 57.52 -17.82 20.90
C GLY I 317 56.70 -16.60 20.55
N GLN I 318 55.42 -16.83 20.25
CA GLN I 318 54.52 -15.78 19.77
C GLN I 318 53.16 -15.89 20.43
N ILE I 319 52.63 -14.73 20.87
CA ILE I 319 51.25 -14.61 21.34
C ILE I 319 50.48 -13.87 20.25
N PHE I 320 49.83 -14.63 19.37
CA PHE I 320 49.06 -14.07 18.26
C PHE I 320 47.69 -13.59 18.73
N LEU I 321 47.40 -12.31 18.51
CA LEU I 321 46.07 -11.75 18.77
C LEU I 321 45.29 -11.54 17.47
N GLU I 322 43.97 -11.56 17.57
CA GLU I 322 43.10 -11.48 16.38
C GLU I 322 41.84 -10.64 16.62
N SER I 323 41.38 -9.98 15.55
CA SER I 323 40.25 -9.07 15.61
C SER I 323 38.91 -9.78 15.78
N ASP I 324 38.73 -10.91 15.08
CA ASP I 324 37.50 -11.72 15.15
C ASP I 324 37.16 -12.13 16.58
N LEU I 325 38.18 -12.59 17.32
CA LEU I 325 38.02 -12.97 18.73
C LEU I 325 37.73 -11.75 19.63
N PHE I 326 38.42 -10.65 19.36
CA PHE I 326 38.23 -9.39 20.09
C PHE I 326 36.80 -8.85 19.97
N TYR I 327 36.26 -8.84 18.75
CA TYR I 327 34.90 -8.34 18.49
C TYR I 327 33.82 -9.27 19.06
N SER I 328 34.10 -10.57 19.09
CA SER I 328 33.19 -11.56 19.67
C SER I 328 33.06 -11.46 21.20
N GLY I 329 34.08 -10.92 21.87
CA GLY I 329 34.11 -10.81 23.33
C GLY I 329 35.12 -11.71 24.02
N VAL I 330 35.86 -12.49 23.24
CA VAL I 330 36.99 -13.26 23.76
C VAL I 330 38.14 -12.26 23.98
N ARG I 331 38.31 -11.83 25.23
CA ARG I 331 39.31 -10.83 25.60
C ARG I 331 40.03 -11.27 26.88
N PRO I 332 41.36 -11.44 26.86
CA PRO I 332 42.25 -11.12 25.73
C PRO I 332 42.05 -12.02 24.51
N ALA I 333 42.26 -11.45 23.33
CA ALA I 333 41.92 -12.11 22.06
C ALA I 333 43.05 -13.01 21.54
N VAL I 334 43.44 -13.97 22.38
CA VAL I 334 44.60 -14.82 22.11
C VAL I 334 44.15 -16.04 21.28
N ASN I 335 44.75 -16.21 20.11
CA ASN I 335 44.57 -17.42 19.32
C ASN I 335 45.52 -18.49 19.86
N VAL I 336 44.95 -19.45 20.60
CA VAL I 336 45.73 -20.48 21.29
C VAL I 336 46.32 -21.51 20.32
N GLY I 337 45.61 -21.81 19.23
CA GLY I 337 46.04 -22.80 18.23
C GLY I 337 47.39 -22.52 17.59
N ILE I 338 47.60 -21.27 17.16
CA ILE I 338 48.85 -20.86 16.47
C ILE I 338 49.92 -20.26 17.39
N SER I 339 49.52 -19.80 18.59
CA SER I 339 50.46 -19.24 19.56
C SER I 339 51.38 -20.33 20.14
N VAL I 340 52.65 -19.99 20.33
CA VAL I 340 53.68 -20.95 20.74
C VAL I 340 54.52 -20.39 21.89
N SER I 341 54.96 -21.29 22.77
CA SER I 341 56.03 -21.00 23.73
C SER I 341 56.99 -22.19 23.72
N ARG I 342 58.15 -22.01 23.08
CA ARG I 342 59.15 -23.07 22.95
C ARG I 342 59.80 -23.46 24.28
N VAL I 343 59.78 -22.55 25.26
CA VAL I 343 60.24 -22.84 26.63
C VAL I 343 59.24 -23.77 27.33
N GLY I 344 57.95 -23.44 27.23
CA GLY I 344 56.87 -24.33 27.65
C GLY I 344 56.77 -24.57 29.14
N GLY I 345 56.65 -25.84 29.54
CA GLY I 345 56.47 -26.25 30.94
C GLY I 345 57.55 -25.79 31.91
N ALA I 346 58.79 -25.66 31.42
CA ALA I 346 59.92 -25.17 32.22
C ALA I 346 59.68 -23.79 32.85
N ALA I 347 58.88 -22.95 32.20
CA ALA I 347 58.53 -21.62 32.71
C ALA I 347 57.29 -21.59 33.63
N GLN I 348 56.82 -22.76 34.08
CA GLN I 348 55.64 -22.86 34.95
C GLN I 348 55.96 -23.57 36.26
N ILE I 349 55.21 -23.26 37.31
CA ILE I 349 55.25 -24.03 38.56
C ILE I 349 54.50 -25.35 38.37
N LYS I 350 54.76 -26.32 39.24
CA LYS I 350 54.24 -27.68 39.09
C LYS I 350 52.70 -27.75 39.07
N ALA I 351 52.05 -26.89 39.86
CA ALA I 351 50.59 -26.81 39.93
C ALA I 351 49.95 -26.41 38.60
N MET I 352 50.49 -25.36 37.98
CA MET I 352 49.99 -24.86 36.70
C MET I 352 50.25 -25.84 35.56
N LYS I 353 51.44 -26.47 35.57
CA LYS I 353 51.82 -27.46 34.56
C LYS I 353 50.87 -28.67 34.52
N LYS I 354 50.41 -29.09 35.70
CA LYS I 354 49.52 -30.26 35.81
C LYS I 354 48.10 -29.96 35.33
N VAL I 355 47.53 -28.85 35.78
CA VAL I 355 46.17 -28.44 35.38
C VAL I 355 46.05 -27.99 33.92
N ALA I 356 47.11 -27.38 33.39
CA ALA I 356 47.11 -26.83 32.03
C ALA I 356 47.15 -27.88 30.90
N GLY I 357 47.53 -29.12 31.23
CA GLY I 357 47.56 -30.22 30.24
C GLY I 357 46.18 -30.56 29.70
N THR I 358 45.20 -30.66 30.59
CA THR I 358 43.79 -30.90 30.23
C THR I 358 43.16 -29.68 29.54
N LEU I 359 43.57 -28.47 29.96
CA LEU I 359 43.03 -27.21 29.43
C LEU I 359 43.34 -27.01 27.94
N ARG I 360 44.58 -27.29 27.55
CA ARG I 360 45.00 -27.17 26.14
C ARG I 360 44.38 -28.30 25.27
N LEU I 361 44.14 -29.46 25.89
CA LEU I 361 43.48 -30.58 25.22
C LEU I 361 41.99 -30.30 24.98
N ASP I 362 41.30 -29.83 26.02
CA ASP I 362 39.87 -29.50 25.94
C ASP I 362 39.59 -28.34 24.96
N LEU I 363 40.42 -27.31 25.00
CA LEU I 363 40.23 -26.11 24.16
C LEU I 363 40.52 -26.39 22.67
N ALA I 364 41.46 -27.30 22.40
CA ALA I 364 41.77 -27.71 21.02
C ALA I 364 40.59 -28.47 20.39
N GLN I 365 40.05 -29.43 21.14
CA GLN I 365 38.89 -30.22 20.69
C GLN I 365 37.59 -29.42 20.51
N TYR I 366 37.43 -28.34 21.29
CA TYR I 366 36.24 -27.47 21.20
C TYR I 366 36.19 -26.69 19.89
N ARG I 367 37.26 -25.95 19.60
CA ARG I 367 37.35 -25.15 18.38
C ARG I 367 37.51 -25.99 17.11
N GLU I 368 37.99 -27.22 17.25
CA GLU I 368 38.02 -28.19 16.14
C GLU I 368 36.61 -28.72 15.82
N LEU I 369 35.85 -29.05 16.86
CA LEU I 369 34.48 -29.57 16.72
C LEU I 369 33.39 -28.48 16.87
N GLN I 370 33.71 -27.24 16.47
CA GLN I 370 32.78 -26.11 16.59
C GLN I 370 31.77 -26.05 15.43
N ALA I 371 32.01 -26.82 14.36
CA ALA I 371 31.05 -26.96 13.26
C ALA I 371 29.74 -27.63 13.68
N PHE I 372 29.81 -28.55 14.64
CA PHE I 372 28.64 -29.22 15.21
C PHE I 372 27.82 -28.38 16.20
N ALA I 373 28.34 -27.21 16.59
CA ALA I 373 27.74 -26.37 17.65
C ALA I 373 26.32 -25.89 17.35
N GLN I 374 26.07 -25.47 16.10
CA GLN I 374 24.74 -25.04 15.68
C GLN I 374 23.70 -26.18 15.68
N PHE I 375 24.16 -27.40 15.41
CA PHE I 375 23.31 -28.59 15.43
C PHE I 375 23.08 -29.07 16.87
N GLY I 376 22.19 -28.35 17.57
CA GLY I 376 21.94 -28.59 18.99
C GLY I 376 21.08 -29.81 19.26
N SER I 377 21.54 -30.65 20.20
CA SER I 377 20.80 -31.84 20.68
C SER I 377 20.58 -32.99 19.66
N ASP I 378 21.24 -32.92 18.50
CA ASP I 378 21.26 -34.03 17.53
C ASP I 378 22.48 -34.93 17.73
N LEU I 379 23.45 -34.46 18.51
CA LEU I 379 24.76 -35.10 18.62
C LEU I 379 24.76 -36.19 19.70
N ASP I 380 25.71 -37.11 19.59
CA ASP I 380 25.93 -38.13 20.63
C ASP I 380 26.51 -37.50 21.90
N LYS I 381 26.35 -38.20 23.03
CA LYS I 381 26.75 -37.67 24.35
C LYS I 381 28.27 -37.47 24.55
N ALA I 382 29.09 -38.10 23.72
CA ALA I 382 30.55 -37.88 23.75
C ALA I 382 30.92 -36.46 23.33
N THR I 383 30.42 -36.04 22.17
CA THR I 383 30.64 -34.68 21.66
C THR I 383 29.73 -33.61 22.33
N GLN I 384 28.67 -34.06 23.00
CA GLN I 384 27.75 -33.16 23.71
C GLN I 384 28.43 -32.51 24.93
N ALA I 385 29.05 -33.35 25.77
CA ALA I 385 29.72 -32.88 26.99
C ALA I 385 30.99 -32.06 26.71
N LYS I 386 31.71 -32.41 25.65
CA LYS I 386 32.91 -31.68 25.23
C LYS I 386 32.62 -30.25 24.76
N LEU I 387 31.48 -30.06 24.10
CA LEU I 387 31.01 -28.72 23.72
C LEU I 387 30.57 -27.90 24.95
N ASN I 388 29.90 -28.56 25.89
CA ASN I 388 29.49 -27.93 27.15
C ASN I 388 30.70 -27.55 28.02
N ARG I 389 31.69 -28.44 28.08
CA ARG I 389 32.95 -28.18 28.78
C ARG I 389 33.75 -27.07 28.09
N GLY I 390 33.84 -27.14 26.76
CA GLY I 390 34.63 -26.20 25.97
C GLY I 390 34.20 -24.75 26.07
N GLU I 391 32.90 -24.49 25.93
CA GLU I 391 32.37 -23.12 26.03
C GLU I 391 32.48 -22.53 27.44
N ARG I 392 32.52 -23.39 28.46
CA ARG I 392 32.74 -22.96 29.84
C ARG I 392 34.19 -22.58 30.13
N THR I 393 35.15 -23.32 29.55
CA THR I 393 36.57 -22.98 29.66
C THR I 393 36.93 -21.68 28.95
N VAL I 394 36.24 -21.37 27.85
CA VAL I 394 36.40 -20.08 27.15
C VAL I 394 36.05 -18.91 28.07
N GLU I 395 34.99 -19.04 28.86
CA GLU I 395 34.57 -18.00 29.80
C GLU I 395 35.57 -17.76 30.94
N ILE I 396 36.28 -18.81 31.36
CA ILE I 396 37.34 -18.69 32.35
C ILE I 396 38.57 -17.99 31.75
N LEU I 397 38.87 -18.30 30.50
CA LEU I 397 39.98 -17.66 29.77
C LEU I 397 39.72 -16.19 29.39
N LYS I 398 38.46 -15.77 29.42
CA LYS I 398 38.12 -14.34 29.36
C LYS I 398 38.56 -13.66 30.66
N GLN I 399 38.96 -12.39 30.55
CA GLN I 399 39.50 -11.65 31.68
C GLN I 399 39.41 -10.14 31.44
N ASP I 400 39.02 -9.40 32.48
CA ASP I 400 38.84 -7.94 32.38
C ASP I 400 40.17 -7.19 32.27
N GLU I 401 40.06 -5.94 31.87
CA GLU I 401 41.21 -5.06 31.67
C GLU I 401 41.81 -4.65 33.02
N HIS I 402 43.14 -4.69 33.10
CA HIS I 402 43.91 -4.25 34.29
C HIS I 402 43.55 -4.98 35.58
N LYS I 403 43.33 -6.30 35.50
CA LYS I 403 42.99 -7.13 36.65
C LYS I 403 43.76 -8.45 36.60
N PRO I 404 45.10 -8.39 36.82
CA PRO I 404 45.92 -9.59 36.77
C PRO I 404 45.74 -10.47 38.00
N MET I 405 45.64 -11.77 37.77
CA MET I 405 45.33 -12.75 38.81
C MET I 405 46.62 -13.39 39.34
N PRO I 406 46.76 -13.58 40.67
CA PRO I 406 47.88 -14.36 41.19
C PRO I 406 47.85 -15.82 40.72
N VAL I 407 49.02 -16.41 40.50
CA VAL I 407 49.14 -17.77 39.95
C VAL I 407 48.40 -18.84 40.78
N GLU I 408 48.42 -18.69 42.10
CA GLU I 408 47.68 -19.61 43.00
C GLU I 408 46.16 -19.57 42.78
N GLU I 409 45.62 -18.39 42.46
CA GLU I 409 44.20 -18.24 42.17
C GLU I 409 43.85 -18.72 40.75
N GLN I 410 44.80 -18.61 39.82
CA GLN I 410 44.62 -19.14 38.46
C GLN I 410 44.47 -20.65 38.43
N VAL I 411 45.38 -21.35 39.12
CA VAL I 411 45.39 -22.82 39.13
C VAL I 411 44.14 -23.45 39.73
N ILE I 412 43.56 -22.82 40.75
CA ILE I 412 42.30 -23.29 41.35
C ILE I 412 41.11 -23.07 40.41
N SER I 413 41.11 -21.92 39.73
CA SER I 413 40.09 -21.61 38.72
C SER I 413 40.14 -22.58 37.52
N ILE I 414 41.35 -22.90 37.08
CA ILE I 414 41.57 -23.86 35.98
C ILE I 414 41.27 -25.29 36.46
N TYR I 415 41.66 -25.62 37.69
CA TYR I 415 41.36 -26.92 38.31
C TYR I 415 39.86 -27.17 38.42
N ALA I 416 39.12 -26.13 38.80
CA ALA I 416 37.66 -26.23 38.97
C ALA I 416 36.93 -26.52 37.64
N VAL I 417 37.27 -25.77 36.59
CA VAL I 417 36.61 -25.92 35.28
C VAL I 417 37.00 -27.22 34.54
N THR I 418 38.25 -27.64 34.64
CA THR I 418 38.75 -28.82 33.92
C THR I 418 38.30 -30.15 34.51
N ASN I 419 38.13 -30.20 35.84
CA ASN I 419 37.63 -31.41 36.53
C ASN I 419 36.10 -31.52 36.59
N GLY I 420 35.39 -30.50 36.12
CA GLY I 420 33.94 -30.57 35.92
C GLY I 420 33.07 -30.01 37.03
N PHE I 421 33.62 -29.11 37.85
CA PHE I 421 32.87 -28.47 38.95
C PHE I 421 32.01 -27.28 38.51
N MET I 422 32.12 -26.88 37.24
CA MET I 422 31.28 -25.82 36.66
C MET I 422 30.33 -26.33 35.56
N ASP I 423 30.26 -27.64 35.35
CA ASP I 423 29.34 -28.25 34.39
C ASP I 423 27.88 -28.10 34.85
N ASP I 424 27.67 -28.16 36.15
CA ASP I 424 26.36 -27.96 36.77
C ASP I 424 25.87 -26.51 36.63
N ILE I 425 26.79 -25.55 36.78
CA ILE I 425 26.48 -24.11 36.69
C ILE I 425 26.30 -23.70 35.21
N PRO I 426 25.31 -22.80 34.91
CA PRO I 426 25.11 -22.32 33.52
C PRO I 426 26.31 -21.58 32.91
N VAL I 427 26.24 -21.35 31.59
CA VAL I 427 27.35 -20.77 30.83
C VAL I 427 27.54 -19.27 31.13
N GLU I 428 26.43 -18.54 31.20
CA GLU I 428 26.46 -17.11 31.52
C GLU I 428 26.90 -16.77 32.95
N ASP I 429 26.78 -17.72 33.88
CA ASP I 429 27.18 -17.52 35.28
C ASP I 429 28.61 -17.99 35.63
N VAL I 430 29.39 -18.43 34.63
CA VAL I 430 30.74 -18.99 34.88
C VAL I 430 31.73 -17.94 35.41
N ARG I 431 31.68 -16.73 34.85
CA ARG I 431 32.59 -15.65 35.27
C ARG I 431 32.26 -15.12 36.67
N ARG I 432 30.97 -15.03 36.99
CA ARG I 432 30.54 -14.67 38.35
C ARG I 432 30.84 -15.79 39.35
N PHE I 433 30.70 -17.04 38.92
CA PHE I 433 31.07 -18.22 39.71
C PHE I 433 32.56 -18.23 40.07
N GLU I 434 33.39 -17.79 39.12
CA GLU I 434 34.84 -17.68 39.35
C GLU I 434 35.19 -16.64 40.40
N GLU I 435 34.66 -15.42 40.22
CA GLU I 435 34.96 -14.29 41.10
C GLU I 435 34.54 -14.54 42.54
N GLU I 436 33.34 -15.10 42.72
CA GLU I 436 32.84 -15.47 44.05
C GLU I 436 33.58 -16.67 44.67
N LEU I 437 34.00 -17.62 43.84
CA LEU I 437 34.78 -18.78 44.30
C LEU I 437 36.13 -18.37 44.87
N LEU I 438 36.85 -17.49 44.16
CA LEU I 438 38.15 -17.02 44.62
C LEU I 438 38.04 -16.09 45.84
N SER I 439 36.95 -15.33 45.92
CA SER I 439 36.64 -14.55 47.14
C SER I 439 36.39 -15.46 48.33
N PHE I 440 35.67 -16.55 48.10
CA PHE I 440 35.44 -17.60 49.12
C PHE I 440 36.75 -18.28 49.53
N MET I 441 37.60 -18.61 48.56
CA MET I 441 38.88 -19.28 48.83
C MET I 441 39.88 -18.39 49.56
N ARG I 442 39.95 -17.10 49.19
CA ARG I 442 40.84 -16.14 49.86
C ARG I 442 40.49 -15.93 51.33
N ALA I 443 39.19 -15.82 51.63
CA ALA I 443 38.71 -15.54 52.98
C ALA I 443 38.80 -16.77 53.89
N ASN I 444 38.15 -17.86 53.47
CA ASN I 444 37.93 -19.03 54.32
C ASN I 444 39.03 -20.09 54.19
N LYS I 445 39.28 -20.54 52.97
CA LYS I 445 40.20 -21.66 52.69
C LYS I 445 41.58 -21.16 52.20
N ASP I 446 42.21 -20.29 52.98
CA ASP I 446 43.51 -19.70 52.62
C ASP I 446 44.67 -20.71 52.70
N SER I 447 44.53 -21.75 53.53
CA SER I 447 45.55 -22.79 53.67
C SER I 447 45.84 -23.54 52.36
N LEU I 448 44.80 -23.77 51.55
CA LEU I 448 44.96 -24.37 50.23
C LEU I 448 45.68 -23.44 49.24
N LEU I 449 45.38 -22.15 49.31
CA LEU I 449 46.08 -21.13 48.51
C LEU I 449 47.54 -20.99 48.93
N ASP I 450 47.78 -20.92 50.24
CA ASP I 450 49.14 -20.74 50.79
C ASP I 450 50.06 -21.93 50.48
N HIS I 451 49.50 -23.14 50.38
CA HIS I 451 50.26 -24.32 49.96
C HIS I 451 50.85 -24.15 48.56
N ILE I 452 50.05 -23.59 47.64
CA ILE I 452 50.49 -23.33 46.27
C ILE I 452 51.54 -22.22 46.22
N ARG I 453 51.39 -21.20 47.05
CA ARG I 453 52.38 -20.11 47.16
C ARG I 453 53.74 -20.63 47.64
N GLN I 454 53.72 -21.42 48.70
CA GLN I 454 54.95 -21.92 49.34
C GLN I 454 55.63 -23.03 48.54
N THR I 455 54.91 -24.13 48.31
CA THR I 455 55.49 -25.31 47.66
C THR I 455 55.56 -25.22 46.14
N GLY I 456 54.65 -24.45 45.53
CA GLY I 456 54.52 -24.41 44.07
C GLY I 456 53.82 -25.63 43.49
N GLU I 457 53.08 -26.36 44.34
CA GLU I 457 52.39 -27.59 43.95
C GLU I 457 50.92 -27.52 44.38
N LEU I 458 50.13 -28.44 43.86
CA LEU I 458 48.72 -28.56 44.25
C LEU I 458 48.61 -29.13 45.67
N PRO I 459 47.61 -28.67 46.45
CA PRO I 459 47.33 -29.28 47.75
C PRO I 459 46.63 -30.64 47.60
N ASP I 460 46.21 -31.23 48.71
CA ASP I 460 45.47 -32.49 48.68
C ASP I 460 44.20 -32.31 47.83
N THR I 461 44.09 -33.11 46.75
CA THR I 461 43.03 -32.95 45.76
C THR I 461 41.63 -33.20 46.33
N LYS I 462 41.50 -34.23 47.15
CA LYS I 462 40.22 -34.54 47.82
C LYS I 462 39.82 -33.47 48.86
N GLU I 463 40.80 -32.83 49.49
CA GLU I 463 40.57 -31.68 50.36
C GLU I 463 40.12 -30.45 49.56
N LEU I 464 40.75 -30.24 48.40
CA LEU I 464 40.39 -29.15 47.48
C LEU I 464 39.00 -29.36 46.86
N ASP I 465 38.70 -30.60 46.48
CA ASP I 465 37.37 -30.97 45.98
C ASP I 465 36.27 -30.69 47.02
N ALA I 466 36.57 -30.99 48.29
CA ALA I 466 35.65 -30.72 49.40
C ALA I 466 35.42 -29.23 49.62
N ALA I 467 36.49 -28.43 49.50
CA ALA I 467 36.41 -26.98 49.66
C ALA I 467 35.56 -26.29 48.59
N ILE I 468 35.68 -26.74 47.35
CA ILE I 468 34.91 -26.19 46.22
C ILE I 468 33.43 -26.58 46.31
N GLU I 469 33.16 -27.79 46.78
CA GLU I 469 31.78 -28.30 46.90
C GLU I 469 30.96 -27.58 47.98
N GLU I 470 31.63 -27.11 49.04
CA GLU I 470 31.00 -26.27 50.07
C GLU I 470 30.52 -24.93 49.51
N PHE I 471 31.36 -24.30 48.70
CA PHE I 471 31.01 -23.06 47.99
C PHE I 471 29.87 -23.27 47.00
N LYS I 472 29.96 -24.35 46.22
CA LYS I 472 29.00 -24.66 45.15
C LYS I 472 27.54 -24.79 45.64
N LYS I 473 27.36 -25.28 46.87
CA LYS I 473 26.04 -25.34 47.51
C LYS I 473 25.53 -23.95 47.92
N GLY I 474 26.43 -23.11 48.41
CA GLY I 474 26.10 -21.72 48.76
C GLY I 474 25.82 -20.79 47.59
N PHE I 475 26.31 -21.15 46.40
CA PHE I 475 26.12 -20.36 45.19
C PHE I 475 24.68 -20.44 44.68
N THR I 476 24.17 -19.32 44.14
CA THR I 476 22.82 -19.22 43.58
C THR I 476 22.89 -18.92 42.07
N PRO I 477 22.58 -19.93 41.21
CA PRO I 477 22.55 -19.69 39.75
C PRO I 477 21.44 -18.75 39.26
N SER I 478 21.54 -18.35 37.99
CA SER I 478 20.57 -17.50 37.30
C SER I 478 20.28 -16.19 38.03
N VAL J 3 100.42 -13.14 -29.52
CA VAL J 3 99.14 -13.10 -28.72
C VAL J 3 98.74 -11.66 -28.36
N GLU J 4 97.44 -11.41 -28.33
CA GLU J 4 96.88 -10.08 -28.00
C GLU J 4 96.24 -10.12 -26.60
N VAL J 5 96.74 -9.27 -25.71
CA VAL J 5 96.48 -9.36 -24.27
C VAL J 5 95.52 -8.26 -23.79
N GLY J 6 94.83 -8.54 -22.69
CA GLY J 6 94.04 -7.55 -21.95
C GLY J 6 94.20 -7.74 -20.46
N THR J 7 93.79 -6.73 -19.68
CA THR J 7 93.89 -6.74 -18.22
C THR J 7 92.54 -6.47 -17.58
N VAL J 8 92.22 -7.23 -16.54
CA VAL J 8 90.97 -7.06 -15.78
C VAL J 8 91.10 -5.83 -14.89
N ILE J 9 90.10 -4.95 -14.96
CA ILE J 9 90.04 -3.73 -14.12
C ILE J 9 88.96 -3.79 -13.04
N GLN J 10 87.85 -4.48 -13.32
CA GLN J 10 86.79 -4.74 -12.33
C GLN J 10 86.29 -6.17 -12.50
N VAL J 11 85.90 -6.81 -11.40
CA VAL J 11 85.26 -8.14 -11.47
C VAL J 11 84.43 -8.45 -10.22
N GLY J 12 83.28 -9.07 -10.44
CA GLY J 12 82.37 -9.45 -9.35
C GLY J 12 81.28 -10.39 -9.83
N ASP J 13 81.00 -11.43 -9.05
CA ASP J 13 79.99 -12.46 -9.39
C ASP J 13 80.22 -13.13 -10.76
N GLY J 14 81.49 -13.32 -11.12
CA GLY J 14 81.86 -13.93 -12.39
C GLY J 14 81.72 -13.06 -13.63
N ILE J 15 81.48 -11.75 -13.45
CA ILE J 15 81.34 -10.79 -14.54
C ILE J 15 82.50 -9.81 -14.42
N ALA J 16 83.29 -9.69 -15.48
CA ALA J 16 84.49 -8.84 -15.46
C ALA J 16 84.45 -7.73 -16.52
N ARG J 17 85.16 -6.65 -16.23
CA ARG J 17 85.41 -5.59 -17.20
C ARG J 17 86.90 -5.60 -17.50
N VAL J 18 87.26 -5.71 -18.78
CA VAL J 18 88.64 -5.89 -19.22
C VAL J 18 89.09 -4.69 -20.05
N HIS J 19 90.28 -4.17 -19.75
CA HIS J 19 90.94 -3.15 -20.56
C HIS J 19 91.88 -3.82 -21.56
N GLY J 20 91.98 -3.23 -22.75
CA GLY J 20 92.73 -3.83 -23.87
C GLY J 20 91.83 -4.66 -24.74
N LEU J 21 92.40 -5.72 -25.34
CA LEU J 21 91.69 -6.58 -26.30
C LEU J 21 91.05 -5.75 -27.42
N GLU J 22 91.88 -4.95 -28.08
CA GLU J 22 91.42 -3.94 -29.04
C GLU J 22 90.69 -4.54 -30.24
N LYS J 23 91.23 -5.62 -30.80
CA LYS J 23 90.70 -6.27 -32.00
C LYS J 23 89.73 -7.44 -31.72
N VAL J 24 89.27 -7.59 -30.48
CA VAL J 24 88.44 -8.74 -30.08
C VAL J 24 87.05 -8.69 -30.72
N MET J 25 86.52 -9.86 -31.07
CA MET J 25 85.18 -9.97 -31.65
C MET J 25 84.11 -10.04 -30.56
N ALA J 26 82.88 -9.69 -30.93
CA ALA J 26 81.73 -9.86 -30.05
C ALA J 26 81.39 -11.35 -29.99
N GLY J 27 81.25 -11.87 -28.76
CA GLY J 27 81.01 -13.30 -28.55
C GLY J 27 82.22 -14.18 -28.78
N GLU J 28 83.41 -13.65 -28.55
CA GLU J 28 84.66 -14.40 -28.76
C GLU J 28 85.05 -15.19 -27.51
N LEU J 29 85.63 -16.36 -27.73
CA LEU J 29 86.18 -17.19 -26.65
C LEU J 29 87.51 -16.59 -26.19
N LEU J 30 87.67 -16.43 -24.88
CA LEU J 30 88.88 -15.87 -24.27
C LEU J 30 89.43 -16.82 -23.21
N GLU J 31 90.72 -16.71 -22.93
CA GLU J 31 91.41 -17.55 -21.95
C GLU J 31 92.19 -16.69 -20.96
N PHE J 32 91.91 -16.86 -19.66
CA PHE J 32 92.64 -16.16 -18.59
C PHE J 32 93.98 -16.84 -18.30
N GLU J 33 94.81 -16.18 -17.49
CA GLU J 33 96.12 -16.70 -17.06
C GLU J 33 96.10 -18.16 -16.60
N ASN J 34 95.14 -18.47 -15.73
CA ASN J 34 95.06 -19.77 -15.06
C ASN J 34 94.32 -20.87 -15.84
N GLY J 35 94.03 -20.65 -17.13
CA GLY J 35 93.38 -21.65 -17.98
C GLY J 35 91.86 -21.60 -18.03
N VAL J 36 91.23 -20.79 -17.17
CA VAL J 36 89.78 -20.65 -17.14
C VAL J 36 89.35 -19.84 -18.36
N MET J 37 88.23 -20.22 -18.96
CA MET J 37 87.74 -19.60 -20.19
C MET J 37 86.74 -18.49 -19.92
N GLY J 38 86.57 -17.62 -20.91
CA GLY J 38 85.68 -16.46 -20.81
C GLY J 38 84.99 -16.13 -22.13
N MET J 39 83.98 -15.28 -22.04
CA MET J 39 83.14 -14.91 -23.18
C MET J 39 83.03 -13.39 -23.27
N ALA J 40 83.54 -12.82 -24.36
CA ALA J 40 83.43 -11.37 -24.60
C ALA J 40 82.00 -11.03 -25.01
N GLN J 41 81.22 -10.52 -24.06
CA GLN J 41 79.79 -10.28 -24.29
C GLN J 41 79.56 -8.92 -24.94
N ASN J 42 80.01 -7.85 -24.27
CA ASN J 42 79.80 -6.48 -24.73
C ASN J 42 81.14 -5.84 -25.07
N LEU J 43 81.23 -5.24 -26.27
CA LEU J 43 82.39 -4.44 -26.66
C LEU J 43 82.06 -2.97 -26.38
N GLU J 44 82.67 -2.41 -25.33
CA GLU J 44 82.47 -0.99 -24.98
C GLU J 44 83.54 -0.13 -25.62
N GLU J 45 83.36 1.19 -25.53
CA GLU J 45 84.22 2.17 -26.21
C GLU J 45 85.71 1.98 -25.89
N ASP J 46 86.03 1.88 -24.59
CA ASP J 46 87.42 1.71 -24.15
C ASP J 46 87.69 0.38 -23.40
N ASN J 47 86.64 -0.42 -23.16
CA ASN J 47 86.77 -1.68 -22.39
C ASN J 47 85.93 -2.81 -23.02
N VAL J 48 86.04 -4.01 -22.45
CA VAL J 48 85.31 -5.20 -22.91
C VAL J 48 84.63 -5.89 -21.72
N GLY J 49 83.35 -6.21 -21.85
CA GLY J 49 82.60 -6.97 -20.86
C GLY J 49 82.85 -8.46 -21.06
N VAL J 50 83.29 -9.14 -20.01
CA VAL J 50 83.67 -10.56 -20.10
C VAL J 50 82.93 -11.40 -19.03
N VAL J 51 82.17 -12.39 -19.47
CA VAL J 51 81.52 -13.36 -18.59
C VAL J 51 82.45 -14.57 -18.45
N ILE J 52 82.79 -14.91 -17.21
CA ILE J 52 83.71 -16.02 -16.91
C ILE J 52 82.94 -17.34 -17.00
N LEU J 53 83.48 -18.29 -17.75
CA LEU J 53 82.83 -19.58 -18.03
C LEU J 53 83.49 -20.71 -17.23
N GLY J 54 83.53 -20.52 -15.92
CA GLY J 54 84.22 -21.46 -15.01
C GLY J 54 84.43 -20.85 -13.65
N PRO J 55 85.31 -21.45 -12.82
CA PRO J 55 85.57 -20.90 -11.48
C PRO J 55 86.32 -19.57 -11.55
N TYR J 56 85.88 -18.58 -10.77
CA TYR J 56 86.44 -17.23 -10.80
C TYR J 56 87.11 -16.80 -9.48
N THR J 57 87.44 -17.77 -8.62
CA THR J 57 88.10 -17.49 -7.34
C THR J 57 89.63 -17.23 -7.46
N GLU J 58 90.20 -17.36 -8.66
CA GLU J 58 91.59 -16.93 -8.92
C GLU J 58 91.69 -15.77 -9.93
N ILE J 59 90.56 -15.15 -10.27
CA ILE J 59 90.54 -14.01 -11.20
C ILE J 59 90.25 -12.73 -10.41
N ARG J 60 90.98 -11.67 -10.73
CA ARG J 60 90.97 -10.42 -9.97
C ARG J 60 91.48 -9.26 -10.83
N GLU J 61 91.42 -8.05 -10.28
CA GLU J 61 92.02 -6.88 -10.96
C GLU J 61 93.53 -7.07 -11.09
N GLY J 62 94.03 -6.88 -12.30
CA GLY J 62 95.43 -7.17 -12.64
C GLY J 62 95.60 -8.48 -13.38
N THR J 63 94.63 -9.40 -13.26
CA THR J 63 94.66 -10.66 -13.98
C THR J 63 94.58 -10.42 -15.49
N GLN J 64 95.33 -11.22 -16.25
CA GLN J 64 95.44 -11.05 -17.69
C GLN J 64 94.62 -12.10 -18.44
N VAL J 65 94.15 -11.71 -19.62
CA VAL J 65 93.31 -12.54 -20.46
C VAL J 65 93.72 -12.30 -21.91
N LYS J 66 93.68 -13.35 -22.72
CA LYS J 66 94.10 -13.29 -24.13
C LYS J 66 92.99 -13.72 -25.08
N ARG J 67 93.12 -13.27 -26.33
CA ARG J 67 92.23 -13.70 -27.40
C ARG J 67 92.55 -15.14 -27.83
N THR J 68 91.52 -15.85 -28.28
CA THR J 68 91.68 -17.10 -29.03
C THR J 68 91.51 -16.88 -30.53
N GLY J 69 90.83 -15.80 -30.92
CA GLY J 69 90.50 -15.53 -32.32
C GLY J 69 89.33 -16.33 -32.86
N ARG J 70 88.58 -17.00 -31.98
CA ARG J 70 87.51 -17.91 -32.36
C ARG J 70 86.18 -17.47 -31.76
N ILE J 71 85.11 -17.54 -32.57
CA ILE J 71 83.75 -17.29 -32.09
C ILE J 71 83.40 -18.40 -31.10
N MET J 72 82.60 -18.07 -30.08
CA MET J 72 82.22 -19.02 -29.01
C MET J 72 81.78 -20.35 -29.63
N GLU J 73 82.54 -21.42 -29.35
CA GLU J 73 82.37 -22.71 -30.03
C GLU J 73 82.67 -23.89 -29.10
N VAL J 74 82.32 -25.09 -29.58
CA VAL J 74 82.62 -26.34 -28.89
C VAL J 74 83.16 -27.39 -29.86
N PRO J 75 83.93 -28.38 -29.34
CA PRO J 75 84.29 -29.52 -30.17
C PRO J 75 83.07 -30.38 -30.52
N VAL J 76 83.10 -31.03 -31.68
CA VAL J 76 82.00 -31.87 -32.16
C VAL J 76 82.53 -33.14 -32.83
N GLY J 77 81.62 -34.04 -33.18
CA GLY J 77 81.93 -35.24 -33.95
C GLY J 77 81.92 -36.51 -33.12
N GLU J 78 82.48 -37.57 -33.71
CA GLU J 78 82.46 -38.91 -33.10
C GLU J 78 83.40 -39.08 -31.90
N ALA J 79 84.33 -38.13 -31.69
CA ALA J 79 85.20 -38.13 -30.51
C ALA J 79 84.45 -37.97 -29.18
N LEU J 80 83.29 -37.30 -29.22
CA LEU J 80 82.45 -37.11 -28.03
C LEU J 80 81.49 -38.26 -27.69
N LEU J 81 81.38 -39.26 -28.58
CA LEU J 81 80.49 -40.40 -28.35
C LEU J 81 80.98 -41.24 -27.17
N GLY J 82 80.08 -41.48 -26.20
CA GLY J 82 80.41 -42.18 -24.97
C GLY J 82 81.20 -41.38 -23.95
N ARG J 83 81.28 -40.06 -24.13
CA ARG J 83 82.07 -39.19 -23.27
C ARG J 83 81.16 -38.25 -22.46
N VAL J 84 81.65 -37.87 -21.27
CA VAL J 84 80.96 -36.91 -20.40
C VAL J 84 81.77 -35.61 -20.43
N VAL J 85 81.12 -34.51 -20.80
CA VAL J 85 81.77 -33.21 -20.93
C VAL J 85 80.98 -32.10 -20.26
N ASN J 86 81.64 -30.95 -20.08
CA ASN J 86 80.98 -29.72 -19.63
C ASN J 86 80.54 -28.91 -20.87
N PRO J 87 79.91 -27.73 -20.69
CA PRO J 87 79.48 -26.93 -21.86
C PRO J 87 80.59 -26.42 -22.80
N LEU J 88 81.83 -26.32 -22.31
CA LEU J 88 82.98 -25.96 -23.16
C LEU J 88 83.56 -27.14 -23.95
N GLY J 89 83.09 -28.36 -23.68
CA GLY J 89 83.62 -29.58 -24.32
C GLY J 89 84.79 -30.21 -23.60
N GLN J 90 85.08 -29.75 -22.38
CA GLN J 90 86.19 -30.29 -21.58
C GLN J 90 85.70 -31.56 -20.88
N PRO J 91 86.51 -32.64 -20.93
CA PRO J 91 86.07 -33.94 -20.38
C PRO J 91 86.04 -33.97 -18.85
N LEU J 92 84.96 -34.50 -18.29
CA LEU J 92 84.79 -34.69 -16.85
C LEU J 92 84.90 -36.15 -16.38
N ASP J 93 84.78 -37.10 -17.32
CA ASP J 93 84.87 -38.54 -17.01
C ASP J 93 86.29 -39.05 -16.65
N GLY J 94 87.32 -38.28 -17.00
CA GLY J 94 88.71 -38.66 -16.72
C GLY J 94 89.24 -39.76 -17.62
N ARG J 95 88.78 -39.79 -18.87
CA ARG J 95 89.20 -40.80 -19.86
C ARG J 95 90.11 -40.17 -20.93
N GLY J 96 90.96 -39.24 -20.51
CA GLY J 96 91.85 -38.52 -21.42
C GLY J 96 91.20 -37.34 -22.12
N PRO J 97 91.96 -36.62 -22.98
CA PRO J 97 91.42 -35.47 -23.70
C PRO J 97 90.46 -35.84 -24.84
N ILE J 98 89.78 -34.83 -25.40
CA ILE J 98 88.89 -35.00 -26.56
C ILE J 98 89.68 -34.67 -27.84
N GLU J 99 90.14 -35.69 -28.55
CA GLU J 99 90.91 -35.52 -29.79
C GLU J 99 89.97 -35.35 -30.98
N THR J 100 89.85 -34.11 -31.48
CA THR J 100 88.99 -33.82 -32.63
C THR J 100 89.43 -32.56 -33.39
N ALA J 101 89.24 -32.61 -34.71
CA ALA J 101 89.50 -31.46 -35.60
C ALA J 101 88.23 -30.65 -35.91
N GLU J 102 87.06 -31.29 -35.79
CA GLU J 102 85.79 -30.62 -36.09
C GLU J 102 85.29 -29.79 -34.91
N TYR J 103 84.88 -28.55 -35.19
CA TYR J 103 84.29 -27.64 -34.21
C TYR J 103 83.04 -26.98 -34.79
N ARG J 104 82.13 -26.56 -33.91
CA ARG J 104 80.92 -25.83 -34.30
C ARG J 104 80.59 -24.73 -33.29
N PRO J 105 79.98 -23.61 -33.77
CA PRO J 105 79.72 -22.48 -32.90
C PRO J 105 78.51 -22.69 -31.97
N ILE J 106 78.59 -22.12 -30.77
CA ILE J 106 77.50 -22.13 -29.78
C ILE J 106 76.24 -21.48 -30.36
N GLU J 107 76.40 -20.28 -30.92
CA GLU J 107 75.33 -19.55 -31.59
C GLU J 107 75.39 -19.87 -33.08
N SER J 108 74.27 -20.31 -33.64
CA SER J 108 74.21 -20.78 -35.04
C SER J 108 72.79 -20.62 -35.59
N PRO J 109 72.66 -20.19 -36.86
CA PRO J 109 71.32 -19.94 -37.42
C PRO J 109 70.52 -21.21 -37.66
N ALA J 110 69.20 -21.13 -37.44
CA ALA J 110 68.30 -22.25 -37.69
C ALA J 110 68.10 -22.45 -39.20
N PRO J 111 67.62 -23.64 -39.61
CA PRO J 111 67.30 -23.83 -41.03
C PRO J 111 66.18 -22.90 -41.51
N GLY J 112 66.31 -22.40 -42.73
CA GLY J 112 65.32 -21.49 -43.30
C GLY J 112 63.99 -22.14 -43.63
N VAL J 113 63.14 -21.40 -44.34
CA VAL J 113 61.78 -21.85 -44.66
C VAL J 113 61.83 -22.94 -45.73
N MET J 114 62.69 -22.77 -46.73
CA MET J 114 62.86 -23.74 -47.82
C MET J 114 63.78 -24.92 -47.47
N ASP J 115 64.57 -24.77 -46.40
CA ASP J 115 65.53 -25.81 -46.00
C ASP J 115 64.90 -27.02 -45.31
N ARG J 116 63.65 -26.90 -44.87
CA ARG J 116 62.97 -27.93 -44.08
C ARG J 116 62.08 -28.84 -44.93
N LYS J 117 61.69 -29.97 -44.33
CA LYS J 117 60.64 -30.85 -44.85
C LYS J 117 59.74 -31.29 -43.69
N SER J 118 58.49 -31.60 -44.00
CA SER J 118 57.52 -32.02 -42.99
C SER J 118 57.94 -33.34 -42.32
N VAL J 119 57.75 -33.42 -41.01
CA VAL J 119 58.21 -34.57 -40.21
C VAL J 119 57.35 -35.79 -40.54
N HIS J 120 57.99 -36.85 -41.03
CA HIS J 120 57.30 -38.07 -41.49
C HIS J 120 57.93 -39.41 -41.07
N GLU J 121 58.94 -39.38 -40.18
CA GLU J 121 59.71 -40.56 -39.81
C GLU J 121 59.58 -40.80 -38.30
N PRO J 122 59.22 -42.03 -37.88
CA PRO J 122 59.11 -42.28 -36.43
C PRO J 122 60.42 -42.24 -35.65
N LEU J 123 60.37 -41.64 -34.45
CA LEU J 123 61.39 -41.80 -33.43
C LEU J 123 60.75 -42.57 -32.28
N GLN J 124 60.96 -43.88 -32.25
CA GLN J 124 60.31 -44.76 -31.29
C GLN J 124 60.94 -44.58 -29.91
N THR J 125 60.13 -44.17 -28.93
CA THR J 125 60.58 -44.07 -27.53
C THR J 125 60.66 -45.45 -26.87
N GLY J 126 59.85 -46.40 -27.36
CA GLY J 126 59.71 -47.71 -26.73
C GLY J 126 58.74 -47.73 -25.57
N ILE J 127 58.01 -46.63 -25.38
CA ILE J 127 57.06 -46.48 -24.27
C ILE J 127 55.67 -46.45 -24.89
N LYS J 128 54.81 -47.39 -24.47
CA LYS J 128 53.49 -47.60 -25.08
C LYS J 128 52.60 -46.35 -25.06
N ALA J 129 52.51 -45.71 -23.90
CA ALA J 129 51.68 -44.51 -23.72
C ALA J 129 52.05 -43.38 -24.67
N ILE J 130 53.35 -43.15 -24.85
CA ILE J 130 53.85 -42.07 -25.72
C ILE J 130 53.71 -42.46 -27.19
N ASP J 131 54.33 -43.57 -27.59
CA ASP J 131 54.32 -44.04 -28.99
C ASP J 131 52.91 -44.18 -29.60
N SER J 132 51.93 -44.58 -28.78
CA SER J 132 50.55 -44.73 -29.25
C SER J 132 49.78 -43.40 -29.30
N MET J 133 49.83 -42.62 -28.22
CA MET J 133 48.98 -41.43 -28.07
C MET J 133 49.67 -40.11 -28.43
N ILE J 134 50.92 -39.92 -28.00
CA ILE J 134 51.69 -38.70 -28.29
C ILE J 134 52.99 -39.08 -29.03
N PRO J 135 52.86 -39.51 -30.30
CA PRO J 135 54.01 -40.02 -31.05
C PRO J 135 55.00 -38.93 -31.47
N ILE J 136 56.29 -39.18 -31.24
CA ILE J 136 57.36 -38.24 -31.59
C ILE J 136 57.97 -38.66 -32.92
N GLY J 137 58.24 -37.67 -33.78
CA GLY J 137 58.87 -37.89 -35.08
C GLY J 137 60.28 -37.31 -35.14
N ARG J 138 61.04 -37.74 -36.16
CA ARG J 138 62.41 -37.26 -36.37
C ARG J 138 62.41 -35.82 -36.89
N GLY J 139 62.94 -34.90 -36.07
CA GLY J 139 62.92 -33.46 -36.36
C GLY J 139 61.87 -32.67 -35.60
N GLN J 140 61.02 -33.37 -34.84
CA GLN J 140 59.99 -32.74 -34.02
C GLN J 140 60.61 -32.17 -32.73
N ARG J 141 59.94 -31.18 -32.15
CA ARG J 141 60.26 -30.67 -30.82
C ARG J 141 59.08 -30.99 -29.91
N GLU J 142 59.29 -31.85 -28.92
CA GLU J 142 58.23 -32.30 -28.02
C GLU J 142 58.59 -31.99 -26.57
N LEU J 143 57.87 -31.05 -25.97
CA LEU J 143 58.07 -30.66 -24.57
C LEU J 143 57.68 -31.80 -23.63
N ILE J 144 58.55 -32.11 -22.66
CA ILE J 144 58.22 -33.00 -21.55
C ILE J 144 58.10 -32.09 -20.34
N ILE J 145 56.89 -32.01 -19.78
CA ILE J 145 56.57 -31.02 -18.73
C ILE J 145 55.84 -31.69 -17.57
N GLY J 146 56.14 -31.27 -16.35
CA GLY J 146 55.52 -31.82 -15.16
C GLY J 146 56.26 -31.44 -13.89
N ASP J 147 55.65 -31.72 -12.74
CA ASP J 147 56.24 -31.43 -11.44
C ASP J 147 57.51 -32.24 -11.15
N ARG J 148 58.15 -31.87 -10.05
CA ARG J 148 59.30 -32.60 -9.50
C ARG J 148 58.91 -34.06 -9.24
N GLN J 149 59.77 -34.99 -9.66
CA GLN J 149 59.59 -36.44 -9.45
C GLN J 149 58.29 -36.99 -10.06
N THR J 150 58.03 -36.61 -11.31
CA THR J 150 56.87 -37.13 -12.08
C THR J 150 57.30 -38.02 -13.27
N GLY J 151 58.58 -38.35 -13.36
CA GLY J 151 59.08 -39.29 -14.37
C GLY J 151 59.63 -38.69 -15.65
N LYS J 152 60.07 -37.43 -15.60
CA LYS J 152 60.57 -36.72 -16.79
C LYS J 152 61.87 -37.31 -17.37
N THR J 153 62.90 -37.41 -16.54
CA THR J 153 64.21 -37.94 -16.97
C THR J 153 64.11 -39.39 -17.45
N THR J 154 63.29 -40.20 -16.77
CA THR J 154 63.10 -41.61 -17.15
C THR J 154 62.56 -41.78 -18.58
N ILE J 155 61.68 -40.89 -19.03
CA ILE J 155 61.18 -40.90 -20.42
C ILE J 155 62.35 -40.69 -21.39
N ALA J 156 63.21 -39.71 -21.09
CA ALA J 156 64.35 -39.38 -21.93
C ALA J 156 65.40 -40.49 -22.00
N ILE J 157 65.73 -41.08 -20.86
CA ILE J 157 66.74 -42.15 -20.79
C ILE J 157 66.25 -43.42 -21.48
N ASP J 158 64.98 -43.78 -21.25
CA ASP J 158 64.37 -44.94 -21.93
C ASP J 158 64.23 -44.72 -23.44
N THR J 159 63.97 -43.48 -23.86
CA THR J 159 63.96 -43.12 -25.28
C THR J 159 65.36 -43.30 -25.89
N ILE J 160 66.39 -42.85 -25.16
CA ILE J 160 67.80 -42.99 -25.59
C ILE J 160 68.21 -44.47 -25.66
N ILE J 161 67.85 -45.25 -24.64
CA ILE J 161 68.10 -46.70 -24.61
C ILE J 161 67.46 -47.41 -25.82
N ASN J 162 66.25 -46.97 -26.19
CA ASN J 162 65.50 -47.59 -27.30
C ASN J 162 66.10 -47.32 -28.68
N GLN J 163 67.00 -46.34 -28.80
CA GLN J 163 67.71 -46.06 -30.07
C GLN J 163 68.91 -46.99 -30.34
N LYS J 164 69.16 -47.99 -29.49
CA LYS J 164 70.20 -48.98 -29.74
C LYS J 164 69.92 -49.74 -31.04
N GLY J 165 70.90 -49.73 -31.95
CA GLY J 165 70.77 -50.36 -33.26
C GLY J 165 69.85 -49.66 -34.25
N GLN J 166 69.54 -48.39 -34.00
CA GLN J 166 68.68 -47.57 -34.88
C GLN J 166 69.45 -46.46 -35.62
N ASP J 167 70.75 -46.36 -35.38
CA ASP J 167 71.62 -45.35 -36.00
C ASP J 167 71.10 -43.93 -35.75
N VAL J 168 70.93 -43.61 -34.47
CA VAL J 168 70.52 -42.28 -34.01
C VAL J 168 71.46 -41.85 -32.88
N ILE J 169 72.16 -40.73 -33.08
CA ILE J 169 73.08 -40.20 -32.07
C ILE J 169 72.24 -39.47 -31.02
N CYS J 170 72.59 -39.66 -29.75
CA CYS J 170 71.84 -39.05 -28.65
C CYS J 170 72.71 -38.08 -27.86
N ILE J 171 72.10 -36.98 -27.41
CA ILE J 171 72.79 -35.98 -26.60
C ILE J 171 71.92 -35.68 -25.37
N TYR J 172 72.39 -36.10 -24.19
CA TYR J 172 71.73 -35.79 -22.93
C TYR J 172 72.38 -34.57 -22.30
N VAL J 173 71.71 -33.42 -22.37
CA VAL J 173 72.18 -32.18 -21.76
C VAL J 173 71.57 -32.03 -20.36
N ALA J 174 72.41 -32.13 -19.34
CA ALA J 174 72.01 -31.93 -17.95
C ALA J 174 72.30 -30.49 -17.54
N ILE J 175 71.26 -29.71 -17.25
CA ILE J 175 71.40 -28.31 -16.83
C ILE J 175 70.84 -28.15 -15.42
N GLY J 176 71.71 -27.81 -14.48
CA GLY J 176 71.31 -27.54 -13.10
C GLY J 176 70.84 -28.73 -12.29
N GLN J 177 71.14 -29.94 -12.74
CA GLN J 177 70.77 -31.16 -12.03
C GLN J 177 71.84 -31.49 -11.01
N LYS J 178 71.50 -32.40 -10.09
CA LYS J 178 72.49 -32.96 -9.18
C LYS J 178 73.41 -33.87 -9.98
N GLN J 179 74.72 -33.76 -9.71
CA GLN J 179 75.72 -34.54 -10.44
C GLN J 179 75.64 -36.04 -10.11
N SER J 180 75.10 -36.37 -8.92
CA SER J 180 74.73 -37.74 -8.56
C SER J 180 73.86 -38.42 -9.62
N THR J 181 72.83 -37.70 -10.07
CA THR J 181 71.86 -38.24 -11.04
C THR J 181 72.44 -38.39 -12.44
N VAL J 182 73.34 -37.49 -12.82
CA VAL J 182 74.02 -37.57 -14.13
C VAL J 182 74.99 -38.75 -14.13
N ALA J 183 75.69 -38.96 -13.01
CA ALA J 183 76.54 -40.14 -12.81
C ALA J 183 75.73 -41.44 -12.83
N GLY J 184 74.53 -41.41 -12.25
CA GLY J 184 73.60 -42.53 -12.31
C GLY J 184 73.08 -42.79 -13.72
N VAL J 185 72.80 -41.71 -14.45
CA VAL J 185 72.33 -41.80 -15.85
C VAL J 185 73.37 -42.48 -16.75
N VAL J 186 74.62 -42.01 -16.69
CA VAL J 186 75.69 -42.58 -17.53
C VAL J 186 75.96 -44.05 -17.19
N GLU J 187 75.82 -44.42 -15.92
CA GLU J 187 75.92 -45.82 -15.49
C GLU J 187 74.75 -46.68 -15.99
N THR J 188 73.54 -46.11 -16.01
CA THR J 188 72.36 -46.78 -16.57
C THR J 188 72.51 -47.03 -18.07
N LEU J 189 73.07 -46.06 -18.79
CA LEU J 189 73.35 -46.19 -20.22
C LEU J 189 74.45 -47.23 -20.51
N ARG J 190 75.44 -47.33 -19.63
CA ARG J 190 76.49 -48.34 -19.73
C ARG J 190 75.93 -49.76 -19.60
N GLN J 191 75.04 -49.96 -18.62
CA GLN J 191 74.42 -51.27 -18.37
C GLN J 191 73.47 -51.72 -19.49
N HIS J 192 72.81 -50.78 -20.15
CA HIS J 192 71.91 -51.07 -21.28
C HIS J 192 72.56 -50.89 -22.67
N ASP J 193 73.88 -50.74 -22.71
CA ASP J 193 74.65 -50.59 -23.97
C ASP J 193 74.16 -49.44 -24.84
N ALA J 194 73.80 -48.33 -24.19
CA ALA J 194 73.33 -47.12 -24.86
C ALA J 194 74.36 -45.97 -24.86
N LEU J 195 75.47 -46.14 -24.14
CA LEU J 195 76.44 -45.06 -23.94
C LEU J 195 77.28 -44.78 -25.18
N ASP J 196 77.65 -45.82 -25.93
CA ASP J 196 78.58 -45.66 -27.08
C ASP J 196 78.06 -44.82 -28.26
N TYR J 197 76.76 -44.51 -28.29
CA TYR J 197 76.19 -43.55 -29.26
C TYR J 197 75.59 -42.30 -28.60
N THR J 198 75.99 -42.02 -27.35
CA THR J 198 75.41 -40.94 -26.55
C THR J 198 76.49 -39.97 -26.07
N ILE J 199 76.20 -38.67 -26.19
CA ILE J 199 77.05 -37.60 -25.66
C ILE J 199 76.36 -37.03 -24.42
N VAL J 200 77.12 -36.87 -23.34
CA VAL J 200 76.59 -36.32 -22.08
C VAL J 200 77.24 -34.95 -21.80
N VAL J 201 76.45 -33.89 -21.96
CA VAL J 201 76.85 -32.54 -21.58
C VAL J 201 76.21 -32.26 -20.22
N THR J 202 77.01 -31.83 -19.24
CA THR J 202 76.51 -31.58 -17.89
C THR J 202 77.04 -30.28 -17.28
N ALA J 203 76.11 -29.45 -16.80
CA ALA J 203 76.42 -28.27 -16.01
C ALA J 203 75.61 -28.37 -14.72
N SER J 204 76.24 -28.89 -13.67
CA SER J 204 75.56 -29.22 -12.41
C SER J 204 75.14 -27.97 -11.61
N ALA J 205 74.43 -28.21 -10.51
CA ALA J 205 73.93 -27.12 -9.65
C ALA J 205 75.04 -26.32 -8.94
N SER J 206 76.21 -26.91 -8.74
CA SER J 206 77.38 -26.21 -8.17
C SER J 206 78.12 -25.37 -9.20
N GLU J 207 77.86 -25.62 -10.48
CA GLU J 207 78.54 -24.94 -11.57
C GLU J 207 77.97 -23.51 -11.70
N PRO J 208 78.84 -22.50 -11.97
CA PRO J 208 78.32 -21.12 -12.09
C PRO J 208 77.32 -20.93 -13.22
N ALA J 209 76.46 -19.92 -13.05
CA ALA J 209 75.26 -19.74 -13.89
C ALA J 209 75.48 -19.63 -15.41
N PRO J 210 76.57 -18.95 -15.85
CA PRO J 210 76.86 -18.91 -17.30
C PRO J 210 77.05 -20.28 -17.98
N LEU J 211 77.56 -21.27 -17.25
CA LEU J 211 77.72 -22.63 -17.79
C LEU J 211 76.38 -23.35 -17.91
N LEU J 212 75.45 -23.11 -16.98
CA LEU J 212 74.07 -23.60 -17.11
C LEU J 212 73.40 -22.96 -18.32
N TYR J 213 73.62 -21.65 -18.49
CA TYR J 213 73.12 -20.89 -19.64
C TYR J 213 73.61 -21.45 -20.99
N LEU J 214 74.90 -21.75 -21.09
CA LEU J 214 75.50 -22.23 -22.35
C LEU J 214 75.24 -23.71 -22.65
N ALA J 215 74.94 -24.51 -21.63
CA ALA J 215 74.86 -25.98 -21.77
C ALA J 215 73.96 -26.50 -22.91
N PRO J 216 72.70 -25.98 -23.02
CA PRO J 216 71.83 -26.42 -24.13
C PRO J 216 72.34 -26.10 -25.54
N TYR J 217 72.99 -24.95 -25.69
CA TYR J 217 73.52 -24.54 -27.00
C TYR J 217 74.74 -25.37 -27.41
N ALA J 218 75.55 -25.79 -26.43
CA ALA J 218 76.68 -26.69 -26.67
C ALA J 218 76.19 -28.07 -27.13
N GLY J 219 75.20 -28.60 -26.43
CA GLY J 219 74.55 -29.85 -26.80
C GLY J 219 73.82 -29.79 -28.15
N CYS J 220 73.22 -28.64 -28.44
CA CYS J 220 72.57 -28.39 -29.74
C CYS J 220 73.57 -28.44 -30.88
N ALA J 221 74.70 -27.76 -30.71
CA ALA J 221 75.81 -27.77 -31.68
C ALA J 221 76.33 -29.18 -31.97
N MET J 222 76.48 -29.98 -30.91
CA MET J 222 76.91 -31.37 -31.03
C MET J 222 75.92 -32.23 -31.81
N GLY J 223 74.63 -31.98 -31.62
CA GLY J 223 73.58 -32.64 -32.40
C GLY J 223 73.51 -32.15 -33.84
N GLU J 224 73.72 -30.83 -34.03
CA GLU J 224 73.69 -30.21 -35.36
C GLU J 224 74.73 -30.77 -36.33
N TYR J 225 75.92 -31.09 -35.83
CA TYR J 225 76.99 -31.70 -36.64
C TYR J 225 76.48 -32.90 -37.45
N PHE J 226 75.79 -33.81 -36.74
CA PHE J 226 75.25 -35.03 -37.36
C PHE J 226 74.04 -34.76 -38.27
N MET J 227 73.22 -33.76 -37.91
CA MET J 227 72.06 -33.38 -38.73
C MET J 227 72.46 -32.91 -40.12
N TYR J 228 73.40 -31.96 -40.19
CA TYR J 228 73.83 -31.38 -41.47
C TYR J 228 74.71 -32.30 -42.33
N LYS J 229 75.17 -33.42 -41.78
CA LYS J 229 75.89 -34.46 -42.55
C LYS J 229 74.99 -35.63 -43.03
N GLY J 230 73.67 -35.49 -42.89
CA GLY J 230 72.72 -36.51 -43.38
C GLY J 230 72.21 -37.51 -42.34
N LYS J 231 72.86 -37.58 -41.17
CA LYS J 231 72.45 -38.49 -40.10
C LYS J 231 71.35 -37.87 -39.23
N HIS J 232 70.79 -38.67 -38.33
CA HIS J 232 69.72 -38.24 -37.42
C HIS J 232 70.21 -38.21 -35.98
N ALA J 233 69.74 -37.23 -35.21
CA ALA J 233 70.17 -37.04 -33.81
C ALA J 233 69.01 -36.69 -32.88
N LEU J 234 69.20 -36.95 -31.59
CA LEU J 234 68.23 -36.65 -30.55
C LEU J 234 68.91 -35.84 -29.45
N VAL J 235 68.34 -34.68 -29.11
CA VAL J 235 68.87 -33.85 -28.02
C VAL J 235 67.84 -33.74 -26.89
N VAL J 236 68.32 -33.84 -25.66
CA VAL J 236 67.50 -33.76 -24.46
C VAL J 236 68.04 -32.63 -23.59
N TYR J 237 67.18 -31.65 -23.28
CA TYR J 237 67.52 -30.56 -22.36
C TYR J 237 66.80 -30.81 -21.04
N ASP J 238 67.57 -31.22 -20.03
CA ASP J 238 67.06 -31.58 -18.70
C ASP J 238 67.75 -30.70 -17.65
N ASP J 239 67.24 -29.50 -17.34
CA ASP J 239 66.01 -28.94 -17.88
C ASP J 239 66.14 -27.43 -18.18
N LEU J 240 65.19 -26.91 -18.94
CA LEU J 240 65.19 -25.50 -19.35
C LEU J 240 64.73 -24.53 -18.26
N SER J 241 64.08 -25.04 -17.20
CA SER J 241 63.73 -24.19 -16.05
C SER J 241 64.99 -23.76 -15.28
N LYS J 242 65.95 -24.67 -15.13
CA LYS J 242 67.25 -24.34 -14.53
C LYS J 242 68.06 -23.37 -15.40
N GLN J 243 68.01 -23.55 -16.71
CA GLN J 243 68.69 -22.66 -17.66
C GLN J 243 68.09 -21.25 -17.63
N ALA J 244 66.76 -21.17 -17.65
CA ALA J 244 66.05 -19.89 -17.57
C ALA J 244 66.39 -19.13 -16.29
N ALA J 245 66.38 -19.84 -15.16
CA ALA J 245 66.76 -19.27 -13.87
C ALA J 245 68.22 -18.85 -13.82
N ALA J 246 69.10 -19.63 -14.47
CA ALA J 246 70.51 -19.29 -14.58
C ALA J 246 70.75 -18.04 -15.45
N TYR J 247 70.01 -17.92 -16.55
CA TYR J 247 70.07 -16.74 -17.42
C TYR J 247 69.51 -15.49 -16.73
N ARG J 248 68.49 -15.66 -15.89
CA ARG J 248 67.94 -14.59 -15.07
C ARG J 248 68.98 -14.03 -14.10
N GLU J 249 69.77 -14.91 -13.48
CA GLU J 249 70.87 -14.50 -12.58
C GLU J 249 71.87 -13.62 -13.33
N LEU J 250 72.31 -14.08 -14.49
CA LEU J 250 73.25 -13.33 -15.32
C LEU J 250 72.70 -11.96 -15.72
N SER J 251 71.43 -11.93 -16.11
CA SER J 251 70.76 -10.69 -16.51
C SER J 251 70.56 -9.70 -15.36
N LEU J 252 70.25 -10.22 -14.17
CA LEU J 252 70.11 -9.39 -12.97
C LEU J 252 71.45 -8.87 -12.44
N LEU J 253 72.51 -9.68 -12.57
CA LEU J 253 73.88 -9.24 -12.26
C LEU J 253 74.36 -8.13 -13.20
N LEU J 254 73.94 -8.20 -14.47
CA LEU J 254 74.21 -7.14 -15.46
C LEU J 254 73.24 -5.94 -15.38
N ARG J 255 72.33 -5.95 -14.40
CA ARG J 255 71.38 -4.85 -14.13
C ARG J 255 70.43 -4.57 -15.31
N ARG J 256 70.05 -5.64 -16.03
CA ARG J 256 69.10 -5.53 -17.14
C ARG J 256 67.67 -5.59 -16.60
N PRO J 257 66.75 -4.78 -17.17
CA PRO J 257 65.42 -4.58 -16.59
C PRO J 257 64.58 -5.87 -16.49
N PRO J 258 64.19 -6.27 -15.26
CA PRO J 258 63.40 -7.50 -15.09
C PRO J 258 61.91 -7.28 -15.32
N GLY J 259 61.19 -8.36 -15.66
CA GLY J 259 59.75 -8.31 -15.91
C GLY J 259 59.00 -9.36 -15.12
N ARG J 260 58.21 -10.18 -15.82
CA ARG J 260 57.36 -11.20 -15.20
C ARG J 260 58.20 -12.27 -14.50
N GLU J 261 57.92 -12.49 -13.21
CA GLU J 261 58.72 -13.37 -12.33
C GLU J 261 60.23 -13.02 -12.35
N ALA J 262 60.52 -11.72 -12.44
CA ALA J 262 61.90 -11.18 -12.48
C ALA J 262 62.78 -11.60 -13.67
N TYR J 263 62.21 -12.26 -14.67
CA TYR J 263 63.00 -12.71 -15.84
C TYR J 263 63.21 -11.56 -16.81
N PRO J 264 64.29 -11.61 -17.61
CA PRO J 264 64.52 -10.57 -18.63
C PRO J 264 63.60 -10.73 -19.83
N GLY J 265 63.47 -9.68 -20.62
CA GLY J 265 62.58 -9.67 -21.79
C GLY J 265 62.92 -10.64 -22.91
N ASP J 266 64.18 -11.09 -22.98
CA ASP J 266 64.63 -12.07 -23.98
C ASP J 266 64.65 -13.53 -23.46
N VAL J 267 63.88 -13.82 -22.41
CA VAL J 267 63.82 -15.19 -21.86
C VAL J 267 63.06 -16.16 -22.78
N PHE J 268 62.04 -15.66 -23.49
CA PHE J 268 61.39 -16.45 -24.55
C PHE J 268 62.38 -16.73 -25.69
N TYR J 269 63.12 -15.69 -26.08
CA TYR J 269 64.13 -15.82 -27.14
C TYR J 269 65.28 -16.78 -26.78
N LEU J 270 65.59 -16.89 -25.48
CA LEU J 270 66.55 -17.87 -24.97
C LEU J 270 66.22 -19.29 -25.45
N HIS J 271 64.98 -19.69 -25.28
CA HIS J 271 64.51 -21.02 -25.65
C HIS J 271 64.09 -21.14 -27.12
N SER J 272 63.56 -20.06 -27.69
CA SER J 272 62.99 -20.12 -29.05
C SER J 272 64.07 -20.33 -30.12
N ARG J 273 65.21 -19.65 -29.99
CA ARG J 273 66.34 -19.83 -30.93
C ARG J 273 67.03 -21.19 -30.73
N LEU J 274 67.00 -21.71 -29.50
CA LEU J 274 67.54 -23.04 -29.20
C LEU J 274 66.76 -24.14 -29.93
N LEU J 275 65.44 -24.13 -29.77
CA LEU J 275 64.58 -25.19 -30.30
C LEU J 275 64.21 -25.05 -31.78
N GLU J 276 64.40 -23.85 -32.35
CA GLU J 276 64.29 -23.65 -33.80
C GLU J 276 65.37 -24.41 -34.58
N ARG J 277 66.56 -24.53 -33.97
CA ARG J 277 67.69 -25.25 -34.58
C ARG J 277 67.43 -26.77 -34.69
N ALA J 278 66.54 -27.30 -33.86
CA ALA J 278 66.03 -28.66 -34.04
C ALA J 278 65.04 -28.66 -35.21
N ALA J 279 65.24 -29.56 -36.16
CA ALA J 279 64.42 -29.59 -37.39
C ALA J 279 64.56 -30.91 -38.18
N LYS J 280 63.73 -31.04 -39.20
CA LYS J 280 63.83 -32.08 -40.23
C LYS J 280 64.22 -31.41 -41.54
N LEU J 281 65.44 -31.66 -42.01
CA LEU J 281 65.94 -31.03 -43.24
C LEU J 281 65.39 -31.69 -44.50
N SER J 282 65.45 -30.95 -45.60
CA SER J 282 64.95 -31.41 -46.90
C SER J 282 65.93 -32.38 -47.58
N ASP J 283 65.50 -32.94 -48.71
CA ASP J 283 66.35 -33.84 -49.51
C ASP J 283 67.57 -33.12 -50.10
N GLU J 284 67.38 -31.88 -50.52
CA GLU J 284 68.47 -31.02 -50.99
C GLU J 284 69.57 -30.83 -49.92
N LYS J 285 69.14 -30.67 -48.66
CA LYS J 285 70.08 -30.43 -47.54
C LYS J 285 70.56 -31.70 -46.83
N GLY J 286 70.36 -32.88 -47.44
CA GLY J 286 70.86 -34.16 -46.91
C GLY J 286 69.83 -35.04 -46.24
N GLY J 287 68.68 -34.46 -45.87
CA GLY J 287 67.59 -35.22 -45.24
C GLY J 287 67.78 -35.61 -43.79
N GLY J 288 68.79 -35.06 -43.12
CA GLY J 288 69.05 -35.35 -41.71
C GLY J 288 68.09 -34.61 -40.79
N SER J 289 68.15 -34.92 -39.50
CA SER J 289 67.25 -34.31 -38.52
C SER J 289 67.87 -34.20 -37.13
N LEU J 290 67.28 -33.31 -36.32
CA LEU J 290 67.58 -33.19 -34.90
C LEU J 290 66.27 -33.09 -34.15
N THR J 291 65.96 -34.12 -33.34
CA THR J 291 64.77 -34.15 -32.50
C THR J 291 65.12 -33.57 -31.13
N ALA J 292 64.25 -32.72 -30.60
CA ALA J 292 64.49 -32.05 -29.31
C ALA J 292 63.44 -32.46 -28.28
N LEU J 293 63.91 -32.85 -27.09
CA LEU J 293 63.03 -33.09 -25.93
C LEU J 293 63.41 -32.13 -24.80
N PRO J 294 62.93 -30.87 -24.88
CA PRO J 294 63.16 -29.93 -23.78
C PRO J 294 62.31 -30.25 -22.55
N PHE J 295 62.87 -30.06 -21.36
CA PHE J 295 62.18 -30.28 -20.09
C PHE J 295 61.77 -28.94 -19.49
N ILE J 296 60.58 -28.89 -18.89
CA ILE J 296 60.18 -27.80 -18.01
C ILE J 296 59.61 -28.41 -16.72
N GLU J 297 60.11 -27.93 -15.58
CA GLU J 297 59.62 -28.38 -14.28
C GLU J 297 58.64 -27.36 -13.71
N THR J 298 57.36 -27.71 -13.71
CA THR J 298 56.31 -26.85 -13.17
C THR J 298 56.30 -26.87 -11.64
N GLN J 299 55.60 -25.89 -11.06
CA GLN J 299 55.38 -25.80 -9.62
C GLN J 299 53.90 -25.99 -9.34
N ALA J 300 53.55 -27.07 -8.64
CA ALA J 300 52.16 -27.45 -8.33
C ALA J 300 51.27 -27.64 -9.58
N GLY J 301 51.87 -28.13 -10.67
CA GLY J 301 51.14 -28.45 -11.90
C GLY J 301 50.65 -27.24 -12.67
N ASP J 302 51.28 -26.09 -12.48
CA ASP J 302 50.85 -24.83 -13.06
C ASP J 302 51.44 -24.65 -14.47
N VAL J 303 50.73 -25.17 -15.47
CA VAL J 303 51.13 -25.04 -16.88
C VAL J 303 50.94 -23.62 -17.45
N SER J 304 50.13 -22.79 -16.77
CA SER J 304 49.87 -21.42 -17.22
C SER J 304 50.92 -20.37 -16.78
N ALA J 305 51.98 -20.80 -16.08
CA ALA J 305 53.05 -19.89 -15.66
C ALA J 305 53.89 -19.39 -16.84
N TYR J 306 54.71 -18.37 -16.58
CA TYR J 306 55.43 -17.63 -17.64
C TYR J 306 56.34 -18.51 -18.49
N ILE J 307 57.25 -19.24 -17.85
CA ILE J 307 58.24 -20.06 -18.57
C ILE J 307 57.60 -21.30 -19.22
N PRO J 308 56.69 -22.00 -18.51
CA PRO J 308 55.95 -23.09 -19.17
C PRO J 308 55.18 -22.69 -20.43
N THR J 309 54.48 -21.56 -20.38
CA THR J 309 53.74 -21.05 -21.55
C THR J 309 54.66 -20.57 -22.68
N ASN J 310 55.87 -20.13 -22.35
CA ASN J 310 56.88 -19.81 -23.38
C ASN J 310 57.28 -21.06 -24.20
N VAL J 311 57.55 -22.16 -23.51
CA VAL J 311 58.04 -23.38 -24.17
C VAL J 311 56.91 -24.16 -24.86
N ILE J 312 55.69 -24.11 -24.32
CA ILE J 312 54.49 -24.61 -25.02
C ILE J 312 54.31 -23.85 -26.34
N SER J 313 54.55 -22.54 -26.30
CA SER J 313 54.48 -21.67 -27.48
C SER J 313 55.58 -21.92 -28.55
N ILE J 314 56.66 -22.61 -28.17
CA ILE J 314 57.75 -22.97 -29.09
C ILE J 314 57.58 -24.39 -29.67
N THR J 315 57.36 -25.37 -28.80
CA THR J 315 57.38 -26.78 -29.20
C THR J 315 56.15 -27.22 -30.03
N ASP J 316 56.26 -28.40 -30.61
CA ASP J 316 55.21 -28.99 -31.46
C ASP J 316 54.29 -29.91 -30.64
N GLY J 317 53.68 -29.35 -29.60
CA GLY J 317 52.92 -30.12 -28.63
C GLY J 317 53.77 -30.48 -27.43
N GLN J 318 53.15 -31.16 -26.46
CA GLN J 318 53.79 -31.46 -25.18
C GLN J 318 53.26 -32.73 -24.54
N ILE J 319 54.06 -33.31 -23.64
CA ILE J 319 53.68 -34.45 -22.83
C ILE J 319 53.65 -33.98 -21.37
N PHE J 320 52.46 -33.73 -20.85
CA PHE J 320 52.31 -33.36 -19.44
C PHE J 320 52.23 -34.60 -18.57
N LEU J 321 53.00 -34.61 -17.48
CA LEU J 321 53.02 -35.73 -16.54
C LEU J 321 52.28 -35.35 -15.26
N GLU J 322 51.17 -36.02 -15.01
CA GLU J 322 50.28 -35.71 -13.88
C GLU J 322 50.85 -36.29 -12.58
N SER J 323 50.84 -35.49 -11.52
CA SER J 323 51.39 -35.88 -10.23
C SER J 323 50.49 -36.89 -9.49
N ASP J 324 49.19 -36.64 -9.49
CA ASP J 324 48.22 -37.53 -8.82
C ASP J 324 48.20 -38.95 -9.40
N LEU J 325 48.29 -39.05 -10.73
CA LEU J 325 48.42 -40.35 -11.41
C LEU J 325 49.75 -41.04 -11.09
N PHE J 326 50.84 -40.27 -11.09
CA PHE J 326 52.19 -40.81 -10.85
C PHE J 326 52.37 -41.44 -9.47
N TYR J 327 51.74 -40.84 -8.45
CA TYR J 327 51.79 -41.36 -7.09
C TYR J 327 50.54 -42.18 -6.70
N SER J 328 49.94 -42.86 -7.69
CA SER J 328 48.85 -43.82 -7.45
C SER J 328 48.93 -45.03 -8.39
N GLY J 329 50.15 -45.45 -8.73
CA GLY J 329 50.39 -46.64 -9.56
C GLY J 329 50.54 -46.44 -11.06
N VAL J 330 50.01 -45.33 -11.59
CA VAL J 330 50.00 -45.10 -13.04
C VAL J 330 51.32 -44.46 -13.48
N ARG J 331 52.24 -45.28 -13.99
CA ARG J 331 53.53 -44.82 -14.49
C ARG J 331 53.82 -45.48 -15.85
N PRO J 332 54.10 -44.70 -16.91
CA PRO J 332 54.23 -43.24 -16.91
C PRO J 332 52.88 -42.51 -16.79
N ALA J 333 52.89 -41.38 -16.08
CA ALA J 333 51.67 -40.66 -15.71
C ALA J 333 51.27 -39.61 -16.75
N VAL J 334 51.02 -40.05 -17.97
CA VAL J 334 50.71 -39.15 -19.08
C VAL J 334 49.27 -38.62 -18.96
N ASN J 335 49.13 -37.30 -18.90
CA ASN J 335 47.82 -36.65 -18.89
C ASN J 335 47.27 -36.59 -20.30
N VAL J 336 46.34 -37.49 -20.61
CA VAL J 336 45.74 -37.60 -21.95
C VAL J 336 44.91 -36.37 -22.39
N GLY J 337 44.36 -35.63 -21.43
CA GLY J 337 43.53 -34.47 -21.71
C GLY J 337 44.26 -33.29 -22.34
N ILE J 338 45.44 -32.96 -21.82
CA ILE J 338 46.22 -31.80 -22.30
C ILE J 338 47.54 -32.13 -23.04
N SER J 339 47.98 -33.39 -23.01
CA SER J 339 49.14 -33.82 -23.81
C SER J 339 48.73 -34.03 -25.27
N VAL J 340 49.62 -33.67 -26.19
CA VAL J 340 49.34 -33.79 -27.62
C VAL J 340 50.65 -33.78 -28.44
N SER J 341 50.62 -34.45 -29.60
CA SER J 341 51.69 -34.38 -30.59
C SER J 341 51.13 -33.71 -31.84
N ARG J 342 51.74 -32.61 -32.26
CA ARG J 342 51.30 -31.88 -33.46
C ARG J 342 51.48 -32.70 -34.73
N VAL J 343 52.58 -33.45 -34.81
CA VAL J 343 52.88 -34.30 -35.96
C VAL J 343 51.87 -35.45 -36.03
N GLY J 344 51.69 -36.13 -34.90
CA GLY J 344 50.64 -37.14 -34.73
C GLY J 344 50.84 -38.38 -35.58
N GLY J 345 49.83 -38.71 -36.39
CA GLY J 345 49.85 -39.89 -37.27
C GLY J 345 51.01 -39.99 -38.25
N ALA J 346 51.51 -38.84 -38.69
CA ALA J 346 52.69 -38.78 -39.57
C ALA J 346 53.97 -39.33 -38.95
N ALA J 347 54.05 -39.30 -37.61
CA ALA J 347 55.19 -39.86 -36.87
C ALA J 347 55.03 -41.34 -36.48
N GLN J 348 53.92 -41.97 -36.86
CA GLN J 348 53.65 -43.38 -36.54
C GLN J 348 53.69 -44.26 -37.79
N ILE J 349 54.03 -45.54 -37.60
CA ILE J 349 53.84 -46.55 -38.66
C ILE J 349 52.36 -46.83 -38.85
N LYS J 350 52.01 -47.44 -39.98
CA LYS J 350 50.61 -47.64 -40.39
C LYS J 350 49.80 -48.47 -39.38
N ALA J 351 50.43 -49.51 -38.83
CA ALA J 351 49.78 -50.41 -37.87
C ALA J 351 49.43 -49.71 -36.55
N MET J 352 50.38 -48.95 -36.02
CA MET J 352 50.17 -48.20 -34.76
C MET J 352 49.13 -47.10 -34.91
N LYS J 353 49.13 -46.44 -36.08
CA LYS J 353 48.16 -45.38 -36.39
C LYS J 353 46.72 -45.90 -36.42
N LYS J 354 46.53 -47.08 -37.02
CA LYS J 354 45.19 -47.68 -37.17
C LYS J 354 44.66 -48.25 -35.85
N VAL J 355 45.52 -48.94 -35.12
CA VAL J 355 45.15 -49.58 -33.85
C VAL J 355 44.89 -48.54 -32.74
N ALA J 356 45.78 -47.55 -32.62
CA ALA J 356 45.67 -46.52 -31.58
C ALA J 356 45.25 -45.16 -32.16
N GLY J 357 44.25 -45.18 -33.04
CA GLY J 357 43.81 -43.98 -33.75
C GLY J 357 43.03 -43.00 -32.87
N THR J 358 42.09 -43.53 -32.08
CA THR J 358 41.28 -42.72 -31.17
C THR J 358 41.60 -43.01 -29.69
N LEU J 359 42.77 -43.61 -29.42
CA LEU J 359 43.10 -44.11 -28.08
C LEU J 359 43.23 -43.01 -27.02
N ARG J 360 43.73 -41.82 -27.42
CA ARG J 360 43.89 -40.69 -26.50
C ARG J 360 42.55 -40.12 -26.05
N LEU J 361 41.65 -39.88 -26.99
CA LEU J 361 40.31 -39.35 -26.70
C LEU J 361 39.41 -40.36 -25.96
N ASP J 362 39.60 -41.66 -26.23
CA ASP J 362 38.87 -42.72 -25.51
C ASP J 362 39.24 -42.76 -24.03
N LEU J 363 40.53 -42.64 -23.73
CA LEU J 363 41.02 -42.58 -22.34
C LEU J 363 40.71 -41.24 -21.66
N ALA J 364 40.71 -40.15 -22.43
CA ALA J 364 40.28 -38.84 -21.92
C ALA J 364 38.80 -38.86 -21.51
N GLN J 365 37.97 -39.54 -22.31
CA GLN J 365 36.56 -39.76 -21.99
C GLN J 365 36.39 -40.67 -20.76
N TYR J 366 37.20 -41.74 -20.68
CA TYR J 366 37.16 -42.68 -19.56
C TYR J 366 37.44 -42.00 -18.21
N ARG J 367 38.48 -41.16 -18.16
CA ARG J 367 38.83 -40.42 -16.94
C ARG J 367 37.77 -39.39 -16.52
N GLU J 368 37.04 -38.85 -17.50
CA GLU J 368 35.92 -37.95 -17.23
C GLU J 368 34.72 -38.72 -16.66
N LEU J 369 34.41 -39.88 -17.26
CA LEU J 369 33.35 -40.78 -16.76
C LEU J 369 33.68 -41.41 -15.39
N GLN J 370 34.97 -41.60 -15.11
CA GLN J 370 35.41 -42.17 -13.83
C GLN J 370 34.99 -41.29 -12.63
N ALA J 371 35.19 -39.98 -12.78
CA ALA J 371 34.75 -39.00 -11.77
C ALA J 371 33.28 -38.66 -11.95
N ASP J 380 23.62 -47.36 -14.89
CA ASP J 380 23.81 -47.40 -16.35
C ASP J 380 24.57 -48.66 -16.76
N LYS J 381 24.30 -49.14 -17.98
CA LYS J 381 24.90 -50.36 -18.53
C LYS J 381 25.87 -50.12 -19.69
N ALA J 382 25.55 -49.16 -20.56
CA ALA J 382 26.41 -48.81 -21.70
C ALA J 382 27.75 -48.20 -21.26
N THR J 383 27.68 -47.23 -20.36
CA THR J 383 28.88 -46.59 -19.79
C THR J 383 29.66 -47.49 -18.83
N GLN J 384 29.00 -48.51 -18.27
CA GLN J 384 29.66 -49.52 -17.44
C GLN J 384 30.66 -50.36 -18.22
N ALA J 385 30.32 -50.67 -19.48
CA ALA J 385 31.22 -51.39 -20.39
C ALA J 385 32.48 -50.58 -20.75
N LYS J 386 32.32 -49.27 -20.88
CA LYS J 386 33.45 -48.37 -21.17
C LYS J 386 34.39 -48.20 -19.97
N LEU J 387 33.84 -48.21 -18.75
CA LEU J 387 34.66 -48.17 -17.53
C LEU J 387 35.48 -49.46 -17.36
N ASN J 388 34.88 -50.61 -17.68
CA ASN J 388 35.57 -51.91 -17.61
C ASN J 388 36.66 -52.02 -18.66
N ARG J 389 36.37 -51.57 -19.89
CA ARG J 389 37.37 -51.49 -20.96
C ARG J 389 38.48 -50.50 -20.63
N GLY J 390 38.11 -49.37 -20.03
CA GLY J 390 39.05 -48.33 -19.64
C GLY J 390 40.09 -48.77 -18.63
N GLU J 391 39.63 -49.45 -17.56
CA GLU J 391 40.53 -50.00 -16.53
C GLU J 391 41.58 -50.96 -17.11
N ARG J 392 41.17 -51.78 -18.08
CA ARG J 392 42.05 -52.76 -18.72
C ARG J 392 43.08 -52.13 -19.65
N THR J 393 42.66 -51.10 -20.41
CA THR J 393 43.58 -50.34 -21.26
C THR J 393 44.60 -49.53 -20.44
N VAL J 394 44.19 -49.05 -19.27
CA VAL J 394 45.10 -48.38 -18.32
C VAL J 394 46.24 -49.31 -17.89
N GLU J 395 45.91 -50.58 -17.60
CA GLU J 395 46.91 -51.57 -17.20
C GLU J 395 47.94 -51.87 -18.30
N ILE J 396 47.51 -51.84 -19.56
CA ILE J 396 48.41 -52.04 -20.71
C ILE J 396 49.41 -50.89 -20.85
N LEU J 397 48.93 -49.65 -20.71
CA LEU J 397 49.79 -48.47 -20.84
C LEU J 397 50.71 -48.22 -19.65
N LYS J 398 50.46 -48.87 -18.51
CA LYS J 398 51.45 -48.95 -17.42
C LYS J 398 52.66 -49.73 -17.91
N GLN J 399 53.85 -49.32 -17.48
CA GLN J 399 55.10 -49.89 -17.96
C GLN J 399 56.25 -49.65 -16.97
N ASP J 400 57.08 -50.67 -16.76
CA ASP J 400 58.25 -50.56 -15.89
C ASP J 400 59.32 -49.67 -16.51
N GLU J 401 60.12 -49.05 -15.65
CA GLU J 401 61.25 -48.22 -16.10
C GLU J 401 62.37 -49.09 -16.68
N HIS J 402 63.10 -48.52 -17.63
CA HIS J 402 64.23 -49.16 -18.30
C HIS J 402 63.88 -50.50 -18.97
N LYS J 403 62.68 -50.57 -19.53
CA LYS J 403 62.22 -51.75 -20.27
C LYS J 403 61.46 -51.33 -21.53
N PRO J 404 62.20 -50.88 -22.56
CA PRO J 404 61.56 -50.49 -23.82
C PRO J 404 60.95 -51.66 -24.59
N MET J 405 59.85 -51.39 -25.28
CA MET J 405 59.09 -52.39 -26.02
C MET J 405 59.21 -52.10 -27.52
N PRO J 406 59.56 -53.11 -28.34
CA PRO J 406 59.55 -52.91 -29.80
C PRO J 406 58.16 -52.56 -30.35
N VAL J 407 58.12 -51.73 -31.39
CA VAL J 407 56.85 -51.22 -31.95
C VAL J 407 55.88 -52.32 -32.41
N GLU J 408 56.43 -53.39 -32.98
CA GLU J 408 55.63 -54.57 -33.37
C GLU J 408 54.93 -55.24 -32.18
N GLU J 409 55.60 -55.28 -31.03
CA GLU J 409 55.01 -55.83 -29.80
C GLU J 409 53.96 -54.89 -29.19
N GLN J 410 54.20 -53.58 -29.29
CA GLN J 410 53.26 -52.57 -28.78
C GLN J 410 51.91 -52.62 -29.47
N VAL J 411 51.94 -52.63 -30.80
CA VAL J 411 50.73 -52.66 -31.62
C VAL J 411 49.88 -53.92 -31.39
N ILE J 412 50.54 -55.06 -31.17
CA ILE J 412 49.84 -56.32 -30.85
C ILE J 412 49.15 -56.24 -29.49
N SER J 413 49.87 -55.71 -28.50
CA SER J 413 49.32 -55.53 -27.15
C SER J 413 48.13 -54.58 -27.11
N ILE J 414 48.24 -53.46 -27.83
CA ILE J 414 47.16 -52.46 -27.90
C ILE J 414 45.98 -52.98 -28.73
N TYR J 415 46.28 -53.71 -29.81
CA TYR J 415 45.24 -54.35 -30.63
C TYR J 415 44.36 -55.30 -29.81
N ALA J 416 44.99 -56.09 -28.94
CA ALA J 416 44.28 -57.08 -28.12
C ALA J 416 43.30 -56.44 -27.14
N VAL J 417 43.77 -55.45 -26.39
CA VAL J 417 42.93 -54.78 -25.38
C VAL J 417 41.80 -53.91 -25.97
N THR J 418 42.07 -53.22 -27.08
CA THR J 418 41.09 -52.32 -27.69
C THR J 418 39.96 -53.06 -28.43
N ASN J 419 40.27 -54.23 -28.99
CA ASN J 419 39.26 -55.07 -29.66
C ASN J 419 38.52 -56.04 -28.73
N GLY J 420 38.88 -56.06 -27.44
CA GLY J 420 38.11 -56.76 -26.40
C GLY J 420 38.54 -58.17 -26.07
N PHE J 421 39.81 -58.51 -26.33
CA PHE J 421 40.35 -59.85 -26.03
C PHE J 421 40.73 -60.04 -24.55
N MET J 422 40.57 -59.01 -23.72
CA MET J 422 40.89 -59.08 -22.29
C MET J 422 39.71 -58.69 -21.40
N ASP J 423 38.49 -58.68 -21.94
CA ASP J 423 37.29 -58.30 -21.17
C ASP J 423 36.89 -59.37 -20.15
N ASP J 424 36.96 -60.64 -20.57
CA ASP J 424 36.68 -61.77 -19.67
C ASP J 424 37.79 -61.99 -18.62
N ILE J 425 39.04 -61.65 -18.97
CA ILE J 425 40.15 -61.67 -18.01
C ILE J 425 39.99 -60.50 -17.02
N PRO J 426 40.18 -60.74 -15.71
CA PRO J 426 40.03 -59.65 -14.73
C PRO J 426 41.18 -58.63 -14.78
N VAL J 427 40.96 -57.50 -14.10
CA VAL J 427 41.82 -56.30 -14.23
C VAL J 427 43.23 -56.52 -13.66
N GLU J 428 43.32 -57.18 -12.51
CA GLU J 428 44.62 -57.46 -11.87
C GLU J 428 45.54 -58.40 -12.66
N ASP J 429 44.98 -59.21 -13.57
CA ASP J 429 45.75 -60.14 -14.40
C ASP J 429 46.16 -59.60 -15.79
N VAL J 430 45.81 -58.35 -16.10
CA VAL J 430 46.05 -57.77 -17.44
C VAL J 430 47.55 -57.59 -17.73
N ARG J 431 48.30 -57.12 -16.74
CA ARG J 431 49.76 -56.92 -16.88
C ARG J 431 50.49 -58.24 -17.13
N ARG J 432 50.09 -59.30 -16.44
CA ARG J 432 50.62 -60.65 -16.66
C ARG J 432 50.13 -61.25 -17.99
N PHE J 433 48.87 -60.99 -18.33
CA PHE J 433 48.28 -61.41 -19.62
C PHE J 433 49.07 -60.86 -20.81
N GLU J 434 49.44 -59.58 -20.73
CA GLU J 434 50.26 -58.93 -21.75
C GLU J 434 51.63 -59.60 -21.90
N GLU J 435 52.32 -59.76 -20.77
CA GLU J 435 53.68 -60.32 -20.74
C GLU J 435 53.73 -61.73 -21.32
N GLU J 436 52.80 -62.58 -20.90
CA GLU J 436 52.72 -63.97 -21.37
C GLU J 436 52.22 -64.09 -22.82
N LEU J 437 51.32 -63.20 -23.24
CA LEU J 437 50.84 -63.15 -24.63
C LEU J 437 51.96 -62.85 -25.63
N LEU J 438 52.88 -61.96 -25.24
CA LEU J 438 54.00 -61.59 -26.09
C LEU J 438 55.09 -62.67 -26.15
N SER J 439 55.24 -63.45 -25.08
CA SER J 439 56.12 -64.63 -25.08
C SER J 439 55.61 -65.70 -26.05
N PHE J 440 54.29 -65.94 -26.02
CA PHE J 440 53.60 -66.81 -26.98
C PHE J 440 53.78 -66.29 -28.42
N MET J 441 53.64 -64.98 -28.60
CA MET J 441 53.71 -64.35 -29.92
C MET J 441 55.14 -64.36 -30.49
N ARG J 442 56.14 -64.10 -29.64
CA ARG J 442 57.56 -64.09 -30.08
C ARG J 442 58.07 -65.49 -30.43
N ALA J 443 57.74 -66.48 -29.60
CA ALA J 443 58.23 -67.85 -29.77
C ALA J 443 57.56 -68.57 -30.94
N ASN J 444 56.22 -68.63 -30.91
CA ASN J 444 55.45 -69.42 -31.87
C ASN J 444 55.07 -68.65 -33.13
N LYS J 445 54.32 -67.56 -32.94
CA LYS J 445 53.73 -66.80 -34.06
C LYS J 445 54.62 -65.62 -34.49
N ASP J 446 55.89 -65.90 -34.76
CA ASP J 446 56.88 -64.86 -35.07
C ASP J 446 56.66 -64.17 -36.43
N SER J 447 56.03 -64.89 -37.36
CA SER J 447 55.75 -64.34 -38.69
C SER J 447 54.77 -63.16 -38.68
N LEU J 448 53.86 -63.14 -37.71
CA LEU J 448 52.93 -62.01 -37.53
C LEU J 448 53.66 -60.75 -37.06
N LEU J 449 54.57 -60.91 -36.10
CA LEU J 449 55.40 -59.81 -35.62
C LEU J 449 56.38 -59.31 -36.69
N ASP J 450 56.97 -60.24 -37.44
CA ASP J 450 57.94 -59.89 -38.48
C ASP J 450 57.30 -59.15 -39.67
N HIS J 451 56.03 -59.43 -39.94
CA HIS J 451 55.27 -58.69 -40.96
C HIS J 451 55.14 -57.20 -40.63
N ILE J 452 54.96 -56.89 -39.34
CA ILE J 452 54.89 -55.51 -38.86
C ILE J 452 56.26 -54.83 -38.96
N ARG J 453 57.33 -55.59 -38.67
CA ARG J 453 58.70 -55.09 -38.81
C ARG J 453 59.07 -54.75 -40.26
N GLN J 454 58.69 -55.61 -41.20
CA GLN J 454 59.07 -55.46 -42.62
C GLN J 454 58.25 -54.38 -43.34
N THR J 455 56.94 -54.58 -43.41
CA THR J 455 56.04 -53.70 -44.18
C THR J 455 55.59 -52.44 -43.43
N GLY J 456 55.50 -52.51 -42.10
CA GLY J 456 54.97 -51.41 -41.29
C GLY J 456 53.47 -51.45 -41.08
N GLU J 457 52.78 -52.36 -41.79
CA GLU J 457 51.33 -52.48 -41.76
C GLU J 457 50.89 -53.61 -40.82
N LEU J 458 49.62 -53.60 -40.45
CA LEU J 458 49.05 -54.60 -39.56
C LEU J 458 48.87 -55.94 -40.31
N PRO J 459 49.02 -57.09 -39.61
CA PRO J 459 48.77 -58.39 -40.27
C PRO J 459 47.31 -58.65 -40.63
N ASP J 460 47.01 -59.87 -41.06
CA ASP J 460 45.63 -60.28 -41.36
C ASP J 460 44.81 -60.27 -40.07
N THR J 461 43.61 -59.68 -40.14
CA THR J 461 42.71 -59.55 -38.99
C THR J 461 42.29 -60.92 -38.46
N LYS J 462 41.83 -61.78 -39.36
CA LYS J 462 41.35 -63.13 -39.03
C LYS J 462 42.45 -64.02 -38.44
N GLU J 463 43.66 -63.94 -39.00
CA GLU J 463 44.81 -64.73 -38.54
C GLU J 463 45.31 -64.30 -37.16
N LEU J 464 45.31 -62.98 -36.91
CA LEU J 464 45.72 -62.43 -35.61
C LEU J 464 44.71 -62.73 -34.51
N ASP J 465 43.41 -62.67 -34.84
CA ASP J 465 42.35 -62.99 -33.89
C ASP J 465 42.40 -64.44 -33.42
N ALA J 466 42.71 -65.36 -34.34
CA ALA J 466 42.87 -66.79 -34.02
C ALA J 466 44.10 -67.04 -33.13
N ALA J 467 45.19 -66.35 -33.41
CA ALA J 467 46.44 -66.46 -32.63
C ALA J 467 46.27 -65.99 -31.17
N ILE J 468 45.47 -64.95 -30.96
CA ILE J 468 45.16 -64.46 -29.61
C ILE J 468 44.24 -65.43 -28.87
N GLU J 469 43.19 -65.90 -29.55
CA GLU J 469 42.26 -66.88 -28.98
C GLU J 469 42.92 -68.23 -28.68
N GLU J 470 43.92 -68.60 -29.48
CA GLU J 470 44.73 -69.80 -29.23
C GLU J 470 45.52 -69.69 -27.91
N PHE J 471 46.06 -68.51 -27.63
CA PHE J 471 46.77 -68.24 -26.37
C PHE J 471 45.85 -68.25 -25.15
N LYS J 472 44.65 -67.68 -25.29
CA LYS J 472 43.67 -67.58 -24.19
C LYS J 472 43.23 -68.93 -23.60
N LYS J 473 43.28 -69.99 -24.40
CA LYS J 473 43.00 -71.35 -23.93
C LYS J 473 44.04 -71.83 -22.92
N GLY J 474 45.32 -71.53 -23.18
CA GLY J 474 46.42 -71.86 -22.28
C GLY J 474 46.53 -71.00 -21.02
N PHE J 475 46.03 -69.77 -21.08
CA PHE J 475 46.10 -68.83 -19.94
C PHE J 475 45.17 -69.24 -18.79
N THR J 476 45.60 -68.95 -17.56
CA THR J 476 44.83 -69.27 -16.35
C THR J 476 44.72 -68.02 -15.45
N PRO J 477 43.48 -67.53 -15.20
CA PRO J 477 43.30 -66.35 -14.35
C PRO J 477 43.36 -66.66 -12.85
N SER J 478 43.29 -65.61 -12.04
CA SER J 478 43.31 -65.73 -10.58
C SER J 478 41.97 -66.21 -10.04
N GLU K 1 61.19 41.05 -35.02
CA GLU K 1 61.79 40.77 -33.68
C GLU K 1 62.92 39.75 -33.76
N VAL K 2 63.79 39.76 -32.75
CA VAL K 2 64.81 38.73 -32.60
C VAL K 2 64.18 37.37 -32.25
N VAL K 3 64.78 36.30 -32.76
CA VAL K 3 64.39 34.93 -32.43
C VAL K 3 65.61 34.24 -31.83
N GLU K 4 65.59 34.05 -30.51
CA GLU K 4 66.68 33.39 -29.80
C GLU K 4 66.66 31.89 -30.07
N VAL K 5 67.85 31.31 -30.23
CA VAL K 5 67.99 29.93 -30.70
C VAL K 5 68.86 29.06 -29.80
N GLY K 6 68.72 27.75 -29.98
CA GLY K 6 69.58 26.75 -29.34
C GLY K 6 69.86 25.63 -30.32
N THR K 7 70.47 24.55 -29.82
CA THR K 7 70.84 23.41 -30.66
C THR K 7 70.63 22.08 -29.93
N VAL K 8 70.18 21.07 -30.67
CA VAL K 8 69.94 19.74 -30.12
C VAL K 8 71.28 18.99 -30.04
N ILE K 9 71.69 18.63 -28.81
CA ILE K 9 72.94 17.87 -28.59
C ILE K 9 72.72 16.35 -28.55
N GLN K 10 71.51 15.92 -28.17
CA GLN K 10 71.13 14.50 -28.23
C GLN K 10 69.61 14.38 -28.29
N VAL K 11 69.13 13.35 -29.00
CA VAL K 11 67.69 13.15 -29.19
C VAL K 11 67.33 11.68 -29.45
N GLY K 12 66.23 11.23 -28.85
CA GLY K 12 65.75 9.86 -29.01
C GLY K 12 64.33 9.70 -28.49
N ASP K 13 63.48 9.09 -29.32
CA ASP K 13 62.07 8.81 -29.00
C ASP K 13 61.26 10.09 -28.72
N GLY K 14 61.46 11.11 -29.56
CA GLY K 14 60.77 12.39 -29.44
C GLY K 14 61.11 13.20 -28.19
N ILE K 15 62.30 12.98 -27.64
CA ILE K 15 62.77 13.66 -26.43
C ILE K 15 64.20 14.14 -26.69
N ALA K 16 64.39 15.47 -26.67
CA ALA K 16 65.68 16.08 -26.97
C ALA K 16 66.23 16.87 -25.77
N ARG K 17 67.55 16.81 -25.59
CA ARG K 17 68.27 17.73 -24.71
C ARG K 17 68.85 18.83 -25.59
N VAL K 18 68.66 20.09 -25.17
CA VAL K 18 68.98 21.26 -26.00
C VAL K 18 69.96 22.17 -25.28
N HIS K 19 71.11 22.41 -25.91
CA HIS K 19 72.09 23.41 -25.46
C HIS K 19 71.68 24.77 -26.05
N GLY K 20 71.88 25.82 -25.27
CA GLY K 20 71.38 27.16 -25.61
C GLY K 20 70.02 27.41 -25.01
N LEU K 21 69.29 28.39 -25.56
CA LEU K 21 67.99 28.83 -25.04
C LEU K 21 68.12 29.27 -23.57
N GLU K 22 69.09 30.13 -23.30
CA GLU K 22 69.46 30.49 -21.92
C GLU K 22 68.37 31.27 -21.19
N LYS K 23 67.60 32.06 -21.93
CA LYS K 23 66.49 32.86 -21.37
C LYS K 23 65.11 32.19 -21.51
N VAL K 24 65.06 30.91 -21.84
CA VAL K 24 63.79 30.20 -22.05
C VAL K 24 63.02 30.05 -20.73
N MET K 25 61.70 30.16 -20.82
CA MET K 25 60.82 30.01 -19.66
C MET K 25 60.49 28.55 -19.43
N ALA K 26 60.09 28.23 -18.21
CA ALA K 26 59.61 26.89 -17.87
C ALA K 26 58.21 26.69 -18.48
N GLY K 27 58.07 25.65 -19.29
CA GLY K 27 56.82 25.38 -20.01
C GLY K 27 56.57 26.31 -21.19
N GLU K 28 57.65 26.70 -21.88
CA GLU K 28 57.55 27.60 -23.03
C GLU K 28 57.35 26.80 -24.32
N LEU K 29 56.57 27.36 -25.25
CA LEU K 29 56.42 26.80 -26.59
C LEU K 29 57.73 27.00 -27.37
N LEU K 30 58.17 25.94 -28.04
CA LEU K 30 59.37 25.98 -28.88
C LEU K 30 59.06 25.51 -30.28
N GLU K 31 59.91 25.90 -31.23
CA GLU K 31 59.73 25.55 -32.64
C GLU K 31 61.06 25.09 -33.21
N PHE K 32 61.10 23.85 -33.69
CA PHE K 32 62.30 23.29 -34.31
C PHE K 32 62.50 23.86 -35.72
N GLU K 33 63.67 23.57 -36.29
CA GLU K 33 64.09 24.07 -37.61
C GLU K 33 63.08 23.80 -38.73
N ASN K 34 62.48 22.62 -38.72
CA ASN K 34 61.51 22.20 -39.77
C ASN K 34 60.04 22.58 -39.50
N GLY K 35 59.78 23.40 -38.48
CA GLY K 35 58.42 23.84 -38.15
C GLY K 35 57.65 22.97 -37.16
N VAL K 36 58.26 21.87 -36.70
CA VAL K 36 57.65 21.01 -35.70
C VAL K 36 57.77 21.68 -34.33
N MET K 37 56.69 21.65 -33.56
CA MET K 37 56.63 22.33 -32.27
C MET K 37 57.16 21.46 -31.15
N GLY K 38 57.42 22.09 -30.01
CA GLY K 38 57.91 21.41 -28.81
C GLY K 38 57.65 22.20 -27.54
N MET K 39 58.03 21.63 -26.40
CA MET K 39 57.77 22.24 -25.10
C MET K 39 58.94 22.01 -24.14
N ALA K 40 59.38 23.08 -23.48
CA ALA K 40 60.49 23.01 -22.53
C ALA K 40 59.99 22.49 -21.17
N GLN K 41 60.45 21.31 -20.77
CA GLN K 41 60.06 20.70 -19.50
C GLN K 41 60.97 21.20 -18.36
N ASN K 42 62.21 20.71 -18.32
CA ASN K 42 63.15 21.02 -17.23
C ASN K 42 64.20 22.02 -17.70
N LEU K 43 64.43 23.05 -16.89
CA LEU K 43 65.52 24.00 -17.09
C LEU K 43 66.70 23.58 -16.21
N GLU K 44 67.60 22.79 -16.78
CA GLU K 44 68.81 22.36 -16.10
C GLU K 44 69.91 23.41 -16.30
N GLU K 45 71.04 23.22 -15.62
CA GLU K 45 72.11 24.23 -15.57
C GLU K 45 72.79 24.44 -16.92
N ASP K 46 73.22 23.34 -17.53
CA ASP K 46 73.90 23.38 -18.84
C ASP K 46 72.93 23.46 -20.00
N ASN K 47 71.88 22.63 -19.95
CA ASN K 47 71.00 22.38 -21.09
C ASN K 47 69.51 22.48 -20.71
N VAL K 48 68.63 22.26 -21.68
CA VAL K 48 67.17 22.31 -21.49
C VAL K 48 66.54 21.03 -22.04
N GLY K 49 65.72 20.36 -21.23
CA GLY K 49 64.96 19.19 -21.68
C GLY K 49 63.75 19.63 -22.49
N VAL K 50 63.58 19.04 -23.68
CA VAL K 50 62.50 19.40 -24.61
C VAL K 50 61.76 18.15 -25.08
N VAL K 51 60.43 18.26 -25.15
CA VAL K 51 59.58 17.19 -25.68
C VAL K 51 59.03 17.61 -27.04
N ILE K 52 59.11 16.72 -28.02
CA ILE K 52 58.75 17.03 -29.40
C ILE K 52 57.26 16.72 -29.64
N LEU K 53 56.51 17.75 -30.03
CA LEU K 53 55.05 17.66 -30.20
C LEU K 53 54.69 17.46 -31.68
N GLY K 54 55.20 16.37 -32.25
CA GLY K 54 55.03 16.08 -33.67
C GLY K 54 56.03 15.05 -34.19
N PRO K 55 56.11 14.87 -35.53
CA PRO K 55 57.10 13.97 -36.12
C PRO K 55 58.53 14.35 -35.75
N TYR K 56 59.37 13.35 -35.51
CA TYR K 56 60.77 13.58 -35.10
C TYR K 56 61.79 12.87 -36.01
N THR K 57 61.37 12.48 -37.21
CA THR K 57 62.23 11.76 -38.14
C THR K 57 63.35 12.64 -38.71
N GLU K 58 63.04 13.91 -38.98
CA GLU K 58 64.01 14.89 -39.50
C GLU K 58 64.77 15.68 -38.42
N ILE K 59 64.44 15.47 -37.13
CA ILE K 59 65.14 16.14 -36.03
C ILE K 59 66.40 15.34 -35.67
N ARG K 60 67.55 16.02 -35.69
CA ARG K 60 68.86 15.40 -35.59
C ARG K 60 69.72 16.13 -34.55
N GLU K 61 70.98 15.73 -34.39
CA GLU K 61 71.95 16.47 -33.61
C GLU K 61 72.38 17.67 -34.45
N GLY K 62 72.47 18.83 -33.82
CA GLY K 62 72.74 20.08 -34.53
C GLY K 62 71.51 20.73 -35.14
N THR K 63 70.32 20.20 -34.85
CA THR K 63 69.07 20.79 -35.34
C THR K 63 68.77 22.04 -34.53
N GLN K 64 68.30 23.08 -35.21
CA GLN K 64 68.01 24.37 -34.58
C GLN K 64 66.70 24.30 -33.80
N VAL K 65 66.72 24.87 -32.59
CA VAL K 65 65.52 25.01 -31.75
C VAL K 65 65.32 26.51 -31.51
N LYS K 66 64.11 26.99 -31.77
CA LYS K 66 63.78 28.41 -31.67
C LYS K 66 62.87 28.70 -30.49
N ARG K 67 63.12 29.80 -29.79
CA ARG K 67 62.18 30.33 -28.80
C ARG K 67 60.97 30.95 -29.49
N THR K 68 59.85 30.97 -28.78
CA THR K 68 58.67 31.77 -29.18
C THR K 68 58.45 32.97 -28.24
N GLY K 69 58.96 32.89 -27.00
CA GLY K 69 58.69 33.90 -25.98
C GLY K 69 57.28 33.84 -25.42
N ARG K 70 56.63 32.69 -25.54
CA ARG K 70 55.24 32.49 -25.10
C ARG K 70 55.10 31.15 -24.36
N ILE K 71 54.36 31.16 -23.26
CA ILE K 71 53.99 29.94 -22.55
C ILE K 71 53.06 29.13 -23.47
N MET K 72 53.14 27.79 -23.36
CA MET K 72 52.42 26.86 -24.26
C MET K 72 50.96 27.29 -24.50
N GLU K 73 50.61 27.46 -25.77
CA GLU K 73 49.31 28.04 -26.19
C GLU K 73 48.63 27.22 -27.28
N VAL K 74 47.32 27.42 -27.39
CA VAL K 74 46.50 26.87 -28.48
C VAL K 74 45.49 27.93 -28.94
N PRO K 75 45.04 27.85 -30.21
CA PRO K 75 43.99 28.75 -30.66
C PRO K 75 42.63 28.37 -30.05
N VAL K 76 41.76 29.36 -29.88
CA VAL K 76 40.41 29.16 -29.35
C VAL K 76 39.40 30.04 -30.09
N GLY K 77 38.11 29.80 -29.86
CA GLY K 77 37.04 30.63 -30.41
C GLY K 77 35.97 29.86 -31.14
N GLU K 78 35.06 30.60 -31.77
CA GLU K 78 33.95 30.02 -32.54
C GLU K 78 34.39 29.33 -33.84
N ALA K 79 35.58 29.66 -34.34
CA ALA K 79 36.13 29.04 -35.56
C ALA K 79 36.46 27.55 -35.42
N LEU K 80 36.70 27.07 -34.18
CA LEU K 80 36.93 25.65 -33.92
C LEU K 80 35.67 24.78 -33.93
N LEU K 81 34.49 25.40 -33.91
CA LEU K 81 33.23 24.66 -33.89
C LEU K 81 33.01 23.91 -35.20
N GLY K 82 32.69 22.62 -35.10
CA GLY K 82 32.52 21.74 -36.26
C GLY K 82 33.80 21.38 -37.00
N ARG K 83 34.93 21.46 -36.31
CA ARG K 83 36.25 21.20 -36.91
C ARG K 83 37.02 20.18 -36.11
N VAL K 84 37.68 19.25 -36.80
CA VAL K 84 38.52 18.23 -36.17
C VAL K 84 39.95 18.75 -36.14
N VAL K 85 40.50 18.88 -34.93
CA VAL K 85 41.85 19.43 -34.73
C VAL K 85 42.71 18.50 -33.87
N ASN K 86 44.02 18.75 -33.88
CA ASN K 86 44.98 18.04 -33.02
C ASN K 86 45.14 18.83 -31.71
N PRO K 87 46.00 18.37 -30.77
CA PRO K 87 46.17 19.13 -29.52
C PRO K 87 46.74 20.55 -29.66
N LEU K 88 47.48 20.83 -30.73
CA LEU K 88 48.00 22.18 -31.01
C LEU K 88 47.02 23.11 -31.73
N GLY K 89 45.84 22.61 -32.09
CA GLY K 89 44.82 23.40 -32.80
C GLY K 89 44.95 23.42 -34.31
N GLN K 90 45.79 22.55 -34.87
CA GLN K 90 45.97 22.45 -36.32
C GLN K 90 44.85 21.57 -36.90
N PRO K 91 44.25 21.99 -38.02
CA PRO K 91 43.11 21.25 -38.56
C PRO K 91 43.52 19.92 -39.20
N LEU K 92 42.69 18.89 -39.00
CA LEU K 92 42.91 17.56 -39.57
C LEU K 92 41.83 17.12 -40.58
N ASP K 93 40.78 17.91 -40.76
CA ASP K 93 39.65 17.56 -41.63
C ASP K 93 39.78 18.05 -43.08
N GLY K 94 40.88 18.76 -43.39
CA GLY K 94 41.16 19.24 -44.75
C GLY K 94 40.20 20.28 -45.26
N ARG K 95 39.74 21.17 -44.37
CA ARG K 95 38.75 22.21 -44.70
C ARG K 95 39.35 23.61 -44.51
N GLY K 96 40.64 23.76 -44.80
CA GLY K 96 41.33 25.04 -44.66
C GLY K 96 41.80 25.33 -43.24
N PRO K 97 42.47 26.49 -43.04
CA PRO K 97 42.98 26.86 -41.72
C PRO K 97 41.89 27.37 -40.77
N ILE K 98 42.21 27.45 -39.49
CA ILE K 98 41.31 27.95 -38.45
C ILE K 98 41.44 29.46 -38.36
N GLU K 99 40.43 30.18 -38.85
CA GLU K 99 40.44 31.64 -38.84
C GLU K 99 40.04 32.20 -37.47
N THR K 100 41.03 32.43 -36.60
CA THR K 100 40.80 32.99 -35.26
C THR K 100 42.00 33.78 -34.74
N ALA K 101 41.71 34.86 -34.00
CA ALA K 101 42.72 35.70 -33.35
C ALA K 101 42.90 35.41 -31.85
N GLU K 102 41.95 34.69 -31.24
CA GLU K 102 41.99 34.39 -29.81
C GLU K 102 42.92 33.21 -29.52
N TYR K 103 43.59 33.27 -28.37
CA TYR K 103 44.51 32.21 -27.91
C TYR K 103 44.39 32.05 -26.39
N ARG K 104 44.58 30.82 -25.91
CA ARG K 104 44.64 30.54 -24.46
C ARG K 104 45.74 29.53 -24.13
N PRO K 105 46.31 29.62 -22.91
CA PRO K 105 47.41 28.73 -22.54
C PRO K 105 46.94 27.31 -22.15
N ILE K 106 47.82 26.34 -22.39
CA ILE K 106 47.61 24.94 -21.94
C ILE K 106 47.46 24.91 -20.42
N GLU K 107 48.39 25.58 -19.72
CA GLU K 107 48.38 25.65 -18.27
C GLU K 107 47.73 26.96 -17.85
N SER K 108 46.68 26.87 -17.04
CA SER K 108 45.90 28.03 -16.60
C SER K 108 45.39 27.79 -15.18
N PRO K 109 45.35 28.85 -14.34
CA PRO K 109 44.90 28.64 -12.95
C PRO K 109 43.39 28.36 -12.88
N ALA K 110 43.00 27.49 -11.96
CA ALA K 110 41.58 27.18 -11.75
C ALA K 110 40.91 28.34 -11.02
N PRO K 111 39.56 28.44 -11.14
CA PRO K 111 38.85 29.48 -10.36
C PRO K 111 39.00 29.25 -8.86
N GLY K 112 39.26 30.32 -8.12
CA GLY K 112 39.43 30.25 -6.66
C GLY K 112 38.12 29.99 -5.92
N VAL K 113 38.19 30.11 -4.60
CA VAL K 113 37.04 29.84 -3.73
C VAL K 113 35.94 30.90 -3.90
N MET K 114 36.35 32.17 -4.07
CA MET K 114 35.39 33.28 -4.25
C MET K 114 34.86 33.42 -5.67
N ASP K 115 35.55 32.81 -6.65
CA ASP K 115 35.20 32.96 -8.07
C ASP K 115 34.06 32.03 -8.50
N ARG K 116 33.67 31.08 -7.64
CA ARG K 116 32.69 30.05 -7.99
C ARG K 116 31.30 30.29 -7.37
N LYS K 117 30.33 29.56 -7.89
CA LYS K 117 28.98 29.46 -7.34
C LYS K 117 28.62 27.98 -7.30
N SER K 118 27.84 27.57 -6.29
CA SER K 118 27.43 26.17 -6.16
C SER K 118 26.64 25.73 -7.40
N VAL K 119 26.87 24.49 -7.82
CA VAL K 119 26.28 23.95 -9.04
C VAL K 119 24.77 23.81 -8.83
N HIS K 120 23.98 24.51 -9.65
CA HIS K 120 22.52 24.55 -9.50
C HIS K 120 21.69 24.36 -10.80
N GLU K 121 22.36 24.13 -11.94
CA GLU K 121 21.69 24.09 -13.25
C GLU K 121 21.89 22.71 -13.87
N PRO K 122 20.80 22.07 -14.35
CA PRO K 122 20.96 20.73 -14.95
C PRO K 122 21.72 20.69 -16.28
N LEU K 123 22.55 19.67 -16.45
CA LEU K 123 23.05 19.26 -17.77
C LEU K 123 22.36 17.93 -18.09
N GLN K 124 21.31 17.99 -18.92
CA GLN K 124 20.48 16.82 -19.22
C GLN K 124 21.19 15.92 -20.23
N THR K 125 21.49 14.69 -19.81
CA THR K 125 22.05 13.68 -20.70
C THR K 125 20.98 13.04 -21.60
N GLY K 126 19.72 13.07 -21.14
CA GLY K 126 18.62 12.37 -21.81
C GLY K 126 18.54 10.90 -21.47
N ILE K 127 19.33 10.45 -20.48
CA ILE K 127 19.40 9.05 -20.06
C ILE K 127 18.81 8.99 -18.65
N LYS K 128 17.78 8.16 -18.47
CA LYS K 128 17.04 8.09 -17.21
C LYS K 128 17.89 7.72 -16.00
N ALA K 129 18.73 6.69 -16.17
CA ALA K 129 19.61 6.21 -15.10
C ALA K 129 20.54 7.30 -14.55
N ILE K 130 21.07 8.14 -15.44
CA ILE K 130 21.98 9.23 -15.07
C ILE K 130 21.16 10.40 -14.50
N ASP K 131 20.25 10.94 -15.30
CA ASP K 131 19.46 12.13 -14.92
C ASP K 131 18.65 11.98 -13.63
N SER K 132 18.19 10.76 -13.32
CA SER K 132 17.40 10.52 -12.09
C SER K 132 18.29 10.22 -10.86
N MET K 133 19.22 9.28 -11.01
CA MET K 133 20.01 8.78 -9.87
C MET K 133 21.40 9.42 -9.69
N ILE K 134 22.09 9.70 -10.80
CA ILE K 134 23.44 10.28 -10.78
C ILE K 134 23.45 11.57 -11.63
N PRO K 135 22.68 12.60 -11.20
CA PRO K 135 22.47 13.79 -12.04
C PRO K 135 23.73 14.66 -12.18
N ILE K 136 23.98 15.13 -13.40
CA ILE K 136 25.11 16.00 -13.72
C ILE K 136 24.60 17.43 -13.85
N GLY K 137 25.33 18.37 -13.24
CA GLY K 137 25.01 19.80 -13.29
C GLY K 137 26.06 20.59 -14.06
N ARG K 138 25.68 21.79 -14.50
CA ARG K 138 26.60 22.67 -15.26
C ARG K 138 27.73 23.19 -14.37
N GLY K 139 28.96 22.80 -14.69
CA GLY K 139 30.14 23.09 -13.87
C GLY K 139 30.69 21.87 -13.13
N GLN K 140 29.92 20.80 -13.08
CA GLN K 140 30.29 19.56 -12.39
C GLN K 140 31.34 18.77 -13.19
N ARG K 141 32.10 17.94 -12.49
CA ARG K 141 32.97 16.93 -13.12
C ARG K 141 32.41 15.56 -12.75
N GLU K 142 32.01 14.78 -13.76
CA GLU K 142 31.46 13.44 -13.55
C GLU K 142 32.28 12.41 -14.33
N LEU K 143 32.99 11.55 -13.60
CA LEU K 143 33.79 10.49 -14.20
C LEU K 143 32.90 9.41 -14.81
N ILE K 144 33.24 8.98 -16.02
CA ILE K 144 32.62 7.80 -16.64
C ILE K 144 33.68 6.71 -16.63
N ILE K 145 33.47 5.68 -15.81
CA ILE K 145 34.47 4.65 -15.52
C ILE K 145 33.88 3.26 -15.75
N GLY K 146 34.71 2.34 -16.24
CA GLY K 146 34.28 0.97 -16.50
C GLY K 146 35.20 0.26 -17.47
N ASP K 147 35.00 -1.06 -17.60
CA ASP K 147 35.80 -1.88 -18.52
C ASP K 147 35.53 -1.52 -19.98
N ARG K 148 36.36 -2.07 -20.86
CA ARG K 148 36.18 -1.94 -22.30
C ARG K 148 34.84 -2.56 -22.72
N GLN K 149 34.18 -1.91 -23.69
CA GLN K 149 32.87 -2.35 -24.22
C GLN K 149 31.75 -2.44 -23.15
N THR K 150 31.76 -1.51 -22.19
CA THR K 150 30.68 -1.39 -21.19
C THR K 150 29.66 -0.27 -21.51
N GLY K 151 29.96 0.57 -22.50
CA GLY K 151 29.07 1.65 -22.93
C GLY K 151 29.43 3.06 -22.48
N LYS K 152 30.72 3.31 -22.22
CA LYS K 152 31.18 4.61 -21.72
C LYS K 152 31.06 5.74 -22.76
N THR K 153 31.58 5.51 -23.96
CA THR K 153 31.60 6.53 -25.01
C THR K 153 30.19 6.89 -25.46
N THR K 154 29.35 5.87 -25.69
CA THR K 154 27.94 6.03 -26.06
C THR K 154 27.20 7.05 -25.18
N ILE K 155 27.45 7.00 -23.87
CA ILE K 155 26.86 7.95 -22.91
C ILE K 155 27.31 9.38 -23.20
N ALA K 156 28.61 9.56 -23.43
CA ALA K 156 29.18 10.89 -23.74
C ALA K 156 28.67 11.43 -25.07
N ILE K 157 28.60 10.56 -26.08
CA ILE K 157 28.10 10.93 -27.41
C ILE K 157 26.63 11.33 -27.35
N ASP K 158 25.82 10.53 -26.65
CA ASP K 158 24.39 10.82 -26.48
C ASP K 158 24.14 12.08 -25.65
N THR K 159 24.98 12.34 -24.66
CA THR K 159 24.91 13.58 -23.88
C THR K 159 25.19 14.80 -24.77
N ILE K 160 26.18 14.69 -25.65
CA ILE K 160 26.51 15.74 -26.62
C ILE K 160 25.34 16.00 -27.59
N ILE K 161 24.74 14.92 -28.10
CA ILE K 161 23.57 15.01 -28.99
C ILE K 161 22.39 15.68 -28.27
N ASN K 162 22.24 15.42 -26.97
CA ASN K 162 21.16 16.01 -26.17
C ASN K 162 21.35 17.50 -25.82
N GLN K 163 22.49 18.10 -26.21
CA GLN K 163 22.68 19.55 -26.15
C GLN K 163 22.23 20.31 -27.43
N LYS K 164 21.54 19.61 -28.34
CA LYS K 164 21.01 20.22 -29.56
C LYS K 164 19.95 21.27 -29.22
N GLY K 165 20.24 22.54 -29.54
CA GLY K 165 19.36 23.65 -29.24
C GLY K 165 19.37 24.17 -27.81
N GLN K 166 20.27 23.64 -26.98
CA GLN K 166 20.39 24.02 -25.57
C GLN K 166 21.50 25.04 -25.33
N ASP K 167 22.20 25.43 -26.40
CA ASP K 167 23.24 26.46 -26.36
C ASP K 167 24.40 26.08 -25.42
N VAL K 168 24.88 24.85 -25.58
CA VAL K 168 26.02 24.32 -24.82
C VAL K 168 27.07 23.86 -25.82
N ILE K 169 28.26 24.48 -25.77
CA ILE K 169 29.35 24.14 -26.67
C ILE K 169 30.03 22.87 -26.15
N CYS K 170 30.15 21.87 -27.02
CA CYS K 170 30.75 20.58 -26.64
C CYS K 170 32.18 20.44 -27.16
N ILE K 171 33.03 19.77 -26.40
CA ILE K 171 34.40 19.45 -26.82
C ILE K 171 34.68 17.97 -26.53
N TYR K 172 34.80 17.16 -27.58
CA TYR K 172 35.15 15.74 -27.44
C TYR K 172 36.65 15.56 -27.69
N VAL K 173 37.40 15.30 -26.61
CA VAL K 173 38.84 15.07 -26.69
C VAL K 173 39.12 13.55 -26.73
N ALA K 174 39.63 13.08 -27.87
CA ALA K 174 40.04 11.68 -28.04
C ALA K 174 41.55 11.55 -27.74
N ILE K 175 41.89 10.68 -26.79
CA ILE K 175 43.29 10.44 -26.40
C ILE K 175 43.59 8.95 -26.53
N GLY K 176 44.58 8.62 -27.37
CA GLY K 176 45.07 7.24 -27.51
C GLY K 176 44.17 6.27 -28.25
N GLN K 177 43.16 6.77 -28.96
CA GLN K 177 42.27 5.93 -29.75
C GLN K 177 42.86 5.73 -31.14
N LYS K 178 42.41 4.70 -31.84
CA LYS K 178 42.69 4.58 -33.27
C LYS K 178 41.84 5.61 -34.00
N GLN K 179 42.41 6.23 -35.02
CA GLN K 179 41.83 7.41 -35.67
C GLN K 179 40.56 7.08 -36.47
N SER K 180 40.43 5.85 -36.96
CA SER K 180 39.21 5.39 -37.63
C SER K 180 37.98 5.36 -36.70
N THR K 181 38.21 5.08 -35.42
CA THR K 181 37.15 5.15 -34.39
C THR K 181 36.77 6.61 -34.12
N VAL K 182 37.76 7.50 -34.13
CA VAL K 182 37.52 8.94 -33.96
C VAL K 182 36.75 9.50 -35.16
N ALA K 183 37.08 9.04 -36.37
CA ALA K 183 36.31 9.38 -37.58
C ALA K 183 34.87 8.85 -37.51
N GLY K 184 34.69 7.67 -36.91
CA GLY K 184 33.38 7.12 -36.64
C GLY K 184 32.54 7.97 -35.68
N VAL K 185 33.18 8.49 -34.64
CA VAL K 185 32.53 9.40 -33.68
C VAL K 185 32.09 10.70 -34.38
N VAL K 186 32.99 11.27 -35.19
CA VAL K 186 32.70 12.48 -35.97
C VAL K 186 31.52 12.25 -36.94
N GLU K 187 31.49 11.08 -37.56
CA GLU K 187 30.40 10.71 -38.48
C GLU K 187 29.07 10.49 -37.74
N THR K 188 29.13 9.97 -36.51
CA THR K 188 27.94 9.80 -35.66
C THR K 188 27.37 11.17 -35.22
N LEU K 189 28.26 12.07 -34.83
CA LEU K 189 27.85 13.45 -34.49
C LEU K 189 27.29 14.20 -35.70
N ARG K 190 27.84 13.91 -36.89
CA ARG K 190 27.35 14.48 -38.14
C ARG K 190 25.93 13.99 -38.48
N GLN K 191 25.71 12.67 -38.39
CA GLN K 191 24.41 12.06 -38.66
C GLN K 191 23.29 12.54 -37.73
N HIS K 192 23.64 12.82 -36.47
CA HIS K 192 22.69 13.33 -35.47
C HIS K 192 22.65 14.87 -35.37
N ASP K 193 23.27 15.56 -36.34
CA ASP K 193 23.28 17.03 -36.43
C ASP K 193 23.85 17.72 -35.19
N ALA K 194 24.87 17.10 -34.58
CA ALA K 194 25.51 17.59 -33.38
C ALA K 194 26.93 18.15 -33.61
N LEU K 195 27.41 18.10 -34.85
CA LEU K 195 28.79 18.49 -35.16
C LEU K 195 28.99 20.00 -35.17
N ASP K 196 27.97 20.75 -35.62
CA ASP K 196 28.07 22.22 -35.73
C ASP K 196 28.40 22.97 -34.44
N TYR K 197 28.06 22.40 -33.28
CA TYR K 197 28.38 23.00 -31.97
C TYR K 197 29.45 22.23 -31.18
N THR K 198 30.17 21.32 -31.83
CA THR K 198 31.14 20.44 -31.17
C THR K 198 32.54 20.63 -31.75
N ILE K 199 33.53 20.75 -30.87
CA ILE K 199 34.95 20.75 -31.25
C ILE K 199 35.47 19.34 -31.00
N VAL K 200 36.23 18.80 -31.96
CA VAL K 200 36.83 17.47 -31.84
C VAL K 200 38.35 17.57 -31.80
N VAL K 201 38.92 17.43 -30.60
CA VAL K 201 40.36 17.35 -30.41
C VAL K 201 40.76 15.88 -30.41
N THR K 202 41.82 15.52 -31.15
CA THR K 202 42.27 14.12 -31.23
C THR K 202 43.78 13.99 -31.22
N ALA K 203 44.29 13.20 -30.26
CA ALA K 203 45.67 12.75 -30.23
C ALA K 203 45.64 11.23 -30.37
N SER K 204 45.76 10.75 -31.61
CA SER K 204 45.65 9.33 -31.92
C SER K 204 46.80 8.50 -31.36
N ALA K 205 46.67 7.18 -31.45
CA ALA K 205 47.68 6.26 -30.88
C ALA K 205 49.05 6.33 -31.56
N SER K 206 49.11 6.76 -32.82
CA SER K 206 50.39 6.95 -33.52
C SER K 206 51.10 8.26 -33.18
N GLU K 207 50.41 9.19 -32.50
CA GLU K 207 51.01 10.48 -32.12
C GLU K 207 52.02 10.26 -30.99
N PRO K 208 53.07 11.11 -30.93
CA PRO K 208 54.00 11.07 -29.80
C PRO K 208 53.31 11.25 -28.44
N ALA K 209 53.86 10.60 -27.41
CA ALA K 209 53.29 10.64 -26.05
C ALA K 209 53.02 12.05 -25.49
N PRO K 210 53.92 13.03 -25.77
CA PRO K 210 53.65 14.42 -25.34
C PRO K 210 52.35 15.04 -25.85
N LEU K 211 51.91 14.69 -27.06
CA LEU K 211 50.63 15.17 -27.62
C LEU K 211 49.41 14.56 -26.91
N LEU K 212 49.50 13.29 -26.53
CA LEU K 212 48.46 12.63 -25.74
C LEU K 212 48.39 13.24 -24.33
N TYR K 213 49.55 13.52 -23.76
CA TYR K 213 49.66 14.28 -22.48
C TYR K 213 48.98 15.65 -22.54
N LEU K 214 49.18 16.35 -23.66
CA LEU K 214 48.70 17.72 -23.83
C LEU K 214 47.21 17.84 -24.21
N ALA K 215 46.65 16.79 -24.83
CA ALA K 215 45.32 16.86 -25.45
C ALA K 215 44.16 17.27 -24.52
N PRO K 216 44.11 16.75 -23.28
CA PRO K 216 43.05 17.19 -22.34
C PRO K 216 43.16 18.66 -21.92
N TYR K 217 44.39 19.17 -21.78
CA TYR K 217 44.62 20.57 -21.43
C TYR K 217 44.24 21.51 -22.58
N ALA K 218 44.46 21.05 -23.81
CA ALA K 218 44.06 21.79 -25.01
C ALA K 218 42.54 21.97 -25.10
N GLY K 219 41.82 20.85 -24.96
CA GLY K 219 40.35 20.85 -24.96
C GLY K 219 39.76 21.62 -23.79
N CYS K 220 40.42 21.55 -22.64
CA CYS K 220 40.05 22.35 -21.46
C CYS K 220 40.18 23.85 -21.78
N ALA K 221 41.32 24.24 -22.34
CA ALA K 221 41.57 25.64 -22.75
C ALA K 221 40.54 26.15 -23.75
N MET K 222 40.17 25.30 -24.72
CA MET K 222 39.12 25.62 -25.68
C MET K 222 37.74 25.75 -25.02
N GLY K 223 37.48 24.92 -24.02
CA GLY K 223 36.26 25.01 -23.22
C GLY K 223 36.24 26.22 -22.29
N GLU K 224 37.38 26.53 -21.67
CA GLU K 224 37.53 27.69 -20.78
C GLU K 224 37.20 29.03 -21.46
N TYR K 225 37.57 29.15 -22.74
CA TYR K 225 37.24 30.33 -23.54
C TYR K 225 35.76 30.71 -23.44
N PHE K 226 34.89 29.72 -23.63
CA PHE K 226 33.44 29.93 -23.57
C PHE K 226 32.95 30.20 -22.16
N MET K 227 33.54 29.51 -21.17
CA MET K 227 33.19 29.71 -19.76
C MET K 227 33.43 31.14 -19.31
N TYR K 228 34.64 31.67 -19.57
CA TYR K 228 35.01 33.02 -19.12
C TYR K 228 34.32 34.17 -19.89
N LYS K 229 33.70 33.86 -21.03
CA LYS K 229 32.78 34.78 -21.73
C LYS K 229 31.33 34.72 -21.23
N GLY K 230 31.04 33.90 -20.21
CA GLY K 230 29.68 33.76 -19.69
C GLY K 230 28.79 32.77 -20.42
N LYS K 231 29.37 31.97 -21.32
CA LYS K 231 28.65 30.89 -22.01
C LYS K 231 28.86 29.60 -21.21
N HIS K 232 28.23 28.51 -21.67
CA HIS K 232 28.34 27.20 -21.02
C HIS K 232 28.95 26.18 -21.96
N ALA K 233 29.85 25.35 -21.43
CA ALA K 233 30.60 24.36 -22.24
C ALA K 233 30.68 22.99 -21.57
N LEU K 234 30.81 21.97 -22.41
CA LEU K 234 30.96 20.58 -21.97
C LEU K 234 32.23 20.00 -22.61
N VAL K 235 33.10 19.41 -21.79
CA VAL K 235 34.34 18.79 -22.28
C VAL K 235 34.39 17.29 -21.92
N VAL K 236 34.81 16.46 -22.87
CA VAL K 236 34.90 15.01 -22.67
C VAL K 236 36.34 14.56 -22.92
N TYR K 237 36.93 13.89 -21.93
CA TYR K 237 38.28 13.31 -22.07
C TYR K 237 38.16 11.79 -22.18
N ASP K 238 38.33 11.28 -23.39
CA ASP K 238 38.14 9.87 -23.71
C ASP K 238 39.46 9.29 -24.30
N ASP K 239 40.40 8.80 -23.48
CA ASP K 239 40.28 8.69 -22.01
C ASP K 239 41.56 9.11 -21.28
N LEU K 240 41.43 9.30 -19.97
CA LEU K 240 42.53 9.75 -19.12
C LEU K 240 43.50 8.61 -18.72
N SER K 241 43.09 7.36 -18.89
CA SER K 241 43.99 6.23 -18.66
C SER K 241 45.17 6.25 -19.62
N LYS K 242 44.89 6.52 -20.89
CA LYS K 242 45.93 6.60 -21.93
C LYS K 242 46.74 7.90 -21.88
N GLN K 243 46.13 8.98 -21.40
CA GLN K 243 46.87 10.25 -21.20
C GLN K 243 47.85 10.13 -20.01
N ALA K 244 47.44 9.38 -18.98
CA ALA K 244 48.31 9.05 -17.85
C ALA K 244 49.43 8.08 -18.24
N ALA K 245 49.12 7.11 -19.11
CA ALA K 245 50.13 6.18 -19.64
C ALA K 245 51.15 6.91 -20.53
N ALA K 246 50.68 7.88 -21.31
CA ALA K 246 51.56 8.73 -22.11
C ALA K 246 52.45 9.62 -21.21
N TYR K 247 51.90 10.09 -20.10
CA TYR K 247 52.67 10.85 -19.11
C TYR K 247 53.72 9.97 -18.41
N ARG K 248 53.41 8.70 -18.21
CA ARG K 248 54.39 7.72 -17.70
C ARG K 248 55.52 7.49 -18.70
N GLU K 249 55.16 7.27 -19.96
CA GLU K 249 56.13 7.12 -21.05
C GLU K 249 57.04 8.34 -21.16
N LEU K 250 56.43 9.52 -21.19
CA LEU K 250 57.11 10.80 -21.24
C LEU K 250 58.14 10.95 -20.10
N SER K 251 57.72 10.61 -18.88
CA SER K 251 58.57 10.73 -17.68
C SER K 251 59.76 9.76 -17.67
N LEU K 252 59.51 8.52 -18.10
CA LEU K 252 60.57 7.49 -18.15
C LEU K 252 61.65 7.80 -19.20
N LEU K 253 61.25 8.39 -20.32
CA LEU K 253 62.21 8.81 -21.37
C LEU K 253 63.08 10.01 -20.95
N LEU K 254 62.52 10.90 -20.13
CA LEU K 254 63.29 11.97 -19.47
C LEU K 254 64.07 11.48 -18.25
N ARG K 255 63.92 10.19 -17.91
CA ARG K 255 64.65 9.52 -16.83
C ARG K 255 64.28 10.05 -15.44
N ARG K 256 63.01 10.46 -15.27
CA ARG K 256 62.49 10.87 -13.97
C ARG K 256 62.21 9.62 -13.13
N PRO K 257 62.62 9.62 -11.85
CA PRO K 257 62.48 8.44 -10.98
C PRO K 257 61.01 8.05 -10.71
N PRO K 258 60.59 6.84 -11.15
CA PRO K 258 59.19 6.44 -11.06
C PRO K 258 58.78 5.89 -9.69
N GLY K 259 57.47 5.84 -9.45
CA GLY K 259 56.88 5.34 -8.22
C GLY K 259 56.02 4.11 -8.49
N ARG K 260 54.74 4.17 -8.09
CA ARG K 260 53.82 3.03 -8.24
C ARG K 260 53.46 2.75 -9.69
N GLU K 261 53.44 1.46 -10.04
CA GLU K 261 53.21 0.98 -11.40
C GLU K 261 54.01 1.73 -12.48
N ALA K 262 55.24 2.10 -12.13
CA ALA K 262 56.13 2.92 -12.97
C ALA K 262 55.66 4.36 -13.31
N TYR K 263 54.55 4.82 -12.72
CA TYR K 263 54.08 6.20 -12.93
C TYR K 263 54.95 7.17 -12.12
N PRO K 264 55.02 8.45 -12.56
CA PRO K 264 55.72 9.45 -11.75
C PRO K 264 54.95 9.80 -10.46
N GLY K 265 55.63 10.49 -9.54
CA GLY K 265 55.07 10.83 -8.24
C GLY K 265 53.85 11.74 -8.23
N ASP K 266 53.68 12.53 -9.29
CA ASP K 266 52.60 13.53 -9.38
C ASP K 266 51.53 13.20 -10.44
N VAL K 267 51.24 11.92 -10.63
CA VAL K 267 50.21 11.50 -11.59
C VAL K 267 48.80 11.89 -11.11
N PHE K 268 48.62 12.00 -9.80
CA PHE K 268 47.42 12.61 -9.22
C PHE K 268 47.29 14.07 -9.64
N TYR K 269 48.38 14.82 -9.52
CA TYR K 269 48.40 16.23 -9.88
C TYR K 269 48.14 16.50 -11.38
N LEU K 270 48.50 15.52 -12.23
CA LEU K 270 48.18 15.56 -13.66
C LEU K 270 46.68 15.77 -13.89
N HIS K 271 45.87 14.89 -13.30
CA HIS K 271 44.41 14.94 -13.48
C HIS K 271 43.71 15.98 -12.61
N SER K 272 44.25 16.26 -11.42
CA SER K 272 43.59 17.18 -10.47
C SER K 272 43.57 18.62 -10.97
N ARG K 273 44.70 19.11 -11.49
CA ARG K 273 44.77 20.48 -12.05
C ARG K 273 43.99 20.61 -13.37
N LEU K 274 43.92 19.53 -14.14
CA LEU K 274 43.08 19.48 -15.34
C LEU K 274 41.61 19.67 -14.98
N LEU K 275 41.12 18.82 -14.11
CA LEU K 275 39.69 18.76 -13.78
C LEU K 275 39.21 19.89 -12.84
N GLU K 276 40.12 20.47 -12.05
CA GLU K 276 39.80 21.64 -11.23
C GLU K 276 39.39 22.87 -12.06
N ARG K 277 39.94 22.98 -13.26
CA ARG K 277 39.62 24.08 -14.18
C ARG K 277 38.19 24.02 -14.74
N ALA K 278 37.57 22.84 -14.73
CA ALA K 278 36.13 22.72 -14.95
C ALA K 278 35.42 23.25 -13.72
N ALA K 279 34.48 24.18 -13.90
CA ALA K 279 33.84 24.86 -12.78
C ALA K 279 32.55 25.58 -13.16
N LYS K 280 31.81 26.02 -12.13
CA LYS K 280 30.66 26.91 -12.27
C LYS K 280 31.06 28.24 -11.63
N LEU K 281 31.16 29.29 -12.45
CA LEU K 281 31.60 30.60 -11.96
C LEU K 281 30.46 31.38 -11.29
N SER K 282 30.85 32.40 -10.53
CA SER K 282 29.90 33.27 -9.84
C SER K 282 29.24 34.26 -10.79
N ASP K 283 28.23 34.96 -10.29
CA ASP K 283 27.53 36.01 -11.05
C ASP K 283 28.44 37.20 -11.36
N GLU K 284 29.39 37.48 -10.47
CA GLU K 284 30.33 38.59 -10.64
C GLU K 284 31.27 38.38 -11.82
N LYS K 285 31.69 37.13 -12.04
CA LYS K 285 32.60 36.78 -13.13
C LYS K 285 31.89 36.16 -14.35
N GLY K 286 30.66 36.57 -14.61
CA GLY K 286 29.92 36.21 -15.82
C GLY K 286 28.87 35.12 -15.66
N GLY K 287 29.04 34.23 -14.68
CA GLY K 287 28.11 33.12 -14.45
C GLY K 287 28.23 31.96 -15.43
N GLY K 288 29.32 31.90 -16.18
CA GLY K 288 29.57 30.82 -17.13
C GLY K 288 30.02 29.54 -16.44
N SER K 289 30.13 28.46 -17.20
CA SER K 289 30.52 27.16 -16.65
C SER K 289 31.21 26.25 -17.65
N LEU K 290 32.00 25.32 -17.12
CA LEU K 290 32.62 24.24 -17.89
C LEU K 290 32.36 22.92 -17.18
N THR K 291 31.61 22.03 -17.84
CA THR K 291 31.33 20.68 -17.32
C THR K 291 32.33 19.69 -17.92
N ALA K 292 32.88 18.79 -17.10
CA ALA K 292 33.86 17.80 -17.54
C ALA K 292 33.32 16.37 -17.42
N LEU K 293 33.60 15.56 -18.44
CA LEU K 293 33.28 14.13 -18.42
C LEU K 293 34.55 13.33 -18.73
N PRO K 294 35.44 13.17 -17.73
CA PRO K 294 36.64 12.35 -17.91
C PRO K 294 36.33 10.86 -17.95
N PHE K 295 37.16 10.11 -18.69
CA PHE K 295 36.99 8.65 -18.82
C PHE K 295 38.16 7.92 -18.17
N ILE K 296 37.86 6.77 -17.57
CA ILE K 296 38.88 5.83 -17.11
C ILE K 296 38.49 4.42 -17.57
N GLU K 297 39.44 3.70 -18.15
CA GLU K 297 39.25 2.29 -18.50
C GLU K 297 39.84 1.42 -17.39
N THR K 298 38.99 0.71 -16.67
CA THR K 298 39.42 -0.25 -15.66
C THR K 298 39.77 -1.60 -16.29
N GLN K 299 40.59 -2.38 -15.58
CA GLN K 299 40.97 -3.73 -15.99
C GLN K 299 40.25 -4.72 -15.09
N ALA K 300 39.35 -5.51 -15.68
CA ALA K 300 38.57 -6.54 -14.97
C ALA K 300 37.74 -6.00 -13.77
N GLY K 301 37.23 -4.78 -13.92
CA GLY K 301 36.38 -4.15 -12.93
C GLY K 301 37.10 -3.60 -11.71
N ASP K 302 38.43 -3.46 -11.80
CA ASP K 302 39.25 -3.05 -10.67
C ASP K 302 39.16 -1.52 -10.49
N VAL K 303 38.13 -1.10 -9.76
CA VAL K 303 37.90 0.32 -9.43
C VAL K 303 38.94 0.82 -8.42
N SER K 304 39.49 -0.09 -7.61
CA SER K 304 40.49 0.24 -6.60
C SER K 304 41.95 0.22 -7.09
N ALA K 305 42.19 0.29 -8.40
CA ALA K 305 43.56 0.42 -8.93
C ALA K 305 44.10 1.84 -8.70
N TYR K 306 45.37 2.06 -9.04
CA TYR K 306 46.07 3.31 -8.71
C TYR K 306 45.47 4.54 -9.42
N ILE K 307 45.43 4.51 -10.75
CA ILE K 307 44.97 5.65 -11.56
C ILE K 307 43.45 5.89 -11.46
N PRO K 308 42.63 4.82 -11.47
CA PRO K 308 41.18 5.01 -11.26
C PRO K 308 40.78 5.73 -9.96
N THR K 309 41.38 5.34 -8.83
CA THR K 309 41.05 5.96 -7.54
C THR K 309 41.55 7.40 -7.39
N ASN K 310 42.61 7.76 -8.12
CA ASN K 310 43.04 9.16 -8.20
C ASN K 310 41.97 10.03 -8.86
N VAL K 311 41.44 9.57 -10.00
CA VAL K 311 40.44 10.34 -10.76
C VAL K 311 39.07 10.33 -10.06
N ILE K 312 38.73 9.22 -9.40
CA ILE K 312 37.54 9.16 -8.54
C ILE K 312 37.66 10.20 -7.41
N SER K 313 38.85 10.31 -6.82
CA SER K 313 39.09 11.26 -5.73
C SER K 313 39.10 12.74 -6.14
N ILE K 314 39.24 13.02 -7.44
CA ILE K 314 39.19 14.38 -7.98
C ILE K 314 37.76 14.82 -8.32
N THR K 315 37.04 13.97 -9.06
CA THR K 315 35.75 14.36 -9.66
C THR K 315 34.60 14.46 -8.66
N ASP K 316 33.48 15.04 -9.11
CA ASP K 316 32.26 15.18 -8.30
C ASP K 316 31.34 13.98 -8.50
N GLY K 317 31.87 12.78 -8.25
CA GLY K 317 31.12 11.54 -8.45
C GLY K 317 31.54 10.82 -9.72
N GLN K 318 30.98 9.62 -9.92
CA GLN K 318 31.30 8.79 -11.08
C GLN K 318 30.12 7.92 -11.51
N ILE K 319 30.11 7.55 -12.79
CA ILE K 319 29.16 6.58 -13.35
C ILE K 319 29.99 5.33 -13.68
N PHE K 320 29.82 4.29 -12.86
CA PHE K 320 30.55 3.03 -13.05
C PHE K 320 29.70 2.02 -13.83
N LEU K 321 30.27 1.53 -14.94
CA LEU K 321 29.61 0.55 -15.80
C LEU K 321 30.29 -0.82 -15.69
N GLU K 322 29.49 -1.89 -15.68
CA GLU K 322 30.01 -3.26 -15.55
C GLU K 322 29.47 -4.21 -16.61
N SER K 323 30.28 -5.22 -16.95
CA SER K 323 29.96 -6.19 -18.00
C SER K 323 28.83 -7.14 -17.61
N ASP K 324 28.83 -7.60 -16.37
CA ASP K 324 27.80 -8.55 -15.89
C ASP K 324 26.39 -7.95 -15.92
N LEU K 325 26.28 -6.67 -15.60
CA LEU K 325 25.02 -5.93 -15.77
C LEU K 325 24.67 -5.75 -17.25
N PHE K 326 25.67 -5.38 -18.05
CA PHE K 326 25.50 -5.17 -19.51
C PHE K 326 24.91 -6.39 -20.22
N TYR K 327 25.53 -7.55 -20.01
CA TYR K 327 25.11 -8.79 -20.66
C TYR K 327 23.83 -9.41 -20.07
N SER K 328 23.49 -9.08 -18.83
CA SER K 328 22.24 -9.53 -18.22
C SER K 328 21.00 -8.72 -18.65
N GLY K 329 21.18 -7.66 -19.44
CA GLY K 329 20.07 -6.88 -19.99
C GLY K 329 19.99 -5.46 -19.45
N VAL K 330 20.72 -5.16 -18.39
CA VAL K 330 20.74 -3.82 -17.80
C VAL K 330 21.63 -2.92 -18.65
N ARG K 331 21.01 -2.16 -19.55
CA ARG K 331 21.70 -1.19 -20.42
C ARG K 331 20.92 0.13 -20.37
N PRO K 332 21.54 1.26 -19.98
CA PRO K 332 22.96 1.37 -19.61
C PRO K 332 23.33 0.62 -18.33
N ALA K 333 24.54 0.05 -18.31
CA ALA K 333 24.95 -0.91 -17.28
C ALA K 333 25.47 -0.24 -16.01
N VAL K 334 24.67 0.64 -15.43
CA VAL K 334 25.09 1.49 -14.31
C VAL K 334 25.00 0.69 -13.00
N ASN K 335 26.11 0.63 -12.26
CA ASN K 335 26.12 0.06 -10.92
C ASN K 335 25.64 1.15 -9.96
N VAL K 336 24.41 0.99 -9.46
CA VAL K 336 23.79 1.97 -8.55
C VAL K 336 24.56 2.19 -7.25
N GLY K 337 25.18 1.13 -6.72
CA GLY K 337 25.92 1.18 -5.46
C GLY K 337 27.23 1.94 -5.53
N ILE K 338 28.02 1.67 -6.56
CA ILE K 338 29.32 2.32 -6.75
C ILE K 338 29.18 3.71 -7.40
N SER K 339 28.21 3.87 -8.31
CA SER K 339 27.97 5.17 -8.96
C SER K 339 27.35 6.17 -7.97
N VAL K 340 27.72 7.44 -8.12
CA VAL K 340 27.22 8.51 -7.26
C VAL K 340 27.41 9.88 -7.90
N SER K 341 26.55 10.84 -7.54
CA SER K 341 26.68 12.24 -7.94
C SER K 341 26.89 13.09 -6.70
N ARG K 342 27.95 13.90 -6.68
CA ARG K 342 28.28 14.73 -5.52
C ARG K 342 27.63 16.12 -5.51
N VAL K 343 26.91 16.46 -6.58
CA VAL K 343 26.04 17.64 -6.61
C VAL K 343 24.61 17.22 -6.25
N GLY K 344 24.13 16.13 -6.87
CA GLY K 344 22.86 15.53 -6.50
C GLY K 344 21.65 16.34 -6.89
N GLY K 345 20.72 16.50 -5.95
CA GLY K 345 19.45 17.22 -6.17
C GLY K 345 19.56 18.66 -6.65
N ALA K 346 20.66 19.34 -6.31
CA ALA K 346 20.94 20.68 -6.82
C ALA K 346 21.07 20.75 -8.35
N ALA K 347 21.55 19.66 -8.96
CA ALA K 347 21.66 19.54 -10.42
C ALA K 347 20.37 19.11 -11.14
N GLN K 348 19.30 18.86 -10.40
CA GLN K 348 18.01 18.46 -10.97
C GLN K 348 16.99 19.58 -10.86
N ILE K 349 16.01 19.58 -11.78
CA ILE K 349 14.83 20.45 -11.65
C ILE K 349 13.95 19.92 -10.53
N LYS K 350 13.11 20.79 -9.97
CA LYS K 350 12.28 20.44 -8.79
C LYS K 350 11.36 19.24 -9.01
N ALA K 351 10.88 19.05 -10.24
CA ALA K 351 10.05 17.90 -10.60
C ALA K 351 10.81 16.58 -10.46
N MET K 352 12.02 16.53 -11.02
CA MET K 352 12.89 15.34 -10.94
C MET K 352 13.37 15.10 -9.51
N LYS K 353 13.76 16.18 -8.83
CA LYS K 353 14.17 16.16 -7.43
C LYS K 353 13.11 15.54 -6.51
N LYS K 354 11.84 15.85 -6.78
CA LYS K 354 10.73 15.34 -5.96
C LYS K 354 10.43 13.87 -6.22
N VAL K 355 10.36 13.48 -7.50
CA VAL K 355 10.06 12.08 -7.88
C VAL K 355 11.23 11.11 -7.68
N ALA K 356 12.46 11.57 -7.85
CA ALA K 356 13.66 10.72 -7.78
C ALA K 356 14.65 11.12 -6.68
N GLY K 357 14.17 11.77 -5.62
CA GLY K 357 15.03 12.26 -4.54
C GLY K 357 15.71 11.17 -3.71
N THR K 358 14.97 10.08 -3.48
CA THR K 358 15.46 8.93 -2.69
C THR K 358 15.71 7.70 -3.58
N LEU K 359 15.73 7.87 -4.90
CA LEU K 359 15.69 6.75 -5.84
C LEU K 359 16.95 5.87 -5.81
N ARG K 360 18.13 6.50 -5.73
CA ARG K 360 19.40 5.78 -5.72
C ARG K 360 19.57 4.95 -4.45
N LEU K 361 19.21 5.54 -3.31
CA LEU K 361 19.24 4.83 -2.02
C LEU K 361 18.23 3.67 -1.96
N ASP K 362 17.04 3.86 -2.55
CA ASP K 362 16.03 2.80 -2.62
C ASP K 362 16.51 1.63 -3.48
N LEU K 363 17.07 1.93 -4.64
CA LEU K 363 17.58 0.90 -5.55
C LEU K 363 18.89 0.25 -5.07
N ALA K 364 19.67 0.97 -4.26
CA ALA K 364 20.82 0.38 -3.58
C ALA K 364 20.38 -0.66 -2.55
N GLN K 365 19.35 -0.33 -1.78
CA GLN K 365 18.71 -1.28 -0.85
C GLN K 365 18.05 -2.46 -1.56
N TYR K 366 17.46 -2.20 -2.74
CA TYR K 366 16.83 -3.25 -3.54
C TYR K 366 17.83 -4.33 -4.00
N ARG K 367 18.96 -3.90 -4.55
CA ARG K 367 19.98 -4.83 -5.07
C ARG K 367 20.62 -5.70 -3.99
N GLU K 368 20.79 -5.15 -2.80
CA GLU K 368 21.24 -5.93 -1.63
C GLU K 368 20.17 -6.94 -1.23
N LEU K 369 18.92 -6.48 -1.14
CA LEU K 369 17.79 -7.33 -0.79
C LEU K 369 17.52 -8.43 -1.82
N GLN K 370 17.76 -8.14 -3.10
CA GLN K 370 17.65 -9.12 -4.18
C GLN K 370 18.64 -10.27 -4.00
N ALA K 371 19.88 -9.94 -3.66
CA ALA K 371 20.93 -10.94 -3.39
C ALA K 371 20.64 -11.76 -2.13
N PHE K 372 20.12 -11.10 -1.09
CA PHE K 372 19.75 -11.76 0.16
C PHE K 372 18.51 -12.65 0.02
N ALA K 373 17.53 -12.19 -0.77
CA ALA K 373 16.27 -12.93 -0.99
C ALA K 373 16.45 -14.31 -1.62
N GLN K 374 17.50 -14.48 -2.42
CA GLN K 374 17.82 -15.77 -3.05
C GLN K 374 18.23 -16.89 -2.07
N PHE K 375 18.68 -16.51 -0.86
CA PHE K 375 19.09 -17.48 0.15
C PHE K 375 17.89 -17.98 0.97
N GLY K 376 16.87 -17.15 1.17
CA GLY K 376 15.64 -17.56 1.86
C GLY K 376 14.79 -16.39 2.31
N ASP K 380 8.23 -12.34 3.37
CA ASP K 380 7.08 -11.67 3.97
C ASP K 380 6.49 -10.61 3.02
N LYS K 381 5.34 -10.06 3.39
CA LYS K 381 4.53 -9.19 2.51
C LYS K 381 5.21 -7.86 2.17
N ALA K 382 5.70 -7.15 3.20
CA ALA K 382 6.33 -5.84 3.02
C ALA K 382 7.65 -5.91 2.25
N THR K 383 8.43 -6.95 2.51
CA THR K 383 9.71 -7.18 1.83
C THR K 383 9.51 -7.59 0.37
N GLN K 384 8.55 -8.48 0.12
CA GLN K 384 8.21 -8.94 -1.24
C GLN K 384 7.66 -7.80 -2.11
N ALA K 385 6.93 -6.87 -1.49
CA ALA K 385 6.42 -5.68 -2.18
C ALA K 385 7.55 -4.75 -2.64
N LYS K 386 8.62 -4.65 -1.85
CA LYS K 386 9.79 -3.84 -2.19
C LYS K 386 10.56 -4.42 -3.39
N LEU K 387 10.68 -5.75 -3.44
CA LEU K 387 11.33 -6.43 -4.57
C LEU K 387 10.53 -6.28 -5.87
N ASN K 388 9.21 -6.44 -5.78
CA ASN K 388 8.34 -6.29 -6.95
C ASN K 388 8.37 -4.86 -7.52
N ARG K 389 8.39 -3.87 -6.62
CA ARG K 389 8.49 -2.46 -7.01
C ARG K 389 9.84 -2.17 -7.67
N GLY K 390 10.92 -2.58 -7.02
CA GLY K 390 12.29 -2.39 -7.51
C GLY K 390 12.54 -3.04 -8.86
N GLU K 391 12.00 -4.25 -9.05
CA GLU K 391 12.14 -4.98 -10.32
C GLU K 391 11.50 -4.24 -11.49
N ARG K 392 10.34 -3.62 -11.25
CA ARG K 392 9.67 -2.79 -12.25
C ARG K 392 10.41 -1.48 -12.52
N THR K 393 10.97 -0.88 -11.47
CA THR K 393 11.77 0.34 -11.58
C THR K 393 13.06 0.10 -12.40
N VAL K 394 13.66 -1.07 -12.24
CA VAL K 394 14.85 -1.48 -13.03
C VAL K 394 14.53 -1.47 -14.55
N GLU K 395 13.34 -1.94 -14.93
CA GLU K 395 12.93 -1.96 -16.33
C GLU K 395 12.74 -0.56 -16.92
N ILE K 396 12.28 0.39 -16.10
CA ILE K 396 12.13 1.78 -16.53
C ILE K 396 13.50 2.42 -16.80
N LEU K 397 14.48 2.12 -15.95
CA LEU K 397 15.84 2.68 -16.09
C LEU K 397 16.64 2.04 -17.23
N LYS K 398 16.20 0.90 -17.77
CA LYS K 398 16.75 0.39 -19.03
C LYS K 398 16.42 1.34 -20.18
N GLN K 399 17.34 1.46 -21.13
CA GLN K 399 17.19 2.42 -22.23
C GLN K 399 18.11 2.06 -23.39
N ASP K 400 17.59 2.11 -24.61
CA ASP K 400 18.37 1.82 -25.82
C ASP K 400 19.33 2.98 -26.12
N GLU K 401 20.42 2.65 -26.82
CA GLU K 401 21.38 3.67 -27.25
C GLU K 401 20.77 4.61 -28.28
N HIS K 402 21.19 5.88 -28.24
CA HIS K 402 20.75 6.91 -29.18
C HIS K 402 19.23 7.17 -29.17
N LYS K 403 18.61 7.05 -27.99
CA LYS K 403 17.19 7.34 -27.81
C LYS K 403 17.01 8.24 -26.59
N PRO K 404 17.35 9.54 -26.73
CA PRO K 404 17.22 10.47 -25.60
C PRO K 404 15.76 10.75 -25.25
N MET K 405 15.49 10.83 -23.95
CA MET K 405 14.16 11.18 -23.43
C MET K 405 14.25 12.58 -22.81
N PRO K 406 13.33 13.49 -23.21
CA PRO K 406 13.23 14.79 -22.54
C PRO K 406 12.94 14.66 -21.04
N VAL K 407 13.48 15.58 -20.24
CA VAL K 407 13.34 15.53 -18.76
C VAL K 407 11.88 15.48 -18.29
N GLU K 408 10.99 16.20 -18.98
CA GLU K 408 9.56 16.16 -18.69
C GLU K 408 8.96 14.75 -18.83
N GLU K 409 9.37 14.02 -19.86
CA GLU K 409 8.92 12.65 -20.09
C GLU K 409 9.55 11.67 -19.09
N GLN K 410 10.78 11.94 -18.67
CA GLN K 410 11.45 11.15 -17.63
C GLN K 410 10.73 11.27 -16.29
N VAL K 411 10.34 12.49 -15.92
CA VAL K 411 9.58 12.75 -14.69
C VAL K 411 8.29 11.91 -14.64
N ILE K 412 7.54 11.89 -15.74
CA ILE K 412 6.26 11.17 -15.81
C ILE K 412 6.48 9.66 -15.68
N SER K 413 7.50 9.14 -16.37
CA SER K 413 7.83 7.71 -16.32
C SER K 413 8.29 7.26 -14.92
N ILE K 414 9.14 8.06 -14.29
CA ILE K 414 9.62 7.78 -12.92
C ILE K 414 8.49 7.98 -11.90
N TYR K 415 7.67 9.02 -12.09
CA TYR K 415 6.49 9.26 -11.24
C TYR K 415 5.51 8.08 -11.27
N ALA K 416 5.27 7.53 -12.47
CA ALA K 416 4.34 6.42 -12.64
C ALA K 416 4.78 5.16 -11.89
N VAL K 417 6.04 4.75 -12.10
CA VAL K 417 6.56 3.52 -11.49
C VAL K 417 6.76 3.64 -9.96
N THR K 418 7.26 4.78 -9.49
CA THR K 418 7.53 4.98 -8.05
C THR K 418 6.29 5.22 -7.20
N ASN K 419 5.16 5.58 -7.83
CA ASN K 419 3.87 5.71 -7.12
C ASN K 419 2.90 4.54 -7.38
N GLY K 420 3.44 3.42 -7.89
CA GLY K 420 2.70 2.16 -7.97
C GLY K 420 1.71 1.98 -9.11
N PHE K 421 1.78 2.84 -10.13
CA PHE K 421 0.88 2.74 -11.29
C PHE K 421 1.20 1.57 -12.24
N MET K 422 2.31 0.87 -12.00
CA MET K 422 2.70 -0.30 -12.80
C MET K 422 2.78 -1.59 -11.96
N ASP K 423 2.21 -1.58 -10.75
CA ASP K 423 2.20 -2.76 -9.87
C ASP K 423 1.35 -3.90 -10.42
N ASP K 424 0.18 -3.56 -10.98
CA ASP K 424 -0.70 -4.55 -11.62
C ASP K 424 -0.26 -4.99 -13.03
N ILE K 425 0.73 -4.31 -13.61
CA ILE K 425 1.30 -4.66 -14.92
C ILE K 425 2.42 -5.68 -14.71
N PRO K 426 2.52 -6.71 -15.59
CA PRO K 426 3.66 -7.64 -15.51
C PRO K 426 5.02 -6.98 -15.79
N VAL K 427 6.08 -7.61 -15.31
CA VAL K 427 7.44 -7.06 -15.41
C VAL K 427 7.91 -6.96 -16.86
N GLU K 428 7.61 -7.98 -17.66
CA GLU K 428 7.95 -7.99 -19.10
C GLU K 428 7.22 -6.94 -19.96
N ASP K 429 6.11 -6.38 -19.46
CA ASP K 429 5.34 -5.34 -20.16
C ASP K 429 5.65 -3.90 -19.73
N VAL K 430 6.58 -3.70 -18.78
CA VAL K 430 6.84 -2.36 -18.21
C VAL K 430 7.41 -1.38 -19.24
N ARG K 431 8.32 -1.85 -20.09
CA ARG K 431 8.94 -1.01 -21.13
C ARG K 431 7.95 -0.63 -22.25
N ARG K 432 7.08 -1.55 -22.63
CA ARG K 432 6.02 -1.27 -23.61
C ARG K 432 4.95 -0.35 -23.02
N PHE K 433 4.64 -0.56 -21.74
CA PHE K 433 3.76 0.33 -20.96
C PHE K 433 4.29 1.77 -20.93
N GLU K 434 5.60 1.91 -20.72
CA GLU K 434 6.26 3.22 -20.70
C GLU K 434 6.15 3.94 -22.04
N GLU K 435 6.48 3.23 -23.13
CA GLU K 435 6.45 3.82 -24.47
C GLU K 435 5.04 4.25 -24.87
N GLU K 436 4.06 3.39 -24.61
CA GLU K 436 2.65 3.71 -24.87
C GLU K 436 2.10 4.82 -23.95
N LEU K 437 2.53 4.84 -22.69
CA LEU K 437 2.14 5.91 -21.74
C LEU K 437 2.62 7.28 -22.21
N LEU K 438 3.90 7.38 -22.54
CA LEU K 438 4.49 8.66 -22.98
C LEU K 438 3.92 9.11 -24.32
N SER K 439 3.68 8.16 -25.22
CA SER K 439 3.01 8.43 -26.50
C SER K 439 1.59 8.97 -26.29
N PHE K 440 0.88 8.40 -25.30
CA PHE K 440 -0.44 8.90 -24.88
C PHE K 440 -0.35 10.31 -24.28
N MET K 441 0.64 10.54 -23.44
CA MET K 441 0.83 11.84 -22.78
C MET K 441 1.23 12.95 -23.74
N ARG K 442 2.09 12.65 -24.72
CA ARG K 442 2.47 13.61 -25.76
C ARG K 442 1.27 14.00 -26.64
N ALA K 443 0.48 13.00 -27.04
CA ALA K 443 -0.65 13.22 -27.95
C ALA K 443 -1.85 13.91 -27.31
N ASN K 444 -2.22 13.46 -26.10
CA ASN K 444 -3.49 13.86 -25.47
C ASN K 444 -3.38 14.70 -24.19
N LYS K 445 -2.24 14.65 -23.49
CA LYS K 445 -2.08 15.30 -22.18
C LYS K 445 -0.82 16.17 -22.13
N ASP K 446 -0.58 16.94 -23.18
CA ASP K 446 0.68 17.71 -23.30
C ASP K 446 0.80 18.88 -22.32
N SER K 447 -0.33 19.43 -21.85
CA SER K 447 -0.31 20.51 -20.86
C SER K 447 0.36 20.10 -19.53
N LEU K 448 0.24 18.83 -19.17
CA LEU K 448 0.94 18.27 -18.01
C LEU K 448 2.45 18.18 -18.24
N LEU K 449 2.86 17.72 -19.43
CA LEU K 449 4.27 17.72 -19.83
C LEU K 449 4.83 19.14 -19.93
N ASP K 450 4.05 20.05 -20.50
CA ASP K 450 4.48 21.43 -20.74
C ASP K 450 4.63 22.23 -19.43
N HIS K 451 3.84 21.90 -18.42
CA HIS K 451 4.01 22.51 -17.09
C HIS K 451 5.41 22.25 -16.54
N ILE K 452 5.92 21.03 -16.75
CA ILE K 452 7.28 20.66 -16.32
C ILE K 452 8.34 21.37 -17.17
N ARG K 453 8.09 21.51 -18.48
CA ARG K 453 9.01 22.22 -19.39
C ARG K 453 9.24 23.68 -19.00
N GLN K 454 8.16 24.40 -18.68
CA GLN K 454 8.22 25.85 -18.46
C GLN K 454 8.58 26.20 -17.02
N THR K 455 7.84 25.65 -16.06
CA THR K 455 8.04 25.98 -14.63
C THR K 455 9.20 25.21 -14.00
N GLY K 456 9.42 23.97 -14.44
CA GLY K 456 10.42 23.07 -13.84
C GLY K 456 9.89 22.30 -12.63
N GLU K 457 8.57 22.35 -12.40
CA GLU K 457 7.94 21.72 -11.26
C GLU K 457 6.89 20.72 -11.74
N LEU K 458 6.48 19.81 -10.84
CA LEU K 458 5.42 18.86 -11.14
C LEU K 458 4.08 19.56 -11.31
N PRO K 459 3.20 19.02 -12.18
CA PRO K 459 1.84 19.55 -12.27
C PRO K 459 1.00 19.10 -11.07
N ASP K 460 -0.29 19.43 -11.10
CA ASP K 460 -1.23 18.99 -10.06
C ASP K 460 -1.27 17.46 -10.04
N THR K 461 -0.91 16.87 -8.90
CA THR K 461 -0.82 15.40 -8.77
C THR K 461 -2.17 14.70 -8.91
N LYS K 462 -3.25 15.38 -8.52
CA LYS K 462 -4.62 14.88 -8.72
C LYS K 462 -4.91 14.67 -10.21
N GLU K 463 -4.60 15.67 -11.03
CA GLU K 463 -4.77 15.62 -12.47
C GLU K 463 -3.81 14.62 -13.13
N LEU K 464 -2.57 14.58 -12.64
CA LEU K 464 -1.54 13.66 -13.13
C LEU K 464 -1.89 12.19 -12.85
N ASP K 465 -2.39 11.91 -11.64
CA ASP K 465 -2.87 10.58 -11.27
C ASP K 465 -4.03 10.12 -12.16
N ALA K 466 -4.97 11.02 -12.42
CA ALA K 466 -6.13 10.72 -13.27
C ALA K 466 -5.74 10.47 -14.74
N ALA K 467 -4.77 11.25 -15.24
CA ALA K 467 -4.29 11.10 -16.62
C ALA K 467 -3.60 9.76 -16.89
N ILE K 468 -2.82 9.29 -15.90
CA ILE K 468 -2.17 7.98 -15.98
C ILE K 468 -3.20 6.85 -15.90
N GLU K 469 -4.17 6.99 -14.99
CA GLU K 469 -5.28 6.02 -14.84
C GLU K 469 -6.14 5.95 -16.10
N GLU K 470 -6.32 7.09 -16.77
CA GLU K 470 -7.04 7.16 -18.05
C GLU K 470 -6.34 6.34 -19.13
N PHE K 471 -5.01 6.47 -19.21
CA PHE K 471 -4.21 5.66 -20.15
C PHE K 471 -4.33 4.16 -19.91
N LYS K 472 -4.24 3.76 -18.64
CA LYS K 472 -4.28 2.33 -18.25
C LYS K 472 -5.54 1.59 -18.71
N LYS K 473 -6.66 2.30 -18.85
CA LYS K 473 -7.90 1.72 -19.38
C LYS K 473 -7.77 1.20 -20.81
N GLY K 474 -6.84 1.77 -21.59
CA GLY K 474 -6.54 1.30 -22.95
C GLY K 474 -5.24 0.51 -23.12
N PHE K 475 -4.69 -0.02 -22.03
CA PHE K 475 -3.49 -0.85 -22.07
C PHE K 475 -3.85 -2.33 -21.97
N THR K 476 -3.30 -3.14 -22.88
CA THR K 476 -3.54 -4.58 -22.91
C THR K 476 -2.25 -5.32 -22.51
N PRO K 477 -2.22 -5.96 -21.32
CA PRO K 477 -1.03 -6.75 -20.97
C PRO K 477 -0.97 -8.06 -21.77
N SER K 478 0.25 -8.52 -22.04
CA SER K 478 0.47 -9.77 -22.78
C SER K 478 0.17 -11.02 -21.94
N ALA K 479 0.58 -11.00 -20.66
CA ALA K 479 0.31 -12.10 -19.74
C ALA K 479 -1.05 -11.92 -19.07
N MET L 1 70.10 41.95 3.35
CA MET L 1 69.27 40.91 2.67
C MET L 1 70.13 40.03 1.78
N ASN L 2 70.23 38.75 2.12
CA ASN L 2 71.02 37.78 1.35
C ASN L 2 70.32 37.49 0.01
N LYS L 3 71.07 37.65 -1.08
CA LYS L 3 70.56 37.48 -2.44
C LYS L 3 71.20 36.27 -3.12
N GLY L 4 70.40 35.57 -3.91
CA GLY L 4 70.84 34.37 -4.64
C GLY L 4 70.40 34.40 -6.10
N ARG L 5 70.79 33.35 -6.83
CA ARG L 5 70.54 33.24 -8.27
C ARG L 5 70.02 31.84 -8.60
N ILE L 6 68.97 31.76 -9.44
CA ILE L 6 68.39 30.48 -9.86
C ILE L 6 69.32 29.80 -10.87
N ILE L 7 69.68 28.55 -10.58
CA ILE L 7 70.51 27.73 -11.49
C ILE L 7 69.73 26.57 -12.16
N GLN L 8 68.72 26.03 -11.48
CA GLN L 8 67.84 25.01 -12.08
C GLN L 8 66.37 25.19 -11.67
N VAL L 9 65.48 24.82 -12.59
CA VAL L 9 64.04 24.75 -12.34
C VAL L 9 63.56 23.37 -12.79
N MET L 10 63.12 22.55 -11.83
CA MET L 10 62.68 21.18 -12.10
C MET L 10 61.29 20.95 -11.50
N GLY L 11 60.28 21.41 -12.24
CA GLY L 11 58.88 21.33 -11.81
C GLY L 11 58.66 22.18 -10.56
N PRO L 12 58.13 21.57 -9.47
CA PRO L 12 57.95 22.31 -8.21
C PRO L 12 59.23 22.57 -7.40
N VAL L 13 60.35 21.97 -7.78
CA VAL L 13 61.65 22.17 -7.11
C VAL L 13 62.51 23.20 -7.85
N VAL L 14 63.18 24.07 -7.10
CA VAL L 14 64.05 25.13 -7.65
C VAL L 14 65.38 25.17 -6.90
N ASP L 15 66.49 25.08 -7.63
CA ASP L 15 67.84 25.22 -7.05
C ASP L 15 68.32 26.66 -7.18
N ILE L 16 68.74 27.23 -6.05
CA ILE L 16 69.19 28.63 -5.98
C ILE L 16 70.60 28.66 -5.39
N GLN L 17 71.54 29.27 -6.12
CA GLN L 17 72.91 29.47 -5.62
C GLN L 17 73.04 30.83 -4.95
N PHE L 18 73.44 30.82 -3.67
CA PHE L 18 73.67 32.04 -2.89
C PHE L 18 75.17 32.31 -2.78
N GLU L 19 75.50 33.47 -2.23
CA GLU L 19 76.90 33.86 -1.99
C GLU L 19 77.45 33.07 -0.80
N SER L 20 78.77 32.89 -0.77
CA SER L 20 79.43 32.12 0.28
C SER L 20 79.20 32.72 1.68
N GLY L 21 78.81 31.87 2.62
CA GLY L 21 78.49 32.28 4.00
C GLY L 21 77.21 33.10 4.14
N GLN L 22 76.31 33.04 3.15
CA GLN L 22 75.06 33.80 3.13
C GLN L 22 73.89 32.91 2.73
N LEU L 23 73.86 31.69 3.29
CA LEU L 23 72.86 30.69 2.93
C LEU L 23 71.62 30.81 3.81
N PRO L 24 70.41 30.74 3.22
CA PRO L 24 69.19 30.62 4.04
C PRO L 24 69.14 29.29 4.79
N ASP L 25 68.61 29.31 6.00
CA ASP L 25 68.37 28.09 6.78
C ASP L 25 67.27 27.26 6.13
N ILE L 26 67.22 25.98 6.48
CA ILE L 26 66.17 25.08 6.00
C ILE L 26 64.83 25.56 6.56
N TYR L 27 63.80 25.50 5.71
CA TYR L 27 62.46 26.05 5.95
C TYR L 27 62.31 27.58 5.82
N ASN L 28 63.34 28.30 5.40
CA ASN L 28 63.23 29.76 5.19
C ASN L 28 62.46 30.08 3.92
N ALA L 29 61.58 31.08 4.00
CA ALA L 29 60.85 31.58 2.84
C ALA L 29 61.79 32.44 1.98
N ILE L 30 61.78 32.21 0.67
CA ILE L 30 62.63 32.92 -0.28
C ILE L 30 61.74 33.45 -1.40
N THR L 31 61.80 34.76 -1.66
CA THR L 31 60.96 35.40 -2.67
C THR L 31 61.71 35.55 -4.00
N ILE L 32 60.99 35.33 -5.11
CA ILE L 32 61.53 35.47 -6.47
C ILE L 32 60.55 36.33 -7.27
N GLU L 33 61.04 37.44 -7.83
CA GLU L 33 60.22 38.31 -8.68
C GLU L 33 60.09 37.69 -10.08
N ARG L 34 58.84 37.49 -10.51
CA ARG L 34 58.56 36.87 -11.80
C ARG L 34 58.84 37.84 -12.96
N PRO L 35 59.24 37.32 -14.14
CA PRO L 35 59.31 38.18 -15.33
C PRO L 35 57.96 38.73 -15.77
N GLN L 36 56.91 37.93 -15.67
CA GLN L 36 55.55 38.32 -16.07
C GLN L 36 54.95 39.38 -15.13
N GLY L 37 55.34 39.32 -13.85
CA GLY L 37 54.80 40.18 -12.82
C GLY L 37 54.30 39.34 -11.65
N GLY L 38 54.51 39.85 -10.43
CA GLY L 38 54.15 39.13 -9.21
C GLY L 38 55.37 38.51 -8.55
N THR L 39 55.15 37.93 -7.37
CA THR L 39 56.20 37.32 -6.55
C THR L 39 55.91 35.84 -6.32
N LEU L 40 56.95 35.03 -6.36
CA LEU L 40 56.88 33.60 -6.06
C LEU L 40 57.65 33.31 -4.78
N THR L 41 56.95 32.79 -3.77
CA THR L 41 57.60 32.34 -2.54
C THR L 41 57.99 30.86 -2.70
N VAL L 42 59.22 30.54 -2.31
CA VAL L 42 59.71 29.15 -2.26
C VAL L 42 60.29 28.89 -0.87
N GLU L 43 60.25 27.63 -0.44
CA GLU L 43 60.73 27.23 0.89
C GLU L 43 62.00 26.39 0.75
N ALA L 44 63.04 26.75 1.50
CA ALA L 44 64.32 26.03 1.46
C ALA L 44 64.18 24.64 2.08
N ALA L 45 64.64 23.62 1.36
CA ALA L 45 64.50 22.22 1.78
C ALA L 45 65.84 21.56 2.11
N VAL L 46 66.74 21.56 1.13
CA VAL L 46 68.04 20.87 1.24
C VAL L 46 69.17 21.83 0.86
N HIS L 47 70.24 21.80 1.65
CA HIS L 47 71.51 22.45 1.29
C HIS L 47 72.33 21.44 0.48
N LEU L 48 72.36 21.60 -0.84
CA LEU L 48 73.03 20.64 -1.74
C LEU L 48 74.55 20.66 -1.69
N GLY L 49 75.14 21.81 -1.33
CA GLY L 49 76.59 22.01 -1.40
C GLY L 49 76.94 22.94 -2.54
N ASP L 50 78.17 23.48 -2.50
CA ASP L 50 78.63 24.54 -3.41
C ASP L 50 77.73 25.79 -3.31
N ASN L 51 77.30 26.08 -2.08
CA ASN L 51 76.39 27.18 -1.76
C ASN L 51 75.03 27.16 -2.50
N VAL L 52 74.56 25.95 -2.85
CA VAL L 52 73.28 25.77 -3.56
C VAL L 52 72.23 25.26 -2.57
N VAL L 53 71.05 25.88 -2.58
CA VAL L 53 69.92 25.49 -1.74
C VAL L 53 68.78 25.03 -2.63
N ARG L 54 68.33 23.79 -2.44
CA ARG L 54 67.18 23.23 -3.15
C ARG L 54 65.91 23.64 -2.43
N CYS L 55 64.94 24.17 -3.18
CA CYS L 55 63.74 24.79 -2.61
C CYS L 55 62.46 24.26 -3.24
N VAL L 56 61.42 24.10 -2.42
CA VAL L 56 60.08 23.68 -2.86
C VAL L 56 59.21 24.93 -3.03
N ALA L 57 58.67 25.12 -4.24
CA ALA L 57 57.87 26.31 -4.55
C ALA L 57 56.45 26.22 -3.99
N MET L 58 55.92 27.37 -3.56
CA MET L 58 54.55 27.47 -3.03
C MET L 58 53.50 27.88 -4.09
N ALA L 59 53.96 28.10 -5.32
CA ALA L 59 53.09 28.39 -6.45
C ALA L 59 53.74 27.89 -7.73
N SER L 60 53.09 28.11 -8.88
CA SER L 60 53.60 27.64 -10.17
C SER L 60 54.99 28.20 -10.51
N THR L 61 55.86 27.33 -11.01
CA THR L 61 57.20 27.71 -11.47
C THR L 61 57.27 27.97 -12.98
N ASP L 62 56.13 27.87 -13.68
CA ASP L 62 56.04 28.21 -15.10
C ASP L 62 56.29 29.72 -15.27
N GLY L 63 57.10 30.08 -16.26
CA GLY L 63 57.48 31.47 -16.50
C GLY L 63 58.83 31.87 -15.91
N LEU L 64 59.39 31.07 -15.01
CA LEU L 64 60.70 31.34 -14.43
C LEU L 64 61.82 31.11 -15.43
N VAL L 65 62.93 31.81 -15.20
CA VAL L 65 64.12 31.76 -16.07
C VAL L 65 65.34 31.57 -15.17
N ARG L 66 66.37 30.91 -15.70
CA ARG L 66 67.64 30.76 -15.00
C ARG L 66 68.35 32.11 -14.93
N GLY L 67 68.92 32.43 -13.78
CA GLY L 67 69.61 33.70 -13.55
C GLY L 67 68.85 34.75 -12.75
N LEU L 68 67.55 34.54 -12.52
CA LEU L 68 66.72 35.50 -11.78
C LEU L 68 67.14 35.61 -10.33
N GLU L 69 66.98 36.82 -9.76
CA GLU L 69 67.36 37.10 -8.38
C GLU L 69 66.35 36.48 -7.40
N ALA L 70 66.87 35.89 -6.32
CA ALA L 70 66.07 35.35 -5.24
C ALA L 70 66.51 35.99 -3.93
N VAL L 71 65.55 36.41 -3.11
CA VAL L 71 65.82 37.15 -1.88
C VAL L 71 65.41 36.32 -0.66
N ASP L 72 66.34 36.13 0.26
CA ASP L 72 66.09 35.43 1.53
C ASP L 72 65.35 36.37 2.49
N THR L 73 64.20 35.93 2.99
CA THR L 73 63.42 36.71 3.96
C THR L 73 64.00 36.63 5.38
N GLY L 74 64.85 35.63 5.63
CA GLY L 74 65.55 35.47 6.91
C GLY L 74 64.77 34.68 7.95
N ALA L 75 63.60 34.16 7.59
CA ALA L 75 62.74 33.41 8.50
C ALA L 75 61.81 32.48 7.73
N PRO L 76 61.11 31.55 8.42
CA PRO L 76 60.11 30.73 7.74
C PRO L 76 58.89 31.50 7.26
N ILE L 77 58.00 30.81 6.54
CA ILE L 77 56.76 31.43 6.06
C ILE L 77 55.96 31.85 7.28
N SER L 78 55.75 33.15 7.42
CA SER L 78 55.02 33.73 8.55
C SER L 78 53.61 34.13 8.12
N VAL L 79 52.63 33.86 8.97
CA VAL L 79 51.22 34.07 8.66
C VAL L 79 50.48 34.77 9.81
N PRO L 80 49.39 35.51 9.50
CA PRO L 80 48.69 36.26 10.55
C PRO L 80 48.01 35.38 11.59
N VAL L 81 47.92 35.89 12.82
CA VAL L 81 47.29 35.18 13.94
C VAL L 81 46.42 36.14 14.77
N GLY L 82 45.56 35.57 15.61
CA GLY L 82 44.65 36.34 16.46
C GLY L 82 43.26 36.51 15.85
N LYS L 83 42.50 37.44 16.40
CA LYS L 83 41.09 37.63 16.00
C LYS L 83 40.89 38.33 14.66
N ALA L 84 41.95 38.88 14.07
CA ALA L 84 41.91 39.41 12.69
C ALA L 84 41.71 38.30 11.64
N THR L 85 42.12 37.08 11.96
CA THR L 85 41.92 35.93 11.06
C THR L 85 40.48 35.40 11.06
N LEU L 86 39.72 35.66 12.13
CA LEU L 86 38.33 35.20 12.24
C LEU L 86 37.45 35.87 11.19
N GLY L 87 36.58 35.08 10.55
CA GLY L 87 35.73 35.55 9.46
C GLY L 87 36.39 35.65 8.10
N ARG L 88 37.69 35.34 8.01
CA ARG L 88 38.48 35.53 6.79
C ARG L 88 38.88 34.20 6.18
N VAL L 89 39.23 34.24 4.89
CA VAL L 89 39.65 33.06 4.12
C VAL L 89 41.06 33.30 3.61
N PHE L 90 41.95 32.33 3.85
CA PHE L 90 43.40 32.48 3.58
C PHE L 90 43.92 31.44 2.58
N ASN L 91 45.14 31.69 2.09
CA ASN L 91 45.92 30.73 1.31
C ASN L 91 47.14 30.26 2.10
N VAL L 92 47.96 29.39 1.52
CA VAL L 92 49.15 28.83 2.19
C VAL L 92 50.10 29.89 2.79
N LEU L 93 50.25 31.03 2.11
CA LEU L 93 51.15 32.11 2.55
C LEU L 93 50.54 33.06 3.59
N GLY L 94 49.31 32.80 4.03
CA GLY L 94 48.63 33.64 5.02
C GLY L 94 48.09 34.94 4.46
N GLU L 95 47.89 34.99 3.14
CA GLU L 95 47.35 36.16 2.45
C GLU L 95 45.84 35.99 2.29
N PRO L 96 45.08 37.10 2.36
CA PRO L 96 43.62 37.00 2.22
C PRO L 96 43.19 36.74 0.78
N ILE L 97 42.32 35.75 0.59
CA ILE L 97 41.76 35.40 -0.74
C ILE L 97 40.25 35.61 -0.81
N ASP L 98 39.68 36.30 0.19
CA ASP L 98 38.23 36.56 0.27
C ASP L 98 37.80 37.89 -0.35
N GLU L 99 38.77 38.70 -0.80
CA GLU L 99 38.50 39.98 -1.47
C GLU L 99 37.82 41.00 -0.55
N GLN L 100 38.18 40.98 0.74
CA GLN L 100 37.62 41.89 1.76
C GLN L 100 38.70 42.71 2.46
N GLY L 101 39.63 43.25 1.68
CA GLY L 101 40.66 44.15 2.20
C GLY L 101 41.78 43.48 2.99
N GLU L 102 42.53 44.30 3.70
CA GLU L 102 43.72 43.86 4.43
C GLU L 102 43.39 43.12 5.72
N VAL L 103 44.41 42.49 6.31
CA VAL L 103 44.29 41.74 7.57
C VAL L 103 45.17 42.43 8.61
N ASN L 104 44.55 43.24 9.47
CA ASN L 104 45.25 44.00 10.50
C ASN L 104 45.52 43.13 11.74
N ALA L 105 46.50 42.24 11.61
CA ALA L 105 46.86 41.30 12.66
C ALA L 105 47.89 41.92 13.61
N GLU L 106 47.88 41.46 14.86
CA GLU L 106 48.82 41.90 15.89
C GLU L 106 50.23 41.38 15.56
N GLU L 107 50.34 40.07 15.38
CA GLU L 107 51.62 39.40 15.11
C GLU L 107 51.54 38.52 13.87
N ARG L 108 52.71 38.03 13.45
CA ARG L 108 52.83 37.06 12.36
C ARG L 108 53.78 35.95 12.81
N HIS L 109 53.24 34.77 13.12
CA HIS L 109 54.03 33.63 13.60
C HIS L 109 54.46 32.72 12.44
N PRO L 110 55.64 32.07 12.57
CA PRO L 110 56.11 31.16 11.52
C PRO L 110 55.33 29.84 11.53
N ILE L 111 55.09 29.29 10.34
CA ILE L 111 54.32 28.04 10.21
C ILE L 111 55.02 26.80 10.79
N HIS L 112 56.35 26.82 10.82
CA HIS L 112 57.14 25.73 11.43
C HIS L 112 57.40 26.00 12.91
N ARG L 113 57.41 24.92 13.70
CA ARG L 113 57.39 25.00 15.16
C ARG L 113 57.67 23.62 15.75
N PRO L 114 58.41 23.54 16.89
CA PRO L 114 58.55 22.24 17.57
C PRO L 114 57.24 21.75 18.21
N ALA L 115 57.14 20.45 18.43
CA ALA L 115 55.97 19.86 19.09
C ALA L 115 55.99 20.16 20.59
N PRO L 116 54.82 20.08 21.27
CA PRO L 116 54.78 20.34 22.71
C PRO L 116 55.54 19.30 23.55
N GLU L 117 55.90 19.70 24.77
CA GLU L 117 56.61 18.83 25.71
C GLU L 117 55.69 17.74 26.27
N PHE L 118 56.30 16.66 26.74
CA PHE L 118 55.56 15.57 27.43
C PHE L 118 54.81 16.08 28.66
N GLU L 119 55.45 16.99 29.39
CA GLU L 119 54.87 17.64 30.58
C GLU L 119 53.57 18.42 30.29
N GLU L 120 53.48 19.00 29.09
CA GLU L 120 52.30 19.80 28.68
C GLU L 120 51.04 18.98 28.35
N LEU L 121 51.19 17.68 28.08
CA LEU L 121 50.11 16.86 27.51
C LEU L 121 49.28 16.09 28.56
N SER L 122 48.06 15.75 28.17
CA SER L 122 47.17 14.87 28.96
C SER L 122 46.20 14.12 28.03
N THR L 123 45.31 13.32 28.61
CA THR L 123 44.29 12.57 27.85
C THR L 123 42.92 13.26 27.88
N ALA L 124 42.09 12.93 26.89
CA ALA L 124 40.74 13.46 26.74
C ALA L 124 39.71 12.43 27.21
N ASP L 125 39.09 12.68 28.37
CA ASP L 125 38.19 11.71 29.04
C ASP L 125 36.69 12.02 28.92
N GLU L 126 36.33 13.27 28.60
CA GLU L 126 34.93 13.70 28.57
C GLU L 126 34.32 13.49 27.18
N ILE L 127 33.14 12.86 27.13
CA ILE L 127 32.44 12.56 25.86
C ILE L 127 31.96 13.83 25.15
N LEU L 128 32.04 13.81 23.82
CA LEU L 128 31.54 14.88 22.96
C LEU L 128 30.39 14.36 22.12
N GLU L 129 29.18 14.82 22.42
CA GLU L 129 27.96 14.40 21.71
C GLU L 129 27.95 14.96 20.28
N THR L 130 27.94 14.07 19.29
CA THR L 130 27.85 14.44 17.88
C THR L 130 26.41 14.51 17.37
N GLY L 131 25.53 13.68 17.94
CA GLY L 131 24.16 13.52 17.44
C GLY L 131 24.00 12.46 16.35
N ILE L 132 25.10 11.80 15.99
CA ILE L 132 25.10 10.73 14.99
C ILE L 132 25.11 9.41 15.76
N LYS L 133 24.19 8.51 15.43
CA LYS L 133 23.94 7.30 16.23
C LYS L 133 25.13 6.34 16.29
N VAL L 134 25.63 5.95 15.11
CA VAL L 134 26.74 4.99 14.99
C VAL L 134 28.02 5.43 15.72
N ILE L 135 28.32 6.74 15.65
CA ILE L 135 29.50 7.30 16.32
C ILE L 135 29.31 7.32 17.83
N ASP L 136 28.23 7.97 18.30
CA ASP L 136 27.96 8.12 19.73
C ASP L 136 27.87 6.79 20.49
N LEU L 137 27.32 5.77 19.85
CA LEU L 137 27.20 4.44 20.44
C LEU L 137 28.54 3.68 20.44
N LEU L 138 29.03 3.37 19.23
CA LEU L 138 30.10 2.37 19.05
C LEU L 138 31.54 2.91 19.11
N ALA L 139 31.73 4.20 18.83
CA ALA L 139 33.08 4.80 18.82
C ALA L 139 33.01 6.32 19.07
N PRO L 140 32.61 6.71 20.30
CA PRO L 140 32.32 8.13 20.58
C PRO L 140 33.56 9.03 20.63
N TYR L 141 33.38 10.29 20.22
CA TYR L 141 34.46 11.28 20.24
C TYR L 141 34.62 11.88 21.63
N ALA L 142 35.82 12.39 21.91
CA ALA L 142 36.15 13.00 23.19
C ALA L 142 36.42 14.50 23.00
N LYS L 143 36.09 15.29 24.02
CA LYS L 143 36.34 16.74 24.01
C LYS L 143 37.83 17.03 24.17
N GLY L 144 38.36 17.87 23.30
CA GLY L 144 39.79 18.16 23.27
C GLY L 144 40.65 17.00 22.81
N GLY L 145 40.06 16.03 22.11
CA GLY L 145 40.73 14.82 21.66
C GLY L 145 40.96 14.83 20.16
N LYS L 146 41.65 13.81 19.67
CA LYS L 146 42.00 13.69 18.25
C LYS L 146 41.10 12.69 17.53
N ILE L 147 40.28 13.20 16.62
CA ILE L 147 39.33 12.42 15.83
C ILE L 147 39.84 12.29 14.39
N GLY L 148 39.70 11.09 13.82
CA GLY L 148 40.08 10.81 12.44
C GLY L 148 38.95 10.17 11.66
N LEU L 149 38.63 10.72 10.49
CA LEU L 149 37.59 10.21 9.61
C LEU L 149 38.23 9.46 8.43
N PHE L 150 38.44 8.15 8.60
CA PHE L 150 39.01 7.30 7.57
C PHE L 150 37.96 6.92 6.52
N GLY L 151 38.38 6.91 5.26
CA GLY L 151 37.52 6.40 4.19
C GLY L 151 38.18 6.41 2.83
N GLY L 152 37.72 5.50 1.97
CA GLY L 152 38.15 5.46 0.57
C GLY L 152 37.55 6.57 -0.27
N ALA L 153 37.79 6.50 -1.58
CA ALA L 153 37.36 7.56 -2.50
C ALA L 153 35.84 7.54 -2.68
N GLY L 154 35.16 8.56 -2.16
CA GLY L 154 33.71 8.73 -2.31
C GLY L 154 32.84 7.90 -1.38
N VAL L 155 33.33 7.59 -0.17
CA VAL L 155 32.56 6.82 0.82
C VAL L 155 31.80 7.69 1.82
N GLY L 156 32.29 8.91 2.07
CA GLY L 156 31.56 9.91 2.87
C GLY L 156 32.33 10.67 3.96
N LYS L 157 33.59 11.02 3.69
CA LYS L 157 34.40 11.78 4.64
C LYS L 157 33.99 13.24 4.72
N THR L 158 33.84 13.89 3.56
CA THR L 158 33.47 15.30 3.47
C THR L 158 32.03 15.56 3.94
N VAL L 159 31.10 14.67 3.57
CA VAL L 159 29.72 14.77 4.04
C VAL L 159 29.66 14.62 5.57
N LEU L 160 30.47 13.70 6.11
CA LEU L 160 30.52 13.49 7.56
C LEU L 160 31.11 14.69 8.32
N ILE L 161 32.23 15.22 7.84
CA ILE L 161 32.88 16.35 8.52
C ILE L 161 32.02 17.63 8.45
N GLN L 162 31.34 17.83 7.32
CA GLN L 162 30.36 18.93 7.18
C GLN L 162 29.17 18.80 8.13
N GLU L 163 28.73 17.56 8.37
CA GLU L 163 27.67 17.28 9.35
C GLU L 163 28.15 17.53 10.79
N LEU L 164 29.40 17.18 11.08
CA LEU L 164 29.99 17.47 12.39
C LEU L 164 30.18 18.97 12.64
N ILE L 165 30.45 19.74 11.58
CA ILE L 165 30.45 21.21 11.66
C ILE L 165 29.03 21.70 11.96
N ASN L 166 28.04 21.16 11.24
CA ASN L 166 26.64 21.53 11.43
C ASN L 166 26.12 21.20 12.84
N ASN L 167 26.54 20.06 13.40
CA ASN L 167 26.05 19.59 14.71
C ASN L 167 26.84 20.15 15.89
N VAL L 168 28.17 20.12 15.80
CA VAL L 168 29.04 20.47 16.94
C VAL L 168 29.41 21.96 16.95
N ALA L 169 29.88 22.47 15.82
CA ALA L 169 30.39 23.85 15.74
C ALA L 169 29.32 24.95 15.75
N GLN L 170 28.05 24.59 15.51
CA GLN L 170 26.94 25.56 15.47
C GLN L 170 26.73 26.24 16.83
N GLU L 171 26.57 25.42 17.87
CA GLU L 171 26.37 25.92 19.25
C GLU L 171 27.65 25.76 20.08
N HIS L 172 28.78 26.21 19.52
CA HIS L 172 30.09 26.12 20.15
C HIS L 172 30.47 27.49 20.71
N GLY L 173 30.76 27.54 22.02
CA GLY L 173 31.11 28.78 22.70
C GLY L 173 32.45 29.37 22.29
N GLY L 174 33.40 28.51 21.95
CA GLY L 174 34.74 28.94 21.55
C GLY L 174 34.89 29.22 20.06
N LEU L 175 36.14 29.16 19.58
CA LEU L 175 36.51 29.48 18.20
C LEU L 175 36.74 28.22 17.37
N SER L 176 36.90 28.41 16.06
CA SER L 176 37.10 27.30 15.10
C SER L 176 38.12 27.65 14.02
N VAL L 177 38.68 26.61 13.40
CA VAL L 177 39.57 26.74 12.25
C VAL L 177 39.28 25.61 11.26
N PHE L 178 39.10 25.96 9.98
CA PHE L 178 38.97 24.97 8.90
C PHE L 178 40.17 25.07 7.97
N ALA L 179 40.77 23.93 7.66
CA ALA L 179 41.88 23.84 6.72
C ALA L 179 41.48 22.96 5.55
N GLY L 180 41.35 23.57 4.36
CA GLY L 180 41.14 22.84 3.12
C GLY L 180 42.48 22.44 2.53
N VAL L 181 42.78 21.15 2.59
CA VAL L 181 44.09 20.62 2.21
C VAL L 181 43.94 19.65 1.04
N GLY L 182 44.28 20.12 -0.16
CA GLY L 182 44.34 19.29 -1.37
C GLY L 182 43.04 18.64 -1.81
N GLU L 183 41.91 19.30 -1.57
CA GLU L 183 40.60 18.77 -1.93
C GLU L 183 39.89 19.68 -2.94
N ARG L 184 38.59 19.47 -3.17
CA ARG L 184 37.87 20.18 -4.23
C ARG L 184 37.59 21.62 -3.85
N THR L 185 37.84 22.54 -4.80
CA THR L 185 37.61 23.98 -4.59
C THR L 185 36.10 24.30 -4.53
N ARG L 186 35.30 23.55 -5.29
CA ARG L 186 33.83 23.61 -5.18
C ARG L 186 33.35 23.47 -3.73
N GLU L 187 33.92 22.50 -3.02
CA GLU L 187 33.54 22.21 -1.63
C GLU L 187 33.95 23.30 -0.65
N GLY L 188 35.05 24.00 -0.95
CA GLY L 188 35.46 25.19 -0.20
C GLY L 188 34.49 26.35 -0.37
N ASN L 189 34.02 26.55 -1.59
CA ASN L 189 32.99 27.57 -1.90
C ASN L 189 31.64 27.20 -1.27
N ASP L 190 31.27 25.93 -1.35
CA ASP L 190 30.04 25.42 -0.73
C ASP L 190 30.03 25.65 0.78
N LEU L 191 31.14 25.26 1.43
CA LEU L 191 31.26 25.38 2.89
C LEU L 191 31.32 26.83 3.37
N TYR L 192 32.01 27.70 2.62
CA TYR L 192 32.12 29.13 2.95
C TYR L 192 30.75 29.81 2.97
N HIS L 193 29.99 29.66 1.89
CA HIS L 193 28.64 30.21 1.79
C HIS L 193 27.66 29.57 2.79
N GLU L 194 27.86 28.29 3.12
CA GLU L 194 27.06 27.61 4.14
C GLU L 194 27.35 28.15 5.54
N MET L 195 28.64 28.36 5.84
CA MET L 195 29.06 28.99 7.10
C MET L 195 28.65 30.47 7.19
N LYS L 196 28.60 31.15 6.04
CA LYS L 196 28.14 32.54 5.97
C LYS L 196 26.64 32.67 6.27
N ASP L 197 25.84 31.74 5.73
CA ASP L 197 24.39 31.73 5.95
C ASP L 197 24.01 31.38 7.40
N SER L 198 24.67 30.35 7.95
CA SER L 198 24.42 29.91 9.33
C SER L 198 24.97 30.86 10.40
N GLY L 199 25.95 31.70 10.03
CA GLY L 199 26.58 32.64 10.96
C GLY L 199 27.83 32.10 11.66
N VAL L 200 28.24 30.88 11.31
CA VAL L 200 29.41 30.23 11.92
C VAL L 200 30.72 30.85 11.43
N ILE L 201 30.70 31.47 10.24
CA ILE L 201 31.88 32.15 9.66
C ILE L 201 32.58 33.13 10.62
N SER L 202 31.79 33.86 11.42
CA SER L 202 32.36 34.81 12.40
C SER L 202 33.22 34.16 13.50
N LYS L 203 32.94 32.90 13.82
CA LYS L 203 33.74 32.12 14.78
C LYS L 203 34.93 31.39 14.15
N THR L 204 35.04 31.38 12.81
CA THR L 204 35.90 30.44 12.09
C THR L 204 36.93 31.14 11.18
N SER L 205 38.20 30.75 11.32
CA SER L 205 39.26 31.13 10.38
C SER L 205 39.41 30.01 9.34
N MET L 206 39.37 30.37 8.06
CA MET L 206 39.45 29.40 6.96
C MET L 206 40.75 29.53 6.17
N VAL L 207 41.36 28.38 5.85
CA VAL L 207 42.56 28.32 5.01
C VAL L 207 42.32 27.29 3.90
N PHE L 208 42.76 27.58 2.69
CA PHE L 208 42.57 26.69 1.54
C PHE L 208 43.82 26.56 0.68
N GLY L 209 44.22 25.32 0.41
CA GLY L 209 45.30 24.98 -0.51
C GLY L 209 44.91 23.71 -1.23
N GLN L 210 44.12 23.87 -2.28
CA GLN L 210 43.35 22.76 -2.87
C GLN L 210 44.09 22.00 -3.98
N MET L 211 43.47 20.94 -4.49
CA MET L 211 44.11 20.04 -5.48
C MET L 211 44.49 20.66 -6.82
N ASN L 212 43.97 21.85 -7.13
CA ASN L 212 44.48 22.65 -8.25
C ASN L 212 45.91 23.17 -8.04
N GLU L 213 46.32 23.33 -6.79
CA GLU L 213 47.59 23.98 -6.45
C GLU L 213 48.77 23.02 -6.63
N PRO L 214 49.99 23.56 -6.85
CA PRO L 214 51.19 22.72 -6.86
C PRO L 214 51.47 22.05 -5.50
N PRO L 215 52.33 21.00 -5.48
CA PRO L 215 52.51 20.20 -4.25
C PRO L 215 52.97 20.98 -3.01
N GLY L 216 53.89 21.93 -3.20
CA GLY L 216 54.39 22.75 -2.07
C GLY L 216 53.31 23.49 -1.31
N ALA L 217 52.31 24.00 -2.03
CA ALA L 217 51.14 24.64 -1.41
C ALA L 217 50.34 23.64 -0.58
N ARG L 218 50.08 22.46 -1.15
CA ARG L 218 49.38 21.39 -0.45
C ARG L 218 50.18 20.78 0.70
N LEU L 219 51.51 20.88 0.64
CA LEU L 219 52.39 20.41 1.70
C LEU L 219 52.33 21.29 2.97
N ARG L 220 52.24 22.61 2.81
CA ARG L 220 52.35 23.54 3.95
C ARG L 220 51.05 24.25 4.37
N VAL L 221 49.95 24.07 3.63
CA VAL L 221 48.69 24.75 3.95
C VAL L 221 48.07 24.35 5.30
N ALA L 222 48.24 23.09 5.71
CA ALA L 222 47.77 22.62 7.02
C ALA L 222 48.50 23.32 8.18
N LEU L 223 49.77 23.63 7.98
CA LEU L 223 50.57 24.34 8.99
C LEU L 223 50.10 25.79 9.17
N THR L 224 49.68 26.42 8.08
CA THR L 224 49.11 27.77 8.11
C THR L 224 47.86 27.82 8.98
N GLY L 225 46.95 26.87 8.78
CA GLY L 225 45.74 26.75 9.60
C GLY L 225 46.05 26.36 11.03
N LEU L 226 46.97 25.41 11.21
CA LEU L 226 47.38 24.95 12.54
C LEU L 226 47.99 26.05 13.40
N THR L 227 48.80 26.92 12.79
CA THR L 227 49.42 28.06 13.48
C THR L 227 48.37 29.02 14.04
N MET L 228 47.28 29.23 13.31
CA MET L 228 46.16 30.05 13.77
C MET L 228 45.43 29.37 14.93
N ALA L 229 45.22 28.06 14.83
CA ALA L 229 44.62 27.27 15.91
C ALA L 229 45.50 27.22 17.17
N GLU L 230 46.81 27.13 16.97
CA GLU L 230 47.79 27.14 18.08
C GLU L 230 47.76 28.45 18.87
N TYR L 231 47.55 29.57 18.17
CA TYR L 231 47.39 30.88 18.82
C TYR L 231 46.18 30.90 19.75
N PHE L 232 45.03 30.45 19.24
CA PHE L 232 43.78 30.42 20.01
C PHE L 232 43.85 29.46 21.21
N ARG L 233 44.67 28.42 21.11
CA ARG L 233 44.90 27.48 22.21
C ARG L 233 45.77 28.12 23.30
N ASP L 234 46.96 28.56 22.92
CA ASP L 234 47.99 29.00 23.88
C ASP L 234 47.75 30.41 24.42
N ARG L 235 47.60 31.37 23.52
CA ARG L 235 47.57 32.80 23.89
C ARG L 235 46.23 33.22 24.47
N GLU L 236 45.14 32.91 23.78
CA GLU L 236 43.79 33.21 24.26
C GLU L 236 43.23 32.03 25.07
N GLY L 237 42.35 32.34 26.00
CA GLY L 237 41.73 31.33 26.88
C GLY L 237 40.38 30.92 26.35
N GLN L 238 40.38 30.10 25.30
CA GLN L 238 39.15 29.68 24.63
C GLN L 238 39.34 28.35 23.88
N ASP L 239 38.28 27.54 23.84
CA ASP L 239 38.31 26.23 23.17
C ASP L 239 38.35 26.37 21.66
N VAL L 240 39.01 25.42 21.00
CA VAL L 240 39.22 25.45 19.55
C VAL L 240 38.73 24.14 18.92
N LEU L 241 38.05 24.26 17.78
CA LEU L 241 37.73 23.12 16.91
C LEU L 241 38.58 23.24 15.65
N LEU L 242 39.37 22.20 15.34
CA LEU L 242 40.21 22.19 14.15
C LEU L 242 39.71 21.14 13.16
N PHE L 243 39.14 21.60 12.05
CA PHE L 243 38.66 20.74 10.98
C PHE L 243 39.66 20.72 9.83
N ILE L 244 40.13 19.53 9.44
CA ILE L 244 41.05 19.37 8.31
C ILE L 244 40.46 18.38 7.31
N ASP L 245 40.36 18.81 6.05
CA ASP L 245 39.91 17.97 4.95
C ASP L 245 40.78 18.31 3.73
N ASN L 246 41.74 17.45 3.32
CA ASN L 246 42.02 16.11 3.83
C ASN L 246 43.52 16.01 4.20
N ILE L 247 43.82 15.46 5.38
CA ILE L 247 45.21 15.42 5.87
C ILE L 247 46.13 14.50 5.06
N PHE L 248 45.57 13.45 4.45
CA PHE L 248 46.34 12.60 3.51
C PHE L 248 47.13 13.42 2.48
N ARG L 249 46.52 14.50 1.99
CA ARG L 249 47.11 15.33 0.94
C ARG L 249 48.42 16.02 1.34
N PHE L 250 48.63 16.21 2.64
CA PHE L 250 49.94 16.61 3.18
C PHE L 250 51.02 15.56 2.87
N THR L 251 50.71 14.30 3.15
CA THR L 251 51.63 13.18 2.87
C THR L 251 51.86 13.01 1.37
N GLN L 252 50.79 13.04 0.59
CA GLN L 252 50.86 12.92 -0.88
C GLN L 252 51.70 14.05 -1.50
N ALA L 253 51.51 15.27 -1.00
CA ALA L 253 52.28 16.43 -1.44
C ALA L 253 53.77 16.25 -1.19
N GLY L 254 54.11 15.70 -0.02
CA GLY L 254 55.48 15.34 0.31
C GLY L 254 56.04 14.25 -0.60
N SER L 255 55.19 13.27 -0.91
CA SER L 255 55.54 12.19 -1.86
C SER L 255 55.80 12.69 -3.29
N GLU L 256 55.10 13.74 -3.71
CA GLU L 256 55.30 14.33 -5.05
C GLU L 256 56.68 14.96 -5.23
N VAL L 257 57.11 15.73 -4.23
CA VAL L 257 58.41 16.42 -4.26
C VAL L 257 59.61 15.53 -3.86
N SER L 258 59.35 14.37 -3.27
CA SER L 258 60.40 13.54 -2.63
C SER L 258 61.56 13.16 -3.53
N ALA L 259 61.25 12.63 -4.72
CA ALA L 259 62.27 12.18 -5.66
C ALA L 259 63.04 13.35 -6.28
N LEU L 260 62.36 14.48 -6.51
CA LEU L 260 63.00 15.71 -7.00
C LEU L 260 63.92 16.37 -5.95
N LEU L 261 63.60 16.17 -4.66
CA LEU L 261 64.49 16.58 -3.56
C LEU L 261 65.75 15.69 -3.41
N GLY L 262 65.78 14.56 -4.11
CA GLY L 262 66.94 13.66 -4.11
C GLY L 262 66.84 12.49 -3.14
N ARG L 263 65.61 12.12 -2.77
CA ARG L 263 65.36 11.08 -1.79
C ARG L 263 64.97 9.78 -2.50
N MET L 264 65.56 8.66 -2.08
CA MET L 264 65.22 7.35 -2.64
C MET L 264 63.84 6.92 -2.12
N PRO L 265 63.03 6.28 -2.98
CA PRO L 265 61.66 5.95 -2.58
C PRO L 265 61.55 4.82 -1.56
N SER L 266 60.47 4.84 -0.78
CA SER L 266 60.15 3.80 0.19
C SER L 266 59.10 2.87 -0.41
N ALA L 267 58.45 2.08 0.44
CA ALA L 267 57.40 1.15 0.01
C ALA L 267 56.15 1.88 -0.50
N VAL L 268 55.50 1.29 -1.49
CA VAL L 268 54.25 1.80 -2.10
C VAL L 268 54.42 3.25 -2.64
N GLY L 269 55.58 3.52 -3.23
CA GLY L 269 55.86 4.82 -3.84
C GLY L 269 55.99 6.03 -2.93
N TYR L 270 56.05 5.81 -1.61
CA TYR L 270 56.07 6.91 -0.64
C TYR L 270 57.48 7.36 -0.32
N GLN L 271 57.58 8.56 0.27
CA GLN L 271 58.86 9.10 0.75
C GLN L 271 59.38 8.28 1.94
N PRO L 272 60.71 8.20 2.10
CA PRO L 272 61.28 7.45 3.24
C PRO L 272 61.02 8.11 4.61
N THR L 273 60.77 9.42 4.60
CA THR L 273 60.51 10.20 5.81
C THR L 273 59.01 10.35 6.12
N LEU L 274 58.21 9.33 5.83
CA LEU L 274 56.74 9.41 5.97
C LEU L 274 56.33 9.61 7.42
N ALA L 275 56.81 8.72 8.29
CA ALA L 275 56.45 8.73 9.71
C ALA L 275 56.96 9.96 10.46
N THR L 276 58.18 10.38 10.17
CA THR L 276 58.80 11.56 10.81
C THR L 276 58.07 12.85 10.41
N GLU L 277 57.83 13.03 9.11
CA GLU L 277 57.08 14.19 8.60
C GLU L 277 55.65 14.25 9.15
N MET L 278 54.99 13.09 9.23
CA MET L 278 53.64 13.01 9.77
C MET L 278 53.61 13.37 11.25
N GLY L 279 54.52 12.78 12.03
CA GLY L 279 54.60 13.01 13.46
C GLY L 279 54.89 14.45 13.86
N GLN L 280 55.81 15.08 13.14
CA GLN L 280 56.19 16.48 13.41
C GLN L 280 55.08 17.49 13.09
N LEU L 281 54.15 17.11 12.20
CA LEU L 281 52.91 17.87 11.98
C LEU L 281 51.85 17.45 12.99
N GLN L 282 51.62 16.15 13.13
CA GLN L 282 50.52 15.61 13.96
C GLN L 282 50.62 15.94 15.45
N GLU L 283 51.82 15.84 16.01
CA GLU L 283 52.02 16.07 17.44
C GLU L 283 51.78 17.53 17.88
N ARG L 284 51.86 18.46 16.93
CA ARG L 284 51.43 19.84 17.16
C ARG L 284 49.91 19.96 17.28
N ILE L 285 49.18 19.17 16.49
CA ILE L 285 47.72 19.11 16.58
C ILE L 285 47.34 18.35 17.85
N THR L 286 47.12 19.08 18.95
CA THR L 286 46.81 18.46 20.24
C THR L 286 46.30 19.49 21.26
N SER L 287 45.64 18.98 22.30
CA SER L 287 45.33 19.77 23.49
C SER L 287 46.53 19.79 24.42
N THR L 288 46.65 20.87 25.19
CA THR L 288 47.73 21.04 26.17
C THR L 288 47.12 21.48 27.51
N LYS L 289 47.97 21.70 28.50
CA LYS L 289 47.54 22.32 29.77
C LYS L 289 47.03 23.76 29.60
N LYS L 290 47.55 24.48 28.60
CA LYS L 290 47.13 25.86 28.32
C LYS L 290 45.75 25.96 27.66
N GLY L 291 45.45 25.06 26.72
CA GLY L 291 44.20 25.10 25.97
C GLY L 291 43.77 23.77 25.36
N SER L 292 42.53 23.74 24.89
CA SER L 292 41.90 22.54 24.33
C SER L 292 41.67 22.67 22.83
N ILE L 293 42.22 21.75 22.04
CA ILE L 293 41.92 21.61 20.62
C ILE L 293 41.20 20.28 20.39
N THR L 294 39.97 20.34 19.89
CA THR L 294 39.25 19.17 19.40
C THR L 294 39.49 19.08 17.88
N SER L 295 40.42 18.22 17.47
CA SER L 295 40.79 18.08 16.07
C SER L 295 39.98 16.97 15.39
N ILE L 296 39.38 17.29 14.25
CA ILE L 296 38.63 16.34 13.42
C ILE L 296 39.24 16.38 12.02
N GLN L 297 39.86 15.27 11.61
CA GLN L 297 40.63 15.21 10.36
C GLN L 297 40.10 14.14 9.42
N ALA L 298 39.79 14.53 8.19
CA ALA L 298 39.44 13.57 7.13
C ALA L 298 40.73 12.92 6.63
N ILE L 299 40.69 11.59 6.45
CA ILE L 299 41.87 10.80 6.11
C ILE L 299 41.54 9.89 4.92
N TYR L 300 42.10 10.20 3.74
CA TYR L 300 41.87 9.39 2.54
C TYR L 300 42.63 8.08 2.63
N VAL L 301 41.95 6.99 2.27
CA VAL L 301 42.51 5.65 2.23
C VAL L 301 42.62 5.24 0.74
N PRO L 302 43.84 5.34 0.15
CA PRO L 302 43.97 5.01 -1.28
C PRO L 302 43.64 3.55 -1.61
N ALA L 303 42.86 3.35 -2.68
CA ALA L 303 42.44 2.03 -3.15
C ALA L 303 41.58 1.25 -2.14
N ASP L 304 40.90 1.96 -1.25
CA ASP L 304 40.19 1.36 -0.10
C ASP L 304 41.07 0.42 0.75
N ASP L 305 42.38 0.65 0.74
CA ASP L 305 43.35 -0.23 1.37
C ASP L 305 43.85 0.41 2.67
N TYR L 306 43.31 -0.05 3.80
CA TYR L 306 43.73 0.44 5.13
C TYR L 306 45.17 0.06 5.51
N THR L 307 45.74 -0.95 4.83
CA THR L 307 47.14 -1.35 5.05
C THR L 307 48.14 -0.40 4.36
N ASP L 308 47.65 0.47 3.46
CA ASP L 308 48.48 1.49 2.81
C ASP L 308 49.28 2.29 3.86
N PRO L 309 50.59 2.53 3.62
CA PRO L 309 51.44 3.23 4.59
C PRO L 309 50.89 4.54 5.16
N ALA L 310 50.21 5.34 4.33
CA ALA L 310 49.69 6.65 4.77
C ALA L 310 48.61 6.55 5.86
N PRO L 311 47.47 5.88 5.57
CA PRO L 311 46.48 5.71 6.64
C PRO L 311 46.94 4.82 7.80
N ALA L 312 47.74 3.79 7.50
CA ALA L 312 48.31 2.91 8.53
C ALA L 312 49.14 3.66 9.57
N THR L 313 49.99 4.57 9.10
CA THR L 313 50.81 5.41 9.98
C THR L 313 49.97 6.45 10.75
N THR L 314 48.91 6.94 10.12
CA THR L 314 48.02 7.94 10.74
C THR L 314 47.28 7.43 11.99
N PHE L 315 46.98 6.13 12.04
CA PHE L 315 46.25 5.52 13.17
C PHE L 315 46.85 5.80 14.55
N ALA L 316 48.17 5.89 14.63
CA ALA L 316 48.86 6.19 15.90
C ALA L 316 48.54 7.56 16.50
N HIS L 317 48.08 8.50 15.68
CA HIS L 317 47.85 9.89 16.11
C HIS L 317 46.40 10.20 16.54
N LEU L 318 45.59 9.19 16.84
CA LEU L 318 44.15 9.40 17.05
C LEU L 318 43.62 8.77 18.34
N ASP L 319 42.68 9.46 18.98
CA ASP L 319 41.96 8.97 20.16
C ASP L 319 40.63 8.29 19.78
N ALA L 320 40.04 8.69 18.65
CA ALA L 320 38.88 8.01 18.08
C ALA L 320 39.00 7.95 16.55
N THR L 321 38.51 6.86 15.97
CA THR L 321 38.58 6.63 14.52
C THR L 321 37.21 6.22 13.97
N THR L 322 36.71 6.96 12.97
CA THR L 322 35.50 6.60 12.23
C THR L 322 35.93 5.95 10.91
N ASN L 323 35.80 4.63 10.85
CA ASN L 323 36.30 3.84 9.72
C ASN L 323 35.19 3.62 8.70
N LEU L 324 35.20 4.39 7.62
CA LEU L 324 34.21 4.24 6.55
C LEU L 324 34.60 3.11 5.62
N GLU L 325 33.61 2.34 5.15
CA GLU L 325 33.82 1.23 4.22
C GLU L 325 32.85 1.34 3.04
N ARG L 326 33.32 0.97 1.85
CA ARG L 326 32.52 1.09 0.62
C ARG L 326 31.34 0.12 0.57
N LYS L 327 31.51 -1.09 1.10
CA LYS L 327 30.45 -2.11 1.08
C LYS L 327 29.16 -1.68 1.77
N LEU L 328 29.28 -0.90 2.85
CA LEU L 328 28.11 -0.28 3.51
C LEU L 328 27.51 0.83 2.65
N ALA L 329 28.38 1.69 2.09
CA ALA L 329 27.95 2.75 1.17
C ALA L 329 27.32 2.20 -0.12
N GLU L 330 27.78 1.03 -0.55
CA GLU L 330 27.25 0.35 -1.74
C GLU L 330 25.81 -0.16 -1.54
N MET L 331 25.47 -0.52 -0.30
CA MET L 331 24.10 -0.88 0.08
C MET L 331 23.16 0.31 0.25
N GLY L 332 23.72 1.49 0.49
CA GLY L 332 22.95 2.68 0.85
C GLY L 332 22.98 3.03 2.33
N ILE L 333 23.79 2.30 3.11
CA ILE L 333 23.93 2.55 4.55
C ILE L 333 24.84 3.77 4.69
N TYR L 334 24.25 4.91 5.06
CA TYR L 334 24.98 6.15 5.31
C TYR L 334 24.62 6.68 6.71
N PRO L 335 25.59 7.18 7.48
CA PRO L 335 27.01 7.21 7.14
C PRO L 335 27.60 5.79 7.14
N ALA L 336 28.48 5.50 6.18
CA ALA L 336 28.97 4.14 5.95
C ALA L 336 30.04 3.71 6.96
N VAL L 337 29.70 3.78 8.25
CA VAL L 337 30.65 3.58 9.34
C VAL L 337 30.76 2.09 9.67
N ASP L 338 31.99 1.58 9.67
CA ASP L 338 32.27 0.20 10.07
C ASP L 338 32.02 0.07 11.58
N PRO L 339 31.03 -0.73 12.00
CA PRO L 339 30.67 -0.81 13.41
C PRO L 339 31.69 -1.56 14.30
N LEU L 340 32.56 -2.36 13.68
CA LEU L 340 33.57 -3.14 14.40
C LEU L 340 34.94 -2.46 14.37
N ALA L 341 35.39 -2.08 13.17
CA ALA L 341 36.71 -1.47 12.96
C ALA L 341 36.84 -0.02 13.48
N SER L 342 35.72 0.69 13.60
CA SER L 342 35.72 2.01 14.24
C SER L 342 35.94 1.84 15.72
N THR L 343 36.81 2.67 16.30
CA THR L 343 37.24 2.53 17.69
C THR L 343 37.33 3.87 18.40
N SER L 344 37.34 3.80 19.74
CA SER L 344 37.46 4.98 20.58
C SER L 344 38.13 4.63 21.91
N ARG L 345 38.95 5.55 22.41
CA ARG L 345 39.66 5.38 23.67
C ARG L 345 38.72 5.49 24.88
N ILE L 346 37.61 6.21 24.71
CA ILE L 346 36.63 6.45 25.78
C ILE L 346 35.41 5.50 25.77
N LEU L 347 35.45 4.45 24.94
CA LEU L 347 34.42 3.40 24.96
C LEU L 347 34.68 2.46 26.14
N SER L 348 34.21 2.85 27.32
CA SER L 348 34.35 2.04 28.53
C SER L 348 33.29 2.42 29.58
N PRO L 349 32.98 1.51 30.52
CA PRO L 349 31.95 1.80 31.54
C PRO L 349 32.21 3.05 32.40
N ALA L 350 33.48 3.36 32.66
CA ALA L 350 33.86 4.53 33.47
C ALA L 350 33.40 5.86 32.87
N VAL L 351 33.45 5.98 31.54
CA VAL L 351 33.08 7.23 30.84
C VAL L 351 31.60 7.24 30.45
N VAL L 352 31.17 6.27 29.66
CA VAL L 352 29.82 6.25 29.07
C VAL L 352 28.75 5.51 29.89
N GLY L 353 29.15 4.83 30.97
CA GLY L 353 28.22 4.09 31.82
C GLY L 353 28.12 2.63 31.45
N GLU L 354 27.60 1.82 32.37
CA GLU L 354 27.55 0.36 32.21
C GLU L 354 26.53 -0.09 31.15
N GLU L 355 25.41 0.63 31.04
CA GLU L 355 24.37 0.31 30.06
C GLU L 355 24.83 0.60 28.63
N HIS L 356 25.42 1.78 28.42
CA HIS L 356 25.96 2.20 27.11
C HIS L 356 26.98 1.19 26.58
N TYR L 357 27.93 0.81 27.42
CA TYR L 357 28.99 -0.13 27.06
C TYR L 357 28.45 -1.53 26.73
N ARG L 358 27.45 -1.98 27.50
CA ARG L 358 26.83 -3.29 27.30
C ARG L 358 26.03 -3.35 25.99
N VAL L 359 25.26 -2.29 25.71
CA VAL L 359 24.47 -2.19 24.47
C VAL L 359 25.37 -2.08 23.25
N ALA L 360 26.39 -1.23 23.35
CA ALA L 360 27.40 -1.06 22.28
C ALA L 360 28.13 -2.36 21.95
N ARG L 361 28.55 -3.08 23.00
CA ARG L 361 29.18 -4.39 22.86
C ARG L 361 28.23 -5.47 22.33
N GLY L 362 26.96 -5.41 22.74
CA GLY L 362 25.92 -6.30 22.22
C GLY L 362 25.69 -6.16 20.74
N VAL L 363 25.64 -4.92 20.26
CA VAL L 363 25.53 -4.61 18.83
C VAL L 363 26.70 -5.22 18.03
N GLN L 364 27.91 -5.09 18.55
CA GLN L 364 29.12 -5.62 17.89
C GLN L 364 29.15 -7.14 17.80
N GLN L 365 28.69 -7.83 18.84
CA GLN L 365 28.64 -9.30 18.85
C GLN L 365 27.59 -9.86 17.87
N VAL L 366 26.43 -9.20 17.79
CA VAL L 366 25.38 -9.58 16.84
C VAL L 366 25.85 -9.37 15.39
N LEU L 367 26.48 -8.23 15.13
CA LEU L 367 27.01 -7.92 13.79
C LEU L 367 28.24 -8.77 13.41
N GLN L 368 29.05 -9.14 14.39
CA GLN L 368 30.18 -10.07 14.19
C GLN L 368 29.68 -11.46 13.78
N ARG L 369 28.65 -11.95 14.48
CA ARG L 369 28.06 -13.25 14.19
C ARG L 369 27.38 -13.29 12.81
N TYR L 370 26.77 -12.17 12.41
CA TYR L 370 26.17 -12.04 11.08
C TYR L 370 27.21 -12.16 9.95
N ASN L 371 28.38 -11.55 10.16
CA ASN L 371 29.49 -11.63 9.19
C ASN L 371 30.06 -13.04 9.05
N ASP L 372 30.13 -13.77 10.17
CA ASP L 372 30.57 -15.17 10.17
C ASP L 372 29.60 -16.09 9.44
N LEU L 373 28.31 -15.77 9.47
CA LEU L 373 27.27 -16.56 8.80
C LEU L 373 27.06 -16.21 7.31
N GLN L 374 27.46 -15.00 6.90
CA GLN L 374 27.21 -14.53 5.52
C GLN L 374 27.77 -15.46 4.43
N ASP L 375 29.03 -15.86 4.59
CA ASP L 375 29.67 -16.81 3.66
C ASP L 375 29.06 -18.23 3.71
N ILE L 376 28.56 -18.62 4.89
CA ILE L 376 27.88 -19.91 5.07
C ILE L 376 26.48 -19.90 4.43
N ILE L 377 25.72 -18.84 4.67
CA ILE L 377 24.36 -18.67 4.12
C ILE L 377 24.37 -18.61 2.59
N ALA L 378 25.36 -17.91 2.03
CA ALA L 378 25.43 -17.64 0.58
C ALA L 378 25.38 -18.89 -0.31
N ILE L 379 26.06 -19.95 0.12
CA ILE L 379 26.12 -21.22 -0.62
C ILE L 379 25.06 -22.20 -0.10
N LEU L 380 25.07 -22.47 1.20
CA LEU L 380 24.26 -23.53 1.81
C LEU L 380 22.81 -23.16 2.15
N GLY L 381 22.46 -21.88 2.09
CA GLY L 381 21.07 -21.43 2.27
C GLY L 381 20.71 -20.96 3.66
N MET L 382 19.54 -20.31 3.75
CA MET L 382 19.08 -19.66 4.97
C MET L 382 18.44 -20.64 5.96
N ASP L 383 17.61 -21.55 5.44
CA ASP L 383 16.83 -22.48 6.29
C ASP L 383 17.64 -23.57 7.01
N GLU L 384 18.89 -23.77 6.62
CA GLU L 384 19.78 -24.75 7.28
C GLU L 384 20.37 -24.27 8.60
N LEU L 385 20.21 -22.99 8.94
CA LEU L 385 20.65 -22.45 10.23
C LEU L 385 19.69 -22.84 11.37
N SER L 386 20.14 -22.61 12.60
CA SER L 386 19.32 -22.82 13.79
C SER L 386 18.37 -21.64 14.02
N ASP L 387 17.45 -21.80 14.96
CA ASP L 387 16.49 -20.74 15.32
C ASP L 387 17.18 -19.53 15.98
N GLU L 388 18.27 -19.78 16.70
CA GLU L 388 19.07 -18.71 17.32
C GLU L 388 19.77 -17.86 16.27
N ASP L 389 20.40 -18.52 15.29
CA ASP L 389 21.12 -17.83 14.20
C ASP L 389 20.19 -17.08 13.25
N LYS L 390 19.02 -17.65 12.95
CA LYS L 390 18.00 -16.97 12.14
C LYS L 390 17.51 -15.67 12.78
N LEU L 391 17.35 -15.69 14.10
CA LEU L 391 16.98 -14.50 14.88
C LEU L 391 18.11 -13.47 14.94
N ILE L 392 19.35 -13.94 15.02
CA ILE L 392 20.54 -13.08 14.98
C ILE L 392 20.68 -12.37 13.62
N VAL L 393 20.47 -13.10 12.53
CA VAL L 393 20.50 -12.53 11.18
C VAL L 393 19.43 -11.45 11.00
N ALA L 394 18.22 -11.72 11.48
CA ALA L 394 17.10 -10.78 11.37
C ALA L 394 17.36 -9.47 12.14
N ARG L 395 17.85 -9.59 13.37
CA ARG L 395 18.17 -8.43 14.20
C ARG L 395 19.40 -7.66 13.73
N ALA L 396 20.40 -8.38 13.23
CA ALA L 396 21.62 -7.75 12.70
C ALA L 396 21.33 -6.80 11.54
N ARG L 397 20.49 -7.26 10.61
CA ARG L 397 20.08 -6.45 9.45
C ARG L 397 19.26 -5.23 9.84
N LYS L 398 18.44 -5.35 10.89
CA LYS L 398 17.69 -4.22 11.44
C LYS L 398 18.58 -3.25 12.20
N ILE L 399 19.51 -3.79 12.99
CA ILE L 399 20.53 -2.98 13.68
C ILE L 399 21.39 -2.21 12.67
N GLN L 400 21.85 -2.89 11.63
CA GLN L 400 22.66 -2.26 10.57
C GLN L 400 21.92 -1.10 9.89
N ARG L 401 20.61 -1.26 9.66
CA ARG L 401 19.79 -0.20 9.08
C ARG L 401 19.47 0.93 10.06
N PHE L 402 19.30 0.62 11.35
CA PHE L 402 19.11 1.65 12.38
C PHE L 402 20.40 2.44 12.69
N LEU L 403 21.56 1.85 12.39
CA LEU L 403 22.84 2.58 12.43
C LEU L 403 22.94 3.66 11.34
N SER L 404 22.23 3.47 10.22
CA SER L 404 22.14 4.52 9.18
C SER L 404 21.36 5.72 9.71
N GLN L 405 21.52 6.87 9.06
CA GLN L 405 20.93 8.11 9.53
C GLN L 405 20.92 9.17 8.42
N PRO L 406 19.81 9.94 8.28
CA PRO L 406 19.79 11.06 7.34
C PRO L 406 20.48 12.30 7.94
N PHE L 407 21.36 12.93 7.16
CA PHE L 407 22.14 14.09 7.62
C PHE L 407 21.53 15.41 7.13
N HIS L 408 21.67 16.45 7.96
CA HIS L 408 21.24 17.82 7.61
C HIS L 408 21.92 18.34 6.34
N VAL L 409 23.23 18.08 6.21
CA VAL L 409 24.01 18.52 5.03
C VAL L 409 23.84 17.64 3.78
N ALA L 410 23.23 16.46 3.93
CA ALA L 410 23.04 15.51 2.82
C ALA L 410 21.58 15.36 2.38
N GLU L 411 20.79 16.43 2.48
CA GLU L 411 19.37 16.40 2.05
C GLU L 411 19.22 16.25 0.54
N GLN L 412 20.14 16.87 -0.21
CA GLN L 412 20.18 16.74 -1.68
C GLN L 412 20.58 15.34 -2.19
N PHE L 413 21.16 14.50 -1.33
CA PHE L 413 21.51 13.10 -1.66
C PHE L 413 20.47 12.10 -1.14
N THR L 414 20.02 12.30 0.09
CA THR L 414 19.01 11.42 0.72
C THR L 414 17.59 11.67 0.22
N GLY L 415 17.27 12.92 -0.11
CA GLY L 415 15.92 13.31 -0.51
C GLY L 415 14.93 13.40 0.66
N MET L 416 15.43 13.57 1.87
CA MET L 416 14.60 13.71 3.07
C MET L 416 15.29 14.62 4.10
N PRO L 417 14.52 15.16 5.07
CA PRO L 417 15.14 16.01 6.10
C PRO L 417 16.13 15.27 7.01
N GLY L 418 17.18 15.99 7.43
CA GLY L 418 18.18 15.43 8.34
C GLY L 418 17.67 15.30 9.76
N LYS L 419 18.30 14.42 10.54
CA LYS L 419 17.86 14.13 11.91
C LYS L 419 19.04 14.16 12.89
N TYR L 420 18.81 14.81 14.03
CA TYR L 420 19.73 14.78 15.18
C TYR L 420 19.13 13.82 16.21
N VAL L 421 19.97 12.94 16.76
CA VAL L 421 19.54 11.92 17.72
C VAL L 421 20.42 12.01 18.97
N PRO L 422 19.84 12.33 20.14
CA PRO L 422 20.60 12.29 21.40
C PRO L 422 21.17 10.91 21.77
N VAL L 423 22.18 10.89 22.63
CA VAL L 423 22.91 9.66 22.99
C VAL L 423 22.02 8.71 23.78
N LYS L 424 21.35 9.24 24.79
CA LYS L 424 20.43 8.46 25.64
C LYS L 424 19.26 7.87 24.83
N GLU L 425 18.85 8.60 23.78
CA GLU L 425 17.83 8.13 22.85
C GLU L 425 18.39 7.02 21.92
N THR L 426 19.63 7.20 21.46
CA THR L 426 20.32 6.18 20.64
C THR L 426 20.50 4.87 21.39
N VAL L 427 21.00 4.96 22.62
CA VAL L 427 21.22 3.77 23.49
C VAL L 427 19.89 3.03 23.73
N ARG L 428 18.83 3.78 24.00
CA ARG L 428 17.49 3.21 24.20
C ARG L 428 17.01 2.45 22.96
N GLY L 429 17.23 3.03 21.78
CA GLY L 429 16.78 2.43 20.52
C GLY L 429 17.38 1.07 20.22
N PHE L 430 18.71 0.98 20.27
CA PHE L 430 19.42 -0.28 20.03
C PHE L 430 19.22 -1.32 21.13
N LYS L 431 18.98 -0.87 22.37
CA LYS L 431 18.67 -1.76 23.49
C LYS L 431 17.38 -2.54 23.24
N GLU L 432 16.33 -1.82 22.82
CA GLU L 432 15.03 -2.44 22.52
C GLU L 432 15.07 -3.41 21.34
N ILE L 433 15.97 -3.17 20.37
CA ILE L 433 16.16 -4.08 19.24
C ILE L 433 16.87 -5.37 19.68
N LEU L 434 17.86 -5.24 20.57
CA LEU L 434 18.56 -6.41 21.13
C LEU L 434 17.65 -7.27 22.01
N GLU L 435 16.80 -6.62 22.81
CA GLU L 435 15.83 -7.32 23.66
C GLU L 435 14.69 -8.00 22.87
N GLY L 436 14.46 -7.57 21.63
CA GLY L 436 13.50 -8.21 20.72
C GLY L 436 12.13 -7.56 20.65
N LYS L 437 12.05 -6.28 21.02
CA LYS L 437 10.78 -5.56 21.08
C LYS L 437 10.28 -5.05 19.71
N HIS L 438 11.14 -5.06 18.70
CA HIS L 438 10.78 -4.62 17.35
C HIS L 438 11.07 -5.69 16.28
N ASP L 439 10.88 -6.97 16.64
CA ASP L 439 11.10 -8.09 15.71
C ASP L 439 10.06 -8.19 14.59
N ASN L 440 8.86 -7.64 14.82
CA ASN L 440 7.78 -7.68 13.82
C ASN L 440 7.78 -6.49 12.85
N LEU L 441 8.61 -5.47 13.09
CA LEU L 441 8.78 -4.37 12.15
C LEU L 441 9.63 -4.83 10.96
N PRO L 442 9.32 -4.38 9.73
CA PRO L 442 10.13 -4.72 8.57
C PRO L 442 11.48 -3.99 8.56
N GLU L 443 12.40 -4.44 7.71
CA GLU L 443 13.76 -3.91 7.66
C GLU L 443 13.83 -2.45 7.23
N GLU L 444 13.03 -2.08 6.22
CA GLU L 444 12.99 -0.72 5.70
C GLU L 444 12.54 0.33 6.73
N ALA L 445 11.75 -0.10 7.72
CA ALA L 445 11.34 0.78 8.82
C ALA L 445 12.51 1.33 9.64
N PHE L 446 13.55 0.52 9.81
CA PHE L 446 14.76 0.92 10.53
C PHE L 446 15.70 1.77 9.68
N TYR L 447 15.58 1.68 8.36
CA TYR L 447 16.47 2.38 7.42
C TYR L 447 16.17 3.89 7.34
N MET L 448 17.20 4.70 7.50
CA MET L 448 17.14 6.16 7.34
C MET L 448 16.08 6.83 8.23
N VAL L 449 16.28 6.72 9.54
CA VAL L 449 15.45 7.41 10.54
C VAL L 449 16.31 7.93 11.69
N GLY L 450 15.72 8.75 12.54
CA GLY L 450 16.37 9.26 13.75
C GLY L 450 16.17 8.29 14.91
N THR L 451 15.13 8.53 15.69
CA THR L 451 14.85 7.74 16.89
C THR L 451 14.15 6.43 16.56
N ILE L 452 14.02 5.56 17.57
CA ILE L 452 13.29 4.30 17.45
C ILE L 452 11.77 4.53 17.28
N ASP L 453 11.28 5.65 17.81
CA ASP L 453 9.88 6.06 17.65
C ASP L 453 9.53 6.30 16.18
N GLU L 454 10.46 6.91 15.44
CA GLU L 454 10.30 7.16 14.01
C GLU L 454 10.27 5.88 13.17
N ALA L 455 10.99 4.85 13.63
CA ALA L 455 10.94 3.52 13.00
C ALA L 455 9.59 2.83 13.19
N VAL L 456 8.96 3.03 14.34
CA VAL L 456 7.60 2.49 14.60
C VAL L 456 6.57 3.19 13.70
N GLU L 457 6.72 4.51 13.53
CA GLU L 457 5.85 5.29 12.64
C GLU L 457 6.05 4.96 11.16
N LYS L 458 7.30 4.70 10.76
CA LYS L 458 7.62 4.36 9.36
C LYS L 458 7.06 2.99 8.94
N ALA L 459 7.03 2.04 9.87
CA ALA L 459 6.50 0.69 9.59
C ALA L 459 5.02 0.67 9.22
N LYS L 460 4.26 1.65 9.72
CA LYS L 460 2.84 1.81 9.38
C LYS L 460 2.61 2.22 7.92
N LYS L 461 3.54 3.01 7.36
CA LYS L 461 3.48 3.40 5.95
C LYS L 461 3.72 2.22 4.99
N LEU L 462 4.50 1.24 5.43
CA LEU L 462 4.84 0.07 4.63
C LEU L 462 3.77 -1.00 4.79
N MET M 1 103.57 -10.54 2.93
CA MET M 1 102.13 -10.65 3.31
C MET M 1 101.38 -9.37 2.92
N ASN M 2 100.40 -9.51 2.02
CA ASN M 2 99.70 -8.35 1.46
C ASN M 2 98.92 -7.57 2.51
N LYS M 3 99.02 -6.24 2.43
CA LYS M 3 98.36 -5.32 3.37
C LYS M 3 97.59 -4.23 2.62
N GLY M 4 96.54 -3.73 3.25
CA GLY M 4 95.69 -2.68 2.67
C GLY M 4 95.07 -1.79 3.74
N ARG M 5 94.49 -0.68 3.28
CA ARG M 5 93.87 0.33 4.17
C ARG M 5 92.37 0.35 3.98
N ILE M 6 91.63 0.58 5.06
CA ILE M 6 90.17 0.75 5.00
C ILE M 6 89.87 2.14 4.43
N ILE M 7 88.99 2.18 3.42
CA ILE M 7 88.53 3.46 2.84
C ILE M 7 87.07 3.77 3.16
N GLN M 8 86.20 2.76 3.18
CA GLN M 8 84.80 2.94 3.57
C GLN M 8 84.28 1.84 4.50
N VAL M 9 83.34 2.21 5.36
CA VAL M 9 82.63 1.30 6.26
C VAL M 9 81.15 1.68 6.21
N MET M 10 80.32 0.78 5.70
CA MET M 10 78.89 1.05 5.49
C MET M 10 78.06 -0.14 5.94
N GLY M 11 77.65 -0.11 7.21
CA GLY M 11 76.95 -1.24 7.83
C GLY M 11 77.88 -2.43 7.95
N PRO M 12 77.39 -3.65 7.64
CA PRO M 12 78.29 -4.81 7.57
C PRO M 12 79.22 -4.89 6.33
N VAL M 13 79.29 -3.84 5.51
CA VAL M 13 80.18 -3.81 4.33
C VAL M 13 81.41 -2.94 4.63
N VAL M 14 82.58 -3.41 4.19
CA VAL M 14 83.86 -2.71 4.37
C VAL M 14 84.63 -2.72 3.05
N ASP M 15 84.89 -1.53 2.50
CA ASP M 15 85.74 -1.37 1.31
C ASP M 15 87.19 -1.19 1.76
N ILE M 16 88.09 -1.99 1.20
CA ILE M 16 89.51 -1.95 1.55
C ILE M 16 90.32 -1.74 0.27
N GLN M 17 91.21 -0.73 0.29
CA GLN M 17 92.11 -0.48 -0.83
C GLN M 17 93.45 -1.19 -0.61
N PHE M 18 93.89 -1.94 -1.62
CA PHE M 18 95.18 -2.61 -1.62
C PHE M 18 96.13 -1.97 -2.63
N GLU M 19 97.40 -2.34 -2.56
CA GLU M 19 98.41 -1.84 -3.50
C GLU M 19 98.28 -2.56 -4.84
N SER M 20 98.84 -1.96 -5.89
CA SER M 20 98.67 -2.45 -7.26
C SER M 20 99.33 -3.81 -7.48
N GLY M 21 98.62 -4.72 -8.15
CA GLY M 21 99.14 -6.04 -8.48
C GLY M 21 99.25 -7.04 -7.33
N GLN M 22 98.66 -6.71 -6.17
CA GLN M 22 98.72 -7.59 -4.99
C GLN M 22 97.42 -7.49 -4.20
N LEU M 23 96.35 -7.97 -4.82
CA LEU M 23 94.99 -7.93 -4.25
C LEU M 23 94.57 -9.33 -3.76
N PRO M 24 93.64 -9.37 -2.78
CA PRO M 24 93.11 -10.64 -2.31
C PRO M 24 92.17 -11.28 -3.33
N ASP M 25 92.19 -12.61 -3.41
CA ASP M 25 91.23 -13.35 -4.22
C ASP M 25 89.82 -13.25 -3.61
N ILE M 26 88.81 -13.49 -4.45
CA ILE M 26 87.42 -13.50 -4.00
C ILE M 26 87.20 -14.68 -3.03
N TYR M 27 86.43 -14.42 -1.99
CA TYR M 27 86.22 -15.31 -0.83
C TYR M 27 87.43 -15.44 0.12
N ASN M 28 88.47 -14.61 -0.01
CA ASN M 28 89.60 -14.65 0.92
C ASN M 28 89.24 -13.99 2.24
N ALA M 29 89.68 -14.58 3.35
CA ALA M 29 89.57 -13.97 4.67
C ALA M 29 90.60 -12.84 4.79
N ILE M 30 90.15 -11.69 5.29
CA ILE M 30 91.02 -10.53 5.50
C ILE M 30 90.84 -10.08 6.95
N THR M 31 91.93 -10.10 7.72
CA THR M 31 91.88 -9.74 9.14
C THR M 31 92.17 -8.25 9.34
N ILE M 32 91.42 -7.63 10.25
CA ILE M 32 91.59 -6.21 10.61
C ILE M 32 91.68 -6.12 12.13
N GLU M 33 92.77 -5.54 12.63
CA GLU M 33 92.97 -5.34 14.07
C GLU M 33 92.09 -4.18 14.54
N ARG M 34 91.26 -4.42 15.56
CA ARG M 34 90.38 -3.39 16.11
C ARG M 34 91.17 -2.42 16.99
N PRO M 35 90.86 -1.11 16.94
CA PRO M 35 91.48 -0.12 17.84
C PRO M 35 91.33 -0.38 19.34
N GLN M 36 90.25 -1.05 19.74
CA GLN M 36 89.94 -1.32 21.15
C GLN M 36 90.09 -2.81 21.51
N GLY M 37 91.04 -3.50 20.86
CA GLY M 37 91.31 -4.91 21.11
C GLY M 37 90.43 -5.85 20.30
N GLY M 38 91.02 -6.97 19.87
CA GLY M 38 90.32 -7.98 19.07
C GLY M 38 90.59 -7.85 17.58
N THR M 39 90.06 -8.79 16.81
CA THR M 39 90.27 -8.86 15.36
C THR M 39 88.95 -9.09 14.65
N LEU M 40 88.66 -8.24 13.66
CA LEU M 40 87.53 -8.44 12.75
C LEU M 40 88.03 -9.17 11.51
N THR M 41 87.31 -10.22 11.11
CA THR M 41 87.55 -10.93 9.85
C THR M 41 86.46 -10.51 8.86
N VAL M 42 86.88 -10.20 7.64
CA VAL M 42 85.96 -9.88 6.54
C VAL M 42 86.29 -10.76 5.32
N GLU M 43 85.30 -10.97 4.47
CA GLU M 43 85.41 -11.87 3.31
C GLU M 43 85.34 -11.05 2.03
N ALA M 44 86.32 -11.22 1.15
CA ALA M 44 86.40 -10.47 -0.11
C ALA M 44 85.28 -10.88 -1.06
N ALA M 45 84.52 -9.90 -1.56
CA ALA M 45 83.31 -10.15 -2.36
C ALA M 45 83.41 -9.62 -3.79
N VAL M 46 83.71 -8.33 -3.93
CA VAL M 46 83.75 -7.65 -5.24
C VAL M 46 85.03 -6.85 -5.39
N HIS M 47 85.60 -6.86 -6.61
CA HIS M 47 86.72 -6.00 -6.98
C HIS M 47 86.16 -4.80 -7.77
N LEU M 48 86.01 -3.67 -7.08
CA LEU M 48 85.30 -2.50 -7.61
C LEU M 48 86.09 -1.70 -8.65
N GLY M 49 87.42 -1.79 -8.60
CA GLY M 49 88.31 -0.99 -9.46
C GLY M 49 89.19 -0.10 -8.60
N ASP M 50 90.24 0.44 -9.21
CA ASP M 50 91.23 1.29 -8.53
C ASP M 50 91.88 0.57 -7.33
N ASN M 51 92.07 -0.74 -7.47
CA ASN M 51 92.61 -1.62 -6.42
C ASN M 51 91.81 -1.62 -5.10
N VAL M 52 90.49 -1.42 -5.20
CA VAL M 52 89.59 -1.41 -4.05
C VAL M 52 88.79 -2.71 -4.04
N VAL M 53 88.66 -3.31 -2.86
CA VAL M 53 87.95 -4.58 -2.68
C VAL M 53 86.83 -4.39 -1.67
N ARG M 54 85.60 -4.65 -2.09
CA ARG M 54 84.43 -4.63 -1.21
C ARG M 54 84.34 -5.96 -0.47
N CYS M 55 84.19 -5.90 0.86
CA CYS M 55 84.21 -7.09 1.72
C CYS M 55 82.98 -7.19 2.62
N VAL M 56 82.55 -8.42 2.89
CA VAL M 56 81.39 -8.70 3.76
C VAL M 56 81.92 -9.09 5.14
N ALA M 57 81.45 -8.40 6.17
CA ALA M 57 81.94 -8.58 7.54
C ALA M 57 81.33 -9.80 8.23
N MET M 58 82.18 -10.54 8.96
CA MET M 58 81.76 -11.71 9.75
C MET M 58 81.46 -11.38 11.21
N ALA M 59 81.71 -10.13 11.60
CA ALA M 59 81.37 -9.62 12.93
C ALA M 59 81.04 -8.12 12.83
N SER M 60 80.76 -7.48 13.97
CA SER M 60 80.37 -6.06 14.00
C SER M 60 81.46 -5.14 13.42
N THR M 61 81.01 -4.10 12.71
CA THR M 61 81.89 -3.08 12.13
C THR M 61 81.98 -1.79 12.96
N ASP M 62 81.32 -1.76 14.13
CA ASP M 62 81.39 -0.60 15.03
C ASP M 62 82.78 -0.52 15.65
N GLY M 63 83.29 0.72 15.75
CA GLY M 63 84.64 0.97 16.25
C GLY M 63 85.71 1.07 15.18
N LEU M 64 85.40 0.66 13.95
CA LEU M 64 86.35 0.72 12.84
C LEU M 64 86.57 2.17 12.41
N VAL M 65 87.77 2.42 11.88
CA VAL M 65 88.22 3.75 11.48
C VAL M 65 88.80 3.64 10.07
N ARG M 66 88.63 4.69 9.27
CA ARG M 66 89.20 4.72 7.92
C ARG M 66 90.72 4.88 8.04
N GLY M 67 91.45 4.03 7.32
CA GLY M 67 92.92 4.05 7.33
C GLY M 67 93.60 2.93 8.11
N LEU M 68 92.83 2.12 8.84
CA LEU M 68 93.39 0.99 9.58
C LEU M 68 93.93 -0.08 8.64
N GLU M 69 94.98 -0.78 9.10
CA GLU M 69 95.60 -1.84 8.31
C GLU M 69 94.70 -3.07 8.24
N ALA M 70 94.63 -3.66 7.05
CA ALA M 70 93.87 -4.89 6.80
C ALA M 70 94.79 -5.89 6.10
N VAL M 71 94.96 -7.06 6.71
CA VAL M 71 95.91 -8.07 6.23
C VAL M 71 95.17 -9.18 5.49
N ASP M 72 95.60 -9.44 4.25
CA ASP M 72 95.11 -10.59 3.46
C ASP M 72 95.77 -11.86 3.99
N THR M 73 94.95 -12.82 4.41
CA THR M 73 95.44 -14.12 4.91
C THR M 73 95.97 -15.02 3.78
N GLY M 74 95.52 -14.77 2.55
CA GLY M 74 96.00 -15.50 1.36
C GLY M 74 95.16 -16.71 0.99
N ALA M 75 94.05 -16.92 1.69
CA ALA M 75 93.16 -18.06 1.46
C ALA M 75 91.77 -17.76 2.06
N PRO M 76 90.76 -18.61 1.76
CA PRO M 76 89.47 -18.43 2.43
C PRO M 76 89.51 -18.67 3.95
N ILE M 77 88.37 -18.47 4.60
CA ILE M 77 88.22 -18.78 6.03
C ILE M 77 88.58 -20.26 6.21
N SER M 78 89.68 -20.51 6.93
CA SER M 78 90.20 -21.86 7.12
C SER M 78 89.93 -22.31 8.54
N VAL M 79 89.38 -23.52 8.68
CA VAL M 79 88.82 -24.01 9.94
C VAL M 79 89.41 -25.38 10.29
N PRO M 80 89.54 -25.69 11.60
CA PRO M 80 90.15 -26.97 11.99
C PRO M 80 89.29 -28.18 11.64
N VAL M 81 89.95 -29.31 11.38
CA VAL M 81 89.29 -30.56 10.98
C VAL M 81 89.91 -31.74 11.72
N GLY M 82 89.18 -32.86 11.73
CA GLY M 82 89.62 -34.09 12.38
C GLY M 82 89.07 -34.27 13.78
N LYS M 83 89.69 -35.16 14.55
CA LYS M 83 89.18 -35.57 15.85
C LYS M 83 89.26 -34.50 16.95
N ALA M 84 90.08 -33.46 16.72
CA ALA M 84 90.14 -32.29 17.61
C ALA M 84 88.83 -31.47 17.64
N THR M 85 88.03 -31.56 16.58
CA THR M 85 86.73 -30.88 16.51
C THR M 85 85.61 -31.59 17.28
N LEU M 86 85.79 -32.87 17.60
CA LEU M 86 84.75 -33.67 18.25
C LEU M 86 84.52 -33.24 19.71
N GLY M 87 83.25 -33.10 20.07
CA GLY M 87 82.87 -32.63 21.40
C GLY M 87 83.05 -31.14 21.65
N ARG M 88 83.24 -30.36 20.59
CA ARG M 88 83.53 -28.93 20.68
C ARG M 88 82.48 -28.09 19.96
N VAL M 89 82.36 -26.83 20.37
CA VAL M 89 81.40 -25.88 19.79
C VAL M 89 82.18 -24.75 19.13
N PHE M 90 81.90 -24.50 17.85
CA PHE M 90 82.65 -23.54 17.03
C PHE M 90 81.78 -22.39 16.50
N ASN M 91 82.45 -21.37 15.99
CA ASN M 91 81.81 -20.28 15.23
C ASN M 91 82.15 -20.44 13.74
N VAL M 92 81.71 -19.49 12.92
CA VAL M 92 81.99 -19.50 11.46
C VAL M 92 83.48 -19.56 11.11
N LEU M 93 84.32 -18.89 11.92
CA LEU M 93 85.77 -18.83 11.68
C LEU M 93 86.56 -20.06 12.17
N GLY M 94 85.88 -21.05 12.76
CA GLY M 94 86.53 -22.25 13.27
C GLY M 94 87.19 -22.07 14.63
N GLU M 95 86.81 -21.01 15.35
CA GLU M 95 87.33 -20.73 16.69
C GLU M 95 86.38 -21.33 17.71
N PRO M 96 86.91 -21.89 18.83
CA PRO M 96 86.03 -22.46 19.84
C PRO M 96 85.26 -21.40 20.62
N ILE M 97 83.96 -21.62 20.83
CA ILE M 97 83.10 -20.74 21.63
C ILE M 97 82.58 -21.41 22.91
N ASP M 98 83.12 -22.59 23.23
CA ASP M 98 82.72 -23.36 24.42
C ASP M 98 83.58 -23.08 25.65
N GLU M 99 84.68 -22.32 25.47
CA GLU M 99 85.61 -21.96 26.54
C GLU M 99 86.25 -23.19 27.19
N GLN M 100 86.63 -24.16 26.36
CA GLN M 100 87.24 -25.41 26.81
C GLN M 100 88.72 -25.51 26.40
N GLY M 101 89.32 -24.38 26.04
CA GLY M 101 90.74 -24.32 25.69
C GLY M 101 91.01 -24.27 24.19
N GLU M 102 92.27 -24.54 23.83
CA GLU M 102 92.72 -24.48 22.44
C GLU M 102 92.23 -25.71 21.67
N VAL M 103 92.16 -25.58 20.35
CA VAL M 103 91.82 -26.69 19.45
C VAL M 103 93.06 -27.04 18.63
N ASN M 104 93.86 -27.95 19.18
CA ASN M 104 95.16 -28.30 18.61
C ASN M 104 95.00 -29.36 17.51
N ALA M 105 94.61 -28.89 16.32
CA ALA M 105 94.45 -29.74 15.14
C ALA M 105 95.64 -29.58 14.20
N GLU M 106 95.93 -30.64 13.44
CA GLU M 106 97.07 -30.65 12.52
C GLU M 106 96.81 -29.84 11.24
N GLU M 107 95.60 -29.96 10.68
CA GLU M 107 95.23 -29.28 9.44
C GLU M 107 94.07 -28.31 9.62
N ARG M 108 94.09 -27.24 8.83
CA ARG M 108 92.99 -26.28 8.71
C ARG M 108 92.61 -26.18 7.23
N HIS M 109 91.38 -26.57 6.89
CA HIS M 109 90.90 -26.58 5.51
C HIS M 109 89.98 -25.39 5.20
N PRO M 110 90.05 -24.86 3.96
CA PRO M 110 89.21 -23.71 3.57
C PRO M 110 87.76 -24.10 3.36
N ILE M 111 86.85 -23.24 3.82
CA ILE M 111 85.39 -23.51 3.73
C ILE M 111 84.82 -23.33 2.32
N HIS M 112 85.49 -22.54 1.49
CA HIS M 112 85.12 -22.38 0.07
C HIS M 112 85.93 -23.36 -0.78
N ARG M 113 85.21 -24.20 -1.54
CA ARG M 113 85.84 -25.15 -2.47
C ARG M 113 84.83 -25.67 -3.47
N PRO M 114 85.30 -26.22 -4.61
CA PRO M 114 84.37 -26.84 -5.56
C PRO M 114 83.80 -28.17 -5.04
N ALA M 115 82.67 -28.58 -5.63
CA ALA M 115 82.07 -29.88 -5.33
C ALA M 115 82.97 -31.01 -5.85
N PRO M 116 82.76 -32.26 -5.40
CA PRO M 116 83.57 -33.37 -5.90
C PRO M 116 83.43 -33.56 -7.41
N GLU M 117 84.51 -33.94 -8.07
CA GLU M 117 84.51 -34.11 -9.53
C GLU M 117 83.66 -35.30 -9.95
N PHE M 118 83.28 -35.33 -11.23
CA PHE M 118 82.40 -36.37 -11.78
C PHE M 118 82.94 -37.80 -11.59
N GLU M 119 84.25 -37.94 -11.72
CA GLU M 119 84.95 -39.23 -11.48
C GLU M 119 84.79 -39.75 -10.04
N GLU M 120 84.78 -38.85 -9.06
CA GLU M 120 84.71 -39.22 -7.65
C GLU M 120 83.35 -39.76 -7.17
N LEU M 121 82.28 -39.42 -7.87
CA LEU M 121 80.92 -39.67 -7.37
C LEU M 121 80.48 -41.13 -7.49
N SER M 122 79.70 -41.56 -6.50
CA SER M 122 79.09 -42.89 -6.48
C SER M 122 78.00 -42.96 -7.55
N THR M 123 77.90 -44.11 -8.23
CA THR M 123 77.00 -44.28 -9.37
C THR M 123 75.74 -45.11 -9.08
N ALA M 124 75.43 -45.33 -7.79
CA ALA M 124 74.21 -46.05 -7.42
C ALA M 124 73.78 -45.71 -5.99
N ASP M 125 72.46 -45.72 -5.78
CA ASP M 125 71.87 -45.38 -4.48
C ASP M 125 72.04 -46.53 -3.50
N GLU M 126 72.50 -46.21 -2.29
CA GLU M 126 72.63 -47.16 -1.19
C GLU M 126 71.90 -46.63 0.03
N ILE M 127 71.09 -47.49 0.67
CA ILE M 127 70.43 -47.15 1.92
C ILE M 127 71.44 -46.88 3.04
N LEU M 128 71.14 -45.89 3.88
CA LEU M 128 71.85 -45.67 5.14
C LEU M 128 70.94 -46.17 6.26
N GLU M 129 71.27 -47.32 6.83
CA GLU M 129 70.48 -47.93 7.90
C GLU M 129 70.61 -47.13 9.20
N THR M 130 69.53 -46.43 9.57
CA THR M 130 69.49 -45.65 10.82
C THR M 130 69.24 -46.53 12.04
N GLY M 131 68.65 -47.71 11.83
CA GLY M 131 68.21 -48.58 12.93
C GLY M 131 66.85 -48.23 13.50
N ILE M 132 66.19 -47.22 12.92
CA ILE M 132 64.90 -46.74 13.37
C ILE M 132 63.88 -47.32 12.39
N LYS M 133 62.93 -48.10 12.93
CA LYS M 133 62.02 -48.91 12.12
C LYS M 133 61.17 -48.10 11.12
N VAL M 134 60.53 -47.05 11.62
CA VAL M 134 59.67 -46.20 10.78
C VAL M 134 60.41 -45.54 9.60
N ILE M 135 61.62 -45.04 9.85
CA ILE M 135 62.42 -44.37 8.81
C ILE M 135 62.90 -45.39 7.78
N ASP M 136 63.59 -46.43 8.26
CA ASP M 136 64.17 -47.46 7.36
C ASP M 136 63.14 -48.14 6.45
N LEU M 137 61.95 -48.41 6.97
CA LEU M 137 60.90 -49.09 6.20
C LEU M 137 60.21 -48.15 5.20
N LEU M 138 59.65 -47.06 5.71
CA LEU M 138 58.70 -46.24 4.97
C LEU M 138 59.29 -45.02 4.25
N ALA M 139 60.37 -44.45 4.79
CA ALA M 139 61.03 -43.29 4.18
C ALA M 139 62.55 -43.34 4.38
N PRO M 140 63.22 -44.37 3.81
CA PRO M 140 64.63 -44.62 4.10
C PRO M 140 65.60 -43.53 3.62
N TYR M 141 66.66 -43.31 4.41
CA TYR M 141 67.71 -42.34 4.08
C TYR M 141 68.67 -42.98 3.08
N ALA M 142 69.18 -42.17 2.15
CA ALA M 142 70.18 -42.61 1.18
C ALA M 142 71.56 -42.09 1.60
N LYS M 143 72.60 -42.87 1.33
CA LYS M 143 73.98 -42.43 1.53
C LYS M 143 74.29 -41.31 0.55
N GLY M 144 74.76 -40.18 1.08
CA GLY M 144 74.96 -38.96 0.28
C GLY M 144 73.67 -38.18 0.01
N GLY M 145 72.58 -38.55 0.69
CA GLY M 145 71.26 -37.98 0.44
C GLY M 145 70.97 -36.79 1.32
N LYS M 146 69.87 -36.11 1.02
CA LYS M 146 69.43 -34.93 1.77
C LYS M 146 67.98 -35.12 2.21
N ILE M 147 67.72 -34.95 3.50
CA ILE M 147 66.41 -35.22 4.09
C ILE M 147 65.83 -33.95 4.70
N GLY M 148 64.58 -33.64 4.34
CA GLY M 148 63.85 -32.50 4.88
C GLY M 148 63.15 -32.84 6.18
N LEU M 149 63.59 -32.24 7.28
CA LEU M 149 63.03 -32.49 8.61
C LEU M 149 61.94 -31.47 8.94
N PHE M 150 60.69 -31.93 9.05
N PHE M 150 60.70 -31.93 9.05
CA PHE M 150 59.55 -31.08 9.38
CA PHE M 150 59.55 -31.08 9.38
C PHE M 150 58.93 -31.51 10.70
C PHE M 150 58.93 -31.51 10.70
N GLY M 151 58.46 -30.53 11.48
CA GLY M 151 57.82 -30.80 12.77
C GLY M 151 57.71 -29.56 13.64
N GLY M 152 56.67 -29.53 14.48
CA GLY M 152 56.45 -28.41 15.40
C GLY M 152 57.35 -28.44 16.62
N ALA M 153 57.11 -27.51 17.54
CA ALA M 153 57.86 -27.42 18.79
C ALA M 153 57.42 -28.52 19.77
N GLY M 154 58.40 -29.19 20.38
CA GLY M 154 58.15 -30.24 21.37
C GLY M 154 57.55 -31.54 20.85
N VAL M 155 58.02 -31.99 19.68
CA VAL M 155 57.53 -33.26 19.07
C VAL M 155 58.60 -34.37 18.95
N GLY M 156 59.84 -34.08 19.37
CA GLY M 156 60.96 -35.04 19.28
C GLY M 156 61.94 -34.82 18.15
N LYS M 157 62.15 -33.56 17.78
CA LYS M 157 63.10 -33.18 16.73
C LYS M 157 64.54 -33.32 17.21
N THR M 158 64.84 -32.74 18.38
CA THR M 158 66.18 -32.82 18.98
C THR M 158 66.54 -34.24 19.43
N VAL M 159 65.57 -34.99 19.95
CA VAL M 159 65.77 -36.39 20.36
C VAL M 159 66.07 -37.29 19.15
N LEU M 160 65.35 -37.08 18.05
CA LEU M 160 65.60 -37.82 16.80
C LEU M 160 66.99 -37.54 16.22
N ILE M 161 67.40 -36.28 16.25
CA ILE M 161 68.74 -35.86 15.81
C ILE M 161 69.82 -36.57 16.62
N GLN M 162 69.68 -36.57 17.94
CA GLN M 162 70.62 -37.24 18.83
C GLN M 162 70.67 -38.76 18.63
N GLU M 163 69.53 -39.38 18.33
CA GLU M 163 69.47 -40.82 18.09
C GLU M 163 70.16 -41.23 16.78
N LEU M 164 70.00 -40.42 15.74
CA LEU M 164 70.68 -40.64 14.46
C LEU M 164 72.21 -40.54 14.60
N ILE M 165 72.66 -39.60 15.43
CA ILE M 165 74.09 -39.45 15.75
C ILE M 165 74.60 -40.71 16.47
N ASN M 166 73.82 -41.16 17.45
CA ASN M 166 74.18 -42.32 18.27
C ASN M 166 74.24 -43.62 17.44
N ASN M 167 73.19 -43.86 16.66
CA ASN M 167 73.06 -45.11 15.90
C ASN M 167 74.07 -45.26 14.76
N VAL M 168 74.36 -44.17 14.05
CA VAL M 168 75.35 -44.18 12.97
C VAL M 168 76.77 -44.34 13.54
N ALA M 169 77.04 -43.68 14.68
CA ALA M 169 78.31 -43.83 15.39
C ALA M 169 78.51 -45.24 15.96
N GLN M 170 77.47 -45.79 16.60
CA GLN M 170 77.55 -47.12 17.23
C GLN M 170 77.72 -48.26 16.23
N GLU M 171 76.91 -48.27 15.18
CA GLU M 171 76.85 -49.40 14.24
C GLU M 171 77.69 -49.21 12.97
N HIS M 172 77.65 -48.01 12.37
CA HIS M 172 78.40 -47.71 11.15
C HIS M 172 79.75 -47.04 11.37
N GLY M 173 80.02 -46.57 12.59
CA GLY M 173 81.25 -45.84 12.91
C GLY M 173 81.40 -44.50 12.19
N GLY M 174 80.26 -43.88 11.85
CA GLY M 174 80.25 -42.60 11.16
C GLY M 174 79.99 -41.49 12.15
N LEU M 175 80.86 -40.48 12.15
CA LEU M 175 80.72 -39.33 13.05
C LEU M 175 79.72 -38.32 12.49
N SER M 176 79.43 -37.27 13.26
CA SER M 176 78.42 -36.27 12.88
C SER M 176 78.92 -34.83 12.99
N VAL M 177 78.18 -33.93 12.36
CA VAL M 177 78.39 -32.48 12.50
C VAL M 177 77.02 -31.78 12.59
N PHE M 178 76.89 -30.84 13.52
CA PHE M 178 75.69 -30.02 13.65
C PHE M 178 76.03 -28.58 13.28
N ALA M 179 75.32 -28.04 12.28
CA ALA M 179 75.47 -26.66 11.83
C ALA M 179 74.21 -25.87 12.18
N GLY M 180 74.32 -25.01 13.20
CA GLY M 180 73.21 -24.13 13.61
C GLY M 180 73.20 -22.83 12.81
N VAL M 181 72.51 -22.84 11.68
CA VAL M 181 72.39 -21.66 10.81
C VAL M 181 71.28 -20.77 11.40
N GLY M 182 71.68 -19.63 11.98
CA GLY M 182 70.76 -18.76 12.71
C GLY M 182 70.31 -19.41 14.01
N GLU M 183 71.29 -19.83 14.81
CA GLU M 183 71.02 -20.48 16.09
C GLU M 183 70.63 -19.44 17.13
N ARG M 184 69.56 -19.69 17.86
CA ARG M 184 69.20 -18.88 19.02
C ARG M 184 70.12 -19.29 20.17
N THR M 185 70.76 -18.31 20.79
CA THR M 185 71.81 -18.55 21.79
C THR M 185 71.33 -19.38 22.98
N ARG M 186 70.10 -19.12 23.43
CA ARG M 186 69.44 -19.92 24.47
C ARG M 186 69.35 -21.39 24.07
N GLU M 187 68.93 -21.64 22.84
CA GLU M 187 68.73 -23.00 22.33
C GLU M 187 70.04 -23.72 21.99
N GLY M 188 71.07 -22.96 21.61
CA GLY M 188 72.42 -23.50 21.43
C GLY M 188 73.04 -23.98 22.73
N ASN M 189 72.81 -23.24 23.81
CA ASN M 189 73.22 -23.63 25.16
C ASN M 189 72.50 -24.90 25.63
N ASP M 190 71.19 -24.97 25.38
CA ASP M 190 70.37 -26.15 25.72
C ASP M 190 70.81 -27.39 24.94
N LEU M 191 71.03 -27.23 23.64
CA LEU M 191 71.43 -28.33 22.76
C LEU M 191 72.80 -28.92 23.15
N TYR M 192 73.73 -28.04 23.52
CA TYR M 192 75.05 -28.44 24.00
C TYR M 192 74.95 -29.35 25.24
N HIS M 193 74.18 -28.89 26.23
CA HIS M 193 73.96 -29.65 27.47
C HIS M 193 73.14 -30.93 27.25
N GLU M 194 72.13 -30.85 26.39
CA GLU M 194 71.33 -32.03 26.02
C GLU M 194 72.18 -33.13 25.36
N MET M 195 73.09 -32.72 24.48
CA MET M 195 74.02 -33.66 23.84
C MET M 195 75.12 -34.17 24.78
N LYS M 196 75.49 -33.37 25.79
CA LYS M 196 76.37 -33.84 26.87
C LYS M 196 75.72 -34.94 27.72
N ASP M 197 74.44 -34.75 28.08
CA ASP M 197 73.70 -35.69 28.92
C ASP M 197 73.46 -37.03 28.23
N SER M 198 73.09 -36.98 26.95
CA SER M 198 72.86 -38.20 26.17
C SER M 198 74.14 -38.95 25.81
N GLY M 199 75.28 -38.24 25.80
CA GLY M 199 76.58 -38.85 25.49
C GLY M 199 77.02 -38.73 24.03
N VAL M 200 76.14 -38.23 23.17
CA VAL M 200 76.45 -38.10 21.73
C VAL M 200 77.36 -36.91 21.41
N ILE M 201 77.61 -36.05 22.40
CA ILE M 201 78.63 -34.99 22.32
C ILE M 201 79.97 -35.45 21.74
N SER M 202 80.46 -36.61 22.17
CA SER M 202 81.77 -37.12 21.75
C SER M 202 81.83 -37.53 20.26
N LYS M 203 80.69 -37.81 19.64
CA LYS M 203 80.60 -38.18 18.23
C LYS M 203 80.29 -37.00 17.29
N THR M 204 80.11 -35.79 17.84
CA THR M 204 79.66 -34.63 17.07
C THR M 204 80.53 -33.39 17.28
N SER M 205 80.78 -32.68 16.19
CA SER M 205 81.33 -31.32 16.24
C SER M 205 80.19 -30.35 15.97
N MET M 206 80.08 -29.31 16.80
CA MET M 206 79.00 -28.31 16.69
C MET M 206 79.54 -26.99 16.15
N VAL M 207 78.78 -26.36 15.25
CA VAL M 207 79.12 -25.05 14.70
C VAL M 207 77.87 -24.18 14.74
N PHE M 208 77.93 -23.05 15.44
CA PHE M 208 76.80 -22.12 15.52
C PHE M 208 77.08 -20.82 14.77
N GLY M 209 76.14 -20.45 13.90
CA GLY M 209 76.10 -19.13 13.27
C GLY M 209 74.90 -18.43 13.87
N GLN M 210 75.12 -17.77 15.00
CA GLN M 210 74.04 -17.33 15.87
C GLN M 210 73.22 -16.17 15.29
N MET M 211 71.95 -16.09 15.71
CA MET M 211 70.99 -15.09 15.20
C MET M 211 71.53 -13.67 15.22
N ASN M 212 72.20 -13.31 16.32
CA ASN M 212 72.74 -11.95 16.52
C ASN M 212 74.08 -11.64 15.82
N GLU M 213 74.56 -12.54 14.96
CA GLU M 213 75.76 -12.28 14.13
C GLU M 213 75.35 -11.65 12.79
N PRO M 214 76.31 -11.04 12.05
CA PRO M 214 75.96 -10.42 10.76
C PRO M 214 75.53 -11.43 9.67
N PRO M 215 74.91 -10.94 8.57
CA PRO M 215 74.45 -11.85 7.50
C PRO M 215 75.56 -12.69 6.84
N GLY M 216 76.77 -12.13 6.75
CA GLY M 216 77.93 -12.85 6.25
C GLY M 216 78.30 -14.08 7.08
N ALA M 217 78.20 -13.94 8.40
CA ALA M 217 78.50 -15.05 9.33
C ALA M 217 77.51 -16.20 9.17
N ARG M 218 76.21 -15.86 9.18
CA ARG M 218 75.14 -16.86 9.01
C ARG M 218 75.06 -17.46 7.60
N LEU M 219 75.60 -16.76 6.61
CA LEU M 219 75.68 -17.28 5.23
C LEU M 219 76.73 -18.38 5.07
N ARG M 220 77.90 -18.20 5.70
CA ARG M 220 79.04 -19.12 5.53
C ARG M 220 79.17 -20.21 6.61
N VAL M 221 78.35 -20.16 7.66
CA VAL M 221 78.49 -21.11 8.77
C VAL M 221 78.19 -22.58 8.38
N ALA M 222 77.27 -22.78 7.44
CA ALA M 222 77.00 -24.13 6.92
C ALA M 222 78.22 -24.71 6.21
N LEU M 223 78.99 -23.86 5.54
CA LEU M 223 80.23 -24.27 4.87
C LEU M 223 81.33 -24.69 5.87
N THR M 224 81.36 -24.07 7.04
CA THR M 224 82.28 -24.43 8.12
C THR M 224 82.00 -25.84 8.65
N GLY M 225 80.74 -26.11 8.96
CA GLY M 225 80.29 -27.44 9.37
C GLY M 225 80.48 -28.48 8.28
N LEU M 226 80.17 -28.09 7.05
CA LEU M 226 80.36 -28.95 5.87
C LEU M 226 81.82 -29.38 5.69
N THR M 227 82.75 -28.44 5.87
CA THR M 227 84.19 -28.73 5.74
C THR M 227 84.69 -29.75 6.77
N MET M 228 84.15 -29.67 7.98
CA MET M 228 84.47 -30.66 9.03
C MET M 228 83.91 -32.04 8.69
N ALA M 229 82.70 -32.08 8.13
CA ALA M 229 82.09 -33.32 7.66
C ALA M 229 82.86 -33.95 6.49
N GLU M 230 83.40 -33.10 5.61
CA GLU M 230 84.17 -33.56 4.45
C GLU M 230 85.48 -34.26 4.80
N TYR M 231 86.14 -33.83 5.88
CA TYR M 231 87.38 -34.48 6.33
C TYR M 231 87.17 -35.96 6.63
N PHE M 232 86.12 -36.26 7.40
CA PHE M 232 85.82 -37.63 7.81
C PHE M 232 85.39 -38.53 6.66
N ARG M 233 84.75 -37.95 5.64
CA ARG M 233 84.43 -38.66 4.40
C ARG M 233 85.69 -38.94 3.60
N ASP M 234 86.42 -37.89 3.28
CA ASP M 234 87.54 -37.94 2.33
C ASP M 234 88.79 -38.64 2.89
N ARG M 235 89.12 -38.35 4.14
CA ARG M 235 90.33 -38.90 4.77
C ARG M 235 90.09 -40.27 5.40
N GLU M 236 89.04 -40.39 6.22
CA GLU M 236 88.76 -41.61 6.99
C GLU M 236 87.64 -42.51 6.41
N GLY M 237 87.11 -42.15 5.23
CA GLY M 237 86.16 -43.01 4.51
C GLY M 237 84.81 -43.23 5.16
N GLN M 238 84.40 -42.32 6.05
CA GLN M 238 83.18 -42.50 6.86
C GLN M 238 81.92 -42.12 6.11
N ASP M 239 80.80 -42.73 6.51
CA ASP M 239 79.45 -42.27 6.15
C ASP M 239 79.02 -41.28 7.22
N VAL M 240 79.23 -40.00 6.94
CA VAL M 240 79.10 -38.90 7.91
C VAL M 240 77.67 -38.34 7.90
N LEU M 241 77.22 -37.85 9.05
CA LEU M 241 75.97 -37.08 9.14
C LEU M 241 76.25 -35.58 9.26
N LEU M 242 75.46 -34.76 8.57
CA LEU M 242 75.55 -33.30 8.65
C LEU M 242 74.17 -32.69 8.89
N PHE M 243 73.93 -32.22 10.10
CA PHE M 243 72.67 -31.59 10.44
C PHE M 243 72.74 -30.08 10.17
N ILE M 244 71.75 -29.56 9.44
CA ILE M 244 71.65 -28.13 9.14
C ILE M 244 70.28 -27.61 9.59
N ASP M 245 70.28 -26.76 10.62
CA ASP M 245 69.06 -26.18 11.18
C ASP M 245 69.29 -24.66 11.36
N ASN M 246 68.66 -23.77 10.58
CA ASN M 246 67.63 -24.04 9.58
C ASN M 246 68.18 -23.65 8.19
N ILE M 247 67.92 -24.48 7.18
CA ILE M 247 68.42 -24.24 5.82
C ILE M 247 67.81 -22.99 5.15
N PHE M 248 66.60 -22.61 5.55
CA PHE M 248 66.00 -21.35 5.10
C PHE M 248 66.83 -20.13 5.54
N ARG M 249 67.33 -20.16 6.77
CA ARG M 249 68.14 -19.07 7.30
C ARG M 249 69.50 -18.91 6.60
N PHE M 250 69.97 -19.99 5.96
CA PHE M 250 71.12 -19.92 5.04
C PHE M 250 70.75 -19.11 3.78
N THR M 251 69.60 -19.41 3.18
CA THR M 251 69.07 -18.66 2.03
C THR M 251 68.77 -17.21 2.40
N GLN M 252 68.14 -17.02 3.57
CA GLN M 252 67.83 -15.69 4.13
C GLN M 252 69.09 -14.83 4.26
N ALA M 253 70.17 -15.44 4.77
CA ALA M 253 71.47 -14.77 4.90
C ALA M 253 72.03 -14.34 3.54
N GLY M 254 71.92 -15.22 2.54
CA GLY M 254 72.35 -14.91 1.18
C GLY M 254 71.60 -13.73 0.57
N SER M 255 70.28 -13.67 0.80
CA SER M 255 69.46 -12.55 0.36
C SER M 255 69.87 -11.23 1.03
N GLU M 256 70.17 -11.31 2.32
CA GLU M 256 70.63 -10.15 3.10
C GLU M 256 72.00 -9.64 2.64
N VAL M 257 72.94 -10.56 2.40
CA VAL M 257 74.26 -10.22 1.83
C VAL M 257 74.09 -9.60 0.44
N SER M 258 73.23 -10.19 -0.39
CA SER M 258 72.97 -9.69 -1.75
C SER M 258 72.41 -8.25 -1.74
N ALA M 259 71.53 -7.97 -0.80
CA ALA M 259 71.00 -6.62 -0.60
C ALA M 259 72.08 -5.62 -0.16
N LEU M 260 72.96 -6.06 0.74
CA LEU M 260 74.09 -5.22 1.19
C LEU M 260 75.07 -4.89 0.06
N LEU M 261 75.34 -5.87 -0.80
CA LEU M 261 76.22 -5.66 -1.97
C LEU M 261 75.58 -4.82 -3.10
N GLY M 262 74.26 -4.66 -3.06
CA GLY M 262 73.55 -3.79 -4.01
C GLY M 262 73.17 -4.45 -5.31
N ARG M 263 72.99 -5.78 -5.29
CA ARG M 263 72.56 -6.53 -6.47
C ARG M 263 71.07 -6.29 -6.72
N MET M 264 70.66 -6.41 -7.99
CA MET M 264 69.23 -6.35 -8.34
C MET M 264 68.55 -7.63 -7.84
N PRO M 265 67.44 -7.49 -7.07
CA PRO M 265 66.73 -8.68 -6.62
C PRO M 265 66.04 -9.47 -7.72
N SER M 266 65.80 -10.75 -7.44
CA SER M 266 65.15 -11.67 -8.35
C SER M 266 63.68 -11.81 -7.94
N ALA M 267 63.02 -12.89 -8.37
CA ALA M 267 61.62 -13.14 -8.04
C ALA M 267 61.40 -13.30 -6.53
N VAL M 268 60.29 -12.74 -6.05
CA VAL M 268 59.92 -12.76 -4.62
C VAL M 268 61.02 -12.14 -3.72
N GLY M 269 61.73 -11.15 -4.25
CA GLY M 269 62.79 -10.45 -3.52
C GLY M 269 64.05 -11.22 -3.15
N TYR M 270 64.21 -12.44 -3.67
CA TYR M 270 65.40 -13.25 -3.36
C TYR M 270 66.60 -12.79 -4.18
N GLN M 271 67.79 -13.17 -3.72
CA GLN M 271 69.03 -12.90 -4.45
C GLN M 271 69.01 -13.59 -5.82
N PRO M 272 69.63 -12.97 -6.84
CA PRO M 272 69.70 -13.60 -8.17
C PRO M 272 70.56 -14.86 -8.19
N THR M 273 71.49 -14.98 -7.24
CA THR M 273 72.35 -16.15 -7.07
C THR M 273 71.72 -17.22 -6.12
N LEU M 274 70.40 -17.39 -6.19
CA LEU M 274 69.67 -18.27 -5.27
C LEU M 274 70.01 -19.74 -5.50
N ALA M 275 69.83 -20.18 -6.75
CA ALA M 275 70.12 -21.57 -7.13
C ALA M 275 71.60 -21.90 -7.04
N THR M 276 72.45 -20.97 -7.50
CA THR M 276 73.91 -21.15 -7.47
C THR M 276 74.42 -21.37 -6.04
N GLU M 277 74.00 -20.51 -5.12
CA GLU M 277 74.42 -20.60 -3.72
C GLU M 277 73.96 -21.89 -3.06
N MET M 278 72.69 -22.25 -3.28
CA MET M 278 72.12 -23.50 -2.76
C MET M 278 72.83 -24.72 -3.35
N GLY M 279 73.03 -24.71 -4.67
CA GLY M 279 73.72 -25.81 -5.37
C GLY M 279 75.16 -26.02 -4.95
N GLN M 280 75.90 -24.92 -4.76
CA GLN M 280 77.29 -24.99 -4.32
C GLN M 280 77.44 -25.51 -2.88
N LEU M 281 76.45 -25.26 -2.04
CA LEU M 281 76.37 -25.88 -0.71
C LEU M 281 76.00 -27.36 -0.83
N GLN M 282 74.89 -27.62 -1.51
CA GLN M 282 74.27 -28.95 -1.52
C GLN M 282 75.04 -30.02 -2.27
N GLU M 283 75.63 -29.68 -3.42
CA GLU M 283 76.40 -30.64 -4.22
C GLU M 283 77.62 -31.24 -3.50
N ARG M 284 78.22 -30.47 -2.61
CA ARG M 284 79.30 -30.95 -1.75
C ARG M 284 78.85 -32.07 -0.79
N ILE M 285 77.59 -32.03 -0.39
CA ILE M 285 76.95 -33.10 0.37
C ILE M 285 76.56 -34.20 -0.62
N THR M 286 77.36 -35.26 -0.68
CA THR M 286 77.13 -36.36 -1.63
C THR M 286 77.91 -37.62 -1.28
N SER M 287 77.63 -38.71 -2.00
CA SER M 287 78.31 -39.99 -1.84
C SER M 287 79.45 -40.10 -2.85
N THR M 288 80.68 -40.22 -2.34
CA THR M 288 81.86 -40.46 -3.16
C THR M 288 82.21 -41.96 -3.12
N LYS M 289 83.23 -42.35 -3.88
CA LYS M 289 83.77 -43.72 -3.82
C LYS M 289 84.35 -44.08 -2.44
N LYS M 290 84.95 -43.10 -1.75
CA LYS M 290 85.55 -43.31 -0.43
C LYS M 290 84.54 -43.32 0.72
N GLY M 291 83.56 -42.42 0.68
CA GLY M 291 82.52 -42.34 1.72
C GLY M 291 81.31 -41.52 1.31
N SER M 292 80.63 -40.93 2.30
CA SER M 292 79.49 -40.06 2.04
C SER M 292 79.20 -39.06 3.16
N ILE M 293 78.43 -38.03 2.84
CA ILE M 293 77.83 -37.12 3.81
C ILE M 293 76.33 -37.12 3.56
N THR M 294 75.55 -37.65 4.51
CA THR M 294 74.09 -37.60 4.46
C THR M 294 73.63 -36.44 5.35
N SER M 295 72.71 -35.61 4.84
CA SER M 295 72.31 -34.39 5.55
C SER M 295 70.82 -34.33 5.90
N ILE M 296 70.53 -34.17 7.19
CA ILE M 296 69.17 -33.95 7.68
C ILE M 296 69.03 -32.44 7.87
N GLN M 297 68.05 -31.84 7.18
CA GLN M 297 67.95 -30.39 7.07
C GLN M 297 66.57 -29.89 7.49
N ALA M 298 66.53 -29.05 8.53
CA ALA M 298 65.28 -28.41 8.96
C ALA M 298 64.95 -27.26 8.01
N ILE M 299 63.71 -27.24 7.51
CA ILE M 299 63.30 -26.30 6.45
C ILE M 299 62.06 -25.50 6.86
N TYR M 300 62.22 -24.18 6.95
CA TYR M 300 61.08 -23.28 7.11
C TYR M 300 60.48 -22.99 5.73
N VAL M 301 59.15 -22.99 5.65
CA VAL M 301 58.43 -22.74 4.40
C VAL M 301 57.70 -21.39 4.54
N PRO M 302 58.18 -20.33 3.82
CA PRO M 302 57.53 -19.02 3.93
C PRO M 302 56.06 -19.01 3.47
N ALA M 303 55.19 -18.45 4.31
CA ALA M 303 53.75 -18.35 4.04
C ALA M 303 53.06 -19.68 3.74
N ASP M 304 53.62 -20.77 4.27
CA ASP M 304 53.20 -22.15 3.94
C ASP M 304 53.12 -22.42 2.42
N ASP M 305 54.01 -21.79 1.66
CA ASP M 305 54.02 -21.87 0.20
C ASP M 305 55.24 -22.67 -0.26
N TYR M 306 55.01 -23.92 -0.68
CA TYR M 306 56.08 -24.79 -1.18
C TYR M 306 56.58 -24.40 -2.58
N THR M 307 55.82 -23.60 -3.33
CA THR M 307 56.26 -23.06 -4.62
C THR M 307 57.14 -21.81 -4.48
N ASP M 308 57.27 -21.27 -3.27
CA ASP M 308 58.17 -20.14 -3.00
C ASP M 308 59.62 -20.51 -3.38
N PRO M 309 60.38 -19.56 -3.97
CA PRO M 309 61.75 -19.88 -4.43
C PRO M 309 62.69 -20.53 -3.41
N ALA M 310 62.60 -20.15 -2.13
CA ALA M 310 63.48 -20.73 -1.10
C ALA M 310 63.26 -22.23 -0.89
N PRO M 311 62.04 -22.66 -0.53
CA PRO M 311 61.79 -24.10 -0.41
C PRO M 311 61.81 -24.87 -1.74
N ALA M 312 61.32 -24.25 -2.81
CA ALA M 312 61.34 -24.87 -4.15
C ALA M 312 62.75 -25.20 -4.63
N THR M 313 63.69 -24.28 -4.42
CA THR M 313 65.11 -24.52 -4.75
C THR M 313 65.74 -25.55 -3.81
N THR M 314 65.33 -25.56 -2.54
CA THR M 314 65.81 -26.55 -1.58
C THR M 314 65.29 -27.95 -1.89
N PHE M 315 63.99 -28.06 -2.21
CA PHE M 315 63.36 -29.34 -2.57
C PHE M 315 63.91 -29.99 -3.84
N ALA M 316 64.53 -29.20 -4.71
CA ALA M 316 65.26 -29.72 -5.88
C ALA M 316 66.41 -30.68 -5.52
N HIS M 317 66.98 -30.51 -4.33
CA HIS M 317 68.08 -31.35 -3.85
C HIS M 317 67.66 -32.49 -2.90
N LEU M 318 66.47 -32.42 -2.32
CA LEU M 318 66.04 -33.41 -1.31
C LEU M 318 65.75 -34.79 -1.90
N ASP M 319 66.17 -35.82 -1.16
CA ASP M 319 65.91 -37.24 -1.50
C ASP M 319 64.83 -37.88 -0.64
N ALA M 320 64.47 -37.25 0.48
CA ALA M 320 63.43 -37.77 1.38
C ALA M 320 62.91 -36.67 2.31
N THR M 321 61.84 -36.98 3.05
CA THR M 321 61.33 -36.11 4.10
C THR M 321 60.95 -36.91 5.35
N THR M 322 61.35 -36.40 6.52
CA THR M 322 60.95 -36.96 7.80
C THR M 322 59.98 -35.97 8.46
N ASN M 323 58.69 -36.29 8.39
CA ASN M 323 57.62 -35.40 8.88
C ASN M 323 57.13 -35.83 10.25
N LEU M 324 57.50 -35.07 11.28
CA LEU M 324 57.06 -35.34 12.65
C LEU M 324 55.67 -34.75 12.90
N GLU M 325 54.79 -35.55 13.51
CA GLU M 325 53.38 -35.17 13.75
C GLU M 325 53.11 -35.10 15.26
N ARG M 326 52.48 -34.01 15.70
CA ARG M 326 52.20 -33.78 17.12
C ARG M 326 51.19 -34.78 17.70
N LYS M 327 50.19 -35.17 16.91
CA LYS M 327 49.16 -36.12 17.35
C LYS M 327 49.72 -37.51 17.72
N LEU M 328 50.77 -37.94 17.03
CA LEU M 328 51.47 -39.20 17.38
C LEU M 328 52.24 -39.08 18.69
N ALA M 329 52.85 -37.91 18.93
CA ALA M 329 53.55 -37.64 20.20
C ALA M 329 52.58 -37.59 21.39
N GLU M 330 51.37 -37.07 21.17
CA GLU M 330 50.31 -37.04 22.19
C GLU M 330 49.79 -38.45 22.53
N MET M 331 49.72 -39.33 21.53
CA MET M 331 49.35 -40.75 21.74
C MET M 331 50.43 -41.58 22.46
N GLY M 332 51.67 -41.08 22.50
CA GLY M 332 52.79 -41.82 23.07
C GLY M 332 53.61 -42.57 22.02
N ILE M 333 53.29 -42.37 20.73
CA ILE M 333 53.99 -43.02 19.63
C ILE M 333 55.27 -42.23 19.33
N TYR M 334 56.38 -42.68 19.89
CA TYR M 334 57.71 -42.12 19.64
C TYR M 334 58.60 -43.17 18.97
N PRO M 335 59.39 -42.80 17.93
CA PRO M 335 59.46 -41.45 17.38
C PRO M 335 58.19 -41.09 16.61
N ALA M 336 57.78 -39.83 16.71
CA ALA M 336 56.48 -39.39 16.19
C ALA M 336 56.52 -39.07 14.70
N VAL M 337 57.04 -40.01 13.91
CA VAL M 337 57.21 -39.84 12.46
C VAL M 337 55.88 -40.20 11.81
N ASP M 338 55.37 -39.30 10.99
CA ASP M 338 54.14 -39.54 10.23
C ASP M 338 54.44 -40.59 9.15
N PRO M 339 53.86 -41.80 9.27
CA PRO M 339 54.20 -42.89 8.34
C PRO M 339 53.60 -42.76 6.93
N LEU M 340 52.62 -41.86 6.75
CA LEU M 340 52.02 -41.60 5.44
C LEU M 340 52.59 -40.34 4.76
N ALA M 341 52.85 -39.29 5.54
CA ALA M 341 53.36 -38.02 5.02
C ALA M 341 54.87 -38.05 4.72
N SER M 342 55.63 -38.82 5.50
CA SER M 342 57.07 -39.00 5.24
C SER M 342 57.29 -39.85 3.99
N THR M 343 58.20 -39.41 3.11
CA THR M 343 58.48 -40.08 1.83
C THR M 343 59.97 -40.19 1.56
N SER M 344 60.32 -41.03 0.59
CA SER M 344 61.70 -41.23 0.17
C SER M 344 61.80 -41.62 -1.30
N ARG M 345 62.77 -41.04 -1.99
CA ARG M 345 63.03 -41.34 -3.40
C ARG M 345 63.53 -42.78 -3.60
N ILE M 346 64.28 -43.30 -2.62
CA ILE M 346 64.88 -44.64 -2.71
C ILE M 346 63.97 -45.80 -2.24
N LEU M 347 62.72 -45.50 -1.87
CA LEU M 347 61.74 -46.55 -1.61
C LEU M 347 61.26 -47.14 -2.94
N SER M 348 62.01 -48.12 -3.44
CA SER M 348 61.68 -48.80 -4.70
C SER M 348 62.32 -50.19 -4.76
N PRO M 349 61.83 -51.07 -5.66
CA PRO M 349 62.46 -52.38 -5.85
C PRO M 349 63.92 -52.38 -6.34
N ALA M 350 64.37 -51.28 -6.94
CA ALA M 350 65.76 -51.16 -7.41
C ALA M 350 66.76 -51.02 -6.27
N VAL M 351 66.52 -50.08 -5.36
CA VAL M 351 67.47 -49.75 -4.28
C VAL M 351 67.34 -50.76 -3.14
N VAL M 352 66.21 -50.71 -2.42
CA VAL M 352 65.86 -51.76 -1.47
C VAL M 352 65.26 -52.93 -2.25
N GLY M 353 65.10 -54.09 -1.62
CA GLY M 353 64.62 -55.28 -2.32
C GLY M 353 63.15 -55.22 -2.73
N GLU M 354 62.71 -56.26 -3.42
CA GLU M 354 61.30 -56.40 -3.83
C GLU M 354 60.39 -56.63 -2.60
N GLU M 355 60.91 -57.36 -1.61
CA GLU M 355 60.17 -57.65 -0.38
C GLU M 355 59.97 -56.40 0.49
N HIS M 356 61.05 -55.65 0.70
CA HIS M 356 61.02 -54.37 1.43
C HIS M 356 59.92 -53.45 0.88
N TYR M 357 59.92 -53.27 -0.44
CA TYR M 357 58.96 -52.38 -1.11
C TYR M 357 57.51 -52.88 -0.97
N ARG M 358 57.32 -54.20 -1.12
CA ARG M 358 55.99 -54.82 -0.98
C ARG M 358 55.43 -54.63 0.44
N VAL M 359 56.28 -54.89 1.44
CA VAL M 359 55.88 -54.74 2.86
C VAL M 359 55.62 -53.28 3.22
N ALA M 360 56.50 -52.38 2.78
CA ALA M 360 56.36 -50.94 3.03
C ALA M 360 55.07 -50.36 2.45
N ARG M 361 54.76 -50.73 1.21
CA ARG M 361 53.51 -50.31 0.55
C ARG M 361 52.27 -50.92 1.20
N GLY M 362 52.37 -52.18 1.65
CA GLY M 362 51.30 -52.84 2.38
C GLY M 362 50.96 -52.15 3.70
N VAL M 363 52.01 -51.77 4.44
CA VAL M 363 51.87 -50.97 5.67
C VAL M 363 51.16 -49.63 5.38
N GLN M 364 51.59 -48.95 4.32
CA GLN M 364 50.99 -47.66 3.92
C GLN M 364 49.52 -47.79 3.55
N GLN M 365 49.18 -48.81 2.77
CA GLN M 365 47.79 -49.07 2.34
C GLN M 365 46.86 -49.41 3.52
N VAL M 366 47.37 -50.19 4.48
CA VAL M 366 46.63 -50.53 5.70
C VAL M 366 46.43 -49.30 6.59
N LEU M 367 47.49 -48.52 6.80
CA LEU M 367 47.43 -47.29 7.62
C LEU M 367 46.59 -46.18 6.97
N GLN M 368 46.60 -46.11 5.64
CA GLN M 368 45.78 -45.15 4.89
C GLN M 368 44.28 -45.49 5.01
N ARG M 369 43.96 -46.77 4.90
CA ARG M 369 42.57 -47.25 5.04
C ARG M 369 42.02 -46.97 6.44
N TYR M 370 42.84 -47.25 7.46
CA TYR M 370 42.49 -46.94 8.86
C TYR M 370 42.27 -45.44 9.08
N ASN M 371 43.10 -44.62 8.43
CA ASN M 371 42.98 -43.16 8.50
C ASN M 371 41.69 -42.64 7.83
N ASP M 372 41.28 -43.27 6.73
CA ASP M 372 40.05 -42.89 6.02
C ASP M 372 38.77 -43.23 6.81
N LEU M 373 38.80 -44.32 7.57
CA LEU M 373 37.64 -44.80 8.33
C LEU M 373 37.44 -44.13 9.70
N GLN M 374 38.30 -43.18 10.08
CA GLN M 374 38.21 -42.52 11.40
C GLN M 374 36.89 -41.77 11.62
N ASP M 375 36.42 -41.08 10.59
CA ASP M 375 35.13 -40.37 10.63
C ASP M 375 33.94 -41.33 10.66
N ILE M 376 34.03 -42.44 9.92
CA ILE M 376 32.98 -43.46 9.88
C ILE M 376 32.89 -44.21 11.22
N ILE M 377 34.05 -44.59 11.77
CA ILE M 377 34.10 -45.30 13.05
C ILE M 377 33.57 -44.47 14.22
N ALA M 378 33.97 -43.19 14.28
CA ALA M 378 33.63 -42.30 15.40
C ALA M 378 32.12 -42.07 15.57
N ILE M 379 31.38 -42.01 14.46
CA ILE M 379 29.94 -41.71 14.48
C ILE M 379 29.08 -42.98 14.36
N LEU M 380 29.32 -43.78 13.32
CA LEU M 380 28.47 -44.94 13.01
C LEU M 380 28.79 -46.13 13.93
N GLY M 381 30.08 -46.37 14.18
CA GLY M 381 30.54 -47.44 15.06
C GLY M 381 31.26 -48.54 14.31
N MET M 382 31.77 -49.51 15.06
CA MET M 382 32.52 -50.64 14.49
C MET M 382 31.63 -51.61 13.70
N ASP M 383 30.35 -51.72 14.07
CA ASP M 383 29.38 -52.55 13.34
C ASP M 383 29.11 -52.08 11.90
N GLU M 384 29.31 -50.79 11.64
CA GLU M 384 29.20 -50.23 10.29
C GLU M 384 30.26 -50.79 9.33
N LEU M 385 31.44 -51.08 9.87
CA LEU M 385 32.55 -51.62 9.06
C LEU M 385 32.27 -53.05 8.62
N SER M 386 32.75 -53.39 7.42
CA SER M 386 32.66 -54.76 6.90
C SER M 386 33.71 -55.66 7.56
N ASP M 387 33.59 -56.97 7.34
CA ASP M 387 34.52 -57.96 7.92
C ASP M 387 35.97 -57.77 7.44
N GLU M 388 36.14 -57.24 6.23
CA GLU M 388 37.47 -56.93 5.70
C GLU M 388 38.12 -55.76 6.45
N ASP M 389 37.34 -54.70 6.67
CA ASP M 389 37.82 -53.50 7.36
C ASP M 389 38.16 -53.73 8.83
N LYS M 390 37.33 -54.50 9.53
CA LYS M 390 37.57 -54.83 10.96
C LYS M 390 38.95 -55.43 11.19
N LEU M 391 39.37 -56.33 10.30
CA LEU M 391 40.70 -56.94 10.34
C LEU M 391 41.80 -55.93 9.99
N ILE M 392 41.55 -55.09 8.98
CA ILE M 392 42.48 -54.02 8.57
C ILE M 392 42.71 -53.01 9.71
N VAL M 393 41.61 -52.62 10.38
CA VAL M 393 41.67 -51.72 11.54
C VAL M 393 42.49 -52.33 12.68
N ALA M 394 42.29 -53.62 12.95
CA ALA M 394 43.03 -54.33 14.00
C ALA M 394 44.53 -54.40 13.70
N ARG M 395 44.88 -54.74 12.46
CA ARG M 395 46.28 -54.80 12.03
C ARG M 395 46.94 -53.42 11.97
N ALA M 396 46.19 -52.40 11.53
CA ALA M 396 46.69 -51.01 11.48
C ALA M 396 47.10 -50.49 12.86
N ARG M 397 46.29 -50.79 13.87
CA ARG M 397 46.59 -50.40 15.27
C ARG M 397 47.82 -51.12 15.81
N LYS M 398 47.99 -52.39 15.44
CA LYS M 398 49.21 -53.15 15.76
C LYS M 398 50.44 -52.59 15.03
N ILE M 399 50.25 -52.31 13.74
CA ILE M 399 51.28 -51.70 12.89
C ILE M 399 51.73 -50.33 13.43
N GLN M 400 50.76 -49.49 13.81
CA GLN M 400 51.06 -48.16 14.35
C GLN M 400 51.90 -48.22 15.63
N ARG M 401 51.64 -49.22 16.47
CA ARG M 401 52.39 -49.43 17.71
C ARG M 401 53.78 -50.05 17.47
N PHE M 402 53.87 -50.95 16.48
CA PHE M 402 55.17 -51.54 16.12
C PHE M 402 56.11 -50.54 15.42
N LEU M 403 55.54 -49.50 14.82
CA LEU M 403 56.35 -48.38 14.28
C LEU M 403 57.02 -47.53 15.37
N SER M 404 56.49 -47.53 16.59
CA SER M 404 57.13 -46.89 17.73
C SER M 404 58.38 -47.67 18.14
N GLN M 405 59.27 -47.03 18.90
CA GLN M 405 60.56 -47.61 19.24
C GLN M 405 61.22 -46.90 20.43
N PRO M 406 61.79 -47.68 21.38
CA PRO M 406 62.55 -47.07 22.47
C PRO M 406 63.95 -46.65 22.00
N PHE M 407 64.34 -45.42 22.35
CA PHE M 407 65.58 -44.80 21.88
C PHE M 407 66.65 -44.82 22.97
N HIS M 408 67.90 -45.05 22.56
CA HIS M 408 69.06 -44.98 23.46
C HIS M 408 69.18 -43.62 24.16
N VAL M 409 68.88 -42.55 23.42
CA VAL M 409 68.91 -41.18 23.94
C VAL M 409 67.72 -40.89 24.88
N ALA M 410 66.58 -41.52 24.62
CA ALA M 410 65.35 -41.32 25.41
C ALA M 410 65.09 -42.41 26.46
N GLU M 411 66.15 -42.87 27.14
CA GLU M 411 66.01 -43.82 28.25
C GLU M 411 65.44 -43.14 29.50
N GLN M 412 65.81 -41.88 29.71
CA GLN M 412 65.25 -41.03 30.78
C GLN M 412 63.73 -40.84 30.67
N PHE M 413 63.21 -40.73 29.45
CA PHE M 413 61.80 -40.44 29.21
C PHE M 413 60.94 -41.71 29.25
N THR M 414 61.34 -42.72 28.48
CA THR M 414 60.60 -43.98 28.38
C THR M 414 60.83 -44.92 29.57
N GLY M 415 62.08 -45.00 30.03
CA GLY M 415 62.46 -45.90 31.13
C GLY M 415 63.21 -47.13 30.67
N MET M 416 62.74 -47.73 29.56
CA MET M 416 63.37 -48.93 28.99
C MET M 416 64.70 -48.60 28.31
N PRO M 417 65.57 -49.62 28.11
CA PRO M 417 66.79 -49.40 27.32
C PRO M 417 66.50 -49.29 25.82
N GLY M 418 67.38 -48.59 25.11
CA GLY M 418 67.20 -48.34 23.67
C GLY M 418 67.42 -49.56 22.80
N LYS M 419 66.93 -49.49 21.56
CA LYS M 419 66.99 -50.61 20.61
C LYS M 419 67.42 -50.13 19.22
N TYR M 420 68.38 -50.85 18.63
CA TYR M 420 68.74 -50.71 17.22
C TYR M 420 68.13 -51.91 16.50
N VAL M 421 67.24 -51.65 15.55
CA VAL M 421 66.57 -52.71 14.77
C VAL M 421 67.11 -52.66 13.33
N PRO M 422 67.79 -53.73 12.88
CA PRO M 422 68.20 -53.82 11.46
C PRO M 422 67.04 -53.80 10.45
N VAL M 423 67.35 -53.52 9.19
CA VAL M 423 66.34 -53.42 8.13
C VAL M 423 65.62 -54.74 7.92
N LYS M 424 66.39 -55.83 7.82
CA LYS M 424 65.83 -57.18 7.61
C LYS M 424 64.84 -57.59 8.70
N GLU M 425 65.15 -57.25 9.95
CA GLU M 425 64.23 -57.50 11.07
C GLU M 425 62.97 -56.63 11.00
N THR M 426 63.14 -55.36 10.61
CA THR M 426 62.01 -54.44 10.41
C THR M 426 61.07 -54.94 9.31
N VAL M 427 61.65 -55.32 8.16
CA VAL M 427 60.86 -55.85 7.03
C VAL M 427 60.12 -57.13 7.44
N ARG M 428 60.83 -58.05 8.10
CA ARG M 428 60.24 -59.31 8.56
C ARG M 428 59.09 -59.11 9.56
N GLY M 429 59.28 -58.18 10.49
CA GLY M 429 58.28 -57.91 11.54
C GLY M 429 56.96 -57.39 11.01
N PHE M 430 57.01 -56.38 10.15
CA PHE M 430 55.81 -55.82 9.52
C PHE M 430 55.20 -56.74 8.46
N LYS M 431 56.03 -57.56 7.81
CA LYS M 431 55.55 -58.61 6.90
C LYS M 431 54.66 -59.60 7.65
N GLU M 432 55.17 -60.12 8.77
CA GLU M 432 54.43 -61.09 9.59
C GLU M 432 53.10 -60.55 10.15
N ILE M 433 53.05 -59.25 10.45
CA ILE M 433 51.81 -58.61 10.91
C ILE M 433 50.79 -58.51 9.75
N LEU M 434 51.26 -58.14 8.56
CA LEU M 434 50.40 -58.07 7.37
C LEU M 434 49.85 -59.44 6.95
N GLU M 435 50.69 -60.47 7.07
CA GLU M 435 50.27 -61.87 6.77
C GLU M 435 49.29 -62.45 7.78
N GLY M 436 49.24 -61.87 8.98
CA GLY M 436 48.26 -62.25 10.01
C GLY M 436 48.77 -63.27 11.02
N LYS M 437 50.09 -63.36 11.17
CA LYS M 437 50.71 -64.33 12.08
C LYS M 437 50.53 -63.93 13.56
N HIS M 438 50.42 -62.62 13.83
CA HIS M 438 50.32 -62.09 15.20
C HIS M 438 48.99 -61.37 15.47
N ASP M 439 47.91 -61.80 14.80
CA ASP M 439 46.58 -61.19 14.99
C ASP M 439 46.03 -61.42 16.41
N ASN M 440 46.32 -62.59 16.98
CA ASN M 440 45.78 -62.98 18.29
C ASN M 440 46.51 -62.36 19.49
N LEU M 441 47.67 -61.73 19.27
CA LEU M 441 48.40 -61.05 20.34
C LEU M 441 47.73 -59.71 20.71
N PRO M 442 47.90 -59.25 21.97
CA PRO M 442 47.35 -57.95 22.37
C PRO M 442 48.13 -56.77 21.80
N GLU M 443 47.49 -55.60 21.75
CA GLU M 443 48.05 -54.41 21.09
C GLU M 443 49.21 -53.77 21.88
N GLU M 444 49.17 -53.87 23.20
CA GLU M 444 50.26 -53.39 24.08
C GLU M 444 51.59 -54.11 23.83
N ALA M 445 51.54 -55.37 23.37
CA ALA M 445 52.74 -56.15 23.04
C ALA M 445 53.60 -55.53 21.93
N PHE M 446 52.95 -54.92 20.94
CA PHE M 446 53.64 -54.28 19.82
C PHE M 446 54.21 -52.90 20.17
N TYR M 447 53.71 -52.29 21.23
CA TYR M 447 54.13 -50.93 21.65
C TYR M 447 55.50 -50.95 22.34
N MET M 448 56.38 -50.05 21.88
CA MET M 448 57.71 -49.81 22.48
C MET M 448 58.58 -51.07 22.62
N VAL M 449 58.91 -51.66 21.48
CA VAL M 449 59.82 -52.81 21.39
C VAL M 449 60.73 -52.67 20.16
N GLY M 450 61.76 -53.51 20.10
CA GLY M 450 62.67 -53.57 18.96
C GLY M 450 62.13 -54.50 17.88
N THR M 451 62.63 -55.73 17.88
CA THR M 451 62.26 -56.72 16.86
C THR M 451 60.88 -57.33 17.14
N ILE M 452 60.38 -58.12 16.18
CA ILE M 452 59.12 -58.85 16.33
C ILE M 452 59.19 -59.93 17.42
N ASP M 453 60.38 -60.47 17.67
CA ASP M 453 60.61 -61.43 18.76
C ASP M 453 60.38 -60.81 20.14
N GLU M 454 60.75 -59.54 20.30
CA GLU M 454 60.52 -58.81 21.56
C GLU M 454 59.03 -58.52 21.81
N ALA M 455 58.25 -58.38 20.74
CA ALA M 455 56.79 -58.24 20.86
C ALA M 455 56.13 -59.53 21.35
N VAL M 456 56.55 -60.66 20.78
CA VAL M 456 56.09 -61.99 21.22
C VAL M 456 56.52 -62.27 22.67
N GLU M 457 57.75 -61.87 23.01
CA GLU M 457 58.28 -61.99 24.37
C GLU M 457 57.51 -61.12 25.38
N LYS M 458 57.03 -59.95 24.94
CA LYS M 458 56.23 -59.07 25.78
C LYS M 458 54.81 -59.61 26.03
N ALA M 459 54.28 -60.38 25.07
CA ALA M 459 52.90 -60.89 25.14
C ALA M 459 52.61 -61.82 26.33
N LYS M 460 53.59 -62.66 26.69
CA LYS M 460 53.44 -63.55 27.85
C LYS M 460 53.40 -62.80 29.19
N LYS M 461 54.11 -61.68 29.27
CA LYS M 461 54.15 -60.85 30.48
C LYS M 461 52.84 -60.07 30.72
N LEU M 462 52.10 -59.81 29.65
CA LEU M 462 50.77 -59.17 29.75
C LEU M 462 49.71 -60.21 30.13
N MET N 1 77.23 6.06 -48.75
CA MET N 1 78.22 7.07 -49.25
C MET N 1 79.13 7.54 -48.12
N ASN N 2 78.51 8.04 -47.04
CA ASN N 2 79.25 8.49 -45.86
C ASN N 2 79.68 7.30 -45.01
N LYS N 3 80.93 7.35 -44.51
CA LYS N 3 81.52 6.26 -43.74
C LYS N 3 81.43 6.51 -42.23
N GLY N 4 81.36 5.44 -41.45
CA GLY N 4 81.37 5.51 -39.98
C GLY N 4 82.16 4.36 -39.36
N ARG N 5 82.51 4.51 -38.08
CA ARG N 5 83.32 3.51 -37.36
C ARG N 5 82.56 2.97 -36.15
N ILE N 6 82.61 1.65 -35.93
CA ILE N 6 81.97 1.03 -34.75
C ILE N 6 82.74 1.39 -33.48
N ILE N 7 82.00 1.88 -32.48
CA ILE N 7 82.55 2.21 -31.17
C ILE N 7 82.17 1.17 -30.12
N GLN N 8 80.89 0.76 -30.10
CA GLN N 8 80.40 -0.25 -29.17
C GLN N 8 79.50 -1.28 -29.84
N VAL N 9 79.51 -2.50 -29.30
CA VAL N 9 78.59 -3.58 -29.69
C VAL N 9 78.00 -4.14 -28.40
N MET N 10 76.68 -4.07 -28.26
CA MET N 10 75.97 -4.49 -27.04
C MET N 10 74.73 -5.29 -27.41
N GLY N 11 74.92 -6.58 -27.65
CA GLY N 11 73.82 -7.47 -28.07
C GLY N 11 73.32 -7.07 -29.44
N PRO N 12 72.02 -6.77 -29.58
CA PRO N 12 71.52 -6.27 -30.86
C PRO N 12 71.71 -4.77 -31.09
N VAL N 13 72.34 -4.05 -30.14
CA VAL N 13 72.60 -2.61 -30.28
C VAL N 13 74.05 -2.37 -30.70
N VAL N 14 74.26 -1.43 -31.61
CA VAL N 14 75.58 -1.04 -32.11
C VAL N 14 75.71 0.49 -32.16
N ASP N 15 76.73 1.04 -31.50
CA ASP N 15 77.05 2.48 -31.56
C ASP N 15 78.09 2.73 -32.65
N ILE N 16 77.81 3.69 -33.54
CA ILE N 16 78.68 4.00 -34.68
C ILE N 16 79.03 5.50 -34.69
N GLN N 17 80.34 5.79 -34.73
CA GLN N 17 80.87 7.16 -34.81
C GLN N 17 80.94 7.61 -36.27
N PHE N 18 80.27 8.70 -36.59
CA PHE N 18 80.35 9.34 -37.92
C PHE N 18 81.07 10.68 -37.82
N GLU N 19 81.57 11.16 -38.97
CA GLU N 19 82.22 12.47 -39.07
C GLU N 19 81.19 13.60 -38.99
N SER N 20 81.63 14.77 -38.55
CA SER N 20 80.75 15.92 -38.30
C SER N 20 80.10 16.42 -39.60
N GLY N 21 78.77 16.54 -39.58
CA GLY N 21 77.99 16.92 -40.76
C GLY N 21 77.39 15.78 -41.55
N GLN N 22 77.92 14.56 -41.38
CA GLN N 22 77.49 13.37 -42.12
C GLN N 22 76.73 12.38 -41.22
N LEU N 23 75.90 12.90 -40.32
CA LEU N 23 75.21 12.09 -39.31
C LEU N 23 73.93 11.49 -39.90
N PRO N 24 73.80 10.15 -39.90
CA PRO N 24 72.56 9.54 -40.45
C PRO N 24 71.31 9.85 -39.63
N ASP N 25 70.17 9.97 -40.32
CA ASP N 25 68.89 10.25 -39.68
C ASP N 25 68.37 9.03 -38.93
N ILE N 26 67.38 9.24 -38.08
CA ILE N 26 66.74 8.14 -37.35
C ILE N 26 65.94 7.29 -38.35
N TYR N 27 65.94 5.98 -38.10
CA TYR N 27 65.36 4.95 -38.98
C TYR N 27 66.11 4.65 -40.29
N ASN N 28 67.29 5.26 -40.51
CA ASN N 28 68.07 4.98 -41.73
C ASN N 28 68.77 3.63 -41.63
N ALA N 29 68.81 2.90 -42.76
CA ALA N 29 69.55 1.65 -42.86
C ALA N 29 71.03 1.94 -42.99
N ILE N 30 71.85 1.16 -42.29
CA ILE N 30 73.31 1.27 -42.31
C ILE N 30 73.87 -0.14 -42.51
N THR N 31 74.73 -0.31 -43.53
CA THR N 31 75.35 -1.60 -43.82
C THR N 31 76.76 -1.67 -43.26
N ILE N 32 77.12 -2.84 -42.71
CA ILE N 32 78.45 -3.11 -42.18
C ILE N 32 78.93 -4.44 -42.77
N GLU N 33 80.10 -4.42 -43.42
CA GLU N 33 80.72 -5.65 -43.92
C GLU N 33 81.34 -6.41 -42.76
N ARG N 34 80.99 -7.70 -42.64
CA ARG N 34 81.50 -8.55 -41.56
C ARG N 34 82.94 -8.97 -41.84
N PRO N 35 83.75 -9.21 -40.77
CA PRO N 35 85.05 -9.87 -40.97
C PRO N 35 84.95 -11.33 -41.47
N GLN N 36 83.82 -11.99 -41.20
CA GLN N 36 83.59 -13.38 -41.61
C GLN N 36 82.92 -13.49 -42.99
N GLY N 37 82.77 -12.38 -43.71
CA GLY N 37 82.05 -12.34 -44.98
C GLY N 37 80.57 -12.06 -44.78
N GLY N 38 79.95 -11.47 -45.80
CA GLY N 38 78.54 -11.08 -45.74
C GLY N 38 78.35 -9.69 -45.16
N THR N 39 77.12 -9.18 -45.29
CA THR N 39 76.76 -7.83 -44.85
C THR N 39 75.71 -7.87 -43.74
N LEU N 40 75.91 -7.05 -42.71
CA LEU N 40 74.94 -6.87 -41.63
C LEU N 40 74.25 -5.52 -41.81
N THR N 41 72.93 -5.53 -41.96
CA THR N 41 72.14 -4.31 -42.01
C THR N 41 71.76 -3.90 -40.60
N VAL N 42 71.80 -2.58 -40.35
CA VAL N 42 71.64 -2.00 -39.02
C VAL N 42 70.79 -0.73 -39.15
N GLU N 43 69.93 -0.47 -38.17
CA GLU N 43 68.94 0.61 -38.22
C GLU N 43 69.20 1.67 -37.16
N ALA N 44 69.39 2.92 -37.58
CA ALA N 44 69.66 4.03 -36.67
C ALA N 44 68.46 4.35 -35.79
N ALA N 45 68.69 4.49 -34.48
CA ALA N 45 67.62 4.66 -33.48
C ALA N 45 67.74 5.96 -32.69
N VAL N 46 68.89 6.17 -32.03
CA VAL N 46 69.10 7.31 -31.14
C VAL N 46 70.39 8.06 -31.53
N HIS N 47 70.35 9.39 -31.40
CA HIS N 47 71.55 10.23 -31.50
C HIS N 47 72.08 10.50 -30.10
N LEU N 48 73.18 9.84 -29.74
CA LEU N 48 73.75 9.93 -28.39
C LEU N 48 74.49 11.25 -28.12
N GLY N 49 75.07 11.85 -29.17
CA GLY N 49 75.93 13.02 -29.04
C GLY N 49 77.34 12.71 -29.52
N ASP N 50 78.11 13.78 -29.78
CA ASP N 50 79.47 13.68 -30.34
C ASP N 50 79.50 12.93 -31.69
N ASN N 51 78.46 13.13 -32.50
CA ASN N 51 78.28 12.46 -33.79
C ASN N 51 78.28 10.92 -33.73
N VAL N 52 77.75 10.38 -32.63
CA VAL N 52 77.64 8.93 -32.43
C VAL N 52 76.17 8.55 -32.54
N VAL N 53 75.87 7.54 -33.37
CA VAL N 53 74.49 7.05 -33.55
C VAL N 53 74.35 5.64 -32.96
N ARG N 54 73.40 5.49 -32.03
CA ARG N 54 73.05 4.19 -31.47
C ARG N 54 72.04 3.52 -32.39
N CYS N 55 72.34 2.29 -32.79
CA CYS N 55 71.54 1.59 -33.79
C CYS N 55 71.07 0.21 -33.31
N VAL N 56 70.07 -0.33 -34.01
CA VAL N 56 69.50 -1.65 -33.73
C VAL N 56 69.82 -2.56 -34.92
N ALA N 57 70.47 -3.69 -34.66
CA ALA N 57 70.89 -4.63 -35.72
C ALA N 57 69.71 -5.50 -36.16
N MET N 58 69.62 -5.73 -37.47
CA MET N 58 68.58 -6.60 -38.04
C MET N 58 68.99 -8.08 -38.09
N ALA N 59 70.25 -8.38 -37.75
CA ALA N 59 70.74 -9.75 -37.65
C ALA N 59 71.78 -9.84 -36.52
N SER N 60 72.39 -11.02 -36.34
CA SER N 60 73.37 -11.25 -35.28
C SER N 60 74.56 -10.30 -35.34
N THR N 61 75.03 -9.87 -34.16
CA THR N 61 76.20 -9.00 -34.03
C THR N 61 77.47 -9.75 -33.61
N ASP N 62 77.38 -11.07 -33.39
CA ASP N 62 78.55 -11.89 -33.07
C ASP N 62 79.53 -11.87 -34.25
N GLY N 63 80.81 -11.74 -33.93
CA GLY N 63 81.87 -11.62 -34.94
C GLY N 63 82.30 -10.19 -35.27
N LEU N 64 81.49 -9.20 -34.89
CA LEU N 64 81.83 -7.79 -35.10
C LEU N 64 82.97 -7.34 -34.19
N VAL N 65 83.76 -6.39 -34.68
CA VAL N 65 84.91 -5.83 -33.98
C VAL N 65 84.77 -4.31 -34.01
N ARG N 66 85.34 -3.65 -32.99
CA ARG N 66 85.34 -2.18 -32.92
C ARG N 66 86.28 -1.60 -33.97
N GLY N 67 85.83 -0.53 -34.62
CA GLY N 67 86.60 0.15 -35.67
C GLY N 67 86.23 -0.21 -37.10
N LEU N 68 85.33 -1.17 -37.30
CA LEU N 68 84.91 -1.58 -38.65
C LEU N 68 84.11 -0.48 -39.34
N GLU N 69 84.22 -0.45 -40.67
CA GLU N 69 83.56 0.57 -41.47
C GLU N 69 82.05 0.30 -41.55
N ALA N 70 81.27 1.37 -41.46
CA ALA N 70 79.81 1.32 -41.59
C ALA N 70 79.35 2.35 -42.62
N VAL N 71 78.53 1.92 -43.57
CA VAL N 71 78.10 2.75 -44.71
C VAL N 71 76.64 3.16 -44.54
N ASP N 72 76.39 4.46 -44.47
CA ASP N 72 75.02 5.00 -44.45
C ASP N 72 74.41 4.92 -45.85
N THR N 73 73.26 4.24 -45.95
CA THR N 73 72.55 4.10 -47.23
C THR N 73 71.80 5.38 -47.63
N GLY N 74 71.52 6.24 -46.67
CA GLY N 74 70.87 7.54 -46.91
C GLY N 74 69.35 7.51 -46.81
N ALA N 75 68.80 6.36 -46.43
CA ALA N 75 67.35 6.18 -46.33
C ALA N 75 67.02 4.98 -45.42
N PRO N 76 65.73 4.81 -45.04
CA PRO N 76 65.36 3.62 -44.26
C PRO N 76 65.46 2.31 -45.05
N ILE N 77 65.27 1.19 -44.34
CA ILE N 77 65.23 -0.13 -44.97
C ILE N 77 64.12 -0.09 -46.02
N SER N 78 64.48 -0.38 -47.28
CA SER N 78 63.56 -0.27 -48.39
C SER N 78 63.36 -1.63 -49.03
N VAL N 79 62.10 -1.93 -49.38
CA VAL N 79 61.69 -3.29 -49.77
C VAL N 79 60.85 -3.28 -51.05
N PRO N 80 60.82 -4.40 -51.81
CA PRO N 80 60.05 -4.43 -53.06
C PRO N 80 58.53 -4.33 -52.83
N VAL N 81 57.83 -3.72 -53.78
CA VAL N 81 56.38 -3.56 -53.74
C VAL N 81 55.77 -3.80 -55.12
N GLY N 82 54.49 -4.18 -55.15
CA GLY N 82 53.73 -4.38 -56.39
C GLY N 82 53.54 -5.84 -56.76
N LYS N 83 53.34 -6.08 -58.06
CA LYS N 83 53.01 -7.41 -58.59
C LYS N 83 54.16 -8.43 -58.47
N ALA N 84 55.40 -7.94 -58.43
CA ALA N 84 56.58 -8.79 -58.27
C ALA N 84 56.65 -9.52 -56.91
N THR N 85 56.03 -8.95 -55.88
CA THR N 85 55.98 -9.57 -54.55
C THR N 85 54.97 -10.73 -54.45
N LEU N 86 53.98 -10.76 -55.34
CA LEU N 86 52.95 -11.82 -55.33
C LEU N 86 53.55 -13.18 -55.68
N GLY N 87 53.18 -14.20 -54.91
CA GLY N 87 53.72 -15.55 -55.06
C GLY N 87 55.12 -15.75 -54.53
N ARG N 88 55.64 -14.79 -53.76
CA ARG N 88 57.02 -14.80 -53.29
C ARG N 88 57.10 -14.74 -51.77
N VAL N 89 58.23 -15.20 -51.23
CA VAL N 89 58.48 -15.27 -49.79
C VAL N 89 59.69 -14.39 -49.46
N PHE N 90 59.52 -13.48 -48.50
CA PHE N 90 60.53 -12.47 -48.16
C PHE N 90 60.99 -12.54 -46.70
N ASN N 91 62.08 -11.83 -46.40
CA ASN N 91 62.55 -11.61 -45.03
C ASN N 91 62.37 -10.13 -44.65
N VAL N 92 62.85 -9.75 -43.46
CA VAL N 92 62.75 -8.37 -42.96
C VAL N 92 63.32 -7.31 -43.93
N LEU N 93 64.42 -7.63 -44.62
CA LEU N 93 65.08 -6.70 -45.55
C LEU N 93 64.46 -6.64 -46.96
N GLY N 94 63.40 -7.42 -47.21
CA GLY N 94 62.78 -7.48 -48.53
C GLY N 94 63.56 -8.30 -49.54
N GLU N 95 64.41 -9.20 -49.06
CA GLU N 95 65.20 -10.11 -49.89
C GLU N 95 64.43 -11.42 -50.03
N PRO N 96 64.45 -12.03 -51.23
CA PRO N 96 63.71 -13.28 -51.42
C PRO N 96 64.39 -14.46 -50.69
N ILE N 97 63.58 -15.25 -49.99
CA ILE N 97 64.06 -16.44 -49.26
C ILE N 97 63.39 -17.73 -49.76
N ASP N 98 62.81 -17.69 -50.97
CA ASP N 98 62.13 -18.84 -51.58
C ASP N 98 62.98 -19.58 -52.63
N GLU N 99 64.16 -19.05 -52.94
CA GLU N 99 65.07 -19.62 -53.95
C GLU N 99 64.42 -19.70 -55.35
N GLN N 100 63.67 -18.65 -55.72
CA GLN N 100 63.02 -18.53 -57.02
C GLN N 100 63.62 -17.37 -57.83
N GLY N 101 64.94 -17.19 -57.73
CA GLY N 101 65.64 -16.12 -58.44
C GLY N 101 65.39 -14.73 -57.87
N GLU N 102 65.82 -13.72 -58.61
CA GLU N 102 65.65 -12.32 -58.21
C GLU N 102 64.20 -11.87 -58.32
N VAL N 103 63.86 -10.84 -57.55
CA VAL N 103 62.54 -10.22 -57.57
C VAL N 103 62.63 -8.95 -58.41
N ASN N 104 62.21 -9.05 -59.67
CA ASN N 104 62.29 -7.91 -60.60
C ASN N 104 61.15 -6.92 -60.34
N ALA N 105 61.33 -6.11 -59.29
CA ALA N 105 60.39 -5.07 -58.89
C ALA N 105 61.07 -3.74 -59.16
N GLU N 106 60.34 -2.77 -59.69
CA GLU N 106 60.93 -1.48 -60.02
C GLU N 106 61.12 -0.61 -58.79
N GLU N 107 60.07 -0.44 -57.98
CA GLU N 107 60.12 0.46 -56.84
C GLU N 107 60.51 -0.26 -55.56
N ARG N 108 61.29 0.45 -54.72
CA ARG N 108 61.58 0.04 -53.36
C ARG N 108 61.05 1.12 -52.42
N HIS N 109 60.05 0.77 -51.61
CA HIS N 109 59.43 1.70 -50.67
C HIS N 109 60.02 1.52 -49.27
N PRO N 110 60.19 2.63 -48.52
CA PRO N 110 60.74 2.52 -47.16
C PRO N 110 59.73 1.93 -46.17
N ILE N 111 60.20 1.06 -45.28
CA ILE N 111 59.31 0.38 -44.32
C ILE N 111 58.77 1.30 -43.21
N HIS N 112 59.43 2.44 -42.97
CA HIS N 112 58.96 3.44 -42.02
C HIS N 112 58.28 4.60 -42.75
N ARG N 113 57.12 5.01 -42.24
CA ARG N 113 56.40 6.18 -42.75
C ARG N 113 55.33 6.65 -41.75
N PRO N 114 54.82 7.88 -41.90
CA PRO N 114 53.72 8.32 -41.03
C PRO N 114 52.41 7.58 -41.31
N ALA N 115 51.48 7.65 -40.36
CA ALA N 115 50.15 7.07 -40.52
C ALA N 115 49.33 7.89 -41.53
N PRO N 116 48.28 7.29 -42.12
CA PRO N 116 47.41 8.07 -43.02
C PRO N 116 46.74 9.25 -42.32
N GLU N 117 46.47 10.31 -43.07
CA GLU N 117 45.77 11.48 -42.56
C GLU N 117 44.31 11.17 -42.21
N PHE N 118 43.73 11.97 -41.33
CA PHE N 118 42.34 11.80 -40.88
C PHE N 118 41.34 11.74 -42.03
N GLU N 119 41.49 12.67 -42.99
CA GLU N 119 40.59 12.74 -44.15
C GLU N 119 40.68 11.54 -45.10
N GLU N 120 41.83 10.84 -45.10
CA GLU N 120 42.00 9.61 -45.90
C GLU N 120 41.23 8.38 -45.36
N LEU N 121 40.87 8.40 -44.08
CA LEU N 121 40.32 7.22 -43.41
C LEU N 121 38.91 6.86 -43.84
N SER N 122 38.58 5.58 -43.71
CA SER N 122 37.29 5.02 -44.11
C SER N 122 36.80 4.02 -43.07
N THR N 123 35.64 4.28 -42.48
CA THR N 123 35.08 3.43 -41.42
C THR N 123 34.43 2.16 -41.99
N ALA N 124 34.64 1.03 -41.31
CA ALA N 124 34.14 -0.28 -41.73
C ALA N 124 32.81 -0.62 -41.04
N ASP N 125 31.72 -0.53 -41.79
CA ASP N 125 30.36 -0.76 -41.25
C ASP N 125 29.59 -1.78 -42.09
N GLU N 126 30.21 -2.93 -42.31
CA GLU N 126 29.63 -4.01 -43.11
C GLU N 126 30.17 -5.36 -42.64
N ILE N 127 29.28 -6.32 -42.41
CA ILE N 127 29.67 -7.65 -41.90
C ILE N 127 30.50 -8.46 -42.90
N LEU N 128 31.49 -9.19 -42.39
CA LEU N 128 32.26 -10.17 -43.15
C LEU N 128 31.95 -11.56 -42.61
N GLU N 129 31.25 -12.37 -43.42
CA GLU N 129 30.88 -13.73 -43.04
C GLU N 129 32.10 -14.63 -42.98
N THR N 130 32.42 -15.15 -41.80
CA THR N 130 33.52 -16.10 -41.60
C THR N 130 33.07 -17.55 -41.81
N GLY N 131 31.80 -17.83 -41.51
CA GLY N 131 31.28 -19.19 -41.49
C GLY N 131 31.47 -19.91 -40.16
N ILE N 132 31.94 -19.18 -39.15
CA ILE N 132 32.18 -19.71 -37.81
C ILE N 132 31.08 -19.13 -36.92
N LYS N 133 30.40 -20.01 -36.18
CA LYS N 133 29.15 -19.65 -35.48
C LYS N 133 29.31 -18.62 -34.36
N VAL N 134 30.36 -18.74 -33.54
CA VAL N 134 30.56 -17.83 -32.39
C VAL N 134 30.89 -16.43 -32.88
N ILE N 135 31.78 -16.34 -33.86
CA ILE N 135 32.21 -15.07 -34.42
C ILE N 135 31.03 -14.38 -35.09
N ASP N 136 30.45 -15.03 -36.10
CA ASP N 136 29.33 -14.46 -36.88
C ASP N 136 28.17 -14.00 -36.01
N LEU N 137 27.82 -14.78 -34.98
CA LEU N 137 26.70 -14.44 -34.08
C LEU N 137 27.06 -13.34 -33.07
N LEU N 138 28.04 -13.62 -32.21
CA LEU N 138 28.29 -12.82 -31.00
C LEU N 138 29.30 -11.69 -31.14
N ALA N 139 30.25 -11.82 -32.07
CA ALA N 139 31.29 -10.79 -32.25
C ALA N 139 31.78 -10.78 -33.70
N PRO N 140 30.90 -10.36 -34.65
CA PRO N 140 31.20 -10.50 -36.08
C PRO N 140 32.29 -9.56 -36.59
N TYR N 141 33.06 -10.04 -37.57
CA TYR N 141 34.13 -9.25 -38.17
C TYR N 141 33.57 -8.30 -39.23
N ALA N 142 34.29 -7.20 -39.46
CA ALA N 142 33.88 -6.18 -40.43
C ALA N 142 34.77 -6.18 -41.66
N LYS N 143 34.19 -5.94 -42.84
CA LYS N 143 34.93 -5.83 -44.09
C LYS N 143 35.77 -4.55 -44.10
N GLY N 144 37.08 -4.70 -44.33
CA GLY N 144 38.01 -3.58 -44.23
C GLY N 144 38.26 -3.10 -42.80
N GLY N 145 38.00 -3.96 -41.82
CA GLY N 145 38.14 -3.64 -40.40
C GLY N 145 39.34 -4.32 -39.77
N LYS N 146 39.51 -4.10 -38.47
CA LYS N 146 40.64 -4.63 -37.70
C LYS N 146 40.18 -5.71 -36.72
N ILE N 147 40.70 -6.91 -36.89
CA ILE N 147 40.28 -8.10 -36.15
C ILE N 147 41.46 -8.63 -35.33
N GLY N 148 41.20 -9.04 -34.10
CA GLY N 148 42.23 -9.53 -33.18
C GLY N 148 41.90 -10.88 -32.57
N LEU N 149 42.80 -11.85 -32.70
CA LEU N 149 42.61 -13.20 -32.15
C LEU N 149 43.48 -13.39 -30.90
N PHE N 150 42.90 -13.10 -29.74
CA PHE N 150 43.61 -13.22 -28.45
C PHE N 150 43.63 -14.65 -27.97
N GLY N 151 44.74 -15.07 -27.36
CA GLY N 151 44.80 -16.39 -26.72
C GLY N 151 46.12 -16.69 -26.03
N GLY N 152 46.06 -17.55 -25.02
CA GLY N 152 47.26 -18.03 -24.31
C GLY N 152 47.98 -19.12 -25.11
N ALA N 153 48.94 -19.76 -24.47
CA ALA N 153 49.77 -20.79 -25.11
C ALA N 153 48.96 -22.04 -25.45
N GLY N 154 48.89 -22.39 -26.74
CA GLY N 154 48.25 -23.62 -27.19
C GLY N 154 46.73 -23.68 -27.14
N VAL N 155 46.07 -22.52 -27.16
CA VAL N 155 44.60 -22.45 -27.07
C VAL N 155 43.89 -22.48 -28.43
N GLY N 156 44.59 -22.04 -29.49
CA GLY N 156 44.10 -22.17 -30.87
C GLY N 156 44.07 -20.92 -31.75
N LYS N 157 45.11 -20.08 -31.65
CA LYS N 157 45.20 -18.86 -32.45
C LYS N 157 45.57 -19.16 -33.90
N THR N 158 46.61 -19.96 -34.09
CA THR N 158 47.11 -20.32 -35.43
C THR N 158 46.11 -21.21 -36.19
N VAL N 159 45.49 -22.15 -35.48
CA VAL N 159 44.43 -22.97 -36.07
C VAL N 159 43.26 -22.08 -36.53
N LEU N 160 42.90 -21.08 -35.72
CA LEU N 160 41.81 -20.16 -36.05
C LEU N 160 42.13 -19.25 -37.24
N ILE N 161 43.32 -18.65 -37.26
CA ILE N 161 43.72 -17.78 -38.37
C ILE N 161 43.88 -18.56 -39.69
N GLN N 162 44.37 -19.80 -39.60
CA GLN N 162 44.44 -20.70 -40.76
C GLN N 162 43.06 -21.09 -41.29
N GLU N 163 42.09 -21.26 -40.38
CA GLU N 163 40.70 -21.51 -40.76
C GLU N 163 40.08 -20.29 -41.44
N LEU N 164 40.43 -19.10 -40.96
CA LEU N 164 39.98 -17.84 -41.59
C LEU N 164 40.61 -17.62 -42.96
N ILE N 165 41.85 -18.07 -43.14
CA ILE N 165 42.49 -18.10 -44.46
C ILE N 165 41.72 -19.06 -45.39
N ASN N 166 41.38 -20.23 -44.87
CA ASN N 166 40.63 -21.24 -45.63
C ASN N 166 39.23 -20.74 -46.04
N ASN N 167 38.50 -20.15 -45.10
CA ASN N 167 37.11 -19.72 -45.32
C ASN N 167 36.95 -18.41 -46.10
N VAL N 168 37.81 -17.43 -45.82
CA VAL N 168 37.68 -16.08 -46.38
C VAL N 168 38.58 -15.84 -47.60
N ALA N 169 39.86 -16.17 -47.49
CA ALA N 169 40.87 -15.79 -48.50
C ALA N 169 40.86 -16.58 -49.81
N GLN N 170 40.35 -17.82 -49.79
CA GLN N 170 40.30 -18.66 -50.99
C GLN N 170 39.33 -18.12 -52.05
N GLU N 171 38.13 -17.73 -51.61
CA GLU N 171 37.12 -17.11 -52.47
C GLU N 171 37.12 -15.60 -52.26
N HIS N 172 38.28 -14.97 -52.50
CA HIS N 172 38.48 -13.54 -52.34
C HIS N 172 38.91 -12.93 -53.68
N GLY N 173 38.22 -11.90 -54.13
CA GLY N 173 38.50 -11.25 -55.41
C GLY N 173 39.83 -10.52 -55.47
N GLY N 174 40.19 -9.83 -54.38
CA GLY N 174 41.42 -9.06 -54.31
C GLY N 174 42.65 -9.87 -53.92
N LEU N 175 43.66 -9.16 -53.39
CA LEU N 175 44.96 -9.74 -53.05
C LEU N 175 45.07 -10.04 -51.55
N SER N 176 46.16 -10.71 -51.17
CA SER N 176 46.40 -11.13 -49.78
C SER N 176 47.87 -10.92 -49.38
N VAL N 177 48.10 -10.75 -48.07
CA VAL N 177 49.46 -10.62 -47.52
C VAL N 177 49.54 -11.35 -46.17
N PHE N 178 50.53 -12.24 -46.03
CA PHE N 178 50.78 -12.94 -44.77
C PHE N 178 52.11 -12.50 -44.15
N ALA N 179 52.11 -12.26 -42.84
CA ALA N 179 53.30 -11.86 -42.10
C ALA N 179 53.56 -12.83 -40.94
N GLY N 180 54.65 -13.59 -41.03
CA GLY N 180 55.11 -14.45 -39.93
C GLY N 180 56.02 -13.66 -39.01
N VAL N 181 55.52 -13.31 -37.83
CA VAL N 181 56.24 -12.47 -36.86
C VAL N 181 56.48 -13.26 -35.58
N GLY N 182 57.73 -13.72 -35.40
CA GLY N 182 58.16 -14.40 -34.17
C GLY N 182 57.50 -15.71 -33.83
N GLU N 183 57.09 -16.47 -34.85
CA GLU N 183 56.41 -17.76 -34.65
C GLU N 183 57.24 -18.91 -35.26
N ARG N 184 56.68 -20.10 -35.38
CA ARG N 184 57.43 -21.28 -35.83
C ARG N 184 57.75 -21.22 -37.33
N THR N 185 59.01 -21.41 -37.68
CA THR N 185 59.46 -21.46 -39.09
C THR N 185 58.81 -22.63 -39.84
N ARG N 186 58.63 -23.75 -39.15
CA ARG N 186 57.91 -24.92 -39.67
C ARG N 186 56.50 -24.57 -40.18
N GLU N 187 55.79 -23.74 -39.44
CA GLU N 187 54.43 -23.33 -39.81
C GLU N 187 54.39 -22.47 -41.07
N GLY N 188 55.43 -21.66 -41.27
CA GLY N 188 55.63 -20.92 -42.52
C GLY N 188 55.89 -21.83 -43.71
N ASN N 189 56.70 -22.87 -43.48
CA ASN N 189 56.94 -23.91 -44.49
C ASN N 189 55.67 -24.70 -44.80
N ASP N 190 54.86 -24.98 -43.78
CA ASP N 190 53.56 -25.65 -43.95
C ASP N 190 52.58 -24.78 -44.74
N LEU N 191 52.45 -23.51 -44.35
CA LEU N 191 51.52 -22.58 -44.99
C LEU N 191 51.90 -22.23 -46.43
N TYR N 192 53.20 -22.22 -46.74
CA TYR N 192 53.68 -22.01 -48.12
C TYR N 192 53.18 -23.12 -49.04
N HIS N 193 53.46 -24.36 -48.67
CA HIS N 193 53.03 -25.53 -49.46
C HIS N 193 51.51 -25.75 -49.41
N GLU N 194 50.87 -25.35 -48.30
CA GLU N 194 49.41 -25.40 -48.18
C GLU N 194 48.75 -24.44 -49.18
N MET N 195 49.28 -23.21 -49.26
CA MET N 195 48.79 -22.20 -50.21
C MET N 195 49.19 -22.51 -51.66
N LYS N 196 50.34 -23.15 -51.85
CA LYS N 196 50.83 -23.52 -53.19
C LYS N 196 49.96 -24.59 -53.86
N ASP N 197 49.52 -25.58 -53.10
CA ASP N 197 48.63 -26.64 -53.61
C ASP N 197 47.24 -26.11 -53.94
N SER N 198 46.68 -25.28 -53.06
CA SER N 198 45.35 -24.69 -53.26
C SER N 198 45.29 -23.61 -54.36
N GLY N 199 46.44 -23.07 -54.75
CA GLY N 199 46.52 -22.04 -55.80
C GLY N 199 46.35 -20.61 -55.32
N VAL N 200 46.14 -20.43 -54.02
CA VAL N 200 45.98 -19.08 -53.42
C VAL N 200 47.31 -18.30 -53.36
N ILE N 201 48.45 -19.01 -53.43
CA ILE N 201 49.79 -18.39 -53.38
C ILE N 201 50.02 -17.29 -54.43
N SER N 202 49.51 -17.50 -55.64
CA SER N 202 49.71 -16.55 -56.75
C SER N 202 49.13 -15.14 -56.51
N LYS N 203 48.19 -15.01 -55.58
CA LYS N 203 47.66 -13.71 -55.15
C LYS N 203 48.03 -13.38 -53.69
N THR N 204 49.18 -13.88 -53.23
CA THR N 204 49.60 -13.75 -51.84
C THR N 204 51.10 -13.42 -51.72
N SER N 205 51.42 -12.29 -51.11
CA SER N 205 52.80 -11.93 -50.76
C SER N 205 53.07 -12.36 -49.33
N MET N 206 54.17 -13.07 -49.10
CA MET N 206 54.50 -13.60 -47.77
C MET N 206 55.82 -13.04 -47.26
N VAL N 207 55.86 -12.78 -45.95
CA VAL N 207 57.06 -12.25 -45.27
C VAL N 207 57.22 -13.00 -43.95
N PHE N 208 58.47 -13.35 -43.61
CA PHE N 208 58.77 -14.15 -42.41
C PHE N 208 59.96 -13.62 -41.63
N GLY N 209 59.74 -13.37 -40.34
CA GLY N 209 60.79 -12.99 -39.40
C GLY N 209 60.49 -13.70 -38.08
N GLN N 210 60.84 -14.99 -38.04
CA GLN N 210 60.28 -15.93 -37.08
C GLN N 210 61.06 -15.98 -35.75
N MET N 211 60.62 -16.83 -34.82
CA MET N 211 61.20 -16.90 -33.46
C MET N 211 62.70 -17.29 -33.38
N ASN N 212 63.25 -17.83 -34.46
CA ASN N 212 64.71 -18.01 -34.59
C ASN N 212 65.48 -16.69 -34.69
N GLU N 213 64.86 -15.65 -35.26
CA GLU N 213 65.56 -14.43 -35.65
C GLU N 213 65.89 -13.52 -34.46
N PRO N 214 66.97 -12.73 -34.56
CA PRO N 214 67.26 -11.70 -33.55
C PRO N 214 66.15 -10.64 -33.42
N PRO N 215 66.09 -9.94 -32.27
CA PRO N 215 64.94 -9.06 -31.96
C PRO N 215 64.69 -7.92 -32.97
N GLY N 216 65.75 -7.38 -33.57
CA GLY N 216 65.60 -6.35 -34.60
C GLY N 216 64.76 -6.80 -35.80
N ALA N 217 64.97 -8.04 -36.23
CA ALA N 217 64.21 -8.62 -37.35
C ALA N 217 62.74 -8.83 -36.96
N ARG N 218 62.51 -9.42 -35.79
CA ARG N 218 61.16 -9.59 -35.25
C ARG N 218 60.43 -8.27 -34.99
N LEU N 219 61.18 -7.21 -34.69
CA LEU N 219 60.62 -5.87 -34.49
C LEU N 219 60.08 -5.24 -35.78
N ARG N 220 60.84 -5.35 -36.87
CA ARG N 220 60.52 -4.63 -38.12
C ARG N 220 59.89 -5.47 -39.24
N VAL N 221 59.83 -6.79 -39.10
CA VAL N 221 59.31 -7.66 -40.17
C VAL N 221 57.85 -7.42 -40.54
N ALA N 222 57.01 -7.04 -39.57
CA ALA N 222 55.62 -6.68 -39.83
C ALA N 222 55.49 -5.45 -40.74
N LEU N 223 56.41 -4.50 -40.59
CA LEU N 223 56.44 -3.29 -41.43
C LEU N 223 56.79 -3.60 -42.89
N THR N 224 57.60 -4.63 -43.11
CA THR N 224 57.95 -5.09 -44.46
C THR N 224 56.72 -5.60 -45.21
N GLY N 225 55.95 -6.46 -44.56
CA GLY N 225 54.68 -6.96 -45.13
C GLY N 225 53.61 -5.88 -45.25
N LEU N 226 53.57 -5.00 -44.27
CA LEU N 226 52.63 -3.86 -44.26
C LEU N 226 52.84 -2.90 -45.44
N THR N 227 54.11 -2.59 -45.74
CA THR N 227 54.46 -1.72 -46.87
C THR N 227 53.98 -2.29 -48.21
N MET N 228 54.05 -3.61 -48.36
CA MET N 228 53.54 -4.28 -49.56
C MET N 228 52.01 -4.19 -49.64
N ALA N 229 51.34 -4.34 -48.49
CA ALA N 229 49.89 -4.18 -48.39
C ALA N 229 49.43 -2.73 -48.63
N GLU N 230 50.25 -1.76 -48.19
CA GLU N 230 49.96 -0.34 -48.42
C GLU N 230 49.99 0.04 -49.90
N TYR N 231 50.90 -0.56 -50.67
CA TYR N 231 51.00 -0.33 -52.12
C TYR N 231 49.75 -0.82 -52.85
N PHE N 232 49.29 -2.03 -52.52
CA PHE N 232 48.07 -2.60 -53.12
C PHE N 232 46.84 -1.77 -52.77
N ARG N 233 46.81 -1.22 -51.55
CA ARG N 233 45.71 -0.37 -51.09
C ARG N 233 45.67 0.97 -51.82
N ASP N 234 46.76 1.74 -51.72
CA ASP N 234 46.78 3.13 -52.20
C ASP N 234 46.96 3.25 -53.72
N ARG N 235 47.98 2.58 -54.26
CA ARG N 235 48.36 2.74 -55.67
C ARG N 235 47.46 1.96 -56.62
N GLU N 236 47.17 0.71 -56.29
CA GLU N 236 46.32 -0.16 -57.13
C GLU N 236 44.83 -0.20 -56.75
N GLY N 237 44.47 0.37 -55.59
CA GLY N 237 43.07 0.45 -55.17
C GLY N 237 42.42 -0.88 -54.86
N GLN N 238 43.18 -1.77 -54.23
CA GLN N 238 42.79 -3.18 -54.07
C GLN N 238 42.16 -3.46 -52.70
N ASP N 239 41.34 -4.50 -52.64
CA ASP N 239 40.84 -5.05 -51.37
C ASP N 239 41.85 -6.08 -50.87
N VAL N 240 42.61 -5.70 -49.84
CA VAL N 240 43.72 -6.51 -49.33
C VAL N 240 43.31 -7.24 -48.04
N LEU N 241 43.77 -8.47 -47.90
CA LEU N 241 43.66 -9.22 -46.64
C LEU N 241 45.04 -9.30 -46.01
N LEU N 242 45.19 -8.77 -44.79
CA LEU N 242 46.45 -8.81 -44.06
C LEU N 242 46.36 -9.79 -42.88
N PHE N 243 47.12 -10.88 -42.95
CA PHE N 243 47.19 -11.88 -41.88
C PHE N 243 48.52 -11.75 -41.15
N ILE N 244 48.48 -11.61 -39.82
CA ILE N 244 49.68 -11.47 -38.99
C ILE N 244 49.62 -12.48 -37.84
N ASP N 245 50.64 -13.33 -37.75
CA ASP N 245 50.79 -14.29 -36.66
C ASP N 245 52.27 -14.28 -36.25
N ASN N 246 52.67 -13.69 -35.11
CA ASN N 246 51.82 -13.11 -34.07
C ASN N 246 52.29 -11.70 -33.74
N ILE N 247 51.36 -10.76 -33.63
CA ILE N 247 51.71 -9.33 -33.44
C ILE N 247 52.33 -9.02 -32.06
N PHE N 248 52.00 -9.82 -31.04
CA PHE N 248 52.67 -9.70 -29.72
C PHE N 248 54.19 -9.77 -29.81
N ARG N 249 54.68 -10.61 -30.72
CA ARG N 249 56.13 -10.83 -30.89
C ARG N 249 56.89 -9.57 -31.34
N PHE N 250 56.20 -8.68 -32.04
CA PHE N 250 56.71 -7.35 -32.37
C PHE N 250 56.94 -6.49 -31.11
N THR N 251 55.98 -6.52 -30.19
CA THR N 251 56.11 -5.82 -28.89
C THR N 251 57.18 -6.49 -28.01
N GLN N 252 57.20 -7.81 -27.99
CA GLN N 252 58.19 -8.59 -27.24
C GLN N 252 59.63 -8.29 -27.70
N ALA N 253 59.83 -8.27 -29.01
CA ALA N 253 61.11 -7.92 -29.61
C ALA N 253 61.52 -6.48 -29.31
N GLY N 254 60.53 -5.58 -29.24
CA GLY N 254 60.74 -4.20 -28.80
C GLY N 254 61.28 -4.07 -27.39
N SER N 255 60.79 -4.91 -26.47
CA SER N 255 61.30 -4.92 -25.10
C SER N 255 62.76 -5.38 -25.00
N GLU N 256 63.14 -6.30 -25.89
CA GLU N 256 64.50 -6.86 -25.91
C GLU N 256 65.54 -5.82 -26.34
N VAL N 257 65.24 -5.08 -27.41
CA VAL N 257 66.12 -3.98 -27.86
C VAL N 257 66.12 -2.82 -26.88
N SER N 258 64.95 -2.52 -26.30
CA SER N 258 64.80 -1.42 -25.32
C SER N 258 65.71 -1.57 -24.10
N ALA N 259 65.94 -2.81 -23.66
CA ALA N 259 66.82 -3.11 -22.53
C ALA N 259 68.27 -2.70 -22.79
N LEU N 260 68.79 -3.07 -23.97
CA LEU N 260 70.17 -2.76 -24.35
C LEU N 260 70.35 -1.37 -25.01
N LEU N 261 69.24 -0.73 -25.38
CA LEU N 261 69.27 0.71 -25.70
C LEU N 261 69.47 1.56 -24.44
N GLY N 262 69.12 1.01 -23.27
CA GLY N 262 69.37 1.65 -21.98
C GLY N 262 68.17 2.39 -21.40
N ARG N 263 67.01 2.26 -22.02
CA ARG N 263 65.79 2.93 -21.56
C ARG N 263 65.31 2.34 -20.24
N MET N 264 64.71 3.18 -19.40
CA MET N 264 64.17 2.73 -18.12
C MET N 264 62.86 1.97 -18.36
N PRO N 265 62.70 0.81 -17.70
CA PRO N 265 61.52 -0.03 -17.95
C PRO N 265 60.24 0.54 -17.36
N SER N 266 59.11 0.15 -17.94
CA SER N 266 57.79 0.51 -17.45
C SER N 266 57.20 -0.67 -16.67
N ALA N 267 55.87 -0.71 -16.52
CA ALA N 267 55.20 -1.79 -15.79
C ALA N 267 55.44 -3.17 -16.40
N VAL N 268 55.67 -4.16 -15.54
CA VAL N 268 55.98 -5.55 -15.92
C VAL N 268 57.23 -5.66 -16.83
N GLY N 269 58.20 -4.77 -16.63
CA GLY N 269 59.46 -4.77 -17.38
C GLY N 269 59.41 -4.41 -18.85
N TYR N 270 58.28 -3.90 -19.34
CA TYR N 270 58.14 -3.54 -20.76
C TYR N 270 58.84 -2.22 -21.09
N GLN N 271 59.04 -1.98 -22.38
CA GLN N 271 59.57 -0.69 -22.85
C GLN N 271 58.60 0.45 -22.51
N PRO N 272 59.13 1.65 -22.20
CA PRO N 272 58.26 2.80 -21.92
C PRO N 272 57.49 3.28 -23.16
N THR N 273 58.03 3.01 -24.34
CA THR N 273 57.41 3.38 -25.62
C THR N 273 56.47 2.31 -26.19
N LEU N 274 55.87 1.49 -25.33
CA LEU N 274 55.05 0.35 -25.78
C LEU N 274 53.84 0.79 -26.58
N ALA N 275 53.07 1.73 -26.03
CA ALA N 275 51.86 2.24 -26.67
C ALA N 275 52.13 3.01 -27.97
N THR N 276 53.16 3.87 -27.95
CA THR N 276 53.52 4.66 -29.13
C THR N 276 54.02 3.79 -30.28
N GLU N 277 54.92 2.86 -29.98
CA GLU N 277 55.43 1.91 -30.98
C GLU N 277 54.31 1.09 -31.62
N MET N 278 53.39 0.61 -30.78
CA MET N 278 52.23 -0.15 -31.23
C MET N 278 51.31 0.70 -32.12
N GLY N 279 51.06 1.94 -31.71
CA GLY N 279 50.23 2.86 -32.48
C GLY N 279 50.80 3.26 -33.83
N GLN N 280 52.11 3.52 -33.87
CA GLN N 280 52.80 3.84 -35.13
C GLN N 280 52.76 2.70 -36.15
N LEU N 281 52.75 1.46 -35.68
CA LEU N 281 52.57 0.29 -36.54
C LEU N 281 51.09 0.10 -36.90
N GLN N 282 50.23 0.06 -35.88
CA GLN N 282 48.81 -0.30 -36.04
C GLN N 282 48.00 0.69 -36.88
N GLU N 283 48.24 1.99 -36.70
CA GLU N 283 47.48 3.02 -37.42
C GLU N 283 47.69 3.02 -38.94
N ARG N 284 48.83 2.50 -39.40
CA ARG N 284 49.06 2.24 -40.82
C ARG N 284 48.21 1.08 -41.35
N ILE N 285 47.96 0.08 -40.52
CA ILE N 285 47.05 -1.02 -40.86
C ILE N 285 45.60 -0.51 -40.76
N THR N 286 45.07 -0.03 -41.89
CA THR N 286 43.73 0.55 -41.93
C THR N 286 43.21 0.65 -43.36
N SER N 287 41.89 0.75 -43.49
CA SER N 287 41.24 1.00 -44.78
C SER N 287 41.24 2.51 -45.06
N THR N 288 41.35 2.86 -46.34
CA THR N 288 41.33 4.26 -46.79
C THR N 288 40.26 4.44 -47.88
N LYS N 289 40.12 5.67 -48.36
CA LYS N 289 39.21 5.97 -49.47
C LYS N 289 39.62 5.29 -50.78
N LYS N 290 40.92 5.16 -51.02
CA LYS N 290 41.45 4.52 -52.23
C LYS N 290 41.27 3.00 -52.23
N GLY N 291 41.47 2.36 -51.08
CA GLY N 291 41.31 0.90 -50.95
C GLY N 291 41.20 0.45 -49.51
N SER N 292 40.81 -0.81 -49.31
CA SER N 292 40.58 -1.38 -47.97
C SER N 292 41.62 -2.43 -47.57
N ILE N 293 41.93 -2.48 -46.28
CA ILE N 293 42.71 -3.57 -45.68
C ILE N 293 41.84 -4.21 -44.61
N THR N 294 41.61 -5.52 -44.73
CA THR N 294 40.94 -6.31 -43.70
C THR N 294 42.04 -7.10 -42.97
N SER N 295 42.41 -6.63 -41.78
CA SER N 295 43.51 -7.20 -41.02
C SER N 295 43.02 -8.18 -39.95
N ILE N 296 43.61 -9.38 -39.93
CA ILE N 296 43.32 -10.40 -38.93
C ILE N 296 44.65 -10.74 -38.23
N GLN N 297 44.75 -10.37 -36.96
CA GLN N 297 46.02 -10.46 -36.22
C GLN N 297 45.91 -11.39 -35.01
N ALA N 298 46.77 -12.41 -34.97
CA ALA N 298 46.90 -13.25 -33.77
C ALA N 298 47.66 -12.46 -32.71
N ILE N 299 47.16 -12.53 -31.47
CA ILE N 299 47.70 -11.75 -30.35
C ILE N 299 47.93 -12.71 -29.16
N TYR N 300 49.20 -12.94 -28.82
CA TYR N 300 49.55 -13.81 -27.71
C TYR N 300 49.28 -13.12 -26.37
N VAL N 301 48.79 -13.89 -25.40
CA VAL N 301 48.49 -13.41 -24.05
C VAL N 301 49.47 -14.08 -23.09
N PRO N 302 50.48 -13.34 -22.58
CA PRO N 302 51.47 -13.91 -21.65
C PRO N 302 50.88 -14.50 -20.38
N ALA N 303 51.16 -15.78 -20.12
CA ALA N 303 50.70 -16.49 -18.92
C ALA N 303 49.18 -16.43 -18.70
N ASP N 304 48.41 -16.40 -19.78
CA ASP N 304 46.94 -16.26 -19.77
C ASP N 304 46.42 -14.98 -19.06
N ASP N 305 47.27 -13.95 -18.98
CA ASP N 305 46.94 -12.71 -18.27
C ASP N 305 46.56 -11.63 -19.27
N TYR N 306 45.26 -11.42 -19.44
CA TYR N 306 44.73 -10.38 -20.33
C TYR N 306 45.05 -8.94 -19.87
N THR N 307 45.32 -8.75 -18.58
CA THR N 307 45.69 -7.44 -18.04
C THR N 307 47.17 -7.08 -18.26
N ASP N 308 47.95 -8.00 -18.85
CA ASP N 308 49.33 -7.74 -19.25
C ASP N 308 49.37 -6.54 -20.22
N PRO N 309 50.36 -5.63 -20.06
CA PRO N 309 50.41 -4.41 -20.90
C PRO N 309 50.32 -4.62 -22.42
N ALA N 310 50.91 -5.70 -22.92
CA ALA N 310 50.94 -5.96 -24.37
C ALA N 310 49.55 -6.21 -24.99
N PRO N 311 48.83 -7.27 -24.53
CA PRO N 311 47.46 -7.45 -25.02
C PRO N 311 46.47 -6.35 -24.60
N ALA N 312 46.68 -5.77 -23.42
CA ALA N 312 45.83 -4.68 -22.90
C ALA N 312 45.82 -3.46 -23.81
N THR N 313 47.00 -3.03 -24.24
CA THR N 313 47.16 -1.88 -25.15
C THR N 313 46.70 -2.20 -26.58
N THR N 314 46.74 -3.48 -26.98
CA THR N 314 46.29 -3.91 -28.31
C THR N 314 44.79 -3.73 -28.56
N PHE N 315 43.98 -3.85 -27.51
CA PHE N 315 42.52 -3.73 -27.60
C PHE N 315 42.01 -2.44 -28.26
N ALA N 316 42.72 -1.33 -28.05
CA ALA N 316 42.36 -0.04 -28.67
C ALA N 316 42.38 -0.03 -30.20
N HIS N 317 43.17 -0.92 -30.80
CA HIS N 317 43.39 -0.94 -32.25
C HIS N 317 42.49 -1.94 -33.01
N LEU N 318 41.37 -2.35 -32.42
CA LEU N 318 40.57 -3.45 -32.96
C LEU N 318 39.08 -3.11 -33.01
N ASP N 319 38.44 -3.48 -34.13
CA ASP N 319 37.00 -3.34 -34.30
C ASP N 319 36.27 -4.56 -33.73
N ALA N 320 36.85 -5.75 -33.95
CA ALA N 320 36.34 -7.00 -33.38
C ALA N 320 37.45 -7.76 -32.68
N THR N 321 37.10 -8.49 -31.62
CA THR N 321 38.05 -9.27 -30.83
C THR N 321 37.51 -10.68 -30.62
N THR N 322 38.34 -11.69 -30.89
CA THR N 322 38.03 -13.10 -30.58
C THR N 322 38.91 -13.51 -29.41
N ASN N 323 38.32 -13.62 -28.23
CA ASN N 323 39.05 -13.88 -26.99
C ASN N 323 39.04 -15.37 -26.65
N LEU N 324 40.11 -16.08 -27.01
CA LEU N 324 40.22 -17.50 -26.72
C LEU N 324 40.60 -17.74 -25.26
N GLU N 325 40.13 -18.86 -24.70
CA GLU N 325 40.26 -19.17 -23.27
C GLU N 325 40.63 -20.63 -23.06
N ARG N 326 41.61 -20.88 -22.19
CA ARG N 326 42.13 -22.24 -21.94
C ARG N 326 41.08 -23.19 -21.35
N LYS N 327 40.18 -22.66 -20.51
CA LYS N 327 39.15 -23.46 -19.85
C LYS N 327 38.22 -24.14 -20.86
N LEU N 328 37.80 -23.38 -21.87
CA LEU N 328 36.98 -23.91 -22.97
C LEU N 328 37.74 -24.93 -23.82
N ALA N 329 39.02 -24.68 -24.09
CA ALA N 329 39.87 -25.60 -24.85
C ALA N 329 40.04 -26.95 -24.14
N GLU N 330 40.28 -26.92 -22.84
CA GLU N 330 40.40 -28.14 -22.03
C GLU N 330 39.08 -28.91 -21.87
N MET N 331 37.95 -28.21 -21.99
CA MET N 331 36.62 -28.85 -22.03
C MET N 331 36.30 -29.52 -23.38
N GLY N 332 37.08 -29.24 -24.42
CA GLY N 332 36.80 -29.74 -25.78
C GLY N 332 36.01 -28.78 -26.64
N ILE N 333 35.71 -27.58 -26.11
CA ILE N 333 34.95 -26.57 -26.85
C ILE N 333 35.92 -25.86 -27.78
N TYR N 334 35.85 -26.21 -29.08
CA TYR N 334 36.67 -25.57 -30.12
C TYR N 334 35.74 -24.99 -31.21
N PRO N 335 36.02 -23.77 -31.70
CA PRO N 335 37.09 -22.90 -31.22
C PRO N 335 36.79 -22.37 -29.81
N ALA N 336 37.83 -22.21 -28.99
CA ALA N 336 37.67 -21.93 -27.56
C ALA N 336 37.35 -20.46 -27.27
N VAL N 337 36.31 -19.94 -27.91
CA VAL N 337 36.00 -18.51 -27.91
C VAL N 337 35.13 -18.18 -26.71
N ASP N 338 35.60 -17.25 -25.87
CA ASP N 338 34.81 -16.74 -24.75
C ASP N 338 33.65 -15.91 -25.32
N PRO N 339 32.40 -16.39 -25.14
CA PRO N 339 31.25 -15.73 -25.78
C PRO N 339 30.82 -14.39 -25.17
N LEU N 340 31.33 -14.06 -23.98
CA LEU N 340 31.05 -12.78 -23.32
C LEU N 340 32.20 -11.77 -23.45
N ALA N 341 33.43 -12.24 -23.30
CA ALA N 341 34.62 -11.38 -23.45
C ALA N 341 34.90 -10.95 -24.90
N SER N 342 34.54 -11.79 -25.86
CA SER N 342 34.67 -11.45 -27.29
C SER N 342 33.63 -10.40 -27.67
N THR N 343 34.09 -9.33 -28.33
CA THR N 343 33.25 -8.18 -28.65
C THR N 343 33.42 -7.74 -30.10
N SER N 344 32.48 -6.92 -30.56
CA SER N 344 32.51 -6.36 -31.92
C SER N 344 31.76 -5.03 -31.98
N ARG N 345 32.33 -4.08 -32.71
CA ARG N 345 31.72 -2.76 -32.90
C ARG N 345 30.46 -2.80 -33.75
N ILE N 346 30.38 -3.77 -34.66
CA ILE N 346 29.26 -3.91 -35.61
C ILE N 346 28.13 -4.86 -35.17
N LEU N 347 28.13 -5.29 -33.89
CA LEU N 347 26.99 -6.02 -33.32
C LEU N 347 25.92 -5.01 -32.92
N SER N 348 25.08 -4.65 -33.89
CA SER N 348 23.97 -3.72 -33.66
C SER N 348 22.83 -3.99 -34.65
N PRO N 349 21.60 -3.53 -34.34
CA PRO N 349 20.47 -3.73 -35.27
C PRO N 349 20.67 -3.14 -36.68
N ALA N 350 21.37 -2.01 -36.76
CA ALA N 350 21.61 -1.33 -38.05
C ALA N 350 22.44 -2.15 -39.05
N VAL N 351 23.44 -2.88 -38.55
CA VAL N 351 24.33 -3.68 -39.41
C VAL N 351 23.78 -5.09 -39.62
N VAL N 352 23.68 -5.86 -38.53
CA VAL N 352 23.33 -7.29 -38.61
C VAL N 352 21.83 -7.59 -38.62
N GLY N 353 20.99 -6.58 -38.37
CA GLY N 353 19.53 -6.76 -38.32
C GLY N 353 19.01 -6.96 -36.91
N GLU N 354 17.69 -6.81 -36.75
CA GLU N 354 17.04 -6.87 -35.44
C GLU N 354 17.01 -8.28 -34.84
N GLU N 355 16.75 -9.29 -35.67
CA GLU N 355 16.68 -10.68 -35.22
C GLU N 355 18.05 -11.19 -34.75
N HIS N 356 19.07 -10.95 -35.56
CA HIS N 356 20.47 -11.28 -35.23
C HIS N 356 20.88 -10.68 -33.89
N TYR N 357 20.60 -9.39 -33.71
CA TYR N 357 20.93 -8.67 -32.47
C TYR N 357 20.20 -9.23 -31.26
N ARG N 358 18.89 -9.42 -31.39
CA ARG N 358 18.04 -9.96 -30.32
C ARG N 358 18.47 -11.36 -29.88
N VAL N 359 18.73 -12.24 -30.86
CA VAL N 359 19.20 -13.61 -30.59
C VAL N 359 20.59 -13.60 -29.95
N ALA N 360 21.49 -12.76 -30.45
CA ALA N 360 22.85 -12.62 -29.90
C ALA N 360 22.85 -12.21 -28.43
N ARG N 361 22.10 -11.17 -28.11
CA ARG N 361 21.97 -10.68 -26.72
C ARG N 361 21.18 -11.64 -25.82
N GLY N 362 20.25 -12.40 -26.41
CA GLY N 362 19.53 -13.45 -25.69
C GLY N 362 20.44 -14.58 -25.25
N VAL N 363 21.31 -15.02 -26.17
CA VAL N 363 22.35 -16.01 -25.87
C VAL N 363 23.29 -15.56 -24.75
N GLN N 364 23.74 -14.31 -24.84
CA GLN N 364 24.65 -13.73 -23.83
C GLN N 364 23.99 -13.53 -22.46
N GLN N 365 22.69 -13.28 -22.43
CA GLN N 365 21.92 -13.18 -21.18
C GLN N 365 21.80 -14.54 -20.46
N VAL N 366 21.61 -15.60 -21.24
CA VAL N 366 21.58 -16.97 -20.71
C VAL N 366 22.95 -17.37 -20.15
N LEU N 367 24.00 -17.12 -20.94
CA LEU N 367 25.37 -17.47 -20.55
C LEU N 367 25.89 -16.64 -19.37
N GLN N 368 25.46 -15.38 -19.26
CA GLN N 368 25.83 -14.52 -18.13
C GLN N 368 25.29 -15.03 -16.80
N ARG N 369 24.04 -15.50 -16.80
CA ARG N 369 23.43 -16.09 -15.60
C ARG N 369 24.10 -17.42 -15.24
N TYR N 370 24.39 -18.24 -16.26
CA TYR N 370 25.15 -19.48 -16.07
C TYR N 370 26.54 -19.23 -15.48
N ASN N 371 27.19 -18.16 -15.91
CA ASN N 371 28.48 -17.74 -15.36
C ASN N 371 28.37 -17.31 -13.89
N ASP N 372 27.31 -16.59 -13.55
CA ASP N 372 27.05 -16.16 -12.16
C ASP N 372 26.82 -17.33 -11.19
N LEU N 373 26.28 -18.45 -11.70
CA LEU N 373 25.99 -19.63 -10.88
C LEU N 373 27.15 -20.64 -10.73
N GLN N 374 28.33 -20.33 -11.29
CA GLN N 374 29.45 -21.30 -11.31
C GLN N 374 30.00 -21.66 -9.92
N ASP N 375 30.07 -20.69 -9.01
CA ASP N 375 30.54 -20.95 -7.63
C ASP N 375 29.60 -21.89 -6.87
N ILE N 376 28.29 -21.71 -7.04
CA ILE N 376 27.28 -22.59 -6.44
C ILE N 376 27.30 -23.97 -7.12
N ILE N 377 27.32 -23.99 -8.45
CA ILE N 377 27.31 -25.24 -9.23
C ILE N 377 28.55 -26.10 -8.97
N ALA N 378 29.71 -25.45 -8.80
CA ALA N 378 30.96 -26.16 -8.49
C ALA N 378 30.88 -26.96 -7.18
N ILE N 379 30.25 -26.38 -6.15
CA ILE N 379 30.11 -27.02 -4.85
C ILE N 379 28.92 -27.98 -4.81
N LEU N 380 27.71 -27.43 -5.01
CA LEU N 380 26.46 -28.18 -4.78
C LEU N 380 25.82 -28.81 -6.02
N GLY N 381 26.39 -28.59 -7.21
CA GLY N 381 25.79 -29.07 -8.45
C GLY N 381 24.56 -28.27 -8.83
N MET N 382 23.62 -28.92 -9.51
CA MET N 382 22.39 -28.27 -9.99
C MET N 382 21.14 -28.64 -9.16
N ASP N 383 21.33 -29.26 -8.00
CA ASP N 383 20.23 -29.77 -7.17
C ASP N 383 19.50 -28.68 -6.38
N GLU N 384 20.24 -27.68 -5.89
CA GLU N 384 19.66 -26.58 -5.10
C GLU N 384 19.24 -25.36 -5.91
N LEU N 385 19.38 -25.42 -7.24
CA LEU N 385 18.97 -24.31 -8.11
C LEU N 385 17.44 -24.26 -8.19
N SER N 386 16.91 -23.06 -8.47
CA SER N 386 15.48 -22.88 -8.69
C SER N 386 15.08 -23.46 -10.05
N ASP N 387 13.78 -23.71 -10.22
CA ASP N 387 13.25 -24.25 -11.49
C ASP N 387 13.59 -23.38 -12.70
N GLU N 388 13.64 -22.06 -12.48
CA GLU N 388 13.98 -21.09 -13.52
C GLU N 388 15.45 -21.23 -13.92
N ASP N 389 16.33 -21.29 -12.92
CA ASP N 389 17.78 -21.46 -13.15
C ASP N 389 18.15 -22.84 -13.73
N LYS N 390 17.45 -23.89 -13.30
CA LYS N 390 17.64 -25.23 -13.89
C LYS N 390 17.42 -25.24 -15.41
N LEU N 391 16.40 -24.52 -15.86
CA LEU N 391 16.13 -24.35 -17.29
C LEU N 391 17.21 -23.50 -17.97
N ILE N 392 17.62 -22.42 -17.32
CA ILE N 392 18.69 -21.53 -17.84
C ILE N 392 20.02 -22.26 -17.98
N VAL N 393 20.39 -23.06 -16.97
CA VAL N 393 21.61 -23.88 -16.99
C VAL N 393 21.53 -24.93 -18.12
N ALA N 394 20.38 -25.58 -18.25
CA ALA N 394 20.16 -26.59 -19.29
C ALA N 394 20.28 -26.03 -20.70
N ARG N 395 19.71 -24.84 -20.92
CA ARG N 395 19.82 -24.14 -22.20
C ARG N 395 21.23 -23.59 -22.44
N ALA N 396 21.88 -23.12 -21.38
CA ALA N 396 23.24 -22.57 -21.45
C ALA N 396 24.26 -23.61 -21.91
N ARG N 397 24.16 -24.82 -21.34
CA ARG N 397 25.06 -25.92 -21.70
C ARG N 397 24.90 -26.40 -23.14
N LYS N 398 23.66 -26.36 -23.64
CA LYS N 398 23.37 -26.68 -25.05
C LYS N 398 23.87 -25.58 -25.99
N ILE N 399 23.62 -24.32 -25.61
CA ILE N 399 24.17 -23.14 -26.30
C ILE N 399 25.70 -23.20 -26.37
N GLN N 400 26.33 -23.52 -25.24
CA GLN N 400 27.80 -23.63 -25.12
C GLN N 400 28.38 -24.66 -26.08
N ARG N 401 27.69 -25.78 -26.26
CA ARG N 401 28.11 -26.85 -27.17
C ARG N 401 27.79 -26.57 -28.64
N PHE N 402 26.68 -25.90 -28.92
CA PHE N 402 26.35 -25.49 -30.30
C PHE N 402 27.25 -24.34 -30.79
N LEU N 403 27.84 -23.60 -29.86
CA LEU N 403 28.88 -22.60 -30.19
C LEU N 403 30.18 -23.25 -30.69
N SER N 404 30.48 -24.48 -30.28
CA SER N 404 31.61 -25.24 -30.83
C SER N 404 31.35 -25.64 -32.29
N GLN N 405 32.42 -25.97 -33.02
CA GLN N 405 32.32 -26.25 -34.45
C GLN N 405 33.58 -26.96 -34.97
N PRO N 406 33.42 -28.01 -35.81
CA PRO N 406 34.58 -28.67 -36.41
C PRO N 406 35.17 -27.85 -37.55
N PHE N 407 36.49 -27.71 -37.55
CA PHE N 407 37.22 -26.88 -38.52
C PHE N 407 37.80 -27.72 -39.65
N HIS N 408 37.86 -27.14 -40.84
CA HIS N 408 38.53 -27.76 -42.01
C HIS N 408 40.02 -27.99 -41.75
N VAL N 409 40.68 -27.00 -41.13
CA VAL N 409 42.10 -27.09 -40.77
C VAL N 409 42.36 -28.09 -39.64
N ALA N 410 41.36 -28.31 -38.78
CA ALA N 410 41.46 -29.28 -37.68
C ALA N 410 41.01 -30.72 -38.03
N GLU N 411 40.86 -31.03 -39.32
CA GLU N 411 40.57 -32.41 -39.78
C GLU N 411 41.67 -33.40 -39.38
N GLN N 412 42.92 -32.95 -39.45
CA GLN N 412 44.09 -33.77 -39.08
C GLN N 412 44.10 -34.19 -37.61
N PHE N 413 43.55 -33.36 -36.72
CA PHE N 413 43.58 -33.62 -35.28
C PHE N 413 42.37 -34.46 -34.85
N THR N 414 41.18 -33.92 -35.08
CA THR N 414 39.93 -34.53 -34.59
C THR N 414 39.50 -35.75 -35.40
N GLY N 415 39.58 -35.64 -36.73
CA GLY N 415 39.09 -36.68 -37.64
C GLY N 415 37.76 -36.35 -38.31
N MET N 416 37.00 -35.42 -37.72
CA MET N 416 35.72 -34.98 -38.27
C MET N 416 35.97 -34.01 -39.43
N PRO N 417 35.20 -34.12 -40.52
CA PRO N 417 35.31 -33.11 -41.59
C PRO N 417 34.75 -31.75 -41.15
N GLY N 418 35.38 -30.68 -41.64
CA GLY N 418 35.00 -29.31 -41.26
C GLY N 418 33.66 -28.88 -41.82
N LYS N 419 33.07 -27.86 -41.18
CA LYS N 419 31.75 -27.35 -41.55
C LYS N 419 31.76 -25.83 -41.68
N TYR N 420 31.04 -25.32 -42.68
CA TYR N 420 30.85 -23.88 -42.89
C TYR N 420 29.38 -23.57 -42.68
N VAL N 421 29.08 -22.79 -41.65
CA VAL N 421 27.70 -22.45 -41.28
C VAL N 421 27.40 -21.01 -41.72
N PRO N 422 26.42 -20.81 -42.62
CA PRO N 422 26.00 -19.44 -42.97
C PRO N 422 25.36 -18.67 -41.79
N VAL N 423 25.33 -17.35 -41.89
CA VAL N 423 24.83 -16.48 -40.81
C VAL N 423 23.35 -16.76 -40.51
N LYS N 424 22.54 -16.90 -41.56
CA LYS N 424 21.11 -17.22 -41.42
C LYS N 424 20.85 -18.49 -40.62
N GLU N 425 21.66 -19.53 -40.87
CA GLU N 425 21.56 -20.80 -40.12
C GLU N 425 21.99 -20.65 -38.66
N THR N 426 23.05 -19.89 -38.42
CA THR N 426 23.53 -19.61 -37.05
C THR N 426 22.47 -18.87 -36.23
N VAL N 427 21.89 -17.82 -36.81
CA VAL N 427 20.83 -17.05 -36.15
C VAL N 427 19.60 -17.93 -35.90
N ARG N 428 19.23 -18.74 -36.89
CA ARG N 428 18.09 -19.65 -36.78
C ARG N 428 18.29 -20.73 -35.71
N GLY N 429 19.48 -21.31 -35.65
CA GLY N 429 19.80 -22.38 -34.71
C GLY N 429 19.72 -21.96 -33.25
N PHE N 430 20.40 -20.86 -32.92
CA PHE N 430 20.40 -20.32 -31.55
C PHE N 430 19.06 -19.70 -31.15
N LYS N 431 18.29 -19.22 -32.14
CA LYS N 431 16.91 -18.75 -31.89
C LYS N 431 16.02 -19.89 -31.41
N GLU N 432 16.06 -21.02 -32.14
CA GLU N 432 15.29 -22.21 -31.78
C GLU N 432 15.67 -22.78 -30.41
N ILE N 433 16.96 -22.73 -30.06
CA ILE N 433 17.43 -23.16 -28.73
C ILE N 433 16.89 -22.23 -27.64
N LEU N 434 16.94 -20.92 -27.87
CA LEU N 434 16.37 -19.93 -26.93
C LEU N 434 14.85 -20.06 -26.72
N GLU N 435 14.13 -20.48 -27.76
CA GLU N 435 12.67 -20.68 -27.70
C GLU N 435 12.24 -22.04 -27.09
N GLY N 436 13.19 -22.86 -26.67
CA GLY N 436 12.89 -24.16 -26.06
C GLY N 436 12.47 -25.24 -27.06
N LYS N 437 12.79 -25.02 -28.33
CA LYS N 437 12.37 -25.91 -29.42
C LYS N 437 13.14 -27.24 -29.44
N HIS N 438 14.34 -27.25 -28.84
CA HIS N 438 15.17 -28.45 -28.75
C HIS N 438 15.56 -28.80 -27.31
N ASP N 439 14.65 -28.57 -26.36
CA ASP N 439 14.85 -28.97 -24.96
C ASP N 439 14.88 -30.49 -24.79
N ASN N 440 14.13 -31.20 -25.62
CA ASN N 440 14.09 -32.67 -25.60
C ASN N 440 15.41 -33.35 -26.01
N LEU N 441 16.19 -32.69 -26.88
CA LEU N 441 17.43 -33.28 -27.40
C LEU N 441 18.55 -33.32 -26.35
N PRO N 442 19.38 -34.38 -26.34
CA PRO N 442 20.51 -34.46 -25.41
C PRO N 442 21.66 -33.51 -25.76
N GLU N 443 22.55 -33.29 -24.80
CA GLU N 443 23.60 -32.26 -24.91
C GLU N 443 24.65 -32.55 -25.99
N GLU N 444 25.11 -33.80 -26.07
CA GLU N 444 26.15 -34.18 -27.04
C GLU N 444 25.71 -34.02 -28.50
N ALA N 445 24.40 -34.05 -28.76
CA ALA N 445 23.87 -33.78 -30.10
C ALA N 445 24.21 -32.37 -30.61
N PHE N 446 24.30 -31.40 -29.70
CA PHE N 446 24.69 -30.03 -30.06
C PHE N 446 26.21 -29.85 -30.25
N TYR N 447 27.00 -30.77 -29.70
CA TYR N 447 28.47 -30.67 -29.71
C TYR N 447 29.06 -31.07 -31.07
N MET N 448 29.92 -30.19 -31.60
CA MET N 448 30.66 -30.43 -32.85
C MET N 448 29.78 -30.80 -34.05
N VAL N 449 28.93 -29.86 -34.44
CA VAL N 449 28.10 -29.97 -35.64
C VAL N 449 28.02 -28.60 -36.33
N GLY N 450 27.49 -28.60 -37.55
CA GLY N 450 27.28 -27.37 -38.32
C GLY N 450 25.97 -26.71 -37.96
N THR N 451 24.94 -26.97 -38.77
CA THR N 451 23.61 -26.38 -38.59
C THR N 451 22.84 -27.07 -37.46
N ILE N 452 21.70 -26.48 -37.09
CA ILE N 452 20.79 -27.08 -36.10
C ILE N 452 20.13 -28.36 -36.62
N ASP N 453 19.97 -28.48 -37.94
CA ASP N 453 19.49 -29.70 -38.59
C ASP N 453 20.41 -30.90 -38.33
N GLU N 454 21.73 -30.65 -38.36
CA GLU N 454 22.72 -31.69 -38.05
C GLU N 454 22.70 -32.13 -36.58
N ALA N 455 22.33 -31.21 -35.69
CA ALA N 455 22.10 -31.54 -34.27
C ALA N 455 20.85 -32.41 -34.07
N VAL N 456 19.80 -32.12 -34.84
CA VAL N 456 18.58 -32.95 -34.84
C VAL N 456 18.88 -34.35 -35.38
N GLU N 457 19.65 -34.42 -36.46
CA GLU N 457 20.07 -35.70 -37.06
C GLU N 457 21.01 -36.49 -36.15
N LYS N 458 21.95 -35.81 -35.50
CA LYS N 458 22.90 -36.47 -34.59
C LYS N 458 22.22 -37.10 -33.37
N ALA N 459 21.15 -36.46 -32.89
CA ALA N 459 20.39 -36.95 -31.73
C ALA N 459 19.72 -38.32 -31.94
N LYS N 460 19.42 -38.66 -33.19
CA LYS N 460 18.77 -39.93 -33.52
C LYS N 460 19.68 -41.15 -33.28
N LYS N 461 20.93 -41.04 -33.74
CA LYS N 461 21.95 -42.08 -33.53
C LYS N 461 22.75 -41.76 -32.27
N LEU N 462 22.08 -41.79 -31.12
CA LEU N 462 22.68 -41.38 -29.85
C LEU N 462 21.87 -41.89 -28.66
N GLN O 1 43.08 -11.95 -10.10
CA GLN O 1 42.48 -11.15 -8.98
C GLN O 1 43.51 -10.78 -7.92
N GLY O 2 43.14 -9.82 -7.07
CA GLY O 2 43.99 -9.37 -5.97
C GLY O 2 43.96 -10.31 -4.78
N MET O 3 44.92 -10.14 -3.87
CA MET O 3 45.02 -10.97 -2.66
C MET O 3 43.84 -10.76 -1.68
N ARG O 4 43.26 -9.56 -1.68
CA ARG O 4 42.13 -9.22 -0.80
C ARG O 4 40.88 -10.05 -1.09
N GLU O 5 40.53 -10.12 -2.37
CA GLU O 5 39.37 -10.90 -2.83
C GLU O 5 39.57 -12.40 -2.63
N ILE O 6 40.79 -12.89 -2.84
CA ILE O 6 41.13 -14.32 -2.72
C ILE O 6 41.15 -14.78 -1.26
N LYS O 7 41.69 -13.96 -0.36
CA LYS O 7 41.68 -14.26 1.10
C LYS O 7 40.27 -14.42 1.66
N ARG O 8 39.34 -13.62 1.15
CA ARG O 8 37.91 -13.76 1.50
C ARG O 8 37.34 -15.09 0.96
N ARG O 9 37.66 -15.41 -0.29
CA ARG O 9 37.20 -16.66 -0.93
C ARG O 9 37.75 -17.92 -0.25
N ILE O 10 39.02 -17.90 0.12
CA ILE O 10 39.65 -19.01 0.85
C ILE O 10 38.97 -19.23 2.22
N ARG O 11 38.66 -18.13 2.90
CA ARG O 11 37.93 -18.17 4.17
C ARG O 11 36.50 -18.70 4.01
N SER O 12 35.84 -18.29 2.92
CA SER O 12 34.48 -18.74 2.61
C SER O 12 34.39 -20.24 2.35
N VAL O 13 35.27 -20.73 1.49
CA VAL O 13 35.29 -22.15 1.09
C VAL O 13 35.75 -23.05 2.24
N LYS O 14 36.69 -22.58 3.07
CA LYS O 14 37.18 -23.37 4.21
C LYS O 14 36.11 -23.57 5.29
N ASN O 15 35.33 -22.53 5.57
CA ASN O 15 34.20 -22.63 6.52
C ASN O 15 33.09 -23.53 5.97
N THR O 16 32.69 -23.27 4.72
CA THR O 16 31.69 -24.09 4.03
C THR O 16 32.07 -25.58 3.98
N ARG O 17 33.36 -25.88 3.86
CA ARG O 17 33.87 -27.25 3.90
C ARG O 17 33.63 -27.90 5.28
N GLN O 18 33.91 -27.15 6.34
CA GLN O 18 33.71 -27.64 7.72
C GLN O 18 32.23 -27.86 8.07
N ILE O 19 31.35 -27.03 7.50
CA ILE O 19 29.91 -27.19 7.69
C ILE O 19 29.38 -28.40 6.91
N THR O 20 29.82 -28.56 5.65
CA THR O 20 29.40 -29.70 4.82
C THR O 20 29.93 -31.04 5.35
N LYS O 21 31.15 -31.03 5.89
CA LYS O 21 31.74 -32.21 6.55
C LYS O 21 30.94 -32.59 7.81
N ALA O 22 30.51 -31.59 8.57
CA ALA O 22 29.69 -31.80 9.76
C ALA O 22 28.29 -32.36 9.42
N MET O 23 27.68 -31.84 8.36
CA MET O 23 26.35 -32.29 7.92
C MET O 23 26.30 -33.72 7.42
N LYS O 24 27.39 -34.20 6.79
CA LYS O 24 27.51 -35.62 6.41
C LYS O 24 27.46 -36.51 7.66
N MET O 25 28.18 -36.11 8.70
CA MET O 25 28.27 -36.87 9.95
C MET O 25 26.96 -36.84 10.74
N VAL O 26 26.27 -35.70 10.73
CA VAL O 26 24.94 -35.58 11.35
C VAL O 26 23.91 -36.42 10.59
N ALA O 27 23.97 -36.38 9.26
CA ALA O 27 23.08 -37.18 8.41
C ALA O 27 23.32 -38.68 8.58
N ALA O 28 24.58 -39.08 8.66
CA ALA O 28 24.96 -40.49 8.88
C ALA O 28 24.48 -41.03 10.23
N ALA O 29 24.49 -40.18 11.25
CA ALA O 29 23.94 -40.52 12.57
C ALA O 29 22.43 -40.75 12.50
N LYS O 30 21.73 -39.85 11.81
CA LYS O 30 20.27 -39.95 11.63
C LYS O 30 19.86 -41.11 10.73
N LEU O 31 20.70 -41.47 9.77
CA LEU O 31 20.49 -42.69 8.96
C LEU O 31 20.44 -43.94 9.84
N ARG O 32 21.43 -44.07 10.72
CA ARG O 32 21.49 -45.17 11.68
C ARG O 32 20.26 -45.20 12.60
N ARG O 33 19.86 -44.03 13.10
CA ARG O 33 18.69 -43.91 13.98
C ARG O 33 17.39 -44.30 13.29
N ALA O 34 17.23 -43.90 12.02
CA ALA O 34 16.06 -44.27 11.22
C ALA O 34 15.96 -45.77 10.98
N GLN O 35 17.11 -46.41 10.75
CA GLN O 35 17.18 -47.87 10.57
C GLN O 35 16.94 -48.62 11.89
N GLU O 36 17.46 -48.08 13.00
CA GLU O 36 17.20 -48.65 14.34
C GLU O 36 15.72 -48.53 14.74
N THR O 37 15.09 -47.43 14.36
CA THR O 37 13.64 -47.23 14.57
C THR O 37 12.83 -48.20 13.71
N ALA O 38 13.29 -48.46 12.48
CA ALA O 38 12.66 -49.44 11.60
C ALA O 38 12.76 -50.89 12.10
N GLU O 39 13.82 -51.19 12.85
CA GLU O 39 13.97 -52.51 13.50
C GLU O 39 12.96 -52.74 14.65
N ASN O 40 12.38 -51.67 15.19
CA ASN O 40 11.28 -51.75 16.16
C ASN O 40 9.91 -51.72 15.50
N ALA O 41 9.76 -50.96 14.42
CA ALA O 41 8.49 -50.86 13.68
C ALA O 41 8.10 -52.13 12.93
N ARG O 42 9.08 -52.92 12.49
CA ARG O 42 8.83 -54.16 11.74
C ARG O 42 8.17 -55.28 12.58
N PRO O 43 8.75 -55.63 13.76
CA PRO O 43 8.08 -56.62 14.63
C PRO O 43 6.75 -56.14 15.24
N TYR O 44 6.64 -54.83 15.45
CA TYR O 44 5.38 -54.19 15.85
C TYR O 44 4.28 -54.46 14.82
N ALA O 45 4.60 -54.26 13.55
CA ALA O 45 3.69 -54.54 12.44
C ALA O 45 3.41 -56.03 12.26
N ASP O 46 4.45 -56.86 12.38
CA ASP O 46 4.30 -58.33 12.29
C ASP O 46 3.40 -58.91 13.40
N LYS O 47 3.47 -58.33 14.59
CA LYS O 47 2.62 -58.74 15.72
C LYS O 47 1.14 -58.47 15.43
N ILE O 48 0.85 -57.31 14.85
CA ILE O 48 -0.53 -56.95 14.47
C ILE O 48 -1.02 -57.85 13.33
N LYS O 49 -0.13 -58.15 12.38
CA LYS O 49 -0.42 -59.11 11.30
C LYS O 49 -0.74 -60.50 11.85
N GLU O 50 0.02 -60.94 12.85
CA GLU O 50 -0.17 -62.25 13.49
C GLU O 50 -1.57 -62.40 14.09
N VAL O 51 -2.06 -61.36 14.76
CA VAL O 51 -3.39 -61.36 15.37
C VAL O 51 -4.50 -61.29 14.31
N ILE O 52 -4.29 -60.48 13.28
CA ILE O 52 -5.25 -60.35 12.16
C ILE O 52 -5.40 -61.68 11.41
N SER O 53 -4.27 -62.31 11.07
CA SER O 53 -4.28 -63.61 10.38
C SER O 53 -4.84 -64.74 11.26
N SER O 54 -4.65 -64.64 12.57
CA SER O 54 -5.25 -65.58 13.53
C SER O 54 -6.78 -65.48 13.61
N ILE O 55 -7.30 -64.25 13.57
CA ILE O 55 -8.74 -64.00 13.55
C ILE O 55 -9.36 -64.55 12.27
N ALA O 56 -8.76 -64.21 11.13
CA ALA O 56 -9.24 -64.66 9.80
C ALA O 56 -9.21 -66.19 9.64
N ALA O 57 -8.19 -66.82 10.21
CA ALA O 57 -8.05 -68.29 10.16
C ALA O 57 -9.19 -69.02 10.89
N GLY O 58 -9.70 -68.42 11.96
CA GLY O 58 -10.82 -68.99 12.74
C GLY O 58 -12.12 -68.23 12.58
N THR O 59 -12.45 -67.86 11.34
CA THR O 59 -13.72 -67.18 11.03
C THR O 59 -14.27 -67.73 9.71
N LYS O 60 -15.54 -68.13 9.72
CA LYS O 60 -16.20 -68.67 8.52
C LYS O 60 -16.60 -67.54 7.57
N ASP O 61 -16.28 -67.74 6.28
CA ASP O 61 -16.56 -66.76 5.22
C ASP O 61 -15.96 -65.38 5.56
N PHE O 62 -14.64 -65.37 5.77
CA PHE O 62 -13.94 -64.15 6.20
C PHE O 62 -13.84 -63.13 5.07
N SER O 63 -14.16 -61.88 5.41
CA SER O 63 -14.09 -60.76 4.46
C SER O 63 -14.12 -59.43 5.19
N HIS O 64 -13.47 -58.43 4.60
CA HIS O 64 -13.48 -57.06 5.13
C HIS O 64 -13.23 -56.05 3.99
N PRO O 65 -13.90 -54.88 4.02
CA PRO O 65 -13.74 -53.85 2.97
C PRO O 65 -12.28 -53.44 2.64
N MET O 66 -11.42 -53.37 3.66
CA MET O 66 -10.01 -53.03 3.47
C MET O 66 -9.22 -54.08 2.68
N LEU O 67 -9.64 -55.34 2.74
CA LEU O 67 -9.00 -56.43 2.00
C LEU O 67 -9.59 -56.66 0.59
N GLU O 68 -10.75 -56.07 0.31
CA GLU O 68 -11.46 -56.27 -0.96
C GLU O 68 -11.20 -55.15 -1.98
N ALA O 69 -10.84 -55.54 -3.20
CA ALA O 69 -10.69 -54.60 -4.32
C ALA O 69 -12.05 -54.25 -4.91
N ARG O 70 -12.13 -53.08 -5.53
CA ARG O 70 -13.36 -52.61 -6.18
C ARG O 70 -13.04 -51.62 -7.30
N PRO O 71 -14.01 -51.35 -8.21
CA PRO O 71 -13.78 -50.39 -9.29
C PRO O 71 -13.28 -49.01 -8.82
N VAL O 72 -12.30 -48.46 -9.53
CA VAL O 72 -11.56 -47.27 -9.09
C VAL O 72 -12.09 -46.00 -9.75
N LYS O 73 -13.02 -45.31 -9.07
CA LYS O 73 -13.48 -43.99 -9.51
C LYS O 73 -12.40 -42.93 -9.25
N LYS O 74 -11.86 -42.95 -8.03
CA LYS O 74 -10.76 -42.06 -7.64
C LYS O 74 -9.65 -42.82 -6.93
N THR O 75 -8.46 -42.20 -6.88
CA THR O 75 -7.27 -42.78 -6.25
C THR O 75 -6.60 -41.74 -5.33
N GLY O 76 -6.23 -42.18 -4.12
CA GLY O 76 -5.44 -41.35 -3.20
C GLY O 76 -3.95 -41.59 -3.41
N TYR O 77 -3.16 -40.52 -3.32
CA TYR O 77 -1.71 -40.60 -3.49
C TYR O 77 -0.98 -39.91 -2.34
N MET O 78 -0.33 -40.71 -1.50
CA MET O 78 0.58 -40.18 -0.48
C MET O 78 1.96 -40.05 -1.13
N VAL O 79 2.60 -38.90 -0.96
CA VAL O 79 3.93 -38.63 -1.52
C VAL O 79 4.85 -38.14 -0.41
N ILE O 80 5.93 -38.89 -0.18
CA ILE O 80 6.91 -38.53 0.86
C ILE O 80 8.10 -37.77 0.24
N THR O 81 8.34 -36.57 0.76
CA THR O 81 9.53 -35.78 0.44
C THR O 81 10.12 -35.24 1.74
N SER O 82 11.29 -34.61 1.65
CA SER O 82 11.91 -33.96 2.79
C SER O 82 11.36 -32.55 2.97
N ASP O 83 11.61 -31.96 4.13
CA ASP O 83 11.34 -30.54 4.36
C ASP O 83 12.55 -29.71 3.93
N ARG O 84 13.71 -30.09 4.46
CA ARG O 84 14.97 -29.42 4.16
C ARG O 84 15.55 -29.91 2.83
N GLY O 85 16.40 -29.08 2.24
CA GLY O 85 17.12 -29.43 1.01
C GLY O 85 18.47 -30.05 1.30
N LEU O 86 19.41 -29.85 0.38
CA LEU O 86 20.78 -30.39 0.45
C LEU O 86 20.82 -31.92 0.55
N ALA O 87 19.96 -32.57 -0.23
CA ALA O 87 19.86 -34.02 -0.28
C ALA O 87 20.01 -34.53 -1.72
N GLY O 88 20.78 -33.82 -2.54
CA GLY O 88 21.01 -34.22 -3.93
C GLY O 88 19.73 -34.22 -4.76
N PRO O 89 19.56 -35.21 -5.66
CA PRO O 89 18.31 -35.34 -6.44
C PRO O 89 17.18 -36.10 -5.74
N TYR O 90 17.30 -36.37 -4.44
CA TYR O 90 16.30 -37.11 -3.64
C TYR O 90 14.85 -36.69 -3.92
N ASN O 91 14.55 -35.40 -3.74
CA ASN O 91 13.21 -34.87 -3.99
C ASN O 91 12.89 -34.76 -5.48
N ALA O 92 13.87 -34.38 -6.29
CA ALA O 92 13.69 -34.30 -7.75
C ALA O 92 13.32 -35.65 -8.38
N ASN O 93 13.95 -36.72 -7.92
CA ASN O 93 13.72 -38.07 -8.47
C ASN O 93 12.31 -38.59 -8.17
N ILE O 94 11.90 -38.51 -6.91
CA ILE O 94 10.57 -38.98 -6.49
C ILE O 94 9.42 -38.17 -7.10
N LEU O 95 9.61 -36.86 -7.22
CA LEU O 95 8.61 -36.00 -7.88
C LEU O 95 8.54 -36.21 -9.39
N ARG O 96 9.65 -36.64 -10.01
CA ARG O 96 9.65 -37.03 -11.42
C ARG O 96 8.77 -38.27 -11.65
N LEU O 97 8.91 -39.27 -10.78
CA LEU O 97 8.10 -40.49 -10.87
C LEU O 97 6.60 -40.19 -10.71
N VAL O 98 6.26 -39.31 -9.77
CA VAL O 98 4.87 -38.89 -9.55
C VAL O 98 4.32 -38.16 -10.78
N SER O 99 5.12 -37.27 -11.36
CA SER O 99 4.74 -36.53 -12.57
C SER O 99 4.53 -37.42 -13.79
N LYS O 100 5.47 -38.35 -14.00
CA LYS O 100 5.37 -39.34 -15.08
C LYS O 100 4.17 -40.28 -14.92
N THR O 101 3.99 -40.81 -13.70
CA THR O 101 2.89 -41.74 -13.42
C THR O 101 1.53 -41.10 -13.60
N ILE O 102 1.35 -39.88 -13.10
CA ILE O 102 0.07 -39.16 -13.18
C ILE O 102 -0.26 -38.73 -14.63
N GLU O 103 0.76 -38.31 -15.38
CA GLU O 103 0.59 -37.92 -16.79
C GLU O 103 0.14 -39.11 -17.66
N GLU O 104 0.78 -40.26 -17.47
CA GLU O 104 0.47 -41.49 -18.22
C GLU O 104 -0.86 -42.14 -17.80
N ARG O 105 -1.12 -42.18 -16.49
CA ARG O 105 -2.27 -42.89 -15.92
C ARG O 105 -3.58 -42.12 -16.01
N HIS O 106 -3.54 -40.81 -15.73
CA HIS O 106 -4.75 -39.98 -15.60
C HIS O 106 -4.86 -38.92 -16.69
N GLN O 107 -6.10 -38.62 -17.08
CA GLN O 107 -6.41 -37.57 -18.06
C GLN O 107 -7.02 -36.30 -17.44
N SER O 108 -7.33 -36.34 -16.14
CA SER O 108 -7.91 -35.19 -15.43
C SER O 108 -7.50 -35.16 -13.96
N LYS O 109 -7.56 -33.97 -13.37
CA LYS O 109 -7.24 -33.78 -11.94
C LYS O 109 -8.31 -34.36 -11.01
N ASP O 110 -9.54 -34.51 -11.50
CA ASP O 110 -10.65 -35.09 -10.72
C ASP O 110 -10.49 -36.59 -10.41
N GLU O 111 -9.63 -37.28 -11.17
CA GLU O 111 -9.40 -38.72 -10.98
C GLU O 111 -8.55 -39.09 -9.76
N TYR O 112 -7.90 -38.11 -9.11
CA TYR O 112 -7.03 -38.39 -7.96
C TYR O 112 -6.93 -37.25 -6.96
N VAL O 113 -6.34 -37.56 -5.80
CA VAL O 113 -6.03 -36.57 -4.75
C VAL O 113 -4.66 -36.87 -4.14
N ILE O 114 -4.01 -35.83 -3.61
CA ILE O 114 -2.64 -35.93 -3.10
C ILE O 114 -2.54 -35.57 -1.61
N PHE O 115 -1.88 -36.45 -0.84
CA PHE O 115 -1.48 -36.18 0.53
C PHE O 115 0.01 -35.86 0.54
N ALA O 116 0.36 -34.59 0.76
CA ALA O 116 1.75 -34.11 0.65
C ALA O 116 2.51 -34.25 1.97
N VAL O 117 3.21 -35.37 2.13
CA VAL O 117 4.06 -35.61 3.31
C VAL O 117 5.44 -35.03 3.02
N GLY O 118 5.69 -33.81 3.49
CA GLY O 118 6.97 -33.11 3.28
C GLY O 118 6.81 -31.80 2.55
N ARG O 119 7.60 -30.80 2.94
CA ARG O 119 7.48 -29.43 2.43
C ARG O 119 7.88 -29.28 0.96
N LYS O 120 8.95 -29.98 0.56
CA LYS O 120 9.48 -29.87 -0.79
C LYS O 120 8.45 -30.34 -1.84
N GLY O 121 7.77 -31.45 -1.54
CA GLY O 121 6.69 -31.96 -2.38
C GLY O 121 5.45 -31.08 -2.38
N ARG O 122 5.05 -30.62 -1.19
CA ARG O 122 3.92 -29.68 -1.04
C ARG O 122 4.07 -28.47 -1.97
N ASP O 123 5.24 -27.84 -1.92
CA ASP O 123 5.52 -26.64 -2.73
C ASP O 123 5.50 -26.95 -4.23
N PHE O 124 6.06 -28.11 -4.61
CA PHE O 124 6.04 -28.57 -5.99
C PHE O 124 4.62 -28.76 -6.52
N PHE O 125 3.79 -29.48 -5.75
CA PHE O 125 2.41 -29.80 -6.16
C PHE O 125 1.50 -28.56 -6.21
N LYS O 126 1.62 -27.69 -5.20
CA LYS O 126 0.81 -26.46 -5.14
C LYS O 126 1.18 -25.45 -6.23
N LYS O 127 2.46 -25.35 -6.55
CA LYS O 127 2.93 -24.46 -7.62
C LYS O 127 2.39 -24.84 -9.01
N ARG O 128 2.23 -26.15 -9.26
CA ARG O 128 1.74 -26.67 -10.55
C ARG O 128 0.24 -27.03 -10.55
N GLY O 129 -0.50 -26.59 -9.54
CA GLY O 129 -1.96 -26.78 -9.50
C GLY O 129 -2.46 -28.19 -9.30
N TYR O 130 -1.66 -29.05 -8.64
CA TYR O 130 -2.07 -30.42 -8.34
C TYR O 130 -3.10 -30.42 -7.20
N PRO O 131 -4.01 -31.41 -7.17
CA PRO O 131 -5.05 -31.46 -6.13
C PRO O 131 -4.52 -31.96 -4.78
N VAL O 132 -4.02 -31.02 -3.98
CA VAL O 132 -3.51 -31.31 -2.64
C VAL O 132 -4.66 -31.17 -1.64
N VAL O 133 -5.21 -32.30 -1.20
CA VAL O 133 -6.30 -32.30 -0.21
C VAL O 133 -5.77 -32.03 1.19
N GLU O 134 -4.71 -32.74 1.57
CA GLU O 134 -4.08 -32.60 2.88
C GLU O 134 -2.55 -32.61 2.78
N GLU O 135 -1.91 -32.19 3.87
CA GLU O 135 -0.46 -32.08 3.94
C GLU O 135 0.04 -32.28 5.36
N VAL O 136 1.36 -32.47 5.48
CA VAL O 136 2.03 -32.44 6.77
C VAL O 136 3.49 -32.02 6.59
N THR O 137 3.94 -31.09 7.43
CA THR O 137 5.32 -30.60 7.42
C THR O 137 5.85 -30.50 8.86
N GLY O 138 7.14 -30.24 8.98
CA GLY O 138 7.81 -30.16 10.28
C GLY O 138 7.96 -31.48 11.01
N ILE O 139 8.07 -32.57 10.26
CA ILE O 139 8.24 -33.92 10.83
C ILE O 139 9.68 -34.01 11.34
N SER O 140 9.86 -34.58 12.54
CA SER O 140 11.19 -34.70 13.14
C SER O 140 12.04 -35.73 12.40
N ASP O 141 13.36 -35.60 12.56
CA ASP O 141 14.32 -36.43 11.83
C ASP O 141 14.26 -37.92 12.18
N THR O 142 13.95 -38.22 13.45
CA THR O 142 13.65 -39.59 13.90
C THR O 142 12.17 -39.62 14.31
N PRO O 143 11.25 -39.78 13.33
CA PRO O 143 9.83 -39.57 13.60
C PRO O 143 9.12 -40.71 14.33
N SER O 144 8.11 -40.35 15.12
CA SER O 144 7.18 -41.31 15.72
C SER O 144 5.99 -41.51 14.79
N LEU O 145 5.23 -42.57 15.02
CA LEU O 145 4.01 -42.83 14.26
C LEU O 145 2.95 -41.74 14.46
N THR O 146 2.92 -41.15 15.67
CA THR O 146 2.00 -40.06 16.00
C THR O 146 2.13 -38.82 15.11
N GLU O 147 3.33 -38.58 14.59
CA GLU O 147 3.59 -37.42 13.72
C GLU O 147 2.95 -37.51 12.31
N ILE O 148 2.53 -38.70 11.89
CA ILE O 148 1.79 -38.90 10.62
C ILE O 148 0.43 -39.60 10.81
N GLN O 149 -0.04 -39.70 12.05
CA GLN O 149 -1.23 -40.48 12.36
C GLN O 149 -2.52 -39.83 11.86
N ASP O 150 -2.62 -38.50 11.99
CA ASP O 150 -3.82 -37.75 11.56
C ASP O 150 -4.05 -37.84 10.04
N ILE O 151 -3.00 -37.57 9.27
CA ILE O 151 -3.09 -37.66 7.80
C ILE O 151 -3.27 -39.10 7.28
N ALA O 152 -2.66 -40.05 7.98
CA ALA O 152 -2.82 -41.49 7.67
C ALA O 152 -4.25 -41.95 7.93
N GLN O 153 -4.77 -41.62 9.12
CA GLN O 153 -6.16 -41.93 9.48
C GLN O 153 -7.17 -41.25 8.57
N SER O 154 -6.87 -40.03 8.14
CA SER O 154 -7.69 -39.30 7.18
C SER O 154 -7.68 -39.99 5.80
N ALA O 155 -6.50 -40.41 5.36
CA ALA O 155 -6.34 -41.15 4.11
C ALA O 155 -7.02 -42.52 4.15
N ILE O 156 -6.85 -43.24 5.27
CA ILE O 156 -7.51 -44.53 5.50
C ILE O 156 -9.03 -44.37 5.59
N GLY O 157 -9.47 -43.33 6.28
CA GLY O 157 -10.91 -43.01 6.40
C GLY O 157 -11.58 -42.69 5.09
N MET O 158 -10.87 -42.00 4.20
CA MET O 158 -11.38 -41.68 2.84
C MET O 158 -11.54 -42.92 1.95
N PHE O 159 -10.73 -43.94 2.18
CA PHE O 159 -10.92 -45.24 1.53
C PHE O 159 -12.13 -45.98 2.08
N ALA O 160 -12.30 -45.95 3.41
CA ALA O 160 -13.39 -46.67 4.08
C ALA O 160 -14.79 -46.19 3.69
N ASP O 161 -14.96 -44.87 3.56
CA ASP O 161 -16.26 -44.28 3.15
C ASP O 161 -16.41 -44.05 1.63
N GLU O 162 -15.47 -44.58 0.84
CA GLU O 162 -15.51 -44.53 -0.63
C GLU O 162 -15.41 -43.12 -1.23
N THR O 163 -14.62 -42.25 -0.59
CA THR O 163 -14.26 -40.95 -1.17
C THR O 163 -13.30 -41.21 -2.35
N PHE O 164 -12.35 -42.11 -2.14
CA PHE O 164 -11.62 -42.78 -3.24
C PHE O 164 -11.58 -44.29 -3.00
N ASP O 165 -11.21 -45.04 -4.03
CA ASP O 165 -11.28 -46.51 -4.02
C ASP O 165 -9.91 -47.21 -4.09
N LYS O 166 -8.84 -46.43 -3.92
CA LYS O 166 -7.47 -46.97 -3.92
C LYS O 166 -6.51 -45.97 -3.30
N LEU O 167 -5.49 -46.47 -2.61
CA LEU O 167 -4.48 -45.64 -1.94
C LEU O 167 -3.09 -46.25 -2.13
N THR O 168 -2.20 -45.50 -2.79
CA THR O 168 -0.80 -45.89 -2.96
C THR O 168 0.10 -44.80 -2.37
N ILE O 169 1.37 -45.14 -2.19
CA ILE O 169 2.34 -44.22 -1.57
C ILE O 169 3.65 -44.17 -2.36
N PHE O 170 4.13 -42.94 -2.61
CA PHE O 170 5.37 -42.69 -3.35
C PHE O 170 6.47 -42.29 -2.37
N TYR O 171 7.62 -42.97 -2.46
CA TYR O 171 8.80 -42.60 -1.69
C TYR O 171 10.08 -43.18 -2.30
N ASN O 172 11.22 -42.66 -1.84
CA ASN O 172 12.54 -43.20 -2.21
C ASN O 172 12.87 -44.39 -1.32
N GLU O 173 12.92 -45.58 -1.91
CA GLU O 173 13.25 -46.81 -1.17
C GLU O 173 14.76 -46.87 -0.92
N PHE O 174 15.14 -47.12 0.33
CA PHE O 174 16.54 -47.21 0.72
C PHE O 174 17.15 -48.54 0.29
N VAL O 175 18.18 -48.46 -0.56
CA VAL O 175 19.02 -49.62 -0.91
C VAL O 175 20.34 -49.51 -0.13
N SER O 176 21.02 -48.38 -0.30
CA SER O 176 22.28 -48.09 0.39
C SER O 176 22.43 -46.59 0.62
N PRO O 177 23.49 -46.16 1.35
CA PRO O 177 23.77 -44.72 1.48
C PRO O 177 23.96 -43.96 0.15
N ILE O 178 24.47 -44.65 -0.87
CA ILE O 178 24.62 -44.07 -2.21
C ILE O 178 23.34 -44.20 -3.04
N VAL O 179 22.71 -45.38 -3.02
CA VAL O 179 21.59 -45.71 -3.92
C VAL O 179 20.23 -45.60 -3.22
N GLN O 180 19.34 -44.76 -3.77
CA GLN O 180 17.94 -44.66 -3.34
C GLN O 180 17.04 -44.64 -4.58
N ARG O 181 16.06 -45.53 -4.62
CA ARG O 181 15.22 -45.73 -5.80
C ARG O 181 13.77 -45.27 -5.56
N PRO O 182 13.26 -44.36 -6.41
CA PRO O 182 11.83 -44.02 -6.36
C PRO O 182 10.91 -45.21 -6.67
N VAL O 183 9.88 -45.41 -5.85
CA VAL O 183 8.92 -46.50 -6.02
C VAL O 183 7.50 -46.06 -5.70
N GLU O 184 6.53 -46.83 -6.20
CA GLU O 184 5.12 -46.68 -5.82
C GLU O 184 4.66 -48.01 -5.21
N LYS O 185 4.11 -47.94 -4.00
CA LYS O 185 3.64 -49.12 -3.27
C LYS O 185 2.17 -48.95 -2.89
N GLN O 186 1.39 -50.00 -3.07
CA GLN O 186 -0.04 -49.98 -2.75
C GLN O 186 -0.26 -50.16 -1.24
N LEU O 187 -1.14 -49.33 -0.67
CA LEU O 187 -1.52 -49.44 0.74
C LEU O 187 -2.91 -50.06 0.87
N LEU O 188 -3.90 -49.41 0.26
CA LEU O 188 -5.29 -49.87 0.25
C LEU O 188 -5.80 -50.00 -1.19
N PRO O 189 -6.51 -51.07 -1.54
CA PRO O 189 -6.86 -52.18 -0.65
C PRO O 189 -5.67 -53.07 -0.28
N LEU O 190 -5.71 -53.64 0.92
CA LEU O 190 -4.69 -54.56 1.39
C LEU O 190 -4.76 -55.88 0.62
N THR O 191 -3.60 -56.44 0.26
CA THR O 191 -3.53 -57.73 -0.41
C THR O 191 -3.71 -58.85 0.62
N SER O 192 -4.67 -59.74 0.38
CA SER O 192 -4.99 -60.83 1.31
C SER O 192 -3.86 -61.86 1.48
N GLU O 193 -3.02 -62.00 0.47
CA GLU O 193 -1.88 -62.93 0.53
C GLU O 193 -0.84 -62.50 1.58
N GLU O 194 -0.46 -61.22 1.54
CA GLU O 194 0.62 -60.69 2.41
C GLU O 194 0.19 -60.33 3.84
N VAL O 195 -1.10 -60.16 4.08
CA VAL O 195 -1.63 -59.81 5.41
C VAL O 195 -2.06 -61.04 6.21
N LEU O 196 -2.59 -62.06 5.55
CA LEU O 196 -3.09 -63.28 6.22
C LEU O 196 -2.09 -64.44 6.29
N ASP O 197 -0.85 -64.23 5.82
CA ASP O 197 0.18 -65.29 5.83
C ASP O 197 0.91 -65.49 7.17
N GLY O 198 0.64 -64.64 8.16
CA GLY O 198 1.32 -64.71 9.46
C GLY O 198 0.99 -65.96 10.27
N PRO O 199 1.75 -66.22 11.36
CA PRO O 199 1.51 -67.41 12.18
C PRO O 199 0.16 -67.40 12.89
N VAL O 200 -0.56 -68.52 12.83
CA VAL O 200 -1.87 -68.66 13.47
C VAL O 200 -1.71 -69.11 14.92
N SER O 201 -2.49 -68.49 15.80
CA SER O 201 -2.52 -68.84 17.23
C SER O 201 -3.96 -68.78 17.75
N ALA O 202 -4.25 -69.59 18.77
CA ALA O 202 -5.58 -69.63 19.39
C ALA O 202 -5.68 -68.59 20.50
N TYR O 203 -6.45 -67.53 20.25
CA TYR O 203 -6.76 -66.50 21.26
C TYR O 203 -8.25 -66.50 21.57
N GLU O 204 -8.59 -66.03 22.77
CA GLU O 204 -9.95 -65.56 23.06
C GLU O 204 -9.97 -64.06 22.75
N TYR O 205 -11.13 -63.55 22.31
CA TYR O 205 -11.27 -62.16 21.91
C TYR O 205 -12.36 -61.48 22.73
N GLU O 206 -11.99 -60.40 23.42
CA GLU O 206 -12.89 -59.65 24.30
C GLU O 206 -13.04 -58.22 23.75
N PRO O 207 -14.25 -57.75 23.42
CA PRO O 207 -15.52 -58.48 23.55
C PRO O 207 -15.71 -59.64 22.56
N ASP O 208 -15.26 -59.47 21.32
CA ASP O 208 -15.35 -60.50 20.29
C ASP O 208 -14.29 -60.30 19.20
N SER O 209 -14.19 -61.28 18.30
CA SER O 209 -13.21 -61.26 17.20
C SER O 209 -13.43 -60.08 16.22
N GLU O 210 -14.70 -59.74 15.97
CA GLU O 210 -15.04 -58.64 15.05
C GLU O 210 -14.63 -57.25 15.56
N SER O 211 -14.80 -57.01 16.86
CA SER O 211 -14.40 -55.75 17.49
C SER O 211 -12.88 -55.55 17.51
N VAL O 212 -12.14 -56.63 17.77
CA VAL O 212 -10.67 -56.61 17.77
C VAL O 212 -10.14 -56.40 16.34
N LEU O 213 -10.75 -57.09 15.38
CA LEU O 213 -10.43 -56.93 13.95
C LEU O 213 -10.62 -55.49 13.46
N GLU O 214 -11.63 -54.81 13.98
CA GLU O 214 -11.97 -53.44 13.54
C GLU O 214 -10.97 -52.38 14.02
N VAL O 215 -10.29 -52.65 15.14
CA VAL O 215 -9.23 -51.78 15.65
C VAL O 215 -7.91 -52.03 14.91
N LEU O 216 -7.54 -53.30 14.76
CA LEU O 216 -6.21 -53.67 14.25
C LEU O 216 -5.97 -53.44 12.75
N LEU O 217 -7.01 -53.56 11.92
CA LEU O 217 -6.85 -53.39 10.46
C LEU O 217 -6.49 -51.95 10.03
N PRO O 218 -7.21 -50.93 10.52
CA PRO O 218 -6.75 -49.56 10.30
C PRO O 218 -5.39 -49.26 10.96
N LYS O 219 -5.16 -49.85 12.13
CA LYS O 219 -3.89 -49.73 12.86
C LYS O 219 -2.71 -50.35 12.08
N TYR O 220 -2.97 -51.44 11.38
CA TYR O 220 -1.97 -52.06 10.50
C TYR O 220 -1.66 -51.17 9.28
N ALA O 221 -2.71 -50.58 8.70
CA ALA O 221 -2.54 -49.63 7.58
C ALA O 221 -1.74 -48.38 7.97
N GLU O 222 -1.87 -47.95 9.24
CA GLU O 222 -1.05 -46.84 9.77
C GLU O 222 0.43 -47.20 9.83
N THR O 223 0.74 -48.43 10.27
CA THR O 223 2.14 -48.88 10.38
C THR O 223 2.81 -49.07 9.01
N LEU O 224 2.04 -49.42 7.99
CA LEU O 224 2.55 -49.49 6.61
C LEU O 224 2.97 -48.11 6.09
N ILE O 225 2.18 -47.08 6.41
CA ILE O 225 2.51 -45.69 6.09
C ILE O 225 3.72 -45.22 6.91
N TYR O 226 3.77 -45.62 8.18
CA TYR O 226 4.88 -45.26 9.07
C TYR O 226 6.20 -45.93 8.66
N SER O 227 6.14 -47.20 8.26
CA SER O 227 7.31 -47.93 7.76
C SER O 227 7.87 -47.32 6.47
N ALA O 228 6.99 -46.83 5.60
CA ALA O 228 7.39 -46.09 4.40
C ALA O 228 8.06 -44.76 4.74
N LEU O 229 7.57 -44.07 5.78
CA LEU O 229 8.18 -42.84 6.28
C LEU O 229 9.60 -43.06 6.80
N LEU O 230 9.77 -44.07 7.66
CA LEU O 230 11.09 -44.43 8.20
C LEU O 230 12.08 -44.81 7.10
N ASP O 231 11.60 -45.56 6.10
CA ASP O 231 12.43 -45.96 4.95
C ASP O 231 12.76 -44.75 4.06
N ALA O 232 11.79 -43.86 3.88
CA ALA O 232 12.01 -42.59 3.16
C ALA O 232 13.00 -41.67 3.89
N LYS O 233 12.90 -41.65 5.23
CA LYS O 233 13.85 -40.90 6.06
C LYS O 233 15.28 -41.45 5.93
N ALA O 234 15.41 -42.77 5.94
CA ALA O 234 16.71 -43.42 5.69
C ALA O 234 17.29 -43.03 4.33
N SER O 235 16.43 -42.97 3.31
CA SER O 235 16.83 -42.51 1.96
C SER O 235 17.21 -41.03 1.93
N GLU O 236 16.52 -40.20 2.71
CA GLU O 236 16.82 -38.76 2.82
C GLU O 236 18.21 -38.52 3.39
N PHE O 237 18.50 -39.14 4.54
CA PHE O 237 19.76 -38.92 5.24
C PHE O 237 20.95 -39.55 4.50
N GLY O 238 20.72 -40.70 3.87
CA GLY O 238 21.72 -41.29 2.98
C GLY O 238 22.05 -40.42 1.78
N ALA O 239 21.01 -39.82 1.19
CA ALA O 239 21.18 -38.88 0.09
C ALA O 239 21.91 -37.59 0.52
N ARG O 240 21.67 -37.14 1.75
CA ARG O 240 22.37 -35.99 2.32
C ARG O 240 23.85 -36.31 2.60
N MET O 241 24.14 -37.50 3.15
CA MET O 241 25.52 -37.98 3.32
C MET O 241 26.32 -37.85 2.03
N THR O 242 25.76 -38.41 0.95
CA THR O 242 26.40 -38.44 -0.35
C THR O 242 26.53 -37.04 -0.98
N ALA O 243 25.48 -36.24 -0.87
CA ALA O 243 25.46 -34.89 -1.43
C ALA O 243 26.48 -33.97 -0.74
N MET O 244 26.48 -33.99 0.60
CA MET O 244 27.43 -33.20 1.38
C MET O 244 28.84 -33.81 1.39
N GLY O 245 28.94 -35.12 1.12
CA GLY O 245 30.23 -35.76 0.90
C GLY O 245 30.91 -35.25 -0.36
N ASN O 246 30.14 -35.13 -1.44
CA ASN O 246 30.63 -34.59 -2.71
C ASN O 246 30.96 -33.10 -2.59
N ALA O 247 30.07 -32.35 -1.93
CA ALA O 247 30.27 -30.92 -1.69
C ALA O 247 31.57 -30.62 -0.94
N THR O 248 31.89 -31.46 0.05
CA THR O 248 33.13 -31.35 0.81
C THR O 248 34.37 -31.66 -0.05
N ASP O 249 34.26 -32.65 -0.93
CA ASP O 249 35.33 -32.96 -1.89
C ASP O 249 35.50 -31.86 -2.94
N ASN O 250 34.39 -31.27 -3.37
CA ASN O 250 34.43 -30.12 -4.29
C ASN O 250 35.03 -28.87 -3.64
N ALA O 251 34.78 -28.69 -2.34
CA ALA O 251 35.36 -27.59 -1.57
C ALA O 251 36.89 -27.72 -1.43
N THR O 252 37.37 -28.93 -1.17
CA THR O 252 38.82 -29.19 -1.09
C THR O 252 39.53 -28.95 -2.44
N GLU O 253 38.86 -29.31 -3.53
CA GLU O 253 39.37 -29.08 -4.89
C GLU O 253 39.45 -27.59 -5.23
N MET O 254 38.38 -26.86 -4.92
CA MET O 254 38.32 -25.41 -5.12
C MET O 254 39.30 -24.67 -4.20
N LEU O 255 39.44 -25.14 -2.97
CA LEU O 255 40.37 -24.55 -1.99
C LEU O 255 41.84 -24.66 -2.43
N GLU O 256 42.18 -25.77 -3.09
CA GLU O 256 43.54 -25.98 -3.61
C GLU O 256 43.84 -25.06 -4.79
N THR O 257 42.83 -24.84 -5.65
CA THR O 257 42.96 -23.91 -6.79
C THR O 257 43.10 -22.46 -6.31
N LEU O 258 42.31 -22.08 -5.30
CA LEU O 258 42.39 -20.74 -4.70
C LEU O 258 43.71 -20.49 -3.97
N THR O 259 44.25 -21.53 -3.33
CA THR O 259 45.57 -21.47 -2.68
C THR O 259 46.70 -21.27 -3.71
N LEU O 260 46.58 -21.90 -4.88
CA LEU O 260 47.52 -21.68 -5.98
C LEU O 260 47.46 -20.24 -6.49
N GLN O 261 46.24 -19.75 -6.72
CA GLN O 261 46.02 -18.35 -7.16
C GLN O 261 46.52 -17.32 -6.15
N PHE O 262 46.36 -17.60 -4.86
CA PHE O 262 46.85 -16.71 -3.80
C PHE O 262 48.38 -16.62 -3.79
N ASN O 263 49.04 -17.77 -3.86
CA ASN O 263 50.51 -17.83 -3.89
C ASN O 263 51.09 -17.24 -5.17
N ARG O 264 50.35 -17.34 -6.27
CA ARG O 264 50.70 -16.66 -7.52
C ARG O 264 50.62 -15.13 -7.36
N ALA O 265 49.53 -14.66 -6.76
CA ALA O 265 49.35 -13.23 -6.48
C ALA O 265 50.30 -12.69 -5.42
N ARG O 266 50.61 -13.52 -4.42
CA ARG O 266 51.52 -13.15 -3.32
C ARG O 266 52.95 -12.96 -3.82
N GLN O 267 53.45 -13.94 -4.57
CA GLN O 267 54.79 -13.88 -5.16
C GLN O 267 54.94 -12.75 -6.18
N ALA O 268 53.90 -12.54 -7.00
CA ALA O 268 53.88 -11.45 -7.98
C ALA O 268 53.88 -10.06 -7.33
N ALA O 269 53.13 -9.91 -6.24
CA ALA O 269 53.06 -8.65 -5.51
C ALA O 269 54.42 -8.23 -4.94
N ILE O 270 55.13 -9.18 -4.33
CA ILE O 270 56.46 -8.93 -3.76
C ILE O 270 57.48 -8.60 -4.87
N THR O 271 57.44 -9.38 -5.96
CA THR O 271 58.32 -9.17 -7.11
C THR O 271 58.13 -7.81 -7.79
N GLN O 272 56.87 -7.40 -7.96
CA GLN O 272 56.53 -6.11 -8.57
C GLN O 272 56.96 -4.94 -7.68
N GLU O 273 56.62 -5.03 -6.39
CA GLU O 273 56.90 -3.96 -5.42
C GLU O 273 58.38 -3.68 -5.24
N ILE O 274 59.18 -4.73 -5.08
CA ILE O 274 60.64 -4.60 -4.91
C ILE O 274 61.33 -4.07 -6.17
N ALA O 275 60.82 -4.46 -7.35
CA ALA O 275 61.34 -3.97 -8.63
C ALA O 275 61.07 -2.48 -8.82
N GLU O 276 59.89 -2.02 -8.37
CA GLU O 276 59.53 -0.60 -8.38
C GLU O 276 60.44 0.23 -7.47
N ILE O 277 60.72 -0.29 -6.28
CA ILE O 277 61.59 0.37 -5.30
C ILE O 277 63.02 0.47 -5.82
N VAL O 278 63.53 -0.61 -6.40
CA VAL O 278 64.90 -0.66 -6.95
C VAL O 278 65.01 0.20 -8.22
N ALA O 279 63.97 0.25 -9.03
CA ALA O 279 63.91 1.10 -10.22
C ALA O 279 64.07 2.58 -9.86
N GLY O 280 63.33 3.03 -8.85
CA GLY O 280 63.44 4.39 -8.33
C GLY O 280 64.76 4.71 -7.66
N ALA O 281 65.37 3.70 -7.03
CA ALA O 281 66.70 3.84 -6.42
C ALA O 281 67.81 4.02 -7.46
N ASN O 282 67.73 3.27 -8.57
CA ASN O 282 68.70 3.37 -9.66
C ASN O 282 68.58 4.66 -10.49
N ALA O 283 67.36 5.21 -10.56
CA ALA O 283 67.12 6.46 -11.29
C ALA O 283 67.85 7.67 -10.70
N LEU O 284 68.05 7.66 -9.38
CA LEU O 284 68.87 8.66 -8.70
C LEU O 284 70.36 8.32 -8.83
N ARG O 285 70.71 7.08 -8.48
CA ARG O 285 72.08 6.58 -8.62
C ARG O 285 72.41 6.29 -10.08
N MET P 1 7.84 -67.07 43.67
CA MET P 1 6.54 -66.57 43.10
C MET P 1 6.38 -66.96 41.61
N ALA P 2 5.18 -66.76 41.09
CA ALA P 2 4.87 -67.03 39.68
C ALA P 2 4.86 -65.73 38.89
N THR P 3 6.00 -65.39 38.30
CA THR P 3 6.14 -64.18 37.48
C THR P 3 5.70 -64.43 36.03
N VAL P 4 5.51 -63.34 35.29
CA VAL P 4 5.18 -63.39 33.86
C VAL P 4 6.00 -62.32 33.12
N GLN P 5 6.46 -62.66 31.92
CA GLN P 5 7.29 -61.75 31.12
C GLN P 5 6.39 -60.69 30.45
N VAL P 6 6.73 -59.42 30.64
CA VAL P 6 5.92 -58.29 30.16
C VAL P 6 6.75 -57.35 29.29
N ASP P 7 6.21 -57.02 28.10
CA ASP P 7 6.81 -56.04 27.19
C ASP P 7 5.77 -54.97 26.82
N ILE P 8 6.06 -53.70 27.16
CA ILE P 8 5.29 -52.55 26.66
C ILE P 8 6.11 -51.87 25.56
N VAL P 9 5.51 -51.76 24.38
CA VAL P 9 6.23 -51.41 23.15
C VAL P 9 5.43 -50.39 22.32
N THR P 10 6.14 -49.49 21.64
CA THR P 10 5.58 -48.57 20.64
C THR P 10 6.13 -48.96 19.26
N PRO P 11 5.67 -48.28 18.18
CA PRO P 11 6.30 -48.50 16.88
C PRO P 11 7.79 -48.13 16.81
N GLU P 12 8.22 -47.19 17.65
CA GLU P 12 9.60 -46.65 17.60
C GLU P 12 10.57 -47.28 18.62
N ARG P 13 10.06 -47.79 19.74
CA ARG P 13 10.92 -48.36 20.79
C ARG P 13 10.19 -49.28 21.78
N LYS P 14 10.97 -49.99 22.59
CA LYS P 14 10.47 -50.74 23.73
C LYS P 14 10.56 -49.89 24.98
N VAL P 15 9.44 -49.75 25.70
CA VAL P 15 9.31 -48.83 26.84
C VAL P 15 9.57 -49.52 28.18
N PHE P 16 8.97 -50.71 28.36
CA PHE P 16 9.18 -51.51 29.56
C PHE P 16 9.49 -52.96 29.17
N GLN P 17 10.47 -53.56 29.85
CA GLN P 17 10.79 -54.98 29.71
C GLN P 17 11.13 -55.54 31.08
N GLY P 18 10.48 -56.62 31.49
CA GLY P 18 10.75 -57.25 32.77
C GLY P 18 9.81 -58.36 33.16
N GLU P 19 10.09 -58.97 34.32
CA GLU P 19 9.24 -60.02 34.90
C GLU P 19 8.38 -59.43 36.01
N ALA P 20 7.07 -59.52 35.86
CA ALA P 20 6.09 -58.89 36.77
C ALA P 20 5.24 -59.92 37.50
N ASP P 21 4.72 -59.50 38.67
CA ASP P 21 3.78 -60.32 39.45
C ASP P 21 2.39 -60.25 38.81
N ILE P 22 1.97 -59.03 38.49
CA ILE P 22 0.67 -58.79 37.85
C ILE P 22 0.73 -57.52 36.98
N VAL P 23 -0.08 -57.50 35.92
CA VAL P 23 -0.22 -56.34 35.03
C VAL P 23 -1.66 -55.85 35.07
N ILE P 24 -1.88 -54.70 35.72
CA ILE P 24 -3.20 -54.08 35.80
C ILE P 24 -3.35 -53.11 34.62
N ALA P 25 -4.26 -53.44 33.71
CA ALA P 25 -4.53 -52.63 32.51
C ALA P 25 -6.03 -52.47 32.31
N ARG P 26 -6.45 -51.29 31.86
CA ARG P 26 -7.86 -50.97 31.65
C ARG P 26 -8.29 -51.31 30.22
N GLY P 27 -9.02 -52.41 30.07
CA GLY P 27 -9.59 -52.82 28.78
C GLY P 27 -10.82 -52.01 28.42
N VAL P 28 -11.24 -52.10 27.17
CA VAL P 28 -12.49 -51.44 26.70
C VAL P 28 -13.74 -51.98 27.41
N GLU P 29 -13.73 -53.27 27.75
CA GLU P 29 -14.84 -53.93 28.43
C GLU P 29 -14.75 -53.75 29.96
N GLY P 30 -13.54 -53.82 30.50
CA GLY P 30 -13.29 -53.60 31.93
C GLY P 30 -11.84 -53.82 32.32
N GLU P 31 -11.52 -53.54 33.59
CA GLU P 31 -10.16 -53.71 34.10
C GLU P 31 -9.78 -55.19 34.21
N LEU P 32 -8.52 -55.49 33.92
CA LEU P 32 -7.99 -56.85 33.90
C LEU P 32 -6.82 -56.99 34.85
N GLY P 33 -6.65 -58.20 35.42
CA GLY P 33 -5.53 -58.53 36.29
C GLY P 33 -4.77 -59.70 35.73
N VAL P 34 -3.83 -59.41 34.83
CA VAL P 34 -3.07 -60.45 34.11
C VAL P 34 -1.93 -60.98 34.97
N MET P 35 -2.15 -62.12 35.62
CA MET P 35 -1.12 -62.85 36.37
C MET P 35 -0.60 -63.99 35.50
N ALA P 36 0.37 -64.74 36.02
CA ALA P 36 0.95 -65.88 35.31
C ALA P 36 -0.07 -67.00 35.12
N GLY P 37 0.08 -67.75 34.02
CA GLY P 37 -0.84 -68.82 33.67
C GLY P 37 -2.21 -68.36 33.20
N HIS P 38 -2.30 -67.13 32.69
CA HIS P 38 -3.54 -66.60 32.12
C HIS P 38 -3.73 -67.21 30.74
N ILE P 39 -4.98 -67.48 30.37
CA ILE P 39 -5.28 -68.05 29.05
C ILE P 39 -5.01 -67.04 27.93
N PRO P 40 -4.73 -67.53 26.69
CA PRO P 40 -4.49 -66.61 25.58
C PRO P 40 -5.65 -65.64 25.33
N LEU P 41 -5.33 -64.35 25.21
CA LEU P 41 -6.34 -63.29 25.11
C LEU P 41 -5.84 -62.13 24.26
N VAL P 42 -6.76 -61.48 23.55
CA VAL P 42 -6.50 -60.21 22.88
C VAL P 42 -7.69 -59.28 23.08
N THR P 43 -7.41 -58.02 23.41
CA THR P 43 -8.44 -57.01 23.62
C THR P 43 -7.84 -55.60 23.52
N PRO P 44 -8.58 -54.64 22.94
CA PRO P 44 -8.09 -53.25 22.95
C PRO P 44 -8.16 -52.64 24.35
N LEU P 45 -7.24 -51.71 24.62
CA LEU P 45 -7.16 -51.03 25.91
C LEU P 45 -7.63 -49.59 25.77
N LYS P 46 -8.32 -49.09 26.79
CA LYS P 46 -8.65 -47.67 26.89
C LYS P 46 -7.38 -46.88 27.18
N THR P 47 -7.36 -45.63 26.73
CA THR P 47 -6.28 -44.71 27.08
C THR P 47 -6.31 -44.50 28.59
N ALA P 48 -5.42 -45.21 29.28
CA ALA P 48 -5.35 -45.19 30.73
C ALA P 48 -3.98 -45.66 31.21
N PRO P 49 -3.64 -45.44 32.49
CA PRO P 49 -2.38 -45.96 33.01
C PRO P 49 -2.33 -47.49 33.04
N VAL P 50 -1.16 -48.05 32.72
CA VAL P 50 -0.88 -49.48 32.91
C VAL P 50 0.02 -49.58 34.14
N ARG P 51 -0.44 -50.31 35.16
CA ARG P 51 0.29 -50.46 36.42
C ARG P 51 0.90 -51.85 36.52
N ILE P 52 2.23 -51.90 36.61
CA ILE P 52 2.98 -53.16 36.77
C ILE P 52 3.47 -53.25 38.21
N LYS P 53 3.25 -54.40 38.85
CA LYS P 53 3.74 -54.67 40.21
C LYS P 53 4.88 -55.69 40.17
N GLN P 54 6.06 -55.26 40.64
CA GLN P 54 7.22 -56.15 40.81
C GLN P 54 7.58 -56.14 42.29
N GLY P 55 6.82 -56.90 43.07
CA GLY P 55 7.00 -56.96 44.52
C GLY P 55 6.68 -55.63 45.19
N ASP P 56 7.70 -55.05 45.82
CA ASP P 56 7.58 -53.72 46.46
C ASP P 56 7.53 -52.59 45.43
N LYS P 57 8.12 -52.80 44.26
CA LYS P 57 8.21 -51.78 43.22
C LYS P 57 6.94 -51.71 42.39
N GLU P 58 6.46 -50.50 42.15
CA GLU P 58 5.31 -50.23 41.27
C GLU P 58 5.68 -49.19 40.22
N THR P 59 5.31 -49.47 38.96
CA THR P 59 5.63 -48.59 37.84
C THR P 59 4.36 -48.32 37.03
N LEU P 60 4.00 -47.04 36.89
CA LEU P 60 2.89 -46.61 36.04
C LEU P 60 3.42 -46.19 34.67
N ILE P 61 2.67 -46.56 33.63
CA ILE P 61 3.02 -46.20 32.24
C ILE P 61 1.79 -45.60 31.59
N ALA P 62 1.92 -44.36 31.11
CA ALA P 62 0.83 -43.66 30.42
C ALA P 62 0.68 -44.18 29.00
N VAL P 63 -0.34 -45.01 28.76
CA VAL P 63 -0.58 -45.66 27.46
C VAL P 63 -1.83 -45.10 26.80
N SER P 64 -1.74 -44.85 25.48
CA SER P 64 -2.89 -44.40 24.68
C SER P 64 -2.89 -45.08 23.32
N GLY P 65 -4.08 -45.48 22.86
CA GLY P 65 -4.24 -46.14 21.56
C GLY P 65 -3.50 -47.45 21.46
N GLY P 66 -3.67 -48.29 22.48
CA GLY P 66 -2.99 -49.59 22.56
C GLY P 66 -3.92 -50.76 22.81
N PHE P 67 -3.37 -51.96 22.62
CA PHE P 67 -4.09 -53.21 22.87
C PHE P 67 -3.21 -54.23 23.57
N LEU P 68 -3.85 -55.18 24.24
CA LEU P 68 -3.18 -56.21 25.04
C LEU P 68 -3.17 -57.53 24.28
N GLU P 69 -2.03 -58.23 24.31
CA GLU P 69 -1.93 -59.61 23.82
C GLU P 69 -1.34 -60.48 24.92
N VAL P 70 -2.16 -61.37 25.46
CA VAL P 70 -1.73 -62.31 26.49
C VAL P 70 -1.36 -63.65 25.87
N ARG P 71 -0.19 -64.16 26.25
CA ARG P 71 0.24 -65.54 25.98
C ARG P 71 0.31 -66.23 27.35
N PRO P 72 0.59 -67.56 27.38
CA PRO P 72 0.79 -68.22 28.68
C PRO P 72 2.00 -67.67 29.45
N ASP P 73 3.13 -67.50 28.75
CA ASP P 73 4.39 -67.00 29.34
C ASP P 73 4.62 -65.49 29.14
N LYS P 74 4.22 -64.97 27.98
CA LYS P 74 4.46 -63.57 27.59
C LYS P 74 3.21 -62.72 27.71
N VAL P 75 3.39 -61.42 27.96
CA VAL P 75 2.30 -60.44 27.96
C VAL P 75 2.76 -59.19 27.18
N ASN P 76 2.28 -59.04 25.96
CA ASN P 76 2.66 -57.92 25.09
C ASN P 76 1.60 -56.82 25.09
N ILE P 77 2.04 -55.57 25.22
CA ILE P 77 1.18 -54.40 25.06
C ILE P 77 1.79 -53.49 24.00
N LEU P 78 1.16 -53.45 22.84
CA LEU P 78 1.52 -52.53 21.76
C LEU P 78 0.62 -51.30 21.84
N ALA P 79 1.18 -50.12 21.61
CA ALA P 79 0.42 -48.86 21.69
C ALA P 79 1.04 -47.73 20.87
N ASP P 80 0.21 -46.73 20.56
CA ASP P 80 0.66 -45.55 19.82
C ASP P 80 1.68 -44.77 20.63
N THR P 81 1.35 -44.52 21.90
CA THR P 81 2.25 -43.86 22.85
C THR P 81 2.34 -44.67 24.15
N ALA P 82 3.51 -44.60 24.78
CA ALA P 82 3.74 -45.23 26.08
C ALA P 82 4.96 -44.56 26.74
N GLU P 83 4.73 -43.91 27.88
CA GLU P 83 5.80 -43.19 28.60
C GLU P 83 5.81 -43.51 30.09
N LEU P 84 7.01 -43.59 30.66
CA LEU P 84 7.22 -43.64 32.10
C LEU P 84 7.08 -42.21 32.64
N PRO P 85 6.89 -42.04 33.98
CA PRO P 85 6.70 -40.70 34.55
C PRO P 85 7.81 -39.69 34.22
N GLU P 86 9.07 -40.14 34.24
CA GLU P 86 10.23 -39.27 34.03
C GLU P 86 10.43 -38.77 32.58
N GLU P 87 9.74 -39.36 31.61
CA GLU P 87 9.92 -39.02 30.18
C GLU P 87 8.64 -38.47 29.52
N ILE P 88 7.80 -37.78 30.31
CA ILE P 88 6.57 -37.15 29.82
C ILE P 88 6.78 -35.63 29.80
N ALA P 89 6.57 -35.01 28.64
CA ALA P 89 6.58 -33.56 28.51
C ALA P 89 5.33 -32.99 29.18
N VAL P 90 5.49 -32.51 30.42
CA VAL P 90 4.36 -32.14 31.27
C VAL P 90 3.67 -30.86 30.77
N GLU P 91 4.46 -29.85 30.40
CA GLU P 91 3.93 -28.59 29.86
C GLU P 91 3.25 -28.79 28.50
N ALA P 92 3.79 -29.69 27.68
CA ALA P 92 3.17 -30.07 26.42
C ALA P 92 1.80 -30.75 26.61
N ALA P 93 1.69 -31.57 27.66
CA ALA P 93 0.42 -32.22 28.02
C ALA P 93 -0.61 -31.22 28.55
N LYS P 94 -0.17 -30.25 29.34
CA LYS P 94 -1.05 -29.18 29.86
C LYS P 94 -1.66 -28.35 28.73
N LYS P 95 -0.82 -27.96 27.77
CA LYS P 95 -1.28 -27.23 26.57
C LYS P 95 -2.14 -28.07 25.65
N ALA P 96 -1.85 -29.37 25.57
CA ALA P 96 -2.70 -30.32 24.84
C ALA P 96 -4.06 -30.52 25.51
N LYS P 97 -4.08 -30.58 26.85
CA LYS P 97 -5.32 -30.68 27.62
C LYS P 97 -6.20 -29.46 27.39
N ALA P 98 -5.62 -28.28 27.59
CA ALA P 98 -6.33 -27.00 27.42
C ALA P 98 -6.81 -26.78 25.98
N ARG P 99 -6.01 -27.22 25.01
CA ARG P 99 -6.36 -27.15 23.59
C ARG P 99 -7.61 -27.96 23.28
N HIS P 100 -7.55 -29.26 23.58
CA HIS P 100 -8.59 -30.20 23.18
C HIS P 100 -9.89 -30.11 23.99
N GLU P 101 -9.79 -29.76 25.28
CA GLU P 101 -10.97 -29.65 26.14
C GLU P 101 -11.85 -28.45 25.78
N THR P 102 -11.22 -27.33 25.39
CA THR P 102 -11.95 -26.13 24.95
C THR P 102 -12.62 -26.32 23.59
N ILE P 103 -11.97 -27.06 22.69
CA ILE P 103 -12.54 -27.40 21.38
C ILE P 103 -13.69 -28.40 21.53
N LEU P 104 -13.51 -29.40 22.39
CA LEU P 104 -14.50 -30.48 22.56
C LEU P 104 -15.81 -30.02 23.19
N LYS P 105 -15.76 -28.98 24.04
CA LYS P 105 -16.97 -28.43 24.67
C LYS P 105 -17.98 -27.85 23.67
N ARG P 106 -17.49 -27.10 22.69
CA ARG P 106 -18.36 -26.49 21.67
C ARG P 106 -18.90 -27.46 20.60
N LEU P 107 -18.29 -28.64 20.45
CA LEU P 107 -18.74 -29.64 19.47
C LEU P 107 -19.70 -30.66 20.06
N ASP P 108 -20.52 -31.26 19.18
CA ASP P 108 -21.39 -32.38 19.53
C ASP P 108 -20.67 -33.70 19.26
N LYS P 109 -21.30 -34.82 19.62
CA LYS P 109 -20.73 -36.15 19.37
C LYS P 109 -20.78 -36.58 17.91
N THR P 110 -21.72 -36.03 17.13
CA THR P 110 -21.93 -36.43 15.73
C THR P 110 -21.26 -35.46 14.74
N ASP P 111 -19.93 -35.55 14.67
CA ASP P 111 -19.14 -34.89 13.61
C ASP P 111 -17.73 -35.49 13.51
N LYS P 112 -17.01 -35.14 12.45
CA LYS P 112 -15.68 -35.69 12.16
C LYS P 112 -14.67 -35.61 13.32
N ASP P 113 -14.58 -34.44 13.95
CA ASP P 113 -13.48 -34.13 14.86
C ASP P 113 -13.65 -34.55 16.33
N TYR P 114 -14.82 -35.11 16.70
CA TYR P 114 -15.09 -35.44 18.12
C TYR P 114 -14.19 -36.56 18.66
N LEU P 115 -14.09 -37.66 17.91
CA LEU P 115 -13.28 -38.82 18.32
C LEU P 115 -11.77 -38.49 18.35
N ARG P 116 -11.32 -37.66 17.41
CA ARG P 116 -9.91 -37.26 17.34
C ARG P 116 -9.49 -36.39 18.53
N HIS P 117 -10.31 -35.37 18.83
CA HIS P 117 -10.04 -34.46 19.95
C HIS P 117 -10.20 -35.14 21.32
N LYS P 118 -11.20 -36.02 21.45
CA LYS P 118 -11.44 -36.75 22.70
C LYS P 118 -10.29 -37.71 23.05
N ARG P 119 -9.81 -38.45 22.06
CA ARG P 119 -8.65 -39.34 22.23
C ARG P 119 -7.37 -38.56 22.53
N ALA P 120 -7.21 -37.40 21.89
CA ALA P 120 -6.07 -36.51 22.16
C ALA P 120 -6.14 -35.88 23.58
N LEU P 121 -7.36 -35.60 24.04
CA LEU P 121 -7.59 -35.12 25.41
C LEU P 121 -7.30 -36.22 26.45
N GLU P 122 -7.74 -37.45 26.15
CA GLU P 122 -7.47 -38.61 27.01
C GLU P 122 -5.97 -38.94 27.10
N ARG P 123 -5.26 -38.81 25.98
CA ARG P 123 -3.80 -38.98 25.94
C ARG P 123 -3.10 -37.97 26.85
N ALA P 124 -3.53 -36.71 26.79
CA ALA P 124 -2.95 -35.63 27.59
C ALA P 124 -3.21 -35.79 29.09
N GLU P 125 -4.44 -36.15 29.45
CA GLU P 125 -4.82 -36.34 30.87
C GLU P 125 -4.13 -37.53 31.53
N VAL P 126 -4.00 -38.64 30.79
CA VAL P 126 -3.30 -39.83 31.29
C VAL P 126 -1.77 -39.57 31.43
N ARG P 127 -1.22 -38.73 30.55
CA ARG P 127 0.17 -38.28 30.69
C ARG P 127 0.40 -37.47 31.98
N LEU P 128 -0.55 -36.58 32.30
CA LEU P 128 -0.48 -35.78 33.54
C LEU P 128 -0.71 -36.61 34.82
N GLN P 129 -1.60 -37.60 34.76
CA GLN P 129 -1.83 -38.53 35.88
C GLN P 129 -0.56 -39.28 36.27
N VAL P 130 0.10 -39.87 35.26
CA VAL P 130 1.31 -40.66 35.47
C VAL P 130 2.51 -39.78 35.87
N ALA P 131 2.56 -38.55 35.35
CA ALA P 131 3.66 -37.61 35.67
C ALA P 131 3.71 -37.20 37.15
N ASN P 132 2.56 -36.95 37.75
CA ASN P 132 2.48 -36.54 39.17
C ASN P 132 2.86 -37.66 40.13
N SER P 133 2.23 -38.83 39.94
CA SER P 133 2.54 -40.02 40.75
C SER P 133 3.81 -40.70 40.21
N LYS P 134 4.96 -40.13 40.58
CA LYS P 134 6.26 -40.59 40.09
C LYS P 134 6.79 -41.76 40.92
#